data_6WQ2
#
_entry.id   6WQ2
#
loop_
_entity.id
_entity.type
_entity.pdbx_description
1 polymer A-DNA
2 polymer A-DNA
3 polymer 'Structural protein MCP2'
4 polymer 'Structural protein MCP1'
#
loop_
_entity_poly.entity_id
_entity_poly.type
_entity_poly.pdbx_seq_one_letter_code
_entity_poly.pdbx_strand_id
1 'polydeoxyribonucleotide'
;(DA)(DT)(DA)(DT)(DA)(DT)(DA)(DT)(DA)(DT)(DA)(DT)(DA)(DT)(DA)(DT)(DA)(DT)(DA)(DT)
(DA)(DT)(DA)(DT)(DA)(DT)(DA)(DT)(DA)(DT)(DA)(DT)(DA)(DT)(DA)(DT)(DA)(DT)(DA)(DT)
(DA)(DT)(DA)(DT)(DA)(DT)(DA)(DT)(DA)(DT)(DA)(DT)(DA)(DT)(DA)(DT)(DA)(DT)(DA)(DT)
(DA)(DT)(DA)(DT)(DA)(DT)(DA)(DT)(DA)(DT)(DA)(DT)(DA)(DT)(DA)(DT)(DA)(DT)(DA)(DT)
(DA)(DT)(DA)(DT)(DA)(DT)(DA)(DT)(DA)(DT)(DA)(DT)(DA)(DT)(DA)(DT)(DA)(DT)(DA)(DT)
(DA)(DT)(DA)(DT)(DA)(DT)(DA)(DT)(DA)(DT)(DA)(DT)(DA)(DT)(DA)(DT)(DA)(DT)(DA)(DT)
(DA)(DT)(DA)(DT)(DA)(DT)(DA)(DT)(DA)(DT)(DA)(DT)(DA)(DT)(DA)(DT)(DA)(DT)(DA)(DT)
(DA)(DT)(DA)(DT)(DA)(DT)(DA)(DT)(DA)(DT)(DA)(DT)(DA)(DT)(DA)(DT)(DA)(DT)(DA)(DT)
(DA)(DT)(DA)(DT)(DA)(DT)(DA)(DT)(DA)(DT)(DA)(DT)(DA)(DT)(DA)(DT)(DA)(DT)(DA)(DT)
(DA)(DT)(DA)(DT)(DA)(DT)(DA)(DT)(DA)(DT)(DA)(DT)(DA)(DT)(DA)(DT)(DA)(DT)(DA)(DT)
(DA)(DT)(DA)(DT)(DA)(DT)(DA)(DT)(DA)(DT)(DA)(DT)(DA)(DT)(DA)(DT)(DA)(DT)(DA)(DT)
(DA)(DT)(DA)(DT)(DA)
;
1
2 'polydeoxyribonucleotide'
;(DT)(DA)(DT)(DA)(DT)(DA)(DT)(DA)(DT)(DA)(DT)(DA)(DT)(DA)(DT)(DA)(DT)(DA)(DT)(DA)
(DT)(DA)(DT)(DA)(DT)(DA)(DT)(DA)(DT)(DA)(DT)(DA)(DT)(DA)(DT)(DA)(DT)(DA)(DT)(DA)
(DT)(DA)(DT)(DA)(DT)(DA)(DT)(DA)(DT)(DA)(DT)(DA)(DT)(DA)(DT)(DA)(DT)(DA)(DT)(DA)
(DT)(DA)(DT)(DA)(DT)(DA)(DT)(DA)(DT)(DA)(DT)(DA)(DT)(DA)(DT)(DA)(DT)(DA)(DT)(DA)
(DT)(DA)(DT)(DA)(DT)(DA)(DT)(DA)(DT)(DA)(DT)(DA)(DT)(DA)(DT)(DA)(DT)(DA)(DT)(DA)
(DT)(DA)(DT)(DA)(DT)(DA)(DT)(DA)(DT)(DA)(DT)(DA)(DT)(DA)(DT)(DA)(DT)(DA)(DT)(DA)
(DT)(DA)(DT)(DA)(DT)(DA)(DT)(DA)(DT)(DA)(DT)(DA)(DT)(DA)(DT)(DA)(DT)(DA)(DT)(DA)
(DT)(DA)(DT)(DA)(DT)(DA)(DT)(DA)(DT)(DA)(DT)(DA)(DT)(DA)(DT)(DA)(DT)(DA)(DT)(DA)
(DT)(DA)(DT)(DA)(DT)(DA)(DT)(DA)(DT)(DA)(DT)(DA)(DT)(DA)(DT)(DA)(DT)(DA)(DT)(DA)
(DT)(DA)(DT)(DA)(DT)(DA)(DT)(DA)(DT)(DA)(DT)(DA)(DT)(DA)(DT)(DA)(DT)(DA)(DT)(DA)
(DT)(DA)(DT)(DA)(DT)(DA)(DT)(DA)(DT)(DA)(DT)(DA)(DT)(DA)(DT)(DA)(DT)(DA)(DT)(DA)
(DT)(DA)(DT)
;
2
3 'polypeptide(L)'
;MARRNRRLSSASVYRYYLKRISMNIGTTGHVNGLSIAGNPEIMRAIARLSEQETYNWVTDYAPSHLAKEVVKQISGKYNI
PGAYQGLLMAFAEKVLANYILDYKGEPLVEIHHNFLWELMQRQSGAGLGVTSGFIYTFVRKDGKPVTVDMSKVLTEIEDA
LFKLVKK
;
A,B,C,D,E,F,G,H,I,J,K,L,M,N,P,R,T
4 'polypeptide(L)'
;MAGRQSHKKIDVRNDTSTRYKGKLYGIFVNYMGEKYAQQLVENMYSNYNDVFVEIYNKMHNALRPTLVKLAGAGATFPLW
QLVNEAIYAVYLTHKETASFLVTKYVARGVPAMTVKTLLAEVGNQLKELVPAVAEQIGSVTLDHTNVVSTVDNIVTSMPA
LPNSYAGVLMKTKVPTVTPHYAGTGTFSSMESAYKALEDIERGL
;
a,b,c,d,e,f,g,h,i,j,k,l,m,n,p,r,t
#
loop_
_chem_comp.id
_chem_comp.type
_chem_comp.name
_chem_comp.formula
DA DNA linking 2'-DEOXYADENOSINE-5'-MONOPHOSPHATE 'C10 H14 N5 O6 P'
DT DNA linking THYMIDINE-5'-MONOPHOSPHATE 'C10 H15 N2 O8 P'
#
# COMPACT_ATOMS: atom_id res chain seq x y z
N ARG C 3 -7.25 -24.66 34.94
CA ARG C 3 -5.85 -24.87 35.28
C ARG C 3 -5.69 -26.08 36.19
N ARG C 4 -4.68 -26.88 35.91
CA ARG C 4 -4.44 -28.09 36.68
C ARG C 4 -3.97 -27.74 38.09
N ASN C 5 -4.01 -28.74 38.97
CA ASN C 5 -3.57 -28.56 40.34
C ASN C 5 -2.05 -28.33 40.37
N ARG C 6 -1.63 -27.24 40.99
CA ARG C 6 -0.23 -26.96 41.20
C ARG C 6 -0.05 -26.41 42.61
N ARG C 7 0.80 -27.06 43.39
CA ARG C 7 1.06 -26.58 44.75
C ARG C 7 1.63 -25.18 44.70
N LEU C 8 1.10 -24.30 45.56
CA LEU C 8 1.51 -22.91 45.57
C LEU C 8 3.00 -22.77 45.81
N SER C 9 3.67 -21.98 44.97
CA SER C 9 5.09 -21.72 45.13
C SER C 9 5.43 -20.44 44.39
N SER C 10 6.69 -20.02 44.55
CA SER C 10 7.15 -18.75 43.99
C SER C 10 6.89 -18.64 42.50
N ALA C 11 7.01 -19.75 41.79
CA ALA C 11 6.71 -19.75 40.36
C ALA C 11 5.32 -19.18 40.10
N SER C 12 4.36 -19.55 40.94
CA SER C 12 3.00 -19.03 40.76
C SER C 12 2.96 -17.53 40.97
N VAL C 13 3.68 -17.04 41.98
CA VAL C 13 3.76 -15.59 42.20
C VAL C 13 4.24 -14.90 40.95
N TYR C 14 5.35 -15.38 40.40
CA TYR C 14 5.90 -14.74 39.21
C TYR C 14 4.95 -14.84 38.01
N ARG C 15 4.26 -15.97 37.88
CA ARG C 15 3.30 -16.11 36.79
C ARG C 15 2.22 -15.05 36.89
N TYR C 16 1.62 -14.92 38.07
CA TYR C 16 0.62 -13.90 38.28
C TYR C 16 1.18 -12.52 37.98
N TYR C 17 2.41 -12.26 38.43
CA TYR C 17 3.06 -10.99 38.18
C TYR C 17 3.08 -10.66 36.71
N LEU C 18 3.65 -11.55 35.90
CA LEU C 18 3.83 -11.25 34.48
C LEU C 18 2.49 -11.15 33.76
N LYS C 19 1.54 -12.02 34.10
CA LYS C 19 0.25 -11.93 33.43
C LYS C 19 -0.45 -10.63 33.77
N ARG C 20 -0.30 -10.14 35.01
CA ARG C 20 -0.85 -8.84 35.33
C ARG C 20 -0.16 -7.73 34.57
N ILE C 21 1.15 -7.87 34.32
CA ILE C 21 1.85 -6.91 33.46
C ILE C 21 1.15 -6.83 32.12
N SER C 22 0.87 -7.98 31.52
CA SER C 22 0.20 -7.99 30.23
C SER C 22 -1.15 -7.30 30.30
N MET C 23 -1.94 -7.63 31.33
CA MET C 23 -3.26 -7.01 31.43
C MET C 23 -3.16 -5.50 31.61
N ASN C 24 -2.19 -5.02 32.38
CA ASN C 24 -2.09 -3.59 32.62
C ASN C 24 -1.67 -2.84 31.37
N ILE C 25 -0.66 -3.35 30.67
CA ILE C 25 -0.28 -2.71 29.42
C ILE C 25 -1.44 -2.73 28.44
N GLY C 26 -2.28 -3.77 28.51
CA GLY C 26 -3.50 -3.72 27.73
C GLY C 26 -4.46 -2.64 28.18
N THR C 27 -4.50 -2.39 29.49
CA THR C 27 -5.49 -1.46 30.03
C THR C 27 -5.15 -0.02 29.69
N THR C 28 -3.91 0.39 29.94
CA THR C 28 -3.57 1.81 29.81
C THR C 28 -3.76 2.30 28.38
N GLY C 29 -3.01 1.76 27.44
CA GLY C 29 -3.13 2.18 26.06
C GLY C 29 -4.28 1.47 25.38
N HIS C 30 -5.51 1.89 25.69
CA HIS C 30 -6.72 1.20 25.25
C HIS C 30 -6.68 0.82 23.78
N VAL C 31 -6.16 1.69 22.94
CA VAL C 31 -5.92 1.37 21.54
C VAL C 31 -4.45 1.54 21.17
N ASN C 32 -3.80 2.56 21.68
CA ASN C 32 -2.42 2.84 21.32
C ASN C 32 -1.47 2.00 22.16
N GLY C 33 -1.71 0.68 22.20
CA GLY C 33 -0.88 -0.17 23.03
C GLY C 33 0.57 -0.13 22.63
N LEU C 34 0.85 0.05 21.34
CA LEU C 34 2.22 0.00 20.86
C LEU C 34 3.02 1.18 21.39
N SER C 35 2.52 2.40 21.18
CA SER C 35 3.24 3.59 21.64
C SER C 35 3.48 3.53 23.14
N ILE C 36 2.47 3.13 23.91
CA ILE C 36 2.67 3.00 25.35
C ILE C 36 3.70 1.92 25.64
N ALA C 37 3.75 0.89 24.81
CA ALA C 37 4.74 -0.16 25.00
C ALA C 37 6.15 0.34 24.73
N GLY C 38 6.27 1.37 23.88
CA GLY C 38 7.59 1.88 23.56
C GLY C 38 8.21 2.76 24.63
N ASN C 39 7.39 3.36 25.48
CA ASN C 39 7.90 4.30 26.47
C ASN C 39 8.37 3.55 27.71
N PRO C 40 9.61 3.74 28.16
CA PRO C 40 10.05 3.08 29.39
C PRO C 40 9.43 3.64 30.67
N GLU C 41 8.94 4.87 30.67
CA GLU C 41 8.45 5.47 31.91
C GLU C 41 7.13 4.85 32.34
N ILE C 42 6.12 4.92 31.48
CA ILE C 42 4.87 4.21 31.76
C ILE C 42 5.15 2.73 31.95
N MET C 43 6.23 2.23 31.33
CA MET C 43 6.60 0.84 31.57
C MET C 43 6.99 0.61 33.03
N ARG C 44 7.81 1.49 33.58
CA ARG C 44 8.17 1.37 34.99
C ARG C 44 6.94 1.50 35.87
N ALA C 45 6.05 2.42 35.53
CA ALA C 45 4.81 2.58 36.29
C ALA C 45 4.01 1.29 36.30
N ILE C 46 3.84 0.68 35.12
CA ILE C 46 3.06 -0.53 35.01
C ILE C 46 3.73 -1.67 35.76
N ALA C 47 5.06 -1.75 35.70
CA ALA C 47 5.77 -2.76 36.46
C ALA C 47 5.48 -2.62 37.94
N ARG C 48 5.61 -1.40 38.47
CA ARG C 48 5.36 -1.22 39.89
C ARG C 48 3.91 -1.51 40.24
N LEU C 49 2.98 -1.17 39.35
CA LEU C 49 1.57 -1.46 39.61
C LEU C 49 1.35 -2.96 39.72
N SER C 50 1.84 -3.71 38.74
CA SER C 50 1.67 -5.16 38.79
C SER C 50 2.30 -5.73 40.04
N GLU C 51 3.46 -5.22 40.44
CA GLU C 51 4.09 -5.69 41.67
C GLU C 51 3.18 -5.47 42.87
N GLN C 52 2.67 -4.24 43.00
CA GLN C 52 1.76 -3.94 44.10
C GLN C 52 0.54 -4.85 44.08
N GLU C 53 0.03 -5.15 42.89
CA GLU C 53 -1.18 -5.95 42.81
C GLU C 53 -0.91 -7.39 43.25
N THR C 54 0.21 -7.96 42.79
CA THR C 54 0.59 -9.30 43.26
C THR C 54 0.78 -9.30 44.77
N TYR C 55 1.41 -8.27 45.29
CA TYR C 55 1.63 -8.21 46.74
C TYR C 55 0.31 -8.18 47.50
N ASN C 56 -0.64 -7.37 47.01
CA ASN C 56 -1.98 -7.38 47.57
C ASN C 56 -2.57 -8.79 47.56
N TRP C 57 -2.58 -9.41 46.38
CA TRP C 57 -3.19 -10.73 46.25
C TRP C 57 -2.54 -11.75 47.18
N VAL C 58 -1.23 -11.66 47.38
CA VAL C 58 -0.57 -12.57 48.30
C VAL C 58 -1.01 -12.31 49.72
N THR C 59 -0.94 -11.05 50.15
CA THR C 59 -1.26 -10.71 51.53
C THR C 59 -2.67 -11.14 51.91
N ASP C 60 -3.57 -11.25 50.94
CA ASP C 60 -4.95 -11.66 51.18
C ASP C 60 -5.19 -13.12 50.82
N TYR C 61 -4.21 -13.98 51.03
CA TYR C 61 -4.36 -15.39 50.72
C TYR C 61 -3.89 -16.34 51.81
N ALA C 62 -3.00 -15.91 52.69
CA ALA C 62 -2.48 -16.78 53.74
C ALA C 62 -3.57 -17.48 54.55
N PRO C 63 -4.67 -16.83 54.95
CA PRO C 63 -5.72 -17.58 55.67
C PRO C 63 -6.22 -18.79 54.91
N SER C 64 -6.50 -18.63 53.61
CA SER C 64 -6.93 -19.77 52.81
C SER C 64 -5.87 -20.85 52.78
N HIS C 65 -4.60 -20.47 52.76
CA HIS C 65 -3.52 -21.45 52.82
C HIS C 65 -3.61 -22.25 54.11
N LEU C 66 -3.78 -21.57 55.24
CA LEU C 66 -3.88 -22.27 56.52
C LEU C 66 -5.07 -23.22 56.52
N ALA C 67 -6.21 -22.77 56.01
CA ALA C 67 -7.39 -23.61 55.97
C ALA C 67 -7.14 -24.87 55.15
N LYS C 68 -6.60 -24.70 53.94
CA LYS C 68 -6.30 -25.85 53.11
C LYS C 68 -5.32 -26.78 53.81
N GLU C 69 -4.36 -26.21 54.55
CA GLU C 69 -3.38 -27.04 55.25
C GLU C 69 -4.06 -27.91 56.30
N VAL C 70 -4.91 -27.31 57.14
CA VAL C 70 -5.52 -28.10 58.20
C VAL C 70 -6.49 -29.12 57.62
N VAL C 71 -7.16 -28.78 56.52
CA VAL C 71 -8.01 -29.76 55.86
C VAL C 71 -7.17 -30.93 55.37
N LYS C 72 -6.00 -30.64 54.82
CA LYS C 72 -5.10 -31.71 54.38
C LYS C 72 -4.70 -32.60 55.54
N GLN C 73 -4.35 -31.99 56.68
CA GLN C 73 -3.98 -32.78 57.85
C GLN C 73 -5.11 -33.70 58.27
N ILE C 74 -6.32 -33.17 58.36
CA ILE C 74 -7.46 -33.97 58.79
C ILE C 74 -7.71 -35.11 57.83
N SER C 75 -7.73 -34.81 56.53
CA SER C 75 -7.97 -35.86 55.53
C SER C 75 -6.92 -36.95 55.61
N GLY C 76 -5.64 -36.56 55.71
CA GLY C 76 -4.59 -37.56 55.87
C GLY C 76 -4.81 -38.41 57.10
N LYS C 77 -5.30 -37.78 58.18
CA LYS C 77 -5.59 -38.56 59.38
C LYS C 77 -6.75 -39.52 59.18
N TYR C 78 -7.70 -39.21 58.30
CA TYR C 78 -8.88 -40.05 58.13
C TYR C 78 -8.92 -40.77 56.79
N ASN C 79 -7.81 -40.77 56.04
CA ASN C 79 -7.69 -41.57 54.82
C ASN C 79 -8.80 -41.25 53.82
N ILE C 80 -8.78 -40.01 53.34
CA ILE C 80 -9.82 -39.54 52.42
C ILE C 80 -9.22 -39.32 51.05
N PRO C 81 -9.89 -39.72 49.97
CA PRO C 81 -9.36 -39.47 48.63
C PRO C 81 -9.28 -37.99 48.31
N GLY C 82 -8.33 -37.66 47.43
CA GLY C 82 -7.98 -36.26 47.19
C GLY C 82 -9.15 -35.36 46.86
N ALA C 83 -10.10 -35.87 46.08
CA ALA C 83 -11.24 -35.07 45.65
C ALA C 83 -11.96 -34.46 46.85
N TYR C 84 -12.32 -35.28 47.82
CA TYR C 84 -13.04 -34.78 48.97
C TYR C 84 -12.15 -33.88 49.82
N GLN C 85 -10.83 -34.10 49.80
CA GLN C 85 -9.93 -33.18 50.47
C GLN C 85 -10.05 -31.78 49.90
N GLY C 86 -10.00 -31.66 48.57
CA GLY C 86 -10.20 -30.36 47.95
C GLY C 86 -11.55 -29.76 48.28
N LEU C 87 -12.60 -30.61 48.26
CA LEU C 87 -13.94 -30.11 48.58
C LEU C 87 -14.00 -29.54 49.99
N LEU C 88 -13.37 -30.22 50.95
CA LEU C 88 -13.38 -29.73 52.32
C LEU C 88 -12.51 -28.49 52.47
N MET C 89 -11.43 -28.38 51.70
CA MET C 89 -10.68 -27.14 51.66
C MET C 89 -11.59 -25.99 51.25
N ALA C 90 -12.37 -26.20 50.19
CA ALA C 90 -13.31 -25.17 49.76
C ALA C 90 -14.31 -24.83 50.86
N PHE C 91 -14.82 -25.86 51.54
CA PHE C 91 -15.77 -25.61 52.62
C PHE C 91 -15.14 -24.75 53.70
N ALA C 92 -13.94 -25.10 54.14
CA ALA C 92 -13.29 -24.36 55.22
C ALA C 92 -13.06 -22.91 54.82
N GLU C 93 -12.59 -22.69 53.58
CA GLU C 93 -12.39 -21.31 53.15
C GLU C 93 -13.70 -20.54 53.16
N LYS C 94 -14.77 -21.17 52.65
CA LYS C 94 -16.08 -20.53 52.67
C LYS C 94 -16.49 -20.14 54.07
N VAL C 95 -16.39 -21.07 55.01
CA VAL C 95 -16.91 -20.84 56.35
C VAL C 95 -16.08 -19.78 57.06
N LEU C 96 -14.77 -19.77 56.85
CA LEU C 96 -13.98 -18.72 57.48
C LEU C 96 -14.30 -17.37 56.85
N ALA C 97 -14.52 -17.32 55.54
CA ALA C 97 -14.74 -16.05 54.88
C ALA C 97 -16.08 -15.44 55.29
N ASN C 98 -17.18 -16.14 55.00
CA ASN C 98 -18.48 -15.54 55.23
C ASN C 98 -18.82 -15.42 56.70
N TYR C 99 -18.32 -16.32 57.55
CA TYR C 99 -18.73 -16.38 58.94
C TYR C 99 -17.65 -15.86 59.89
N ILE C 100 -16.44 -16.41 59.81
CA ILE C 100 -15.42 -16.08 60.80
C ILE C 100 -14.91 -14.67 60.60
N LEU C 101 -14.72 -14.25 59.35
CA LEU C 101 -14.07 -12.98 59.10
C LEU C 101 -15.07 -11.82 59.05
N ASP C 102 -16.04 -11.88 58.14
CA ASP C 102 -16.98 -10.79 57.99
C ASP C 102 -18.31 -11.03 58.69
N TYR C 103 -18.61 -12.28 59.05
CA TYR C 103 -19.89 -12.65 59.64
C TYR C 103 -21.06 -12.10 58.81
N LYS C 104 -21.19 -12.63 57.61
CA LYS C 104 -22.47 -12.48 56.94
C LYS C 104 -23.56 -13.09 57.80
N GLY C 105 -24.78 -12.61 57.62
CA GLY C 105 -25.83 -12.88 58.58
C GLY C 105 -26.33 -14.30 58.58
N GLU C 106 -25.52 -15.26 59.05
CA GLU C 106 -26.02 -16.62 59.06
C GLU C 106 -25.33 -17.42 60.15
N PRO C 107 -26.05 -18.23 60.92
CA PRO C 107 -25.41 -19.06 61.94
C PRO C 107 -24.66 -20.23 61.34
N LEU C 108 -23.70 -20.72 62.12
CA LEU C 108 -22.80 -21.76 61.63
C LEU C 108 -23.55 -23.01 61.18
N VAL C 109 -24.44 -23.52 62.02
CA VAL C 109 -25.11 -24.78 61.73
C VAL C 109 -25.90 -24.69 60.43
N GLU C 110 -26.32 -23.49 60.05
CA GLU C 110 -27.04 -23.33 58.80
C GLU C 110 -26.13 -23.65 57.62
N ILE C 111 -24.94 -23.03 57.58
CA ILE C 111 -23.96 -23.36 56.56
C ILE C 111 -23.61 -24.84 56.62
N HIS C 112 -23.52 -25.38 57.84
CA HIS C 112 -23.21 -26.80 58.00
C HIS C 112 -24.22 -27.67 57.27
N HIS C 113 -25.51 -27.42 57.50
CA HIS C 113 -26.53 -28.22 56.85
C HIS C 113 -26.58 -27.94 55.35
N ASN C 114 -26.28 -26.71 54.94
CA ASN C 114 -26.20 -26.42 53.52
C ASN C 114 -25.15 -27.30 52.85
N PHE C 115 -23.93 -27.29 53.36
CA PHE C 115 -22.88 -28.12 52.80
C PHE C 115 -23.19 -29.60 52.98
N LEU C 116 -23.98 -29.94 53.99
CA LEU C 116 -24.41 -31.33 54.15
C LEU C 116 -25.28 -31.75 52.97
N TRP C 117 -26.35 -31.01 52.68
CA TRP C 117 -27.13 -31.26 51.48
C TRP C 117 -26.25 -31.26 50.24
N GLU C 118 -25.20 -30.43 50.24
CA GLU C 118 -24.24 -30.46 49.15
C GLU C 118 -23.61 -31.85 49.03
N LEU C 119 -23.20 -32.44 50.14
CA LEU C 119 -22.46 -33.69 50.06
C LEU C 119 -23.34 -34.94 49.99
N MET C 120 -24.66 -34.82 50.02
CA MET C 120 -25.51 -36.00 50.02
C MET C 120 -25.53 -36.64 48.64
N GLN C 121 -26.35 -37.67 48.50
CA GLN C 121 -26.54 -38.35 47.23
C GLN C 121 -28.03 -38.65 46.98
N GLY C 133 -25.84 -41.74 53.11
CA GLY C 133 -25.92 -40.43 52.49
C GLY C 133 -24.80 -39.51 52.92
N PHE C 134 -24.37 -39.67 54.17
CA PHE C 134 -23.29 -38.87 54.72
C PHE C 134 -22.25 -39.68 55.47
N ILE C 135 -22.39 -41.00 55.48
CA ILE C 135 -21.40 -41.90 56.06
C ILE C 135 -20.79 -42.66 54.90
N TYR C 136 -19.61 -42.22 54.47
CA TYR C 136 -18.99 -42.76 53.28
C TYR C 136 -17.96 -43.81 53.65
N THR C 137 -17.90 -44.88 52.86
CA THR C 137 -16.97 -45.97 53.09
C THR C 137 -15.78 -45.85 52.15
N PHE C 138 -14.58 -46.00 52.69
CA PHE C 138 -13.35 -45.86 51.92
C PHE C 138 -12.45 -47.07 52.17
N VAL C 139 -11.77 -47.49 51.11
CA VAL C 139 -10.88 -48.64 51.16
C VAL C 139 -9.45 -48.13 51.29
N ARG C 140 -8.83 -48.38 52.43
CA ARG C 140 -7.45 -47.98 52.63
C ARG C 140 -6.51 -48.80 51.76
N LYS C 141 -5.23 -48.44 51.80
CA LYS C 141 -4.22 -49.16 51.02
C LYS C 141 -4.00 -50.58 51.50
N ASP C 142 -4.37 -50.89 52.75
CA ASP C 142 -4.23 -52.23 53.27
C ASP C 142 -5.38 -53.15 52.88
N GLY C 143 -6.43 -52.60 52.27
CA GLY C 143 -7.64 -53.36 52.01
C GLY C 143 -8.68 -53.28 53.10
N LYS C 144 -8.37 -52.63 54.21
CA LYS C 144 -9.32 -52.46 55.31
C LYS C 144 -10.31 -51.35 54.98
N PRO C 145 -11.57 -51.67 54.72
CA PRO C 145 -12.55 -50.62 54.49
C PRO C 145 -12.84 -49.87 55.78
N VAL C 146 -13.05 -48.57 55.65
CA VAL C 146 -13.38 -47.70 56.78
C VAL C 146 -14.52 -46.79 56.38
N THR C 147 -15.24 -46.30 57.38
CA THR C 147 -16.39 -45.44 57.17
C THR C 147 -16.23 -44.17 57.99
N VAL C 148 -16.71 -43.06 57.46
CA VAL C 148 -16.61 -41.77 58.12
C VAL C 148 -17.90 -40.99 57.85
N ASP C 149 -18.42 -40.34 58.90
CA ASP C 149 -19.58 -39.49 58.74
C ASP C 149 -19.17 -38.11 58.28
N MET C 150 -19.84 -37.61 57.24
CA MET C 150 -19.53 -36.28 56.73
C MET C 150 -19.83 -35.21 57.78
N SER C 151 -21.04 -35.23 58.35
CA SER C 151 -21.45 -34.17 59.27
C SER C 151 -20.52 -34.10 60.48
N LYS C 152 -20.06 -35.25 60.96
CA LYS C 152 -19.16 -35.25 62.11
C LYS C 152 -17.85 -34.57 61.78
N VAL C 153 -17.14 -35.06 60.77
CA VAL C 153 -15.85 -34.46 60.41
C VAL C 153 -16.04 -33.02 59.96
N LEU C 154 -17.19 -32.71 59.36
CA LEU C 154 -17.52 -31.31 59.07
C LEU C 154 -17.49 -30.49 60.34
N THR C 155 -18.32 -30.85 61.32
CA THR C 155 -18.29 -30.17 62.61
C THR C 155 -16.91 -30.23 63.24
N GLU C 156 -16.14 -31.28 62.96
CA GLU C 156 -14.82 -31.40 63.55
C GLU C 156 -13.90 -30.28 63.08
N ILE C 157 -13.83 -30.07 61.77
CA ILE C 157 -12.94 -29.03 61.25
C ILE C 157 -13.45 -27.65 61.64
N GLU C 158 -14.74 -27.51 61.90
CA GLU C 158 -15.27 -26.25 62.42
C GLU C 158 -14.54 -25.88 63.70
N ASP C 159 -14.60 -26.74 64.71
CA ASP C 159 -13.88 -26.48 65.95
C ASP C 159 -12.38 -26.33 65.68
N ALA C 160 -11.82 -27.21 64.86
CA ALA C 160 -10.41 -27.10 64.51
C ALA C 160 -10.10 -25.72 63.93
N LEU C 161 -10.98 -25.22 63.08
CA LEU C 161 -10.79 -23.88 62.52
C LEU C 161 -10.79 -22.84 63.62
N PHE C 162 -11.80 -22.88 64.50
CA PHE C 162 -11.87 -21.91 65.59
C PHE C 162 -10.63 -21.96 66.46
N LYS C 163 -9.97 -23.11 66.52
CA LYS C 163 -8.71 -23.20 67.24
C LYS C 163 -7.63 -22.36 66.56
N LEU C 164 -7.58 -22.39 65.23
CA LEU C 164 -6.51 -21.71 64.50
C LEU C 164 -6.53 -20.21 64.76
N VAL C 165 -7.61 -19.55 64.36
CA VAL C 165 -7.72 -18.10 64.52
C VAL C 165 -7.81 -17.68 65.98
N LYS C 166 -7.89 -18.65 66.90
CA LYS C 166 -8.04 -18.37 68.33
C LYS C 166 -9.29 -17.54 68.60
N LYS C 167 -10.39 -17.92 67.93
CA LYS C 167 -11.66 -17.23 68.09
C LYS C 167 -12.24 -17.48 69.48
N ARG D 3 -18.14 -0.54 40.34
CA ARG D 3 -16.98 -1.32 40.73
C ARG D 3 -17.20 -1.97 42.10
N ARG D 4 -16.63 -3.15 42.28
CA ARG D 4 -16.78 -3.86 43.54
C ARG D 4 -16.03 -3.15 44.66
N ASN D 5 -16.29 -3.57 45.89
CA ASN D 5 -15.64 -2.99 47.05
C ASN D 5 -14.16 -3.36 47.06
N ARG D 6 -13.31 -2.37 47.28
CA ARG D 6 -11.88 -2.59 47.47
C ARG D 6 -11.38 -1.59 48.49
N ARG D 7 -10.77 -2.09 49.57
CA ARG D 7 -10.17 -1.20 50.56
C ARG D 7 -9.10 -0.36 49.89
N LEU D 8 -9.06 0.92 50.25
CA LEU D 8 -8.14 1.85 49.59
C LEU D 8 -6.69 1.46 49.85
N SER D 9 -5.90 1.42 48.79
CA SER D 9 -4.47 1.14 48.90
C SER D 9 -3.77 1.73 47.68
N SER D 10 -2.44 1.68 47.71
CA SER D 10 -1.63 2.24 46.63
C SER D 10 -2.04 1.71 45.27
N ALA D 11 -2.51 0.46 45.22
CA ALA D 11 -3.03 -0.09 43.97
C ALA D 11 -4.01 0.87 43.32
N SER D 12 -4.93 1.42 44.11
CA SER D 12 -5.91 2.35 43.55
C SER D 12 -5.22 3.59 43.01
N VAL D 13 -4.20 4.08 43.71
CA VAL D 13 -3.46 5.24 43.24
C VAL D 13 -2.92 4.99 41.84
N TYR D 14 -2.20 3.88 41.68
CA TYR D 14 -1.60 3.60 40.38
C TYR D 14 -2.65 3.36 39.32
N ARG D 15 -3.76 2.70 39.68
CA ARG D 15 -4.83 2.49 38.72
C ARG D 15 -5.35 3.81 38.19
N TYR D 16 -5.68 4.72 39.09
CA TYR D 16 -6.15 6.03 38.67
C TYR D 16 -5.10 6.73 37.81
N TYR D 17 -3.84 6.65 38.21
CA TYR D 17 -2.76 7.26 37.45
C TYR D 17 -2.78 6.81 35.99
N LEU D 18 -2.73 5.49 35.78
CA LEU D 18 -2.63 4.99 34.42
C LEU D 18 -3.89 5.28 33.62
N LYS D 19 -5.06 5.13 34.23
CA LYS D 19 -6.28 5.38 33.49
C LYS D 19 -6.40 6.86 33.11
N ARG D 20 -5.89 7.75 33.95
CA ARG D 20 -5.83 9.15 33.56
C ARG D 20 -4.84 9.38 32.43
N ILE D 21 -3.74 8.62 32.39
CA ILE D 21 -2.87 8.68 31.23
C ILE D 21 -3.67 8.40 29.97
N SER D 22 -4.46 7.33 29.99
CA SER D 22 -5.27 6.99 28.84
C SER D 22 -6.20 8.14 28.46
N MET D 23 -6.90 8.70 29.45
CA MET D 23 -7.83 9.79 29.14
C MET D 23 -7.11 11.00 28.57
N ASN D 24 -5.94 11.34 29.08
CA ASN D 24 -5.26 12.54 28.61
C ASN D 24 -4.71 12.36 27.21
N ILE D 25 -4.08 11.20 26.93
CA ILE D 25 -3.63 10.96 25.57
C ILE D 25 -4.82 10.97 24.62
N GLY D 26 -5.99 10.54 25.10
CA GLY D 26 -7.19 10.71 24.29
C GLY D 26 -7.54 12.18 24.09
N THR D 27 -7.32 13.00 25.12
CA THR D 27 -7.77 14.39 25.07
C THR D 27 -6.94 15.21 24.10
N THR D 28 -5.62 15.15 24.23
CA THR D 28 -4.77 16.04 23.44
C THR D 28 -4.93 15.81 21.95
N GLY D 29 -4.57 14.64 21.47
CA GLY D 29 -4.73 14.34 20.05
C GLY D 29 -6.16 14.00 19.72
N HIS D 30 -7.02 15.00 19.70
CA HIS D 30 -8.47 14.82 19.54
C HIS D 30 -8.79 13.82 18.45
N VAL D 31 -8.06 13.86 17.34
CA VAL D 31 -8.15 12.85 16.30
C VAL D 31 -6.82 12.19 16.04
N ASN D 32 -5.75 12.96 16.03
CA ASN D 32 -4.43 12.42 15.74
C ASN D 32 -3.85 11.75 16.97
N GLY D 33 -4.58 10.80 17.54
CA GLY D 33 -4.10 10.15 18.75
C GLY D 33 -2.80 9.42 18.53
N LEU D 34 -2.63 8.82 17.35
CA LEU D 34 -1.44 8.02 17.10
C LEU D 34 -0.18 8.87 17.09
N SER D 35 -0.17 9.93 16.27
CA SER D 35 1.01 10.77 16.16
C SER D 35 1.40 11.36 17.50
N ILE D 36 0.41 11.86 18.25
CA ILE D 36 0.72 12.38 19.58
C ILE D 36 1.22 11.28 20.49
N ALA D 37 0.72 10.06 20.31
CA ALA D 37 1.20 8.95 21.12
C ALA D 37 2.64 8.61 20.79
N GLY D 38 3.08 8.90 19.58
CA GLY D 38 4.44 8.57 19.20
C GLY D 38 5.49 9.52 19.73
N ASN D 39 5.12 10.76 20.03
CA ASN D 39 6.10 11.78 20.39
C ASN D 39 6.41 11.70 21.87
N PRO D 40 7.67 11.54 22.27
CA PRO D 40 7.98 11.40 23.70
C PRO D 40 7.83 12.69 24.51
N GLU D 41 7.91 13.86 23.88
CA GLU D 41 7.81 15.10 24.67
C GLU D 41 6.41 15.29 25.23
N ILE D 42 5.41 15.30 24.35
CA ILE D 42 4.03 15.34 24.83
C ILE D 42 3.75 14.15 25.72
N MET D 43 4.48 13.05 25.53
CA MET D 43 4.31 11.91 26.42
C MET D 43 4.72 12.26 27.84
N ARG D 44 5.89 12.88 28.01
CA ARG D 44 6.30 13.33 29.33
C ARG D 44 5.31 14.34 29.88
N ALA D 45 4.81 15.23 29.03
CA ALA D 45 3.84 16.22 29.48
C ALA D 45 2.59 15.54 30.05
N ILE D 46 2.05 14.58 29.31
CA ILE D 46 0.85 13.87 29.76
C ILE D 46 1.13 13.09 31.02
N ALA D 47 2.31 12.47 31.11
CA ALA D 47 2.66 11.75 32.32
C ALA D 47 2.63 12.67 33.53
N ARG D 48 3.31 13.82 33.44
CA ARG D 48 3.33 14.72 34.57
C ARG D 48 1.95 15.29 34.86
N LEU D 49 1.13 15.50 33.83
CA LEU D 49 -0.21 16.01 34.07
C LEU D 49 -1.03 15.01 34.87
N SER D 50 -1.04 13.75 34.43
CA SER D 50 -1.74 12.72 35.18
C SER D 50 -1.21 12.62 36.59
N GLU D 51 0.10 12.81 36.76
CA GLU D 51 0.68 12.78 38.09
C GLU D 51 0.05 13.86 38.98
N GLN D 52 0.09 15.11 38.50
CA GLN D 52 -0.48 16.21 39.27
C GLN D 52 -1.96 15.97 39.55
N GLU D 53 -2.66 15.38 38.59
CA GLU D 53 -4.09 15.14 38.77
C GLU D 53 -4.35 14.14 39.87
N THR D 54 -3.63 13.01 39.85
CA THR D 54 -3.73 12.05 40.94
C THR D 54 -3.38 12.68 42.27
N TYR D 55 -2.36 13.53 42.27
CA TYR D 55 -1.94 14.16 43.51
C TYR D 55 -3.05 15.04 44.08
N ASN D 56 -3.67 15.84 43.22
CA ASN D 56 -4.84 16.61 43.65
C ASN D 56 -5.91 15.70 44.23
N TRP D 57 -6.28 14.66 43.49
CA TRP D 57 -7.37 13.81 43.93
C TRP D 57 -7.08 13.14 45.27
N VAL D 58 -5.82 12.76 45.50
CA VAL D 58 -5.47 12.16 46.78
C VAL D 58 -5.56 13.20 47.88
N THR D 59 -4.92 14.34 47.69
CA THR D 59 -4.85 15.34 48.76
C THR D 59 -6.23 15.79 49.22
N ASP D 60 -7.23 15.72 48.34
CA ASP D 60 -8.58 16.11 48.72
C ASP D 60 -9.49 14.92 48.99
N TYR D 61 -8.92 13.82 49.46
CA TYR D 61 -9.71 12.64 49.80
C TYR D 61 -9.50 12.15 51.22
N ALA D 62 -8.39 12.50 51.87
CA ALA D 62 -8.16 12.09 53.25
C ALA D 62 -9.30 12.39 54.21
N PRO D 63 -9.96 13.56 54.15
CA PRO D 63 -11.10 13.76 55.06
C PRO D 63 -12.18 12.70 54.92
N SER D 64 -12.52 12.35 53.69
CA SER D 64 -13.46 11.26 53.48
C SER D 64 -12.96 9.96 54.09
N HIS D 65 -11.66 9.71 53.99
CA HIS D 65 -11.09 8.52 54.60
C HIS D 65 -11.29 8.52 56.10
N LEU D 66 -11.02 9.66 56.75
CA LEU D 66 -11.21 9.75 58.20
C LEU D 66 -12.67 9.55 58.57
N ALA D 67 -13.58 10.15 57.81
CA ALA D 67 -15.00 9.98 58.07
C ALA D 67 -15.40 8.51 58.01
N LYS D 68 -15.02 7.84 56.92
CA LYS D 68 -15.35 6.43 56.78
C LYS D 68 -14.71 5.62 57.90
N GLU D 69 -13.52 6.01 58.35
CA GLU D 69 -12.87 5.31 59.45
C GLU D 69 -13.69 5.40 60.72
N VAL D 70 -14.11 6.61 61.08
CA VAL D 70 -14.84 6.75 62.34
C VAL D 70 -16.20 6.06 62.24
N VAL D 71 -16.83 6.10 61.06
CA VAL D 71 -18.10 5.38 60.91
C VAL D 71 -17.86 3.88 61.08
N LYS D 72 -16.73 3.39 60.57
CA LYS D 72 -16.41 1.98 60.76
C LYS D 72 -16.26 1.65 62.24
N GLN D 73 -15.53 2.49 62.98
CA GLN D 73 -15.35 2.26 64.41
C GLN D 73 -16.71 2.20 65.12
N ILE D 74 -17.57 3.18 64.83
CA ILE D 74 -18.85 3.25 65.52
C ILE D 74 -19.70 2.03 65.20
N SER D 75 -19.80 1.68 63.91
CA SER D 75 -20.60 0.53 63.53
C SER D 75 -20.07 -0.75 64.16
N GLY D 76 -18.75 -0.93 64.15
CA GLY D 76 -18.17 -2.09 64.81
C GLY D 76 -18.50 -2.14 66.28
N LYS D 77 -18.54 -0.98 66.93
CA LYS D 77 -18.95 -0.95 68.33
C LYS D 77 -20.43 -1.26 68.49
N TYR D 78 -21.25 -1.00 67.48
CA TYR D 78 -22.68 -1.19 67.59
C TYR D 78 -23.21 -2.39 66.82
N ASN D 79 -22.33 -3.26 66.32
CA ASN D 79 -22.74 -4.52 65.69
C ASN D 79 -23.74 -4.28 64.57
N ILE D 80 -23.35 -3.46 63.61
CA ILE D 80 -24.25 -3.08 62.53
C ILE D 80 -23.78 -3.75 61.24
N PRO D 81 -24.70 -4.34 60.46
CA PRO D 81 -24.28 -5.04 59.24
C PRO D 81 -23.67 -4.11 58.21
N GLY D 82 -22.86 -4.69 57.33
CA GLY D 82 -22.04 -3.91 56.41
C GLY D 82 -22.84 -2.87 55.63
N ALA D 83 -24.03 -3.26 55.15
CA ALA D 83 -24.84 -2.36 54.34
C ALA D 83 -25.02 -1.01 55.01
N TYR D 84 -25.50 -1.03 56.25
CA TYR D 84 -25.72 0.22 56.95
C TYR D 84 -24.41 0.89 57.33
N GLN D 85 -23.33 0.12 57.47
CA GLN D 85 -22.03 0.75 57.66
C GLN D 85 -21.70 1.66 56.48
N GLY D 86 -21.86 1.14 55.26
CA GLY D 86 -21.62 1.97 54.09
C GLY D 86 -22.58 3.14 54.01
N LEU D 87 -23.85 2.91 54.34
CA LEU D 87 -24.83 3.98 54.29
C LEU D 87 -24.47 5.12 55.25
N LEU D 88 -24.06 4.78 56.47
CA LEU D 88 -23.68 5.81 57.42
C LEU D 88 -22.37 6.48 57.02
N MET D 89 -21.45 5.74 56.40
CA MET D 89 -20.27 6.38 55.82
C MET D 89 -20.69 7.46 54.84
N ALA D 90 -21.62 7.13 53.94
CA ALA D 90 -22.08 8.11 52.96
C ALA D 90 -22.74 9.30 53.65
N PHE D 91 -23.52 9.04 54.69
CA PHE D 91 -24.16 10.14 55.41
C PHE D 91 -23.13 11.08 56.02
N ALA D 92 -22.17 10.52 56.74
CA ALA D 92 -21.12 11.35 57.35
C ALA D 92 -20.38 12.14 56.30
N GLU D 93 -20.10 11.51 55.16
CA GLU D 93 -19.49 12.23 54.04
C GLU D 93 -20.33 13.44 53.66
N LYS D 94 -21.62 13.23 53.42
CA LYS D 94 -22.51 14.32 53.02
C LYS D 94 -22.49 15.44 54.04
N VAL D 95 -22.61 15.10 55.32
CA VAL D 95 -22.78 16.13 56.33
C VAL D 95 -21.49 16.91 56.52
N LEU D 96 -20.33 16.25 56.43
CA LEU D 96 -19.09 17.00 56.54
C LEU D 96 -18.89 17.89 55.32
N ALA D 97 -19.32 17.41 54.14
CA ALA D 97 -19.08 18.16 52.92
C ALA D 97 -19.94 19.41 52.87
N ASN D 98 -21.26 19.25 52.91
CA ASN D 98 -22.14 20.38 52.67
C ASN D 98 -22.17 21.34 53.86
N TYR D 99 -21.93 20.84 55.06
CA TYR D 99 -22.09 21.65 56.27
C TYR D 99 -20.74 22.05 56.89
N ILE D 100 -19.91 21.07 57.21
CA ILE D 100 -18.73 21.35 58.04
C ILE D 100 -17.72 22.19 57.27
N LEU D 101 -17.55 21.92 55.98
CA LEU D 101 -16.51 22.59 55.22
C LEU D 101 -17.04 23.86 54.55
N ASP D 102 -18.02 23.71 53.68
CA ASP D 102 -18.52 24.85 52.92
C ASP D 102 -19.72 25.53 53.54
N TYR D 103 -20.50 24.81 54.35
CA TYR D 103 -21.73 25.33 54.93
C TYR D 103 -22.61 25.96 53.85
N LYS D 104 -23.12 25.11 52.96
CA LYS D 104 -24.31 25.52 52.25
C LYS D 104 -25.40 25.77 53.28
N GLY D 105 -26.30 26.71 52.95
CA GLY D 105 -27.11 27.30 53.99
C GLY D 105 -28.22 26.42 54.53
N GLU D 106 -27.85 25.38 55.30
CA GLU D 106 -28.88 24.51 55.84
C GLU D 106 -28.46 24.04 57.22
N PRO D 107 -29.38 24.00 58.19
CA PRO D 107 -29.04 23.56 59.54
C PRO D 107 -28.84 22.05 59.59
N LEU D 108 -27.95 21.65 60.51
CA LEU D 108 -27.57 20.25 60.61
C LEU D 108 -28.76 19.34 60.87
N VAL D 109 -29.67 19.77 61.75
CA VAL D 109 -30.81 18.93 62.09
C VAL D 109 -31.72 18.73 60.88
N GLU D 110 -31.71 19.68 59.95
CA GLU D 110 -32.49 19.51 58.73
C GLU D 110 -31.96 18.33 57.92
N ILE D 111 -30.65 18.29 57.68
CA ILE D 111 -30.03 17.13 57.04
C ILE D 111 -30.29 15.88 57.85
N HIS D 112 -30.28 16.00 59.18
CA HIS D 112 -30.54 14.86 60.05
C HIS D 112 -31.88 14.24 59.73
N HIS D 113 -32.93 15.06 59.71
CA HIS D 113 -34.27 14.53 59.43
C HIS D 113 -34.40 14.08 57.98
N ASN D 114 -33.69 14.75 57.07
CA ASN D 114 -33.70 14.30 55.68
C ASN D 114 -33.18 12.88 55.57
N PHE D 115 -31.98 12.63 56.09
CA PHE D 115 -31.42 11.29 56.04
C PHE D 115 -32.23 10.34 56.90
N LEU D 116 -32.94 10.85 57.90
CA LEU D 116 -33.84 10.02 58.68
C LEU D 116 -34.94 9.45 57.80
N TRP D 117 -35.66 10.32 57.08
CA TRP D 117 -36.62 9.85 56.09
C TRP D 117 -35.95 8.94 55.07
N GLU D 118 -34.70 9.22 54.75
CA GLU D 118 -33.96 8.33 53.85
C GLU D 118 -33.87 6.92 54.44
N LEU D 119 -33.76 6.81 55.75
CA LEU D 119 -33.57 5.50 56.35
C LEU D 119 -34.87 4.83 56.80
N MET D 120 -36.02 5.48 56.63
CA MET D 120 -37.27 4.90 57.11
C MET D 120 -37.68 3.72 56.22
N GLN D 121 -38.83 3.13 56.53
CA GLN D 121 -39.37 2.04 55.74
C GLN D 121 -40.86 2.22 55.51
N GLY D 133 -39.61 2.22 62.73
CA GLY D 133 -39.09 2.58 61.43
C GLY D 133 -37.67 3.07 61.48
N PHE D 134 -37.17 3.29 62.70
CA PHE D 134 -35.81 3.77 62.90
C PHE D 134 -35.11 3.07 64.05
N ILE D 135 -35.72 2.06 64.63
CA ILE D 135 -35.08 1.24 65.65
C ILE D 135 -35.04 -0.18 65.07
N TYR D 136 -33.93 -0.50 64.41
CA TYR D 136 -33.80 -1.76 63.72
C TYR D 136 -33.23 -2.81 64.67
N THR D 137 -33.68 -4.04 64.51
CA THR D 137 -33.21 -5.16 65.31
C THR D 137 -32.12 -5.92 64.57
N PHE D 138 -31.03 -6.21 65.28
CA PHE D 138 -29.89 -6.87 64.70
C PHE D 138 -29.50 -8.08 65.54
N VAL D 139 -29.16 -9.17 64.86
CA VAL D 139 -28.81 -10.42 65.52
C VAL D 139 -27.31 -10.58 65.46
N ARG D 140 -26.65 -10.48 66.62
CA ARG D 140 -25.20 -10.61 66.66
C ARG D 140 -24.80 -12.07 66.39
N LYS D 141 -23.48 -12.29 66.39
CA LYS D 141 -22.96 -13.62 66.18
C LYS D 141 -23.24 -14.56 67.34
N ASP D 142 -23.56 -14.03 68.52
CA ASP D 142 -23.92 -14.86 69.66
C ASP D 142 -25.39 -15.27 69.66
N GLY D 143 -26.17 -14.76 68.71
CA GLY D 143 -27.59 -15.01 68.69
C GLY D 143 -28.42 -14.03 69.48
N LYS D 144 -27.78 -13.15 70.26
CA LYS D 144 -28.48 -12.15 71.04
C LYS D 144 -28.99 -11.03 70.15
N PRO D 145 -30.30 -10.92 69.96
CA PRO D 145 -30.83 -9.80 69.18
C PRO D 145 -30.64 -8.49 69.92
N VAL D 146 -30.31 -7.44 69.16
CA VAL D 146 -30.12 -6.11 69.71
C VAL D 146 -30.85 -5.11 68.81
N THR D 147 -31.15 -3.94 69.37
CA THR D 147 -31.83 -2.88 68.65
C THR D 147 -31.07 -1.59 68.83
N VAL D 148 -31.07 -0.77 67.78
CA VAL D 148 -30.40 0.53 67.78
C VAL D 148 -31.31 1.55 67.10
N ASP D 149 -31.35 2.75 67.65
CA ASP D 149 -32.12 3.83 67.05
C ASP D 149 -31.29 4.53 65.98
N MET D 150 -31.87 4.67 64.79
CA MET D 150 -31.17 5.33 63.70
C MET D 150 -30.85 6.78 64.06
N SER D 151 -31.86 7.53 64.49
CA SER D 151 -31.66 8.96 64.77
C SER D 151 -30.60 9.17 65.85
N LYS D 152 -30.60 8.34 66.89
CA LYS D 152 -29.64 8.51 67.97
C LYS D 152 -28.21 8.36 67.46
N VAL D 153 -27.92 7.24 66.80
CA VAL D 153 -26.57 7.01 66.31
C VAL D 153 -26.18 8.04 65.27
N LEU D 154 -27.16 8.50 64.48
CA LEU D 154 -26.89 9.62 63.57
C LEU D 154 -26.39 10.82 64.36
N THR D 155 -27.17 11.25 65.36
CA THR D 155 -26.72 12.33 66.23
C THR D 155 -25.40 11.99 66.91
N GLU D 156 -25.15 10.70 67.14
CA GLU D 156 -23.94 10.29 67.83
C GLU D 156 -22.70 10.59 66.98
N ILE D 157 -22.70 10.11 65.74
CA ILE D 157 -21.55 10.35 64.87
C ILE D 157 -21.42 11.83 64.54
N GLU D 158 -22.53 12.57 64.57
CA GLU D 158 -22.45 14.02 64.39
C GLU D 158 -21.48 14.62 65.40
N ASP D 159 -21.73 14.39 66.69
CA ASP D 159 -20.84 14.92 67.71
C ASP D 159 -19.42 14.42 67.51
N ALA D 160 -19.26 13.11 67.28
CA ALA D 160 -17.93 12.57 67.02
C ALA D 160 -17.27 13.27 65.85
N LEU D 161 -18.05 13.59 64.82
CA LEU D 161 -17.48 14.26 63.65
C LEU D 161 -16.89 15.61 64.04
N PHE D 162 -17.66 16.43 64.74
CA PHE D 162 -17.14 17.72 65.19
C PHE D 162 -15.93 17.54 66.09
N LYS D 163 -15.85 16.40 66.79
CA LYS D 163 -14.70 16.14 67.63
C LYS D 163 -13.43 16.00 66.81
N LEU D 164 -13.51 15.31 65.68
CA LEU D 164 -12.34 15.09 64.84
C LEU D 164 -11.77 16.41 64.33
N VAL D 165 -12.58 17.14 63.55
CA VAL D 165 -12.15 18.40 62.99
C VAL D 165 -11.91 19.46 64.06
N LYS D 166 -12.23 19.15 65.32
CA LYS D 166 -12.09 20.09 66.43
C LYS D 166 -12.95 21.33 66.18
N LYS D 167 -14.19 21.10 65.73
CA LYS D 167 -15.12 22.19 65.46
C LYS D 167 -15.69 22.73 66.77
N ARG E 3 11.57 -36.79 21.12
CA ARG E 3 12.95 -36.54 20.72
C ARG E 3 13.83 -37.75 20.99
N ARG E 4 15.03 -37.74 20.42
CA ARG E 4 15.95 -38.85 20.62
C ARG E 4 16.36 -38.95 22.08
N ASN E 5 16.80 -40.14 22.47
CA ASN E 5 17.23 -40.37 23.85
C ASN E 5 18.51 -39.59 24.13
N ARG E 6 18.59 -38.98 25.30
CA ARG E 6 19.80 -38.33 25.78
C ARG E 6 19.92 -38.57 27.26
N ARG E 7 21.05 -39.14 27.68
CA ARG E 7 21.30 -39.31 29.11
C ARG E 7 21.23 -37.96 29.80
N LEU E 8 20.52 -37.92 30.93
CA LEU E 8 20.28 -36.66 31.60
C LEU E 8 21.58 -36.02 32.08
N SER E 9 21.75 -34.74 31.81
CA SER E 9 22.93 -34.00 32.24
C SER E 9 22.60 -32.53 32.32
N SER E 10 23.56 -31.75 32.82
CA SER E 10 23.38 -30.31 32.98
C SER E 10 22.94 -29.65 31.68
N ALA E 11 23.41 -30.17 30.54
CA ALA E 11 22.97 -29.66 29.25
C ALA E 11 21.45 -29.64 29.17
N SER E 12 20.80 -30.69 29.67
CA SER E 12 19.35 -30.72 29.65
C SER E 12 18.76 -29.59 30.49
N VAL E 13 19.35 -29.36 31.68
CA VAL E 13 18.89 -28.28 32.53
C VAL E 13 18.93 -26.96 31.77
N TYR E 14 20.07 -26.67 31.13
CA TYR E 14 20.21 -25.40 30.44
C TYR E 14 19.27 -25.30 29.25
N ARG E 15 19.10 -26.40 28.51
CA ARG E 15 18.17 -26.41 27.39
C ARG E 15 16.77 -26.03 27.86
N TYR E 16 16.29 -26.72 28.89
CA TYR E 16 14.97 -26.43 29.41
C TYR E 16 14.87 -24.98 29.87
N TYR E 17 15.92 -24.50 30.55
CA TYR E 17 15.94 -23.13 31.03
C TYR E 17 15.71 -22.14 29.90
N LEU E 18 16.54 -22.22 28.86
CA LEU E 18 16.44 -21.24 27.78
C LEU E 18 15.12 -21.38 27.02
N LYS E 19 14.65 -22.60 26.82
CA LYS E 19 13.40 -22.76 26.09
C LYS E 19 12.24 -22.17 26.89
N ARG E 20 12.28 -22.30 28.20
CA ARG E 20 11.27 -21.64 29.01
C ARG E 20 11.40 -20.13 28.95
N ILE E 21 12.63 -19.62 28.82
CA ILE E 21 12.79 -18.18 28.59
C ILE E 21 12.01 -17.75 27.37
N SER E 22 12.19 -18.47 26.27
CA SER E 22 11.46 -18.13 25.05
C SER E 22 9.96 -18.18 25.27
N MET E 23 9.48 -19.25 25.93
CA MET E 23 8.05 -19.35 26.15
C MET E 23 7.52 -18.21 27.02
N ASN E 24 8.26 -17.81 28.03
CA ASN E 24 7.77 -16.77 28.92
C ASN E 24 7.75 -15.41 28.23
N ILE E 25 8.82 -15.08 27.49
CA ILE E 25 8.80 -13.83 26.75
C ILE E 25 7.67 -13.85 25.72
N GLY E 26 7.33 -15.04 25.20
CA GLY E 26 6.13 -15.12 24.39
C GLY E 26 4.86 -14.88 25.17
N THR E 27 4.84 -15.32 26.43
CA THR E 27 3.62 -15.26 27.22
C THR E 27 3.31 -13.83 27.63
N THR E 28 4.26 -13.15 28.24
CA THR E 28 3.98 -11.86 28.87
C THR E 28 3.48 -10.84 27.86
N GLY E 29 4.31 -10.47 26.89
CA GLY E 29 3.87 -9.52 25.89
C GLY E 29 3.05 -10.19 24.82
N HIS E 30 1.81 -10.56 25.17
CA HIS E 30 0.97 -11.43 24.35
C HIS E 30 1.04 -11.10 22.86
N VAL E 31 1.06 -9.82 22.52
CA VAL E 31 1.31 -9.38 21.16
C VAL E 31 2.54 -8.49 21.07
N ASN E 32 2.73 -7.62 22.05
CA ASN E 32 3.84 -6.67 22.02
C ASN E 32 5.12 -7.33 22.49
N GLY E 33 5.46 -8.46 21.89
CA GLY E 33 6.65 -9.19 22.32
C GLY E 33 7.92 -8.37 22.20
N LEU E 34 7.99 -7.51 21.18
CA LEU E 34 9.20 -6.76 20.92
C LEU E 34 9.49 -5.77 22.06
N SER E 35 8.52 -4.92 22.38
CA SER E 35 8.75 -3.91 23.41
C SER E 35 9.12 -4.56 24.74
N ILE E 36 8.42 -5.63 25.10
CA ILE E 36 8.78 -6.35 26.32
C ILE E 36 10.18 -6.93 26.20
N ALA E 37 10.56 -7.35 24.99
CA ALA E 37 11.90 -7.89 24.79
C ALA E 37 12.96 -6.81 24.98
N GLY E 38 12.61 -5.56 24.71
CA GLY E 38 13.56 -4.47 24.89
C GLY E 38 13.74 -4.03 26.33
N ASN E 39 12.78 -4.34 27.19
CA ASN E 39 12.82 -3.86 28.56
C ASN E 39 13.70 -4.77 29.42
N PRO E 40 14.78 -4.27 30.01
CA PRO E 40 15.63 -5.15 30.83
C PRO E 40 15.01 -5.57 32.15
N GLU E 41 14.10 -4.79 32.74
CA GLU E 41 13.54 -5.17 34.03
C GLU E 41 12.63 -6.38 33.90
N ILE E 42 11.64 -6.30 33.01
CA ILE E 42 10.82 -7.47 32.74
C ILE E 42 11.69 -8.63 32.27
N MET E 43 12.83 -8.32 31.66
CA MET E 43 13.74 -9.38 31.25
C MET E 43 14.30 -10.11 32.46
N ARG E 44 14.77 -9.36 33.46
CA ARG E 44 15.22 -9.99 34.69
C ARG E 44 14.10 -10.79 35.34
N ALA E 45 12.89 -10.24 35.33
CA ALA E 45 11.76 -10.96 35.90
C ALA E 45 11.57 -12.30 35.22
N ILE E 46 11.56 -12.30 33.88
CA ILE E 46 11.38 -13.54 33.13
C ILE E 46 12.52 -14.51 33.41
N ALA E 47 13.75 -13.99 33.46
CA ALA E 47 14.88 -14.85 33.74
C ALA E 47 14.71 -15.57 35.07
N ARG E 48 14.40 -14.82 36.12
CA ARG E 48 14.23 -15.42 37.43
C ARG E 48 13.06 -16.40 37.45
N LEU E 49 11.97 -16.06 36.74
CA LEU E 49 10.84 -16.98 36.66
C LEU E 49 11.26 -18.31 36.03
N SER E 50 11.93 -18.25 34.89
CA SER E 50 12.38 -19.46 34.24
C SER E 50 13.30 -20.26 35.14
N GLU E 51 14.18 -19.57 35.87
CA GLU E 51 15.07 -20.26 36.79
C GLU E 51 14.26 -21.03 37.83
N GLN E 52 13.31 -20.36 38.47
CA GLN E 52 12.46 -21.02 39.45
C GLN E 52 11.73 -22.21 38.84
N GLU E 53 11.30 -22.07 37.59
CA GLU E 53 10.53 -23.13 36.96
C GLU E 53 11.38 -24.37 36.71
N THR E 54 12.59 -24.18 36.16
CA THR E 54 13.48 -25.33 35.98
C THR E 54 13.84 -25.95 37.31
N TYR E 55 14.01 -25.12 38.33
CA TYR E 55 14.31 -25.66 39.65
C TYR E 55 13.17 -26.55 40.13
N ASN E 56 11.93 -26.09 39.97
CA ASN E 56 10.77 -26.91 40.29
C ASN E 56 10.83 -28.23 39.54
N TRP E 57 11.02 -28.17 38.22
CA TRP E 57 10.99 -29.38 37.42
C TRP E 57 12.08 -30.36 37.82
N VAL E 58 13.25 -29.86 38.20
CA VAL E 58 14.31 -30.75 38.65
C VAL E 58 13.91 -31.40 39.97
N THR E 59 13.46 -30.59 40.93
CA THR E 59 13.14 -31.12 42.25
C THR E 59 12.10 -32.22 42.19
N ASP E 60 11.23 -32.21 41.18
CA ASP E 60 10.18 -33.21 41.04
C ASP E 60 10.54 -34.30 40.04
N TYR E 61 11.83 -34.59 39.88
CA TYR E 61 12.24 -35.62 38.94
C TYR E 61 13.17 -36.67 39.54
N ALA E 62 13.87 -36.37 40.61
CA ALA E 62 14.78 -37.35 41.22
C ALA E 62 14.12 -38.69 41.51
N PRO E 63 12.87 -38.78 41.97
CA PRO E 63 12.26 -40.12 42.13
C PRO E 63 12.25 -40.93 40.85
N SER E 64 11.76 -40.34 39.76
CA SER E 64 11.77 -41.05 38.49
C SER E 64 13.18 -41.40 38.06
N HIS E 65 14.15 -40.54 38.39
CA HIS E 65 15.54 -40.86 38.09
C HIS E 65 15.98 -42.13 38.81
N LEU E 66 15.67 -42.22 40.10
CA LEU E 66 16.02 -43.43 40.85
C LEU E 66 15.33 -44.65 40.28
N ALA E 67 14.06 -44.51 39.91
CA ALA E 67 13.34 -45.63 39.32
C ALA E 67 14.01 -46.11 38.04
N LYS E 68 14.32 -45.18 37.14
CA LYS E 68 15.00 -45.55 35.91
C LYS E 68 16.33 -46.21 36.20
N GLU E 69 17.06 -45.69 37.19
CA GLU E 69 18.36 -46.28 37.54
C GLU E 69 18.20 -47.73 37.95
N VAL E 70 17.28 -48.00 38.88
CA VAL E 70 17.16 -49.36 39.39
C VAL E 70 16.63 -50.29 38.31
N VAL E 71 15.74 -49.81 37.45
CA VAL E 71 15.29 -50.64 36.34
C VAL E 71 16.46 -50.99 35.43
N LYS E 72 17.35 -50.01 35.20
CA LYS E 72 18.55 -50.29 34.41
C LYS E 72 19.39 -51.38 35.06
N GLN E 73 19.59 -51.28 36.37
CA GLN E 73 20.39 -52.27 37.08
C GLN E 73 19.79 -53.66 36.91
N ILE E 74 18.49 -53.79 37.14
CA ILE E 74 17.85 -55.10 37.08
C ILE E 74 17.90 -55.66 35.66
N SER E 75 17.63 -54.81 34.67
CA SER E 75 17.69 -55.27 33.29
C SER E 75 19.08 -55.76 32.92
N GLY E 76 20.11 -55.00 33.32
CA GLY E 76 21.47 -55.44 33.08
C GLY E 76 21.74 -56.78 33.74
N LYS E 77 21.22 -56.97 34.95
CA LYS E 77 21.40 -58.25 35.62
C LYS E 77 20.64 -59.37 34.93
N TYR E 78 19.61 -59.06 34.15
CA TYR E 78 18.81 -60.08 33.50
C TYR E 78 18.97 -60.12 31.98
N ASN E 79 19.89 -59.33 31.42
CA ASN E 79 20.20 -59.38 30.01
C ASN E 79 18.96 -59.12 29.15
N ILE E 80 18.42 -57.91 29.28
CA ILE E 80 17.19 -57.55 28.60
C ILE E 80 17.48 -56.47 27.56
N PRO E 81 16.90 -56.56 26.36
CA PRO E 81 17.17 -55.55 25.34
C PRO E 81 16.64 -54.18 25.74
N GLY E 82 17.27 -53.15 25.17
CA GLY E 82 17.02 -51.78 25.60
C GLY E 82 15.55 -51.40 25.60
N ALA E 83 14.83 -51.78 24.54
CA ALA E 83 13.43 -51.42 24.42
C ALA E 83 12.65 -51.77 25.69
N TYR E 84 12.79 -53.01 26.13
CA TYR E 84 12.07 -53.44 27.33
C TYR E 84 12.63 -52.78 28.57
N GLN E 85 13.91 -52.40 28.56
CA GLN E 85 14.43 -51.62 29.68
C GLN E 85 13.67 -50.32 29.83
N GLY E 86 13.50 -49.59 28.73
CA GLY E 86 12.72 -48.36 28.79
C GLY E 86 11.28 -48.61 29.21
N LEU E 87 10.68 -49.68 28.68
CA LEU E 87 9.30 -49.98 29.04
C LEU E 87 9.16 -50.26 30.53
N LEU E 88 10.09 -51.01 31.11
CA LEU E 88 10.02 -51.27 32.55
C LEU E 88 10.33 -50.03 33.36
N MET E 89 11.20 -49.15 32.86
CA MET E 89 11.39 -47.86 33.50
C MET E 89 10.05 -47.13 33.61
N ALA E 90 9.31 -47.08 32.50
CA ALA E 90 8.02 -46.42 32.51
C ALA E 90 7.05 -47.10 33.47
N PHE E 91 7.07 -48.43 33.50
CA PHE E 91 6.21 -49.15 34.43
C PHE E 91 6.51 -48.77 35.88
N ALA E 92 7.79 -48.79 36.25
CA ALA E 92 8.16 -48.44 37.61
C ALA E 92 7.76 -47.01 37.94
N GLU E 93 7.96 -46.10 36.99
CA GLU E 93 7.52 -44.72 37.18
C GLU E 93 6.03 -44.67 37.49
N LYS E 94 5.22 -45.37 36.67
CA LYS E 94 3.78 -45.36 36.87
C LYS E 94 3.41 -45.92 38.24
N VAL E 95 3.99 -47.05 38.61
CA VAL E 95 3.59 -47.72 39.83
C VAL E 95 3.99 -46.91 41.05
N LEU E 96 5.12 -46.21 40.98
CA LEU E 96 5.48 -45.37 42.11
C LEU E 96 4.58 -44.14 42.17
N ALA E 97 4.24 -43.57 41.03
CA ALA E 97 3.46 -42.34 41.02
C ALA E 97 2.04 -42.58 41.50
N ASN E 98 1.31 -43.44 40.80
CA ASN E 98 -0.11 -43.58 41.08
C ASN E 98 -0.38 -44.30 42.39
N TYR E 99 0.55 -45.15 42.83
CA TYR E 99 0.31 -46.01 43.99
C TYR E 99 1.18 -45.62 45.18
N ILE E 100 2.50 -45.56 44.99
CA ILE E 100 3.39 -45.39 46.12
C ILE E 100 3.26 -43.99 46.71
N LEU E 101 3.10 -42.98 45.86
CA LEU E 101 3.08 -41.61 46.35
C LEU E 101 1.66 -41.15 46.67
N ASP E 102 0.78 -41.18 45.69
CA ASP E 102 -0.58 -40.67 45.89
C ASP E 102 -1.58 -41.76 46.27
N TYR E 103 -1.30 -43.00 45.91
CA TYR E 103 -2.23 -44.11 46.10
C TYR E 103 -3.63 -43.73 45.61
N LYS E 104 -3.76 -43.58 44.31
CA LYS E 104 -5.09 -43.64 43.74
C LYS E 104 -5.71 -44.99 44.09
N GLY E 105 -7.03 -45.04 44.10
CA GLY E 105 -7.70 -46.17 44.71
C GLY E 105 -7.60 -47.45 43.90
N GLU E 106 -6.40 -48.04 43.83
CA GLU E 106 -6.29 -49.27 43.05
C GLU E 106 -5.26 -50.18 43.68
N PRO E 107 -5.52 -51.49 43.76
CA PRO E 107 -4.55 -52.40 44.33
C PRO E 107 -3.39 -52.65 43.38
N LEU E 108 -2.25 -53.01 43.98
CA LEU E 108 -1.01 -53.17 43.21
C LEU E 108 -1.17 -54.23 42.13
N VAL E 109 -1.64 -55.42 42.51
CA VAL E 109 -1.69 -56.53 41.57
C VAL E 109 -2.63 -56.22 40.41
N GLU E 110 -3.58 -55.30 40.62
CA GLU E 110 -4.42 -54.87 39.51
C GLU E 110 -3.59 -54.19 38.44
N ILE E 111 -2.78 -53.21 38.83
CA ILE E 111 -1.86 -52.58 37.89
C ILE E 111 -0.90 -53.62 37.32
N HIS E 112 -0.51 -54.60 38.14
CA HIS E 112 0.37 -55.65 37.66
C HIS E 112 -0.24 -56.37 36.47
N HIS E 113 -1.49 -56.82 36.61
CA HIS E 113 -2.16 -57.52 35.51
C HIS E 113 -2.42 -56.59 34.34
N ASN E 114 -2.71 -55.32 34.61
CA ASN E 114 -2.86 -54.35 33.53
C ASN E 114 -1.62 -54.30 32.67
N PHE E 115 -0.47 -54.04 33.29
CA PHE E 115 0.77 -53.98 32.53
C PHE E 115 1.13 -55.35 31.96
N LEU E 116 0.63 -56.41 32.57
CA LEU E 116 0.83 -57.75 32.00
C LEU E 116 0.16 -57.85 30.64
N TRP E 117 -1.13 -57.52 30.58
CA TRP E 117 -1.79 -57.44 29.29
C TRP E 117 -1.09 -56.46 28.36
N GLU E 118 -0.52 -55.40 28.92
CA GLU E 118 0.27 -54.49 28.10
C GLU E 118 1.43 -55.21 27.44
N LEU E 119 2.08 -56.13 28.16
CA LEU E 119 3.28 -56.75 27.62
C LEU E 119 3.01 -58.08 26.90
N MET E 120 1.76 -58.51 26.80
CA MET E 120 1.47 -59.80 26.19
C MET E 120 1.65 -59.74 24.68
N GLN E 121 1.30 -60.84 24.01
CA GLN E 121 1.32 -60.91 22.56
C GLN E 121 0.07 -61.58 22.02
N GLY E 133 3.74 -65.74 26.02
CA GLY E 133 3.28 -64.36 25.95
C GLY E 133 3.83 -63.50 27.08
N PHE E 134 4.37 -64.16 28.11
CA PHE E 134 4.96 -63.46 29.23
C PHE E 134 6.30 -64.04 29.64
N ILE E 135 6.79 -65.05 28.93
CA ILE E 135 8.13 -65.57 29.13
C ILE E 135 8.86 -65.39 27.81
N TYR E 136 9.64 -64.33 27.70
CA TYR E 136 10.34 -64.01 26.47
C TYR E 136 11.72 -64.64 26.50
N THR E 137 12.18 -65.07 25.32
CA THR E 137 13.51 -65.63 25.17
C THR E 137 14.45 -64.57 24.63
N PHE E 138 15.65 -64.51 25.21
CA PHE E 138 16.64 -63.50 24.83
C PHE E 138 17.97 -64.18 24.55
N VAL E 139 18.66 -63.66 23.55
CA VAL E 139 19.95 -64.20 23.12
C VAL E 139 21.04 -63.29 23.66
N ARG E 140 21.85 -63.81 24.58
CA ARG E 140 22.95 -63.04 25.13
C ARG E 140 24.08 -62.91 24.10
N LYS E 141 25.14 -62.21 24.51
CA LYS E 141 26.30 -62.04 23.65
C LYS E 141 27.08 -63.33 23.46
N ASP E 142 26.96 -64.28 24.38
CA ASP E 142 27.66 -65.55 24.26
C ASP E 142 26.91 -66.56 23.40
N GLY E 143 25.75 -66.20 22.87
CA GLY E 143 24.93 -67.12 22.13
C GLY E 143 24.04 -67.99 22.99
N LYS E 144 24.22 -67.97 24.30
CA LYS E 144 23.39 -68.74 25.21
C LYS E 144 22.01 -68.09 25.31
N PRO E 145 20.97 -68.73 24.78
CA PRO E 145 19.63 -68.18 24.91
C PRO E 145 19.15 -68.28 26.35
N VAL E 146 18.40 -67.27 26.77
CA VAL E 146 17.85 -67.23 28.11
C VAL E 146 16.39 -66.79 28.03
N THR E 147 15.62 -67.19 29.03
CA THR E 147 14.20 -66.86 29.09
C THR E 147 13.91 -66.24 30.45
N VAL E 148 12.97 -65.31 30.46
CA VAL E 148 12.57 -64.60 31.67
C VAL E 148 11.07 -64.41 31.67
N ASP E 149 10.44 -64.63 32.81
CA ASP E 149 8.99 -64.42 32.93
C ASP E 149 8.70 -62.99 33.31
N MET E 150 7.81 -62.35 32.55
CA MET E 150 7.48 -60.95 32.80
C MET E 150 6.88 -60.76 34.18
N SER E 151 5.82 -61.51 34.49
CA SER E 151 5.11 -61.34 35.76
C SER E 151 6.06 -61.50 36.94
N LYS E 152 7.02 -62.43 36.84
CA LYS E 152 7.97 -62.61 37.91
C LYS E 152 8.86 -61.39 38.07
N VAL E 153 9.55 -60.98 37.00
CA VAL E 153 10.46 -59.85 37.10
C VAL E 153 9.71 -58.57 37.42
N LEU E 154 8.45 -58.47 36.98
CA LEU E 154 7.62 -57.36 37.42
C LEU E 154 7.46 -57.36 38.93
N THR E 155 6.90 -58.45 39.47
CA THR E 155 6.80 -58.57 40.92
C THR E 155 8.15 -58.42 41.59
N GLU E 156 9.22 -58.79 40.90
CA GLU E 156 10.56 -58.60 41.45
C GLU E 156 10.88 -57.13 41.66
N ILE E 157 10.72 -56.32 40.61
CA ILE E 157 11.04 -54.91 40.72
C ILE E 157 10.01 -54.20 41.58
N GLU E 158 8.80 -54.73 41.67
CA GLU E 158 7.82 -54.19 42.61
C GLU E 158 8.40 -54.16 44.02
N ASP E 159 8.86 -55.30 44.50
CA ASP E 159 9.43 -55.36 45.84
C ASP E 159 10.67 -54.47 45.93
N ALA E 160 11.60 -54.62 44.98
CA ALA E 160 12.83 -53.83 45.02
C ALA E 160 12.53 -52.35 45.08
N LEU E 161 11.49 -51.91 44.39
CA LEU E 161 11.09 -50.51 44.47
C LEU E 161 10.66 -50.14 45.87
N PHE E 162 9.83 -51.00 46.51
CA PHE E 162 9.42 -50.74 47.88
C PHE E 162 10.61 -50.66 48.82
N LYS E 163 11.71 -51.32 48.48
CA LYS E 163 12.91 -51.20 49.27
C LYS E 163 13.48 -49.79 49.18
N LEU E 164 13.38 -49.16 48.01
CA LEU E 164 13.98 -47.84 47.80
C LEU E 164 13.35 -46.81 48.72
N VAL E 165 12.06 -46.55 48.56
CA VAL E 165 11.36 -45.54 49.34
C VAL E 165 11.26 -45.92 50.82
N LYS E 166 11.68 -47.13 51.18
CA LYS E 166 11.56 -47.63 52.56
C LYS E 166 10.09 -47.66 52.98
N LYS E 167 9.24 -48.15 52.09
CA LYS E 167 7.81 -48.29 52.38
C LYS E 167 7.58 -49.51 53.27
N ARG F 3 -17.78 25.06 32.56
CA ARG F 3 -16.84 24.29 33.35
C ARG F 3 -17.09 24.48 34.84
N ARG F 4 -17.14 23.38 35.58
CA ARG F 4 -17.34 23.47 37.01
C ARG F 4 -16.17 24.20 37.67
N ASN F 5 -16.45 24.81 38.81
CA ASN F 5 -15.43 25.58 39.52
C ASN F 5 -14.32 24.66 40.00
N ARG F 6 -13.08 25.05 39.75
CA ARG F 6 -11.92 24.34 40.23
C ARG F 6 -10.86 25.35 40.63
N ARG F 7 -10.38 25.25 41.86
CA ARG F 7 -9.35 26.16 42.34
C ARG F 7 -8.11 26.04 41.46
N LEU F 8 -7.46 27.17 41.22
CA LEU F 8 -6.29 27.20 40.34
C LEU F 8 -5.17 26.33 40.88
N SER F 9 -4.58 25.53 40.00
CA SER F 9 -3.41 24.73 40.34
C SER F 9 -2.68 24.36 39.06
N SER F 10 -1.51 23.74 39.24
CA SER F 10 -0.69 23.35 38.10
C SER F 10 -1.45 22.50 37.10
N ALA F 11 -2.40 21.70 37.59
CA ALA F 11 -3.24 20.91 36.70
C ALA F 11 -3.85 21.77 35.61
N SER F 12 -4.35 22.96 35.99
CA SER F 12 -4.94 23.85 34.99
C SER F 12 -3.90 24.28 33.97
N VAL F 13 -2.68 24.55 34.43
CA VAL F 13 -1.61 24.93 33.50
C VAL F 13 -1.41 23.85 32.46
N TYR F 14 -1.28 22.60 32.93
CA TYR F 14 -1.04 21.52 31.98
C TYR F 14 -2.23 21.30 31.07
N ARG F 15 -3.44 21.48 31.58
CA ARG F 15 -4.63 21.34 30.74
C ARG F 15 -4.60 22.34 29.60
N TYR F 16 -4.37 23.61 29.94
CA TYR F 16 -4.27 24.63 28.92
C TYR F 16 -3.17 24.30 27.93
N TYR F 17 -2.03 23.83 28.43
CA TYR F 17 -0.91 23.45 27.57
C TYR F 17 -1.35 22.45 26.51
N LEU F 18 -1.88 21.32 26.95
CA LEU F 18 -2.22 20.26 26.00
C LEU F 18 -3.34 20.68 25.06
N LYS F 19 -4.33 21.41 25.57
CA LYS F 19 -5.43 21.80 24.71
C LYS F 19 -4.96 22.77 23.64
N ARG F 20 -4.04 23.67 23.98
CA ARG F 20 -3.49 24.54 22.96
C ARG F 20 -2.63 23.77 21.97
N ILE F 21 -1.97 22.69 22.42
CA ILE F 21 -1.29 21.81 21.47
C ILE F 21 -2.26 21.32 20.42
N SER F 22 -3.40 20.81 20.87
CA SER F 22 -4.39 20.31 19.91
C SER F 22 -4.84 21.42 18.97
N MET F 23 -5.15 22.59 19.53
CA MET F 23 -5.61 23.69 18.69
C MET F 23 -4.56 24.08 17.66
N ASN F 24 -3.29 24.10 18.02
CA ASN F 24 -2.27 24.58 17.10
C ASN F 24 -1.99 23.55 16.02
N ILE F 25 -1.90 22.27 16.38
CA ILE F 25 -1.76 21.25 15.34
C ILE F 25 -2.95 21.30 14.39
N GLY F 26 -4.13 21.67 14.92
CA GLY F 26 -5.24 21.93 14.01
C GLY F 26 -5.01 23.15 13.14
N THR F 27 -4.38 24.18 13.70
CA THR F 27 -4.23 25.44 12.99
C THR F 27 -3.30 25.30 11.80
N THR F 28 -2.10 24.76 12.02
CA THR F 28 -1.09 24.75 10.98
C THR F 28 -1.52 23.96 9.76
N GLY F 29 -1.71 22.65 9.92
CA GLY F 29 -2.10 21.83 8.79
C GLY F 29 -3.59 21.90 8.52
N HIS F 30 -4.03 23.05 8.00
CA HIS F 30 -5.46 23.36 7.86
C HIS F 30 -6.26 22.18 7.33
N VAL F 31 -5.69 21.44 6.38
CA VAL F 31 -6.28 20.19 5.92
C VAL F 31 -5.34 19.02 6.11
N ASN F 32 -4.05 19.22 5.86
CA ASN F 32 -3.08 18.14 5.96
C ASN F 32 -2.64 17.96 7.39
N GLY F 33 -3.59 17.80 8.31
CA GLY F 33 -3.24 17.67 9.70
C GLY F 33 -2.37 16.47 9.99
N LEU F 34 -2.62 15.37 9.29
CA LEU F 34 -1.90 14.12 9.56
C LEU F 34 -0.42 14.27 9.23
N SER F 35 -0.11 14.74 8.03
CA SER F 35 1.29 14.86 7.63
C SER F 35 2.06 15.76 8.59
N ILE F 36 1.46 16.89 8.98
CA ILE F 36 2.12 17.75 9.95
C ILE F 36 2.25 17.04 11.29
N ALA F 37 1.28 16.19 11.63
CA ALA F 37 1.36 15.44 12.87
C ALA F 37 2.53 14.46 12.84
N GLY F 38 2.88 13.95 11.65
CA GLY F 38 3.99 13.04 11.55
C GLY F 38 5.36 13.68 11.65
N ASN F 39 5.45 14.96 11.32
CA ASN F 39 6.74 15.65 11.28
C ASN F 39 7.18 16.01 12.70
N PRO F 40 8.33 15.55 13.17
CA PRO F 40 8.77 15.92 14.52
C PRO F 40 9.25 17.35 14.65
N GLU F 41 9.77 17.97 13.58
CA GLU F 41 10.28 19.33 13.69
C GLU F 41 9.16 20.32 13.95
N ILE F 42 8.17 20.36 13.06
CA ILE F 42 7.01 21.21 13.30
C ILE F 42 6.34 20.82 14.60
N MET F 43 6.49 19.56 15.02
CA MET F 43 5.92 19.17 16.30
C MET F 43 6.62 19.90 17.44
N ARG F 44 7.95 19.95 17.42
CA ARG F 44 8.67 20.72 18.43
C ARG F 44 8.28 22.19 18.36
N ALA F 45 8.09 22.70 17.15
CA ALA F 45 7.67 24.08 17.00
C ALA F 45 6.34 24.33 17.71
N ILE F 46 5.37 23.47 17.45
CA ILE F 46 4.05 23.63 18.08
C ILE F 46 4.17 23.49 19.59
N ALA F 47 5.00 22.56 20.05
CA ALA F 47 5.21 22.41 21.49
C ALA F 47 5.70 23.71 22.11
N ARG F 48 6.76 24.29 21.55
CA ARG F 48 7.28 25.51 22.11
C ARG F 48 6.28 26.65 22.00
N LEU F 49 5.50 26.68 20.92
CA LEU F 49 4.49 27.73 20.79
C LEU F 49 3.47 27.63 21.90
N SER F 50 2.92 26.44 22.12
CA SER F 50 1.93 26.25 23.17
C SER F 50 2.54 26.60 24.53
N GLU F 51 3.81 26.28 24.74
CA GLU F 51 4.46 26.64 25.97
C GLU F 51 4.46 28.16 26.16
N GLN F 52 4.91 28.89 25.13
CA GLN F 52 4.92 30.35 25.21
C GLN F 52 3.52 30.89 25.47
N GLU F 53 2.52 30.28 24.86
CA GLU F 53 1.16 30.78 25.00
C GLU F 53 0.66 30.59 26.43
N THR F 54 0.87 29.41 27.00
CA THR F 54 0.52 29.19 28.40
C THR F 54 1.25 30.17 29.31
N TYR F 55 2.53 30.40 29.03
CA TYR F 55 3.31 31.31 29.85
C TYR F 55 2.73 32.72 29.80
N ASN F 56 2.39 33.19 28.61
CA ASN F 56 1.70 34.47 28.47
C ASN F 56 0.45 34.51 29.31
N TRP F 57 -0.44 33.53 29.10
CA TRP F 57 -1.73 33.55 29.80
C TRP F 57 -1.55 33.53 31.31
N VAL F 58 -0.53 32.83 31.79
CA VAL F 58 -0.28 32.82 33.24
C VAL F 58 0.16 34.19 33.71
N THR F 59 1.18 34.75 33.06
CA THR F 59 1.74 36.01 33.52
C THR F 59 0.70 37.12 33.56
N ASP F 60 -0.31 37.08 32.70
CA ASP F 60 -1.33 38.10 32.66
C ASP F 60 -2.60 37.69 33.41
N TYR F 61 -2.46 36.93 34.48
CA TYR F 61 -3.61 36.52 35.26
C TYR F 61 -3.47 36.73 36.76
N ALA F 62 -2.25 36.76 37.29
CA ALA F 62 -2.06 36.95 38.72
C ALA F 62 -2.82 38.13 39.31
N PRO F 63 -2.95 39.28 38.65
CA PRO F 63 -3.76 40.36 39.24
C PRO F 63 -5.19 39.94 39.56
N SER F 64 -5.86 39.30 38.61
CA SER F 64 -7.20 38.80 38.89
C SER F 64 -7.19 37.81 40.04
N HIS F 65 -6.12 37.04 40.17
CA HIS F 65 -6.00 36.13 41.30
C HIS F 65 -5.98 36.88 42.61
N LEU F 66 -5.17 37.94 42.70
CA LEU F 66 -5.11 38.73 43.93
C LEU F 66 -6.46 39.36 44.23
N ALA F 67 -7.15 39.84 43.19
CA ALA F 67 -8.47 40.42 43.40
C ALA F 67 -9.43 39.39 43.97
N LYS F 68 -9.48 38.21 43.37
CA LYS F 68 -10.34 37.15 43.90
C LYS F 68 -9.95 36.80 45.33
N GLU F 69 -8.65 36.88 45.63
CA GLU F 69 -8.20 36.57 46.98
C GLU F 69 -8.78 37.55 47.99
N VAL F 70 -8.61 38.85 47.74
CA VAL F 70 -9.10 39.82 48.71
C VAL F 70 -10.62 39.78 48.79
N VAL F 71 -11.29 39.49 47.67
CA VAL F 71 -12.74 39.34 47.72
C VAL F 71 -13.11 38.17 48.62
N LYS F 72 -12.37 37.07 48.52
CA LYS F 72 -12.63 35.92 49.38
C LYS F 72 -12.45 36.28 50.84
N GLN F 73 -11.37 37.01 51.15
CA GLN F 73 -11.13 37.41 52.54
C GLN F 73 -12.28 38.25 53.08
N ILE F 74 -12.71 39.24 52.30
CA ILE F 74 -13.79 40.12 52.75
C ILE F 74 -15.07 39.34 52.95
N SER F 75 -15.41 38.48 51.97
CA SER F 75 -16.62 37.69 52.10
C SER F 75 -16.59 36.81 53.33
N GLY F 76 -15.46 36.14 53.58
CA GLY F 76 -15.34 35.34 54.78
C GLY F 76 -15.52 36.17 56.04
N LYS F 77 -14.98 37.39 56.04
CA LYS F 77 -15.17 38.25 57.19
C LYS F 77 -16.62 38.70 57.34
N TYR F 78 -17.40 38.68 56.27
CA TYR F 78 -18.79 39.12 56.33
C TYR F 78 -19.79 37.98 56.13
N ASN F 79 -19.32 36.73 56.11
CA ASN F 79 -20.20 35.56 56.06
C ASN F 79 -21.16 35.63 54.88
N ILE F 80 -20.58 35.69 53.68
CA ILE F 80 -21.37 35.88 52.47
C ILE F 80 -21.41 34.57 51.68
N PRO F 81 -22.56 34.20 51.12
CA PRO F 81 -22.64 32.93 50.37
C PRO F 81 -21.78 32.95 49.11
N GLY F 82 -21.36 31.75 48.71
CA GLY F 82 -20.37 31.60 47.66
C GLY F 82 -20.71 32.35 46.39
N ALA F 83 -21.98 32.28 45.97
CA ALA F 83 -22.40 32.92 44.74
C ALA F 83 -22.02 34.39 44.74
N TYR F 84 -22.35 35.10 45.81
CA TYR F 84 -22.01 36.51 45.89
C TYR F 84 -20.51 36.71 45.99
N GLN F 85 -19.78 35.75 46.57
CA GLN F 85 -18.32 35.87 46.57
C GLN F 85 -17.78 35.89 45.15
N GLY F 86 -18.26 34.97 44.30
CA GLY F 86 -17.85 34.99 42.91
C GLY F 86 -18.26 36.27 42.20
N LEU F 87 -19.48 36.75 42.48
CA LEU F 87 -19.93 37.98 41.85
C LEU F 87 -19.03 39.16 42.22
N LEU F 88 -18.65 39.26 43.49
CA LEU F 88 -17.76 40.34 43.89
C LEU F 88 -16.36 40.15 43.34
N MET F 89 -15.92 38.89 43.17
CA MET F 89 -14.67 38.65 42.47
C MET F 89 -14.71 39.26 41.08
N ALA F 90 -15.79 38.99 40.35
CA ALA F 90 -15.95 39.55 39.00
C ALA F 90 -15.97 41.07 39.05
N PHE F 91 -16.66 41.64 40.05
CA PHE F 91 -16.70 43.09 40.17
C PHE F 91 -15.31 43.68 40.36
N ALA F 92 -14.53 43.10 41.27
CA ALA F 92 -13.18 43.59 41.52
C ALA F 92 -12.33 43.48 40.26
N GLU F 93 -12.47 42.36 39.54
CA GLU F 93 -11.74 42.21 38.28
C GLU F 93 -12.10 43.34 37.33
N LYS F 94 -13.40 43.62 37.19
CA LYS F 94 -13.83 44.71 36.31
C LYS F 94 -13.18 46.03 36.71
N VAL F 95 -13.30 46.38 37.99
CA VAL F 95 -12.87 47.71 38.42
C VAL F 95 -11.36 47.85 38.33
N LEU F 96 -10.62 46.75 38.49
CA LEU F 96 -9.18 46.87 38.30
C LEU F 96 -8.84 47.00 36.82
N ALA F 97 -9.51 46.23 35.96
CA ALA F 97 -9.13 46.23 34.56
C ALA F 97 -9.51 47.54 33.88
N ASN F 98 -10.80 47.87 33.89
CA ASN F 98 -11.26 48.99 33.08
C ASN F 98 -10.82 50.33 33.65
N TYR F 99 -10.52 50.39 34.95
CA TYR F 99 -10.19 51.66 35.60
C TYR F 99 -8.74 51.72 36.03
N ILE F 100 -8.28 50.75 36.84
CA ILE F 100 -6.98 50.88 37.46
C ILE F 100 -5.86 50.68 36.46
N LEU F 101 -6.05 49.78 35.52
CA LEU F 101 -4.95 49.41 34.61
C LEU F 101 -4.90 50.31 33.39
N ASP F 102 -5.95 50.29 32.56
CA ASP F 102 -5.96 51.10 31.36
C ASP F 102 -6.73 52.41 31.51
N TYR F 103 -7.63 52.49 32.48
CA TYR F 103 -8.50 53.64 32.67
C TYR F 103 -9.19 54.04 31.35
N LYS F 104 -10.11 53.19 30.93
CA LYS F 104 -11.11 53.69 30.01
C LYS F 104 -11.82 54.88 30.65
N GLY F 105 -12.43 55.71 29.81
CA GLY F 105 -12.91 56.99 30.28
C GLY F 105 -14.17 56.92 31.11
N GLU F 106 -14.07 56.43 32.35
CA GLU F 106 -15.28 56.39 33.15
C GLU F 106 -14.92 56.57 34.62
N PRO F 107 -15.72 57.32 35.38
CA PRO F 107 -15.41 57.52 36.80
C PRO F 107 -15.87 56.33 37.64
N LEU F 108 -15.21 56.19 38.78
CA LEU F 108 -15.39 55.00 39.61
C LEU F 108 -16.83 54.84 40.05
N VAL F 109 -17.39 55.87 40.70
CA VAL F 109 -18.72 55.75 41.29
C VAL F 109 -19.75 55.43 40.22
N GLU F 110 -19.48 55.76 38.96
CA GLU F 110 -20.38 55.38 37.89
C GLU F 110 -20.46 53.86 37.76
N ILE F 111 -19.30 53.21 37.64
CA ILE F 111 -19.26 51.75 37.62
C ILE F 111 -19.87 51.19 38.91
N HIS F 112 -19.64 51.88 40.03
CA HIS F 112 -20.20 51.45 41.30
C HIS F 112 -21.72 51.35 41.22
N HIS F 113 -22.36 52.43 40.76
CA HIS F 113 -23.82 52.43 40.66
C HIS F 113 -24.30 51.46 39.59
N ASN F 114 -23.52 51.28 38.53
CA ASN F 114 -23.85 50.27 37.53
C ASN F 114 -23.97 48.90 38.17
N PHE F 115 -22.91 48.47 38.85
CA PHE F 115 -22.94 47.17 39.51
C PHE F 115 -23.98 47.13 40.62
N LEU F 116 -24.32 48.29 41.18
CA LEU F 116 -25.37 48.33 42.18
C LEU F 116 -26.71 47.96 41.56
N TRP F 117 -27.07 48.62 40.46
CA TRP F 117 -28.27 48.23 39.72
C TRP F 117 -28.18 46.77 39.29
N GLU F 118 -26.97 46.28 39.03
CA GLU F 118 -26.80 44.85 38.79
C GLU F 118 -27.27 44.04 39.98
N LEU F 119 -26.94 44.48 41.20
CA LEU F 119 -27.24 43.67 42.37
C LEU F 119 -28.63 43.91 42.95
N MET F 120 -29.42 44.83 42.41
CA MET F 120 -30.73 45.10 42.99
C MET F 120 -31.69 43.96 42.69
N GLN F 121 -32.93 44.13 43.13
CA GLN F 121 -33.97 43.13 42.89
C GLN F 121 -35.27 43.78 42.42
N GLY F 133 -33.28 46.16 48.89
CA GLY F 133 -32.77 45.84 47.57
C GLY F 133 -31.26 45.83 47.50
N PHE F 134 -30.62 46.42 48.52
CA PHE F 134 -29.18 46.47 48.59
C PHE F 134 -28.65 46.15 49.99
N ILE F 135 -29.52 45.85 50.94
CA ILE F 135 -29.12 45.42 52.27
C ILE F 135 -29.66 44.01 52.43
N TYR F 136 -28.81 43.02 52.26
CA TYR F 136 -29.23 41.63 52.22
C TYR F 136 -29.08 40.99 53.59
N THR F 137 -30.04 40.15 53.95
CA THR F 137 -30.04 39.47 55.22
C THR F 137 -29.45 38.07 55.05
N PHE F 138 -28.49 37.74 55.91
CA PHE F 138 -27.80 36.46 55.83
C PHE F 138 -27.88 35.76 57.16
N VAL F 139 -28.19 34.47 57.11
CA VAL F 139 -28.28 33.63 58.30
C VAL F 139 -26.98 32.86 58.45
N ARG F 140 -26.21 33.22 59.48
CA ARG F 140 -24.94 32.53 59.71
C ARG F 140 -25.18 31.11 60.19
N LYS F 141 -24.07 30.40 60.41
CA LYS F 141 -24.14 29.03 60.89
C LYS F 141 -24.69 28.92 62.30
N ASP F 142 -24.54 29.97 63.11
CA ASP F 142 -25.06 29.96 64.47
C ASP F 142 -26.54 30.32 64.54
N GLY F 143 -27.16 30.64 63.41
CA GLY F 143 -28.54 31.09 63.40
C GLY F 143 -28.72 32.57 63.61
N LYS F 144 -27.66 33.30 63.91
CA LYS F 144 -27.73 34.75 64.09
C LYS F 144 -27.83 35.43 62.73
N PRO F 145 -28.98 35.97 62.36
CA PRO F 145 -29.08 36.65 61.07
C PRO F 145 -28.29 37.95 61.09
N VAL F 146 -27.73 38.28 59.93
CA VAL F 146 -26.93 39.49 59.77
C VAL F 146 -27.34 40.16 58.47
N THR F 147 -27.10 41.46 58.39
CA THR F 147 -27.42 42.25 57.22
C THR F 147 -26.20 43.04 56.79
N VAL F 148 -26.04 43.21 55.48
CA VAL F 148 -24.91 43.95 54.92
C VAL F 148 -25.41 44.78 53.75
N ASP F 149 -24.95 46.02 53.68
CA ASP F 149 -25.29 46.89 52.56
C ASP F 149 -24.38 46.60 51.38
N MET F 150 -24.98 46.38 50.21
CA MET F 150 -24.20 46.10 49.02
C MET F 150 -23.28 47.26 48.67
N SER F 151 -23.84 48.47 48.59
CA SER F 151 -23.06 49.63 48.21
C SER F 151 -21.87 49.83 49.15
N LYS F 152 -22.06 49.56 50.44
CA LYS F 152 -20.97 49.72 51.39
C LYS F 152 -19.82 48.77 51.10
N VAL F 153 -20.11 47.47 51.08
CA VAL F 153 -19.05 46.49 50.88
C VAL F 153 -18.41 46.66 49.51
N LEU F 154 -19.19 47.04 48.51
CA LEU F 154 -18.62 47.37 47.21
C LEU F 154 -17.59 48.50 47.35
N THR F 155 -18.01 49.61 47.95
CA THR F 155 -17.08 50.68 48.23
C THR F 155 -15.94 50.21 49.13
N GLU F 156 -16.21 49.23 50.00
CA GLU F 156 -15.18 48.75 50.91
C GLU F 156 -14.04 48.10 50.15
N ILE F 157 -14.36 47.19 49.22
CA ILE F 157 -13.30 46.53 48.47
C ILE F 157 -12.67 47.50 47.46
N GLU F 158 -13.39 48.55 47.07
CA GLU F 158 -12.81 49.56 46.21
C GLU F 158 -11.51 50.09 46.79
N ASP F 159 -11.58 50.72 47.96
CA ASP F 159 -10.38 51.22 48.61
C ASP F 159 -9.39 50.10 48.88
N ALA F 160 -9.88 48.96 49.35
CA ALA F 160 -9.01 47.82 49.61
C ALA F 160 -8.20 47.46 48.38
N LEU F 161 -8.84 47.53 47.20
CA LEU F 161 -8.11 47.29 45.96
C LEU F 161 -7.01 48.34 45.76
N PHE F 162 -7.38 49.62 45.89
CA PHE F 162 -6.39 50.69 45.77
C PHE F 162 -5.27 50.53 46.79
N LYS F 163 -5.55 49.88 47.91
CA LYS F 163 -4.51 49.60 48.88
C LYS F 163 -3.51 48.59 48.33
N LEU F 164 -4.00 47.56 47.64
CA LEU F 164 -3.11 46.54 47.09
C LEU F 164 -2.15 47.13 46.06
N VAL F 165 -2.70 47.70 44.99
CA VAL F 165 -1.89 48.24 43.91
C VAL F 165 -1.06 49.44 44.35
N LYS F 166 -1.27 49.93 45.57
CA LYS F 166 -0.60 51.12 46.08
C LYS F 166 -0.87 52.32 45.18
N LYS F 167 -2.14 52.50 44.83
CA LYS F 167 -2.54 53.60 43.96
C LYS F 167 -2.54 54.92 44.72
N ARG G 3 32.82 -31.70 4.98
CA ARG G 3 33.98 -30.83 5.17
C ARG G 3 35.27 -31.57 4.89
N ARG G 4 36.30 -30.82 4.51
CA ARG G 4 37.60 -31.42 4.24
C ARG G 4 38.19 -32.04 5.49
N ASN G 5 39.13 -32.96 5.29
CA ASN G 5 39.74 -33.66 6.42
C ASN G 5 40.58 -32.69 7.24
N ARG G 6 40.44 -32.77 8.56
CA ARG G 6 41.25 -31.99 9.48
C ARG G 6 41.56 -32.86 10.69
N ARG G 7 42.85 -33.01 10.99
CA ARG G 7 43.23 -33.75 12.19
C ARG G 7 42.66 -33.06 13.42
N LEU G 8 42.14 -33.86 14.34
CA LEU G 8 41.49 -33.29 15.52
C LEU G 8 42.49 -32.51 16.36
N SER G 9 42.11 -31.29 16.73
CA SER G 9 42.93 -30.47 17.61
C SER G 9 42.04 -29.41 18.26
N SER G 10 42.64 -28.63 19.16
CA SER G 10 41.90 -27.62 19.90
C SER G 10 41.09 -26.71 18.99
N ALA G 11 41.62 -26.43 17.79
CA ALA G 11 40.89 -25.66 16.81
C ALA G 11 39.49 -26.22 16.62
N SER G 12 39.39 -27.55 16.49
CA SER G 12 38.07 -28.17 16.33
C SER G 12 37.19 -27.89 17.53
N VAL G 13 37.76 -28.00 18.73
CA VAL G 13 37.00 -27.74 19.94
C VAL G 13 36.38 -26.35 19.88
N TYR G 14 37.22 -25.34 19.68
CA TYR G 14 36.72 -23.97 19.71
C TYR G 14 35.74 -23.71 18.57
N ARG G 15 35.98 -24.31 17.41
CA ARG G 15 35.07 -24.13 16.29
C ARG G 15 33.68 -24.64 16.64
N TYR G 16 33.62 -25.88 17.13
CA TYR G 16 32.34 -26.41 17.55
C TYR G 16 31.70 -25.52 18.61
N TYR G 17 32.51 -25.05 19.55
CA TYR G 17 32.02 -24.21 20.63
C TYR G 17 31.29 -22.98 20.08
N LEU G 18 31.98 -22.21 19.25
CA LEU G 18 31.39 -20.97 18.77
C LEU G 18 30.20 -21.23 17.85
N LYS G 19 30.27 -22.26 17.02
CA LYS G 19 29.13 -22.53 16.15
C LYS G 19 27.90 -22.93 16.96
N ARG G 20 28.10 -23.66 18.05
CA ARG G 20 26.98 -23.95 18.93
C ARG G 20 26.49 -22.68 19.62
N ILE G 21 27.38 -21.72 19.89
CA ILE G 21 26.91 -20.43 20.40
C ILE G 21 25.90 -19.82 19.44
N SER G 22 26.26 -19.79 18.16
CA SER G 22 25.34 -19.24 17.18
C SER G 22 24.02 -19.99 17.17
N MET G 23 24.09 -21.33 17.18
CA MET G 23 22.86 -22.10 17.15
C MET G 23 21.99 -21.83 18.38
N ASN G 24 22.60 -21.71 19.56
CA ASN G 24 21.82 -21.50 20.77
C ASN G 24 21.19 -20.12 20.79
N ILE G 25 21.95 -19.08 20.41
CA ILE G 25 21.36 -17.75 20.38
C ILE G 25 20.23 -17.71 19.36
N GLY G 26 20.32 -18.51 18.30
CA GLY G 26 19.17 -18.66 17.43
C GLY G 26 18.02 -19.39 18.09
N THR G 27 18.34 -20.34 18.95
CA THR G 27 17.30 -21.19 19.54
C THR G 27 16.47 -20.42 20.55
N THR G 28 17.12 -19.73 21.48
CA THR G 28 16.39 -19.07 22.56
C THR G 28 15.43 -18.02 22.02
N GLY G 29 15.96 -16.97 21.39
CA GLY G 29 15.10 -15.93 20.85
C GLY G 29 14.56 -16.31 19.49
N HIS G 30 13.57 -17.21 19.48
CA HIS G 30 13.03 -17.78 18.26
C HIS G 30 12.79 -16.73 17.17
N VAL G 31 12.31 -15.56 17.55
CA VAL G 31 12.20 -14.44 16.63
C VAL G 31 12.94 -13.22 17.14
N ASN G 32 12.82 -12.92 18.43
CA ASN G 32 13.44 -11.74 18.99
C ASN G 32 14.91 -11.99 19.27
N GLY G 33 15.64 -12.46 18.25
CA GLY G 33 17.04 -12.78 18.45
C GLY G 33 17.85 -11.58 18.88
N LEU G 34 17.49 -10.40 18.39
CA LEU G 34 18.25 -9.20 18.70
C LEU G 34 18.20 -8.87 20.19
N SER G 35 17.00 -8.78 20.75
CA SER G 35 16.86 -8.42 22.15
C SER G 35 17.58 -9.41 23.04
N ILE G 36 17.44 -10.71 22.76
CA ILE G 36 18.18 -11.70 23.53
C ILE G 36 19.68 -11.52 23.34
N ALA G 37 20.09 -11.10 22.15
CA ALA G 37 21.50 -10.89 21.89
C ALA G 37 22.04 -9.73 22.69
N GLY G 38 21.18 -8.76 23.01
CA GLY G 38 21.63 -7.61 23.79
C GLY G 38 21.76 -7.87 25.27
N ASN G 39 21.05 -8.86 25.79
CA ASN G 39 21.03 -9.10 27.23
C ASN G 39 22.27 -9.87 27.64
N PRO G 40 23.12 -9.33 28.52
CA PRO G 40 24.33 -10.06 28.92
C PRO G 40 24.07 -11.26 29.81
N GLU G 41 22.98 -11.28 30.58
CA GLU G 41 22.74 -12.42 31.47
C GLU G 41 22.43 -13.68 30.67
N ILE G 42 21.41 -13.61 29.82
CA ILE G 42 21.13 -14.74 28.94
C ILE G 42 22.34 -15.04 28.07
N MET G 43 23.19 -14.05 27.82
CA MET G 43 24.40 -14.30 27.07
C MET G 43 25.35 -15.22 27.84
N ARG G 44 25.56 -14.92 29.12
CA ARG G 44 26.37 -15.82 29.94
C ARG G 44 25.75 -17.20 30.01
N ALA G 45 24.42 -17.26 30.13
CA ALA G 45 23.74 -18.55 30.16
C ALA G 45 24.05 -19.35 28.90
N ILE G 46 23.90 -18.73 27.74
CA ILE G 46 24.16 -19.41 26.48
C ILE G 46 25.62 -19.82 26.37
N ALA G 47 26.52 -18.96 26.82
CA ALA G 47 27.94 -19.30 26.80
C ALA G 47 28.19 -20.57 27.60
N ARG G 48 27.71 -20.61 28.84
CA ARG G 48 27.94 -21.80 29.66
C ARG G 48 27.26 -23.03 29.06
N LEU G 49 26.09 -22.83 28.44
CA LEU G 49 25.42 -23.97 27.80
C LEU G 49 26.28 -24.55 26.69
N SER G 50 26.74 -23.70 25.78
CA SER G 50 27.59 -24.18 24.71
C SER G 50 28.85 -24.84 25.26
N GLU G 51 29.38 -24.31 26.36
CA GLU G 51 30.55 -24.92 26.98
C GLU G 51 30.23 -26.35 27.40
N GLN G 52 29.15 -26.54 28.14
CA GLN G 52 28.76 -27.87 28.58
C GLN G 52 28.53 -28.79 27.39
N GLU G 53 27.96 -28.26 26.32
CA GLU G 53 27.66 -29.07 25.15
C GLU G 53 28.95 -29.57 24.49
N THR G 54 29.92 -28.69 24.31
CA THR G 54 31.20 -29.12 23.77
C THR G 54 31.86 -30.13 24.69
N TYR G 55 31.74 -29.91 26.00
CA TYR G 55 32.33 -30.85 26.95
C TYR G 55 31.74 -32.24 26.78
N ASN G 56 30.41 -32.32 26.64
CA ASN G 56 29.76 -33.58 26.32
C ASN G 56 30.35 -34.18 25.06
N TRP G 57 30.31 -33.43 23.96
CA TRP G 57 30.73 -33.99 22.68
C TRP G 57 32.18 -34.47 22.72
N VAL G 58 33.03 -33.80 23.48
CA VAL G 58 34.41 -34.26 23.62
C VAL G 58 34.46 -35.57 24.40
N THR G 59 33.81 -35.60 25.57
CA THR G 59 33.86 -36.80 26.40
C THR G 59 33.29 -38.01 25.69
N ASP G 60 32.46 -37.80 24.66
CA ASP G 60 31.85 -38.90 23.91
C ASP G 60 32.54 -39.15 22.58
N TYR G 61 33.82 -38.84 22.46
CA TYR G 61 34.53 -39.06 21.22
C TYR G 61 35.86 -39.77 21.39
N ALA G 62 36.44 -39.77 22.59
CA ALA G 62 37.69 -40.49 22.82
C ALA G 62 37.69 -41.94 22.32
N PRO G 63 36.63 -42.73 22.53
CA PRO G 63 36.66 -44.10 21.98
C PRO G 63 36.87 -44.15 20.49
N SER G 64 36.10 -43.36 19.74
CA SER G 64 36.29 -43.32 18.30
C SER G 64 37.69 -42.88 17.93
N HIS G 65 38.28 -41.97 18.72
CA HIS G 65 39.64 -41.54 18.45
C HIS G 65 40.62 -42.69 18.59
N LEU G 66 40.47 -43.47 19.67
CA LEU G 66 41.35 -44.63 19.84
C LEU G 66 41.17 -45.63 18.72
N ALA G 67 39.92 -45.84 18.30
CA ALA G 67 39.65 -46.77 17.21
C ALA G 67 40.36 -46.31 15.94
N LYS G 68 40.20 -45.04 15.58
CA LYS G 68 40.86 -44.52 14.39
C LYS G 68 42.38 -44.63 14.53
N GLU G 69 42.89 -44.46 15.75
CA GLU G 69 44.33 -44.59 15.97
C GLU G 69 44.80 -46.00 15.62
N VAL G 70 44.14 -47.01 16.18
CA VAL G 70 44.62 -48.37 15.93
C VAL G 70 44.42 -48.76 14.49
N VAL G 71 43.35 -48.27 13.84
CA VAL G 71 43.18 -48.53 12.42
C VAL G 71 44.34 -47.91 11.64
N LYS G 72 44.76 -46.71 12.05
CA LYS G 72 45.91 -46.08 11.41
C LYS G 72 47.16 -46.92 11.55
N GLN G 73 47.39 -47.45 12.75
CA GLN G 73 48.57 -48.30 12.97
C GLN G 73 48.53 -49.54 12.08
N ILE G 74 47.37 -50.17 11.99
CA ILE G 74 47.26 -51.38 11.18
C ILE G 74 47.50 -51.06 9.71
N SER G 75 46.88 -50.01 9.20
CA SER G 75 47.11 -49.63 7.81
C SER G 75 48.57 -49.29 7.58
N GLY G 76 49.21 -48.65 8.56
CA GLY G 76 50.63 -48.37 8.43
C GLY G 76 51.45 -49.63 8.29
N LYS G 77 51.16 -50.65 9.10
CA LYS G 77 51.93 -51.88 8.98
C LYS G 77 51.59 -52.63 7.70
N TYR G 78 50.42 -52.39 7.10
CA TYR G 78 50.05 -53.10 5.88
C TYR G 78 50.00 -52.21 4.66
N ASN G 79 50.45 -50.96 4.76
CA ASN G 79 50.66 -50.08 3.61
C ASN G 79 49.39 -49.95 2.76
N ILE G 80 48.35 -49.39 3.37
CA ILE G 80 47.06 -49.26 2.71
C ILE G 80 46.78 -47.79 2.42
N PRO G 81 46.28 -47.46 1.24
CA PRO G 81 46.02 -46.04 0.91
C PRO G 81 44.99 -45.42 1.84
N GLY G 82 45.10 -44.09 1.97
CA GLY G 82 44.31 -43.37 2.96
C GLY G 82 42.82 -43.64 2.89
N ALA G 83 42.30 -43.81 1.67
CA ALA G 83 40.88 -44.07 1.49
C ALA G 83 40.42 -45.25 2.34
N TYR G 84 41.09 -46.39 2.17
CA TYR G 84 40.68 -47.57 2.91
C TYR G 84 41.04 -47.44 4.38
N GLN G 85 42.03 -46.61 4.71
CA GLN G 85 42.29 -46.32 6.11
C GLN G 85 41.06 -45.69 6.76
N GLY G 86 40.49 -44.66 6.13
CA GLY G 86 39.27 -44.08 6.66
C GLY G 86 38.12 -45.06 6.69
N LEU G 87 38.00 -45.87 5.64
CA LEU G 87 36.92 -46.85 5.60
C LEU G 87 37.02 -47.83 6.78
N LEU G 88 38.22 -48.31 7.06
CA LEU G 88 38.38 -49.24 8.18
C LEU G 88 38.21 -48.54 9.51
N MET G 89 38.58 -47.26 9.60
CA MET G 89 38.26 -46.49 10.79
C MET G 89 36.76 -46.50 11.04
N ALA G 90 35.98 -46.24 10.00
CA ALA G 90 34.53 -46.27 10.14
C ALA G 90 34.04 -47.64 10.57
N PHE G 91 34.61 -48.70 9.96
CA PHE G 91 34.24 -50.05 10.36
C PHE G 91 34.46 -50.28 11.84
N ALA G 92 35.66 -49.93 12.32
CA ALA G 92 35.99 -50.17 13.72
C ALA G 92 35.07 -49.40 14.64
N GLU G 93 34.77 -48.15 14.29
CA GLU G 93 33.85 -47.37 15.12
C GLU G 93 32.48 -48.03 15.17
N LYS G 94 32.00 -48.49 14.01
CA LYS G 94 30.71 -49.17 13.98
C LYS G 94 30.69 -50.38 14.89
N VAL G 95 31.73 -51.22 14.78
CA VAL G 95 31.71 -52.47 15.52
C VAL G 95 31.86 -52.23 17.02
N LEU G 96 32.62 -51.20 17.40
CA LEU G 96 32.71 -50.92 18.83
C LEU G 96 31.39 -50.37 19.35
N ALA G 97 30.72 -49.53 18.56
CA ALA G 97 29.51 -48.88 19.05
C ALA G 97 28.36 -49.87 19.14
N ASN G 98 28.00 -50.49 18.00
CA ASN G 98 26.78 -51.29 17.98
C ASN G 98 26.93 -52.59 18.74
N TYR G 99 28.15 -53.09 18.89
CA TYR G 99 28.38 -54.40 19.49
C TYR G 99 29.10 -54.32 20.83
N ILE G 100 30.26 -53.68 20.86
CA ILE G 100 31.10 -53.75 22.05
C ILE G 100 30.49 -52.93 23.18
N LEU G 101 29.84 -51.82 22.87
CA LEU G 101 29.31 -50.96 23.92
C LEU G 101 27.87 -51.33 24.27
N ASP G 102 26.96 -51.24 23.30
CA ASP G 102 25.55 -51.50 23.56
C ASP G 102 25.10 -52.90 23.19
N TYR G 103 25.83 -53.58 22.32
CA TYR G 103 25.44 -54.91 21.84
C TYR G 103 23.99 -54.91 21.36
N LYS G 104 23.75 -54.22 20.26
CA LYS G 104 22.53 -54.51 19.54
C LYS G 104 22.54 -55.98 19.12
N GLY G 105 21.35 -56.49 18.81
CA GLY G 105 21.21 -57.92 18.67
C GLY G 105 21.81 -58.49 17.41
N GLU G 106 23.14 -58.55 17.31
CA GLU G 106 23.70 -59.12 16.12
C GLU G 106 25.06 -59.72 16.41
N PRO G 107 25.37 -60.90 15.89
CA PRO G 107 26.69 -61.50 16.14
C PRO G 107 27.77 -60.81 15.33
N LEU G 108 28.99 -60.92 15.84
CA LEU G 108 30.13 -60.21 15.24
C LEU G 108 30.32 -60.60 13.79
N VAL G 109 30.42 -61.90 13.52
CA VAL G 109 30.73 -62.37 12.17
C VAL G 109 29.64 -61.93 11.19
N GLU G 110 28.43 -61.68 11.68
CA GLU G 110 27.38 -61.16 10.81
C GLU G 110 27.76 -59.80 10.27
N ILE G 111 28.11 -58.86 11.16
CA ILE G 111 28.60 -57.56 10.73
C ILE G 111 29.84 -57.72 9.88
N HIS G 112 30.69 -58.69 10.20
CA HIS G 112 31.88 -58.95 9.42
C HIS G 112 31.53 -59.22 7.96
N HIS G 113 30.59 -60.14 7.73
CA HIS G 113 30.20 -60.46 6.36
C HIS G 113 29.44 -59.30 5.72
N ASN G 114 28.71 -58.53 6.52
CA ASN G 114 28.05 -57.35 5.98
C ASN G 114 29.07 -56.39 5.39
N PHE G 115 30.08 -56.02 6.19
CA PHE G 115 31.12 -55.13 5.70
C PHE G 115 31.93 -55.79 4.59
N LEU G 116 31.98 -57.12 4.57
CA LEU G 116 32.62 -57.81 3.46
C LEU G 116 31.90 -57.55 2.16
N TRP G 117 30.58 -57.79 2.14
CA TRP G 117 29.78 -57.42 0.98
C TRP G 117 29.94 -55.94 0.65
N GLU G 118 30.14 -55.12 1.67
CA GLU G 118 30.44 -53.71 1.44
C GLU G 118 31.73 -53.56 0.64
N LEU G 119 32.73 -54.38 0.94
CA LEU G 119 34.05 -54.16 0.35
C LEU G 119 34.28 -54.89 -0.97
N MET G 120 33.36 -55.73 -1.44
CA MET G 120 33.61 -56.46 -2.67
C MET G 120 33.49 -55.52 -3.88
N GLN G 121 33.64 -56.09 -5.06
CA GLN G 121 33.51 -55.33 -6.30
C GLN G 121 32.56 -56.00 -7.27
N GLY G 133 37.94 -60.19 -5.05
CA GLY G 133 37.05 -59.13 -4.59
C GLY G 133 37.31 -58.74 -3.16
N PHE G 134 38.18 -59.49 -2.48
CA PHE G 134 38.55 -59.21 -1.10
C PHE G 134 40.03 -59.28 -0.85
N ILE G 135 40.83 -59.57 -1.87
CA ILE G 135 42.28 -59.54 -1.77
C ILE G 135 42.75 -58.47 -2.74
N TYR G 136 43.03 -57.29 -2.20
CA TYR G 136 43.40 -56.14 -3.02
C TYR G 136 44.91 -56.09 -3.18
N THR G 137 45.35 -55.66 -4.36
CA THR G 137 46.77 -55.56 -4.68
C THR G 137 47.23 -54.12 -4.57
N PHE G 138 48.28 -53.90 -3.78
CA PHE G 138 48.81 -52.56 -3.57
C PHE G 138 50.28 -52.53 -3.94
N VAL G 139 50.66 -51.51 -4.70
CA VAL G 139 52.04 -51.33 -5.14
C VAL G 139 52.69 -50.30 -4.24
N ARG G 140 53.61 -50.75 -3.41
CA ARG G 140 54.24 -49.88 -2.42
C ARG G 140 55.13 -48.85 -3.10
N LYS G 141 55.71 -47.97 -2.28
CA LYS G 141 56.57 -46.90 -2.77
C LYS G 141 57.86 -47.42 -3.40
N ASP G 142 58.26 -48.65 -3.07
CA ASP G 142 59.44 -49.26 -3.66
C ASP G 142 59.16 -49.91 -5.00
N GLY G 143 57.91 -49.96 -5.42
CA GLY G 143 57.53 -50.70 -6.61
C GLY G 143 57.13 -52.13 -6.35
N LYS G 144 57.42 -52.67 -5.17
CA LYS G 144 57.07 -54.03 -4.81
C LYS G 144 55.58 -54.14 -4.53
N PRO G 145 54.81 -54.76 -5.41
CA PRO G 145 53.38 -54.91 -5.15
C PRO G 145 53.13 -55.91 -4.05
N VAL G 146 52.07 -55.65 -3.27
CA VAL G 146 51.67 -56.53 -2.19
C VAL G 146 50.17 -56.72 -2.24
N THR G 147 49.72 -57.85 -1.73
CA THR G 147 48.30 -58.19 -1.69
C THR G 147 47.90 -58.46 -0.26
N VAL G 148 46.68 -58.06 0.09
CA VAL G 148 46.15 -58.22 1.44
C VAL G 148 44.70 -58.64 1.35
N ASP G 149 44.32 -59.62 2.17
CA ASP G 149 42.94 -60.07 2.22
C ASP G 149 42.13 -59.16 3.13
N MET G 150 41.02 -58.64 2.60
CA MET G 150 40.16 -57.79 3.41
C MET G 150 39.61 -58.53 4.62
N SER G 151 39.05 -59.73 4.39
CA SER G 151 38.42 -60.46 5.48
C SER G 151 39.40 -60.75 6.60
N LYS G 152 40.65 -61.07 6.25
CA LYS G 152 41.64 -61.38 7.26
C LYS G 152 41.91 -60.18 8.16
N VAL G 153 42.30 -59.05 7.56
CA VAL G 153 42.59 -57.87 8.35
C VAL G 153 41.34 -57.38 9.06
N LEU G 154 40.17 -57.60 8.46
CA LEU G 154 38.91 -57.29 9.15
C LEU G 154 38.83 -58.04 10.47
N THR G 155 38.95 -59.37 10.42
CA THR G 155 39.02 -60.14 11.66
C THR G 155 40.21 -59.72 12.51
N GLU G 156 41.29 -59.26 11.88
CA GLU G 156 42.48 -58.90 12.63
C GLU G 156 42.24 -57.68 13.52
N ILE G 157 41.68 -56.62 12.95
CA ILE G 157 41.40 -55.43 13.75
C ILE G 157 40.30 -55.73 14.76
N GLU G 158 39.45 -56.72 14.49
CA GLU G 158 38.44 -57.13 15.45
C GLU G 158 39.08 -57.50 16.78
N ASP G 159 39.92 -58.54 16.77
CA ASP G 159 40.53 -59.00 18.02
C ASP G 159 41.35 -57.90 18.66
N ALA G 160 42.17 -57.20 17.87
CA ALA G 160 42.97 -56.11 18.40
C ALA G 160 42.09 -55.10 19.13
N LEU G 161 40.90 -54.84 18.59
CA LEU G 161 39.97 -53.95 19.27
C LEU G 161 39.60 -54.51 20.64
N PHE G 162 39.23 -55.79 20.70
CA PHE G 162 38.92 -56.41 21.99
C PHE G 162 40.07 -56.28 22.96
N LYS G 163 41.31 -56.28 22.47
CA LYS G 163 42.46 -56.10 23.33
C LYS G 163 42.45 -54.71 23.97
N LEU G 164 42.09 -53.69 23.20
CA LEU G 164 42.05 -52.33 23.73
C LEU G 164 41.04 -52.22 24.87
N VAL G 165 39.76 -52.51 24.57
CA VAL G 165 38.70 -52.41 25.56
C VAL G 165 38.87 -53.44 26.67
N LYS G 166 39.81 -54.37 26.53
CA LYS G 166 40.02 -55.44 27.51
C LYS G 166 38.76 -56.27 27.68
N LYS G 167 38.08 -56.55 26.57
CA LYS G 167 36.86 -57.34 26.58
C LYS G 167 37.16 -58.81 26.85
N ARG H 3 -7.82 41.71 13.49
CA ARG H 3 -7.48 40.93 14.67
C ARG H 3 -7.39 41.81 15.91
N ARG H 4 -7.79 41.27 17.05
CA ARG H 4 -7.75 42.03 18.30
C ARG H 4 -6.31 42.42 18.64
N ASN H 5 -6.18 43.47 19.43
CA ASN H 5 -4.87 43.99 19.80
C ASN H 5 -4.13 42.98 20.66
N ARG H 6 -2.91 42.64 20.26
CA ARG H 6 -2.03 41.78 21.05
C ARG H 6 -0.64 42.38 21.03
N ARG H 7 -0.13 42.73 22.21
CA ARG H 7 1.20 43.30 22.31
C ARG H 7 2.22 42.32 21.73
N LEU H 8 3.17 42.85 20.96
CA LEU H 8 4.12 42.00 20.27
C LEU H 8 4.93 41.16 21.25
N SER H 9 5.02 39.86 20.97
CA SER H 9 5.88 38.97 21.73
C SER H 9 6.26 37.79 20.85
N SER H 10 7.14 36.94 21.38
CA SER H 10 7.58 35.75 20.66
C SER H 10 6.41 34.89 20.20
N ALA H 11 5.31 34.92 20.95
CA ALA H 11 4.11 34.21 20.52
C ALA H 11 3.72 34.62 19.11
N SER H 12 3.72 35.92 18.84
CA SER H 12 3.41 36.39 17.50
C SER H 12 4.41 35.84 16.49
N VAL H 13 5.68 35.78 16.86
CA VAL H 13 6.71 35.25 15.97
C VAL H 13 6.33 33.84 15.54
N TYR H 14 6.07 32.97 16.52
CA TYR H 14 5.78 31.58 16.20
C TYR H 14 4.46 31.46 15.44
N ARG H 15 3.49 32.31 15.76
CA ARG H 15 2.22 32.27 15.04
C ARG H 15 2.43 32.53 13.57
N TYR H 16 3.13 33.63 13.27
CA TYR H 16 3.43 33.94 11.88
C TYR H 16 4.21 32.81 11.24
N TYR H 17 5.15 32.22 11.98
CA TYR H 17 5.95 31.12 11.46
C TYR H 17 5.06 29.97 10.98
N LEU H 18 4.22 29.46 11.86
CA LEU H 18 3.41 28.29 11.50
C LEU H 18 2.40 28.62 10.42
N LYS H 19 1.83 29.83 10.44
CA LYS H 19 0.89 30.17 9.38
C LYS H 19 1.61 30.26 8.03
N ARG H 20 2.86 30.69 8.03
CA ARG H 20 3.62 30.65 6.78
C ARG H 20 3.89 29.22 6.36
N ILE H 21 4.10 28.31 7.32
CA ILE H 21 4.22 26.90 6.95
C ILE H 21 2.99 26.45 6.17
N SER H 22 1.82 26.76 6.70
CA SER H 22 0.59 26.37 6.02
C SER H 22 0.54 26.97 4.61
N MET H 23 0.83 28.26 4.50
CA MET H 23 0.76 28.89 3.19
C MET H 23 1.74 28.29 2.20
N ASN H 24 2.95 27.96 2.66
CA ASN H 24 3.95 27.44 1.73
C ASN H 24 3.62 26.03 1.29
N ILE H 25 3.22 25.17 2.22
CA ILE H 25 2.79 23.83 1.82
C ILE H 25 1.62 23.91 0.87
N GLY H 26 0.78 24.94 1.02
CA GLY H 26 -0.24 25.16 0.01
C GLY H 26 0.34 25.63 -1.31
N THR H 27 1.43 26.38 -1.26
CA THR H 27 1.98 26.99 -2.47
C THR H 27 2.63 25.95 -3.36
N THR H 28 3.54 25.16 -2.81
CA THR H 28 4.33 24.27 -3.64
C THR H 28 3.47 23.24 -4.37
N GLY H 29 2.79 22.37 -3.62
CA GLY H 29 1.95 21.38 -4.25
C GLY H 29 0.62 21.96 -4.66
N HIS H 30 0.63 22.77 -5.71
CA HIS H 30 -0.53 23.54 -6.14
C HIS H 30 -1.82 22.74 -6.07
N VAL H 31 -1.79 21.49 -6.50
CA VAL H 31 -2.90 20.57 -6.32
C VAL H 31 -2.48 19.35 -5.52
N ASN H 32 -1.30 18.83 -5.77
CA ASN H 32 -0.83 17.63 -5.10
C ASN H 32 -0.27 17.97 -3.74
N GLY H 33 -1.06 18.68 -2.93
CA GLY H 33 -0.60 19.06 -1.61
C GLY H 33 -0.30 17.88 -0.72
N LEU H 34 -1.06 16.79 -0.89
CA LEU H 34 -0.89 15.63 -0.02
C LEU H 34 0.47 14.97 -0.23
N SER H 35 0.80 14.64 -1.49
CA SER H 35 2.06 13.98 -1.77
C SER H 35 3.23 14.82 -1.31
N ILE H 36 3.18 16.13 -1.54
CA ILE H 36 4.23 17.01 -1.04
C ILE H 36 4.26 16.98 0.47
N ALA H 37 3.10 16.89 1.11
CA ALA H 37 3.05 16.86 2.56
C ALA H 37 3.67 15.59 3.11
N GLY H 38 3.64 14.50 2.33
CA GLY H 38 4.22 13.26 2.81
C GLY H 38 5.73 13.21 2.78
N ASN H 39 6.36 13.95 1.88
CA ASN H 39 7.80 13.85 1.68
C ASN H 39 8.53 14.73 2.70
N PRO H 40 9.42 14.18 3.51
CA PRO H 40 10.10 15.01 4.52
C PRO H 40 11.12 15.99 3.95
N GLU H 41 11.66 15.75 2.76
CA GLU H 41 12.68 16.65 2.23
C GLU H 41 12.09 18.02 1.90
N ILE H 42 11.08 18.04 1.04
CA ILE H 42 10.40 19.29 0.77
C ILE H 42 9.83 19.88 2.06
N MET H 43 9.54 19.02 3.03
CA MET H 43 9.08 19.51 4.32
C MET H 43 10.17 20.35 5.00
N ARG H 44 11.39 19.83 5.02
CA ARG H 44 12.50 20.61 5.58
C ARG H 44 12.69 21.90 4.80
N ALA H 45 12.60 21.82 3.48
CA ALA H 45 12.76 23.02 2.66
C ALA H 45 11.73 24.08 3.03
N ILE H 46 10.47 23.67 3.14
CA ILE H 46 9.41 24.61 3.48
C ILE H 46 9.63 25.18 4.88
N ALA H 47 10.03 24.33 5.83
CA ALA H 47 10.29 24.81 7.17
C ALA H 47 11.34 25.90 7.17
N ARG H 48 12.46 25.64 6.50
CA ARG H 48 13.53 26.64 6.47
C ARG H 48 13.09 27.89 5.73
N LEU H 49 12.29 27.75 4.68
CA LEU H 49 11.81 28.92 3.96
C LEU H 49 10.96 29.79 4.88
N SER H 50 9.99 29.18 5.56
CA SER H 50 9.14 29.94 6.46
C SER H 50 9.96 30.59 7.56
N GLU H 51 10.98 29.90 8.06
CA GLU H 51 11.84 30.49 9.07
C GLU H 51 12.52 31.73 8.54
N GLN H 52 13.13 31.63 7.35
CA GLN H 52 13.78 32.78 6.75
C GLN H 52 12.81 33.93 6.54
N GLU H 53 11.58 33.61 6.15
CA GLU H 53 10.61 34.66 5.88
C GLU H 53 10.22 35.39 7.16
N THR H 54 9.98 34.64 8.24
CA THR H 54 9.72 35.28 9.52
C THR H 54 10.89 36.12 9.95
N TYR H 55 12.11 35.63 9.73
CA TYR H 55 13.29 36.40 10.08
C TYR H 55 13.32 37.72 9.32
N ASN H 56 13.00 37.68 8.02
CA ASN H 56 12.87 38.91 7.25
C ASN H 56 11.87 39.85 7.88
N TRP H 57 10.63 39.35 8.07
CA TRP H 57 9.58 40.21 8.61
C TRP H 57 9.94 40.79 9.96
N VAL H 58 10.71 40.07 10.77
CA VAL H 58 11.13 40.60 12.05
C VAL H 58 12.15 41.72 11.84
N THR H 59 13.19 41.43 11.04
CA THR H 59 14.25 42.41 10.85
C THR H 59 13.73 43.71 10.26
N ASP H 60 12.63 43.67 9.53
CA ASP H 60 12.05 44.85 8.91
C ASP H 60 10.83 45.36 9.68
N TYR H 61 10.83 45.25 11.00
CA TYR H 61 9.72 45.77 11.79
C TYR H 61 10.15 46.56 13.01
N ALA H 62 11.36 46.37 13.52
CA ALA H 62 11.81 47.11 14.70
C ALA H 62 11.65 48.62 14.59
N PRO H 63 11.91 49.27 13.45
CA PRO H 63 11.66 50.72 13.37
C PRO H 63 10.23 51.10 13.73
N SER H 64 9.24 50.39 13.16
CA SER H 64 7.86 50.68 13.50
C SER H 64 7.60 50.44 14.98
N HIS H 65 8.26 49.44 15.56
CA HIS H 65 8.11 49.20 17.00
C HIS H 65 8.59 50.40 17.79
N LEU H 66 9.76 50.93 17.43
CA LEU H 66 10.28 52.09 18.14
C LEU H 66 9.37 53.30 17.97
N ALA H 67 8.83 53.48 16.77
CA ALA H 67 7.91 54.58 16.54
C ALA H 67 6.69 54.46 17.46
N LYS H 68 6.09 53.28 17.49
CA LYS H 68 4.94 53.06 18.38
C LYS H 68 5.34 53.29 19.83
N GLU H 69 6.55 52.88 20.20
CA GLU H 69 7.00 53.07 21.58
C GLU H 69 7.04 54.55 21.94
N VAL H 70 7.72 55.35 21.12
CA VAL H 70 7.85 56.76 21.47
C VAL H 70 6.51 57.47 21.41
N VAL H 71 5.64 57.08 20.48
CA VAL H 71 4.30 57.66 20.47
C VAL H 71 3.57 57.32 21.76
N LYS H 72 3.75 56.09 22.25
CA LYS H 72 3.14 55.71 23.52
C LYS H 72 3.66 56.57 24.66
N GLN H 73 4.97 56.79 24.71
CA GLN H 73 5.55 57.63 25.75
C GLN H 73 4.96 59.04 25.71
N ILE H 74 4.87 59.60 24.51
CA ILE H 74 4.36 60.96 24.38
C ILE H 74 2.90 61.03 24.81
N SER H 75 2.09 60.06 24.37
CA SER H 75 0.69 60.05 24.78
C SER H 75 0.55 59.93 26.29
N GLY H 76 1.36 59.06 26.90
CA GLY H 76 1.34 58.96 28.35
C GLY H 76 1.67 60.28 29.01
N LYS H 77 2.66 61.00 28.46
CA LYS H 77 2.98 62.30 29.01
C LYS H 77 1.87 63.31 28.78
N TYR H 78 1.01 63.10 27.77
CA TYR H 78 -0.08 64.02 27.49
C TYR H 78 -1.45 63.43 27.78
N ASN H 79 -1.51 62.21 28.33
CA ASN H 79 -2.76 61.63 28.81
C ASN H 79 -3.79 61.54 27.70
N ILE H 80 -3.50 60.72 26.70
CA ILE H 80 -4.39 60.56 25.55
C ILE H 80 -5.00 59.17 25.59
N PRO H 81 -6.29 59.03 25.30
CA PRO H 81 -6.90 57.69 25.28
C PRO H 81 -6.30 56.82 24.19
N GLY H 82 -6.39 55.50 24.44
CA GLY H 82 -5.68 54.55 23.60
C GLY H 82 -5.93 54.72 22.11
N ALA H 83 -7.17 55.07 21.75
CA ALA H 83 -7.53 55.25 20.35
C ALA H 83 -6.55 56.18 19.66
N TYR H 84 -6.42 57.39 20.17
CA TYR H 84 -5.54 58.36 19.53
C TYR H 84 -4.08 57.95 19.67
N GLN H 85 -3.73 57.19 20.71
CA GLN H 85 -2.38 56.67 20.80
C GLN H 85 -2.06 55.81 19.59
N GLY H 86 -2.95 54.88 19.26
CA GLY H 86 -2.74 54.07 18.07
C GLY H 86 -2.74 54.89 16.80
N LEU H 87 -3.61 55.90 16.74
CA LEU H 87 -3.64 56.75 15.55
C LEU H 87 -2.30 57.46 15.34
N LEU H 88 -1.72 58.00 16.41
CA LEU H 88 -0.43 58.66 16.28
C LEU H 88 0.69 57.68 16.03
N MET H 89 0.58 56.45 16.55
CA MET H 89 1.54 55.42 16.18
C MET H 89 1.53 55.21 14.68
N ALA H 90 0.34 55.08 14.10
CA ALA H 90 0.23 54.93 12.65
C ALA H 90 0.81 56.14 11.93
N PHE H 91 0.54 57.34 12.45
CA PHE H 91 1.11 58.54 11.83
C PHE H 91 2.62 58.49 11.82
N ALA H 92 3.23 58.16 12.96
CA ALA H 92 4.68 58.10 13.04
C ALA H 92 5.25 57.07 12.08
N GLU H 93 4.61 55.90 12.00
CA GLU H 93 5.04 54.89 11.04
C GLU H 93 5.02 55.45 9.62
N LYS H 94 3.90 56.07 9.24
CA LYS H 94 3.80 56.65 7.91
C LYS H 94 4.91 57.64 7.63
N VAL H 95 5.09 58.58 8.56
CA VAL H 95 6.01 59.69 8.30
C VAL H 95 7.45 59.20 8.26
N LEU H 96 7.78 58.19 9.07
CA LEU H 96 9.14 57.66 8.97
C LEU H 96 9.33 56.89 7.67
N ALA H 97 8.30 56.17 7.23
CA ALA H 97 8.44 55.35 6.04
C ALA H 97 8.58 56.21 4.79
N ASN H 98 7.56 57.03 4.52
CA ASN H 98 7.52 57.73 3.24
C ASN H 98 8.56 58.84 3.16
N TYR H 99 8.92 59.45 4.30
CA TYR H 99 9.81 60.59 4.30
C TYR H 99 11.20 60.26 4.82
N ILE H 100 11.29 59.70 6.02
CA ILE H 100 12.59 59.57 6.66
C ILE H 100 13.45 58.54 5.94
N LEU H 101 12.84 57.41 5.55
CA LEU H 101 13.63 56.33 4.97
C LEU H 101 13.75 56.46 3.45
N ASP H 102 12.62 56.43 2.75
CA ASP H 102 12.64 56.45 1.29
C ASP H 102 12.54 57.85 0.70
N TYR H 103 12.03 58.81 1.46
CA TYR H 103 11.79 60.17 0.98
C TYR H 103 11.08 60.17 -0.37
N LYS H 104 9.83 59.72 -0.36
CA LYS H 104 9.00 60.05 -1.50
C LYS H 104 8.87 61.56 -1.62
N GLY H 105 8.52 62.01 -2.81
CA GLY H 105 8.64 63.42 -3.11
C GLY H 105 7.62 64.30 -2.43
N GLU H 106 7.73 64.45 -1.10
CA GLU H 106 6.76 65.30 -0.45
C GLU H 106 7.38 65.96 0.77
N PRO H 107 7.15 67.25 0.98
CA PRO H 107 7.70 67.92 2.16
C PRO H 107 6.93 67.56 3.41
N LEU H 108 7.61 67.70 4.55
CA LEU H 108 7.06 67.24 5.82
C LEU H 108 5.72 67.91 6.13
N VAL H 109 5.68 69.24 6.07
CA VAL H 109 4.49 69.97 6.47
C VAL H 109 3.31 69.58 5.61
N GLU H 110 3.55 69.11 4.39
CA GLU H 110 2.46 68.63 3.56
C GLU H 110 1.78 67.44 4.20
N ILE H 111 2.55 66.42 4.57
CA ILE H 111 2.01 65.29 5.30
C ILE H 111 1.37 65.76 6.60
N HIS H 112 1.98 66.75 7.26
CA HIS H 112 1.44 67.27 8.50
C HIS H 112 0.01 67.75 8.31
N HIS H 113 -0.21 68.64 7.33
CA HIS H 113 -1.55 69.17 7.10
C HIS H 113 -2.49 68.10 6.58
N ASN H 114 -1.98 67.15 5.80
CA ASN H 114 -2.80 66.03 5.37
C ASN H 114 -3.38 65.29 6.58
N PHE H 115 -2.51 64.85 7.48
CA PHE H 115 -2.97 64.14 8.66
C PHE H 115 -3.79 65.04 9.56
N LEU H 116 -3.57 66.35 9.49
CA LEU H 116 -4.39 67.28 10.25
C LEU H 116 -5.84 67.25 9.76
N TRP H 117 -6.04 67.41 8.45
CA TRP H 117 -7.38 67.23 7.89
C TRP H 117 -7.91 65.85 8.19
N GLU H 118 -7.03 64.86 8.31
CA GLU H 118 -7.46 63.54 8.75
C GLU H 118 -8.06 63.61 10.16
N LEU H 119 -7.46 64.41 11.03
CA LEU H 119 -7.90 64.41 12.42
C LEU H 119 -9.02 65.39 12.74
N MET H 120 -9.41 66.25 11.82
CA MET H 120 -10.41 67.27 12.15
C MET H 120 -11.80 66.64 12.28
N GLN H 121 -12.79 67.50 12.54
CA GLN H 121 -14.17 67.05 12.69
C GLN H 121 -15.14 67.96 11.93
N GLY H 133 -11.50 71.81 16.44
CA GLY H 133 -11.31 70.72 15.48
C GLY H 133 -9.94 70.10 15.57
N PHE H 134 -9.02 70.79 16.25
CA PHE H 134 -7.67 70.29 16.43
C PHE H 134 -7.16 70.47 17.85
N ILE H 135 -8.00 70.96 18.76
CA ILE H 135 -7.66 71.06 20.17
C ILE H 135 -8.70 70.24 20.91
N TYR H 136 -8.36 69.00 21.20
CA TYR H 136 -9.29 68.07 21.82
C TYR H 136 -9.18 68.16 23.34
N THR H 137 -10.32 68.03 24.00
CA THR H 137 -10.37 68.07 25.45
C THR H 137 -10.46 66.65 26.01
N PHE H 138 -9.59 66.36 26.99
CA PHE H 138 -9.56 65.05 27.63
C PHE H 138 -9.70 65.22 29.12
N VAL H 139 -10.53 64.38 29.73
CA VAL H 139 -10.81 64.43 31.16
C VAL H 139 -9.96 63.35 31.83
N ARG H 140 -8.95 63.78 32.57
CA ARG H 140 -8.05 62.83 33.22
C ARG H 140 -8.78 62.06 34.31
N LYS H 141 -8.07 61.11 34.91
CA LYS H 141 -8.63 60.30 35.97
C LYS H 141 -8.92 61.11 37.24
N ASP H 142 -8.30 62.28 37.39
CA ASP H 142 -8.54 63.12 38.55
C ASP H 142 -9.77 64.00 38.40
N GLY H 143 -10.37 64.04 37.21
CA GLY H 143 -11.46 64.95 36.95
C GLY H 143 -11.05 66.29 36.38
N LYS H 144 -9.75 66.54 36.26
CA LYS H 144 -9.25 67.78 35.68
C LYS H 144 -9.24 67.69 34.16
N PRO H 145 -10.14 68.39 33.47
CA PRO H 145 -10.10 68.36 32.01
C PRO H 145 -8.90 69.13 31.49
N VAL H 146 -8.32 68.59 30.41
CA VAL H 146 -7.16 69.21 29.77
C VAL H 146 -7.41 69.24 28.27
N THR H 147 -6.67 70.12 27.59
CA THR H 147 -6.79 70.26 26.15
C THR H 147 -5.40 70.21 25.53
N VAL H 148 -5.31 69.63 24.35
CA VAL H 148 -4.05 69.51 23.62
C VAL H 148 -4.31 69.83 22.15
N ASP H 149 -3.40 70.58 21.53
CA ASP H 149 -3.53 70.91 20.13
C ASP H 149 -2.94 69.79 19.27
N MET H 150 -3.74 69.29 18.34
CA MET H 150 -3.28 68.20 17.47
C MET H 150 -2.05 68.60 16.69
N SER H 151 -2.11 69.75 16.00
CA SER H 151 -1.00 70.17 15.16
C SER H 151 0.29 70.30 15.97
N LYS H 152 0.19 70.82 17.18
CA LYS H 152 1.39 70.99 18.01
C LYS H 152 2.02 69.64 18.34
N VAL H 153 1.25 68.74 18.95
CA VAL H 153 1.81 67.45 19.33
C VAL H 153 2.25 66.67 18.10
N LEU H 154 1.55 66.84 16.97
CA LEU H 154 2.04 66.26 15.72
C LEU H 154 3.44 66.76 15.42
N THR H 155 3.60 68.09 15.31
CA THR H 155 4.92 68.65 15.14
C THR H 155 5.87 68.22 16.25
N GLU H 156 5.34 68.04 17.46
CA GLU H 156 6.19 67.66 18.59
C GLU H 156 6.79 66.28 18.37
N ILE H 157 5.97 65.30 18.00
CA ILE H 157 6.51 63.96 17.78
C ILE H 157 7.33 63.92 16.50
N GLU H 158 7.09 64.86 15.58
CA GLU H 158 7.91 64.95 14.38
C GLU H 158 9.39 65.07 14.76
N ASP H 159 9.75 66.16 15.43
CA ASP H 159 11.14 66.34 15.85
C ASP H 159 11.59 65.19 16.73
N ALA H 160 10.73 64.75 17.64
CA ALA H 160 11.07 63.61 18.50
C ALA H 160 11.49 62.41 17.67
N LEU H 161 10.73 62.13 16.60
CA LEU H 161 11.14 61.09 15.66
C LEU H 161 12.52 61.39 15.09
N PHE H 162 12.73 62.63 14.64
CA PHE H 162 14.03 63.02 14.11
C PHE H 162 15.14 62.83 15.14
N LYS H 163 14.80 62.87 16.41
CA LYS H 163 15.81 62.65 17.45
C LYS H 163 16.19 61.18 17.53
N LEU H 164 15.23 60.27 17.37
CA LEU H 164 15.51 58.85 17.51
C LEU H 164 16.53 58.38 16.49
N VAL H 165 16.18 58.47 15.20
CA VAL H 165 17.12 58.18 14.14
C VAL H 165 18.25 59.20 14.09
N LYS H 166 18.17 60.23 14.93
CA LYS H 166 19.15 61.31 14.98
C LYS H 166 19.21 62.04 13.63
N LYS H 167 18.08 62.08 12.94
CA LYS H 167 18.01 62.69 11.62
C LYS H 167 18.27 64.20 11.70
N ARG I 3 48.61 -11.40 -4.07
CA ARG I 3 49.33 -10.42 -3.25
C ARG I 3 50.81 -10.39 -3.63
N ARG I 4 51.45 -9.25 -3.39
CA ARG I 4 52.86 -9.10 -3.71
C ARG I 4 53.71 -10.04 -2.88
N ASN I 5 54.93 -10.28 -3.34
CA ASN I 5 55.86 -11.15 -2.64
C ASN I 5 56.36 -10.46 -1.38
N ARG I 6 56.37 -11.19 -0.27
CA ARG I 6 56.94 -10.72 0.97
C ARG I 6 57.63 -11.88 1.67
N ARG I 7 58.90 -11.72 1.98
CA ARG I 7 59.62 -12.75 2.73
C ARG I 7 58.94 -12.96 4.07
N LEU I 8 58.74 -14.22 4.45
CA LEU I 8 58.01 -14.53 5.66
C LEU I 8 58.69 -13.94 6.89
N SER I 9 57.91 -13.29 7.73
CA SER I 9 58.42 -12.73 8.98
C SER I 9 57.26 -12.62 9.96
N SER I 10 57.60 -12.26 11.21
CA SER I 10 56.60 -12.18 12.26
C SER I 10 55.42 -11.31 11.87
N ALA I 11 55.66 -10.26 11.10
CA ALA I 11 54.57 -9.43 10.61
C ALA I 11 53.51 -10.27 9.91
N SER I 12 53.95 -11.27 9.14
CA SER I 12 53.00 -12.15 8.47
C SER I 12 52.17 -12.91 9.48
N VAL I 13 52.81 -13.43 10.53
CA VAL I 13 52.09 -14.11 11.59
C VAL I 13 50.98 -13.22 12.13
N TYR I 14 51.34 -11.98 12.47
CA TYR I 14 50.34 -11.09 13.07
C TYR I 14 49.23 -10.76 12.09
N ARG I 15 49.58 -10.58 10.82
CA ARG I 15 48.56 -10.29 9.82
C ARG I 15 47.54 -11.41 9.75
N TYR I 16 48.03 -12.64 9.62
CA TYR I 16 47.14 -13.79 9.59
C TYR I 16 46.29 -13.83 10.85
N TYR I 17 46.90 -13.56 11.99
CA TYR I 17 46.19 -13.56 13.26
C TYR I 17 44.99 -12.61 13.21
N LEU I 18 45.23 -11.35 12.90
CA LEU I 18 44.15 -10.37 12.95
C LEU I 18 43.08 -10.67 11.91
N LYS I 19 43.47 -11.06 10.72
CA LYS I 19 42.46 -11.33 9.70
C LYS I 19 41.59 -12.53 10.09
N ARG I 20 42.20 -13.52 10.74
CA ARG I 20 41.38 -14.62 11.25
C ARG I 20 40.46 -14.16 12.36
N ILE I 21 40.89 -13.18 13.16
CA ILE I 21 39.98 -12.61 14.15
C ILE I 21 38.73 -12.05 13.48
N SER I 22 38.93 -11.30 12.40
CA SER I 22 37.78 -10.75 11.70
C SER I 22 36.90 -11.86 11.16
N MET I 23 37.50 -12.87 10.54
CA MET I 23 36.70 -13.97 10.01
C MET I 23 35.92 -14.68 11.10
N ASN I 24 36.52 -14.86 12.27
CA ASN I 24 35.83 -15.60 13.33
C ASN I 24 34.68 -14.79 13.92
N ILE I 25 34.91 -13.51 14.20
CA ILE I 25 33.80 -12.69 14.68
C ILE I 25 32.70 -12.64 13.64
N GLY I 26 33.05 -12.77 12.36
CA GLY I 26 32.01 -12.96 11.36
C GLY I 26 31.32 -14.30 11.48
N THR I 27 32.06 -15.33 11.82
CA THR I 27 31.53 -16.68 11.81
C THR I 27 30.53 -16.90 12.92
N THR I 28 30.89 -16.52 14.15
CA THR I 28 30.04 -16.81 15.30
C THR I 28 28.69 -16.13 15.18
N GLY I 29 28.66 -14.81 15.18
CA GLY I 29 27.41 -14.08 15.07
C GLY I 29 26.96 -13.93 13.64
N HIS I 30 26.46 -15.02 13.05
CA HIS I 30 26.11 -15.07 11.64
C HIS I 30 25.35 -13.82 11.19
N VAL I 31 24.41 -13.34 11.98
CA VAL I 31 23.71 -12.10 11.68
C VAL I 31 23.91 -11.07 12.78
N ASN I 32 23.89 -11.49 14.04
CA ASN I 32 24.00 -10.57 15.14
C ASN I 32 25.47 -10.28 15.45
N GLY I 33 26.22 -9.88 14.44
CA GLY I 33 27.65 -9.66 14.64
C GLY I 33 27.93 -8.60 15.69
N LEU I 34 27.07 -7.59 15.78
CA LEU I 34 27.32 -6.49 16.70
C LEU I 34 27.25 -6.94 18.15
N SER I 35 26.16 -7.61 18.52
CA SER I 35 26.01 -8.05 19.91
C SER I 35 27.16 -8.95 20.32
N ILE I 36 27.52 -9.91 19.46
CA ILE I 36 28.66 -10.75 19.75
C ILE I 36 29.92 -9.92 19.86
N ALA I 37 30.02 -8.85 19.08
CA ALA I 37 31.18 -7.97 19.16
C ALA I 37 31.22 -7.24 20.50
N GLY I 38 30.05 -7.05 21.13
CA GLY I 38 30.02 -6.33 22.38
C GLY I 38 30.42 -7.14 23.60
N ASN I 39 30.24 -8.45 23.56
CA ASN I 39 30.49 -9.29 24.73
C ASN I 39 31.99 -9.56 24.85
N PRO I 40 32.60 -9.30 26.00
CA PRO I 40 34.04 -9.59 26.15
C PRO I 40 34.37 -11.06 26.21
N GLU I 41 33.46 -11.91 26.69
CA GLU I 41 33.80 -13.32 26.88
C GLU I 41 33.95 -14.04 25.55
N ILE I 42 32.92 -13.97 24.71
CA ILE I 42 33.04 -14.54 23.38
C ILE I 42 34.19 -13.89 22.63
N MET I 43 34.51 -12.64 22.97
CA MET I 43 35.66 -12.00 22.34
C MET I 43 36.95 -12.70 22.74
N ARG I 44 37.10 -13.02 24.03
CA ARG I 44 38.28 -13.76 24.46
C ARG I 44 38.35 -15.11 23.79
N ALA I 45 37.21 -15.79 23.68
CA ALA I 45 37.19 -17.09 23.02
C ALA I 45 37.63 -16.97 21.57
N ILE I 46 37.12 -15.97 20.86
CA ILE I 46 37.49 -15.78 19.47
C ILE I 46 38.97 -15.46 19.34
N ALA I 47 39.49 -14.61 20.22
CA ALA I 47 40.92 -14.30 20.19
C ALA I 47 41.75 -15.56 20.34
N ARG I 48 41.41 -16.38 21.34
CA ARG I 48 42.19 -17.58 21.56
C ARG I 48 42.06 -18.56 20.39
N LEU I 49 40.88 -18.64 19.79
CA LEU I 49 40.73 -19.51 18.63
C LEU I 49 41.59 -19.05 17.48
N SER I 50 41.56 -17.76 17.18
CA SER I 50 42.39 -17.23 16.11
C SER I 50 43.86 -17.52 16.38
N GLU I 51 44.28 -17.34 17.63
CA GLU I 51 45.66 -17.64 17.97
C GLU I 51 45.98 -19.11 17.70
N GLN I 52 45.11 -20.01 18.14
CA GLN I 52 45.34 -21.43 17.92
C GLN I 52 45.43 -21.76 16.46
N GLU I 53 44.57 -21.15 15.64
CA GLU I 53 44.57 -21.46 14.22
C GLU I 53 45.84 -20.94 13.56
N THR I 54 46.29 -19.75 13.94
CA THR I 54 47.57 -19.25 13.43
C THR I 54 48.70 -20.19 13.82
N TYR I 55 48.68 -20.67 15.07
CA TYR I 55 49.71 -21.60 15.50
C TYR I 55 49.70 -22.86 14.66
N ASN I 56 48.51 -23.38 14.37
CA ASN I 56 48.39 -24.53 13.48
C ASN I 56 49.03 -24.23 12.14
N TRP I 57 48.60 -23.15 11.49
CA TRP I 57 49.10 -22.83 10.16
C TRP I 57 50.61 -22.65 10.16
N VAL I 58 51.17 -22.08 11.23
CA VAL I 58 52.61 -21.92 11.30
C VAL I 58 53.29 -23.27 11.39
N THR I 59 52.84 -24.10 12.34
CA THR I 59 53.48 -25.39 12.56
C THR I 59 53.44 -26.27 11.31
N ASP I 60 52.42 -26.12 10.48
CA ASP I 60 52.25 -26.93 9.28
C ASP I 60 52.77 -26.23 8.02
N TYR I 61 53.81 -25.41 8.16
CA TYR I 61 54.37 -24.71 7.02
C TYR I 61 55.88 -24.77 6.95
N ALA I 62 56.58 -25.03 8.06
CA ALA I 62 58.03 -25.08 8.05
C ALA I 62 58.63 -25.99 6.99
N PRO I 63 58.08 -27.18 6.70
CA PRO I 63 58.69 -28.00 5.63
C PRO I 63 58.72 -27.28 4.29
N SER I 64 57.62 -26.65 3.90
CA SER I 64 57.62 -25.88 2.65
C SER I 64 58.67 -24.78 2.70
N HIS I 65 58.89 -24.19 3.87
CA HIS I 65 59.92 -23.17 4.01
C HIS I 65 61.30 -23.75 3.75
N LEU I 66 61.56 -24.94 4.29
CA LEU I 66 62.85 -25.58 4.03
C LEU I 66 63.04 -25.88 2.56
N ALA I 67 61.98 -26.37 1.91
CA ALA I 67 62.04 -26.64 0.48
C ALA I 67 62.37 -25.36 -0.29
N LYS I 68 61.68 -24.28 0.03
CA LYS I 68 61.95 -23.02 -0.65
C LYS I 68 63.39 -22.57 -0.40
N GLU I 69 63.90 -22.81 0.80
CA GLU I 69 65.29 -22.46 1.11
C GLU I 69 66.25 -23.21 0.20
N VAL I 70 66.09 -24.53 0.11
CA VAL I 70 67.06 -25.29 -0.68
C VAL I 70 66.92 -24.96 -2.16
N VAL I 71 65.71 -24.67 -2.62
CA VAL I 71 65.56 -24.24 -4.01
C VAL I 71 66.28 -22.92 -4.23
N LYS I 72 66.22 -22.02 -3.25
CA LYS I 72 66.96 -20.78 -3.34
C LYS I 72 68.45 -21.04 -3.47
N GLN I 73 68.98 -21.94 -2.63
CA GLN I 73 70.41 -22.26 -2.70
C GLN I 73 70.79 -22.79 -4.07
N ILE I 74 69.99 -23.71 -4.60
CA ILE I 74 70.28 -24.29 -5.90
C ILE I 74 70.27 -23.22 -6.98
N SER I 75 69.23 -22.38 -7.01
CA SER I 75 69.18 -21.32 -8.00
C SER I 75 70.38 -20.38 -7.86
N GLY I 76 70.77 -20.07 -6.63
CA GLY I 76 71.91 -19.20 -6.43
C GLY I 76 73.18 -19.79 -7.00
N LYS I 77 73.40 -21.09 -6.79
CA LYS I 77 74.60 -21.68 -7.37
C LYS I 77 74.50 -21.85 -8.88
N TYR I 78 73.29 -21.85 -9.44
CA TYR I 78 73.13 -22.07 -10.87
C TYR I 78 72.66 -20.84 -11.63
N ASN I 79 72.58 -19.68 -10.98
CA ASN I 79 72.35 -18.42 -11.66
C ASN I 79 71.04 -18.44 -12.45
N ILE I 80 69.94 -18.57 -11.73
CA ILE I 80 68.62 -18.67 -12.37
C ILE I 80 67.78 -17.45 -12.02
N PRO I 81 67.08 -16.85 -12.99
CA PRO I 81 66.22 -15.71 -12.68
C PRO I 81 65.07 -16.06 -11.76
N GLY I 82 64.58 -15.04 -11.06
CA GLY I 82 63.65 -15.25 -9.96
C GLY I 82 62.43 -16.08 -10.33
N ALA I 83 61.89 -15.85 -11.53
CA ALA I 83 60.68 -16.55 -11.95
C ALA I 83 60.83 -18.06 -11.80
N TYR I 84 61.89 -18.60 -12.38
CA TYR I 84 62.08 -20.04 -12.32
C TYR I 84 62.48 -20.48 -10.92
N GLN I 85 63.09 -19.60 -10.13
CA GLN I 85 63.32 -19.93 -8.73
C GLN I 85 62.01 -20.22 -8.02
N GLY I 86 61.02 -19.34 -8.17
CA GLY I 86 59.72 -19.59 -7.59
C GLY I 86 59.06 -20.84 -8.15
N LEU I 87 59.19 -21.04 -9.45
CA LEU I 87 58.60 -22.23 -10.07
C LEU I 87 59.18 -23.51 -9.46
N LEU I 88 60.50 -23.56 -9.28
CA LEU I 88 61.11 -24.74 -8.69
C LEU I 88 60.78 -24.87 -7.21
N MET I 89 60.63 -23.75 -6.50
CA MET I 89 60.12 -23.83 -5.14
C MET I 89 58.78 -24.54 -5.12
N ALA I 90 57.88 -24.15 -6.03
CA ALA I 90 56.58 -24.79 -6.10
C ALA I 90 56.71 -26.27 -6.42
N PHE I 91 57.60 -26.61 -7.36
CA PHE I 91 57.80 -28.02 -7.70
C PHE I 91 58.26 -28.81 -6.49
N ALA I 92 59.24 -28.30 -5.75
CA ALA I 92 59.75 -29.00 -4.59
C ALA I 92 58.66 -29.18 -3.54
N GLU I 93 57.87 -28.14 -3.31
CA GLU I 93 56.74 -28.27 -2.40
C GLU I 93 55.82 -29.39 -2.82
N LYS I 94 55.45 -29.41 -4.11
CA LYS I 94 54.54 -30.45 -4.60
C LYS I 94 55.11 -31.84 -4.39
N VAL I 95 56.38 -32.03 -4.75
CA VAL I 95 56.94 -33.37 -4.73
C VAL I 95 57.11 -33.85 -3.29
N LEU I 96 57.47 -32.95 -2.37
CA LEU I 96 57.56 -33.40 -0.99
C LEU I 96 56.18 -33.73 -0.45
N ALA I 97 55.16 -32.95 -0.82
CA ALA I 97 53.84 -33.14 -0.26
C ALA I 97 53.23 -34.45 -0.75
N ASN I 98 53.04 -34.57 -2.07
CA ASN I 98 52.27 -35.69 -2.57
C ASN I 98 53.04 -37.01 -2.49
N TYR I 99 54.37 -36.96 -2.51
CA TYR I 99 55.17 -38.17 -2.57
C TYR I 99 55.87 -38.48 -1.24
N ILE I 100 56.63 -37.53 -0.70
CA ILE I 100 57.48 -37.85 0.43
C ILE I 100 56.65 -38.02 1.69
N LEU I 101 55.69 -37.12 1.92
CA LEU I 101 54.99 -37.10 3.21
C LEU I 101 53.80 -38.04 3.22
N ASP I 102 52.82 -37.80 2.34
CA ASP I 102 51.62 -38.62 2.32
C ASP I 102 51.71 -39.78 1.35
N TYR I 103 52.60 -39.69 0.35
CA TYR I 103 52.73 -40.70 -0.69
C TYR I 103 51.39 -41.09 -1.28
N LYS I 104 50.79 -40.16 -2.01
CA LYS I 104 49.78 -40.59 -2.95
C LYS I 104 50.42 -41.55 -3.95
N GLY I 105 49.62 -42.47 -4.46
CA GLY I 105 50.17 -43.60 -5.17
C GLY I 105 50.71 -43.30 -6.55
N GLU I 106 51.83 -42.60 -6.63
CA GLU I 106 52.38 -42.29 -7.95
C GLU I 106 53.89 -42.26 -7.86
N PRO I 107 54.61 -42.80 -8.85
CA PRO I 107 56.07 -42.85 -8.79
C PRO I 107 56.68 -41.48 -9.03
N LEU I 108 57.90 -41.33 -8.51
CA LEU I 108 58.59 -40.03 -8.56
C LEU I 108 58.81 -39.57 -10.00
N VAL I 109 59.40 -40.43 -10.83
CA VAL I 109 59.78 -40.02 -12.18
C VAL I 109 58.54 -39.64 -13.00
N GLU I 110 57.37 -40.14 -12.61
CA GLU I 110 56.15 -39.73 -13.29
C GLU I 110 55.88 -38.25 -13.06
N ILE I 111 55.91 -37.82 -11.80
CA ILE I 111 55.80 -36.40 -11.49
C ILE I 111 56.93 -35.63 -12.16
N HIS I 112 58.12 -36.24 -12.24
CA HIS I 112 59.24 -35.58 -12.89
C HIS I 112 58.90 -35.24 -14.34
N HIS I 113 58.41 -36.22 -15.09
CA HIS I 113 58.07 -35.99 -16.49
C HIS I 113 56.89 -35.04 -16.61
N ASN I 114 55.94 -35.12 -15.68
CA ASN I 114 54.83 -34.18 -15.68
C ASN I 114 55.34 -32.74 -15.60
N PHE I 115 56.15 -32.45 -14.59
CA PHE I 115 56.67 -31.10 -14.45
C PHE I 115 57.62 -30.74 -15.58
N LEU I 116 58.23 -31.75 -16.21
CA LEU I 116 59.07 -31.48 -17.38
C LEU I 116 58.21 -30.93 -18.52
N TRP I 117 57.12 -31.63 -18.85
CA TRP I 117 56.17 -31.08 -19.81
C TRP I 117 55.66 -29.72 -19.35
N GLU I 118 55.53 -29.53 -18.04
CA GLU I 118 55.15 -28.22 -17.54
C GLU I 118 56.14 -27.15 -17.96
N LEU I 119 57.43 -27.47 -17.90
CA LEU I 119 58.43 -26.44 -18.19
C LEU I 119 58.84 -26.37 -19.66
N MET I 120 58.26 -27.19 -20.53
CA MET I 120 58.64 -27.17 -21.94
C MET I 120 58.12 -25.91 -22.63
N GLN I 121 58.38 -25.82 -23.92
CA GLN I 121 57.89 -24.70 -24.73
C GLN I 121 57.37 -25.16 -26.08
N GLY I 133 64.05 -26.64 -25.28
CA GLY I 133 62.90 -27.24 -24.64
C GLY I 133 63.07 -27.40 -23.15
N PHE I 134 64.21 -27.94 -22.75
CA PHE I 134 64.53 -28.11 -21.34
C PHE I 134 65.94 -27.67 -21.01
N ILE I 135 66.67 -27.12 -21.96
CA ILE I 135 68.00 -26.57 -21.72
C ILE I 135 67.91 -25.08 -22.04
N TYR I 136 67.69 -24.28 -21.01
CA TYR I 136 67.51 -22.85 -21.19
C TYR I 136 68.85 -22.14 -21.06
N THR I 137 69.02 -21.07 -21.83
CA THR I 137 70.23 -20.27 -21.79
C THR I 137 69.99 -19.00 -20.98
N PHE I 138 70.92 -18.71 -20.07
CA PHE I 138 70.79 -17.57 -19.17
C PHE I 138 72.05 -16.72 -19.24
N VAL I 139 71.86 -15.41 -19.10
CA VAL I 139 72.95 -14.45 -19.18
C VAL I 139 73.25 -13.94 -17.78
N ARG I 140 74.42 -14.30 -17.26
CA ARG I 140 74.83 -13.81 -15.96
C ARG I 140 75.19 -12.33 -16.03
N LYS I 141 75.60 -11.78 -14.88
CA LYS I 141 75.97 -10.38 -14.83
C LYS I 141 77.28 -10.10 -15.55
N ASP I 142 78.16 -11.09 -15.69
CA ASP I 142 79.42 -10.91 -16.39
C ASP I 142 79.26 -10.98 -17.91
N GLY I 143 78.05 -11.15 -18.40
CA GLY I 143 77.83 -11.33 -19.82
C GLY I 143 78.03 -12.74 -20.31
N LYS I 144 78.59 -13.62 -19.48
CA LYS I 144 78.84 -15.00 -19.87
C LYS I 144 77.53 -15.78 -19.92
N PRO I 145 77.08 -16.18 -21.10
CA PRO I 145 75.88 -17.01 -21.17
C PRO I 145 76.14 -18.38 -20.60
N VAL I 146 75.08 -18.97 -20.01
CA VAL I 146 75.14 -20.31 -19.45
C VAL I 146 73.88 -21.05 -19.86
N THR I 147 74.00 -22.37 -19.93
CA THR I 147 72.88 -23.24 -20.26
C THR I 147 72.76 -24.31 -19.20
N VAL I 148 71.53 -24.62 -18.82
CA VAL I 148 71.26 -25.61 -17.78
C VAL I 148 70.09 -26.47 -18.24
N ASP I 149 70.18 -27.77 -17.96
CA ASP I 149 69.09 -28.69 -18.29
C ASP I 149 68.06 -28.68 -17.17
N MET I 150 66.79 -28.49 -17.53
CA MET I 150 65.73 -28.53 -16.54
C MET I 150 65.65 -29.89 -15.87
N SER I 151 65.61 -30.96 -16.67
CA SER I 151 65.42 -32.29 -16.10
C SER I 151 66.56 -32.65 -15.16
N LYS I 152 67.78 -32.21 -15.47
CA LYS I 152 68.90 -32.50 -14.59
C LYS I 152 68.73 -31.80 -13.23
N VAL I 153 68.55 -30.48 -13.25
CA VAL I 153 68.41 -29.76 -11.99
C VAL I 153 67.15 -30.19 -11.26
N LEU I 154 66.10 -30.55 -11.99
CA LEU I 154 64.95 -31.16 -11.35
C LEU I 154 65.36 -32.40 -10.57
N THR I 155 65.96 -33.37 -11.26
CA THR I 155 66.49 -34.54 -10.58
C THR I 155 67.51 -34.15 -9.52
N GLU I 156 68.24 -33.07 -9.74
CA GLU I 156 69.24 -32.64 -8.77
C GLU I 156 68.59 -32.27 -7.44
N ILE I 157 67.61 -31.38 -7.48
CA ILE I 157 66.95 -30.97 -6.25
C ILE I 157 66.15 -32.13 -5.66
N GLU I 158 65.76 -33.09 -6.49
CA GLU I 158 65.13 -34.30 -5.98
C GLU I 158 66.00 -34.96 -4.93
N ASP I 159 67.25 -35.30 -5.30
CA ASP I 159 68.13 -35.97 -4.37
C ASP I 159 68.39 -35.13 -3.13
N ALA I 160 68.71 -33.85 -3.33
CA ALA I 160 68.94 -32.97 -2.19
C ALA I 160 67.72 -32.93 -1.28
N LEU I 161 66.53 -33.03 -1.86
CA LEU I 161 65.31 -33.03 -1.05
C LEU I 161 65.28 -34.25 -0.13
N PHE I 162 65.51 -35.44 -0.69
CA PHE I 162 65.59 -36.64 0.15
C PHE I 162 66.70 -36.51 1.18
N LYS I 163 67.75 -35.75 0.86
CA LYS I 163 68.81 -35.54 1.83
C LYS I 163 68.31 -34.79 3.06
N LEU I 164 67.41 -33.83 2.86
CA LEU I 164 66.89 -33.05 3.98
C LEU I 164 66.12 -33.94 4.95
N VAL I 165 65.03 -34.55 4.47
CA VAL I 165 64.18 -35.37 5.31
C VAL I 165 64.88 -36.63 5.79
N LYS I 166 66.09 -36.90 5.28
CA LYS I 166 66.83 -38.13 5.60
C LYS I 166 66.02 -39.37 5.22
N LYS I 167 65.42 -39.33 4.04
CA LYS I 167 64.63 -40.44 3.54
C LYS I 167 65.53 -41.60 3.14
N ARG J 3 5.34 41.20 -10.16
CA ARG J 3 5.43 41.09 -8.72
C ARG J 3 5.99 42.37 -8.11
N ARG J 4 5.63 42.63 -6.86
CA ARG J 4 6.11 43.82 -6.17
C ARG J 4 7.61 43.76 -5.97
N ASN J 5 8.22 44.94 -5.81
CA ASN J 5 9.65 45.03 -5.60
C ASN J 5 10.02 44.43 -4.25
N ARG J 6 10.85 43.39 -4.28
CA ARG J 6 11.36 42.76 -3.08
C ARG J 6 12.85 42.57 -3.22
N ARG J 7 13.61 43.08 -2.26
CA ARG J 7 15.05 42.94 -2.30
C ARG J 7 15.42 41.46 -2.39
N LEU J 8 16.42 41.16 -3.21
CA LEU J 8 16.89 39.78 -3.31
C LEU J 8 17.31 39.28 -1.94
N SER J 9 16.97 38.03 -1.63
CA SER J 9 17.37 37.43 -0.37
C SER J 9 17.24 35.92 -0.48
N SER J 10 17.70 35.22 0.56
CA SER J 10 17.56 33.77 0.62
C SER J 10 16.12 33.35 0.39
N ALA J 11 15.17 34.14 0.89
CA ALA J 11 13.76 33.89 0.61
C ALA J 11 13.53 33.71 -0.88
N SER J 12 14.14 34.57 -1.70
CA SER J 12 13.96 34.46 -3.14
C SER J 12 14.47 33.12 -3.65
N VAL J 13 15.65 32.71 -3.19
CA VAL J 13 16.22 31.44 -3.60
C VAL J 13 15.24 30.31 -3.32
N TYR J 14 14.75 30.26 -2.08
CA TYR J 14 13.86 29.17 -1.72
C TYR J 14 12.54 29.22 -2.47
N ARG J 15 12.02 30.44 -2.69
CA ARG J 15 10.78 30.56 -3.46
C ARG J 15 10.95 29.99 -4.85
N TYR J 16 12.00 30.41 -5.54
CA TYR J 16 12.26 29.87 -6.87
C TYR J 16 12.41 28.36 -6.81
N TYR J 17 13.12 27.86 -5.81
CA TYR J 17 13.32 26.43 -5.66
C TYR J 17 11.99 25.68 -5.61
N LEU J 18 11.13 26.06 -4.68
CA LEU J 18 9.88 25.33 -4.50
C LEU J 18 8.96 25.46 -5.71
N LYS J 19 8.89 26.66 -6.28
CA LYS J 19 7.99 26.81 -7.42
C LYS J 19 8.48 26.01 -8.61
N ARG J 20 9.80 25.88 -8.77
CA ARG J 20 10.30 24.99 -9.81
C ARG J 20 10.01 23.53 -9.49
N ILE J 21 9.97 23.17 -8.21
CA ILE J 21 9.52 21.82 -7.85
C ILE J 21 8.13 21.58 -8.40
N SER J 22 7.22 22.52 -8.14
CA SER J 22 5.87 22.37 -8.65
C SER J 22 5.85 22.25 -10.16
N MET J 23 6.60 23.11 -10.85
CA MET J 23 6.62 23.06 -12.30
C MET J 23 7.15 21.72 -12.82
N ASN J 24 8.20 21.18 -12.19
CA ASN J 24 8.77 19.93 -12.67
C ASN J 24 7.82 18.77 -12.45
N ILE J 25 7.22 18.67 -11.25
CA ILE J 25 6.27 17.60 -11.02
C ILE J 25 5.09 17.73 -11.98
N GLY J 26 4.77 18.96 -12.39
CA GLY J 26 3.82 19.11 -13.47
C GLY J 26 4.34 18.59 -14.79
N THR J 27 5.64 18.77 -15.04
CA THR J 27 6.21 18.43 -16.34
C THR J 27 6.25 16.92 -16.54
N THR J 28 6.84 16.20 -15.60
CA THR J 28 7.10 14.78 -15.79
C THR J 28 5.82 13.99 -16.00
N GLY J 29 4.96 13.95 -14.99
CA GLY J 29 3.71 13.24 -15.11
C GLY J 29 2.69 14.05 -15.87
N HIS J 30 2.87 14.16 -17.19
CA HIS J 30 2.08 15.03 -18.03
C HIS J 30 0.59 14.94 -17.72
N VAL J 31 0.11 13.73 -17.46
CA VAL J 31 -1.25 13.53 -16.98
C VAL J 31 -1.27 12.79 -15.66
N ASN J 32 -0.45 11.76 -15.53
CA ASN J 32 -0.42 10.96 -14.32
C ASN J 32 0.41 11.65 -13.25
N GLY J 33 0.10 12.92 -12.99
CA GLY J 33 0.87 13.66 -12.00
C GLY J 33 0.78 13.04 -10.61
N LEU J 34 -0.36 12.43 -10.29
CA LEU J 34 -0.56 11.88 -8.96
C LEU J 34 0.38 10.70 -8.71
N SER J 35 0.36 9.72 -9.61
CA SER J 35 1.21 8.55 -9.42
C SER J 35 2.68 8.93 -9.34
N ILE J 36 3.11 9.86 -10.20
CA ILE J 36 4.48 10.35 -10.11
C ILE J 36 4.70 11.03 -8.77
N ALA J 37 3.69 11.72 -8.25
CA ALA J 37 3.81 12.37 -6.96
C ALA J 37 3.94 11.36 -5.84
N GLY J 38 3.43 10.15 -6.03
CA GLY J 38 3.48 9.15 -4.98
C GLY J 38 4.82 8.48 -4.81
N ASN J 39 5.62 8.42 -5.87
CA ASN J 39 6.89 7.71 -5.81
C ASN J 39 7.96 8.59 -5.17
N PRO J 40 8.70 8.10 -4.19
CA PRO J 40 9.79 8.91 -3.62
C PRO J 40 11.01 9.04 -4.51
N GLU J 41 11.26 8.10 -5.42
CA GLU J 41 12.48 8.13 -6.21
C GLU J 41 12.44 9.26 -7.23
N ILE J 42 11.43 9.28 -8.09
CA ILE J 42 11.26 10.40 -8.99
C ILE J 42 11.12 11.69 -8.20
N MET J 43 10.62 11.60 -6.97
CA MET J 43 10.57 12.80 -6.14
C MET J 43 11.97 13.32 -5.84
N ARG J 44 12.88 12.43 -5.45
CA ARG J 44 14.26 12.85 -5.24
C ARG J 44 14.86 13.41 -6.50
N ALA J 45 14.57 12.78 -7.64
CA ALA J 45 15.08 13.28 -8.91
C ALA J 45 14.61 14.71 -9.17
N ILE J 46 13.32 14.95 -9.00
CA ILE J 46 12.77 16.28 -9.25
C ILE J 46 13.34 17.29 -8.27
N ALA J 47 13.51 16.89 -7.01
CA ALA J 47 14.12 17.79 -6.04
C ALA J 47 15.51 18.21 -6.49
N ARG J 48 16.34 17.25 -6.85
CA ARG J 48 17.70 17.59 -7.27
C ARG J 48 17.69 18.40 -8.56
N LEU J 49 16.74 18.13 -9.45
CA LEU J 49 16.63 18.93 -10.66
C LEU J 49 16.35 20.39 -10.33
N SER J 50 15.32 20.63 -9.53
CA SER J 50 14.99 22.01 -9.19
C SER J 50 16.15 22.67 -8.48
N GLU J 51 16.87 21.93 -7.64
CA GLU J 51 18.02 22.52 -6.96
C GLU J 51 19.09 22.94 -7.97
N GLN J 52 19.43 22.06 -8.89
CA GLN J 52 20.42 22.40 -9.91
C GLN J 52 19.98 23.61 -10.73
N GLU J 53 18.68 23.67 -11.04
CA GLU J 53 18.18 24.78 -11.82
C GLU J 53 18.33 26.10 -11.06
N THR J 54 17.99 26.09 -9.76
CA THR J 54 18.19 27.28 -8.96
C THR J 54 19.65 27.67 -8.92
N TYR J 55 20.53 26.69 -8.81
CA TYR J 55 21.95 26.98 -8.76
C TYR J 55 22.41 27.65 -10.04
N ASN J 56 21.96 27.14 -11.18
CA ASN J 56 22.22 27.81 -12.46
C ASN J 56 21.74 29.25 -12.42
N TRP J 57 20.46 29.45 -12.10
CA TRP J 57 19.90 30.80 -12.14
C TRP J 57 20.64 31.75 -11.21
N VAL J 58 21.10 31.26 -10.07
CA VAL J 58 21.87 32.10 -9.16
C VAL J 58 23.19 32.48 -9.81
N THR J 59 23.91 31.50 -10.34
CA THR J 59 25.23 31.77 -10.90
C THR J 59 25.18 32.80 -12.02
N ASP J 60 24.08 32.87 -12.76
CA ASP J 60 23.97 33.76 -13.91
C ASP J 60 23.26 35.07 -13.57
N TYR J 61 23.38 35.53 -12.33
CA TYR J 61 22.71 36.76 -11.94
C TYR J 61 23.61 37.76 -11.23
N ALA J 62 24.74 37.34 -10.69
CA ALA J 62 25.68 38.27 -10.07
C ALA J 62 26.02 39.48 -10.94
N PRO J 63 26.25 39.34 -12.26
CA PRO J 63 26.57 40.55 -13.05
C PRO J 63 25.47 41.59 -13.03
N SER J 64 24.23 41.18 -13.35
CA SER J 64 23.12 42.11 -13.29
C SER J 64 22.98 42.70 -11.90
N HIS J 65 23.29 41.92 -10.87
CA HIS J 65 23.21 42.43 -9.52
C HIS J 65 24.20 43.55 -9.29
N LEU J 66 25.45 43.35 -9.70
CA LEU J 66 26.45 44.39 -9.53
C LEU J 66 26.10 45.63 -10.33
N ALA J 67 25.53 45.43 -11.51
CA ALA J 67 25.04 46.56 -12.30
C ALA J 67 24.02 47.36 -11.51
N LYS J 68 23.02 46.68 -10.96
CA LYS J 68 22.03 47.37 -10.14
C LYS J 68 22.70 48.07 -8.96
N GLU J 69 23.74 47.44 -8.40
CA GLU J 69 24.44 48.04 -7.27
C GLU J 69 25.06 49.37 -7.65
N VAL J 70 25.87 49.38 -8.71
CA VAL J 70 26.57 50.60 -9.07
C VAL J 70 25.59 51.66 -9.52
N VAL J 71 24.50 51.27 -10.19
CA VAL J 71 23.48 52.24 -10.54
C VAL J 71 22.88 52.86 -9.28
N LYS J 72 22.66 52.04 -8.25
CA LYS J 72 22.15 52.56 -6.99
C LYS J 72 23.13 53.56 -6.38
N GLN J 73 24.42 53.24 -6.40
CA GLN J 73 25.42 54.15 -5.84
C GLN J 73 25.41 55.48 -6.58
N ILE J 74 25.38 55.42 -7.91
CA ILE J 74 25.40 56.66 -8.69
C ILE J 74 24.17 57.49 -8.41
N SER J 75 22.98 56.86 -8.42
CA SER J 75 21.77 57.60 -8.15
C SER J 75 21.79 58.23 -6.77
N GLY J 76 22.24 57.48 -5.76
CA GLY J 76 22.39 58.05 -4.44
C GLY J 76 23.31 59.25 -4.44
N LYS J 77 24.36 59.19 -5.25
CA LYS J 77 25.25 60.34 -5.38
C LYS J 77 24.56 61.52 -6.05
N TYR J 78 23.59 61.28 -6.92
CA TYR J 78 22.95 62.36 -7.65
C TYR J 78 21.49 62.59 -7.25
N ASN J 79 21.02 61.92 -6.20
CA ASN J 79 19.71 62.20 -5.61
C ASN J 79 18.60 62.05 -6.66
N ILE J 80 18.49 60.85 -7.22
CA ILE J 80 17.52 60.59 -8.26
C ILE J 80 16.39 59.74 -7.70
N PRO J 81 15.13 60.03 -8.01
CA PRO J 81 14.03 59.23 -7.46
C PRO J 81 14.08 57.78 -7.93
N GLY J 82 13.50 56.90 -7.10
CA GLY J 82 13.68 55.48 -7.26
C GLY J 82 13.34 54.97 -8.66
N ALA J 83 12.31 55.54 -9.27
CA ALA J 83 11.86 55.08 -10.59
C ALA J 83 13.02 55.10 -11.59
N TYR J 84 13.67 56.24 -11.73
CA TYR J 84 14.76 56.34 -12.68
C TYR J 84 15.96 55.52 -12.25
N GLN J 85 16.11 55.27 -10.95
CA GLN J 85 17.15 54.35 -10.50
C GLN J 85 16.92 52.95 -11.06
N GLY J 86 15.69 52.45 -10.96
CA GLY J 86 15.39 51.17 -11.57
C GLY J 86 15.58 51.18 -13.07
N LEU J 87 15.17 52.27 -13.72
CA LEU J 87 15.33 52.37 -15.17
C LEU J 87 16.81 52.30 -15.56
N LEU J 88 17.67 53.00 -14.83
CA LEU J 88 19.09 52.97 -15.14
C LEU J 88 19.71 51.63 -14.80
N MET J 89 19.21 50.96 -13.76
CA MET J 89 19.62 49.59 -13.50
C MET J 89 19.36 48.72 -14.72
N ALA J 90 18.16 48.82 -15.28
CA ALA J 90 17.83 48.05 -16.46
C ALA J 90 18.73 48.43 -17.63
N PHE J 91 19.01 49.72 -17.78
CA PHE J 91 19.91 50.15 -18.85
C PHE J 91 21.29 49.52 -18.72
N ALA J 92 21.84 49.54 -17.50
CA ALA J 92 23.16 48.95 -17.28
C ALA J 92 23.14 47.46 -17.57
N GLU J 93 22.09 46.77 -17.12
CA GLU J 93 21.96 45.35 -17.43
C GLU J 93 21.99 45.13 -18.94
N LYS J 94 21.18 45.89 -19.68
CA LYS J 94 21.15 45.77 -21.13
C LYS J 94 22.52 45.95 -21.74
N VAL J 95 23.19 47.05 -21.37
CA VAL J 95 24.43 47.40 -22.05
C VAL J 95 25.53 46.40 -21.72
N LEU J 96 25.53 45.85 -20.50
CA LEU J 96 26.53 44.84 -20.20
C LEU J 96 26.22 43.55 -20.95
N ALA J 97 24.95 43.18 -21.03
CA ALA J 97 24.59 41.90 -21.63
C ALA J 97 24.87 41.90 -23.13
N ASN J 98 24.24 42.82 -23.86
CA ASN J 98 24.31 42.76 -25.31
C ASN J 98 25.68 43.17 -25.84
N TYR J 99 26.38 44.05 -25.11
CA TYR J 99 27.63 44.62 -25.61
C TYR J 99 28.86 44.07 -24.90
N ILE J 100 28.89 44.16 -23.57
CA ILE J 100 30.12 43.86 -22.85
C ILE J 100 30.41 42.37 -22.84
N LEU J 101 29.37 41.55 -22.83
CA LEU J 101 29.57 40.11 -22.72
C LEU J 101 29.62 39.43 -24.08
N ASP J 102 28.54 39.53 -24.86
CA ASP J 102 28.46 38.85 -26.14
C ASP J 102 28.83 39.74 -27.31
N TYR J 103 28.78 41.06 -27.14
CA TYR J 103 29.00 42.01 -28.22
C TYR J 103 28.18 41.63 -29.46
N LYS J 104 26.87 41.72 -29.32
CA LYS J 104 26.08 41.81 -30.53
C LYS J 104 26.53 43.02 -31.32
N GLY J 105 26.33 42.97 -32.64
CA GLY J 105 27.01 43.89 -33.51
C GLY J 105 26.52 45.31 -33.43
N GLU J 106 26.76 46.01 -32.32
CA GLU J 106 26.28 47.36 -32.25
C GLU J 106 27.22 48.20 -31.41
N PRO J 107 27.59 49.40 -31.86
CA PRO J 107 28.49 50.24 -31.07
C PRO J 107 27.78 50.89 -29.91
N LEU J 108 28.57 51.23 -28.89
CA LEU J 108 28.01 51.70 -27.63
C LEU J 108 27.16 52.94 -27.82
N VAL J 109 27.72 53.97 -28.47
CA VAL J 109 27.04 55.25 -28.58
C VAL J 109 25.67 55.09 -29.26
N GLU J 110 25.53 54.08 -30.11
CA GLU J 110 24.24 53.82 -30.73
C GLU J 110 23.20 53.44 -29.67
N ILE J 111 23.55 52.49 -28.80
CA ILE J 111 22.67 52.15 -27.69
C ILE J 111 22.44 53.37 -26.81
N HIS J 112 23.46 54.19 -26.63
CA HIS J 112 23.32 55.40 -25.83
C HIS J 112 22.20 56.28 -26.38
N HIS J 113 22.24 56.56 -27.68
CA HIS J 113 21.21 57.41 -28.26
C HIS J 113 19.85 56.72 -28.29
N ASN J 114 19.84 55.39 -28.46
CA ASN J 114 18.60 54.65 -28.34
C ASN J 114 17.94 54.90 -26.99
N PHE J 115 18.68 54.64 -25.91
CA PHE J 115 18.12 54.85 -24.59
C PHE J 115 17.86 56.34 -24.32
N LEU J 116 18.57 57.22 -25.03
CA LEU J 116 18.32 58.64 -24.89
C LEU J 116 16.93 58.98 -25.40
N TRP J 117 16.61 58.56 -26.63
CA TRP J 117 15.24 58.69 -27.11
C TRP J 117 14.27 57.97 -26.18
N GLU J 118 14.71 56.88 -25.57
CA GLU J 118 13.87 56.19 -24.60
C GLU J 118 13.52 57.12 -23.43
N LEU J 119 14.47 57.97 -23.03
CA LEU J 119 14.22 58.81 -21.86
C LEU J 119 13.63 60.17 -22.20
N MET J 120 13.46 60.52 -23.47
CA MET J 120 13.00 61.85 -23.82
C MET J 120 11.51 62.00 -23.51
N GLN J 121 10.96 63.14 -23.89
CA GLN J 121 9.54 63.41 -23.73
C GLN J 121 8.94 64.02 -24.99
N GLY J 133 14.24 67.99 -21.83
CA GLY J 133 13.94 66.69 -22.37
C GLY J 133 14.92 65.63 -21.92
N PHE J 134 16.12 66.08 -21.55
CA PHE J 134 17.16 65.18 -21.06
C PHE J 134 17.89 65.74 -19.86
N ILE J 135 17.53 66.93 -19.40
CA ILE J 135 18.08 67.51 -18.19
C ILE J 135 16.91 67.63 -17.21
N TYR J 136 16.77 66.61 -16.36
CA TYR J 136 15.65 66.55 -15.46
C TYR J 136 15.97 67.27 -14.16
N THR J 137 15.00 68.00 -13.64
CA THR J 137 15.16 68.78 -12.43
C THR J 137 14.49 68.06 -11.27
N PHE J 138 15.23 67.89 -10.18
CA PHE J 138 14.72 67.21 -9.00
C PHE J 138 14.89 68.10 -7.78
N VAL J 139 13.88 68.10 -6.92
CA VAL J 139 13.88 68.89 -5.70
C VAL J 139 14.31 67.98 -4.56
N ARG J 140 15.50 68.22 -4.03
CA ARG J 140 16.04 67.38 -2.97
C ARG J 140 15.22 67.55 -1.69
N LYS J 141 15.58 66.75 -0.69
CA LYS J 141 14.88 66.78 0.59
C LYS J 141 15.05 68.10 1.33
N ASP J 142 16.09 68.86 1.02
CA ASP J 142 16.31 70.16 1.63
C ASP J 142 15.54 71.26 0.93
N GLY J 143 14.85 70.97 -0.17
CA GLY J 143 14.20 71.98 -0.96
C GLY J 143 15.06 72.58 -2.04
N LYS J 144 16.34 72.21 -2.11
CA LYS J 144 17.24 72.71 -3.15
C LYS J 144 16.98 71.95 -4.45
N PRO J 145 16.43 72.61 -5.46
CA PRO J 145 16.27 71.95 -6.76
C PRO J 145 17.62 71.78 -7.44
N VAL J 146 17.77 70.65 -8.13
CA VAL J 146 19.00 70.32 -8.83
C VAL J 146 18.64 69.76 -10.20
N THR J 147 19.57 69.92 -11.13
CA THR J 147 19.38 69.45 -12.50
C THR J 147 20.50 68.49 -12.86
N VAL J 148 20.16 67.47 -13.64
CA VAL J 148 21.11 66.47 -14.10
C VAL J 148 20.81 66.13 -15.54
N ASP J 149 21.85 66.01 -16.35
CA ASP J 149 21.68 65.62 -17.75
C ASP J 149 21.66 64.10 -17.86
N MET J 150 20.64 63.58 -18.52
CA MET J 150 20.56 62.13 -18.72
C MET J 150 21.75 61.61 -19.50
N SER J 151 21.99 62.19 -20.68
CA SER J 151 23.09 61.70 -21.53
C SER J 151 24.41 61.71 -20.79
N LYS J 152 24.62 62.70 -19.92
CA LYS J 152 25.85 62.75 -19.15
C LYS J 152 25.96 61.58 -18.19
N VAL J 153 24.98 61.42 -17.31
CA VAL J 153 25.04 60.35 -16.33
C VAL J 153 24.96 58.99 -17.01
N LEU J 154 24.25 58.89 -18.13
CA LEU J 154 24.28 57.65 -18.91
C LEU J 154 25.70 57.31 -19.30
N THR J 155 26.41 58.26 -19.89
CA THR J 155 27.83 58.06 -20.16
C THR J 155 28.61 57.80 -18.89
N GLU J 156 28.22 58.44 -17.79
CA GLU J 156 28.97 58.32 -16.56
C GLU J 156 28.99 56.88 -16.06
N ILE J 157 27.82 56.22 -16.07
CA ILE J 157 27.78 54.83 -15.61
C ILE J 157 28.47 53.92 -16.62
N GLU J 158 28.50 54.31 -17.89
CA GLU J 158 29.19 53.51 -18.89
C GLU J 158 30.64 53.27 -18.50
N ASP J 159 31.42 54.36 -18.37
CA ASP J 159 32.81 54.22 -17.97
C ASP J 159 32.93 53.50 -16.64
N ALA J 160 32.08 53.88 -15.68
CA ALA J 160 32.08 53.19 -14.40
C ALA J 160 31.84 51.70 -14.57
N LEU J 161 30.92 51.34 -15.47
CA LEU J 161 30.67 49.94 -15.74
C LEU J 161 31.92 49.26 -16.29
N PHE J 162 32.56 49.88 -17.28
CA PHE J 162 33.78 49.32 -17.85
C PHE J 162 34.84 49.11 -16.79
N LYS J 163 34.79 49.88 -15.70
CA LYS J 163 35.77 49.71 -14.63
C LYS J 163 35.47 48.45 -13.83
N LEU J 164 34.19 48.12 -13.63
CA LEU J 164 33.82 46.97 -12.81
C LEU J 164 34.37 45.68 -13.40
N VAL J 165 33.93 45.34 -14.62
CA VAL J 165 34.49 44.20 -15.34
C VAL J 165 35.91 44.48 -15.78
N LYS J 166 36.43 45.67 -15.48
CA LYS J 166 37.78 46.10 -15.86
C LYS J 166 37.93 46.10 -17.38
N LYS J 167 36.84 46.37 -18.07
CA LYS J 167 36.84 46.37 -19.53
C LYS J 167 37.72 47.49 -20.07
N ARG K 3 53.81 14.52 -0.46
CA ARG K 3 54.08 15.25 0.76
C ARG K 3 55.33 16.11 0.61
N ARG K 4 55.44 17.14 1.45
CA ARG K 4 56.61 18.01 1.41
C ARG K 4 57.86 17.25 1.82
N ASN K 5 59.00 17.71 1.34
CA ASN K 5 60.26 17.05 1.62
C ASN K 5 60.67 17.32 3.06
N ARG K 6 60.89 16.24 3.82
CA ARG K 6 61.36 16.34 5.19
C ARG K 6 62.48 15.33 5.39
N ARG K 7 63.63 15.81 5.85
CA ARG K 7 64.75 14.91 6.11
C ARG K 7 64.35 13.88 7.16
N LEU K 8 64.76 12.63 6.93
CA LEU K 8 64.35 11.53 7.78
C LEU K 8 64.84 11.73 9.21
N SER K 9 63.94 11.52 10.17
CA SER K 9 64.30 11.54 11.58
C SER K 9 63.29 10.66 12.34
N SER K 10 63.53 10.51 13.65
CA SER K 10 62.67 9.68 14.47
C SER K 10 61.21 10.10 14.38
N ALA K 11 60.96 11.40 14.18
CA ALA K 11 59.61 11.87 13.96
C ALA K 11 58.92 11.08 12.87
N SER K 12 59.65 10.81 11.78
CA SER K 12 59.06 10.03 10.69
C SER K 12 58.72 8.62 11.16
N VAL K 13 59.60 8.02 11.95
CA VAL K 13 59.33 6.70 12.50
C VAL K 13 58.01 6.69 13.23
N TYR K 14 57.84 7.63 14.17
CA TYR K 14 56.62 7.64 14.96
C TYR K 14 55.40 7.95 14.11
N ARG K 15 55.55 8.84 13.12
CA ARG K 15 54.42 9.15 12.25
C ARG K 15 53.94 7.91 11.53
N TYR K 16 54.86 7.20 10.88
CA TYR K 16 54.49 5.97 10.20
C TYR K 16 53.87 4.98 11.18
N TYR K 17 54.42 4.91 12.39
CA TYR K 17 53.91 3.99 13.40
C TYR K 17 52.43 4.25 13.67
N LEU K 18 52.10 5.49 14.01
CA LEU K 18 50.72 5.79 14.37
C LEU K 18 49.78 5.63 13.18
N LYS K 19 50.21 6.04 12.00
CA LYS K 19 49.32 5.89 10.86
C LYS K 19 49.08 4.42 10.55
N ARG K 20 50.09 3.57 10.77
CA ARG K 20 49.85 2.14 10.64
C ARG K 20 48.90 1.63 11.71
N ILE K 21 48.94 2.21 12.91
CA ILE K 21 47.95 1.85 13.92
C ILE K 21 46.55 2.07 13.38
N SER K 22 46.32 3.26 12.81
CA SER K 22 45.00 3.55 12.27
C SER K 22 44.63 2.56 11.17
N MET K 23 45.56 2.28 10.26
CA MET K 23 45.23 1.36 9.18
C MET K 23 44.90 -0.04 9.69
N ASN K 24 45.64 -0.52 10.68
CA ASN K 24 45.40 -1.88 11.16
C ASN K 24 44.08 -1.96 11.93
N ILE K 25 43.78 -0.97 12.77
CA ILE K 25 42.49 -0.99 13.46
C ILE K 25 41.37 -0.90 12.45
N GLY K 26 41.59 -0.22 11.31
CA GLY K 26 40.63 -0.30 10.24
C GLY K 26 40.54 -1.69 9.62
N THR K 27 41.67 -2.39 9.55
CA THR K 27 41.69 -3.66 8.85
C THR K 27 40.98 -4.75 9.63
N THR K 28 41.32 -4.91 10.91
CA THR K 28 40.80 -6.04 11.67
C THR K 28 39.29 -6.01 11.78
N GLY K 29 38.74 -4.98 12.40
CA GLY K 29 37.29 -4.87 12.49
C GLY K 29 36.72 -4.27 11.23
N HIS K 30 36.65 -5.08 10.17
CA HIS K 30 36.26 -4.62 8.84
C HIS K 30 35.07 -3.67 8.87
N VAL K 31 34.07 -3.98 9.69
CA VAL K 31 32.96 -3.07 9.93
C VAL K 31 32.83 -2.76 11.42
N ASN K 32 33.03 -3.77 12.26
CA ASN K 32 32.88 -3.58 13.70
C ASN K 32 34.11 -2.91 14.28
N GLY K 33 34.50 -1.76 13.71
CA GLY K 33 35.69 -1.10 14.18
C GLY K 33 35.59 -0.66 15.62
N LEU K 34 34.40 -0.27 16.06
CA LEU K 34 34.24 0.27 17.41
C LEU K 34 34.50 -0.79 18.47
N SER K 35 33.78 -1.92 18.39
CA SER K 35 33.95 -2.97 19.38
C SER K 35 35.39 -3.45 19.42
N ILE K 36 36.03 -3.59 18.26
CA ILE K 36 37.44 -3.96 18.24
C ILE K 36 38.26 -2.89 18.92
N ALA K 37 37.90 -1.62 18.74
CA ALA K 37 38.64 -0.53 19.35
C ALA K 37 38.51 -0.56 20.87
N GLY K 38 37.39 -1.08 21.37
CA GLY K 38 37.18 -1.11 22.81
C GLY K 38 37.98 -2.15 23.54
N ASN K 39 38.33 -3.25 22.88
CA ASN K 39 38.97 -4.37 23.56
C ASN K 39 40.47 -4.14 23.66
N PRO K 40 41.05 -4.13 24.85
CA PRO K 40 42.49 -3.84 24.96
C PRO K 40 43.40 -4.94 24.43
N GLU K 41 42.94 -6.19 24.35
CA GLU K 41 43.83 -7.27 23.91
C GLU K 41 44.16 -7.13 22.43
N ILE K 42 43.13 -7.09 21.59
CA ILE K 42 43.36 -6.84 20.17
C ILE K 42 44.07 -5.51 19.99
N MET K 43 43.86 -4.58 20.91
CA MET K 43 44.59 -3.32 20.84
C MET K 43 46.09 -3.56 20.97
N ARG K 44 46.50 -4.35 21.97
CA ARG K 44 47.91 -4.69 22.11
C ARG K 44 48.42 -5.41 20.88
N ALA K 45 47.62 -6.33 20.34
CA ALA K 45 48.05 -7.06 19.16
C ALA K 45 48.31 -6.11 18.00
N ILE K 46 47.39 -5.18 17.75
CA ILE K 46 47.56 -4.23 16.66
C ILE K 46 48.76 -3.34 16.92
N ALA K 47 48.96 -2.91 18.17
CA ALA K 47 50.13 -2.09 18.49
C ALA K 47 51.41 -2.82 18.14
N ARG K 48 51.53 -4.07 18.58
CA ARG K 48 52.74 -4.83 18.29
C ARG K 48 52.90 -5.06 16.80
N LEU K 49 51.79 -5.27 16.08
CA LEU K 49 51.87 -5.47 14.64
C LEU K 49 52.42 -4.23 13.95
N SER K 50 51.85 -3.07 14.26
CA SER K 50 52.32 -1.84 13.66
C SER K 50 53.78 -1.59 14.00
N GLU K 51 54.17 -1.92 15.23
CA GLU K 51 55.57 -1.81 15.60
C GLU K 51 56.45 -2.68 14.71
N GLN K 52 56.08 -3.95 14.56
CA GLN K 52 56.85 -4.86 13.73
C GLN K 52 56.93 -4.36 12.30
N GLU K 53 55.84 -3.81 11.79
CA GLU K 53 55.82 -3.33 10.42
C GLU K 53 56.75 -2.13 10.24
N THR K 54 56.71 -1.21 11.19
CA THR K 54 57.65 -0.10 11.18
C THR K 54 59.08 -0.61 11.19
N TYR K 55 59.36 -1.59 12.03
CA TYR K 55 60.71 -2.14 12.10
C TYR K 55 61.14 -2.72 10.77
N ASN K 56 60.26 -3.49 10.13
CA ASN K 56 60.55 -3.99 8.79
C ASN K 56 60.88 -2.85 7.85
N TRP K 57 59.98 -1.86 7.75
CA TRP K 57 60.18 -0.77 6.81
C TRP K 57 61.48 -0.02 7.07
N VAL K 58 61.87 0.13 8.34
CA VAL K 58 63.13 0.78 8.65
C VAL K 58 64.30 -0.05 8.16
N THR K 59 64.29 -1.34 8.48
CA THR K 59 65.42 -2.19 8.12
C THR K 59 65.63 -2.26 6.62
N ASP K 60 64.58 -2.06 5.83
CA ASP K 60 64.68 -2.11 4.38
C ASP K 60 64.74 -0.71 3.75
N TYR K 61 65.35 0.25 4.44
CA TYR K 61 65.49 1.57 3.90
C TYR K 61 66.87 2.18 4.04
N ALA K 62 67.70 1.67 4.96
CA ALA K 62 69.05 2.20 5.11
C ALA K 62 69.86 2.23 3.81
N PRO K 63 69.80 1.22 2.93
CA PRO K 63 70.57 1.33 1.67
C PRO K 63 70.19 2.54 0.85
N SER K 64 68.89 2.78 0.65
CA SER K 64 68.47 3.97 -0.08
C SER K 64 68.92 5.23 0.64
N HIS K 65 68.96 5.20 1.97
CA HIS K 65 69.46 6.35 2.71
C HIS K 65 70.92 6.64 2.37
N LEU K 66 71.76 5.60 2.37
CA LEU K 66 73.16 5.78 2.02
C LEU K 66 73.31 6.27 0.59
N ALA K 67 72.48 5.76 -0.32
CA ALA K 67 72.52 6.21 -1.70
C ALA K 67 72.23 7.69 -1.80
N LYS K 68 71.16 8.14 -1.14
CA LYS K 68 70.84 9.56 -1.14
C LYS K 68 71.98 10.36 -0.53
N GLU K 69 72.63 9.81 0.50
CA GLU K 69 73.77 10.50 1.10
C GLU K 69 74.87 10.74 0.07
N VAL K 70 75.30 9.68 -0.62
CA VAL K 70 76.43 9.85 -1.53
C VAL K 70 76.04 10.73 -2.71
N VAL K 71 74.79 10.65 -3.16
CA VAL K 71 74.36 11.55 -4.23
C VAL K 71 74.41 13.00 -3.75
N LYS K 72 74.04 13.23 -2.49
CA LYS K 72 74.15 14.58 -1.93
C LYS K 72 75.59 15.04 -1.93
N GLN K 73 76.52 14.16 -1.55
CA GLN K 73 77.93 14.53 -1.57
C GLN K 73 78.37 14.93 -2.97
N ILE K 74 78.01 14.11 -3.97
CA ILE K 74 78.41 14.39 -5.33
C ILE K 74 77.84 15.73 -5.79
N SER K 75 76.58 15.99 -5.48
CA SER K 75 75.99 17.27 -5.84
C SER K 75 76.74 18.43 -5.19
N GLY K 76 77.06 18.28 -3.90
CA GLY K 76 77.79 19.34 -3.22
C GLY K 76 79.13 19.62 -3.87
N LYS K 77 79.87 18.58 -4.24
CA LYS K 77 81.15 18.81 -4.88
C LYS K 77 81.01 19.31 -6.32
N TYR K 78 79.85 19.12 -6.94
CA TYR K 78 79.64 19.63 -8.30
C TYR K 78 78.57 20.72 -8.37
N ASN K 79 78.12 21.24 -7.23
CA ASN K 79 77.28 22.44 -7.18
C ASN K 79 76.00 22.28 -8.00
N ILE K 80 75.29 21.19 -7.73
CA ILE K 80 74.10 20.86 -8.51
C ILE K 80 72.85 21.31 -7.76
N PRO K 81 71.90 21.96 -8.42
CA PRO K 81 70.70 22.43 -7.71
C PRO K 81 69.85 21.29 -7.20
N GLY K 82 69.05 21.60 -6.18
CA GLY K 82 68.33 20.56 -5.45
C GLY K 82 67.55 19.60 -6.32
N ALA K 83 66.90 20.12 -7.36
CA ALA K 83 66.09 19.29 -8.24
C ALA K 83 66.89 18.10 -8.77
N TYR K 84 68.03 18.38 -9.38
CA TYR K 84 68.83 17.31 -9.93
C TYR K 84 69.45 16.46 -8.84
N GLN K 85 69.65 17.02 -7.64
CA GLN K 85 70.08 16.19 -6.53
C GLN K 85 69.06 15.09 -6.25
N GLY K 86 67.78 15.45 -6.13
CA GLY K 86 66.76 14.45 -5.94
C GLY K 86 66.68 13.47 -7.09
N LEU K 87 66.79 13.98 -8.32
CA LEU K 87 66.71 13.12 -9.49
C LEU K 87 67.82 12.07 -9.48
N LEU K 88 69.05 12.49 -9.19
CA LEU K 88 70.16 11.53 -9.16
C LEU K 88 70.05 10.60 -7.96
N MET K 89 69.49 11.08 -6.84
CA MET K 89 69.21 10.18 -5.74
C MET K 89 68.31 9.04 -6.20
N ALA K 90 67.22 9.38 -6.88
CA ALA K 90 66.31 8.36 -7.38
C ALA K 90 67.00 7.45 -8.38
N PHE K 91 67.86 8.01 -9.22
CA PHE K 91 68.59 7.19 -10.19
C PHE K 91 69.48 6.17 -9.50
N ALA K 92 70.25 6.62 -8.51
CA ALA K 92 71.12 5.70 -7.78
C ALA K 92 70.31 4.62 -7.08
N GLU K 93 69.17 5.01 -6.50
CA GLU K 93 68.29 4.01 -5.91
C GLU K 93 67.89 2.97 -6.94
N LYS K 94 67.49 3.42 -8.13
CA LYS K 94 67.07 2.49 -9.18
C LYS K 94 68.18 1.53 -9.54
N VAL K 95 69.39 2.06 -9.73
CA VAL K 95 70.48 1.21 -10.23
C VAL K 95 70.90 0.22 -9.14
N LEU K 96 70.88 0.62 -7.88
CA LEU K 96 71.24 -0.34 -6.84
C LEU K 96 70.16 -1.41 -6.70
N ALA K 97 68.88 -1.02 -6.82
CA ALA K 97 67.81 -1.98 -6.63
C ALA K 97 67.77 -2.99 -7.77
N ASN K 98 67.57 -2.51 -9.00
CA ASN K 98 67.29 -3.44 -10.10
C ASN K 98 68.53 -4.20 -10.54
N TYR K 99 69.72 -3.65 -10.31
CA TYR K 99 70.95 -4.23 -10.82
C TYR K 99 71.85 -4.77 -9.71
N ILE K 100 72.17 -3.93 -8.72
CA ILE K 100 73.17 -4.33 -7.74
C ILE K 100 72.62 -5.40 -6.82
N LEU K 101 71.38 -5.26 -6.38
CA LEU K 101 70.83 -6.18 -5.38
C LEU K 101 70.18 -7.40 -6.04
N ASP K 102 69.20 -7.19 -6.90
CA ASP K 102 68.48 -8.30 -7.51
C ASP K 102 69.00 -8.68 -8.88
N TYR K 103 69.68 -7.77 -9.58
CA TYR K 103 70.13 -7.98 -10.94
C TYR K 103 69.02 -8.56 -11.81
N LYS K 104 68.01 -7.75 -12.03
CA LYS K 104 67.13 -8.07 -13.15
C LYS K 104 67.96 -8.10 -14.42
N GLY K 105 67.47 -8.83 -15.42
CA GLY K 105 68.31 -9.14 -16.56
C GLY K 105 68.57 -7.95 -17.46
N GLU K 106 69.33 -6.98 -16.99
CA GLU K 106 69.58 -5.82 -17.84
C GLU K 106 70.97 -5.27 -17.55
N PRO K 107 71.75 -4.92 -18.56
CA PRO K 107 73.11 -4.43 -18.34
C PRO K 107 73.12 -2.99 -17.86
N LEU K 108 74.23 -2.63 -17.21
CA LEU K 108 74.35 -1.32 -16.57
C LEU K 108 74.20 -0.19 -17.57
N VAL K 109 75.03 -0.18 -18.62
CA VAL K 109 75.05 0.94 -19.54
C VAL K 109 73.70 1.10 -20.24
N GLU K 110 72.91 0.03 -20.30
CA GLU K 110 71.56 0.14 -20.82
C GLU K 110 70.73 1.10 -19.97
N ILE K 111 70.68 0.84 -18.66
CA ILE K 111 70.01 1.76 -17.75
C ILE K 111 70.65 3.13 -17.81
N HIS K 112 71.96 3.18 -17.99
CA HIS K 112 72.66 4.46 -18.11
C HIS K 112 72.08 5.29 -19.23
N HIS K 113 71.97 4.71 -20.42
CA HIS K 113 71.41 5.44 -21.57
C HIS K 113 69.93 5.71 -21.37
N ASN K 114 69.22 4.80 -20.71
CA ASN K 114 67.81 5.04 -20.40
C ASN K 114 67.66 6.32 -19.60
N PHE K 115 68.33 6.40 -18.46
CA PHE K 115 68.23 7.59 -17.62
C PHE K 115 68.84 8.80 -18.31
N LEU K 116 69.76 8.58 -19.26
CA LEU K 116 70.27 9.67 -20.07
C LEU K 116 69.15 10.31 -20.88
N TRP K 117 68.42 9.49 -21.64
CA TRP K 117 67.24 10.02 -22.34
C TRP K 117 66.25 10.61 -21.36
N GLU K 118 66.17 10.05 -20.15
CA GLU K 118 65.35 10.65 -19.11
C GLU K 118 65.79 12.09 -18.84
N LEU K 119 67.09 12.35 -18.84
CA LEU K 119 67.56 13.68 -18.49
C LEU K 119 67.72 14.62 -19.68
N MET K 120 67.53 14.15 -20.90
CA MET K 120 67.73 15.02 -22.06
C MET K 120 66.64 16.09 -22.13
N GLN K 121 66.73 16.92 -23.16
CA GLN K 121 65.73 17.96 -23.39
C GLN K 121 65.33 18.02 -24.86
N GLY K 133 72.36 18.78 -24.49
CA GLY K 133 71.28 17.96 -23.99
C GLY K 133 71.64 17.21 -22.73
N PHE K 134 72.94 17.07 -22.48
CA PHE K 134 73.43 16.39 -21.29
C PHE K 134 74.57 17.14 -20.63
N ILE K 135 74.98 18.28 -21.16
CA ILE K 135 75.98 19.13 -20.55
C ILE K 135 75.25 20.40 -20.14
N TYR K 136 74.79 20.42 -18.89
CA TYR K 136 74.03 21.55 -18.38
C TYR K 136 74.98 22.55 -17.73
N THR K 137 74.73 23.83 -17.96
CA THR K 137 75.54 24.89 -17.40
C THR K 137 74.87 25.46 -16.15
N PHE K 138 75.65 25.58 -15.09
CA PHE K 138 75.14 26.00 -13.79
C PHE K 138 75.92 27.20 -13.31
N VAL K 139 75.20 28.13 -12.68
CA VAL K 139 75.79 29.34 -12.14
C VAL K 139 75.94 29.17 -10.63
N ARG K 140 77.18 29.14 -10.16
CA ARG K 140 77.43 29.02 -8.73
C ARG K 140 77.12 30.36 -8.04
N LYS K 141 77.26 30.36 -6.71
CA LYS K 141 77.01 31.55 -5.93
C LYS K 141 78.00 32.67 -6.20
N ASP K 142 79.21 32.32 -6.65
CA ASP K 142 80.20 33.34 -7.00
C ASP K 142 79.94 33.95 -8.37
N GLY K 143 78.93 33.48 -9.09
CA GLY K 143 78.65 33.94 -10.43
C GLY K 143 79.42 33.22 -11.51
N LYS K 144 80.38 32.37 -11.15
CA LYS K 144 81.16 31.62 -12.12
C LYS K 144 80.32 30.51 -12.72
N PRO K 145 79.93 30.62 -13.99
CA PRO K 145 79.15 29.55 -14.60
C PRO K 145 80.00 28.32 -14.85
N VAL K 146 79.42 27.15 -14.59
CA VAL K 146 80.10 25.88 -14.77
C VAL K 146 79.16 24.93 -15.49
N THR K 147 79.74 24.01 -16.24
CA THR K 147 78.98 23.02 -17.01
C THR K 147 79.45 21.64 -16.61
N VAL K 148 78.52 20.68 -16.65
CA VAL K 148 78.79 19.30 -16.25
C VAL K 148 78.07 18.37 -17.22
N ASP K 149 78.75 17.30 -17.62
CA ASP K 149 78.12 16.28 -18.45
C ASP K 149 77.35 15.31 -17.56
N MET K 150 76.07 15.10 -17.90
CA MET K 150 75.25 14.19 -17.11
C MET K 150 75.85 12.78 -17.13
N SER K 151 76.07 12.24 -18.33
CA SER K 151 76.56 10.86 -18.45
C SER K 151 77.85 10.66 -17.67
N LYS K 152 78.74 11.65 -17.69
CA LYS K 152 79.98 11.53 -16.94
C LYS K 152 79.69 11.40 -15.45
N VAL K 153 78.99 12.38 -14.87
CA VAL K 153 78.70 12.31 -13.45
C VAL K 153 77.78 11.14 -13.14
N LEU K 154 76.98 10.72 -14.12
CA LEU K 154 76.25 9.47 -13.95
C LEU K 154 77.22 8.30 -13.79
N THR K 155 78.06 8.07 -14.80
CA THR K 155 79.07 7.03 -14.69
C THR K 155 79.94 7.21 -13.46
N GLU K 156 80.09 8.45 -12.98
CA GLU K 156 80.88 8.70 -11.79
C GLU K 156 80.23 8.08 -10.56
N ILE K 157 78.94 8.34 -10.35
CA ILE K 157 78.28 7.83 -9.16
C ILE K 157 78.11 6.32 -9.23
N GLU K 158 78.01 5.76 -10.44
CA GLU K 158 77.92 4.32 -10.58
C GLU K 158 79.10 3.63 -9.93
N ASP K 159 80.31 3.89 -10.45
CA ASP K 159 81.50 3.27 -9.88
C ASP K 159 81.63 3.57 -8.40
N ALA K 160 81.38 4.82 -8.00
CA ALA K 160 81.42 5.17 -6.60
C ALA K 160 80.43 4.33 -5.81
N LEU K 161 79.26 4.06 -6.39
CA LEU K 161 78.28 3.23 -5.72
C LEU K 161 78.81 1.82 -5.53
N PHE K 162 79.41 1.24 -6.58
CA PHE K 162 80.00 -0.08 -6.44
C PHE K 162 81.05 -0.10 -5.34
N LYS K 163 81.73 1.03 -5.12
CA LYS K 163 82.66 1.11 -4.00
C LYS K 163 81.93 0.96 -2.68
N LEU K 164 80.71 1.50 -2.58
CA LEU K 164 79.95 1.43 -1.33
C LEU K 164 79.64 -0.02 -0.97
N VAL K 165 78.89 -0.70 -1.84
CA VAL K 165 78.51 -2.09 -1.61
C VAL K 165 79.72 -3.02 -1.59
N LYS K 166 80.90 -2.53 -1.97
CA LYS K 166 82.11 -3.34 -2.10
C LYS K 166 81.91 -4.44 -3.14
N LYS K 167 81.33 -4.06 -4.27
CA LYS K 167 81.08 -5.00 -5.36
C LYS K 167 82.38 -5.38 -6.05
N ARG L 3 13.79 24.80 -29.53
CA ARG L 3 14.14 25.22 -28.18
C ARG L 3 15.25 26.26 -28.20
N ARG L 4 15.20 27.20 -27.27
CA ARG L 4 16.24 28.21 -27.17
C ARG L 4 17.58 27.55 -26.84
N ASN L 5 18.65 28.20 -27.28
CA ASN L 5 19.98 27.67 -27.04
C ASN L 5 20.32 27.77 -25.55
N ARG L 6 20.75 26.66 -24.98
CA ARG L 6 21.18 26.62 -23.58
C ARG L 6 22.47 25.84 -23.51
N ARG L 7 23.44 26.37 -22.77
CA ARG L 7 24.68 25.65 -22.54
C ARG L 7 24.40 24.33 -21.85
N LEU L 8 25.14 23.30 -22.25
CA LEU L 8 25.02 22.01 -21.60
C LEU L 8 25.22 22.14 -20.10
N SER L 9 24.51 21.34 -19.32
CA SER L 9 24.72 21.29 -17.88
C SER L 9 24.00 20.07 -17.33
N SER L 10 24.25 19.80 -16.05
CA SER L 10 23.55 18.72 -15.35
C SER L 10 22.04 18.85 -15.49
N ALA L 11 21.54 20.09 -15.50
CA ALA L 11 20.12 20.32 -15.69
C ALA L 11 19.63 19.63 -16.96
N SER L 12 20.45 19.69 -18.03
CA SER L 12 20.07 19.00 -19.26
C SER L 12 19.93 17.51 -19.01
N VAL L 13 20.88 16.92 -18.29
CA VAL L 13 20.83 15.50 -18.00
C VAL L 13 19.52 15.14 -17.31
N TYR L 14 19.22 15.86 -16.23
CA TYR L 14 18.02 15.52 -15.47
C TYR L 14 16.76 15.78 -16.27
N ARG L 15 16.73 16.84 -17.08
CA ARG L 15 15.58 17.10 -17.93
C ARG L 15 15.32 15.93 -18.86
N TYR L 16 16.37 15.49 -19.57
CA TYR L 16 16.21 14.36 -20.47
C TYR L 16 15.74 13.14 -19.70
N TYR L 17 16.31 12.90 -18.53
CA TYR L 17 15.90 11.79 -17.69
C TYR L 17 14.39 11.79 -17.45
N LEU L 18 13.88 12.88 -16.90
CA LEU L 18 12.47 12.91 -16.52
C LEU L 18 11.57 12.83 -17.74
N LYS L 19 11.92 13.51 -18.83
CA LYS L 19 11.03 13.49 -19.97
C LYS L 19 11.01 12.11 -20.62
N ARG L 20 12.14 11.40 -20.60
CA ARG L 20 12.11 10.02 -21.05
C ARG L 20 11.28 9.16 -20.09
N ILE L 21 11.26 9.49 -18.80
CA ILE L 21 10.38 8.78 -17.88
C ILE L 21 8.94 8.90 -18.34
N SER L 22 8.52 10.12 -18.66
CA SER L 22 7.17 10.31 -19.14
C SER L 22 6.91 9.51 -20.40
N MET L 23 7.85 9.54 -21.35
CA MET L 23 7.65 8.80 -22.59
C MET L 23 7.53 7.31 -22.34
N ASN L 24 8.34 6.77 -21.43
CA ASN L 24 8.31 5.32 -21.20
C ASN L 24 7.03 4.90 -20.48
N ILE L 25 6.62 5.65 -19.46
CA ILE L 25 5.35 5.32 -18.82
C ILE L 25 4.22 5.41 -19.81
N GLY L 26 4.33 6.31 -20.81
CA GLY L 26 3.38 6.28 -21.89
C GLY L 26 3.48 5.02 -22.73
N THR L 27 4.70 4.54 -22.94
CA THR L 27 4.91 3.40 -23.83
C THR L 27 4.35 2.12 -23.25
N THR L 28 4.74 1.79 -22.01
CA THR L 28 4.44 0.49 -21.46
C THR L 28 2.93 0.24 -21.38
N GLY L 29 2.22 1.06 -20.61
CA GLY L 29 0.78 0.94 -20.55
C GLY L 29 0.13 1.65 -21.71
N HIS L 30 0.19 1.05 -22.89
CA HIS L 30 -0.26 1.67 -24.13
C HIS L 30 -1.56 2.43 -23.97
N VAL L 31 -2.53 1.86 -23.24
CA VAL L 31 -3.74 2.55 -22.87
C VAL L 31 -3.93 2.60 -21.36
N ASN L 32 -3.64 1.50 -20.69
CA ASN L 32 -3.85 1.42 -19.26
C ASN L 32 -2.72 2.10 -18.51
N GLY L 33 -2.41 3.34 -18.89
CA GLY L 33 -1.29 4.03 -18.28
C GLY L 33 -1.46 4.21 -16.79
N LEU L 34 -2.70 4.37 -16.33
CA LEU L 34 -2.94 4.60 -14.91
C LEU L 34 -2.51 3.41 -14.06
N SER L 35 -3.01 2.22 -14.40
CA SER L 35 -2.67 1.05 -13.61
C SER L 35 -1.17 0.80 -13.59
N ILE L 36 -0.51 0.94 -14.74
CA ILE L 36 0.94 0.79 -14.78
C ILE L 36 1.59 1.85 -13.91
N ALA L 37 1.02 3.05 -13.87
CA ALA L 37 1.56 4.11 -13.03
C ALA L 37 1.41 3.77 -11.56
N GLY L 38 0.40 2.98 -11.22
CA GLY L 38 0.18 2.65 -9.82
C GLY L 38 1.14 1.62 -9.25
N ASN L 39 1.70 0.76 -10.08
CA ASN L 39 2.56 -0.31 -9.60
C ASN L 39 3.97 0.22 -9.39
N PRO L 40 4.55 0.07 -8.20
CA PRO L 40 5.92 0.57 -7.99
C PRO L 40 6.99 -0.26 -8.67
N GLU L 41 6.74 -1.54 -8.96
CA GLU L 41 7.78 -2.38 -9.56
C GLU L 41 8.08 -1.93 -10.98
N ILE L 42 7.06 -1.89 -11.83
CA ILE L 42 7.25 -1.40 -13.18
C ILE L 42 7.74 0.06 -13.14
N MET L 43 7.40 0.78 -12.07
CA MET L 43 7.93 2.13 -11.92
C MET L 43 9.45 2.10 -11.78
N ARG L 44 9.96 1.23 -10.92
CA ARG L 44 11.41 1.10 -10.79
C ARG L 44 12.03 0.68 -12.12
N ALA L 45 11.37 -0.24 -12.81
CA ALA L 45 11.86 -0.68 -14.12
C ALA L 45 12.00 0.50 -15.08
N ILE L 46 10.95 1.31 -15.18
CA ILE L 46 10.96 2.44 -16.10
C ILE L 46 12.01 3.46 -15.67
N ALA L 47 12.16 3.67 -14.36
CA ALA L 47 13.20 4.57 -13.88
C ALA L 47 14.56 4.12 -14.37
N ARG L 48 14.88 2.84 -14.16
CA ARG L 48 16.18 2.36 -14.59
C ARG L 48 16.34 2.42 -16.10
N LEU L 49 15.25 2.17 -16.84
CA LEU L 49 15.34 2.25 -18.30
C LEU L 49 15.70 3.66 -18.75
N SER L 50 14.97 4.65 -18.25
CA SER L 50 15.26 6.03 -18.62
C SER L 50 16.67 6.40 -18.20
N GLU L 51 17.11 5.92 -17.04
CA GLU L 51 18.49 6.18 -16.62
C GLU L 51 19.48 5.63 -17.63
N GLN L 52 19.26 4.40 -18.08
CA GLN L 52 20.18 3.80 -19.06
C GLN L 52 20.18 4.59 -20.35
N GLU L 53 19.01 5.04 -20.80
CA GLU L 53 18.96 5.79 -22.05
C GLU L 53 19.72 7.11 -21.93
N THR L 54 19.51 7.83 -20.83
CA THR L 54 20.27 9.06 -20.62
C THR L 54 21.75 8.78 -20.57
N TYR L 55 22.15 7.71 -19.88
CA TYR L 55 23.55 7.36 -19.80
C TYR L 55 24.15 7.15 -21.17
N ASN L 56 23.46 6.39 -22.02
CA ASN L 56 23.92 6.21 -23.39
C ASN L 56 24.06 7.56 -24.08
N TRP L 57 22.98 8.33 -24.11
CA TRP L 57 22.99 9.60 -24.85
C TRP L 57 24.12 10.50 -24.39
N VAL L 58 24.45 10.47 -23.10
CA VAL L 58 25.60 11.22 -22.62
C VAL L 58 26.88 10.65 -23.19
N THR L 59 27.04 9.32 -23.11
CA THR L 59 28.29 8.71 -23.54
C THR L 59 28.56 8.96 -25.03
N ASP L 60 27.52 9.02 -25.85
CA ASP L 60 27.68 9.19 -27.29
C ASP L 60 27.46 10.63 -27.73
N TYR L 61 27.87 11.60 -26.92
CA TYR L 61 27.78 13.00 -27.30
C TYR L 61 29.08 13.76 -27.15
N ALA L 62 30.00 13.29 -26.32
CA ALA L 62 31.27 14.01 -26.11
C ALA L 62 32.00 14.39 -27.39
N PRO L 63 32.07 13.53 -28.43
CA PRO L 63 32.77 13.98 -29.66
C PRO L 63 32.19 15.23 -30.27
N SER L 64 30.88 15.26 -30.49
CA SER L 64 30.25 16.47 -31.00
C SER L 64 30.52 17.65 -30.09
N HIS L 65 30.60 17.41 -28.78
CA HIS L 65 30.90 18.48 -27.85
C HIS L 65 32.28 19.05 -28.10
N LEU L 66 33.29 18.18 -28.26
CA LEU L 66 34.63 18.67 -28.52
C LEU L 66 34.70 19.41 -29.85
N ALA L 67 33.96 18.93 -30.84
CA ALA L 67 33.89 19.64 -32.11
C ALA L 67 33.37 21.06 -31.89
N LYS L 68 32.26 21.19 -31.17
CA LYS L 68 31.74 22.51 -30.86
C LYS L 68 32.77 23.34 -30.11
N GLU L 69 33.53 22.71 -29.22
CA GLU L 69 34.55 23.43 -28.46
C GLU L 69 35.59 24.04 -29.36
N VAL L 70 36.17 23.23 -30.24
CA VAL L 70 37.25 23.74 -31.08
C VAL L 70 36.72 24.76 -32.07
N VAL L 71 35.49 24.56 -32.56
CA VAL L 71 34.88 25.59 -33.40
C VAL L 71 34.77 26.89 -32.63
N LYS L 72 34.38 26.82 -31.36
CA LYS L 72 34.28 28.03 -30.55
C LYS L 72 35.63 28.70 -30.40
N GLN L 73 36.68 27.93 -30.15
CA GLN L 73 38.01 28.51 -30.00
C GLN L 73 38.44 29.21 -31.28
N ILE L 74 38.24 28.56 -32.43
CA ILE L 74 38.65 29.15 -33.69
C ILE L 74 37.86 30.42 -33.97
N SER L 75 36.55 30.38 -33.72
CA SER L 75 35.74 31.58 -33.94
C SER L 75 36.20 32.72 -33.05
N GLY L 76 36.47 32.43 -31.78
CA GLY L 76 37.00 33.46 -30.90
C GLY L 76 38.30 34.03 -31.42
N LYS L 77 39.14 33.18 -32.01
CA LYS L 77 40.39 33.67 -32.56
C LYS L 77 40.20 34.49 -33.83
N TYR L 78 39.10 34.28 -34.55
CA TYR L 78 38.85 35.02 -35.78
C TYR L 78 37.65 35.94 -35.71
N ASN L 79 37.02 36.06 -34.54
CA ASN L 79 36.03 37.11 -34.26
C ASN L 79 34.84 37.04 -35.23
N ILE L 80 34.04 35.97 -35.07
CA ILE L 80 32.85 35.81 -35.90
C ILE L 80 31.60 35.91 -35.03
N PRO L 81 30.52 36.52 -35.50
CA PRO L 81 29.26 36.52 -34.74
C PRO L 81 28.73 35.11 -34.53
N GLY L 82 27.91 34.98 -33.48
CA GLY L 82 27.50 33.68 -32.99
C GLY L 82 26.91 32.78 -34.05
N ALA L 83 26.16 33.38 -35.00
CA ALA L 83 25.46 32.60 -36.01
C ALA L 83 26.40 31.65 -36.73
N TYR L 84 27.46 32.20 -37.30
CA TYR L 84 28.38 31.36 -38.05
C TYR L 84 29.17 30.44 -37.14
N GLN L 85 29.34 30.81 -35.86
CA GLN L 85 29.96 29.88 -34.93
C GLN L 85 29.13 28.62 -34.78
N GLY L 86 27.82 28.77 -34.59
CA GLY L 86 26.95 27.61 -34.57
C GLY L 86 26.98 26.84 -35.87
N LEU L 87 26.98 27.55 -36.99
CA LEU L 87 27.02 26.87 -38.29
C LEU L 87 28.30 26.04 -38.44
N LEU L 88 29.42 26.55 -37.97
CA LEU L 88 30.66 25.80 -38.08
C LEU L 88 30.71 24.64 -37.10
N MET L 89 30.13 24.80 -35.91
CA MET L 89 29.94 23.64 -35.04
C MET L 89 29.19 22.55 -35.78
N ALA L 90 28.12 22.93 -36.47
CA ALA L 90 27.34 21.98 -37.26
C ALA L 90 28.21 21.30 -38.31
N PHE L 91 29.00 22.10 -39.04
CA PHE L 91 29.85 21.52 -40.07
C PHE L 91 30.85 20.54 -39.49
N ALA L 92 31.47 20.90 -38.36
CA ALA L 92 32.45 20.04 -37.73
C ALA L 92 31.82 18.71 -37.34
N GLU L 93 30.63 18.75 -36.74
CA GLU L 93 29.97 17.50 -36.39
C GLU L 93 29.66 16.69 -37.64
N LYS L 94 29.17 17.35 -38.70
CA LYS L 94 28.90 16.67 -39.96
C LYS L 94 30.12 15.90 -40.44
N VAL L 95 31.25 16.60 -40.53
CA VAL L 95 32.43 16.01 -41.16
C VAL L 95 33.02 14.91 -40.27
N LEU L 96 32.98 15.09 -38.95
CA LEU L 96 33.51 14.03 -38.10
C LEU L 96 32.61 12.79 -38.18
N ALA L 97 31.30 13.00 -38.24
CA ALA L 97 30.38 11.86 -38.24
C ALA L 97 30.46 11.10 -39.55
N ASN L 98 30.14 11.76 -40.66
CA ASN L 98 30.02 11.04 -41.92
C ASN L 98 31.36 10.55 -42.44
N TYR L 99 32.44 11.26 -42.13
CA TYR L 99 33.75 10.95 -42.69
C TYR L 99 34.69 10.32 -41.66
N ILE L 100 34.92 11.00 -40.54
CA ILE L 100 35.98 10.58 -39.63
C ILE L 100 35.64 9.26 -38.98
N LEU L 101 34.40 9.08 -38.53
CA LEU L 101 34.05 7.90 -37.76
C LEU L 101 33.60 6.74 -38.65
N ASP L 102 32.53 6.95 -39.42
CA ASP L 102 31.97 5.88 -40.23
C ASP L 102 32.51 5.85 -41.65
N TYR L 103 33.02 6.97 -42.15
CA TYR L 103 33.49 7.10 -43.52
C TYR L 103 32.48 6.52 -44.51
N LYS L 104 31.33 7.18 -44.60
CA LYS L 104 30.50 6.96 -45.76
C LYS L 104 31.30 7.36 -47.01
N GLY L 105 30.83 6.88 -48.16
CA GLY L 105 31.65 6.96 -49.35
C GLY L 105 31.78 8.34 -49.93
N GLU L 106 32.52 9.24 -49.26
CA GLU L 106 32.68 10.55 -49.86
C GLU L 106 33.99 11.17 -49.42
N PRO L 107 34.74 11.78 -50.34
CA PRO L 107 36.00 12.42 -49.97
C PRO L 107 35.77 13.72 -49.22
N LEU L 108 36.79 14.12 -48.46
CA LEU L 108 36.69 15.30 -47.62
C LEU L 108 36.39 16.55 -48.43
N VAL L 109 37.17 16.78 -49.49
CA VAL L 109 37.03 18.00 -50.29
C VAL L 109 35.64 18.10 -50.89
N GLU L 110 34.98 16.97 -51.13
CA GLU L 110 33.62 16.99 -51.64
C GLU L 110 32.67 17.62 -50.64
N ILE L 111 32.71 17.14 -49.39
CA ILE L 111 31.93 17.77 -48.33
C ILE L 111 32.32 19.23 -48.17
N HIS L 112 33.61 19.52 -48.34
CA HIS L 112 34.08 20.90 -48.22
C HIS L 112 33.37 21.81 -49.21
N HIS L 113 33.35 21.41 -50.49
CA HIS L 113 32.68 22.21 -51.49
C HIS L 113 31.18 22.25 -51.28
N ASN L 114 30.61 21.14 -50.79
CA ASN L 114 29.19 21.11 -50.47
C ASN L 114 28.85 22.19 -49.45
N PHE L 115 29.54 22.18 -48.32
CA PHE L 115 29.28 23.17 -47.28
C PHE L 115 29.65 24.57 -47.76
N LEU L 116 30.58 24.68 -48.70
CA LEU L 116 30.89 25.97 -49.28
C LEU L 116 29.69 26.54 -50.01
N TRP L 117 29.12 25.74 -50.94
CA TRP L 117 27.88 26.17 -51.59
C TRP L 117 26.79 26.43 -50.58
N GLU L 118 26.79 25.69 -49.47
CA GLU L 118 25.88 26.01 -48.38
C GLU L 118 26.11 27.43 -47.88
N LEU L 119 27.35 27.85 -47.78
CA LEU L 119 27.63 29.17 -47.23
C LEU L 119 27.65 30.29 -48.27
N MET L 120 27.53 29.98 -49.56
CA MET L 120 27.62 31.03 -50.57
C MET L 120 26.38 31.91 -50.55
N GLN L 121 26.36 32.88 -51.46
CA GLN L 121 25.22 33.79 -51.61
C GLN L 121 24.96 34.12 -53.07
N GLY L 133 31.63 35.89 -52.33
CA GLY L 133 30.57 35.26 -51.56
C GLY L 133 31.10 34.28 -50.53
N PHE L 134 32.42 34.29 -50.34
CA PHE L 134 33.07 33.40 -49.39
C PHE L 134 34.09 34.13 -48.52
N ILE L 135 34.27 35.42 -48.71
CA ILE L 135 35.14 36.23 -47.88
C ILE L 135 34.25 37.28 -47.23
N TYR L 136 33.78 36.98 -46.02
CA TYR L 136 32.84 37.84 -45.34
C TYR L 136 33.59 38.87 -44.50
N THR L 137 33.03 40.07 -44.42
CA THR L 137 33.62 41.16 -43.66
C THR L 137 32.87 41.33 -42.33
N PHE L 138 33.64 41.46 -41.25
CA PHE L 138 33.08 41.61 -39.92
C PHE L 138 33.73 42.80 -39.24
N VAL L 139 32.91 43.51 -38.46
CA VAL L 139 33.36 44.70 -37.74
C VAL L 139 33.57 44.31 -36.28
N ARG L 140 34.83 44.29 -35.85
CA ARG L 140 35.14 43.93 -34.48
C ARG L 140 34.66 45.03 -33.53
N LYS L 141 34.82 44.77 -32.23
CA LYS L 141 34.40 45.73 -31.22
C LYS L 141 35.20 47.01 -31.26
N ASP L 142 36.41 46.99 -31.81
CA ASP L 142 37.23 48.19 -31.92
C ASP L 142 36.85 49.05 -33.12
N GLY L 143 35.93 48.59 -33.96
CA GLY L 143 35.60 49.28 -35.18
C GLY L 143 36.45 48.91 -36.37
N LYS L 144 37.48 48.09 -36.18
CA LYS L 144 38.34 47.65 -37.27
C LYS L 144 37.68 46.55 -38.07
N PRO L 145 37.27 46.81 -39.30
CA PRO L 145 36.70 45.75 -40.13
C PRO L 145 37.77 44.75 -40.53
N VAL L 146 37.36 43.48 -40.60
CA VAL L 146 38.24 42.39 -41.00
C VAL L 146 37.48 41.48 -41.94
N THR L 147 38.23 40.70 -42.71
CA THR L 147 37.66 39.77 -43.67
C THR L 147 38.30 38.40 -43.47
N VAL L 148 37.51 37.36 -43.68
CA VAL L 148 37.96 35.98 -43.53
C VAL L 148 37.37 35.15 -44.67
N ASP L 149 38.18 34.25 -45.21
CA ASP L 149 37.70 33.34 -46.24
C ASP L 149 37.04 32.12 -45.60
N MET L 150 35.87 31.75 -46.11
CA MET L 150 35.18 30.58 -45.60
C MET L 150 35.99 29.31 -45.87
N SER L 151 36.31 29.06 -47.14
CA SER L 151 36.98 27.82 -47.51
C SER L 151 38.30 27.66 -46.76
N LYS L 152 38.99 28.78 -46.48
CA LYS L 152 40.24 28.70 -45.75
C LYS L 152 40.02 28.20 -44.33
N VAL L 153 39.19 28.90 -43.56
CA VAL L 153 38.95 28.49 -42.18
C VAL L 153 38.29 27.11 -42.14
N LEU L 154 37.49 26.79 -43.16
CA LEU L 154 36.94 25.44 -43.27
C LEU L 154 38.06 24.42 -43.26
N THR L 155 38.96 24.50 -44.24
CA THR L 155 40.12 23.62 -44.25
C THR L 155 40.92 23.76 -42.97
N GLU L 156 40.95 24.95 -42.38
CA GLU L 156 41.70 25.15 -41.15
C GLU L 156 41.13 24.29 -40.02
N ILE L 157 39.82 24.38 -39.80
CA ILE L 157 39.21 23.59 -38.73
C ILE L 157 39.24 22.12 -39.08
N GLU L 158 39.26 21.79 -40.37
CA GLU L 158 39.45 20.39 -40.75
C GLU L 158 40.72 19.83 -40.14
N ASP L 159 41.87 20.43 -40.45
CA ASP L 159 43.13 19.95 -39.89
C ASP L 159 43.08 19.96 -38.37
N ALA L 160 42.57 21.05 -37.79
CA ALA L 160 42.41 21.09 -36.34
C ALA L 160 41.57 19.92 -35.85
N LEU L 161 40.48 19.62 -36.56
CA LEU L 161 39.65 18.49 -36.17
C LEU L 161 40.41 17.18 -36.29
N PHE L 162 41.14 17.00 -37.40
CA PHE L 162 41.98 15.82 -37.54
C PHE L 162 43.01 15.72 -36.42
N LYS L 163 43.41 16.86 -35.86
CA LYS L 163 44.37 16.84 -34.77
C LYS L 163 43.76 16.26 -33.49
N LEU L 164 42.48 16.55 -33.25
CA LEU L 164 41.86 16.14 -31.99
C LEU L 164 41.84 14.63 -31.84
N VAL L 165 41.17 13.94 -32.76
CA VAL L 165 41.20 12.48 -32.79
C VAL L 165 42.56 11.97 -33.23
N LYS L 166 43.49 12.89 -33.53
CA LYS L 166 44.84 12.56 -33.96
C LYS L 166 44.82 11.74 -35.26
N LYS L 167 43.83 12.02 -36.11
CA LYS L 167 43.67 11.31 -37.36
C LYS L 167 44.84 11.60 -38.29
N ARG M 3 47.83 35.55 15.76
CA ARG M 3 48.06 35.68 17.19
C ARG M 3 48.91 36.91 17.49
N ARG M 4 48.71 37.48 18.67
CA ARG M 4 49.47 38.65 19.07
C ARG M 4 50.94 38.31 19.25
N ASN M 5 51.77 39.34 19.29
CA ASN M 5 53.20 39.15 19.47
C ASN M 5 53.49 38.65 20.87
N ARG M 6 54.36 37.65 20.97
CA ARG M 6 54.83 37.15 22.25
C ARG M 6 56.29 36.76 22.12
N ARG M 7 57.16 37.39 22.90
CA ARG M 7 58.57 37.03 22.87
C ARG M 7 58.74 35.56 23.22
N LEU M 8 59.61 34.88 22.46
CA LEU M 8 59.79 33.45 22.63
C LEU M 8 60.21 33.10 24.05
N SER M 9 59.54 32.13 24.64
CA SER M 9 59.93 31.60 25.94
C SER M 9 59.39 30.18 26.07
N SER M 10 59.83 29.51 27.15
CA SER M 10 59.46 28.12 27.37
C SER M 10 57.95 27.91 27.34
N ALA M 11 57.19 28.91 27.79
CA ALA M 11 55.74 28.82 27.69
C ALA M 11 55.31 28.51 26.27
N SER M 12 55.96 29.13 25.29
CA SER M 12 55.64 28.84 23.90
C SER M 12 55.95 27.38 23.57
N VAL M 13 57.07 26.87 24.06
CA VAL M 13 57.43 25.48 23.85
C VAL M 13 56.30 24.58 24.32
N TYR M 14 55.85 24.78 25.55
CA TYR M 14 54.82 23.92 26.11
C TYR M 14 53.50 24.08 25.37
N ARG M 15 53.17 25.31 24.96
CA ARG M 15 51.97 25.52 24.18
C ARG M 15 52.00 24.66 22.92
N TYR M 16 53.07 24.77 22.15
CA TYR M 16 53.21 23.96 20.95
C TYR M 16 53.11 22.48 21.27
N TYR M 17 53.75 22.06 22.36
CA TYR M 17 53.74 20.65 22.74
C TYR M 17 52.32 20.14 22.94
N LEU M 18 51.55 20.81 23.77
CA LEU M 18 50.19 20.33 24.05
C LEU M 18 49.31 20.40 22.81
N LYS M 19 49.44 21.45 22.02
CA LYS M 19 48.59 21.54 20.83
C LYS M 19 48.92 20.42 19.85
N ARG M 20 50.20 20.05 19.77
CA ARG M 20 50.55 18.92 18.92
C ARG M 20 50.01 17.61 19.49
N ILE M 21 49.95 17.50 20.82
CA ILE M 21 49.29 16.32 21.40
C ILE M 21 47.86 16.22 20.89
N SER M 22 47.13 17.32 20.93
CA SER M 22 45.76 17.31 20.46
C SER M 22 45.68 16.90 19.00
N MET M 23 46.54 17.49 18.16
CA MET M 23 46.51 17.15 16.75
C MET M 23 46.84 15.68 16.51
N ASN M 24 47.78 15.13 17.27
CA ASN M 24 48.16 13.74 17.04
C ASN M 24 47.06 12.78 17.46
N ILE M 25 46.48 13.00 18.65
CA ILE M 25 45.37 12.15 19.04
C ILE M 25 44.23 12.28 18.06
N GLY M 26 44.08 13.45 17.43
CA GLY M 26 43.13 13.55 16.34
C GLY M 26 43.53 12.72 15.14
N THR M 27 44.83 12.64 14.86
CA THR M 27 45.30 12.00 13.64
C THR M 27 45.18 10.49 13.72
N THR M 28 45.71 9.89 14.78
CA THR M 28 45.79 8.45 14.85
C THR M 28 44.42 7.79 14.79
N GLY M 29 43.58 8.04 15.77
CA GLY M 29 42.22 7.51 15.74
C GLY M 29 41.34 8.34 14.85
N HIS M 30 41.54 8.22 13.53
CA HIS M 30 40.88 9.07 12.54
C HIS M 30 39.42 9.33 12.85
N VAL M 31 38.70 8.32 13.29
CA VAL M 31 37.34 8.47 13.77
C VAL M 31 37.19 7.98 15.21
N ASN M 32 37.85 6.88 15.54
CA ASN M 32 37.71 6.28 16.85
C ASN M 32 38.62 6.98 17.86
N GLY M 33 38.51 8.30 17.94
CA GLY M 33 39.39 9.05 18.82
C GLY M 33 39.24 8.67 20.28
N LEU M 34 38.02 8.30 20.69
CA LEU M 34 37.76 8.02 22.09
C LEU M 34 38.54 6.80 22.56
N SER M 35 38.36 5.67 21.88
CA SER M 35 39.05 4.46 22.28
C SER M 35 40.56 4.65 22.29
N ILE M 36 41.10 5.32 21.27
CA ILE M 36 42.54 5.59 21.25
C ILE M 36 42.93 6.45 22.43
N ALA M 37 42.06 7.38 22.82
CA ALA M 37 42.34 8.21 23.99
C ALA M 37 42.33 7.37 25.26
N GLY M 38 41.56 6.30 25.30
CA GLY M 38 41.50 5.48 26.49
C GLY M 38 42.71 4.61 26.72
N ASN M 39 43.43 4.24 25.67
CA ASN M 39 44.56 3.33 25.82
C ASN M 39 45.77 4.11 26.30
N PRO M 40 46.43 3.69 27.37
CA PRO M 40 47.63 4.41 27.84
C PRO M 40 48.84 4.23 26.95
N GLU M 41 48.95 3.12 26.23
CA GLU M 41 50.17 2.84 25.47
C GLU M 41 50.29 3.76 24.26
N ILE M 42 49.25 3.78 23.42
CA ILE M 42 49.23 4.73 22.32
C ILE M 42 49.33 6.15 22.85
N MET M 43 48.85 6.38 24.07
CA MET M 43 49.01 7.70 24.67
C MET M 43 50.49 8.02 24.89
N ARG M 44 51.25 7.07 25.43
CA ARG M 44 52.68 7.27 25.59
C ARG M 44 53.34 7.51 24.25
N ALA M 45 52.96 6.73 23.24
CA ALA M 45 53.54 6.89 21.92
C ALA M 45 53.29 8.30 21.38
N ILE M 46 52.05 8.76 21.50
CA ILE M 46 51.70 10.09 21.01
C ILE M 46 52.47 11.16 21.78
N ALA M 47 52.60 11.00 23.09
CA ALA M 47 53.36 11.95 23.88
C ALA M 47 54.78 12.05 23.38
N ARG M 48 55.43 10.90 23.19
CA ARG M 48 56.82 10.93 22.73
C ARG M 48 56.92 11.52 21.33
N LEU M 49 55.96 11.23 20.47
CA LEU M 49 55.98 11.81 19.13
C LEU M 49 55.90 13.33 19.20
N SER M 50 54.93 13.85 19.96
CA SER M 50 54.79 15.29 20.06
C SER M 50 56.03 15.93 20.64
N GLU M 51 56.66 15.27 21.62
CA GLU M 51 57.90 15.79 22.17
C GLU M 51 58.97 15.88 21.09
N GLN M 52 59.14 14.80 20.32
CA GLN M 52 60.14 14.82 19.26
C GLN M 52 59.84 15.90 18.23
N GLU M 53 58.56 16.13 17.96
CA GLU M 53 58.18 17.14 16.97
C GLU M 53 58.55 18.54 17.48
N THR M 54 58.22 18.83 18.73
CA THR M 54 58.66 20.09 19.32
C THR M 54 60.17 20.22 19.26
N TYR M 55 60.87 19.13 19.54
CA TYR M 55 62.33 19.17 19.54
C TYR M 55 62.87 19.54 18.16
N ASN M 56 62.33 18.90 17.13
CA ASN M 56 62.69 19.27 15.76
C ASN M 56 62.43 20.74 15.52
N TRP M 57 61.21 21.19 15.79
CA TRP M 57 60.86 22.57 15.50
C TRP M 57 61.77 23.56 16.24
N VAL M 58 62.20 23.20 17.44
CA VAL M 58 63.10 24.07 18.18
C VAL M 58 64.47 24.10 17.53
N THR M 59 65.04 22.93 17.30
CA THR M 59 66.40 22.89 16.77
C THR M 59 66.53 23.59 15.43
N ASP M 60 65.44 23.68 14.68
CA ASP M 60 65.46 24.35 13.38
C ASP M 60 64.89 25.76 13.45
N TYR M 61 65.08 26.46 14.57
CA TYR M 61 64.59 27.81 14.69
C TYR M 61 65.61 28.80 15.24
N ALA M 62 66.65 28.34 15.94
CA ALA M 62 67.65 29.25 16.50
C ALA M 62 68.22 30.23 15.48
N PRO M 63 68.54 29.85 14.24
CA PRO M 63 69.02 30.87 13.29
C PRO M 63 68.06 32.02 13.10
N SER M 64 66.77 31.73 12.98
CA SER M 64 65.78 32.79 12.88
C SER M 64 65.81 33.69 14.10
N HIS M 65 65.99 33.09 15.29
CA HIS M 65 66.08 33.89 16.50
C HIS M 65 67.27 34.83 16.46
N LEU M 66 68.42 34.33 16.02
CA LEU M 66 69.60 35.18 15.94
C LEU M 66 69.40 36.30 14.94
N ALA M 67 68.77 36.01 13.81
CA ALA M 67 68.50 37.05 12.82
C ALA M 67 67.61 38.13 13.41
N LYS M 68 66.51 37.73 14.06
CA LYS M 68 65.65 38.72 14.69
C LYS M 68 66.41 39.50 15.74
N GLU M 69 67.34 38.86 16.44
CA GLU M 69 68.12 39.56 17.45
C GLU M 69 68.97 40.66 16.83
N VAL M 70 69.72 40.33 15.77
CA VAL M 70 70.60 41.33 15.20
C VAL M 70 69.78 42.45 14.55
N VAL M 71 68.62 42.11 13.98
CA VAL M 71 67.75 43.17 13.45
C VAL M 71 67.29 44.07 14.57
N LYS M 72 66.96 43.49 15.73
CA LYS M 72 66.57 44.30 16.88
C LYS M 72 67.70 45.25 17.28
N GLN M 73 68.93 44.74 17.34
CA GLN M 73 70.07 45.58 17.70
C GLN M 73 70.22 46.73 16.72
N ILE M 74 70.14 46.44 15.42
CA ILE M 74 70.33 47.48 14.42
C ILE M 74 69.22 48.52 14.52
N SER M 75 67.97 48.08 14.64
CA SER M 75 66.88 49.03 14.77
C SER M 75 67.04 49.91 16.00
N GLY M 76 67.43 49.31 17.12
CA GLY M 76 67.71 50.10 18.31
C GLY M 76 68.78 51.12 18.07
N LYS M 77 69.83 50.75 17.32
CA LYS M 77 70.87 51.71 16.99
C LYS M 77 70.36 52.79 16.05
N TYR M 78 69.29 52.54 15.30
CA TYR M 78 68.74 53.54 14.39
C TYR M 78 67.38 54.07 14.82
N ASN M 79 66.85 53.62 15.96
CA ASN M 79 65.63 54.18 16.53
C ASN M 79 64.46 54.09 15.55
N ILE M 80 64.08 52.86 15.24
CA ILE M 80 63.04 52.62 14.23
C ILE M 80 61.78 52.08 14.90
N PRO M 81 60.60 52.53 14.52
CA PRO M 81 59.37 52.03 15.14
C PRO M 81 59.16 50.55 14.87
N GLY M 82 58.42 49.91 15.79
CA GLY M 82 58.34 48.45 15.83
C GLY M 82 57.99 47.82 14.50
N ALA M 83 57.08 48.45 13.76
CA ALA M 83 56.61 47.88 12.49
C ALA M 83 57.78 47.52 11.58
N TYR M 84 58.63 48.50 11.30
CA TYR M 84 59.74 48.26 10.40
C TYR M 84 60.78 47.34 11.02
N GLN M 85 60.86 47.31 12.35
CA GLN M 85 61.73 46.33 13.00
C GLN M 85 61.30 44.91 12.65
N GLY M 86 60.00 44.63 12.79
CA GLY M 86 59.51 43.31 12.42
C GLY M 86 59.70 43.03 10.94
N LEU M 87 59.46 44.04 10.10
CA LEU M 87 59.65 43.85 8.66
C LEU M 87 61.09 43.48 8.32
N LEU M 88 62.05 44.16 8.94
CA LEU M 88 63.45 43.83 8.68
C LEU M 88 63.83 42.48 9.28
N MET M 89 63.22 42.10 10.40
CA MET M 89 63.40 40.74 10.89
C MET M 89 63.00 39.73 9.84
N ALA M 90 61.81 39.93 9.25
CA ALA M 90 61.35 39.03 8.19
C ALA M 90 62.29 39.04 7.00
N PHE M 91 62.81 40.22 6.65
CA PHE M 91 63.74 40.32 5.53
C PHE M 91 65.00 39.51 5.79
N ALA M 92 65.58 39.67 6.98
CA ALA M 92 66.76 38.90 7.34
C ALA M 92 66.48 37.41 7.29
N GLU M 93 65.30 37.00 7.79
CA GLU M 93 64.90 35.62 7.66
C GLU M 93 64.94 35.17 6.20
N LYS M 94 64.31 35.95 5.32
CA LYS M 94 64.24 35.59 3.92
C LYS M 94 65.63 35.42 3.31
N VAL M 95 66.50 36.40 3.56
CA VAL M 95 67.80 36.41 2.91
C VAL M 95 68.68 35.28 3.44
N LEU M 96 68.56 34.96 4.73
CA LEU M 96 69.37 33.84 5.22
C LEU M 96 68.83 32.53 4.69
N ALA M 97 67.50 32.41 4.58
CA ALA M 97 66.92 31.13 4.19
C ALA M 97 67.19 30.84 2.73
N ASN M 98 66.75 31.72 1.84
CA ASN M 98 66.81 31.39 0.41
C ASN M 98 68.22 31.48 -0.14
N TYR M 99 69.07 32.34 0.42
CA TYR M 99 70.39 32.59 -0.15
C TYR M 99 71.51 31.98 0.68
N ILE M 100 71.55 32.28 1.98
CA ILE M 100 72.69 31.88 2.78
C ILE M 100 72.72 30.37 2.98
N LEU M 101 71.57 29.77 3.26
CA LEU M 101 71.55 28.36 3.63
C LEU M 101 71.38 27.45 2.41
N ASP M 102 70.30 27.63 1.65
CA ASP M 102 70.03 26.76 0.52
C ASP M 102 70.52 27.31 -0.81
N TYR M 103 70.72 28.63 -0.91
CA TYR M 103 71.10 29.29 -2.14
C TYR M 103 70.22 28.84 -3.30
N LYS M 104 68.94 29.20 -3.23
CA LYS M 104 68.18 29.21 -4.46
C LYS M 104 68.84 30.18 -5.43
N GLY M 105 68.69 29.90 -6.72
CA GLY M 105 69.53 30.54 -7.71
C GLY M 105 69.24 32.00 -7.95
N GLU M 106 69.54 32.86 -6.99
CA GLU M 106 69.29 34.28 -7.23
C GLU M 106 70.33 35.12 -6.51
N PRO M 107 70.88 36.14 -7.15
CA PRO M 107 71.87 36.98 -6.48
C PRO M 107 71.25 37.83 -5.39
N LEU M 108 72.10 38.19 -4.42
CA LEU M 108 71.63 38.91 -3.25
C LEU M 108 71.01 40.25 -3.63
N VAL M 109 71.66 40.99 -4.53
CA VAL M 109 71.16 42.32 -4.91
C VAL M 109 69.79 42.23 -5.56
N GLU M 110 69.49 41.09 -6.18
CA GLU M 110 68.15 40.91 -6.75
C GLU M 110 67.09 40.94 -5.67
N ILE M 111 67.28 40.13 -4.62
CA ILE M 111 66.40 40.18 -3.47
C ILE M 111 66.40 41.56 -2.85
N HIS M 112 67.56 42.22 -2.85
CA HIS M 112 67.67 43.55 -2.28
C HIS M 112 66.72 44.51 -2.98
N HIS M 113 66.75 44.55 -4.31
CA HIS M 113 65.87 45.45 -5.04
C HIS M 113 64.42 45.00 -4.96
N ASN M 114 64.18 43.69 -4.90
CA ASN M 114 62.83 43.18 -4.67
C ASN M 114 62.25 43.77 -3.40
N PHE M 115 62.95 43.59 -2.29
CA PHE M 115 62.46 44.08 -1.01
C PHE M 115 62.46 45.61 -0.98
N LEU M 116 63.28 46.25 -1.81
CA LEU M 116 63.22 47.69 -1.93
C LEU M 116 61.88 48.12 -2.51
N TRP M 117 61.52 47.55 -3.66
CA TRP M 117 60.18 47.81 -4.22
C TRP M 117 59.11 47.45 -3.22
N GLU M 118 59.36 46.42 -2.40
CA GLU M 118 58.45 46.11 -1.30
C GLU M 118 58.31 47.30 -0.36
N LEU M 119 59.42 48.01 -0.10
CA LEU M 119 59.37 49.10 0.86
C LEU M 119 59.05 50.46 0.26
N MET M 120 58.86 50.55 -1.06
CA MET M 120 58.57 51.85 -1.66
C MET M 120 57.16 52.28 -1.33
N GLN M 121 56.77 53.44 -1.84
CA GLN M 121 55.43 53.98 -1.62
C GLN M 121 54.87 54.62 -2.89
N GLY M 133 60.88 57.89 -0.82
CA GLY M 133 60.70 56.56 -1.38
C GLY M 133 61.34 55.49 -0.53
N PHE M 134 62.61 55.71 -0.17
CA PHE M 134 63.34 54.78 0.67
C PHE M 134 64.13 55.48 1.76
N ILE M 135 63.98 56.79 1.91
CA ILE M 135 64.58 57.53 2.99
C ILE M 135 63.42 58.07 3.82
N TYR M 136 63.09 57.36 4.89
CA TYR M 136 61.97 57.72 5.74
C TYR M 136 62.44 58.60 6.88
N THR M 137 61.57 59.52 7.30
CA THR M 137 61.87 60.41 8.40
C THR M 137 61.19 59.92 9.67
N PHE M 138 61.95 59.89 10.76
CA PHE M 138 61.46 59.43 12.05
C PHE M 138 61.74 60.48 13.10
N VAL M 139 60.79 60.65 14.01
CA VAL M 139 60.89 61.63 15.07
C VAL M 139 61.24 60.91 16.37
N ARG M 140 62.47 61.08 16.83
CA ARG M 140 62.91 60.46 18.06
C ARG M 140 62.16 61.05 19.26
N LYS M 141 62.41 60.47 20.44
CA LYS M 141 61.76 60.93 21.65
C LYS M 141 62.22 62.32 22.07
N ASP M 142 63.40 62.76 21.62
CA ASP M 142 63.91 64.08 21.94
C ASP M 142 63.37 65.17 21.02
N GLY M 143 62.47 64.84 20.11
CA GLY M 143 61.97 65.79 19.14
C GLY M 143 62.82 65.96 17.91
N LYS M 144 64.04 65.41 17.91
CA LYS M 144 64.95 65.53 16.79
C LYS M 144 64.53 64.58 15.67
N PRO M 145 64.03 65.08 14.55
CA PRO M 145 63.72 64.20 13.43
C PRO M 145 65.00 63.66 12.81
N VAL M 146 64.93 62.42 12.34
CA VAL M 146 66.05 61.77 11.69
C VAL M 146 65.54 61.07 10.44
N THR M 147 66.47 60.80 9.52
CA THR M 147 66.16 60.10 8.28
C THR M 147 67.14 58.96 8.09
N VAL M 148 66.65 57.86 7.53
CA VAL M 148 67.46 56.68 7.27
C VAL M 148 67.08 56.13 5.90
N ASP M 149 68.07 55.68 5.14
CA ASP M 149 67.81 55.09 3.84
C ASP M 149 67.59 53.59 3.98
N MET M 150 66.52 53.09 3.37
CA MET M 150 66.23 51.66 3.44
C MET M 150 67.34 50.84 2.79
N SER M 151 67.67 51.14 1.53
CA SER M 151 68.66 50.35 0.81
C SER M 151 69.98 50.32 1.56
N LYS M 152 70.32 51.40 2.25
CA LYS M 152 71.56 51.42 3.03
C LYS M 152 71.51 50.40 4.16
N VAL M 153 70.50 50.52 5.03
CA VAL M 153 70.42 49.61 6.16
C VAL M 153 70.16 48.19 5.69
N LEU M 154 69.49 48.02 4.55
CA LEU M 154 69.31 46.69 3.99
C LEU M 154 70.65 46.03 3.74
N THR M 155 71.50 46.68 2.95
CA THR M 155 72.86 46.20 2.77
C THR M 155 73.59 46.10 4.10
N GLU M 156 73.34 47.03 5.00
CA GLU M 156 74.07 47.07 6.27
C GLU M 156 73.85 45.79 7.06
N ILE M 157 72.61 45.34 7.17
CA ILE M 157 72.34 44.12 7.92
C ILE M 157 72.85 42.90 7.17
N GLU M 158 72.90 42.97 5.84
CA GLU M 158 73.47 41.86 5.07
C GLU M 158 74.88 41.55 5.53
N ASP M 159 75.74 42.57 5.51
CA ASP M 159 77.12 42.37 5.98
C ASP M 159 77.14 41.88 7.41
N ALA M 160 76.33 42.50 8.27
CA ALA M 160 76.20 42.02 9.64
C ALA M 160 75.75 40.57 9.67
N LEU M 161 74.84 40.20 8.76
CA LEU M 161 74.36 38.83 8.72
C LEU M 161 75.48 37.88 8.31
N PHE M 162 76.16 38.17 7.21
CA PHE M 162 77.28 37.32 6.78
C PHE M 162 78.33 37.21 7.87
N LYS M 163 78.44 38.23 8.72
CA LYS M 163 79.36 38.14 9.85
C LYS M 163 78.95 37.05 10.82
N LEU M 164 77.64 36.89 11.03
CA LEU M 164 77.17 35.87 11.97
C LEU M 164 77.59 34.48 11.54
N VAL M 165 77.11 34.04 10.37
CA VAL M 165 77.40 32.72 9.85
C VAL M 165 78.88 32.53 9.51
N LYS M 166 79.66 33.61 9.56
CA LYS M 166 81.07 33.57 9.18
C LYS M 166 81.23 33.11 7.74
N LYS M 167 80.38 33.63 6.87
CA LYS M 167 80.41 33.29 5.45
C LYS M 167 81.64 33.88 4.78
N ARG N 3 12.76 -0.86 -37.58
CA ARG N 3 13.43 0.02 -36.63
C ARG N 3 14.84 0.35 -37.11
N ARG N 4 15.28 1.57 -36.83
CA ARG N 4 16.61 2.01 -37.21
C ARG N 4 17.67 1.18 -36.49
N ASN N 5 18.88 1.18 -37.03
CA ASN N 5 19.96 0.41 -36.44
C ASN N 5 20.30 0.97 -35.06
N ARG N 6 20.36 0.08 -34.08
CA ARG N 6 20.79 0.42 -32.75
C ARG N 6 21.67 -0.70 -32.22
N ARG N 7 22.87 -0.36 -31.78
CA ARG N 7 23.74 -1.36 -31.18
C ARG N 7 23.06 -1.98 -29.98
N LEU N 8 23.24 -3.28 -29.81
CA LEU N 8 22.70 -3.96 -28.64
C LEU N 8 23.19 -3.28 -27.37
N SER N 9 22.32 -3.21 -26.36
CA SER N 9 22.71 -2.71 -25.06
C SER N 9 21.62 -3.07 -24.05
N SER N 10 21.93 -2.85 -22.77
CA SER N 10 20.98 -3.10 -21.70
C SER N 10 19.64 -2.44 -21.98
N ALA N 11 19.67 -1.26 -22.59
CA ALA N 11 18.43 -0.58 -22.96
C ALA N 11 17.55 -1.49 -23.80
N SER N 12 18.14 -2.28 -24.68
CA SER N 12 17.35 -3.21 -25.49
C SER N 12 16.66 -4.24 -24.60
N VAL N 13 17.39 -4.77 -23.61
CA VAL N 13 16.80 -5.70 -22.66
C VAL N 13 15.56 -5.08 -22.01
N TYR N 14 15.73 -3.89 -21.45
CA TYR N 14 14.61 -3.24 -20.76
C TYR N 14 13.46 -2.97 -21.71
N ARG N 15 13.74 -2.56 -22.94
CA ARG N 15 12.68 -2.25 -23.89
C ARG N 15 11.87 -3.49 -24.21
N TYR N 16 12.56 -4.58 -24.54
CA TYR N 16 11.85 -5.83 -24.77
C TYR N 16 11.02 -6.19 -23.56
N TYR N 17 11.58 -6.03 -22.37
CA TYR N 17 10.86 -6.32 -21.14
C TYR N 17 9.54 -5.58 -21.08
N LEU N 18 9.59 -4.26 -21.21
CA LEU N 18 8.38 -3.46 -21.02
C LEU N 18 7.37 -3.71 -22.13
N LYS N 19 7.83 -3.85 -23.37
CA LYS N 19 6.88 -4.10 -24.44
C LYS N 19 6.21 -5.45 -24.26
N ARG N 20 6.94 -6.44 -23.75
CA ARG N 20 6.31 -7.71 -23.44
C ARG N 20 5.31 -7.56 -22.31
N ILE N 21 5.58 -6.67 -21.35
CA ILE N 21 4.58 -6.40 -20.32
C ILE N 21 3.29 -5.93 -20.95
N SER N 22 3.39 -4.99 -21.87
CA SER N 22 2.19 -4.49 -22.55
C SER N 22 1.47 -5.63 -23.26
N MET N 23 2.20 -6.46 -24.00
CA MET N 23 1.55 -7.55 -24.73
C MET N 23 0.90 -8.55 -23.79
N ASN N 24 1.54 -8.85 -22.66
CA ASN N 24 0.98 -9.85 -21.77
C ASN N 24 -0.28 -9.34 -21.09
N ILE N 25 -0.26 -8.10 -20.59
CA ILE N 25 -1.47 -7.56 -20.00
C ILE N 25 -2.57 -7.48 -21.05
N GLY N 26 -2.20 -7.28 -22.31
CA GLY N 26 -3.20 -7.38 -23.36
C GLY N 26 -3.74 -8.78 -23.51
N THR N 27 -2.89 -9.78 -23.33
CA THR N 27 -3.29 -11.16 -23.59
C THR N 27 -4.22 -11.68 -22.51
N THR N 28 -3.83 -11.53 -21.25
CA THR N 28 -4.56 -12.17 -20.17
C THR N 28 -5.99 -11.67 -20.08
N GLY N 29 -6.19 -10.38 -19.79
CA GLY N 29 -7.51 -9.83 -19.70
C GLY N 29 -8.08 -9.52 -21.06
N HIS N 30 -8.44 -10.56 -21.81
CA HIS N 30 -8.75 -10.47 -23.24
C HIS N 30 -9.63 -9.27 -23.59
N VAL N 31 -10.65 -8.98 -22.79
CA VAL N 31 -11.48 -7.80 -23.02
C VAL N 31 -11.51 -6.90 -21.79
N ASN N 32 -11.75 -7.47 -20.62
CA ASN N 32 -11.74 -6.71 -19.39
C ASN N 32 -10.31 -6.50 -18.89
N GLY N 33 -9.46 -5.97 -19.75
CA GLY N 33 -8.06 -5.79 -19.38
C GLY N 33 -7.88 -4.85 -18.20
N LEU N 34 -8.82 -3.93 -18.00
CA LEU N 34 -8.70 -2.95 -16.93
C LEU N 34 -8.65 -3.62 -15.56
N SER N 35 -9.63 -4.48 -15.27
CA SER N 35 -9.66 -5.13 -13.97
C SER N 35 -8.39 -5.93 -13.71
N ILE N 36 -7.91 -6.64 -14.73
CA ILE N 36 -6.65 -7.35 -14.59
C ILE N 36 -5.52 -6.38 -14.33
N ALA N 37 -5.57 -5.20 -14.95
CA ALA N 37 -4.53 -4.21 -14.72
C ALA N 37 -4.58 -3.68 -13.29
N GLY N 38 -5.76 -3.70 -12.67
CA GLY N 38 -5.87 -3.23 -11.30
C GLY N 38 -5.40 -4.22 -10.26
N ASN N 39 -5.34 -5.50 -10.61
CA ASN N 39 -5.00 -6.54 -9.65
C ASN N 39 -3.49 -6.63 -9.49
N PRO N 40 -2.95 -6.44 -8.29
CA PRO N 40 -1.49 -6.52 -8.13
C PRO N 40 -0.90 -7.92 -8.25
N GLU N 41 -1.65 -8.97 -7.89
CA GLU N 41 -1.10 -10.31 -7.95
C GLU N 41 -0.85 -10.74 -9.39
N ILE N 42 -1.89 -10.68 -10.22
CA ILE N 42 -1.70 -10.96 -11.64
C ILE N 42 -0.68 -10.01 -12.24
N MET N 43 -0.54 -8.81 -11.66
CA MET N 43 0.51 -7.91 -12.12
C MET N 43 1.89 -8.50 -11.87
N ARG N 44 2.12 -9.01 -10.67
CA ARG N 44 3.39 -9.66 -10.38
C ARG N 44 3.61 -10.85 -11.29
N ALA N 45 2.55 -11.62 -11.55
CA ALA N 45 2.66 -12.77 -12.44
C ALA N 45 3.12 -12.33 -13.83
N ILE N 46 2.48 -11.29 -14.37
CA ILE N 46 2.85 -10.79 -15.70
C ILE N 46 4.28 -10.27 -15.69
N ALA N 47 4.67 -9.59 -14.61
CA ALA N 47 6.04 -9.10 -14.52
C ALA N 47 7.03 -10.24 -14.62
N ARG N 48 6.85 -11.28 -13.81
CA ARG N 48 7.78 -12.39 -13.85
C ARG N 48 7.73 -13.10 -15.20
N LEU N 49 6.55 -13.16 -15.82
CA LEU N 49 6.45 -13.75 -17.14
C LEU N 49 7.33 -12.99 -18.14
N SER N 50 7.18 -11.68 -18.21
CA SER N 50 7.96 -10.90 -19.16
C SER N 50 9.44 -11.03 -18.85
N GLU N 51 9.79 -11.12 -17.57
CA GLU N 51 11.19 -11.32 -17.21
C GLU N 51 11.71 -12.61 -17.80
N GLN N 52 11.00 -13.72 -17.57
CA GLN N 52 11.43 -15.00 -18.12
C GLN N 52 11.52 -14.95 -19.64
N GLU N 53 10.60 -14.21 -20.26
CA GLU N 53 10.59 -14.11 -21.71
C GLU N 53 11.86 -13.43 -22.22
N THR N 54 12.21 -12.28 -21.64
CA THR N 54 13.45 -11.63 -22.01
C THR N 54 14.63 -12.53 -21.74
N TYR N 55 14.59 -13.28 -20.64
CA TYR N 55 15.69 -14.18 -20.33
C TYR N 55 15.90 -15.21 -21.43
N ASN N 56 14.82 -15.85 -21.86
CA ASN N 56 14.91 -16.77 -22.99
C ASN N 56 15.48 -16.08 -24.21
N TRP N 57 14.91 -14.94 -24.59
CA TRP N 57 15.34 -14.29 -25.82
C TRP N 57 16.81 -13.89 -25.76
N VAL N 58 17.31 -13.51 -24.59
CA VAL N 58 18.73 -13.17 -24.48
C VAL N 58 19.59 -14.42 -24.60
N THR N 59 19.25 -15.47 -23.86
CA THR N 59 20.08 -16.66 -23.91
C THR N 59 20.14 -17.26 -25.30
N ASP N 60 19.14 -17.00 -26.15
CA ASP N 60 19.11 -17.53 -27.50
C ASP N 60 19.59 -16.51 -28.53
N TYR N 61 20.49 -15.61 -28.15
CA TYR N 61 20.98 -14.62 -29.09
C TYR N 61 22.48 -14.49 -29.15
N ALA N 62 23.21 -14.92 -28.12
CA ALA N 62 24.67 -14.84 -28.14
C ALA N 62 25.31 -15.43 -29.40
N PRO N 63 24.88 -16.59 -29.92
CA PRO N 63 25.54 -17.10 -31.14
C PRO N 63 25.46 -16.16 -32.32
N SER N 64 24.26 -15.71 -32.67
CA SER N 64 24.12 -14.75 -33.75
C SER N 64 24.94 -13.50 -33.49
N HIS N 65 25.05 -13.10 -32.23
CA HIS N 65 25.86 -11.94 -31.90
C HIS N 65 27.31 -12.17 -32.24
N LEU N 66 27.86 -13.33 -31.85
CA LEU N 66 29.25 -13.61 -32.16
C LEU N 66 29.47 -13.70 -33.66
N ALA N 67 28.49 -14.24 -34.38
CA ALA N 67 28.58 -14.25 -35.84
C ALA N 67 28.70 -12.84 -36.38
N LYS N 68 27.83 -11.94 -35.92
CA LYS N 68 27.91 -10.55 -36.34
C LYS N 68 29.26 -9.96 -35.97
N GLU N 69 29.81 -10.34 -34.82
CA GLU N 69 31.12 -9.84 -34.41
C GLU N 69 32.20 -10.22 -35.40
N VAL N 70 32.27 -11.51 -35.74
CA VAL N 70 33.35 -11.94 -36.62
C VAL N 70 33.15 -11.37 -38.02
N VAL N 71 31.90 -11.20 -38.44
CA VAL N 71 31.66 -10.54 -39.72
C VAL N 71 32.16 -9.11 -39.66
N LYS N 72 31.98 -8.44 -38.53
CA LYS N 72 32.49 -7.08 -38.37
C LYS N 72 34.00 -7.06 -38.49
N GLN N 73 34.68 -8.02 -37.87
CA GLN N 73 36.13 -8.08 -37.95
C GLN N 73 36.59 -8.28 -39.40
N ILE N 74 35.95 -9.20 -40.11
CA ILE N 74 36.31 -9.46 -41.49
C ILE N 74 36.11 -8.21 -42.34
N SER N 75 34.97 -7.55 -42.18
CA SER N 75 34.72 -6.32 -42.92
C SER N 75 35.77 -5.26 -42.61
N GLY N 76 36.11 -5.11 -41.33
CA GLY N 76 37.11 -4.13 -40.95
C GLY N 76 38.44 -4.40 -41.61
N LYS N 77 38.85 -5.67 -41.68
CA LYS N 77 40.12 -5.96 -42.32
C LYS N 77 40.04 -5.86 -43.84
N TYR N 78 38.84 -5.96 -44.42
CA TYR N 78 38.70 -5.91 -45.86
C TYR N 78 38.01 -4.65 -46.37
N ASN N 79 37.74 -3.69 -45.49
CA ASN N 79 37.23 -2.38 -45.88
C ASN N 79 35.95 -2.49 -46.72
N ILE N 80 34.91 -3.02 -46.08
CA ILE N 80 33.63 -3.22 -46.76
C ILE N 80 32.64 -2.16 -46.29
N PRO N 81 31.84 -1.59 -47.19
CA PRO N 81 30.80 -0.64 -46.77
C PRO N 81 29.75 -1.31 -45.92
N GLY N 82 29.12 -0.51 -45.06
CA GLY N 82 28.26 -1.05 -44.01
C GLY N 82 27.21 -2.01 -44.52
N ALA N 83 26.56 -1.67 -45.64
CA ALA N 83 25.49 -2.49 -46.18
C ALA N 83 25.91 -3.95 -46.29
N TYR N 84 27.03 -4.18 -46.97
CA TYR N 84 27.48 -5.55 -47.17
C TYR N 84 27.93 -6.18 -45.87
N GLN N 85 28.41 -5.38 -44.91
CA GLN N 85 28.71 -5.92 -43.59
C GLN N 85 27.47 -6.53 -42.96
N GLY N 86 26.36 -5.80 -42.98
CA GLY N 86 25.12 -6.34 -42.45
C GLY N 86 24.65 -7.57 -43.20
N LEU N 87 24.78 -7.54 -44.53
CA LEU N 87 24.37 -8.68 -45.33
C LEU N 87 25.18 -9.93 -44.97
N LEU N 88 26.49 -9.77 -44.76
CA LEU N 88 27.30 -10.92 -44.39
C LEU N 88 27.01 -11.37 -42.96
N MET N 89 26.68 -10.43 -42.07
CA MET N 89 26.20 -10.83 -40.75
C MET N 89 25.00 -11.76 -40.87
N ALA N 90 24.04 -11.36 -41.70
CA ALA N 90 22.85 -12.20 -41.91
C ALA N 90 23.23 -13.55 -42.51
N PHE N 91 24.17 -13.55 -43.46
CA PHE N 91 24.58 -14.82 -44.06
C PHE N 91 25.20 -15.75 -43.02
N ALA N 92 26.11 -15.23 -42.20
CA ALA N 92 26.72 -16.05 -41.17
C ALA N 92 25.68 -16.58 -40.20
N GLU N 93 24.72 -15.74 -39.83
CA GLU N 93 23.62 -16.20 -38.99
C GLU N 93 22.90 -17.38 -39.64
N LYS N 94 22.56 -17.24 -40.91
CA LYS N 94 21.84 -18.30 -41.62
C LYS N 94 22.64 -19.59 -41.63
N VAL N 95 23.92 -19.51 -41.97
CA VAL N 95 24.70 -20.71 -42.15
C VAL N 95 24.97 -21.41 -40.82
N LEU N 96 25.11 -20.64 -39.74
CA LEU N 96 25.25 -21.31 -38.45
C LEU N 96 23.94 -21.95 -38.02
N ALA N 97 22.82 -21.26 -38.28
CA ALA N 97 21.53 -21.74 -37.80
C ALA N 97 21.12 -23.01 -38.54
N ASN N 98 20.97 -22.91 -39.87
CA ASN N 98 20.40 -24.02 -40.61
C ASN N 98 21.35 -25.21 -40.70
N TYR N 99 22.66 -24.96 -40.64
CA TYR N 99 23.63 -26.03 -40.84
C TYR N 99 24.35 -26.41 -39.55
N ILE N 100 24.98 -25.46 -38.88
CA ILE N 100 25.87 -25.81 -37.78
C ILE N 100 25.07 -26.30 -36.58
N LEU N 101 23.90 -25.70 -36.33
CA LEU N 101 23.13 -26.03 -35.14
C LEU N 101 22.16 -27.18 -35.38
N ASP N 102 21.27 -27.02 -36.36
CA ASP N 102 20.25 -28.04 -36.61
C ASP N 102 20.58 -28.96 -37.78
N TYR N 103 21.42 -28.50 -38.71
CA TYR N 103 21.73 -29.24 -39.94
C TYR N 103 20.45 -29.73 -40.62
N LYS N 104 19.68 -28.78 -41.12
CA LYS N 104 18.72 -29.17 -42.14
C LYS N 104 19.47 -29.79 -43.32
N GLY N 105 18.74 -30.55 -44.12
CA GLY N 105 19.41 -31.38 -45.11
C GLY N 105 19.99 -30.63 -46.29
N GLU N 106 21.03 -29.83 -46.07
CA GLU N 106 21.59 -29.15 -47.23
C GLU N 106 23.08 -28.97 -47.07
N PRO N 107 23.87 -29.24 -48.10
CA PRO N 107 25.32 -29.14 -48.00
C PRO N 107 25.78 -27.68 -48.02
N LEU N 108 26.98 -27.49 -47.48
CA LEU N 108 27.53 -26.14 -47.31
C LEU N 108 27.59 -25.39 -48.64
N VAL N 109 28.20 -26.01 -49.66
CA VAL N 109 28.40 -25.33 -50.93
C VAL N 109 27.07 -24.96 -51.58
N GLU N 110 26.01 -25.71 -51.25
CA GLU N 110 24.69 -25.39 -51.80
C GLU N 110 24.22 -24.03 -51.29
N ILE N 111 24.22 -23.85 -49.97
CA ILE N 111 23.90 -22.55 -49.39
C ILE N 111 24.86 -21.50 -49.92
N HIS N 112 26.13 -21.87 -50.08
CA HIS N 112 27.12 -20.92 -50.58
C HIS N 112 26.71 -20.37 -51.93
N HIS N 113 26.38 -21.25 -52.88
CA HIS N 113 26.00 -20.79 -54.21
C HIS N 113 24.66 -20.10 -54.19
N ASN N 114 23.75 -20.52 -53.32
CA ASN N 114 22.49 -19.82 -53.17
C ASN N 114 22.73 -18.36 -52.82
N PHE N 115 23.50 -18.12 -51.75
CA PHE N 115 23.77 -16.76 -51.33
C PHE N 115 24.62 -16.03 -52.36
N LEU N 116 25.40 -16.76 -53.15
CA LEU N 116 26.15 -16.14 -54.24
C LEU N 116 25.20 -15.56 -55.29
N TRP N 117 24.25 -16.39 -55.76
CA TRP N 117 23.21 -15.86 -56.64
C TRP N 117 22.47 -14.72 -55.99
N GLU N 118 22.32 -14.77 -54.67
CA GLU N 118 21.76 -13.64 -53.95
C GLU N 118 22.60 -12.39 -54.18
N LEU N 119 23.92 -12.51 -54.15
CA LEU N 119 24.76 -11.33 -54.25
C LEU N 119 25.10 -10.90 -55.67
N MET N 120 24.73 -11.68 -56.68
CA MET N 120 25.10 -11.33 -58.04
C MET N 120 24.29 -10.14 -58.54
N GLN N 121 24.52 -9.75 -59.78
CA GLN N 121 23.77 -8.68 -60.41
C GLN N 121 23.30 -9.07 -61.80
N GLY N 133 30.62 -9.79 -61.27
CA GLY N 133 29.38 -10.15 -60.62
C GLY N 133 29.57 -10.53 -59.16
N PHE N 134 30.80 -10.90 -58.81
CA PHE N 134 31.13 -11.26 -57.45
C PHE N 134 32.46 -10.68 -56.99
N ILE N 135 33.10 -9.87 -57.82
CA ILE N 135 34.33 -9.19 -57.46
C ILE N 135 34.03 -7.71 -57.48
N TYR N 136 33.68 -7.16 -56.32
CA TYR N 136 33.24 -5.78 -56.22
C TYR N 136 34.43 -4.86 -56.00
N THR N 137 34.33 -3.65 -56.53
CA THR N 137 35.37 -2.65 -56.42
C THR N 137 35.03 -1.67 -55.31
N PHE N 138 35.97 -1.47 -54.40
CA PHE N 138 35.78 -0.58 -53.28
C PHE N 138 36.95 0.38 -53.17
N VAL N 139 36.64 1.66 -53.01
CA VAL N 139 37.65 2.70 -52.95
C VAL N 139 37.80 3.11 -51.49
N ARG N 140 38.93 2.76 -50.89
CA ARG N 140 39.16 3.08 -49.49
C ARG N 140 39.30 4.58 -49.28
N LYS N 141 39.46 4.96 -48.02
CA LYS N 141 39.60 6.36 -47.66
C LYS N 141 40.87 6.99 -48.22
N ASP N 142 41.88 6.18 -48.54
CA ASP N 142 43.12 6.68 -49.12
C ASP N 142 43.00 6.96 -50.61
N GLY N 143 41.85 6.70 -51.21
CA GLY N 143 41.69 6.82 -52.64
C GLY N 143 42.11 5.60 -53.41
N LYS N 144 42.74 4.63 -52.77
CA LYS N 144 43.19 3.41 -53.42
C LYS N 144 42.02 2.45 -53.62
N PRO N 145 41.56 2.25 -54.84
CA PRO N 145 40.49 1.27 -55.07
C PRO N 145 41.00 -0.14 -54.86
N VAL N 146 40.16 -0.98 -54.27
CA VAL N 146 40.48 -2.37 -54.02
C VAL N 146 39.31 -3.22 -54.48
N THR N 147 39.59 -4.49 -54.74
CA THR N 147 38.59 -5.44 -55.17
C THR N 147 38.66 -6.68 -54.30
N VAL N 148 37.50 -7.27 -54.05
CA VAL N 148 37.39 -8.48 -53.23
C VAL N 148 36.39 -9.41 -53.89
N ASP N 149 36.66 -10.71 -53.84
CA ASP N 149 35.73 -11.69 -54.36
C ASP N 149 34.67 -12.00 -53.31
N MET N 150 33.40 -11.93 -53.71
CA MET N 150 32.32 -12.29 -52.80
C MET N 150 32.44 -13.75 -52.37
N SER N 151 32.56 -14.66 -53.33
CA SER N 151 32.58 -16.07 -53.00
C SER N 151 33.76 -16.41 -52.09
N LYS N 152 34.91 -15.78 -52.31
CA LYS N 152 36.09 -16.07 -51.50
C LYS N 152 35.84 -15.79 -50.03
N VAL N 153 35.45 -14.55 -49.71
CA VAL N 153 35.23 -14.19 -48.32
C VAL N 153 34.08 -15.01 -47.73
N LEU N 154 33.07 -15.34 -48.54
CA LEU N 154 32.02 -16.24 -48.09
C LEU N 154 32.62 -17.56 -47.62
N THR N 155 33.49 -18.15 -48.45
CA THR N 155 34.22 -19.33 -48.00
C THR N 155 35.09 -19.01 -46.80
N GLU N 156 35.65 -17.80 -46.75
CA GLU N 156 36.55 -17.44 -45.66
C GLU N 156 35.82 -17.42 -44.33
N ILE N 157 34.65 -16.80 -44.27
CA ILE N 157 33.92 -16.74 -43.01
C ILE N 157 33.38 -18.11 -42.63
N GLU N 158 33.12 -18.97 -43.63
CA GLU N 158 32.69 -20.33 -43.33
C GLU N 158 33.67 -21.01 -42.40
N ASP N 159 34.91 -21.23 -42.86
CA ASP N 159 35.93 -21.83 -42.02
C ASP N 159 36.12 -21.02 -40.73
N ALA N 160 36.12 -19.70 -40.85
CA ALA N 160 36.23 -18.87 -39.65
C ALA N 160 35.10 -19.17 -38.68
N LEU N 161 33.88 -19.31 -39.19
CA LEU N 161 32.75 -19.66 -38.33
C LEU N 161 32.98 -21.03 -37.70
N PHE N 162 33.38 -22.02 -38.50
CA PHE N 162 33.69 -23.34 -37.96
C PHE N 162 34.78 -23.27 -36.90
N LYS N 163 35.65 -22.26 -36.98
CA LYS N 163 36.65 -22.10 -35.95
C LYS N 163 36.03 -21.63 -34.64
N LEU N 164 35.03 -20.75 -34.71
CA LEU N 164 34.44 -20.19 -33.50
C LEU N 164 33.80 -21.27 -32.64
N VAL N 165 32.79 -21.96 -33.19
CA VAL N 165 32.16 -23.06 -32.49
C VAL N 165 33.09 -24.27 -32.39
N LYS N 166 34.29 -24.15 -32.96
CA LYS N 166 35.28 -25.23 -32.96
C LYS N 166 34.74 -26.45 -33.69
N LYS N 167 33.87 -26.23 -34.67
CA LYS N 167 33.25 -27.31 -35.41
C LYS N 167 34.29 -28.06 -36.24
N ARG O 3 35.65 41.98 38.67
CA ARG O 3 35.88 41.42 39.99
C ARG O 3 36.13 42.51 41.01
N ARG O 4 35.76 42.24 42.26
CA ARG O 4 35.96 43.22 43.32
C ARG O 4 37.45 43.43 43.56
N ASN O 5 37.78 44.61 44.09
CA ASN O 5 39.17 44.95 44.33
C ASN O 5 39.74 44.13 45.47
N ARG O 6 40.91 43.55 45.26
CA ARG O 6 41.63 42.83 46.31
C ARG O 6 43.11 43.09 46.14
N ARG O 7 43.75 43.60 47.19
CA ARG O 7 45.17 43.89 47.13
C ARG O 7 45.96 42.65 46.74
N LEU O 8 47.00 42.86 45.94
CA LEU O 8 47.79 41.73 45.44
C LEU O 8 48.43 40.94 46.58
N SER O 9 48.27 39.62 46.53
CA SER O 9 48.94 38.73 47.46
C SER O 9 49.04 37.35 46.83
N SER O 10 49.72 36.45 47.54
CA SER O 10 49.92 35.09 47.04
C SER O 10 48.62 34.44 46.63
N ALA O 11 47.52 34.81 47.29
CA ALA O 11 46.21 34.28 46.92
C ALA O 11 45.94 34.49 45.44
N SER O 12 46.16 35.71 44.95
CA SER O 12 45.93 35.97 43.53
C SER O 12 46.82 35.10 42.65
N VAL O 13 48.07 34.92 43.07
CA VAL O 13 48.99 34.06 42.32
C VAL O 13 48.39 32.68 42.16
N TYR O 14 48.08 32.03 43.29
CA TYR O 14 47.58 30.67 43.22
C TYR O 14 46.26 30.58 42.49
N ARG O 15 45.40 31.60 42.64
CA ARG O 15 44.14 31.60 41.93
C ARG O 15 44.37 31.57 40.43
N TYR O 16 45.21 32.48 39.94
CA TYR O 16 45.56 32.49 38.53
C TYR O 16 46.13 31.14 38.11
N TYR O 17 46.97 30.56 38.96
CA TYR O 17 47.60 29.29 38.64
C TYR O 17 46.56 28.21 38.38
N LEU O 18 45.64 28.02 39.32
CA LEU O 18 44.65 26.96 39.18
C LEU O 18 43.72 27.23 38.01
N LYS O 19 43.31 28.49 37.83
CA LYS O 19 42.38 28.76 36.73
C LYS O 19 43.06 28.52 35.39
N ARG O 20 44.35 28.82 35.28
CA ARG O 20 45.06 28.49 34.06
C ARG O 20 45.17 26.98 33.88
N ILE O 21 45.31 26.23 34.97
CA ILE O 21 45.27 24.77 34.86
C ILE O 21 43.98 24.33 34.18
N SER O 22 42.85 24.85 34.66
CA SER O 22 41.58 24.48 34.07
C SER O 22 41.53 24.86 32.60
N MET O 23 42.02 26.05 32.27
CA MET O 23 42.00 26.46 30.87
C MET O 23 42.85 25.56 29.99
N ASN O 24 44.03 25.16 30.47
CA ASN O 24 44.91 24.34 29.65
C ASN O 24 44.35 22.94 29.47
N ILE O 25 43.81 22.35 30.54
CA ILE O 25 43.20 21.03 30.37
C ILE O 25 42.02 21.13 29.42
N GLY O 26 41.33 22.26 29.40
CA GLY O 26 40.34 22.47 28.35
C GLY O 26 40.96 22.56 26.97
N THR O 27 42.14 23.16 26.88
CA THR O 27 42.74 23.43 25.57
C THR O 27 43.24 22.15 24.92
N THR O 28 44.03 21.37 25.64
CA THR O 28 44.68 20.21 25.04
C THR O 28 43.67 19.20 24.52
N GLY O 29 42.87 18.63 25.41
CA GLY O 29 41.85 17.71 24.97
C GLY O 29 40.64 18.44 24.42
N HIS O 30 40.77 19.00 23.22
CA HIS O 30 39.74 19.84 22.63
C HIS O 30 38.34 19.26 22.79
N VAL O 31 38.21 17.93 22.68
CA VAL O 31 36.97 17.25 23.00
C VAL O 31 37.18 16.15 24.02
N ASN O 32 38.24 15.37 23.87
CA ASN O 32 38.47 14.24 24.75
C ASN O 32 39.10 14.72 26.05
N GLY O 33 38.48 15.69 26.70
CA GLY O 33 39.06 16.25 27.91
C GLY O 33 39.20 15.23 29.01
N LEU O 34 38.25 14.29 29.10
CA LEU O 34 38.27 13.34 30.20
C LEU O 34 39.50 12.45 30.15
N SER O 35 39.74 11.82 29.00
CA SER O 35 40.89 10.93 28.86
C SER O 35 42.18 11.68 29.18
N ILE O 36 42.32 12.91 28.69
CA ILE O 36 43.51 13.69 29.00
C ILE O 36 43.58 13.97 30.49
N ALA O 37 42.44 14.15 31.14
CA ALA O 37 42.44 14.32 32.59
C ALA O 37 42.91 13.06 33.29
N GLY O 38 42.66 11.90 32.70
CA GLY O 38 43.05 10.66 33.33
C GLY O 38 44.53 10.36 33.28
N ASN O 39 45.25 10.91 32.30
CA ASN O 39 46.65 10.60 32.13
C ASN O 39 47.49 11.46 33.06
N PRO O 40 48.36 10.88 33.88
CA PRO O 40 49.20 11.70 34.77
C PRO O 40 50.32 12.44 34.06
N GLU O 41 50.81 11.95 32.92
CA GLU O 41 51.96 12.57 32.27
C GLU O 41 51.57 13.92 31.67
N ILE O 42 50.56 13.91 30.80
CA ILE O 42 50.05 15.17 30.27
C ILE O 42 49.58 16.06 31.42
N MET O 43 49.17 15.45 32.54
CA MET O 43 48.82 16.24 33.70
C MET O 43 50.02 17.02 34.22
N ARG O 44 51.16 16.35 34.36
CA ARG O 44 52.37 17.04 34.80
C ARG O 44 52.77 18.11 33.79
N ALA O 45 52.61 17.81 32.50
CA ALA O 45 52.93 18.78 31.47
C ALA O 45 52.09 20.04 31.63
N ILE O 46 50.77 19.87 31.79
CA ILE O 46 49.89 21.01 31.97
C ILE O 46 50.24 21.76 33.24
N ALA O 47 50.58 21.03 34.30
CA ALA O 47 50.98 21.68 35.54
C ALA O 47 52.15 22.62 35.31
N ARG O 48 53.20 22.10 34.68
CA ARG O 48 54.38 22.94 34.45
C ARG O 48 54.09 24.08 33.49
N LEU O 49 53.23 23.85 32.50
CA LEU O 49 52.87 24.93 31.59
C LEU O 49 52.20 26.07 32.33
N SER O 50 51.17 25.75 33.11
CA SER O 50 50.49 26.79 33.87
C SER O 50 51.45 27.46 34.83
N GLU O 51 52.38 26.70 35.39
CA GLU O 51 53.38 27.30 36.28
C GLU O 51 54.19 28.36 35.55
N GLN O 52 54.75 28.00 34.40
CA GLN O 52 55.54 28.95 33.63
C GLN O 52 54.71 30.15 33.23
N GLU O 53 53.43 29.93 32.92
CA GLU O 53 52.57 31.03 32.53
C GLU O 53 52.37 32.01 33.68
N THR O 54 52.07 31.49 34.87
CA THR O 54 51.97 32.35 36.05
C THR O 54 53.26 33.10 36.29
N TYR O 55 54.38 32.42 36.11
CA TYR O 55 55.68 33.06 36.32
C TYR O 55 55.87 34.23 35.36
N ASN O 56 55.56 34.02 34.09
CA ASN O 56 55.60 35.09 33.11
C ASN O 56 54.74 36.26 33.56
N TRP O 57 53.48 35.99 33.90
CA TRP O 57 52.58 37.06 34.29
C TRP O 57 53.09 37.82 35.49
N VAL O 58 53.68 37.13 36.46
CA VAL O 58 54.22 37.81 37.63
C VAL O 58 55.36 38.73 37.23
N THR O 59 56.32 38.19 36.46
CA THR O 59 57.50 38.97 36.13
C THR O 59 57.17 40.24 35.36
N ASP O 60 56.05 40.24 34.61
CA ASP O 60 55.66 41.40 33.82
C ASP O 60 54.58 42.23 34.50
N TYR O 61 54.56 42.26 35.82
CA TYR O 61 53.59 43.09 36.53
C TYR O 61 54.19 44.01 37.58
N ALA O 62 55.39 43.72 38.07
CA ALA O 62 56.03 44.59 39.05
C ALA O 62 56.08 46.05 38.65
N PRO O 63 56.36 46.43 37.39
CA PRO O 63 56.33 47.86 37.05
C PRO O 63 55.00 48.53 37.35
N SER O 64 53.90 47.91 36.93
CA SER O 64 52.59 48.47 37.23
C SER O 64 52.36 48.52 38.73
N HIS O 65 52.89 47.55 39.48
CA HIS O 65 52.78 47.59 40.92
C HIS O 65 53.47 48.83 41.48
N LEU O 66 54.67 49.13 41.01
CA LEU O 66 55.40 50.30 41.50
C LEU O 66 54.68 51.58 41.12
N ALA O 67 54.12 51.63 39.91
CA ALA O 67 53.35 52.79 39.50
C ALA O 67 52.17 53.02 40.43
N LYS O 68 51.40 51.95 40.70
CA LYS O 68 50.28 52.08 41.61
C LYS O 68 50.74 52.49 43.00
N GLU O 69 51.93 52.04 43.41
CA GLU O 69 52.48 52.44 44.69
C GLU O 69 52.69 53.95 44.74
N VAL O 70 53.40 54.49 43.75
CA VAL O 70 53.69 55.92 43.81
C VAL O 70 52.42 56.73 43.67
N VAL O 71 51.45 56.25 42.90
CA VAL O 71 50.17 56.95 42.81
C VAL O 71 49.48 56.97 44.16
N LYS O 72 49.55 55.85 44.89
CA LYS O 72 48.96 55.79 46.22
C LYS O 72 49.62 56.80 47.15
N GLN O 73 50.95 56.89 47.10
CA GLN O 73 51.65 57.85 47.95
C GLN O 73 51.24 59.28 47.62
N ILE O 74 51.20 59.60 46.33
CA ILE O 74 50.82 60.94 45.92
C ILE O 74 49.41 61.27 46.38
N SER O 75 48.48 60.33 46.17
CA SER O 75 47.11 60.56 46.61
C SER O 75 47.03 60.78 48.11
N GLY O 76 47.72 59.94 48.89
CA GLY O 76 47.71 60.11 50.33
C GLY O 76 48.22 61.48 50.74
N LYS O 77 49.29 61.94 50.09
CA LYS O 77 49.77 63.28 50.38
C LYS O 77 48.81 64.36 49.91
N TYR O 78 47.95 64.05 48.94
CA TYR O 78 47.02 65.05 48.40
C TYR O 78 45.56 64.74 48.70
N ASN O 79 45.29 63.72 49.53
CA ASN O 79 43.95 63.51 50.07
C ASN O 79 42.91 63.33 48.97
N ILE O 80 43.05 62.24 48.22
CA ILE O 80 42.20 62.02 47.05
C ILE O 80 41.27 60.84 47.30
N PRO O 81 40.03 60.90 46.84
CA PRO O 81 39.13 59.75 46.97
C PRO O 81 39.62 58.55 46.16
N GLY O 82 39.29 57.36 46.67
CA GLY O 82 39.85 56.13 46.12
C GLY O 82 39.65 55.98 44.63
N ALA O 83 38.46 56.33 44.14
CA ALA O 83 38.17 56.21 42.72
C ALA O 83 39.22 56.94 41.88
N TYR O 84 39.50 58.18 42.25
CA TYR O 84 40.49 58.95 41.49
C TYR O 84 41.89 58.39 41.70
N GLN O 85 42.15 57.78 42.85
CA GLN O 85 43.43 57.11 43.02
C GLN O 85 43.60 55.99 42.00
N GLY O 86 42.58 55.17 41.82
CA GLY O 86 42.64 54.13 40.80
C GLY O 86 42.79 54.72 39.41
N LEU O 87 42.07 55.80 39.13
CA LEU O 87 42.17 56.42 37.81
C LEU O 87 43.58 56.92 37.54
N LEU O 88 44.22 57.53 38.53
CA LEU O 88 45.58 57.99 38.34
C LEU O 88 46.57 56.84 38.25
N MET O 89 46.30 55.74 38.97
CA MET O 89 47.09 54.53 38.76
C MET O 89 47.05 54.10 37.31
N ALA O 90 45.84 54.06 36.74
CA ALA O 90 45.69 53.68 35.34
C ALA O 90 46.43 54.65 34.43
N PHE O 91 46.34 55.95 34.72
CA PHE O 91 47.06 56.93 33.91
C PHE O 91 48.57 56.69 33.95
N ALA O 92 49.11 56.50 35.14
CA ALA O 92 50.55 56.29 35.27
C ALA O 92 50.98 55.04 34.53
N GLU O 93 50.18 53.98 34.63
CA GLU O 93 50.53 52.76 33.91
C GLU O 93 50.52 53.00 32.40
N LYS O 94 49.52 53.73 31.91
CA LYS O 94 49.46 54.09 30.50
C LYS O 94 50.72 54.81 30.07
N VAL O 95 51.11 55.84 30.82
CA VAL O 95 52.21 56.70 30.38
C VAL O 95 53.53 55.95 30.47
N LEU O 96 53.68 55.04 31.44
CA LEU O 96 54.92 54.29 31.48
C LEU O 96 54.96 53.25 30.36
N ALA O 97 53.83 52.63 30.05
CA ALA O 97 53.83 51.56 29.06
C ALA O 97 54.00 52.12 27.65
N ASN O 98 53.08 52.97 27.22
CA ASN O 98 53.08 53.39 25.83
C ASN O 98 54.26 54.29 25.50
N TYR O 99 54.85 54.94 26.50
CA TYR O 99 55.89 55.94 26.27
C TYR O 99 57.24 55.53 26.86
N ILE O 100 57.27 55.25 28.16
CA ILE O 100 58.55 55.05 28.83
C ILE O 100 59.20 53.74 28.39
N LEU O 101 58.39 52.72 28.14
CA LEU O 101 58.94 51.41 27.80
C LEU O 101 59.01 51.20 26.29
N ASP O 102 57.89 51.37 25.59
CA ASP O 102 57.85 51.12 24.16
C ASP O 102 57.96 52.39 23.32
N TYR O 103 57.59 53.54 23.88
CA TYR O 103 57.59 54.82 23.16
C TYR O 103 56.91 54.68 21.80
N LYS O 104 55.60 54.45 21.85
CA LYS O 104 54.83 54.76 20.66
C LYS O 104 54.95 56.25 20.36
N GLY O 105 54.76 56.60 19.10
CA GLY O 105 55.13 57.92 18.65
C GLY O 105 54.24 59.03 19.13
N GLU O 106 54.28 59.36 20.42
CA GLU O 106 53.44 60.45 20.88
C GLU O 106 54.09 61.16 22.04
N PRO O 107 54.10 62.49 22.04
CA PRO O 107 54.74 63.24 23.13
C PRO O 107 53.91 63.22 24.40
N LEU O 108 54.59 63.52 25.51
CA LEU O 108 53.98 63.40 26.84
C LEU O 108 52.76 64.31 26.98
N VAL O 109 52.92 65.59 26.64
CA VAL O 109 51.84 66.55 26.85
C VAL O 109 50.60 66.16 26.08
N GLU O 110 50.76 65.41 24.98
CA GLU O 110 49.61 64.95 24.23
C GLU O 110 48.76 64.00 25.07
N ILE O 111 49.39 62.96 25.62
CA ILE O 111 48.68 62.07 26.52
C ILE O 111 48.13 62.84 27.71
N HIS O 112 48.89 63.82 28.20
CA HIS O 112 48.44 64.63 29.33
C HIS O 112 47.10 65.29 29.01
N HIS O 113 47.03 65.97 27.87
CA HIS O 113 45.78 66.64 27.49
C HIS O 113 44.68 65.64 27.21
N ASN O 114 45.03 64.47 26.67
CA ASN O 114 44.02 63.46 26.42
C ASN O 114 43.35 63.02 27.72
N PHE O 115 44.17 62.58 28.69
CA PHE O 115 43.62 62.15 29.96
C PHE O 115 42.94 63.31 30.67
N LEU O 116 43.40 64.54 30.42
CA LEU O 116 42.73 65.71 30.99
C LEU O 116 41.32 65.84 30.46
N TRP O 117 41.16 65.75 29.13
CA TRP O 117 39.82 65.72 28.54
C TRP O 117 39.00 64.60 29.13
N GLU O 118 39.62 63.47 29.42
CA GLU O 118 38.89 62.40 30.10
C GLU O 118 38.36 62.87 31.44
N LEU O 119 39.18 63.61 32.18
CA LEU O 119 38.82 64.01 33.54
C LEU O 119 37.92 65.24 33.61
N MET O 120 37.66 65.93 32.50
CA MET O 120 36.87 67.15 32.57
C MET O 120 35.39 66.82 32.81
N GLN O 121 34.57 67.85 32.81
CA GLN O 121 33.13 67.69 32.95
C GLN O 121 32.38 68.61 32.01
N GLY O 133 36.68 72.60 35.90
CA GLY O 133 36.51 71.23 35.46
C GLY O 133 37.77 70.40 35.63
N PHE O 134 38.81 71.03 36.17
CA PHE O 134 40.08 70.36 36.40
C PHE O 134 40.67 70.67 37.77
N ILE O 135 40.03 71.53 38.53
CA ILE O 135 40.44 71.83 39.89
C ILE O 135 39.30 71.37 40.78
N TYR O 136 39.42 70.15 41.32
CA TYR O 136 38.36 69.57 42.11
C TYR O 136 38.52 69.96 43.56
N THR O 137 37.40 70.17 44.23
CA THR O 137 37.40 70.46 45.66
C THR O 137 37.08 69.18 46.44
N PHE O 138 37.90 68.91 47.45
CA PHE O 138 37.74 67.71 48.26
C PHE O 138 37.72 68.10 49.74
N VAL O 139 36.79 67.49 50.47
CA VAL O 139 36.57 67.80 51.87
C VAL O 139 37.20 66.71 52.72
N ARG O 140 38.24 67.05 53.46
CA ARG O 140 38.91 66.08 54.30
C ARG O 140 38.05 65.75 55.52
N LYS O 141 38.45 64.70 56.23
CA LYS O 141 37.71 64.27 57.41
C LYS O 141 37.76 65.29 58.54
N ASP O 142 38.71 66.23 58.50
CA ASP O 142 38.77 67.30 59.49
C ASP O 142 37.84 68.44 59.18
N GLY O 143 37.05 68.35 58.11
CA GLY O 143 36.16 69.41 57.72
C GLY O 143 36.78 70.47 56.85
N LYS O 144 38.10 70.47 56.69
CA LYS O 144 38.79 71.47 55.89
C LYS O 144 38.71 71.12 54.42
N PRO O 145 37.98 71.89 53.61
CA PRO O 145 37.97 71.64 52.17
C PRO O 145 39.29 72.04 51.55
N VAL O 146 39.70 71.28 50.52
CA VAL O 146 40.92 71.55 49.78
C VAL O 146 40.63 71.40 48.30
N THR O 147 41.45 72.05 47.48
CA THR O 147 41.32 72.02 46.04
C THR O 147 42.64 71.64 45.42
N VAL O 148 42.60 70.87 44.33
CA VAL O 148 43.79 70.42 43.64
C VAL O 148 43.53 70.47 42.14
N ASP O 149 44.53 70.90 41.39
CA ASP O 149 44.43 70.91 39.94
C ASP O 149 44.91 69.58 39.36
N MET O 150 44.07 68.98 38.52
CA MET O 150 44.44 67.72 37.88
C MET O 150 45.69 67.87 37.02
N SER O 151 45.68 68.85 36.13
CA SER O 151 46.80 69.03 35.21
C SER O 151 48.10 69.23 35.97
N LYS O 152 48.04 69.82 37.16
CA LYS O 152 49.24 69.96 37.98
C LYS O 152 49.70 68.60 38.50
N VAL O 153 48.84 67.89 39.21
CA VAL O 153 49.24 66.63 39.81
C VAL O 153 49.56 65.59 38.75
N LEU O 154 48.87 65.64 37.61
CA LEU O 154 49.22 64.76 36.50
C LEU O 154 50.66 64.97 36.08
N THR O 155 51.02 66.20 35.73
CA THR O 155 52.39 66.51 35.40
C THR O 155 53.32 66.22 36.56
N GLU O 156 52.82 66.34 37.79
CA GLU O 156 53.67 66.08 38.96
C GLU O 156 54.11 64.63 39.01
N ILE O 157 53.15 63.71 38.88
CA ILE O 157 53.50 62.29 38.95
C ILE O 157 54.28 61.87 37.73
N GLU O 158 54.15 62.60 36.61
CA GLU O 158 55.00 62.35 35.46
C GLU O 158 56.48 62.40 35.85
N ASP O 159 56.90 63.51 36.44
CA ASP O 159 58.29 63.64 36.85
C ASP O 159 58.66 62.58 37.88
N ALA O 160 57.79 62.39 38.88
CA ALA O 160 58.05 61.38 39.89
C ALA O 160 58.22 60.00 39.27
N LEU O 161 57.50 59.73 38.18
CA LEU O 161 57.67 58.47 37.47
C LEU O 161 59.05 58.38 36.86
N PHE O 162 59.47 59.41 36.12
CA PHE O 162 60.81 59.42 35.55
C PHE O 162 61.87 59.29 36.62
N LYS O 163 61.56 59.71 37.85
CA LYS O 163 62.48 59.49 38.95
C LYS O 163 62.64 58.01 39.26
N LEU O 164 61.53 57.26 39.22
CA LEU O 164 61.59 55.83 39.52
C LEU O 164 62.45 55.09 38.51
N VAL O 165 62.06 55.13 37.24
CA VAL O 165 62.78 54.41 36.20
C VAL O 165 64.19 54.95 35.98
N LYS O 166 64.52 56.08 36.60
CA LYS O 166 65.82 56.72 36.42
C LYS O 166 66.07 57.07 34.95
N LYS O 167 65.03 57.55 34.29
CA LYS O 167 65.11 57.93 32.89
C LYS O 167 65.95 59.19 32.72
N ARG P 3 0.49 -24.56 -32.59
CA ARG P 3 1.48 -23.51 -32.36
C ARG P 3 2.85 -23.96 -32.81
N ARG P 4 3.78 -23.01 -32.92
CA ARG P 4 5.13 -23.31 -33.34
C ARG P 4 5.84 -24.13 -32.27
N ASN P 5 6.92 -24.80 -32.68
CA ASN P 5 7.70 -25.60 -31.76
C ASN P 5 8.43 -24.69 -30.77
N ARG P 6 8.24 -24.95 -29.49
CA ARG P 6 8.95 -24.25 -28.44
C ARG P 6 9.33 -25.25 -27.36
N ARG P 7 10.63 -25.36 -27.08
CA ARG P 7 11.06 -26.21 -25.98
C ARG P 7 10.41 -25.75 -24.69
N LEU P 8 10.00 -26.71 -23.87
CA LEU P 8 9.35 -26.40 -22.60
C LEU P 8 10.21 -25.44 -21.79
N SER P 9 9.57 -24.58 -21.00
CA SER P 9 10.28 -23.73 -20.06
C SER P 9 9.28 -23.11 -19.10
N SER P 10 9.82 -22.44 -18.08
CA SER P 10 8.98 -21.68 -17.15
C SER P 10 8.04 -20.75 -17.90
N ALA P 11 8.50 -20.20 -19.02
CA ALA P 11 7.63 -19.37 -19.86
C ALA P 11 6.34 -20.11 -20.19
N SER P 12 6.46 -21.39 -20.54
CA SER P 12 5.26 -22.17 -20.86
C SER P 12 4.35 -22.27 -19.64
N VAL P 13 4.93 -22.51 -18.47
CA VAL P 13 4.14 -22.60 -17.25
C VAL P 13 3.32 -21.34 -17.07
N TYR P 14 3.98 -20.19 -17.13
CA TYR P 14 3.25 -18.94 -16.89
C TYR P 14 2.25 -18.65 -17.99
N ARG P 15 2.56 -19.01 -19.23
CA ARG P 15 1.61 -18.81 -20.31
C ARG P 15 0.33 -19.58 -20.03
N TYR P 16 0.45 -20.86 -19.72
CA TYR P 16 -0.72 -21.64 -19.38
C TYR P 16 -1.46 -21.03 -18.21
N TYR P 17 -0.70 -20.58 -17.20
CA TYR P 17 -1.31 -19.98 -16.01
C TYR P 17 -2.23 -18.83 -16.39
N LEU P 18 -1.70 -17.84 -17.10
CA LEU P 18 -2.49 -16.66 -17.40
C LEU P 18 -3.65 -16.98 -18.34
N LYS P 19 -3.42 -17.85 -19.31
CA LYS P 19 -4.52 -18.16 -20.22
C LYS P 19 -5.65 -18.87 -19.49
N ARG P 20 -5.31 -19.70 -18.51
CA ARG P 20 -6.36 -20.31 -17.70
C ARG P 20 -7.06 -19.27 -16.83
N ILE P 21 -6.34 -18.24 -16.38
CA ILE P 21 -7.01 -17.15 -15.68
C ILE P 21 -8.09 -16.55 -16.56
N SER P 22 -7.75 -16.26 -17.81
CA SER P 22 -8.74 -15.68 -18.71
C SER P 22 -9.92 -16.62 -18.90
N MET P 23 -9.65 -17.91 -19.10
CA MET P 23 -10.75 -18.85 -19.28
C MET P 23 -11.64 -18.92 -18.05
N ASN P 24 -11.05 -18.86 -16.86
CA ASN P 24 -11.85 -19.00 -15.65
C ASN P 24 -12.70 -17.77 -15.41
N ILE P 25 -12.13 -16.57 -15.58
CA ILE P 25 -12.95 -15.38 -15.46
C ILE P 25 -14.05 -15.38 -16.51
N GLY P 26 -13.80 -16.00 -17.65
CA GLY P 26 -14.88 -16.22 -18.60
C GLY P 26 -15.93 -17.19 -18.08
N THR P 27 -15.49 -18.20 -17.33
CA THR P 27 -16.40 -19.24 -16.88
C THR P 27 -17.35 -18.74 -15.81
N THR P 28 -16.81 -18.10 -14.77
CA THR P 28 -17.63 -17.74 -13.62
C THR P 28 -18.76 -16.78 -14.01
N GLY P 29 -18.41 -15.57 -14.42
CA GLY P 29 -19.41 -14.60 -14.78
C GLY P 29 -19.88 -14.79 -16.22
N HIS P 30 -20.67 -15.84 -16.45
CA HIS P 30 -21.07 -16.25 -17.79
C HIS P 30 -21.51 -15.08 -18.65
N VAL P 31 -22.21 -14.11 -18.08
CA VAL P 31 -22.53 -12.87 -18.75
C VAL P 31 -21.98 -11.67 -18.00
N ASN P 32 -22.09 -11.68 -16.68
CA ASN P 32 -21.67 -10.56 -15.87
C ASN P 32 -20.17 -10.60 -15.64
N GLY P 33 -19.39 -10.77 -16.70
CA GLY P 33 -17.96 -10.92 -16.54
C GLY P 33 -17.31 -9.73 -15.86
N LEU P 34 -17.78 -8.52 -16.18
CA LEU P 34 -17.15 -7.32 -15.67
C LEU P 34 -17.29 -7.23 -14.15
N SER P 35 -18.52 -7.39 -13.65
CA SER P 35 -18.75 -7.29 -12.22
C SER P 35 -17.89 -8.29 -11.46
N ILE P 36 -17.83 -9.53 -11.95
CA ILE P 36 -16.97 -10.53 -11.32
C ILE P 36 -15.52 -10.10 -11.42
N ALA P 37 -15.15 -9.42 -12.49
CA ALA P 37 -13.78 -8.95 -12.63
C ALA P 37 -13.46 -7.87 -11.62
N GLY P 38 -14.46 -7.11 -11.18
CA GLY P 38 -14.22 -6.03 -10.25
C GLY P 38 -13.98 -6.46 -8.82
N ASN P 39 -14.46 -7.64 -8.44
CA ASN P 39 -14.32 -8.09 -7.06
C ASN P 39 -12.96 -8.74 -6.86
N PRO P 40 -12.18 -8.32 -5.88
CA PRO P 40 -10.88 -8.98 -5.64
C PRO P 40 -10.99 -10.38 -5.05
N GLU P 41 -12.09 -10.72 -4.37
CA GLU P 41 -12.17 -12.01 -3.68
C GLU P 41 -12.31 -13.16 -4.68
N ILE P 42 -13.36 -13.12 -5.50
CA ILE P 42 -13.48 -14.11 -6.55
C ILE P 42 -12.27 -14.05 -7.47
N MET P 43 -11.61 -12.89 -7.54
CA MET P 43 -10.38 -12.81 -8.30
C MET P 43 -9.30 -13.70 -7.69
N ARG P 44 -9.14 -13.64 -6.36
CA ARG P 44 -8.18 -14.52 -5.70
C ARG P 44 -8.56 -15.97 -5.88
N ALA P 45 -9.86 -16.27 -5.81
CA ALA P 45 -10.31 -17.64 -6.02
C ALA P 45 -9.92 -18.14 -7.40
N ILE P 46 -10.16 -17.32 -8.42
CA ILE P 46 -9.81 -17.70 -9.79
C ILE P 46 -8.30 -17.87 -9.93
N ALA P 47 -7.53 -16.97 -9.31
CA ALA P 47 -6.09 -17.09 -9.35
C ALA P 47 -5.65 -18.44 -8.81
N ARG P 48 -6.12 -18.78 -7.61
CA ARG P 48 -5.70 -20.05 -7.02
C ARG P 48 -6.19 -21.24 -7.83
N LEU P 49 -7.38 -21.13 -8.43
CA LEU P 49 -7.88 -22.23 -9.24
C LEU P 49 -6.96 -22.46 -10.44
N SER P 50 -6.65 -21.39 -11.17
CA SER P 50 -5.77 -21.54 -12.32
C SER P 50 -4.41 -22.07 -11.89
N GLU P 51 -3.94 -21.66 -10.72
CA GLU P 51 -2.67 -22.17 -10.23
C GLU P 51 -2.74 -23.67 -10.00
N GLN P 52 -3.79 -24.13 -9.32
CA GLN P 52 -3.95 -25.57 -9.11
C GLN P 52 -4.05 -26.31 -10.44
N GLU P 53 -4.72 -25.71 -11.41
CA GLU P 53 -4.85 -26.34 -12.72
C GLU P 53 -3.50 -26.52 -13.38
N THR P 54 -2.68 -25.45 -13.39
CA THR P 54 -1.33 -25.55 -13.92
C THR P 54 -0.54 -26.62 -13.19
N TYR P 55 -0.67 -26.67 -11.86
CA TYR P 55 0.07 -27.64 -11.08
C TYR P 55 -0.32 -29.07 -11.48
N ASN P 56 -1.62 -29.32 -11.64
CA ASN P 56 -2.07 -30.60 -12.15
C ASN P 56 -1.41 -30.92 -13.47
N TRP P 57 -1.55 -30.00 -14.44
CA TRP P 57 -1.06 -30.28 -15.79
C TRP P 57 0.45 -30.51 -15.81
N VAL P 58 1.19 -29.83 -14.94
CA VAL P 58 2.63 -30.06 -14.88
C VAL P 58 2.92 -31.44 -14.31
N THR P 59 2.28 -31.78 -13.20
CA THR P 59 2.52 -33.09 -12.59
C THR P 59 2.17 -34.22 -13.54
N ASP P 60 1.24 -33.99 -14.46
CA ASP P 60 0.79 -35.03 -15.39
C ASP P 60 1.49 -34.94 -16.74
N TYR P 61 2.72 -34.48 -16.77
CA TYR P 61 3.44 -34.34 -18.03
C TYR P 61 4.85 -34.91 -18.01
N ALA P 62 5.49 -35.00 -16.86
CA ALA P 62 6.86 -35.50 -16.78
C ALA P 62 7.07 -36.84 -17.49
N PRO P 63 6.18 -37.82 -17.40
CA PRO P 63 6.42 -39.06 -18.17
C PRO P 63 6.50 -38.83 -19.66
N SER P 64 5.57 -38.05 -20.22
CA SER P 64 5.66 -37.69 -21.62
C SER P 64 6.98 -37.02 -21.93
N HIS P 65 7.47 -36.20 -21.00
CA HIS P 65 8.72 -35.50 -21.25
C HIS P 65 9.89 -36.47 -21.29
N LEU P 66 9.92 -37.44 -20.38
CA LEU P 66 11.00 -38.43 -20.42
C LEU P 66 10.92 -39.28 -21.67
N ALA P 67 9.71 -39.59 -22.12
CA ALA P 67 9.57 -40.29 -23.39
C ALA P 67 10.20 -39.49 -24.52
N LYS P 68 9.83 -38.21 -24.62
CA LYS P 68 10.43 -37.36 -25.64
C LYS P 68 11.94 -37.30 -25.49
N GLU P 69 12.43 -37.30 -24.24
CA GLU P 69 13.86 -37.26 -23.99
C GLU P 69 14.57 -38.46 -24.60
N VAL P 70 14.09 -39.66 -24.26
CA VAL P 70 14.78 -40.86 -24.73
C VAL P 70 14.64 -40.99 -26.24
N VAL P 71 13.50 -40.59 -26.79
CA VAL P 71 13.38 -40.61 -28.25
C VAL P 71 14.41 -39.67 -28.88
N LYS P 72 14.62 -38.51 -28.26
CA LYS P 72 15.62 -37.58 -28.76
C LYS P 72 17.01 -38.21 -28.71
N GLN P 73 17.34 -38.85 -27.60
CA GLN P 73 18.66 -39.49 -27.49
C GLN P 73 18.85 -40.53 -28.57
N ILE P 74 17.84 -41.38 -28.77
CA ILE P 74 17.97 -42.44 -29.76
C ILE P 74 18.11 -41.86 -31.16
N SER P 75 17.30 -40.85 -31.49
CA SER P 75 17.38 -40.25 -32.81
C SER P 75 18.74 -39.61 -33.03
N GLY P 76 19.24 -38.87 -32.04
CA GLY P 76 20.56 -38.29 -32.15
C GLY P 76 21.62 -39.35 -32.37
N LYS P 77 21.48 -40.50 -31.71
CA LYS P 77 22.42 -41.59 -31.93
C LYS P 77 22.26 -42.21 -33.31
N TYR P 78 21.09 -42.11 -33.93
CA TYR P 78 20.86 -42.70 -35.23
C TYR P 78 20.75 -41.68 -36.35
N ASN P 79 20.99 -40.39 -36.06
CA ASN P 79 21.07 -39.36 -37.09
C ASN P 79 19.79 -39.30 -37.91
N ILE P 80 18.69 -39.00 -37.24
CA ILE P 80 17.38 -39.03 -37.89
C ILE P 80 16.83 -37.61 -38.00
N PRO P 81 16.26 -37.24 -39.14
CA PRO P 81 15.76 -35.87 -39.31
C PRO P 81 14.66 -35.52 -38.31
N GLY P 82 14.56 -34.23 -38.01
CA GLY P 82 13.71 -33.78 -36.91
C GLY P 82 12.28 -34.28 -36.99
N ALA P 83 11.70 -34.27 -38.19
CA ALA P 83 10.32 -34.69 -38.37
C ALA P 83 10.08 -36.06 -37.76
N TYR P 84 10.92 -37.02 -38.11
CA TYR P 84 10.74 -38.36 -37.60
C TYR P 84 11.08 -38.44 -36.12
N GLN P 85 11.95 -37.56 -35.63
CA GLN P 85 12.16 -37.49 -34.18
C GLN P 85 10.87 -37.17 -33.46
N GLY P 86 10.15 -36.14 -33.94
CA GLY P 86 8.86 -35.83 -33.34
C GLY P 86 7.87 -36.97 -33.49
N LEU P 87 7.86 -37.62 -34.65
CA LEU P 87 6.94 -38.73 -34.86
C LEU P 87 7.19 -39.87 -33.88
N LEU P 88 8.47 -40.19 -33.64
CA LEU P 88 8.77 -41.26 -32.71
C LEU P 88 8.51 -40.84 -31.27
N MET P 89 8.68 -39.56 -30.95
CA MET P 89 8.25 -39.06 -29.66
C MET P 89 6.77 -39.34 -29.45
N ALA P 90 5.97 -39.02 -30.47
CA ALA P 90 4.53 -39.27 -30.39
C ALA P 90 4.25 -40.77 -30.24
N PHE P 91 4.99 -41.60 -30.96
CA PHE P 91 4.82 -43.04 -30.82
C PHE P 91 5.08 -43.50 -29.40
N ALA P 92 6.19 -43.06 -28.82
CA ALA P 92 6.51 -43.44 -27.44
C ALA P 92 5.42 -42.97 -26.49
N GLU P 93 4.92 -41.75 -26.68
CA GLU P 93 3.80 -41.28 -25.88
C GLU P 93 2.62 -42.22 -25.98
N LYS P 94 2.23 -42.57 -27.20
CA LYS P 94 1.07 -43.45 -27.40
C LYS P 94 1.26 -44.78 -26.70
N VAL P 95 2.42 -45.39 -26.89
CA VAL P 95 2.62 -46.74 -26.40
C VAL P 95 2.73 -46.76 -24.88
N LEU P 96 3.32 -45.72 -24.28
CA LEU P 96 3.37 -45.70 -22.82
C LEU P 96 1.99 -45.43 -22.25
N ALA P 97 1.20 -44.59 -22.92
CA ALA P 97 -0.10 -44.23 -22.38
C ALA P 97 -1.06 -45.40 -22.45
N ASN P 98 -1.33 -45.90 -23.66
CA ASN P 98 -2.40 -46.88 -23.82
C ASN P 98 -2.04 -48.23 -23.23
N TYR P 99 -0.75 -48.54 -23.12
CA TYR P 99 -0.32 -49.86 -22.68
C TYR P 99 0.36 -49.85 -21.32
N ILE P 100 1.43 -49.08 -21.16
CA ILE P 100 2.28 -49.21 -19.99
C ILE P 100 1.56 -48.72 -18.74
N LEU P 101 0.79 -47.65 -18.87
CA LEU P 101 0.13 -47.07 -17.71
C LEU P 101 -1.27 -47.66 -17.52
N ASP P 102 -2.11 -47.60 -18.55
CA ASP P 102 -3.49 -48.01 -18.44
C ASP P 102 -3.75 -49.41 -18.96
N TYR P 103 -2.96 -49.89 -19.92
CA TYR P 103 -3.17 -51.19 -20.56
C TYR P 103 -4.63 -51.36 -20.99
N LYS P 104 -5.04 -50.59 -21.97
CA LYS P 104 -6.20 -51.02 -22.71
C LYS P 104 -5.88 -52.35 -23.41
N GLY P 105 -6.92 -53.05 -23.81
CA GLY P 105 -6.73 -54.43 -24.23
C GLY P 105 -6.04 -54.60 -25.56
N GLU P 106 -4.74 -54.30 -25.63
CA GLU P 106 -4.09 -54.48 -26.93
C GLU P 106 -2.64 -54.89 -26.73
N PRO P 107 -2.16 -55.88 -27.47
CA PRO P 107 -0.77 -56.32 -27.32
C PRO P 107 0.21 -55.38 -27.99
N LEU P 108 1.46 -55.47 -27.55
CA LEU P 108 2.51 -54.56 -28.02
C LEU P 108 2.69 -54.66 -29.52
N VAL P 109 2.94 -55.86 -30.02
CA VAL P 109 3.25 -56.05 -31.44
C VAL P 109 2.11 -55.53 -32.31
N GLU P 110 0.88 -55.52 -31.79
CA GLU P 110 -0.24 -54.97 -32.53
C GLU P 110 -0.04 -53.48 -32.78
N ILE P 111 0.21 -52.71 -31.71
CA ILE P 111 0.51 -51.30 -31.86
C ILE P 111 1.74 -51.11 -32.73
N HIS P 112 2.72 -52.02 -32.61
CA HIS P 112 3.92 -51.93 -33.41
C HIS P 112 3.59 -51.95 -34.90
N HIS P 113 2.81 -52.95 -35.33
CA HIS P 113 2.44 -53.03 -36.74
C HIS P 113 1.51 -51.89 -37.14
N ASN P 114 0.67 -51.43 -36.21
CA ASN P 114 -0.16 -50.26 -36.49
C ASN P 114 0.69 -49.07 -36.87
N PHE P 115 1.61 -48.68 -35.98
CA PHE P 115 2.48 -47.56 -36.29
C PHE P 115 3.38 -47.87 -37.47
N LEU P 116 3.62 -49.15 -37.75
CA LEU P 116 4.40 -49.51 -38.92
C LEU P 116 3.67 -49.13 -40.19
N TRP P 117 2.42 -49.57 -40.32
CA TRP P 117 1.58 -49.10 -41.43
C TRP P 117 1.46 -47.58 -41.42
N GLU P 118 1.54 -46.97 -40.24
CA GLU P 118 1.56 -45.52 -40.18
C GLU P 118 2.79 -44.97 -40.89
N LEU P 119 3.94 -45.60 -40.71
CA LEU P 119 5.17 -45.07 -41.29
C LEU P 119 5.43 -45.52 -42.73
N MET P 120 4.62 -46.41 -43.28
CA MET P 120 4.89 -46.94 -44.60
C MET P 120 4.67 -45.86 -45.66
N GLN P 121 4.90 -46.24 -46.92
CA GLN P 121 4.66 -45.35 -48.05
C GLN P 121 3.91 -46.07 -49.16
N GLY P 133 10.25 -48.71 -47.81
CA GLY P 133 8.97 -48.75 -47.14
C GLY P 133 9.11 -48.64 -45.64
N PHE P 134 10.08 -49.35 -45.09
CA PHE P 134 10.38 -49.29 -43.66
C PHE P 134 11.86 -49.18 -43.37
N ILE P 135 12.69 -49.13 -44.41
CA ILE P 135 14.12 -48.88 -44.26
C ILE P 135 14.40 -47.59 -45.01
N TYR P 136 14.50 -46.50 -44.25
CA TYR P 136 14.69 -45.18 -44.84
C TYR P 136 16.17 -44.87 -44.98
N THR P 137 16.52 -44.17 -46.04
CA THR P 137 17.90 -43.79 -46.30
C THR P 137 18.10 -42.34 -45.89
N PHE P 138 19.11 -42.09 -45.07
CA PHE P 138 19.41 -40.76 -44.57
C PHE P 138 20.86 -40.42 -44.90
N VAL P 139 21.06 -39.18 -45.36
CA VAL P 139 22.38 -38.69 -45.73
C VAL P 139 22.87 -37.77 -44.63
N ARG P 140 23.86 -38.23 -43.87
CA ARG P 140 24.36 -37.46 -42.75
C ARG P 140 25.09 -36.22 -43.23
N LYS P 141 25.54 -35.42 -42.26
CA LYS P 141 26.25 -34.18 -42.56
C LYS P 141 27.61 -34.42 -43.19
N ASP P 142 28.19 -35.60 -43.01
CA ASP P 142 29.47 -35.93 -43.62
C ASP P 142 29.33 -36.40 -45.06
N GLY P 143 28.11 -36.56 -45.55
CA GLY P 143 27.87 -37.08 -46.88
C GLY P 143 27.71 -38.58 -46.95
N LYS P 144 27.94 -39.29 -45.85
CA LYS P 144 27.79 -40.74 -45.82
C LYS P 144 26.33 -41.12 -45.69
N PRO P 145 25.71 -41.66 -46.72
CA PRO P 145 24.32 -42.10 -46.59
C PRO P 145 24.23 -43.33 -45.71
N VAL P 146 23.17 -43.37 -44.90
CA VAL P 146 22.92 -44.48 -43.99
C VAL P 146 21.47 -44.91 -44.15
N THR P 147 21.18 -46.11 -43.65
CA THR P 147 19.84 -46.67 -43.68
C THR P 147 19.48 -47.18 -42.30
N VAL P 148 18.20 -47.09 -41.97
CA VAL P 148 17.68 -47.54 -40.68
C VAL P 148 16.33 -48.19 -40.91
N ASP P 149 16.08 -49.30 -40.23
CA ASP P 149 14.79 -49.97 -40.33
C ASP P 149 13.83 -49.42 -39.28
N MET P 150 12.63 -49.06 -39.72
CA MET P 150 11.65 -48.50 -38.80
C MET P 150 11.25 -49.51 -37.75
N SER P 151 10.90 -50.73 -38.16
CA SER P 151 10.43 -51.73 -37.21
C SER P 151 11.48 -52.02 -36.15
N LYS P 152 12.76 -52.05 -36.54
CA LYS P 152 13.81 -52.33 -35.58
C LYS P 152 13.92 -51.22 -34.54
N VAL P 153 14.07 -49.98 -35.00
CA VAL P 153 14.20 -48.88 -34.06
C VAL P 153 12.94 -48.71 -33.23
N LEU P 154 11.78 -49.04 -33.80
CA LEU P 154 10.56 -49.09 -33.01
C LEU P 154 10.72 -50.06 -31.85
N THR P 155 11.10 -51.30 -32.16
CA THR P 155 11.39 -52.26 -31.10
C THR P 155 12.51 -51.79 -30.20
N GLU P 156 13.45 -51.01 -30.75
CA GLU P 156 14.57 -50.54 -29.95
C GLU P 156 14.10 -49.61 -28.84
N ILE P 157 13.27 -48.62 -29.19
CA ILE P 157 12.76 -47.73 -28.15
C ILE P 157 11.73 -48.44 -27.30
N GLU P 158 11.06 -49.45 -27.85
CA GLU P 158 10.13 -50.26 -27.04
C GLU P 158 10.82 -50.77 -25.79
N ASP P 159 11.85 -51.60 -25.95
CA ASP P 159 12.57 -52.13 -24.81
C ASP P 159 13.13 -51.01 -23.94
N ALA P 160 13.75 -50.02 -24.58
CA ALA P 160 14.33 -48.91 -23.82
C ALA P 160 13.29 -48.20 -22.99
N LEU P 161 12.09 -48.02 -23.55
CA LEU P 161 11.00 -47.43 -22.78
C LEU P 161 10.66 -48.29 -21.58
N PHE P 162 10.57 -49.61 -21.78
CA PHE P 162 10.33 -50.52 -20.66
C PHE P 162 11.41 -50.38 -19.60
N LYS P 163 12.62 -50.03 -20.01
CA LYS P 163 13.71 -49.88 -19.04
C LYS P 163 13.49 -48.66 -18.16
N LEU P 164 12.97 -47.57 -18.71
CA LEU P 164 12.81 -46.33 -17.95
C LEU P 164 11.88 -46.54 -16.76
N VAL P 165 10.63 -46.91 -17.03
CA VAL P 165 9.69 -47.27 -15.97
C VAL P 165 10.13 -48.55 -15.27
N LYS P 166 11.21 -49.18 -15.75
CA LYS P 166 11.71 -50.43 -15.19
C LYS P 166 10.67 -51.54 -15.32
N LYS P 167 9.87 -51.46 -16.39
CA LYS P 167 8.79 -52.42 -16.60
C LYS P 167 9.35 -53.81 -16.87
N ARG Q 3 -19.55 -35.24 -18.65
CA ARG Q 3 -18.18 -34.77 -18.44
C ARG Q 3 -17.19 -35.91 -18.46
N ARG Q 4 -16.01 -35.66 -19.03
CA ARG Q 4 -14.98 -36.69 -19.13
C ARG Q 4 -14.48 -37.07 -17.75
N ASN Q 5 -13.80 -38.21 -17.69
CA ASN Q 5 -13.25 -38.70 -16.43
C ASN Q 5 -12.16 -37.76 -15.93
N ARG Q 6 -12.22 -37.43 -14.65
CA ARG Q 6 -11.18 -36.66 -13.98
C ARG Q 6 -11.05 -37.17 -12.57
N ARG Q 7 -9.83 -37.52 -12.18
CA ARG Q 7 -9.60 -37.92 -10.79
C ARG Q 7 -9.96 -36.77 -9.87
N LEU Q 8 -10.65 -37.08 -8.77
CA LEU Q 8 -11.02 -36.05 -7.81
C LEU Q 8 -9.79 -35.29 -7.35
N SER Q 9 -9.92 -33.97 -7.23
CA SER Q 9 -8.83 -33.14 -6.74
C SER Q 9 -9.36 -31.77 -6.37
N SER Q 10 -8.47 -30.96 -5.77
CA SER Q 10 -8.83 -29.61 -5.36
C SER Q 10 -9.38 -28.79 -6.52
N ALA Q 11 -8.83 -28.99 -7.71
CA ALA Q 11 -9.33 -28.30 -8.88
C ALA Q 11 -10.83 -28.49 -9.01
N SER Q 12 -11.32 -29.71 -8.77
CA SER Q 12 -12.75 -29.95 -8.85
C SER Q 12 -13.51 -29.16 -7.79
N VAL Q 13 -12.94 -29.07 -6.58
CA VAL Q 13 -13.54 -28.25 -5.54
C VAL Q 13 -13.74 -26.83 -6.04
N TYR Q 14 -12.68 -26.22 -6.54
CA TYR Q 14 -12.78 -24.84 -6.99
C TYR Q 14 -13.72 -24.70 -8.17
N ARG Q 15 -13.73 -25.67 -9.08
CA ARG Q 15 -14.67 -25.62 -10.20
C ARG Q 15 -16.10 -25.55 -9.70
N TYR Q 16 -16.47 -26.49 -8.82
CA TYR Q 16 -17.80 -26.49 -8.27
C TYR Q 16 -18.09 -25.18 -7.57
N TYR Q 17 -17.11 -24.66 -6.84
CA TYR Q 17 -17.29 -23.40 -6.12
C TYR Q 17 -17.68 -22.27 -7.05
N LEU Q 18 -16.87 -22.04 -8.07
CA LEU Q 18 -17.13 -20.90 -8.96
C LEU Q 18 -18.43 -21.08 -9.74
N LYS Q 19 -18.73 -22.32 -10.15
CA LYS Q 19 -19.97 -22.50 -10.89
C LYS Q 19 -21.18 -22.28 -10.00
N ARG Q 20 -21.07 -22.63 -8.72
CA ARG Q 20 -22.13 -22.28 -7.79
C ARG Q 20 -22.23 -20.77 -7.62
N ILE Q 21 -21.10 -20.06 -7.67
CA ILE Q 21 -21.16 -18.60 -7.65
C ILE Q 21 -22.04 -18.09 -8.79
N SER Q 22 -21.78 -18.59 -10.00
CA SER Q 22 -22.57 -18.13 -11.13
C SER Q 22 -24.05 -18.46 -10.94
N MET Q 23 -24.35 -19.68 -10.48
CA MET Q 23 -25.75 -20.03 -10.29
C MET Q 23 -26.42 -19.15 -9.25
N ASN Q 24 -25.72 -18.84 -8.16
CA ASN Q 24 -26.35 -18.05 -7.11
C ASN Q 24 -26.57 -16.61 -7.55
N ILE Q 25 -25.58 -16.02 -8.22
CA ILE Q 25 -25.77 -14.66 -8.71
C ILE Q 25 -26.92 -14.62 -9.71
N GLY Q 26 -27.12 -15.70 -10.46
CA GLY Q 26 -28.33 -15.79 -11.25
C GLY Q 26 -29.57 -15.91 -10.40
N THR Q 27 -29.45 -16.58 -9.25
CA THR Q 27 -30.63 -16.89 -8.44
C THR Q 27 -31.19 -15.65 -7.77
N THR Q 28 -30.34 -14.90 -7.07
CA THR Q 28 -30.84 -13.78 -6.29
C THR Q 28 -31.50 -12.73 -7.18
N GLY Q 29 -30.73 -12.13 -8.07
CA GLY Q 29 -31.28 -11.13 -8.96
C GLY Q 29 -31.99 -11.77 -10.13
N HIS Q 30 -33.17 -12.32 -9.87
CA HIS Q 30 -33.93 -13.11 -10.83
C HIS Q 30 -33.91 -12.51 -12.23
N VAL Q 31 -34.09 -11.21 -12.34
CA VAL Q 31 -33.96 -10.51 -13.61
C VAL Q 31 -32.91 -9.41 -13.54
N ASN Q 32 -32.86 -8.68 -12.44
CA ASN Q 32 -31.92 -7.58 -12.30
C ASN Q 32 -30.55 -8.09 -11.91
N GLY Q 33 -30.01 -9.02 -12.70
CA GLY Q 33 -28.75 -9.63 -12.34
C GLY Q 33 -27.61 -8.64 -12.28
N LEU Q 34 -27.65 -7.61 -13.14
CA LEU Q 34 -26.55 -6.67 -13.21
C LEU Q 34 -26.38 -5.89 -11.92
N SER Q 35 -27.46 -5.23 -11.47
CA SER Q 35 -27.36 -4.41 -10.27
C SER Q 35 -26.93 -5.23 -9.08
N ILE Q 36 -27.45 -6.45 -8.94
CA ILE Q 36 -27.02 -7.32 -7.86
C ILE Q 36 -25.56 -7.68 -8.04
N ALA Q 37 -25.12 -7.83 -9.28
CA ALA Q 37 -23.72 -8.15 -9.53
C ALA Q 37 -22.80 -7.00 -9.14
N GLY Q 38 -23.31 -5.77 -9.18
CA GLY Q 38 -22.50 -4.62 -8.84
C GLY Q 38 -22.32 -4.38 -7.36
N ASN Q 39 -23.24 -4.86 -6.53
CA ASN Q 39 -23.24 -4.52 -5.13
C ASN Q 39 -22.33 -5.48 -4.36
N PRO Q 40 -21.30 -4.99 -3.66
CA PRO Q 40 -20.38 -5.90 -2.98
C PRO Q 40 -20.96 -6.65 -1.80
N GLU Q 41 -22.00 -6.14 -1.14
CA GLU Q 41 -22.53 -6.83 0.03
C GLU Q 41 -23.17 -8.16 -0.35
N ILE Q 42 -24.16 -8.13 -1.24
CA ILE Q 42 -24.74 -9.36 -1.73
C ILE Q 42 -23.67 -10.21 -2.41
N MET Q 43 -22.62 -9.57 -2.92
CA MET Q 43 -21.53 -10.35 -3.50
C MET Q 43 -20.87 -11.21 -2.44
N ARG Q 44 -20.54 -10.62 -1.30
CA ARG Q 44 -19.97 -11.40 -0.20
C ARG Q 44 -20.95 -12.48 0.26
N ALA Q 45 -22.23 -12.13 0.34
CA ALA Q 45 -23.22 -13.11 0.76
C ALA Q 45 -23.23 -14.32 -0.17
N ILE Q 46 -23.22 -14.07 -1.48
CA ILE Q 46 -23.23 -15.16 -2.45
C ILE Q 46 -21.93 -15.96 -2.36
N ALA Q 47 -20.81 -15.27 -2.14
CA ALA Q 47 -19.55 -15.97 -1.95
C ALA Q 47 -19.67 -16.98 -0.82
N ARG Q 48 -20.16 -16.52 0.34
CA ARG Q 48 -20.26 -17.42 1.47
C ARG Q 48 -21.29 -18.52 1.22
N LEU Q 49 -22.38 -18.20 0.52
CA LEU Q 49 -23.34 -19.23 0.16
C LEU Q 49 -22.69 -20.34 -0.64
N SER Q 50 -22.02 -19.98 -1.73
CA SER Q 50 -21.37 -20.99 -2.57
C SER Q 50 -20.35 -21.77 -1.77
N GLU Q 51 -19.62 -21.09 -0.88
CA GLU Q 51 -18.64 -21.79 -0.06
C GLU Q 51 -19.31 -22.84 0.81
N GLN Q 52 -20.38 -22.45 1.50
CA GLN Q 52 -21.09 -23.39 2.36
C GLN Q 52 -21.64 -24.56 1.56
N GLU Q 53 -22.14 -24.28 0.35
CA GLU Q 53 -22.68 -25.34 -0.47
C GLU Q 53 -21.60 -26.34 -0.86
N THR Q 54 -20.45 -25.83 -1.31
CA THR Q 54 -19.32 -26.72 -1.59
C THR Q 54 -18.94 -27.52 -0.37
N TYR Q 55 -18.96 -26.89 0.80
CA TYR Q 55 -18.59 -27.58 2.02
C TYR Q 55 -19.53 -28.74 2.30
N ASN Q 56 -20.83 -28.49 2.22
CA ASN Q 56 -21.80 -29.57 2.37
C ASN Q 56 -21.53 -30.69 1.38
N TRP Q 57 -21.35 -30.33 0.11
CA TRP Q 57 -21.17 -31.37 -0.90
C TRP Q 57 -19.92 -32.20 -0.68
N VAL Q 58 -18.84 -31.57 -0.24
CA VAL Q 58 -17.62 -32.32 0.06
C VAL Q 58 -17.84 -33.24 1.25
N THR Q 59 -18.42 -32.71 2.32
CA THR Q 59 -18.64 -33.52 3.51
C THR Q 59 -19.59 -34.68 3.23
N ASP Q 60 -20.33 -34.63 2.13
CA ASP Q 60 -21.26 -35.69 1.76
C ASP Q 60 -20.73 -36.57 0.64
N TYR Q 61 -19.42 -36.71 0.52
CA TYR Q 61 -18.86 -37.51 -0.57
C TYR Q 61 -17.88 -38.57 -0.10
N ALA Q 62 -17.30 -38.45 1.09
CA ALA Q 62 -16.31 -39.42 1.55
C ALA Q 62 -16.75 -40.88 1.47
N PRO Q 63 -17.97 -41.26 1.88
CA PRO Q 63 -18.33 -42.68 1.76
C PRO Q 63 -18.29 -43.19 0.33
N SER Q 64 -18.84 -42.42 -0.61
CA SER Q 64 -18.72 -42.78 -2.02
C SER Q 64 -17.26 -42.92 -2.41
N HIS Q 65 -16.40 -42.07 -1.87
CA HIS Q 65 -14.99 -42.13 -2.20
C HIS Q 65 -14.37 -43.44 -1.74
N LEU Q 66 -14.67 -43.82 -0.50
CA LEU Q 66 -14.12 -45.08 0.02
C LEU Q 66 -14.65 -46.27 -0.77
N ALA Q 67 -15.93 -46.24 -1.14
CA ALA Q 67 -16.47 -47.30 -1.95
C ALA Q 67 -15.72 -47.43 -3.27
N LYS Q 68 -15.54 -46.31 -3.96
CA LYS Q 68 -14.81 -46.34 -5.22
C LYS Q 68 -13.39 -46.84 -5.00
N GLU Q 69 -12.77 -46.45 -3.89
CA GLU Q 69 -11.41 -46.91 -3.60
C GLU Q 69 -11.35 -48.42 -3.47
N VAL Q 70 -12.23 -49.00 -2.66
CA VAL Q 70 -12.14 -50.44 -2.46
C VAL Q 70 -12.53 -51.19 -3.73
N VAL Q 71 -13.44 -50.64 -4.53
CA VAL Q 71 -13.73 -51.25 -5.81
C VAL Q 71 -12.49 -51.25 -6.69
N LYS Q 72 -11.74 -50.16 -6.66
CA LYS Q 72 -10.50 -50.10 -7.42
C LYS Q 72 -9.52 -51.16 -6.95
N GLN Q 73 -9.38 -51.32 -5.63
CA GLN Q 73 -8.45 -52.32 -5.10
C GLN Q 73 -8.86 -53.72 -5.55
N ILE Q 74 -10.15 -54.04 -5.44
CA ILE Q 74 -10.64 -55.35 -5.86
C ILE Q 74 -10.35 -55.58 -7.33
N SER Q 75 -10.69 -54.60 -8.18
CA SER Q 75 -10.47 -54.76 -9.61
C SER Q 75 -9.00 -54.97 -9.92
N GLY Q 76 -8.12 -54.18 -9.29
CA GLY Q 76 -6.70 -54.40 -9.47
C GLY Q 76 -6.28 -55.80 -9.07
N LYS Q 77 -6.87 -56.31 -7.99
CA LYS Q 77 -6.55 -57.67 -7.58
C LYS Q 77 -7.09 -58.72 -8.55
N TYR Q 78 -8.11 -58.37 -9.35
CA TYR Q 78 -8.66 -59.31 -10.31
C TYR Q 78 -8.48 -58.87 -11.76
N ASN Q 79 -7.74 -57.79 -12.01
CA ASN Q 79 -7.36 -57.39 -13.37
C ASN Q 79 -8.60 -57.20 -14.25
N ILE Q 80 -9.42 -56.23 -13.87
CA ILE Q 80 -10.66 -55.96 -14.59
C ILE Q 80 -10.52 -54.68 -15.39
N PRO Q 81 -11.01 -54.63 -16.63
CA PRO Q 81 -10.91 -53.38 -17.41
C PRO Q 81 -11.72 -52.26 -16.78
N GLY Q 82 -11.29 -51.03 -17.08
CA GLY Q 82 -11.83 -49.85 -16.41
C GLY Q 82 -13.34 -49.79 -16.39
N ALA Q 83 -13.96 -50.20 -17.50
CA ALA Q 83 -15.42 -50.14 -17.62
C ALA Q 83 -16.10 -50.77 -16.43
N TYR Q 84 -15.79 -52.04 -16.17
CA TYR Q 84 -16.45 -52.73 -15.08
C TYR Q 84 -15.97 -52.22 -13.73
N GLN Q 85 -14.77 -51.65 -13.66
CA GLN Q 85 -14.35 -51.00 -12.42
C GLN Q 85 -15.31 -49.89 -12.06
N GLY Q 86 -15.60 -48.99 -13.00
CA GLY Q 86 -16.55 -47.93 -12.73
C GLY Q 86 -17.95 -48.48 -12.44
N LEU Q 87 -18.35 -49.51 -13.18
CA LEU Q 87 -19.67 -50.10 -12.95
C LEU Q 87 -19.80 -50.63 -11.53
N LEU Q 88 -18.78 -51.35 -11.04
CA LEU Q 88 -18.83 -51.86 -9.69
C LEU Q 88 -18.71 -50.76 -8.66
N MET Q 89 -18.01 -49.67 -8.98
CA MET Q 89 -18.04 -48.50 -8.12
C MET Q 89 -19.48 -48.02 -7.94
N ALA Q 90 -20.21 -47.90 -9.04
CA ALA Q 90 -21.60 -47.49 -8.97
C ALA Q 90 -22.43 -48.49 -8.15
N PHE Q 91 -22.17 -49.79 -8.33
CA PHE Q 91 -22.90 -50.80 -7.57
C PHE Q 91 -22.66 -50.64 -6.08
N ALA Q 92 -21.40 -50.51 -5.67
CA ALA Q 92 -21.08 -50.32 -4.27
C ALA Q 92 -21.74 -49.06 -3.73
N GLU Q 93 -21.76 -47.99 -4.53
CA GLU Q 93 -22.48 -46.80 -4.13
C GLU Q 93 -23.93 -47.10 -3.83
N LYS Q 94 -24.60 -47.79 -4.75
CA LYS Q 94 -26.00 -48.15 -4.55
C LYS Q 94 -26.20 -48.91 -3.25
N VAL Q 95 -25.40 -49.96 -3.05
CA VAL Q 95 -25.64 -50.86 -1.94
C VAL Q 95 -25.33 -50.17 -0.61
N LEU Q 96 -24.36 -49.28 -0.58
CA LEU Q 96 -24.08 -48.58 0.66
C LEU Q 96 -25.16 -47.54 0.94
N ALA Q 97 -25.67 -46.88 -0.10
CA ALA Q 97 -26.62 -45.81 0.10
C ALA Q 97 -27.98 -46.36 0.51
N ASN Q 98 -28.58 -47.17 -0.35
CA ASN Q 98 -29.98 -47.55 -0.14
C ASN Q 98 -30.14 -48.53 1.02
N TYR Q 99 -29.09 -49.27 1.37
CA TYR Q 99 -29.19 -50.35 2.34
C TYR Q 99 -28.41 -50.07 3.61
N ILE Q 100 -27.12 -49.76 3.49
CA ILE Q 100 -26.28 -49.67 4.67
C ILE Q 100 -26.61 -48.44 5.48
N LEU Q 101 -26.88 -47.31 4.81
CA LEU Q 101 -27.07 -46.05 5.52
C LEU Q 101 -28.55 -45.80 5.83
N ASP Q 102 -29.39 -45.76 4.80
CA ASP Q 102 -30.79 -45.45 5.00
C ASP Q 102 -31.66 -46.68 5.20
N TYR Q 103 -31.23 -47.83 4.68
CA TYR Q 103 -32.00 -49.07 4.71
C TYR Q 103 -33.44 -48.83 4.25
N LYS Q 104 -33.57 -48.51 2.97
CA LYS Q 104 -34.86 -48.74 2.35
C LYS Q 104 -35.19 -50.23 2.46
N GLY Q 105 -36.48 -50.53 2.50
CA GLY Q 105 -36.88 -51.86 2.92
C GLY Q 105 -36.63 -52.93 1.88
N GLU Q 106 -35.37 -53.27 1.64
CA GLU Q 106 -35.12 -54.32 0.65
C GLU Q 106 -33.93 -55.14 1.09
N PRO Q 107 -34.00 -56.47 1.00
CA PRO Q 107 -32.89 -57.31 1.43
C PRO Q 107 -31.72 -57.25 0.46
N LEU Q 108 -30.54 -57.59 0.98
CA LEU Q 108 -29.31 -57.45 0.23
C LEU Q 108 -29.32 -58.31 -1.03
N VAL Q 109 -29.63 -59.60 -0.88
CA VAL Q 109 -29.57 -60.52 -2.02
C VAL Q 109 -30.51 -60.07 -3.12
N GLU Q 110 -31.56 -59.35 -2.77
CA GLU Q 110 -32.47 -58.82 -3.80
C GLU Q 110 -31.73 -57.85 -4.71
N ILE Q 111 -31.08 -56.85 -4.12
CA ILE Q 111 -30.28 -55.92 -4.90
C ILE Q 111 -29.18 -56.67 -5.64
N HIS Q 112 -28.63 -57.71 -5.01
CA HIS Q 112 -27.58 -58.48 -5.67
C HIS Q 112 -28.09 -59.08 -6.97
N HIS Q 113 -29.23 -59.77 -6.93
CA HIS Q 113 -29.78 -60.37 -8.13
C HIS Q 113 -30.22 -59.31 -9.13
N ASN Q 114 -30.68 -58.16 -8.63
CA ASN Q 114 -31.02 -57.06 -9.52
C ASN Q 114 -29.81 -56.65 -10.35
N PHE Q 115 -28.72 -56.32 -9.67
CA PHE Q 115 -27.51 -55.93 -10.39
C PHE Q 115 -26.95 -57.09 -11.21
N LEU Q 116 -27.26 -58.32 -10.81
CA LEU Q 116 -26.86 -59.48 -11.62
C LEU Q 116 -27.55 -59.44 -12.98
N TRP Q 117 -28.88 -59.32 -12.97
CA TRP Q 117 -29.59 -59.11 -14.23
C TRP Q 117 -29.06 -57.88 -14.96
N GLU Q 118 -28.62 -56.88 -14.21
CA GLU Q 118 -27.96 -55.74 -14.84
C GLU Q 118 -26.71 -56.18 -15.61
N LEU Q 119 -25.97 -57.13 -15.07
CA LEU Q 119 -24.70 -57.47 -15.69
C LEU Q 119 -24.75 -58.64 -16.66
N MET Q 120 -25.89 -59.32 -16.81
CA MET Q 120 -25.94 -60.48 -17.68
C MET Q 120 -25.94 -60.04 -19.15
N GLN Q 121 -26.03 -61.02 -20.04
CA GLN Q 121 -26.07 -60.76 -21.47
C GLN Q 121 -27.13 -61.60 -22.17
N GLY Q 133 -22.44 -65.47 -19.25
CA GLY Q 133 -23.55 -64.74 -18.69
C GLY Q 133 -23.17 -63.98 -17.43
N PHE Q 134 -22.43 -64.64 -16.54
CA PHE Q 134 -21.97 -64.04 -15.31
C PHE Q 134 -20.52 -64.37 -14.98
N ILE Q 135 -19.84 -65.09 -15.86
CA ILE Q 135 -18.43 -65.39 -15.70
C ILE Q 135 -17.72 -64.88 -16.95
N TYR Q 136 -17.13 -63.70 -16.84
CA TYR Q 136 -16.47 -63.07 -17.97
C TYR Q 136 -15.01 -63.46 -18.02
N THR Q 137 -14.47 -63.56 -19.23
CA THR Q 137 -13.08 -63.90 -19.43
C THR Q 137 -12.29 -62.67 -19.86
N PHE Q 138 -11.13 -62.48 -19.26
CA PHE Q 138 -10.28 -61.33 -19.53
C PHE Q 138 -8.87 -61.80 -19.84
N VAL Q 139 -8.23 -61.11 -20.78
CA VAL Q 139 -6.88 -61.44 -21.21
C VAL Q 139 -5.92 -60.46 -20.57
N ARG Q 140 -5.14 -60.94 -19.60
CA ARG Q 140 -4.20 -60.09 -18.91
C ARG Q 140 -3.06 -59.66 -19.83
N LYS Q 141 -2.18 -58.82 -19.30
CA LYS Q 141 -1.05 -58.33 -20.08
C LYS Q 141 -0.06 -59.42 -20.44
N ASP Q 142 -0.04 -60.53 -19.69
CA ASP Q 142 0.84 -61.65 -20.00
C ASP Q 142 0.28 -62.56 -21.08
N GLY Q 143 -0.94 -62.30 -21.55
CA GLY Q 143 -1.61 -63.18 -22.48
C GLY Q 143 -2.39 -64.29 -21.83
N LYS Q 144 -2.25 -64.49 -20.53
CA LYS Q 144 -2.96 -65.55 -19.81
C LYS Q 144 -4.43 -65.16 -19.63
N PRO Q 145 -5.35 -65.81 -20.34
CA PRO Q 145 -6.76 -65.52 -20.14
C PRO Q 145 -7.23 -66.01 -18.78
N VAL Q 146 -8.06 -65.20 -18.14
CA VAL Q 146 -8.56 -65.50 -16.81
C VAL Q 146 -10.06 -65.22 -16.79
N THR Q 147 -10.75 -65.91 -15.89
CA THR Q 147 -12.19 -65.79 -15.76
C THR Q 147 -12.55 -65.46 -14.32
N VAL Q 148 -13.62 -64.70 -14.15
CA VAL Q 148 -14.13 -64.31 -12.85
C VAL Q 148 -15.65 -64.33 -12.90
N ASP Q 149 -16.28 -64.81 -11.84
CA ASP Q 149 -17.74 -64.80 -11.76
C ASP Q 149 -18.21 -63.48 -11.19
N MET Q 150 -19.25 -62.92 -11.81
CA MET Q 150 -19.80 -61.66 -11.33
C MET Q 150 -20.41 -61.82 -9.94
N SER Q 151 -21.32 -62.79 -9.78
CA SER Q 151 -22.01 -62.95 -8.51
C SER Q 151 -21.03 -63.17 -7.36
N LYS Q 152 -19.89 -63.81 -7.63
CA LYS Q 152 -18.90 -64.01 -6.59
C LYS Q 152 -18.26 -62.69 -6.17
N VAL Q 153 -17.67 -61.97 -7.13
CA VAL Q 153 -17.01 -60.72 -6.79
C VAL Q 153 -18.00 -59.70 -6.27
N LEU Q 154 -19.22 -59.69 -6.80
CA LEU Q 154 -20.25 -58.83 -6.25
C LEU Q 154 -20.46 -59.12 -4.77
N THR Q 155 -20.67 -60.40 -4.45
CA THR Q 155 -20.74 -60.78 -3.04
C THR Q 155 -19.44 -60.50 -2.32
N GLU Q 156 -18.31 -60.66 -2.99
CA GLU Q 156 -17.02 -60.47 -2.35
C GLU Q 156 -16.86 -59.05 -1.84
N ILE Q 157 -17.26 -58.07 -2.65
CA ILE Q 157 -17.14 -56.68 -2.21
C ILE Q 157 -18.20 -56.35 -1.17
N GLU Q 158 -19.32 -57.08 -1.17
CA GLU Q 158 -20.36 -56.85 -0.18
C GLU Q 158 -19.81 -56.98 1.23
N ASP Q 159 -19.29 -58.16 1.57
CA ASP Q 159 -18.69 -58.35 2.89
C ASP Q 159 -17.56 -57.36 3.12
N ALA Q 160 -16.71 -57.17 2.12
CA ALA Q 160 -15.62 -56.21 2.24
C ALA Q 160 -16.16 -54.83 2.56
N LEU Q 161 -17.27 -54.44 1.93
CA LEU Q 161 -17.89 -53.16 2.24
C LEU Q 161 -18.34 -53.13 3.69
N PHE Q 162 -19.01 -54.19 4.14
CA PHE Q 162 -19.43 -54.27 5.54
C PHE Q 162 -18.24 -54.14 6.48
N LYS Q 163 -17.04 -54.48 6.01
CA LYS Q 163 -15.85 -54.34 6.85
C LYS Q 163 -15.45 -52.88 6.98
N LEU Q 164 -15.59 -52.10 5.91
CA LEU Q 164 -15.16 -50.71 5.93
C LEU Q 164 -15.92 -49.91 6.98
N VAL Q 165 -17.24 -49.79 6.79
CA VAL Q 165 -18.09 -49.17 7.81
C VAL Q 165 -18.14 -50.01 9.08
N LYS Q 166 -17.51 -51.18 9.06
CA LYS Q 166 -17.50 -52.10 10.19
C LYS Q 166 -18.91 -52.57 10.53
N LYS Q 167 -19.79 -52.55 9.52
CA LYS Q 167 -21.18 -52.92 9.71
C LYS Q 167 -21.32 -54.38 10.12
N ARG R 3 -40.15 -29.00 -2.86
CA ARG R 3 -38.70 -29.14 -2.77
C ARG R 3 -38.31 -30.48 -2.17
N ARG R 4 -37.19 -31.02 -2.61
CA ARG R 4 -36.71 -32.29 -2.10
C ARG R 4 -36.30 -32.18 -0.65
N ASN R 5 -36.16 -33.32 0.01
CA ASN R 5 -35.72 -33.34 1.40
C ASN R 5 -34.28 -32.85 1.48
N ARG R 6 -34.05 -31.86 2.34
CA ARG R 6 -32.71 -31.38 2.63
C ARG R 6 -32.61 -31.16 4.13
N ARG R 7 -31.59 -31.73 4.75
CA ARG R 7 -31.36 -31.47 6.16
C ARG R 7 -31.11 -29.98 6.37
N LEU R 8 -31.73 -29.44 7.41
CA LEU R 8 -31.53 -28.04 7.75
C LEU R 8 -30.05 -27.75 7.92
N SER R 9 -29.60 -26.62 7.40
CA SER R 9 -28.20 -26.23 7.55
C SER R 9 -28.08 -24.74 7.29
N SER R 10 -26.87 -24.22 7.49
CA SER R 10 -26.60 -22.82 7.22
C SER R 10 -26.92 -22.46 5.78
N ALA R 11 -26.68 -23.39 4.86
CA ALA R 11 -27.05 -23.17 3.46
C ALA R 11 -28.51 -22.77 3.35
N SER R 12 -29.38 -23.38 4.14
CA SER R 12 -30.79 -23.02 4.12
C SER R 12 -30.98 -21.58 4.55
N VAL R 13 -30.30 -21.17 5.62
CA VAL R 13 -30.37 -19.78 6.08
C VAL R 13 -30.04 -18.84 4.93
N TYR R 14 -28.90 -19.09 4.28
CA TYR R 14 -28.47 -18.19 3.22
C TYR R 14 -29.42 -18.20 2.04
N ARG R 15 -29.94 -19.38 1.67
CA ARG R 15 -30.90 -19.46 0.59
C ARG R 15 -32.12 -18.59 0.88
N TYR R 16 -32.68 -18.74 2.08
CA TYR R 16 -33.82 -17.92 2.44
C TYR R 16 -33.46 -16.44 2.38
N TYR R 17 -32.28 -16.09 2.88
CA TYR R 17 -31.83 -14.71 2.87
C TYR R 17 -31.86 -14.13 1.46
N LEU R 18 -31.20 -14.80 0.53
CA LEU R 18 -31.10 -14.26 -0.83
C LEU R 18 -32.46 -14.22 -1.51
N LYS R 19 -33.27 -15.26 -1.34
CA LYS R 19 -34.57 -15.24 -1.99
C LYS R 19 -35.46 -14.12 -1.44
N ARG R 20 -35.33 -13.83 -0.15
CA ARG R 20 -36.05 -12.69 0.39
C ARG R 20 -35.52 -11.38 -0.16
N ILE R 21 -34.21 -11.29 -0.43
CA ILE R 21 -33.69 -10.12 -1.12
C ILE R 21 -34.40 -9.91 -2.45
N SER R 22 -34.51 -10.99 -3.22
CA SER R 22 -35.20 -10.89 -4.50
C SER R 22 -36.63 -10.41 -4.31
N MET R 23 -37.36 -11.03 -3.38
CA MET R 23 -38.74 -10.64 -3.18
C MET R 23 -38.87 -9.19 -2.73
N ASN R 24 -37.96 -8.71 -1.90
CA ASN R 24 -38.08 -7.35 -1.38
C ASN R 24 -37.77 -6.33 -2.45
N ILE R 25 -36.71 -6.55 -3.23
CA ILE R 25 -36.44 -5.64 -4.34
C ILE R 25 -37.61 -5.67 -5.32
N GLY R 26 -38.29 -6.81 -5.44
CA GLY R 26 -39.53 -6.82 -6.19
C GLY R 26 -40.62 -5.96 -5.57
N THR R 27 -40.70 -5.97 -4.24
CA THR R 27 -41.80 -5.30 -3.56
C THR R 27 -41.65 -3.79 -3.61
N THR R 28 -40.47 -3.28 -3.27
CA THR R 28 -40.29 -1.84 -3.13
C THR R 28 -40.58 -1.12 -4.44
N GLY R 29 -39.79 -1.39 -5.47
CA GLY R 29 -40.03 -0.77 -6.76
C GLY R 29 -41.11 -1.51 -7.52
N HIS R 30 -42.36 -1.31 -7.13
CA HIS R 30 -43.49 -2.09 -7.64
C HIS R 30 -43.44 -2.26 -9.14
N VAL R 31 -43.01 -1.23 -9.86
CA VAL R 31 -42.75 -1.35 -11.29
C VAL R 31 -41.32 -0.94 -11.62
N ASN R 32 -40.84 0.14 -11.03
CA ASN R 32 -39.53 0.67 -11.35
C ASN R 32 -38.45 -0.13 -10.65
N GLY R 33 -38.44 -1.44 -10.84
CA GLY R 33 -37.48 -2.28 -10.16
C GLY R 33 -36.05 -1.91 -10.49
N LEU R 34 -35.81 -1.48 -11.73
CA LEU R 34 -34.45 -1.18 -12.17
C LEU R 34 -33.86 -0.02 -11.40
N SER R 35 -34.52 1.13 -11.43
CA SER R 35 -34.00 2.31 -10.76
C SER R 35 -33.78 2.05 -9.28
N ILE R 36 -34.72 1.36 -8.64
CA ILE R 36 -34.53 1.01 -7.24
C ILE R 36 -33.32 0.10 -7.09
N ALA R 37 -33.09 -0.78 -8.07
CA ALA R 37 -31.95 -1.67 -8.00
C ALA R 37 -30.64 -0.90 -8.11
N GLY R 38 -30.66 0.23 -8.82
CA GLY R 38 -29.45 1.03 -8.96
C GLY R 38 -29.07 1.81 -7.73
N ASN R 39 -30.02 2.12 -6.86
CA ASN R 39 -29.76 2.98 -5.72
C ASN R 39 -29.16 2.17 -4.58
N PRO R 40 -27.93 2.49 -4.14
CA PRO R 40 -27.32 1.69 -3.08
C PRO R 40 -27.94 1.87 -1.71
N GLU R 41 -28.53 3.03 -1.40
CA GLU R 41 -29.10 3.23 -0.07
C GLU R 41 -30.31 2.33 0.14
N ILE R 42 -31.28 2.40 -0.76
CA ILE R 42 -32.42 1.50 -0.68
C ILE R 42 -31.94 0.06 -0.73
N MET R 43 -30.81 -0.19 -1.37
CA MET R 43 -30.27 -1.54 -1.41
C MET R 43 -29.84 -1.99 -0.02
N ARG R 44 -29.12 -1.13 0.71
CA ARG R 44 -28.78 -1.45 2.08
C ARG R 44 -30.02 -1.65 2.93
N ALA R 45 -31.04 -0.83 2.71
CA ALA R 45 -32.28 -0.99 3.44
C ALA R 45 -32.87 -2.37 3.21
N ILE R 46 -32.96 -2.79 1.94
CA ILE R 46 -33.51 -4.10 1.63
C ILE R 46 -32.65 -5.20 2.23
N ALA R 47 -31.33 -5.03 2.20
CA ALA R 47 -30.45 -6.02 2.81
C ALA R 47 -30.79 -6.20 4.29
N ARG R 48 -30.84 -5.10 5.03
CA ARG R 48 -31.12 -5.22 6.46
C ARG R 48 -32.52 -5.76 6.70
N LEU R 49 -33.49 -5.40 5.85
CA LEU R 49 -34.83 -5.93 6.02
C LEU R 49 -34.84 -7.44 5.87
N SER R 50 -34.26 -7.95 4.79
CA SER R 50 -34.24 -9.39 4.59
C SER R 50 -33.48 -10.08 5.72
N GLU R 51 -32.43 -9.43 6.23
CA GLU R 51 -31.71 -9.99 7.36
C GLU R 51 -32.64 -10.16 8.56
N GLN R 52 -33.36 -9.09 8.92
CA GLN R 52 -34.31 -9.17 10.02
C GLN R 52 -35.35 -10.26 9.77
N GLU R 53 -35.76 -10.40 8.50
CA GLU R 53 -36.77 -11.39 8.18
C GLU R 53 -36.28 -12.80 8.43
N THR R 54 -35.09 -13.12 7.93
CA THR R 54 -34.49 -14.43 8.19
C THR R 54 -34.30 -14.64 9.68
N TYR R 55 -33.92 -13.58 10.40
CA TYR R 55 -33.74 -13.71 11.84
C TYR R 55 -35.05 -14.11 12.52
N ASN R 56 -36.14 -13.43 12.15
CA ASN R 56 -37.45 -13.82 12.63
C ASN R 56 -37.72 -15.29 12.34
N TRP R 57 -37.59 -15.68 11.09
CA TRP R 57 -37.94 -17.04 10.70
C TRP R 57 -37.11 -18.07 11.45
N VAL R 58 -35.84 -17.77 11.70
CA VAL R 58 -34.97 -18.72 12.40
C VAL R 58 -35.41 -18.83 13.85
N THR R 59 -35.64 -17.68 14.51
CA THR R 59 -36.02 -17.72 15.91
C THR R 59 -37.34 -18.45 16.12
N ASP R 60 -38.20 -18.50 15.11
CA ASP R 60 -39.49 -19.16 15.20
C ASP R 60 -39.48 -20.56 14.60
N TYR R 61 -38.35 -21.27 14.69
CA TYR R 61 -38.27 -22.61 14.14
C TYR R 61 -37.66 -23.62 15.09
N ALA R 62 -36.96 -23.19 16.14
CA ALA R 62 -36.39 -24.12 17.10
C ALA R 62 -37.41 -25.10 17.69
N PRO R 63 -38.61 -24.69 18.09
CA PRO R 63 -39.55 -25.67 18.67
C PRO R 63 -39.89 -26.80 17.72
N SER R 64 -40.26 -26.47 16.48
CA SER R 64 -40.53 -27.50 15.49
C SER R 64 -39.30 -28.39 15.30
N HIS R 65 -38.12 -27.80 15.38
CA HIS R 65 -36.90 -28.61 15.24
C HIS R 65 -36.77 -29.61 16.37
N LEU R 66 -37.04 -29.18 17.60
CA LEU R 66 -36.95 -30.11 18.72
C LEU R 66 -38.00 -31.21 18.59
N ALA R 67 -39.20 -30.85 18.15
CA ALA R 67 -40.23 -31.87 17.94
C ALA R 67 -39.76 -32.91 16.93
N LYS R 68 -39.21 -32.44 15.79
CA LYS R 68 -38.71 -33.36 14.79
C LYS R 68 -37.59 -34.22 15.35
N GLU R 69 -36.73 -33.62 16.17
CA GLU R 69 -35.64 -34.37 16.78
C GLU R 69 -36.17 -35.53 17.62
N VAL R 70 -37.09 -35.24 18.52
CA VAL R 70 -37.56 -36.29 19.42
C VAL R 70 -38.35 -37.33 18.65
N VAL R 71 -39.10 -36.93 17.62
CA VAL R 71 -39.78 -37.91 16.80
C VAL R 71 -38.77 -38.81 16.12
N LYS R 72 -37.64 -38.24 15.68
CA LYS R 72 -36.60 -39.04 15.07
C LYS R 72 -36.04 -40.06 16.05
N GLN R 73 -35.76 -39.62 17.28
CA GLN R 73 -35.26 -40.54 18.30
C GLN R 73 -36.25 -41.67 18.55
N ILE R 74 -37.53 -41.33 18.66
CA ILE R 74 -38.55 -42.34 18.92
C ILE R 74 -38.62 -43.35 17.78
N SER R 75 -38.66 -42.86 16.54
CA SER R 75 -38.72 -43.77 15.40
C SER R 75 -37.49 -44.66 15.35
N GLY R 76 -36.32 -44.09 15.62
CA GLY R 76 -35.12 -44.91 15.68
C GLY R 76 -35.22 -46.00 16.73
N LYS R 77 -35.79 -45.67 17.88
CA LYS R 77 -35.98 -46.67 18.91
C LYS R 77 -37.03 -47.71 18.53
N TYR R 78 -37.95 -47.37 17.63
CA TYR R 78 -38.99 -48.30 17.22
C TYR R 78 -38.91 -48.72 15.76
N ASN R 79 -37.89 -48.26 15.03
CA ASN R 79 -37.57 -48.78 13.70
C ASN R 79 -38.74 -48.63 12.72
N ILE R 80 -39.04 -47.38 12.38
CA ILE R 80 -40.08 -47.10 11.39
C ILE R 80 -39.45 -46.50 10.15
N PRO R 81 -39.90 -46.86 8.95
CA PRO R 81 -39.35 -46.23 7.73
C PRO R 81 -39.68 -44.75 7.66
N GLY R 82 -38.88 -44.05 6.84
CA GLY R 82 -38.83 -42.60 6.91
C GLY R 82 -40.17 -41.91 6.80
N ALA R 83 -41.04 -42.43 5.92
CA ALA R 83 -42.30 -41.76 5.63
C ALA R 83 -43.10 -41.47 6.90
N TYR R 84 -43.33 -42.51 7.69
CA TYR R 84 -44.10 -42.32 8.91
C TYR R 84 -43.34 -41.49 9.93
N GLN R 85 -42.00 -41.52 9.87
CA GLN R 85 -41.24 -40.63 10.73
C GLN R 85 -41.57 -39.17 10.44
N GLY R 86 -41.57 -38.79 9.16
CA GLY R 86 -41.96 -37.44 8.81
C GLY R 86 -43.39 -37.13 9.22
N LEU R 87 -44.30 -38.09 9.02
CA LEU R 87 -45.68 -37.86 9.41
C LEU R 87 -45.79 -37.60 10.91
N LEU R 88 -45.04 -38.34 11.72
CA LEU R 88 -45.10 -38.12 13.16
C LEU R 88 -44.42 -36.81 13.56
N MET R 89 -43.37 -36.41 12.85
CA MET R 89 -42.82 -35.08 13.06
C MET R 89 -43.91 -34.02 12.86
N ALA R 90 -44.66 -34.15 11.77
CA ALA R 90 -45.75 -33.21 11.51
C ALA R 90 -46.78 -33.24 12.62
N PHE R 91 -47.13 -34.44 13.10
CA PHE R 91 -48.10 -34.55 14.19
C PHE R 91 -47.61 -33.83 15.43
N ALA R 92 -46.34 -34.05 15.81
CA ALA R 92 -45.80 -33.40 16.99
C ALA R 92 -45.82 -31.89 16.84
N GLU R 93 -45.44 -31.40 15.66
CA GLU R 93 -45.51 -29.96 15.40
C GLU R 93 -46.93 -29.45 15.60
N LYS R 94 -47.91 -30.16 15.02
CA LYS R 94 -49.30 -29.75 15.13
C LYS R 94 -49.75 -29.68 16.58
N VAL R 95 -49.45 -30.72 17.35
CA VAL R 95 -49.97 -30.77 18.72
C VAL R 95 -49.29 -29.74 19.60
N LEU R 96 -48.00 -29.49 19.39
CA LEU R 96 -47.35 -28.46 20.20
C LEU R 96 -47.88 -27.09 19.84
N ALA R 97 -48.13 -26.83 18.55
CA ALA R 97 -48.57 -25.51 18.14
C ALA R 97 -50.00 -25.25 18.60
N ASN R 98 -50.94 -26.07 18.14
CA ASN R 98 -52.35 -25.77 18.35
C ASN R 98 -52.75 -25.90 19.81
N TYR R 99 -52.10 -26.79 20.57
CA TYR R 99 -52.51 -27.11 21.92
C TYR R 99 -51.54 -26.58 22.98
N ILE R 100 -50.25 -26.87 22.82
CA ILE R 100 -49.30 -26.55 23.87
C ILE R 100 -49.05 -25.06 23.95
N LEU R 101 -48.84 -24.41 22.80
CA LEU R 101 -48.46 -23.01 22.81
C LEU R 101 -49.67 -22.08 22.82
N ASP R 102 -50.51 -22.16 21.79
CA ASP R 102 -51.65 -21.27 21.69
C ASP R 102 -52.90 -21.81 22.35
N TYR R 103 -53.00 -23.13 22.52
CA TYR R 103 -54.17 -23.79 23.09
C TYR R 103 -55.47 -23.26 22.45
N LYS R 104 -55.64 -23.56 21.18
CA LYS R 104 -56.98 -23.47 20.64
C LYS R 104 -57.87 -24.46 21.38
N GLY R 105 -59.16 -24.20 21.36
CA GLY R 105 -60.07 -24.87 22.28
C GLY R 105 -60.32 -26.32 21.95
N GLU R 106 -59.31 -27.19 22.13
CA GLU R 106 -59.57 -28.59 21.83
C GLU R 106 -58.76 -29.47 22.77
N PRO R 107 -59.36 -30.52 23.32
CA PRO R 107 -58.60 -31.43 24.19
C PRO R 107 -57.67 -32.32 23.39
N LEU R 108 -56.60 -32.75 24.06
CA LEU R 108 -55.55 -33.52 23.41
C LEU R 108 -56.10 -34.78 22.76
N VAL R 109 -56.93 -35.53 23.49
CA VAL R 109 -57.43 -36.80 22.99
C VAL R 109 -58.23 -36.61 21.72
N GLU R 110 -58.85 -35.44 21.55
CA GLU R 110 -59.58 -35.17 20.32
C GLU R 110 -58.63 -35.16 19.12
N ILE R 111 -57.53 -34.43 19.24
CA ILE R 111 -56.51 -34.45 18.21
C ILE R 111 -55.96 -35.86 18.03
N HIS R 112 -55.83 -36.60 19.13
CA HIS R 112 -55.34 -37.97 19.04
C HIS R 112 -56.21 -38.81 18.14
N HIS R 113 -57.52 -38.78 18.36
CA HIS R 113 -58.42 -39.58 17.54
C HIS R 113 -58.50 -39.04 16.11
N ASN R 114 -58.43 -37.72 15.95
CA ASN R 114 -58.39 -37.15 14.61
C ASN R 114 -57.22 -37.71 13.82
N PHE R 115 -56.02 -37.61 14.38
CA PHE R 115 -54.83 -38.10 13.70
C PHE R 115 -54.86 -39.62 13.57
N LEU R 116 -55.57 -40.30 14.46
CA LEU R 116 -55.75 -41.74 14.31
C LEU R 116 -56.54 -42.06 13.05
N TRP R 117 -57.69 -41.40 12.88
CA TRP R 117 -58.41 -41.55 11.61
C TRP R 117 -57.53 -41.15 10.44
N GLU R 118 -56.66 -40.16 10.64
CA GLU R 118 -55.69 -39.82 9.61
C GLU R 118 -54.80 -41.01 9.28
N LEU R 119 -54.46 -41.81 10.28
CA LEU R 119 -53.55 -42.93 10.03
C LEU R 119 -54.25 -44.25 9.73
N MET R 120 -55.58 -44.29 9.73
CA MET R 120 -56.28 -45.54 9.46
C MET R 120 -56.16 -45.91 7.99
N GLN R 121 -56.79 -47.02 7.62
CA GLN R 121 -56.80 -47.48 6.24
C GLN R 121 -58.18 -47.98 5.82
N GLY R 133 -55.24 -51.80 11.24
CA GLY R 133 -55.80 -50.47 11.34
C GLY R 133 -54.81 -49.46 11.88
N PHE R 134 -54.29 -49.72 13.08
CA PHE R 134 -53.30 -48.86 13.69
C PHE R 134 -52.14 -49.63 14.27
N ILE R 135 -52.08 -50.94 14.05
CA ILE R 135 -50.94 -51.76 14.44
C ILE R 135 -50.31 -52.23 13.13
N TYR R 136 -49.26 -51.54 12.72
CA TYR R 136 -48.59 -51.84 11.45
C TYR R 136 -47.44 -52.79 11.69
N THR R 137 -47.17 -53.64 10.71
CA THR R 137 -46.06 -54.58 10.78
C THR R 137 -44.90 -54.07 9.94
N PHE R 138 -43.70 -54.12 10.53
CA PHE R 138 -42.50 -53.67 9.87
C PHE R 138 -41.45 -54.76 9.94
N VAL R 139 -40.69 -54.90 8.86
CA VAL R 139 -39.66 -55.92 8.75
C VAL R 139 -38.31 -55.26 8.95
N ARG R 140 -37.68 -55.54 10.08
CA ARG R 140 -36.38 -54.97 10.39
C ARG R 140 -35.32 -55.51 9.43
N LYS R 141 -34.11 -54.96 9.55
CA LYS R 141 -33.00 -55.38 8.69
C LYS R 141 -32.57 -56.81 8.95
N ASP R 142 -32.86 -57.36 10.13
CA ASP R 142 -32.50 -58.73 10.45
C ASP R 142 -33.52 -59.74 9.96
N GLY R 143 -34.61 -59.29 9.35
CA GLY R 143 -35.67 -60.17 8.93
C GLY R 143 -36.73 -60.40 9.99
N LYS R 144 -36.53 -59.92 11.21
CA LYS R 144 -37.51 -60.07 12.28
C LYS R 144 -38.64 -59.08 12.09
N PRO R 145 -39.83 -59.53 11.72
CA PRO R 145 -40.97 -58.62 11.62
C PRO R 145 -41.40 -58.17 13.00
N VAL R 146 -41.81 -56.90 13.09
CA VAL R 146 -42.26 -56.31 14.34
C VAL R 146 -43.54 -55.54 14.06
N THR R 147 -44.29 -55.30 15.13
CA THR R 147 -45.54 -54.56 15.05
C THR R 147 -45.56 -53.48 16.12
N VAL R 148 -46.13 -52.33 15.79
CA VAL R 148 -46.26 -51.21 16.71
C VAL R 148 -47.64 -50.60 16.52
N ASP R 149 -48.25 -50.17 17.63
CA ASP R 149 -49.54 -49.52 17.55
C ASP R 149 -49.38 -48.02 17.40
N MET R 150 -50.11 -47.44 16.46
CA MET R 150 -50.03 -45.99 16.25
C MET R 150 -50.50 -45.24 17.48
N SER R 151 -51.70 -45.55 17.96
CA SER R 151 -52.26 -44.82 19.10
C SER R 151 -51.34 -44.88 20.31
N LYS R 152 -50.67 -46.02 20.50
CA LYS R 152 -49.74 -46.13 21.62
C LYS R 152 -48.58 -45.16 21.48
N VAL R 153 -47.85 -45.25 20.36
CA VAL R 153 -46.71 -44.36 20.18
C VAL R 153 -47.19 -42.92 20.06
N LEU R 154 -48.40 -42.70 19.55
CA LEU R 154 -48.97 -41.37 19.57
C LEU R 154 -49.04 -40.83 20.98
N THR R 155 -49.73 -41.54 21.86
CA THR R 155 -49.73 -41.19 23.27
C THR R 155 -48.32 -41.17 23.85
N GLU R 156 -47.46 -42.05 23.34
CA GLU R 156 -46.09 -42.11 23.85
C GLU R 156 -45.33 -40.83 23.53
N ILE R 157 -45.37 -40.39 22.27
CA ILE R 157 -44.68 -39.16 21.92
C ILE R 157 -45.36 -37.96 22.57
N GLU R 158 -46.67 -38.07 22.84
CA GLU R 158 -47.37 -37.01 23.55
C GLU R 158 -46.69 -36.69 24.87
N ASP R 159 -46.66 -37.67 25.77
CA ASP R 159 -46.05 -37.45 27.08
C ASP R 159 -44.59 -37.04 26.94
N ALA R 160 -43.85 -37.71 26.05
CA ALA R 160 -42.47 -37.33 25.80
C ALA R 160 -42.36 -35.88 25.37
N LEU R 161 -43.30 -35.43 24.53
CA LEU R 161 -43.31 -34.03 24.14
C LEU R 161 -43.55 -33.12 25.33
N PHE R 162 -44.54 -33.45 26.16
CA PHE R 162 -44.79 -32.66 27.36
C PHE R 162 -43.55 -32.55 28.23
N LYS R 163 -42.67 -33.54 28.16
CA LYS R 163 -41.43 -33.47 28.92
C LYS R 163 -40.49 -32.41 28.35
N LEU R 164 -40.52 -32.21 27.03
CA LEU R 164 -39.58 -31.29 26.39
C LEU R 164 -39.76 -29.87 26.94
N VAL R 165 -40.93 -29.28 26.70
CA VAL R 165 -41.26 -27.98 27.28
C VAL R 165 -41.44 -28.08 28.79
N LYS R 166 -41.36 -29.29 29.34
CA LYS R 166 -41.59 -29.54 30.76
C LYS R 166 -43.01 -29.16 31.16
N LYS R 167 -43.94 -29.34 30.22
CA LYS R 167 -45.34 -29.01 30.45
C LYS R 167 -45.92 -29.85 31.59
N ARG S 3 -54.48 -8.11 6.41
CA ARG S 3 -53.28 -8.92 6.54
C ARG S 3 -53.36 -9.81 7.78
N ARG S 4 -52.66 -10.94 7.74
CA ARG S 4 -52.65 -11.85 8.86
C ARG S 4 -51.95 -11.21 10.06
N ASN S 5 -52.20 -11.77 11.24
CA ASN S 5 -51.60 -11.26 12.45
C ASN S 5 -50.09 -11.44 12.41
N ARG S 6 -49.36 -10.37 12.70
CA ARG S 6 -47.92 -10.42 12.84
C ARG S 6 -47.53 -9.56 14.02
N ARG S 7 -46.83 -10.16 14.98
CA ARG S 7 -46.36 -9.39 16.12
C ARG S 7 -45.47 -8.25 15.64
N LEU S 8 -45.55 -7.12 16.34
CA LEU S 8 -44.69 -6.00 16.01
C LEU S 8 -43.23 -6.45 16.01
N SER S 9 -42.46 -5.94 15.05
CA SER S 9 -41.03 -6.21 15.01
C SER S 9 -40.37 -5.16 14.12
N SER S 10 -39.03 -5.12 14.18
CA SER S 10 -38.27 -4.28 13.28
C SER S 10 -38.66 -4.55 11.83
N ALA S 11 -38.99 -5.80 11.52
CA ALA S 11 -39.49 -6.14 10.20
C ALA S 11 -40.66 -5.24 9.81
N SER S 12 -41.57 -5.00 10.74
CA SER S 12 -42.70 -4.12 10.46
C SER S 12 -42.22 -2.74 10.08
N VAL S 13 -41.25 -2.21 10.84
CA VAL S 13 -40.73 -0.88 10.56
C VAL S 13 -40.18 -0.82 9.14
N TYR S 14 -39.33 -1.77 8.79
CA TYR S 14 -38.70 -1.74 7.48
C TYR S 14 -39.72 -1.93 6.37
N ARG S 15 -40.72 -2.79 6.60
CA ARG S 15 -41.76 -2.99 5.60
C ARG S 15 -42.49 -1.70 5.33
N TYR S 16 -42.95 -1.03 6.39
CA TYR S 16 -43.63 0.25 6.22
C TYR S 16 -42.73 1.25 5.51
N TYR S 17 -41.45 1.26 5.87
CA TYR S 17 -40.50 2.17 5.24
C TYR S 17 -40.45 1.97 3.73
N LEU S 18 -40.22 0.74 3.29
CA LEU S 18 -40.09 0.49 1.86
C LEU S 18 -41.39 0.78 1.13
N LYS S 19 -42.52 0.41 1.72
CA LYS S 19 -43.78 0.65 1.03
C LYS S 19 -44.06 2.14 0.90
N ARG S 20 -43.68 2.92 1.91
CA ARG S 20 -43.81 4.37 1.77
C ARG S 20 -42.87 4.89 0.70
N ILE S 21 -41.69 4.28 0.54
CA ILE S 21 -40.82 4.67 -0.57
C ILE S 21 -41.56 4.51 -1.89
N SER S 22 -42.18 3.36 -2.09
CA SER S 22 -42.92 3.14 -3.33
C SER S 22 -44.02 4.19 -3.50
N MET S 23 -44.77 4.46 -2.42
CA MET S 23 -45.86 5.43 -2.54
C MET S 23 -45.33 6.82 -2.89
N ASN S 24 -44.22 7.24 -2.29
CA ASN S 24 -43.74 8.59 -2.54
C ASN S 24 -43.18 8.71 -3.96
N ILE S 25 -42.40 7.72 -4.40
CA ILE S 25 -41.91 7.77 -5.77
C ILE S 25 -43.08 7.78 -6.74
N GLY S 26 -44.21 7.16 -6.36
CA GLY S 26 -45.41 7.33 -7.15
C GLY S 26 -45.97 8.73 -7.07
N THR S 27 -45.87 9.35 -5.90
CA THR S 27 -46.55 10.63 -5.67
C THR S 27 -45.86 11.76 -6.43
N THR S 28 -44.56 11.89 -6.27
CA THR S 28 -43.85 13.03 -6.82
C THR S 28 -43.99 13.12 -8.34
N GLY S 29 -43.43 12.16 -9.06
CA GLY S 29 -43.55 12.15 -10.50
C GLY S 29 -44.88 11.56 -10.94
N HIS S 30 -45.95 12.32 -10.79
CA HIS S 30 -47.33 11.85 -10.99
C HIS S 30 -47.45 10.96 -12.22
N VAL S 31 -46.83 11.34 -13.34
CA VAL S 31 -46.79 10.52 -14.53
C VAL S 31 -45.37 10.15 -14.90
N ASN S 32 -44.45 11.10 -14.78
CA ASN S 32 -43.07 10.86 -15.17
C ASN S 32 -42.33 10.08 -14.08
N GLY S 33 -42.91 8.96 -13.65
CA GLY S 33 -42.29 8.19 -12.59
C GLY S 33 -40.88 7.76 -12.92
N LEU S 34 -40.63 7.41 -14.19
CA LEU S 34 -39.31 6.91 -14.58
C LEU S 34 -38.26 8.01 -14.48
N SER S 35 -38.51 9.16 -15.10
CA SER S 35 -37.54 10.24 -15.07
C SER S 35 -37.18 10.63 -13.65
N ILE S 36 -38.17 10.68 -12.77
CA ILE S 36 -37.88 10.94 -11.36
C ILE S 36 -37.11 9.78 -10.76
N ALA S 37 -37.41 8.55 -11.18
CA ALA S 37 -36.74 7.39 -10.61
C ALA S 37 -35.27 7.37 -10.94
N GLY S 38 -34.88 7.97 -12.07
CA GLY S 38 -33.48 7.97 -12.44
C GLY S 38 -32.63 8.97 -11.67
N ASN S 39 -33.23 10.05 -11.20
CA ASN S 39 -32.45 11.14 -10.64
C ASN S 39 -32.17 10.87 -9.17
N PRO S 40 -30.90 10.78 -8.76
CA PRO S 40 -30.60 10.38 -7.38
C PRO S 40 -30.94 11.41 -6.31
N GLU S 41 -30.98 12.70 -6.65
CA GLU S 41 -31.26 13.71 -5.62
C GLU S 41 -32.67 13.57 -5.09
N ILE S 42 -33.66 13.61 -5.98
CA ILE S 42 -35.03 13.38 -5.56
C ILE S 42 -35.15 12.02 -4.90
N MET S 43 -34.30 11.07 -5.27
CA MET S 43 -34.32 9.77 -4.61
C MET S 43 -33.95 9.91 -3.14
N ARG S 44 -32.87 10.63 -2.85
CA ARG S 44 -32.50 10.87 -1.45
C ARG S 44 -33.61 11.61 -0.72
N ALA S 45 -34.21 12.60 -1.37
CA ALA S 45 -35.29 13.34 -0.74
C ALA S 45 -36.44 12.41 -0.36
N ILE S 46 -36.84 11.56 -1.29
CA ILE S 46 -37.93 10.62 -1.02
C ILE S 46 -37.55 9.67 0.09
N ALA S 47 -36.31 9.17 0.08
CA ALA S 47 -35.87 8.28 1.14
C ALA S 47 -36.01 8.95 2.50
N ARG S 48 -35.49 10.17 2.63
CA ARG S 48 -35.58 10.85 3.91
C ARG S 48 -37.02 11.14 4.29
N LEU S 49 -37.86 11.48 3.32
CA LEU S 49 -39.26 11.75 3.61
C LEU S 49 -39.94 10.52 4.18
N SER S 50 -39.81 9.39 3.48
CA SER S 50 -40.41 8.15 3.95
C SER S 50 -39.88 7.78 5.33
N GLU S 51 -38.60 8.01 5.56
CA GLU S 51 -38.04 7.73 6.88
C GLU S 51 -38.72 8.56 7.96
N GLN S 52 -38.86 9.87 7.70
CA GLN S 52 -39.54 10.74 8.64
C GLN S 52 -40.96 10.27 8.89
N GLU S 53 -41.64 9.79 7.84
CA GLU S 53 -43.02 9.38 8.00
C GLU S 53 -43.13 8.13 8.85
N THR S 54 -42.23 7.16 8.63
CA THR S 54 -42.18 6.00 9.51
C THR S 54 -41.91 6.41 10.95
N TYR S 55 -40.99 7.35 11.13
CA TYR S 55 -40.68 7.83 12.48
C TYR S 55 -41.91 8.40 13.15
N ASN S 56 -42.68 9.20 12.42
CA ASN S 56 -43.96 9.68 12.92
C ASN S 56 -44.85 8.52 13.32
N TRP S 57 -45.09 7.61 12.39
CA TRP S 57 -46.04 6.52 12.63
C TRP S 57 -45.65 5.69 13.84
N VAL S 58 -44.37 5.45 14.06
CA VAL S 58 -43.97 4.65 15.21
C VAL S 58 -44.09 5.45 16.49
N THR S 59 -43.67 6.72 16.47
CA THR S 59 -43.78 7.53 17.67
C THR S 59 -45.23 7.68 18.12
N ASP S 60 -46.19 7.55 17.20
CA ASP S 60 -47.60 7.67 17.53
C ASP S 60 -48.29 6.32 17.61
N TYR S 61 -47.60 5.30 18.09
CA TYR S 61 -48.21 3.99 18.26
C TYR S 61 -47.93 3.35 19.61
N ALA S 62 -46.89 3.76 20.32
CA ALA S 62 -46.57 3.18 21.61
C ALA S 62 -47.74 3.14 22.59
N PRO S 63 -48.58 4.18 22.73
CA PRO S 63 -49.69 4.07 23.68
C PRO S 63 -50.64 2.92 23.39
N SER S 64 -51.06 2.80 22.13
CA SER S 64 -51.90 1.66 21.74
C SER S 64 -51.20 0.35 22.04
N HIS S 65 -49.88 0.31 21.89
CA HIS S 65 -49.16 -0.92 22.19
C HIS S 65 -49.23 -1.26 23.67
N LEU S 66 -49.05 -0.26 24.53
CA LEU S 66 -49.17 -0.52 25.97
C LEU S 66 -50.57 -0.97 26.34
N ALA S 67 -51.58 -0.37 25.71
CA ALA S 67 -52.95 -0.81 25.93
C ALA S 67 -53.10 -2.28 25.58
N LYS S 68 -52.62 -2.66 24.40
CA LYS S 68 -52.67 -4.06 23.99
C LYS S 68 -51.93 -4.94 24.99
N GLU S 69 -50.82 -4.44 25.53
CA GLU S 69 -50.06 -5.20 26.51
C GLU S 69 -50.90 -5.50 27.75
N VAL S 70 -51.51 -4.48 28.33
CA VAL S 70 -52.26 -4.72 29.55
C VAL S 70 -53.49 -5.56 29.28
N VAL S 71 -54.10 -5.41 28.10
CA VAL S 71 -55.20 -6.30 27.74
C VAL S 71 -54.72 -7.73 27.68
N LYS S 72 -53.52 -7.95 27.14
CA LYS S 72 -52.96 -9.29 27.10
C LYS S 72 -52.76 -9.84 28.50
N GLN S 73 -52.22 -9.03 29.40
CA GLN S 73 -52.03 -9.48 30.78
C GLN S 73 -53.35 -9.90 31.42
N ILE S 74 -54.37 -9.06 31.25
CA ILE S 74 -55.66 -9.35 31.87
C ILE S 74 -56.27 -10.62 31.28
N SER S 75 -56.22 -10.75 29.95
CA SER S 75 -56.73 -11.96 29.33
C SER S 75 -56.00 -13.20 29.82
N GLY S 76 -54.68 -13.13 29.92
CA GLY S 76 -53.92 -14.26 30.42
C GLY S 76 -54.33 -14.63 31.83
N LYS S 77 -54.52 -13.62 32.68
CA LYS S 77 -54.95 -13.92 34.05
C LYS S 77 -56.38 -14.43 34.11
N TYR S 78 -57.20 -14.18 33.08
CA TYR S 78 -58.58 -14.64 33.09
C TYR S 78 -58.87 -15.72 32.07
N ASN S 79 -57.86 -16.23 31.38
CA ASN S 79 -58.01 -17.36 30.46
C ASN S 79 -59.08 -17.07 29.40
N ILE S 80 -58.80 -16.07 28.57
CA ILE S 80 -59.77 -15.62 27.58
C ILE S 80 -59.30 -16.02 26.18
N PRO S 81 -60.20 -16.49 25.32
CA PRO S 81 -59.78 -16.85 23.96
C PRO S 81 -59.25 -15.67 23.17
N GLY S 82 -58.36 -15.97 22.23
CA GLY S 82 -57.61 -14.93 21.53
C GLY S 82 -58.50 -13.87 20.91
N ALA S 83 -59.60 -14.29 20.27
CA ALA S 83 -60.51 -13.36 19.61
C ALA S 83 -60.91 -12.24 20.56
N TYR S 84 -61.34 -12.61 21.75
CA TYR S 84 -61.78 -11.62 22.71
C TYR S 84 -60.62 -10.80 23.23
N GLN S 85 -59.41 -11.37 23.25
CA GLN S 85 -58.24 -10.56 23.59
C GLN S 85 -58.06 -9.42 22.60
N GLY S 86 -58.12 -9.73 21.30
CA GLY S 86 -58.03 -8.68 20.31
C GLY S 86 -59.16 -7.67 20.44
N LEU S 87 -60.38 -8.16 20.68
CA LEU S 87 -61.51 -7.25 20.80
C LEU S 87 -61.34 -6.29 21.97
N LEU S 88 -60.88 -6.79 23.12
CA LEU S 88 -60.66 -5.90 24.26
C LEU S 88 -59.49 -4.97 24.04
N MET S 89 -58.45 -5.42 23.31
CA MET S 89 -57.41 -4.49 22.89
C MET S 89 -58.01 -3.33 22.14
N ALA S 90 -58.88 -3.62 21.17
CA ALA S 90 -59.52 -2.57 20.40
C ALA S 90 -60.32 -1.64 21.30
N PHE S 91 -61.08 -2.21 22.23
CA PHE S 91 -61.88 -1.40 23.14
C PHE S 91 -61.01 -0.45 23.96
N ALA S 92 -59.94 -0.98 24.56
CA ALA S 92 -59.07 -0.17 25.39
C ALA S 92 -58.43 0.94 24.57
N GLU S 93 -58.00 0.62 23.35
CA GLU S 93 -57.42 1.66 22.51
C GLU S 93 -58.43 2.75 22.22
N LYS S 94 -59.66 2.37 21.88
CA LYS S 94 -60.70 3.35 21.61
C LYS S 94 -60.91 4.27 22.79
N VAL S 95 -61.05 3.69 23.99
CA VAL S 95 -61.40 4.49 25.15
C VAL S 95 -60.25 5.37 25.58
N LEU S 96 -59.01 4.91 25.40
CA LEU S 96 -57.90 5.80 25.71
C LEU S 96 -57.82 6.94 24.70
N ALA S 97 -58.10 6.64 23.43
CA ALA S 97 -57.95 7.65 22.38
C ALA S 97 -59.00 8.74 22.52
N ASN S 98 -60.29 8.36 22.42
CA ASN S 98 -61.33 9.37 22.34
C ASN S 98 -61.56 10.07 23.67
N TYR S 99 -61.26 9.41 24.78
CA TYR S 99 -61.60 9.93 26.11
C TYR S 99 -60.37 10.41 26.88
N ILE S 100 -59.36 9.56 27.01
CA ILE S 100 -58.22 9.93 27.86
C ILE S 100 -57.40 11.02 27.20
N LEU S 101 -57.25 10.97 25.88
CA LEU S 101 -56.35 11.90 25.19
C LEU S 101 -57.08 13.15 24.71
N ASP S 102 -58.18 12.97 23.98
CA ASP S 102 -58.92 14.10 23.43
C ASP S 102 -60.13 14.49 24.26
N TYR S 103 -60.69 13.55 25.02
CA TYR S 103 -61.90 13.77 25.80
C TYR S 103 -62.99 14.40 24.94
N LYS S 104 -63.39 13.64 23.91
CA LYS S 104 -64.57 14.04 23.17
C LYS S 104 -65.78 14.03 24.10
N GLY S 105 -66.87 14.61 23.63
CA GLY S 105 -68.01 14.83 24.49
C GLY S 105 -68.74 13.54 24.83
N GLU S 106 -68.13 12.66 25.61
CA GLU S 106 -68.87 11.46 25.97
C GLU S 106 -68.37 10.93 27.29
N PRO S 107 -69.25 10.58 28.21
CA PRO S 107 -68.83 10.02 29.50
C PRO S 107 -68.42 8.56 29.36
N LEU S 108 -67.57 8.13 30.29
CA LEU S 108 -66.98 6.80 30.21
C LEU S 108 -68.04 5.71 30.17
N VAL S 109 -68.98 5.75 31.12
CA VAL S 109 -69.98 4.70 31.22
C VAL S 109 -70.81 4.60 29.94
N GLU S 110 -70.91 5.70 29.20
CA GLU S 110 -71.61 5.65 27.92
C GLU S 110 -70.89 4.73 26.95
N ILE S 111 -69.59 4.92 26.78
CA ILE S 111 -68.81 4.00 25.94
C ILE S 111 -68.89 2.59 26.51
N HIS S 112 -68.93 2.48 27.84
CA HIS S 112 -69.04 1.17 28.48
C HIS S 112 -70.28 0.44 27.98
N HIS S 113 -71.44 1.08 28.09
CA HIS S 113 -72.67 0.43 27.65
C HIS S 113 -72.69 0.24 26.15
N ASN S 114 -72.07 1.16 25.40
CA ASN S 114 -71.99 0.99 23.95
C ASN S 114 -71.26 -0.30 23.60
N PHE S 115 -70.04 -0.46 24.10
CA PHE S 115 -69.28 -1.66 23.81
C PHE S 115 -69.93 -2.88 24.45
N LEU S 116 -70.73 -2.69 25.49
CA LEU S 116 -71.50 -3.80 26.03
C LEU S 116 -72.50 -4.31 25.01
N TRP S 117 -73.33 -3.42 24.47
CA TRP S 117 -74.20 -3.81 23.36
C TRP S 117 -73.40 -4.42 22.24
N GLU S 118 -72.19 -3.92 22.01
CA GLU S 118 -71.32 -4.54 21.02
C GLU S 118 -71.06 -6.00 21.37
N LEU S 119 -70.88 -6.30 22.66
CA LEU S 119 -70.58 -7.68 23.04
C LEU S 119 -71.80 -8.52 23.35
N MET S 120 -73.02 -7.98 23.25
CA MET S 120 -74.20 -8.76 23.54
C MET S 120 -74.46 -9.80 22.45
N GLN S 121 -75.50 -10.59 22.64
CA GLN S 121 -75.88 -11.60 21.65
C GLN S 121 -77.40 -11.69 21.51
N GLY S 133 -75.56 -13.35 28.24
CA GLY S 133 -75.38 -12.26 27.28
C GLY S 133 -74.07 -11.55 27.46
N PHE S 134 -73.65 -11.40 28.71
CA PHE S 134 -72.39 -10.74 29.03
C PHE S 134 -71.55 -11.52 30.02
N ILE S 135 -71.96 -12.71 30.40
CA ILE S 135 -71.18 -13.59 31.26
C ILE S 135 -70.88 -14.84 30.45
N TYR S 136 -69.68 -14.91 29.91
CA TYR S 136 -69.32 -15.98 28.99
C TYR S 136 -68.68 -17.13 29.74
N THR S 137 -68.90 -18.34 29.22
CA THR S 137 -68.36 -19.55 29.81
C THR S 137 -67.18 -20.04 28.99
N PHE S 138 -66.07 -20.30 29.66
CA PHE S 138 -64.85 -20.72 28.99
C PHE S 138 -64.30 -21.97 29.68
N VAL S 139 -63.81 -22.89 28.86
CA VAL S 139 -63.28 -24.16 29.35
C VAL S 139 -61.77 -24.12 29.25
N ARG S 140 -61.10 -24.09 30.40
CA ARG S 140 -59.66 -24.00 30.42
C ARG S 140 -59.03 -25.29 29.91
N LYS S 141 -57.70 -25.27 29.82
CA LYS S 141 -56.96 -26.44 29.34
C LYS S 141 -57.08 -27.63 30.28
N ASP S 142 -57.39 -27.41 31.54
CA ASP S 142 -57.55 -28.48 32.51
C ASP S 142 -58.94 -29.11 32.48
N GLY S 143 -59.85 -28.58 31.66
CA GLY S 143 -61.22 -29.04 31.65
C GLY S 143 -62.14 -28.31 32.60
N LYS S 144 -61.61 -27.40 33.41
CA LYS S 144 -62.43 -26.65 34.35
C LYS S 144 -63.14 -25.50 33.65
N PRO S 145 -64.46 -25.55 33.52
CA PRO S 145 -65.18 -24.42 32.95
C PRO S 145 -65.18 -23.25 33.90
N VAL S 146 -65.09 -22.04 33.34
CA VAL S 146 -65.08 -20.81 34.11
C VAL S 146 -66.02 -19.82 33.45
N THR S 147 -66.47 -18.85 34.22
CA THR S 147 -67.36 -17.81 33.73
C THR S 147 -66.79 -16.45 34.09
N VAL S 148 -66.93 -15.50 33.19
CA VAL S 148 -66.45 -14.14 33.38
C VAL S 148 -67.47 -13.17 32.80
N ASP S 149 -67.71 -12.08 33.52
CA ASP S 149 -68.65 -11.07 33.05
C ASP S 149 -67.93 -10.05 32.16
N MET S 150 -68.57 -9.69 31.05
CA MET S 150 -68.00 -8.68 30.17
C MET S 150 -67.97 -7.31 30.85
N SER S 151 -69.11 -6.88 31.38
CA SER S 151 -69.18 -5.55 31.97
C SER S 151 -68.19 -5.38 33.11
N LYS S 152 -67.92 -6.46 33.85
CA LYS S 152 -66.97 -6.37 34.95
C LYS S 152 -65.56 -6.09 34.44
N VAL S 153 -65.07 -6.94 33.53
CA VAL S 153 -63.71 -6.76 33.05
C VAL S 153 -63.57 -5.47 32.26
N LEU S 154 -64.62 -5.07 31.54
CA LEU S 154 -64.60 -3.77 30.87
C LEU S 154 -64.31 -2.66 31.85
N THR S 155 -65.05 -2.63 32.96
CA THR S 155 -64.70 -1.71 34.04
C THR S 155 -63.32 -1.99 34.59
N GLU S 156 -62.94 -3.26 34.66
CA GLU S 156 -61.67 -3.61 35.30
C GLU S 156 -60.49 -3.00 34.55
N ILE S 157 -60.48 -3.12 33.23
CA ILE S 157 -59.37 -2.59 32.46
C ILE S 157 -59.38 -1.07 32.48
N GLU S 158 -60.56 -0.46 32.64
CA GLU S 158 -60.64 0.99 32.75
C GLU S 158 -59.73 1.49 33.86
N ASP S 159 -59.93 1.00 35.08
CA ASP S 159 -59.07 1.38 36.18
C ASP S 159 -57.62 1.03 35.88
N ALA S 160 -57.39 -0.16 35.33
CA ALA S 160 -56.04 -0.52 34.89
C ALA S 160 -55.51 0.48 33.88
N LEU S 161 -56.33 0.84 32.89
CA LEU S 161 -55.90 1.79 31.88
C LEU S 161 -55.61 3.15 32.51
N PHE S 162 -56.54 3.66 33.31
CA PHE S 162 -56.31 4.92 34.02
C PHE S 162 -55.07 4.83 34.91
N LYS S 163 -54.67 3.63 35.30
CA LYS S 163 -53.47 3.48 36.10
C LYS S 163 -52.21 3.67 35.26
N LEU S 164 -52.22 3.19 34.01
CA LEU S 164 -51.03 3.25 33.17
C LEU S 164 -50.58 4.70 32.96
N VAL S 165 -51.43 5.49 32.31
CA VAL S 165 -51.16 6.91 32.15
C VAL S 165 -51.29 7.66 33.47
N LYS S 166 -51.61 6.95 34.54
CA LYS S 166 -51.73 7.53 35.88
C LYS S 166 -52.84 8.58 35.92
N LYS S 167 -53.84 8.40 35.07
CA LYS S 167 -54.95 9.35 34.99
C LYS S 167 -55.75 9.36 36.29
N GLY T 3 -18.70 20.58 48.08
CA GLY T 3 -19.37 19.30 48.24
C GLY T 3 -20.60 19.17 47.35
N ARG T 4 -21.22 17.99 47.38
CA ARG T 4 -22.39 17.69 46.56
C ARG T 4 -22.10 17.95 45.09
N GLN T 5 -21.08 17.26 44.58
CA GLN T 5 -20.63 17.49 43.21
C GLN T 5 -21.75 17.19 42.21
N SER T 6 -22.30 15.99 42.24
CA SER T 6 -23.34 15.61 41.30
C SER T 6 -24.18 14.50 41.92
N HIS T 7 -25.15 14.01 41.14
CA HIS T 7 -26.06 12.94 41.57
C HIS T 7 -26.06 11.89 40.47
N LYS T 8 -25.13 10.93 40.55
CA LYS T 8 -25.00 9.92 39.53
C LYS T 8 -26.17 8.93 39.59
N LYS T 9 -26.44 8.30 38.46
CA LYS T 9 -27.49 7.29 38.35
C LYS T 9 -26.94 6.09 37.59
N ILE T 10 -27.18 4.90 38.12
CA ILE T 10 -26.65 3.66 37.56
C ILE T 10 -27.80 2.79 37.12
N ASP T 11 -27.86 2.49 35.83
CA ASP T 11 -28.91 1.66 35.27
C ASP T 11 -28.55 1.33 33.82
N VAL T 12 -29.32 0.44 33.23
CA VAL T 12 -29.15 0.06 31.84
C VAL T 12 -29.67 1.22 30.99
N ARG T 13 -28.76 1.89 30.28
CA ARG T 13 -29.08 3.12 29.58
C ARG T 13 -29.04 2.97 28.06
N ASN T 14 -29.25 1.75 27.55
CA ASN T 14 -29.27 1.50 26.11
C ASN T 14 -27.93 1.83 25.47
N ASP T 15 -26.90 1.98 26.28
CA ASP T 15 -25.54 2.12 25.78
C ASP T 15 -24.57 1.24 26.54
N THR T 16 -25.00 0.66 27.66
CA THR T 16 -24.13 -0.24 28.41
C THR T 16 -23.62 -1.36 27.50
N SER T 17 -24.43 -1.76 26.53
CA SER T 17 -23.96 -2.69 25.50
C SER T 17 -22.70 -2.16 24.84
N THR T 18 -22.79 -0.97 24.24
CA THR T 18 -21.66 -0.45 23.47
C THR T 18 -20.50 -0.09 24.37
N ARG T 19 -20.78 0.44 25.57
CA ARG T 19 -19.70 0.77 26.48
C ARG T 19 -18.91 -0.49 26.85
N TYR T 20 -19.62 -1.53 27.27
CA TYR T 20 -19.00 -2.81 27.56
C TYR T 20 -18.18 -3.31 26.38
N LYS T 21 -18.82 -3.40 25.21
CA LYS T 21 -18.15 -3.92 24.03
C LYS T 21 -16.88 -3.13 23.73
N GLY T 22 -17.00 -1.82 23.61
CA GLY T 22 -15.86 -1.01 23.21
C GLY T 22 -14.73 -1.09 24.20
N LYS T 23 -15.05 -0.96 25.50
CA LYS T 23 -13.98 -0.96 26.48
C LYS T 23 -13.25 -2.29 26.51
N LEU T 24 -13.98 -3.40 26.54
CA LEU T 24 -13.31 -4.69 26.57
C LEU T 24 -12.58 -4.95 25.26
N TYR T 25 -13.09 -4.43 24.14
CA TYR T 25 -12.37 -4.52 22.89
C TYR T 25 -11.03 -3.81 22.99
N GLY T 26 -11.05 -2.57 23.47
CA GLY T 26 -9.81 -1.85 23.64
C GLY T 26 -8.84 -2.58 24.53
N ILE T 27 -9.34 -3.24 25.56
CA ILE T 27 -8.44 -3.98 26.44
C ILE T 27 -7.85 -5.17 25.71
N PHE T 28 -8.70 -5.96 25.04
CA PHE T 28 -8.26 -7.26 24.54
C PHE T 28 -7.51 -7.18 23.22
N VAL T 29 -7.55 -6.05 22.51
CA VAL T 29 -6.77 -5.96 21.28
C VAL T 29 -5.33 -6.33 21.53
N ASN T 30 -4.78 -5.90 22.66
CA ASN T 30 -3.41 -6.21 23.00
C ASN T 30 -3.21 -7.64 23.46
N TYR T 31 -4.25 -8.46 23.40
CA TYR T 31 -4.15 -9.90 23.61
C TYR T 31 -4.39 -10.70 22.35
N MET T 32 -5.33 -10.29 21.52
CA MET T 32 -5.81 -11.12 20.43
C MET T 32 -5.39 -10.66 19.05
N GLY T 33 -5.23 -9.35 18.86
CA GLY T 33 -5.31 -8.79 17.54
C GLY T 33 -6.75 -8.42 17.23
N GLU T 34 -6.93 -7.72 16.11
CA GLU T 34 -8.20 -7.06 15.85
C GLU T 34 -9.36 -8.06 15.80
N LYS T 35 -9.34 -8.96 14.82
CA LYS T 35 -10.53 -9.78 14.54
C LYS T 35 -10.85 -10.71 15.70
N TYR T 36 -9.83 -11.32 16.30
CA TYR T 36 -10.10 -12.24 17.41
C TYR T 36 -10.72 -11.50 18.58
N ALA T 37 -10.18 -10.34 18.94
CA ALA T 37 -10.77 -9.55 20.02
C ALA T 37 -12.19 -9.14 19.67
N GLN T 38 -12.43 -8.81 18.41
CA GLN T 38 -13.78 -8.44 17.99
C GLN T 38 -14.76 -9.57 18.27
N GLN T 39 -14.48 -10.76 17.75
CA GLN T 39 -15.39 -11.88 17.97
C GLN T 39 -15.50 -12.20 19.45
N LEU T 40 -14.41 -12.06 20.19
CA LEU T 40 -14.44 -12.35 21.62
C LEU T 40 -15.42 -11.45 22.35
N VAL T 41 -15.31 -10.13 22.13
CA VAL T 41 -16.21 -9.23 22.85
C VAL T 41 -17.64 -9.43 22.37
N GLU T 42 -17.83 -9.76 21.08
CA GLU T 42 -19.17 -10.04 20.61
C GLU T 42 -19.80 -11.17 21.41
N ASN T 43 -19.12 -12.31 21.48
CA ASN T 43 -19.67 -13.45 22.19
C ASN T 43 -19.84 -13.14 23.68
N MET T 44 -18.86 -12.45 24.26
CA MET T 44 -18.94 -12.12 25.68
C MET T 44 -20.19 -11.33 25.99
N TYR T 45 -20.41 -10.25 25.24
CA TYR T 45 -21.59 -9.44 25.52
C TYR T 45 -22.86 -10.19 25.22
N SER T 46 -22.88 -11.01 24.17
CA SER T 46 -24.10 -11.75 23.89
C SER T 46 -24.49 -12.63 25.08
N ASN T 47 -23.51 -13.36 25.62
CA ASN T 47 -23.77 -14.19 26.80
C ASN T 47 -24.23 -13.35 27.97
N TYR T 48 -23.49 -12.28 28.27
CA TYR T 48 -23.83 -11.44 29.40
C TYR T 48 -25.24 -10.90 29.25
N ASN T 49 -25.62 -10.51 28.04
CA ASN T 49 -26.98 -10.06 27.78
C ASN T 49 -27.94 -11.16 28.14
N ASP T 50 -27.93 -12.24 27.36
CA ASP T 50 -28.99 -13.23 27.47
C ASP T 50 -29.08 -13.84 28.86
N VAL T 51 -28.04 -13.70 29.69
CA VAL T 51 -28.21 -14.16 31.06
C VAL T 51 -28.62 -13.00 31.96
N PHE T 52 -27.70 -12.05 32.17
CA PHE T 52 -27.89 -11.07 33.22
C PHE T 52 -29.04 -10.14 32.89
N VAL T 53 -29.06 -9.58 31.67
CA VAL T 53 -30.15 -8.69 31.33
C VAL T 53 -31.48 -9.42 31.47
N GLU T 54 -31.64 -10.47 30.66
CA GLU T 54 -32.91 -11.18 30.56
C GLU T 54 -33.46 -11.60 31.90
N ILE T 55 -32.59 -11.90 32.87
CA ILE T 55 -33.14 -12.31 34.16
C ILE T 55 -33.17 -11.14 35.12
N TYR T 56 -31.97 -10.68 35.50
CA TYR T 56 -31.87 -9.77 36.62
C TYR T 56 -32.45 -8.40 36.30
N ASN T 57 -32.25 -7.91 35.07
CA ASN T 57 -32.71 -6.56 34.80
C ASN T 57 -34.23 -6.52 34.74
N LYS T 58 -34.84 -7.52 34.10
CA LYS T 58 -36.30 -7.60 34.11
C LYS T 58 -36.83 -7.72 35.52
N MET T 59 -36.18 -8.53 36.35
CA MET T 59 -36.66 -8.65 37.73
C MET T 59 -36.54 -7.33 38.48
N HIS T 60 -35.42 -6.64 38.33
CA HIS T 60 -35.24 -5.36 39.01
C HIS T 60 -36.27 -4.36 38.54
N ASN T 61 -36.53 -4.30 37.23
CA ASN T 61 -37.52 -3.37 36.73
C ASN T 61 -38.91 -3.69 37.26
N ALA T 62 -39.24 -4.98 37.35
CA ALA T 62 -40.55 -5.36 37.85
C ALA T 62 -40.70 -5.04 39.34
N LEU T 63 -39.66 -5.26 40.12
CA LEU T 63 -39.78 -5.15 41.57
C LEU T 63 -39.49 -3.76 42.11
N ARG T 64 -38.82 -2.90 41.34
CA ARG T 64 -38.55 -1.54 41.80
C ARG T 64 -39.76 -0.86 42.42
N PRO T 65 -40.93 -0.81 41.76
CA PRO T 65 -42.06 -0.08 42.37
C PRO T 65 -42.46 -0.61 43.73
N THR T 66 -42.55 -1.92 43.88
CA THR T 66 -42.93 -2.48 45.17
C THR T 66 -41.87 -2.25 46.23
N LEU T 67 -40.59 -2.26 45.84
CA LEU T 67 -39.54 -1.88 46.77
C LEU T 67 -39.77 -0.48 47.30
N VAL T 68 -40.09 0.46 46.40
CA VAL T 68 -40.37 1.82 46.83
C VAL T 68 -41.60 1.85 47.73
N LYS T 69 -42.62 1.07 47.40
CA LYS T 69 -43.82 1.04 48.23
C LYS T 69 -43.49 0.60 49.65
N LEU T 70 -42.72 -0.48 49.77
CA LEU T 70 -42.46 -1.05 51.09
C LEU T 70 -41.49 -0.20 51.88
N ALA T 71 -40.29 0.00 51.36
CA ALA T 71 -39.22 0.65 52.09
C ALA T 71 -38.67 1.82 51.30
N GLY T 72 -39.57 2.67 50.80
CA GLY T 72 -39.20 3.80 49.99
C GLY T 72 -38.06 4.59 50.59
N ALA T 73 -36.91 4.53 49.94
CA ALA T 73 -35.65 4.97 50.51
C ALA T 73 -34.56 4.73 49.49
N GLY T 74 -33.43 5.41 49.69
CA GLY T 74 -32.21 4.96 49.05
C GLY T 74 -31.70 3.69 49.69
N ALA T 75 -32.14 3.41 50.92
CA ALA T 75 -31.69 2.24 51.67
C ALA T 75 -32.56 1.04 51.32
N THR T 76 -32.63 0.75 50.03
CA THR T 76 -33.22 -0.47 49.52
C THR T 76 -32.17 -1.45 49.03
N PHE T 77 -30.91 -1.06 49.10
CA PHE T 77 -29.80 -1.93 48.71
C PHE T 77 -29.87 -3.32 49.33
N PRO T 78 -30.16 -3.49 50.62
CA PRO T 78 -30.30 -4.86 51.14
C PRO T 78 -31.39 -5.64 50.44
N LEU T 79 -32.49 -4.97 50.06
CA LEU T 79 -33.52 -5.65 49.29
C LEU T 79 -32.97 -6.14 47.96
N TRP T 80 -32.10 -5.34 47.34
CA TRP T 80 -31.45 -5.79 46.11
C TRP T 80 -30.61 -7.01 46.37
N GLN T 81 -29.86 -7.02 47.48
CA GLN T 81 -29.15 -8.23 47.87
C GLN T 81 -30.10 -9.41 47.95
N LEU T 82 -31.26 -9.20 48.56
CA LEU T 82 -32.19 -10.30 48.79
C LEU T 82 -32.71 -10.85 47.46
N VAL T 83 -33.10 -9.96 46.56
CA VAL T 83 -33.63 -10.44 45.29
C VAL T 83 -32.54 -11.15 44.48
N ASN T 84 -31.30 -10.65 44.54
CA ASN T 84 -30.22 -11.32 43.83
C ASN T 84 -30.00 -12.73 44.38
N GLU T 85 -29.85 -12.85 45.69
CA GLU T 85 -29.63 -14.18 46.27
C GLU T 85 -30.82 -15.09 45.99
N ALA T 86 -32.04 -14.56 46.07
CA ALA T 86 -33.21 -15.36 45.79
C ALA T 86 -33.17 -15.92 44.38
N ILE T 87 -32.83 -15.09 43.41
CA ILE T 87 -32.76 -15.56 42.03
C ILE T 87 -31.65 -16.59 41.88
N TYR T 88 -30.53 -16.39 42.58
CA TYR T 88 -29.40 -17.29 42.41
C TYR T 88 -29.40 -18.44 43.42
N ALA T 89 -29.38 -18.12 44.71
CA ALA T 89 -29.10 -19.14 45.72
C ALA T 89 -30.27 -20.09 45.90
N VAL T 90 -31.50 -19.61 45.76
CA VAL T 90 -32.66 -20.44 46.07
C VAL T 90 -33.22 -21.06 44.81
N TYR T 91 -33.70 -20.22 43.91
CA TYR T 91 -34.14 -20.72 42.61
C TYR T 91 -32.92 -21.05 41.77
N LEU T 92 -33.11 -22.01 40.85
CA LEU T 92 -32.13 -22.35 39.83
C LEU T 92 -30.92 -23.06 40.41
N THR T 93 -30.82 -23.11 41.74
CA THR T 93 -29.75 -23.83 42.41
C THR T 93 -30.22 -24.71 43.55
N HIS T 94 -31.33 -24.39 44.20
CA HIS T 94 -31.84 -25.17 45.33
C HIS T 94 -30.77 -25.31 46.41
N LYS T 95 -29.96 -24.27 46.59
CA LYS T 95 -28.86 -24.35 47.52
C LYS T 95 -29.26 -24.01 48.94
N GLU T 96 -30.27 -23.15 49.12
CA GLU T 96 -30.71 -22.75 50.45
C GLU T 96 -32.23 -22.66 50.50
N THR T 97 -32.78 -22.90 51.69
CA THR T 97 -34.21 -22.85 51.93
C THR T 97 -34.61 -21.46 52.38
N ALA T 98 -35.93 -21.21 52.36
CA ALA T 98 -36.45 -19.91 52.78
C ALA T 98 -36.00 -19.55 54.18
N SER T 99 -35.83 -20.55 55.05
CA SER T 99 -35.36 -20.31 56.41
C SER T 99 -34.07 -19.52 56.41
N PHE T 100 -33.14 -19.85 55.51
CA PHE T 100 -31.85 -19.17 55.50
C PHE T 100 -32.01 -17.69 55.18
N LEU T 101 -32.74 -17.37 54.11
CA LEU T 101 -32.90 -15.96 53.74
C LEU T 101 -33.63 -15.20 54.82
N VAL T 102 -34.73 -15.77 55.34
CA VAL T 102 -35.49 -15.03 56.34
C VAL T 102 -34.63 -14.79 57.58
N THR T 103 -33.90 -15.81 58.03
CA THR T 103 -33.00 -15.66 59.16
C THR T 103 -31.97 -14.58 58.89
N LYS T 104 -31.32 -14.64 57.73
CA LYS T 104 -30.27 -13.70 57.41
C LYS T 104 -30.77 -12.27 57.38
N TYR T 105 -31.91 -12.04 56.76
CA TYR T 105 -32.34 -10.67 56.55
C TYR T 105 -33.06 -10.10 57.75
N VAL T 106 -33.68 -10.93 58.59
CA VAL T 106 -34.13 -10.39 59.86
C VAL T 106 -32.92 -10.11 60.75
N ALA T 107 -31.85 -10.91 60.62
CA ALA T 107 -30.61 -10.59 61.29
C ALA T 107 -30.03 -9.28 60.78
N ARG T 108 -30.27 -8.96 59.51
CA ARG T 108 -29.84 -7.70 58.95
C ARG T 108 -30.83 -6.56 59.20
N GLY T 109 -31.92 -6.83 59.90
CA GLY T 109 -32.86 -5.80 60.26
C GLY T 109 -34.06 -5.64 59.34
N VAL T 110 -34.42 -6.67 58.59
CA VAL T 110 -35.54 -6.61 57.66
C VAL T 110 -36.73 -7.32 58.29
N PRO T 111 -37.93 -6.74 58.25
CA PRO T 111 -39.11 -7.46 58.73
C PRO T 111 -39.36 -8.71 57.92
N ALA T 112 -39.82 -9.76 58.59
CA ALA T 112 -39.95 -11.06 57.95
C ALA T 112 -40.98 -11.04 56.82
N MET T 113 -42.18 -10.52 57.10
CA MET T 113 -43.23 -10.56 56.10
C MET T 113 -42.86 -9.79 54.85
N THR T 114 -42.03 -8.76 54.98
CA THR T 114 -41.50 -8.09 53.79
C THR T 114 -40.72 -9.08 52.93
N VAL T 115 -39.81 -9.83 53.55
CA VAL T 115 -39.04 -10.83 52.82
C VAL T 115 -39.96 -11.84 52.17
N LYS T 116 -40.98 -12.28 52.92
CA LYS T 116 -41.92 -13.26 52.37
C LYS T 116 -42.61 -12.72 51.13
N THR T 117 -43.07 -11.47 51.20
CA THR T 117 -43.73 -10.87 50.05
C THR T 117 -42.78 -10.80 48.86
N LEU T 118 -41.57 -10.29 49.08
CA LEU T 118 -40.61 -10.17 47.99
C LEU T 118 -40.33 -11.51 47.34
N LEU T 119 -40.14 -12.54 48.16
CA LEU T 119 -39.91 -13.88 47.64
C LEU T 119 -41.10 -14.32 46.81
N ALA T 120 -42.31 -14.04 47.29
CA ALA T 120 -43.51 -14.41 46.55
C ALA T 120 -43.51 -13.79 45.15
N GLU T 121 -43.26 -12.48 45.08
CA GLU T 121 -43.36 -11.83 43.77
C GLU T 121 -42.24 -12.27 42.84
N VAL T 122 -41.01 -12.39 43.37
CA VAL T 122 -39.91 -12.79 42.49
C VAL T 122 -40.16 -14.19 41.95
N GLY T 123 -40.75 -15.06 42.76
CA GLY T 123 -41.15 -16.36 42.23
C GLY T 123 -42.22 -16.23 41.17
N ASN T 124 -43.25 -15.43 41.45
CA ASN T 124 -44.37 -15.31 40.52
C ASN T 124 -43.92 -14.77 39.16
N GLN T 125 -42.83 -14.02 39.12
CA GLN T 125 -42.38 -13.51 37.83
C GLN T 125 -41.30 -14.38 37.20
N LEU T 126 -40.38 -14.91 38.00
CA LEU T 126 -39.36 -15.79 37.47
C LEU T 126 -39.99 -17.02 36.83
N LYS T 127 -41.14 -17.46 37.36
CA LYS T 127 -41.83 -18.57 36.71
C LYS T 127 -42.28 -18.20 35.31
N GLU T 128 -42.61 -16.93 35.08
CA GLU T 128 -42.95 -16.52 33.72
C GLU T 128 -41.70 -16.41 32.86
N LEU T 129 -40.58 -16.00 33.47
CA LEU T 129 -39.37 -15.84 32.68
C LEU T 129 -38.73 -17.18 32.33
N VAL T 130 -38.63 -18.08 33.28
CA VAL T 130 -37.93 -19.35 33.10
C VAL T 130 -38.96 -20.48 33.17
N PRO T 131 -38.98 -21.40 32.20
CA PRO T 131 -39.95 -22.50 32.28
C PRO T 131 -39.68 -23.47 33.42
N ALA T 132 -38.45 -23.97 33.54
CA ALA T 132 -38.17 -25.06 34.47
C ALA T 132 -38.57 -24.69 35.89
N VAL T 133 -38.33 -23.44 36.29
CA VAL T 133 -38.72 -23.03 37.63
C VAL T 133 -40.23 -23.04 37.78
N ALA T 134 -40.94 -22.57 36.74
CA ALA T 134 -42.40 -22.60 36.78
C ALA T 134 -42.91 -24.03 36.92
N GLU T 135 -42.24 -24.98 36.27
CA GLU T 135 -42.67 -26.36 36.35
C GLU T 135 -42.36 -26.94 37.73
N GLN T 136 -41.22 -26.58 38.30
CA GLN T 136 -40.89 -27.06 39.64
C GLN T 136 -41.86 -26.52 40.67
N ILE T 137 -42.27 -25.26 40.54
CA ILE T 137 -43.21 -24.71 41.51
C ILE T 137 -44.64 -25.07 41.14
N GLY T 138 -44.89 -25.38 39.87
CA GLY T 138 -46.23 -25.70 39.45
C GLY T 138 -47.13 -24.47 39.47
N SER T 139 -48.44 -24.73 39.51
CA SER T 139 -49.45 -23.67 39.49
C SER T 139 -49.86 -23.33 40.92
N VAL T 140 -48.96 -22.65 41.62
CA VAL T 140 -49.18 -22.20 42.99
C VAL T 140 -48.85 -20.72 43.05
N THR T 141 -49.86 -19.89 43.33
CA THR T 141 -49.64 -18.47 43.51
C THR T 141 -49.00 -18.23 44.86
N LEU T 142 -47.85 -17.55 44.87
CA LEU T 142 -47.10 -17.36 46.09
C LEU T 142 -47.61 -16.16 46.87
N ASP T 143 -47.59 -16.30 48.19
CA ASP T 143 -47.98 -15.22 49.08
C ASP T 143 -47.19 -15.35 50.37
N HIS T 144 -47.08 -14.24 51.10
CA HIS T 144 -46.39 -14.24 52.38
C HIS T 144 -47.03 -15.17 53.40
N THR T 145 -48.15 -15.79 53.05
CA THR T 145 -48.77 -16.80 53.89
C THR T 145 -48.36 -18.22 53.52
N ASN T 146 -48.08 -18.48 52.24
CA ASN T 146 -47.82 -19.82 51.77
C ASN T 146 -46.49 -20.00 51.07
N VAL T 147 -45.77 -18.91 50.76
CA VAL T 147 -44.59 -19.03 49.92
C VAL T 147 -43.50 -19.83 50.63
N VAL T 148 -43.36 -19.66 51.94
CA VAL T 148 -42.23 -20.26 52.64
C VAL T 148 -42.34 -21.79 52.60
N SER T 149 -43.51 -22.33 52.93
CA SER T 149 -43.68 -23.78 52.94
C SER T 149 -43.48 -24.37 51.56
N THR T 150 -44.07 -23.73 50.54
CA THR T 150 -43.95 -24.23 49.18
C THR T 150 -42.49 -24.25 48.73
N VAL T 151 -41.79 -23.13 48.90
CA VAL T 151 -40.42 -23.05 48.42
C VAL T 151 -39.53 -23.99 49.21
N ASP T 152 -39.81 -24.16 50.51
CA ASP T 152 -39.01 -25.08 51.30
C ASP T 152 -39.21 -26.51 50.84
N ASN T 153 -40.46 -26.89 50.54
CA ASN T 153 -40.71 -28.19 49.96
C ASN T 153 -39.94 -28.37 48.65
N ILE T 154 -40.01 -27.38 47.78
CA ILE T 154 -39.38 -27.50 46.47
C ILE T 154 -37.87 -27.64 46.61
N VAL T 155 -37.27 -26.83 47.49
CA VAL T 155 -35.82 -26.85 47.63
C VAL T 155 -35.36 -28.14 48.31
N THR T 156 -36.09 -28.61 49.33
CA THR T 156 -35.64 -29.83 49.99
C THR T 156 -35.83 -31.04 49.09
N SER T 157 -36.86 -31.03 48.25
CA SER T 157 -37.05 -32.12 47.30
C SER T 157 -35.85 -32.26 46.39
N MET T 158 -35.21 -31.18 46.07
CA MET T 158 -34.06 -31.33 45.20
C MET T 158 -32.76 -31.16 45.97
N PRO T 159 -31.71 -31.85 45.58
CA PRO T 159 -30.40 -31.60 46.17
C PRO T 159 -29.81 -30.30 45.64
N ALA T 160 -28.59 -30.01 46.10
CA ALA T 160 -27.90 -28.82 45.62
C ALA T 160 -27.63 -28.93 44.13
N LEU T 161 -28.09 -27.94 43.39
CA LEU T 161 -27.86 -28.08 41.96
C LEU T 161 -26.55 -27.41 41.56
N PRO T 162 -25.89 -27.90 40.52
CA PRO T 162 -24.68 -27.23 40.04
C PRO T 162 -25.03 -25.88 39.44
N ASN T 163 -24.25 -24.88 39.82
CA ASN T 163 -24.46 -23.53 39.32
C ASN T 163 -24.32 -23.42 37.81
N SER T 164 -23.84 -24.47 37.14
CA SER T 164 -23.86 -24.49 35.68
C SER T 164 -25.28 -24.33 35.16
N TYR T 165 -26.27 -24.82 35.89
CA TYR T 165 -27.66 -24.54 35.53
C TYR T 165 -27.94 -23.05 35.61
N ALA T 166 -27.53 -22.42 36.71
CA ALA T 166 -27.82 -21.00 36.89
C ALA T 166 -27.11 -20.14 35.86
N GLY T 167 -25.99 -20.60 35.33
CA GLY T 167 -25.20 -19.74 34.46
C GLY T 167 -25.73 -19.57 33.05
N VAL T 168 -25.66 -20.62 32.24
CA VAL T 168 -26.01 -20.48 30.82
C VAL T 168 -27.03 -21.54 30.40
N LEU T 169 -26.78 -22.79 30.79
CA LEU T 169 -27.45 -23.94 30.19
C LEU T 169 -28.97 -23.84 30.29
N MET T 170 -29.47 -23.23 31.38
CA MET T 170 -30.89 -23.28 31.68
C MET T 170 -31.73 -22.79 30.50
N LYS T 171 -31.40 -21.62 29.97
CA LYS T 171 -32.06 -21.12 28.78
C LYS T 171 -31.47 -21.71 27.51
N THR T 172 -30.25 -22.22 27.58
CA THR T 172 -29.59 -22.72 26.38
C THR T 172 -30.29 -23.96 25.83
N LYS T 173 -30.72 -24.86 26.71
CA LYS T 173 -31.27 -26.13 26.26
C LYS T 173 -32.67 -25.97 25.68
N VAL T 174 -33.46 -25.03 26.21
CA VAL T 174 -34.87 -24.91 25.88
C VAL T 174 -35.08 -23.63 25.08
N PRO T 175 -35.72 -23.70 23.91
CA PRO T 175 -36.14 -22.48 23.22
C PRO T 175 -37.51 -22.03 23.71
N THR T 176 -37.72 -20.72 23.65
CA THR T 176 -38.94 -20.11 24.17
C THR T 176 -39.64 -19.31 23.10
N VAL T 177 -40.87 -18.90 23.40
CA VAL T 177 -41.60 -18.03 22.50
C VAL T 177 -40.92 -16.67 22.44
N THR T 178 -40.84 -16.12 21.24
CA THR T 178 -40.27 -14.80 21.06
C THR T 178 -41.35 -13.75 21.30
N PRO T 179 -40.95 -12.52 21.59
CA PRO T 179 -41.92 -11.43 21.59
C PRO T 179 -42.30 -11.03 20.18
N HIS T 180 -41.90 -11.85 19.21
CA HIS T 180 -42.20 -11.66 17.80
C HIS T 180 -43.01 -12.83 17.29
N TYR T 181 -43.98 -13.26 18.09
CA TYR T 181 -44.70 -14.50 17.81
C TYR T 181 -46.17 -14.31 18.13
N ALA T 182 -46.95 -15.34 17.90
CA ALA T 182 -48.33 -15.37 18.34
C ALA T 182 -48.41 -15.90 19.77
N GLY T 183 -49.62 -16.24 20.20
CA GLY T 183 -49.77 -16.68 21.58
C GLY T 183 -49.47 -15.54 22.52
N THR T 184 -48.70 -15.82 23.55
CA THR T 184 -48.29 -14.80 24.51
C THR T 184 -46.92 -14.23 24.21
N GLY T 185 -46.52 -14.19 22.94
CA GLY T 185 -45.27 -13.58 22.55
C GLY T 185 -45.48 -12.45 21.56
N THR T 186 -46.40 -11.53 21.88
CA THR T 186 -46.87 -10.55 20.92
C THR T 186 -46.95 -9.16 21.56
N PHE T 187 -45.97 -8.79 22.38
CA PHE T 187 -46.15 -7.58 23.19
C PHE T 187 -44.95 -6.64 23.28
N SER T 188 -43.70 -7.10 23.17
CA SER T 188 -42.60 -6.28 23.70
C SER T 188 -41.75 -5.59 22.63
N SER T 189 -41.81 -6.05 21.39
CA SER T 189 -40.84 -5.61 20.39
C SER T 189 -40.75 -4.10 20.26
N MET T 190 -41.72 -3.36 20.83
CA MET T 190 -41.62 -1.92 20.93
C MET T 190 -40.20 -1.49 21.24
N GLU T 191 -39.61 -2.05 22.29
CA GLU T 191 -38.23 -1.71 22.60
C GLU T 191 -37.34 -1.95 21.38
N SER T 192 -37.25 -3.20 20.94
CA SER T 192 -36.45 -3.52 19.76
C SER T 192 -36.86 -2.66 18.57
N ALA T 193 -38.14 -2.31 18.49
CA ALA T 193 -38.60 -1.50 17.36
C ALA T 193 -37.78 -0.23 17.24
N TYR T 194 -37.61 0.49 18.36
CA TYR T 194 -36.83 1.71 18.33
C TYR T 194 -35.46 1.46 17.71
N LYS T 195 -34.81 0.37 18.12
CA LYS T 195 -33.51 0.02 17.59
C LYS T 195 -33.49 0.16 16.07
N ALA T 196 -34.44 -0.51 15.40
CA ALA T 196 -34.50 -0.43 13.96
C ALA T 196 -34.52 1.02 13.50
N LEU T 197 -35.50 1.79 13.98
CA LEU T 197 -35.60 3.18 13.60
C LEU T 197 -34.25 3.86 13.71
N GLU T 198 -33.56 3.64 14.82
CA GLU T 198 -32.29 4.31 15.05
C GLU T 198 -31.37 4.15 13.85
N ASP T 199 -31.10 2.91 13.44
CA ASP T 199 -30.12 2.73 12.37
C ASP T 199 -30.60 3.38 11.09
N ILE T 200 -31.90 3.33 10.81
CA ILE T 200 -32.39 3.94 9.57
C ILE T 200 -32.11 5.43 9.58
N GLU T 201 -32.19 6.07 10.76
CA GLU T 201 -31.92 7.49 10.83
C GLU T 201 -30.44 7.78 10.66
N ARG T 202 -29.58 6.91 11.19
CA ARG T 202 -28.14 7.09 11.04
C ARG T 202 -27.65 6.71 9.66
N GLY T 203 -28.55 6.52 8.70
CA GLY T 203 -28.14 5.99 7.42
C GLY T 203 -27.69 4.56 7.48
N LEU T 204 -27.95 3.88 8.60
CA LEU T 204 -27.61 2.48 8.77
C LEU T 204 -28.88 1.64 8.64
N GLY U 3 -8.54 45.35 29.27
CA GLY U 3 -9.67 44.69 29.88
C GLY U 3 -10.92 44.73 29.02
N ARG U 4 -12.02 44.21 29.55
CA ARG U 4 -13.30 44.15 28.83
C ARG U 4 -13.12 43.53 27.46
N GLN U 5 -12.65 42.28 27.46
CA GLN U 5 -12.37 41.59 26.21
C GLN U 5 -13.63 41.39 25.39
N SER U 6 -14.62 40.68 25.94
CA SER U 6 -15.83 40.39 25.21
C SER U 6 -16.97 40.18 26.20
N HIS U 7 -18.13 39.80 25.69
CA HIS U 7 -19.32 39.53 26.49
C HIS U 7 -19.89 38.20 26.04
N LYS U 8 -19.44 37.12 26.67
CA LYS U 8 -19.86 35.79 26.29
C LYS U 8 -21.31 35.54 26.70
N LYS U 9 -21.98 34.70 25.93
CA LYS U 9 -23.35 34.29 26.22
C LYS U 9 -23.43 32.77 26.12
N ILE U 10 -23.99 32.15 27.15
CA ILE U 10 -24.03 30.70 27.27
C ILE U 10 -25.48 30.25 27.23
N ASP U 11 -25.80 29.38 26.28
CA ASP U 11 -27.17 28.90 26.09
C ASP U 11 -27.13 27.78 25.07
N VAL U 12 -28.29 27.18 24.83
CA VAL U 12 -28.45 26.12 23.85
C VAL U 12 -28.59 26.76 22.48
N ARG U 13 -27.54 26.65 21.66
CA ARG U 13 -27.41 27.44 20.45
C ARG U 13 -27.55 26.61 19.18
N ASN U 14 -28.35 25.55 19.22
CA ASN U 14 -28.60 24.70 18.05
C ASN U 14 -27.32 24.06 17.54
N ASP U 15 -26.27 24.10 18.35
CA ASP U 15 -25.03 23.42 17.99
C ASP U 15 -24.42 22.68 19.17
N THR U 16 -25.00 22.81 20.37
CA THR U 16 -24.48 22.06 21.51
C THR U 16 -24.56 20.56 21.24
N SER U 17 -25.59 20.14 20.51
CA SER U 17 -25.63 18.77 20.04
C SER U 17 -24.35 18.42 19.29
N THR U 18 -24.04 19.19 18.26
CA THR U 18 -22.88 18.86 17.42
C THR U 18 -21.59 19.04 18.18
N ARG U 19 -21.46 20.11 18.96
CA ARG U 19 -20.22 20.32 19.71
C ARG U 19 -19.98 19.18 20.67
N TYR U 20 -21.00 18.82 21.45
CA TYR U 20 -20.91 17.70 22.37
C TYR U 20 -20.50 16.43 21.64
N LYS U 21 -21.28 16.04 20.63
CA LYS U 21 -21.00 14.81 19.90
C LYS U 21 -19.59 14.81 19.36
N GLY U 22 -19.20 15.89 18.66
CA GLY U 22 -17.90 15.90 18.02
C GLY U 22 -16.75 15.81 19.01
N LYS U 23 -16.78 16.65 20.04
CA LYS U 23 -15.68 16.64 20.99
C LYS U 23 -15.56 15.31 21.70
N LEU U 24 -16.70 14.75 22.13
CA LEU U 24 -16.62 13.47 22.84
C LEU U 24 -16.22 12.34 21.90
N TYR U 25 -16.64 12.41 20.64
CA TYR U 25 -16.18 11.44 19.65
C TYR U 25 -14.68 11.51 19.50
N GLY U 26 -14.14 12.72 19.35
CA GLY U 26 -12.71 12.87 19.25
C GLY U 26 -12.00 12.30 20.46
N ILE U 27 -12.55 12.50 21.64
CA ILE U 27 -11.91 11.92 22.82
C ILE U 27 -11.95 10.40 22.75
N PHE U 28 -13.11 9.84 22.43
CA PHE U 28 -13.31 8.41 22.63
C PHE U 28 -12.77 7.53 21.52
N VAL U 29 -12.45 8.10 20.35
CA VAL U 29 -11.86 7.26 19.30
C VAL U 29 -10.63 6.55 19.82
N ASN U 30 -9.87 7.21 20.70
CA ASN U 30 -8.71 6.56 21.28
C ASN U 30 -9.05 5.59 22.38
N TYR U 31 -10.34 5.37 22.64
CA TYR U 31 -10.79 4.29 23.50
C TYR U 31 -11.46 3.16 22.75
N MET U 32 -12.23 3.46 21.72
CA MET U 32 -13.16 2.51 21.12
C MET U 32 -12.81 2.10 19.70
N GLY U 33 -12.29 3.02 18.91
CA GLY U 33 -12.34 2.88 17.47
C GLY U 33 -13.56 3.59 16.91
N GLU U 34 -13.55 3.79 15.59
CA GLU U 34 -14.49 4.71 14.97
C GLU U 34 -15.94 4.31 15.24
N LYS U 35 -16.32 3.10 14.84
CA LYS U 35 -17.72 2.73 14.90
C LYS U 35 -18.24 2.70 16.34
N TYR U 36 -17.47 2.12 17.24
CA TYR U 36 -17.92 2.03 18.63
C TYR U 36 -18.04 3.42 19.25
N ALA U 37 -17.05 4.28 19.04
CA ALA U 37 -17.13 5.63 19.58
C ALA U 37 -18.31 6.38 18.97
N GLN U 38 -18.59 6.15 17.69
CA GLN U 38 -19.72 6.80 17.05
C GLN U 38 -21.02 6.42 17.74
N GLN U 39 -21.28 5.12 17.85
CA GLN U 39 -22.49 4.68 18.55
C GLN U 39 -22.53 5.22 19.96
N LEU U 40 -21.36 5.28 20.61
CA LEU U 40 -21.31 5.74 21.99
C LEU U 40 -21.79 7.18 22.10
N VAL U 41 -21.21 8.07 21.30
CA VAL U 41 -21.60 9.47 21.40
C VAL U 41 -23.05 9.66 20.98
N GLU U 42 -23.50 8.88 19.99
CA GLU U 42 -24.91 8.93 19.62
C GLU U 42 -25.80 8.66 20.82
N ASN U 43 -25.61 7.53 21.47
CA ASN U 43 -26.46 7.17 22.60
C ASN U 43 -26.33 8.19 23.73
N MET U 44 -25.10 8.60 24.02
CA MET U 44 -24.87 9.53 25.13
C MET U 44 -25.63 10.83 24.90
N TYR U 45 -25.51 11.41 23.71
CA TYR U 45 -26.20 12.66 23.48
C TYR U 45 -27.70 12.46 23.45
N SER U 46 -28.18 11.34 22.92
CA SER U 46 -29.62 11.11 22.93
C SER U 46 -30.14 11.16 24.35
N ASN U 47 -29.47 10.44 25.26
CA ASN U 47 -29.90 10.46 26.66
C ASN U 47 -29.83 11.86 27.24
N TYR U 48 -28.69 12.54 27.06
CA TYR U 48 -28.54 13.88 27.62
C TYR U 48 -29.64 14.80 27.11
N ASN U 49 -29.96 14.71 25.83
CA ASN U 49 -31.04 15.47 25.25
C ASN U 49 -32.32 15.18 26.00
N ASP U 50 -32.83 13.95 25.83
CA ASP U 50 -34.17 13.65 26.30
C ASP U 50 -34.33 13.83 27.80
N VAL U 51 -33.24 13.92 28.56
CA VAL U 51 -33.43 14.29 29.95
C VAL U 51 -33.26 15.79 30.15
N PHE U 52 -32.02 16.27 29.96
CA PHE U 52 -31.70 17.62 30.40
C PHE U 52 -32.42 18.65 29.55
N VAL U 53 -32.35 18.52 28.23
CA VAL U 53 -33.02 19.50 27.39
C VAL U 53 -34.49 19.56 27.75
N GLU U 54 -35.18 18.43 27.54
CA GLU U 54 -36.63 18.36 27.70
C GLU U 54 -37.09 18.90 29.04
N ILE U 55 -36.31 18.70 30.10
CA ILE U 55 -36.80 19.18 31.38
C ILE U 55 -36.24 20.56 31.69
N TYR U 56 -34.93 20.60 31.91
CA TYR U 56 -34.32 21.80 32.47
C TYR U 56 -34.35 22.94 31.47
N ASN U 57 -34.08 22.68 30.20
CA ASN U 57 -33.98 23.79 29.26
C ASN U 57 -35.35 24.43 29.03
N LYS U 58 -36.38 23.61 28.88
CA LYS U 58 -37.73 24.15 28.77
C LYS U 58 -38.11 24.92 30.03
N MET U 59 -37.76 24.39 31.20
CA MET U 59 -38.06 25.13 32.42
C MET U 59 -37.37 26.48 32.43
N HIS U 60 -36.09 26.50 32.08
CA HIS U 60 -35.35 27.76 32.10
C HIS U 60 -35.93 28.75 31.11
N ASN U 61 -36.29 28.28 29.92
CA ASN U 61 -36.85 29.16 28.91
C ASN U 61 -38.19 29.73 29.37
N ALA U 62 -39.00 28.92 30.04
CA ALA U 62 -40.27 29.43 30.53
C ALA U 62 -40.05 30.44 31.66
N LEU U 63 -39.11 30.18 32.55
CA LEU U 63 -39.01 30.96 33.78
C LEU U 63 -38.21 32.23 33.62
N ARG U 64 -37.27 32.29 32.68
CA ARG U 64 -36.41 33.45 32.52
C ARG U 64 -37.14 34.79 32.60
N PRO U 65 -38.23 35.02 31.86
CA PRO U 65 -38.88 36.33 31.95
C PRO U 65 -39.32 36.69 33.36
N THR U 66 -39.90 35.73 34.08
CA THR U 66 -40.32 35.99 35.44
C THR U 66 -39.14 36.26 36.35
N LEU U 67 -38.04 35.54 36.16
CA LEU U 67 -36.82 35.86 36.91
C LEU U 67 -36.43 37.31 36.73
N VAL U 68 -36.45 37.79 35.48
CA VAL U 68 -36.11 39.18 35.23
C VAL U 68 -37.12 40.10 35.90
N LYS U 69 -38.40 39.78 35.82
CA LYS U 69 -39.42 40.63 36.44
C LYS U 69 -39.18 40.76 37.93
N LEU U 70 -38.84 39.66 38.59
CA LEU U 70 -38.71 39.69 40.04
C LEU U 70 -37.39 40.33 40.46
N ALA U 71 -36.28 39.73 40.06
CA ALA U 71 -34.96 40.17 40.52
C ALA U 71 -34.06 40.43 39.33
N GLY U 72 -34.58 41.18 38.36
CA GLY U 72 -33.86 41.50 37.14
C GLY U 72 -32.43 41.90 37.40
N ALA U 73 -31.50 41.10 36.90
CA ALA U 73 -30.10 41.23 37.24
C ALA U 73 -29.33 40.17 36.45
N GLY U 74 -28.03 40.41 36.30
CA GLY U 74 -27.14 39.31 36.04
C GLY U 74 -27.03 38.41 37.25
N ALA U 75 -27.36 38.95 38.43
CA ALA U 75 -27.33 38.21 39.69
C ALA U 75 -28.68 37.57 39.96
N THR U 76 -29.17 36.86 38.96
CA THR U 76 -30.25 35.90 39.15
C THR U 76 -29.71 34.51 39.40
N PHE U 77 -28.38 34.41 39.45
CA PHE U 77 -27.68 33.15 39.69
C PHE U 77 -28.26 32.33 40.84
N PRO U 78 -28.53 32.90 42.02
CA PRO U 78 -29.19 32.09 43.06
C PRO U 78 -30.55 31.58 42.65
N LEU U 79 -31.29 32.33 41.83
CA LEU U 79 -32.58 31.84 41.36
C LEU U 79 -32.42 30.61 40.48
N TRP U 80 -31.39 30.60 39.65
CA TRP U 80 -31.13 29.41 38.85
C TRP U 80 -30.76 28.23 39.73
N GLN U 81 -29.91 28.47 40.73
CA GLN U 81 -29.63 27.39 41.69
C GLN U 81 -30.93 26.89 42.33
N LEU U 82 -31.83 27.81 42.66
CA LEU U 82 -33.08 27.44 43.30
C LEU U 82 -33.93 26.56 42.38
N VAL U 83 -34.07 26.96 41.12
CA VAL U 83 -34.91 26.17 40.22
C VAL U 83 -34.29 24.81 39.98
N ASN U 84 -32.95 24.72 39.95
CA ASN U 84 -32.31 23.41 39.84
C ASN U 84 -32.64 22.54 41.04
N GLU U 85 -32.46 23.07 42.25
CA GLU U 85 -32.80 22.29 43.44
C GLU U 85 -34.26 21.86 43.42
N ALA U 86 -35.15 22.76 43.02
CA ALA U 86 -36.57 22.42 43.00
C ALA U 86 -36.85 21.29 42.04
N ILE U 87 -36.30 21.36 40.83
CA ILE U 87 -36.56 20.33 39.84
C ILE U 87 -36.00 19.00 40.30
N TYR U 88 -34.81 19.00 40.90
CA TYR U 88 -34.19 17.73 41.27
C TYR U 88 -34.57 17.30 42.68
N ALA U 89 -34.30 18.14 43.68
CA ALA U 89 -34.33 17.67 45.06
C ALA U 89 -35.76 17.43 45.55
N VAL U 90 -36.71 18.24 45.10
CA VAL U 90 -38.05 18.15 45.67
C VAL U 90 -38.95 17.34 44.77
N TYR U 91 -39.19 17.84 43.56
CA TYR U 91 -39.94 17.06 42.60
C TYR U 91 -39.09 15.90 42.11
N LEU U 92 -39.75 14.82 41.73
CA LEU U 92 -39.13 13.64 41.14
C LEU U 92 -38.32 12.85 42.16
N THR U 93 -38.13 13.41 43.36
CA THR U 93 -37.45 12.67 44.42
C THR U 93 -38.14 12.75 45.77
N HIS U 94 -38.86 13.82 46.09
CA HIS U 94 -39.42 14.02 47.41
C HIS U 94 -38.36 13.87 48.50
N LYS U 95 -37.17 14.38 48.22
CA LYS U 95 -36.08 14.26 49.17
C LYS U 95 -36.13 15.33 50.25
N GLU U 96 -36.64 16.51 49.93
CA GLU U 96 -36.74 17.61 50.87
C GLU U 96 -38.06 18.34 50.71
N THR U 97 -38.57 18.89 51.81
CA THR U 97 -39.79 19.67 51.77
C THR U 97 -39.48 21.14 51.54
N ALA U 98 -40.51 21.89 51.12
CA ALA U 98 -40.32 23.29 50.79
C ALA U 98 -39.72 24.08 51.93
N SER U 99 -39.96 23.66 53.17
CA SER U 99 -39.36 24.31 54.33
C SER U 99 -37.85 24.40 54.19
N PHE U 100 -37.22 23.32 53.76
CA PHE U 100 -35.77 23.32 53.61
C PHE U 100 -35.33 24.36 52.59
N LEU U 101 -35.97 24.39 51.43
CA LEU U 101 -35.58 25.33 50.38
C LEU U 101 -35.77 26.77 50.84
N VAL U 102 -36.94 27.08 51.40
CA VAL U 102 -37.19 28.46 51.78
C VAL U 102 -36.22 28.89 52.87
N THR U 103 -35.97 28.00 53.85
CA THR U 103 -35.00 28.31 54.90
C THR U 103 -33.63 28.57 54.31
N LYS U 104 -33.16 27.67 53.43
CA LYS U 104 -31.83 27.81 52.88
C LYS U 104 -31.68 29.08 52.06
N TYR U 105 -32.70 29.42 51.28
CA TYR U 105 -32.54 30.54 50.37
C TYR U 105 -32.79 31.88 51.05
N VAL U 106 -33.61 31.93 52.10
CA VAL U 106 -33.65 33.14 52.88
C VAL U 106 -32.35 33.29 53.66
N ALA U 107 -31.74 32.17 54.05
CA ALA U 107 -30.40 32.23 54.62
C ALA U 107 -29.41 32.77 53.62
N ARG U 108 -29.61 32.48 52.33
CA ARG U 108 -28.77 33.02 51.28
C ARG U 108 -29.16 34.45 50.89
N GLY U 109 -30.21 35.00 51.47
CA GLY U 109 -30.60 36.36 51.21
C GLY U 109 -31.71 36.55 50.21
N VAL U 110 -32.54 35.54 49.98
CA VAL U 110 -33.62 35.62 49.01
C VAL U 110 -34.92 35.87 49.76
N PRO U 111 -35.75 36.83 49.32
CA PRO U 111 -37.06 37.01 49.94
C PRO U 111 -37.90 35.75 49.82
N ALA U 112 -38.58 35.41 50.91
CA ALA U 112 -39.26 34.11 50.99
C ALA U 112 -40.38 33.99 49.97
N MET U 113 -41.22 35.03 49.85
CA MET U 113 -42.35 34.94 48.94
C MET U 113 -41.90 34.80 47.49
N THR U 114 -40.72 35.34 47.15
CA THR U 114 -40.16 35.05 45.84
C THR U 114 -39.93 33.56 45.67
N VAL U 115 -39.35 32.93 46.68
CA VAL U 115 -39.11 31.48 46.63
C VAL U 115 -40.42 30.74 46.44
N LYS U 116 -41.43 31.10 47.22
CA LYS U 116 -42.72 30.44 47.11
C LYS U 116 -43.31 30.61 45.72
N THR U 117 -43.18 31.82 45.17
CA THR U 117 -43.65 32.09 43.82
C THR U 117 -42.99 31.16 42.82
N LEU U 118 -41.65 31.09 42.88
CA LEU U 118 -40.92 30.26 41.92
C LEU U 118 -41.31 28.80 42.04
N LEU U 119 -41.48 28.32 43.28
CA LEU U 119 -41.94 26.95 43.45
C LEU U 119 -43.30 26.75 42.81
N ALA U 120 -44.18 27.73 42.98
CA ALA U 120 -45.50 27.63 42.38
C ALA U 120 -45.41 27.48 40.86
N GLU U 121 -44.64 28.36 40.21
CA GLU U 121 -44.59 28.28 38.76
C GLU U 121 -43.88 27.03 38.27
N VAL U 122 -42.78 26.64 38.92
CA VAL U 122 -42.05 25.48 38.44
C VAL U 122 -42.91 24.23 38.58
N GLY U 123 -43.69 24.15 39.66
CA GLY U 123 -44.64 23.05 39.77
C GLY U 123 -45.70 23.10 38.69
N ASN U 124 -46.25 24.31 38.45
CA ASN U 124 -47.29 24.45 37.44
C ASN U 124 -46.80 24.05 36.05
N GLN U 125 -45.50 24.17 35.81
CA GLN U 125 -44.98 23.78 34.51
C GLN U 125 -44.56 22.32 34.46
N LEU U 126 -43.92 21.84 35.52
CA LEU U 126 -43.50 20.45 35.57
C LEU U 126 -44.70 19.51 35.49
N LYS U 127 -45.82 19.91 36.08
CA LYS U 127 -47.03 19.09 35.95
C LYS U 127 -47.45 18.94 34.50
N GLU U 128 -47.12 19.93 33.66
CA GLU U 128 -47.38 19.75 32.23
C GLU U 128 -46.32 18.87 31.60
N LEU U 129 -45.06 19.04 32.03
CA LEU U 129 -43.98 18.31 31.38
C LEU U 129 -43.99 16.84 31.75
N VAL U 130 -44.09 16.52 33.04
CA VAL U 130 -43.99 15.15 33.52
C VAL U 130 -45.36 14.72 34.04
N PRO U 131 -45.93 13.62 33.54
CA PRO U 131 -47.24 13.19 34.05
C PRO U 131 -47.20 12.81 35.52
N ALA U 132 -46.18 12.08 35.96
CA ALA U 132 -46.16 11.54 37.32
C ALA U 132 -46.29 12.63 38.36
N VAL U 133 -45.57 13.74 38.18
CA VAL U 133 -45.66 14.84 39.14
C VAL U 133 -47.06 15.45 39.11
N ALA U 134 -47.64 15.60 37.92
CA ALA U 134 -49.00 16.12 37.82
C ALA U 134 -49.97 15.26 38.59
N GLU U 135 -49.81 13.94 38.52
CA GLU U 135 -50.72 13.06 39.23
C GLU U 135 -50.45 13.09 40.74
N GLN U 136 -49.19 13.25 41.13
CA GLN U 136 -48.88 13.35 42.56
C GLN U 136 -49.48 14.63 43.14
N ILE U 137 -49.46 15.72 42.38
CA ILE U 137 -50.01 16.97 42.90
C ILE U 137 -51.50 17.07 42.59
N GLY U 138 -51.97 16.37 41.57
CA GLY U 138 -53.35 16.49 41.19
C GLY U 138 -53.63 17.83 40.54
N SER U 139 -54.92 18.18 40.51
CA SER U 139 -55.38 19.42 39.88
C SER U 139 -55.53 20.52 40.93
N VAL U 140 -54.39 21.07 41.33
CA VAL U 140 -54.33 22.20 42.26
C VAL U 140 -53.38 23.25 41.70
N THR U 141 -53.87 24.47 41.53
CA THR U 141 -53.01 25.56 41.12
C THR U 141 -52.19 26.03 42.31
N LEU U 142 -50.88 26.18 42.12
CA LEU U 142 -50.01 26.60 43.19
C LEU U 142 -49.94 28.12 43.27
N ASP U 143 -49.80 28.61 44.50
CA ASP U 143 -49.59 30.03 44.73
C ASP U 143 -48.76 30.18 45.99
N HIS U 144 -48.08 31.31 46.10
CA HIS U 144 -47.28 31.59 47.29
C HIS U 144 -48.10 31.61 48.56
N THR U 145 -49.43 31.51 48.45
CA THR U 145 -50.30 31.38 49.60
C THR U 145 -50.58 29.93 49.96
N ASN U 146 -50.46 29.00 49.01
CA ASN U 146 -50.84 27.62 49.25
C ASN U 146 -49.83 26.59 48.77
N VAL U 147 -48.79 26.99 48.04
CA VAL U 147 -47.91 26.02 47.43
C VAL U 147 -47.16 25.22 48.51
N VAL U 148 -46.69 25.90 49.56
CA VAL U 148 -45.86 25.25 50.56
C VAL U 148 -46.64 24.14 51.26
N SER U 149 -47.89 24.41 51.61
CA SER U 149 -48.70 23.41 52.29
C SER U 149 -48.87 22.16 51.43
N THR U 150 -49.25 22.34 50.16
CA THR U 150 -49.49 21.21 49.29
C THR U 150 -48.20 20.41 49.05
N VAL U 151 -47.11 21.11 48.75
CA VAL U 151 -45.88 20.40 48.44
C VAL U 151 -45.35 19.68 49.67
N ASP U 152 -45.49 20.29 50.85
CA ASP U 152 -45.04 19.61 52.06
C ASP U 152 -45.91 18.41 52.36
N ASN U 153 -47.21 18.51 52.10
CA ASN U 153 -48.08 17.35 52.18
C ASN U 153 -47.56 16.23 51.30
N ILE U 154 -47.24 16.55 50.05
CA ILE U 154 -46.82 15.52 49.09
C ILE U 154 -45.51 14.89 49.53
N VAL U 155 -44.53 15.72 49.92
CA VAL U 155 -43.23 15.18 50.30
C VAL U 155 -43.32 14.36 51.59
N THR U 156 -44.13 14.80 52.54
CA THR U 156 -44.34 13.98 53.73
C THR U 156 -45.00 12.66 53.36
N SER U 157 -45.95 12.70 52.43
CA SER U 157 -46.58 11.47 51.96
C SER U 157 -45.54 10.54 51.33
N MET U 158 -44.68 11.08 50.49
CA MET U 158 -43.82 10.06 49.91
C MET U 158 -42.41 10.14 50.48
N PRO U 159 -41.84 9.00 50.84
CA PRO U 159 -40.46 9.01 51.36
C PRO U 159 -39.48 9.35 50.25
N ALA U 160 -38.22 9.45 50.64
CA ALA U 160 -37.16 9.75 49.68
C ALA U 160 -37.12 8.70 48.59
N LEU U 161 -37.25 9.13 47.36
CA LEU U 161 -37.24 8.16 46.26
C LEU U 161 -35.83 7.99 45.73
N PRO U 162 -35.54 6.84 45.10
CA PRO U 162 -34.23 6.68 44.45
C PRO U 162 -34.15 7.61 43.26
N ASN U 163 -33.01 8.30 43.15
CA ASN U 163 -32.78 9.21 42.04
C ASN U 163 -32.86 8.53 40.68
N SER U 164 -32.94 7.20 40.64
CA SER U 164 -33.17 6.51 39.38
C SER U 164 -34.46 6.96 38.73
N TYR U 165 -35.44 7.37 39.53
CA TYR U 165 -36.66 7.96 38.97
C TYR U 165 -36.33 9.27 38.26
N ALA U 166 -35.66 10.18 38.96
CA ALA U 166 -35.39 11.50 38.40
C ALA U 166 -34.46 11.41 37.18
N GLY U 167 -33.67 10.35 37.08
CA GLY U 167 -32.69 10.31 36.02
C GLY U 167 -33.23 9.97 34.65
N VAL U 168 -33.67 8.73 34.45
CA VAL U 168 -34.02 8.25 33.13
C VAL U 168 -35.41 7.63 33.11
N LEU U 169 -35.66 6.72 34.06
CA LEU U 169 -36.82 5.84 34.00
C LEU U 169 -38.13 6.60 33.84
N MET U 170 -38.20 7.81 34.39
CA MET U 170 -39.46 8.52 34.50
C MET U 170 -40.14 8.67 33.15
N LYS U 171 -39.45 9.26 32.19
CA LYS U 171 -39.97 9.38 30.83
C LYS U 171 -39.84 8.08 30.06
N THR U 172 -38.94 7.19 30.48
CA THR U 172 -38.68 5.97 29.72
C THR U 172 -39.87 5.03 29.76
N LYS U 173 -40.46 4.84 30.94
CA LYS U 173 -41.51 3.84 31.06
C LYS U 173 -42.80 4.27 30.39
N VAL U 174 -43.13 5.55 30.42
CA VAL U 174 -44.42 6.06 29.96
C VAL U 174 -44.20 6.83 28.66
N PRO U 175 -44.95 6.56 27.60
CA PRO U 175 -44.91 7.41 26.41
C PRO U 175 -45.85 8.59 26.56
N THR U 176 -45.52 9.68 25.87
CA THR U 176 -46.28 10.91 25.95
C THR U 176 -46.79 11.29 24.57
N VAL U 177 -47.77 12.20 24.55
CA VAL U 177 -48.25 12.72 23.28
C VAL U 177 -47.14 13.53 22.63
N THR U 178 -46.92 13.28 21.35
CA THR U 178 -45.91 14.02 20.61
C THR U 178 -46.48 15.37 20.17
N PRO U 179 -45.62 16.31 19.83
CA PRO U 179 -46.10 17.51 19.16
C PRO U 179 -46.45 17.23 17.71
N HIS U 180 -46.55 15.94 17.37
CA HIS U 180 -46.91 15.48 16.03
C HIS U 180 -48.22 14.71 16.10
N TYR U 181 -49.17 15.24 16.86
CA TYR U 181 -50.38 14.51 17.18
C TYR U 181 -51.56 15.47 17.14
N ALA U 182 -52.75 14.95 17.40
CA ALA U 182 -53.90 15.79 17.67
C ALA U 182 -53.98 16.09 19.17
N GLY U 183 -55.11 16.61 19.60
CA GLY U 183 -55.24 16.95 21.01
C GLY U 183 -54.35 18.12 21.35
N THR U 184 -53.49 17.94 22.35
CA THR U 184 -52.55 18.97 22.75
C THR U 184 -51.15 18.78 22.18
N GLY U 185 -51.05 18.10 21.04
CA GLY U 185 -49.75 17.90 20.40
C GLY U 185 -49.72 18.30 18.95
N THR U 186 -50.23 19.49 18.61
CA THR U 186 -50.35 19.90 17.22
C THR U 186 -49.84 21.33 17.03
N PHE U 187 -48.74 21.69 17.69
CA PHE U 187 -48.33 23.09 17.69
C PHE U 187 -46.85 23.34 17.40
N SER U 188 -45.92 22.44 17.77
CA SER U 188 -44.53 22.85 17.90
C SER U 188 -43.66 22.52 16.70
N SER U 189 -44.19 21.79 15.71
CA SER U 189 -43.35 21.34 14.61
C SER U 189 -42.55 22.46 13.97
N MET U 190 -42.97 23.72 14.20
CA MET U 190 -42.21 24.88 13.77
C MET U 190 -40.73 24.67 13.98
N GLU U 191 -40.33 24.45 15.23
CA GLU U 191 -38.90 24.22 15.49
C GLU U 191 -38.38 23.10 14.62
N SER U 192 -38.97 21.90 14.74
CA SER U 192 -38.52 20.77 13.95
C SER U 192 -38.49 21.11 12.47
N ALA U 193 -39.49 21.87 12.01
CA ALA U 193 -39.57 22.20 10.59
C ALA U 193 -38.26 22.82 10.13
N TYR U 194 -37.76 23.80 10.88
CA TYR U 194 -36.51 24.44 10.52
C TYR U 194 -35.43 23.40 10.26
N LYS U 195 -35.26 22.48 11.20
CA LYS U 195 -34.27 21.41 11.03
C LYS U 195 -34.39 20.79 9.65
N ALA U 196 -35.59 20.30 9.32
CA ALA U 196 -35.79 19.68 8.02
C ALA U 196 -35.35 20.61 6.91
N LEU U 197 -35.87 21.84 6.91
CA LEU U 197 -35.51 22.81 5.88
C LEU U 197 -34.00 22.85 5.70
N GLU U 198 -33.28 22.95 6.81
CA GLU U 198 -31.83 23.06 6.75
C GLU U 198 -31.23 21.97 5.86
N ASP U 199 -31.54 20.71 6.16
CA ASP U 199 -30.87 19.65 5.41
C ASP U 199 -31.22 19.72 3.93
N ILE U 200 -32.44 20.10 3.60
CA ILE U 200 -32.80 20.17 2.19
C ILE U 200 -31.95 21.22 1.49
N GLU U 201 -31.70 22.34 2.16
CA GLU U 201 -30.86 23.37 1.55
C GLU U 201 -29.41 22.92 1.48
N ARG U 202 -28.96 22.12 2.45
CA ARG U 202 -27.62 21.57 2.43
C ARG U 202 -27.48 20.42 1.45
N GLY U 203 -28.45 20.20 0.57
CA GLY U 203 -28.41 19.03 -0.27
C GLY U 203 -28.57 17.74 0.49
N LEU U 204 -28.94 17.83 1.77
CA LEU U 204 -29.15 16.65 2.60
C LEU U 204 -30.65 16.42 2.77
N GLY V 3 -15.45 -11.95 51.47
CA GLY V 3 -15.68 -13.32 51.05
C GLY V 3 -16.85 -13.46 50.11
N ARG V 4 -16.98 -14.64 49.50
CA ARG V 4 -18.04 -14.93 48.54
C ARG V 4 -18.06 -13.87 47.43
N GLN V 5 -16.89 -13.67 46.82
CA GLN V 5 -16.73 -12.62 45.83
C GLN V 5 -17.64 -12.83 44.64
N SER V 6 -17.61 -14.01 44.03
CA SER V 6 -18.40 -14.27 42.84
C SER V 6 -18.82 -15.74 42.83
N HIS V 7 -19.55 -16.12 41.79
CA HIS V 7 -20.01 -17.50 41.60
C HIS V 7 -19.70 -17.88 40.16
N LYS V 8 -18.51 -18.41 39.92
CA LYS V 8 -18.06 -18.70 38.58
C LYS V 8 -18.77 -19.92 38.00
N LYS V 9 -18.81 -19.97 36.67
CA LYS V 9 -19.39 -21.09 35.95
C LYS V 9 -18.46 -21.49 34.82
N ILE V 10 -18.18 -22.78 34.70
CA ILE V 10 -17.19 -23.30 33.76
C ILE V 10 -17.90 -24.24 32.79
N ASP V 11 -17.78 -23.96 31.50
CA ASP V 11 -18.43 -24.75 30.46
C ASP V 11 -17.96 -24.22 29.10
N VAL V 12 -18.40 -24.88 28.05
CA VAL V 12 -18.17 -24.43 26.69
C VAL V 12 -19.25 -23.40 26.36
N ARG V 13 -18.82 -22.15 26.12
CA ARG V 13 -19.73 -21.03 26.07
C ARG V 13 -19.76 -20.36 24.69
N ASN V 14 -19.59 -21.12 23.62
CA ASN V 14 -19.67 -20.58 22.27
C ASN V 14 -18.62 -19.53 22.01
N ASP V 15 -17.62 -19.44 22.88
CA ASP V 15 -16.50 -18.55 22.67
C ASP V 15 -15.17 -19.21 23.02
N THR V 16 -15.19 -20.43 23.54
CA THR V 16 -13.95 -21.10 23.88
C THR V 16 -13.07 -21.28 22.65
N SER V 17 -13.70 -21.45 21.48
CA SER V 17 -12.94 -21.44 20.24
C SER V 17 -12.13 -20.17 20.12
N THR V 18 -12.79 -19.02 20.25
CA THR V 18 -12.09 -17.75 20.07
C THR V 18 -11.06 -17.52 21.15
N ARG V 19 -11.41 -17.84 22.41
CA ARG V 19 -10.45 -17.63 23.49
C ARG V 19 -9.19 -18.46 23.27
N TYR V 20 -9.38 -19.75 23.02
CA TYR V 20 -8.26 -20.64 22.73
C TYR V 20 -7.42 -20.11 21.57
N LYS V 21 -8.06 -19.91 20.42
CA LYS V 21 -7.34 -19.46 19.23
C LYS V 21 -6.57 -18.19 19.51
N GLY V 22 -7.23 -17.17 20.05
CA GLY V 22 -6.59 -15.88 20.22
C GLY V 22 -5.43 -15.94 21.19
N LYS V 23 -5.64 -16.53 22.36
CA LYS V 23 -4.57 -16.57 23.34
C LYS V 23 -3.37 -17.33 22.81
N LEU V 24 -3.60 -18.50 22.19
CA LEU V 24 -2.46 -19.25 21.71
C LEU V 24 -1.81 -18.59 20.51
N TYR V 25 -2.58 -17.89 19.69
CA TYR V 25 -2.00 -17.11 18.60
C TYR V 25 -1.07 -16.05 19.15
N GLY V 26 -1.54 -15.29 20.13
CA GLY V 26 -0.68 -14.30 20.76
C GLY V 26 0.59 -14.92 21.32
N ILE V 27 0.48 -16.07 21.96
CA ILE V 27 1.66 -16.68 22.53
C ILE V 27 2.63 -17.10 21.44
N PHE V 28 2.13 -17.75 20.39
CA PHE V 28 3.00 -18.40 19.43
C PHE V 28 3.56 -17.45 18.39
N VAL V 29 2.96 -16.28 18.18
CA VAL V 29 3.48 -15.36 17.18
C VAL V 29 4.93 -15.02 17.48
N ASN V 30 5.30 -15.04 18.77
CA ASN V 30 6.69 -14.85 19.14
C ASN V 30 7.56 -16.05 18.87
N TYR V 31 6.98 -17.13 18.37
CA TYR V 31 7.75 -18.29 17.94
C TYR V 31 7.79 -18.45 16.44
N MET V 32 6.69 -18.19 15.73
CA MET V 32 6.61 -18.50 14.32
C MET V 32 6.60 -17.29 13.41
N GLY V 33 6.12 -16.15 13.88
CA GLY V 33 5.68 -15.10 13.00
C GLY V 33 4.20 -15.26 12.72
N GLU V 34 3.65 -14.24 12.04
CA GLU V 34 2.19 -14.11 11.98
C GLU V 34 1.52 -15.31 11.32
N LYS V 35 1.79 -15.51 10.03
CA LYS V 35 1.01 -16.47 9.26
C LYS V 35 1.20 -17.90 9.77
N TYR V 36 2.43 -18.26 10.14
CA TYR V 36 2.65 -19.61 10.62
C TYR V 36 1.91 -19.84 11.93
N ALA V 37 1.95 -18.88 12.86
CA ALA V 37 1.19 -19.01 14.09
C ALA V 37 -0.30 -19.10 13.80
N GLN V 38 -0.77 -18.35 12.80
CA GLN V 38 -2.17 -18.41 12.43
C GLN V 38 -2.57 -19.82 12.01
N GLN V 39 -1.85 -20.39 11.06
CA GLN V 39 -2.15 -21.75 10.63
C GLN V 39 -2.04 -22.73 11.77
N LEU V 40 -1.07 -22.52 12.66
CA LEU V 40 -0.86 -23.44 13.76
C LEU V 40 -2.07 -23.45 14.70
N VAL V 41 -2.53 -22.27 15.10
CA VAL V 41 -3.67 -22.24 16.00
C VAL V 41 -4.92 -22.76 15.31
N GLU V 42 -5.04 -22.50 14.01
CA GLU V 42 -6.16 -23.07 13.26
C GLU V 42 -6.19 -24.59 13.39
N ASN V 43 -5.07 -25.23 13.05
CA ASN V 43 -5.04 -26.69 13.09
C ASN V 43 -5.21 -27.20 14.52
N MET V 44 -4.58 -26.53 15.48
CA MET V 44 -4.68 -26.98 16.86
C MET V 44 -6.12 -26.98 17.34
N TYR V 45 -6.83 -25.87 17.12
CA TYR V 45 -8.21 -25.85 17.58
C TYR V 45 -9.08 -26.82 16.79
N SER V 46 -8.83 -26.98 15.49
CA SER V 46 -9.64 -27.93 14.74
C SER V 46 -9.52 -29.32 15.34
N ASN V 47 -8.29 -29.75 15.62
CA ASN V 47 -8.09 -31.07 16.22
C ASN V 47 -8.75 -31.14 17.59
N TYR V 48 -8.52 -30.14 18.43
CA TYR V 48 -9.13 -30.15 19.76
C TYR V 48 -10.63 -30.25 19.65
N ASN V 49 -11.23 -29.53 18.70
CA ASN V 49 -12.65 -29.63 18.45
C ASN V 49 -13.01 -31.07 18.17
N ASP V 50 -12.58 -31.56 17.01
CA ASP V 50 -13.07 -32.83 16.51
C ASP V 50 -12.78 -33.99 17.47
N VAL V 51 -11.85 -33.83 18.40
CA VAL V 51 -11.70 -34.89 19.39
C VAL V 51 -12.51 -34.56 20.63
N PHE V 52 -12.07 -33.55 21.36
CA PHE V 52 -12.56 -33.33 22.71
C PHE V 52 -14.02 -32.91 22.69
N VAL V 53 -14.36 -31.92 21.88
CA VAL V 53 -15.75 -31.49 21.84
C VAL V 53 -16.64 -32.67 21.48
N GLU V 54 -16.44 -33.19 20.26
CA GLU V 54 -17.30 -34.23 19.71
C GLU V 54 -17.48 -35.40 20.65
N ILE V 55 -16.47 -35.74 21.44
CA ILE V 55 -16.65 -36.90 22.29
C ILE V 55 -17.06 -36.47 23.69
N TYR V 56 -16.15 -35.80 24.38
CA TYR V 56 -16.32 -35.57 25.81
C TYR V 56 -17.43 -34.57 26.08
N ASN V 57 -17.53 -33.51 25.27
CA ASN V 57 -18.53 -32.50 25.60
C ASN V 57 -19.93 -33.02 25.35
N LYS V 58 -20.11 -33.78 24.26
CA LYS V 58 -21.40 -34.42 24.03
C LYS V 58 -21.73 -35.38 25.15
N MET V 59 -20.75 -36.16 25.60
CA MET V 59 -21.03 -37.07 26.71
C MET V 59 -21.42 -36.30 27.97
N HIS V 60 -20.72 -35.20 28.26
CA HIS V 60 -21.02 -34.43 29.45
C HIS V 60 -22.42 -33.83 29.37
N ASN V 61 -22.78 -33.28 28.22
CA ASN V 61 -24.10 -32.69 28.08
C ASN V 61 -25.19 -33.75 28.17
N ALA V 62 -24.90 -34.95 27.69
CA ALA V 62 -25.89 -36.02 27.79
C ALA V 62 -26.05 -36.49 29.23
N LEU V 63 -24.95 -36.61 29.97
CA LEU V 63 -25.00 -37.29 31.26
C LEU V 63 -25.26 -36.35 32.43
N ARG V 64 -25.03 -35.05 32.27
CA ARG V 64 -25.33 -34.09 33.32
C ARG V 64 -26.69 -34.31 33.97
N PRO V 65 -27.79 -34.49 33.22
CA PRO V 65 -29.08 -34.73 33.90
C PRO V 65 -29.07 -35.96 34.79
N THR V 66 -28.60 -37.09 34.28
CA THR V 66 -28.58 -38.29 35.10
C THR V 66 -27.64 -38.16 36.28
N LEU V 67 -26.52 -37.47 36.11
CA LEU V 67 -25.65 -37.19 37.25
C LEU V 67 -26.40 -36.47 38.35
N VAL V 68 -27.16 -35.43 37.98
CA VAL V 68 -27.92 -34.70 38.98
C VAL V 68 -28.98 -35.60 39.62
N LYS V 69 -29.71 -36.34 38.81
CA LYS V 69 -30.74 -37.22 39.35
C LYS V 69 -30.15 -38.22 40.35
N LEU V 70 -28.98 -38.75 40.04
CA LEU V 70 -28.39 -39.80 40.87
C LEU V 70 -27.78 -39.21 42.14
N ALA V 71 -26.78 -38.36 41.98
CA ALA V 71 -26.01 -37.86 43.12
C ALA V 71 -25.96 -36.34 43.09
N GLY V 72 -27.13 -35.73 42.87
CA GLY V 72 -27.24 -34.28 42.77
C GLY V 72 -26.46 -33.55 43.82
N ALA V 73 -25.47 -32.78 43.38
CA ALA V 73 -24.51 -32.14 44.27
C ALA V 73 -23.60 -31.27 43.43
N GLY V 74 -22.96 -30.31 44.08
CA GLY V 74 -21.74 -29.75 43.54
C GLY V 74 -20.60 -30.75 43.66
N ALA V 75 -20.73 -31.68 44.59
CA ALA V 75 -19.74 -32.74 44.80
C ALA V 75 -20.09 -33.94 43.91
N THR V 76 -20.12 -33.68 42.61
CA THR V 76 -20.30 -34.71 41.61
C THR V 76 -19.02 -35.02 40.85
N PHE V 77 -17.93 -34.32 41.17
CA PHE V 77 -16.65 -34.55 40.51
C PHE V 77 -16.26 -36.01 40.34
N PRO V 78 -16.34 -36.87 41.37
CA PRO V 78 -15.95 -38.27 41.15
C PRO V 78 -16.69 -38.91 40.01
N LEU V 79 -17.96 -38.57 39.80
CA LEU V 79 -18.68 -39.07 38.64
C LEU V 79 -18.03 -38.58 37.35
N TRP V 80 -17.58 -37.33 37.34
CA TRP V 80 -16.97 -36.77 36.14
C TRP V 80 -15.68 -37.49 35.80
N GLN V 81 -14.78 -37.65 36.78
CA GLN V 81 -13.56 -38.39 36.50
C GLN V 81 -13.86 -39.83 36.13
N LEU V 82 -14.93 -40.39 36.70
CA LEU V 82 -15.36 -41.73 36.32
C LEU V 82 -15.67 -41.81 34.85
N VAL V 83 -16.53 -40.92 34.36
CA VAL V 83 -16.93 -41.00 32.96
C VAL V 83 -15.75 -40.68 32.05
N ASN V 84 -14.86 -39.78 32.48
CA ASN V 84 -13.67 -39.50 31.68
C ASN V 84 -12.82 -40.75 31.51
N GLU V 85 -12.47 -41.41 32.62
CA GLU V 85 -11.67 -42.62 32.51
C GLU V 85 -12.41 -43.68 31.71
N ALA V 86 -13.73 -43.77 31.88
CA ALA V 86 -14.51 -44.74 31.13
C ALA V 86 -14.34 -44.55 29.64
N ILE V 87 -14.50 -43.31 29.16
CA ILE V 87 -14.35 -43.05 27.75
C ILE V 87 -12.92 -43.28 27.31
N TYR V 88 -11.96 -43.05 28.20
CA TYR V 88 -10.56 -43.23 27.81
C TYR V 88 -10.05 -44.64 28.10
N ALA V 89 -10.09 -45.05 29.37
CA ALA V 89 -9.33 -46.24 29.78
C ALA V 89 -9.94 -47.53 29.26
N VAL V 90 -11.27 -47.60 29.19
CA VAL V 90 -11.92 -48.85 28.83
C VAL V 90 -12.27 -48.86 27.36
N TYR V 91 -13.13 -47.94 26.95
CA TYR V 91 -13.43 -47.81 25.55
C TYR V 91 -12.26 -47.16 24.82
N LEU V 92 -12.08 -47.55 23.55
CA LEU V 92 -11.10 -46.97 22.65
C LEU V 92 -9.68 -47.37 23.04
N THR V 93 -9.50 -48.00 24.19
CA THR V 93 -8.19 -48.54 24.55
C THR V 93 -8.22 -49.96 25.08
N HIS V 94 -9.30 -50.41 25.71
CA HIS V 94 -9.36 -51.71 26.37
C HIS V 94 -8.18 -51.90 27.33
N LYS V 95 -7.82 -50.81 28.01
CA LYS V 95 -6.68 -50.89 28.93
C LYS V 95 -7.07 -51.47 30.28
N GLU V 96 -8.33 -51.30 30.70
CA GLU V 96 -8.77 -51.80 31.99
C GLU V 96 -10.18 -52.39 31.87
N THR V 97 -10.45 -53.36 32.74
CA THR V 97 -11.76 -54.00 32.81
C THR V 97 -12.64 -53.25 33.80
N ALA V 98 -13.95 -53.51 33.71
CA ALA V 98 -14.89 -52.86 34.61
C ALA V 98 -14.54 -53.10 36.07
N SER V 99 -13.91 -54.24 36.37
CA SER V 99 -13.49 -54.53 37.72
C SER V 99 -12.60 -53.43 38.28
N PHE V 100 -11.68 -52.93 37.45
CA PHE V 100 -10.77 -51.89 37.92
C PHE V 100 -11.52 -50.64 38.35
N LEU V 101 -12.40 -50.15 37.48
CA LEU V 101 -13.12 -48.91 37.79
C LEU V 101 -14.04 -49.09 38.99
N VAL V 102 -14.77 -50.21 39.04
CA VAL V 102 -15.69 -50.40 40.15
C VAL V 102 -14.90 -50.49 41.45
N THR V 103 -13.79 -51.23 41.44
CA THR V 103 -12.93 -51.31 42.62
C THR V 103 -12.45 -49.93 43.04
N LYS V 104 -11.96 -49.15 42.08
CA LYS V 104 -11.39 -47.85 42.40
C LYS V 104 -12.44 -46.92 42.99
N TYR V 105 -13.62 -46.88 42.39
CA TYR V 105 -14.58 -45.86 42.79
C TYR V 105 -15.39 -46.29 44.00
N VAL V 106 -15.54 -47.59 44.27
CA VAL V 106 -16.05 -47.96 45.58
C VAL V 106 -14.98 -47.71 46.63
N ALA V 107 -13.70 -47.87 46.26
CA ALA V 107 -12.63 -47.48 47.16
C ALA V 107 -12.67 -45.98 47.41
N ARG V 108 -13.13 -45.21 46.45
CA ARG V 108 -13.34 -43.78 46.64
C ARG V 108 -14.69 -43.47 47.27
N GLY V 109 -15.52 -44.48 47.51
CA GLY V 109 -16.75 -44.30 48.24
C GLY V 109 -18.01 -44.18 47.42
N VAL V 110 -18.00 -44.68 46.19
CA VAL V 110 -19.16 -44.57 45.30
C VAL V 110 -19.93 -45.89 45.35
N PRO V 111 -21.25 -45.85 45.46
CA PRO V 111 -22.04 -47.09 45.35
C PRO V 111 -21.82 -47.75 43.99
N ALA V 112 -21.61 -49.07 44.03
CA ALA V 112 -21.19 -49.79 42.83
C ALA V 112 -22.25 -49.72 41.74
N MET V 113 -23.52 -49.98 42.09
CA MET V 113 -24.55 -50.01 41.07
C MET V 113 -24.69 -48.67 40.35
N THR V 114 -24.38 -47.56 41.03
CA THR V 114 -24.35 -46.28 40.35
C THR V 114 -23.29 -46.27 39.26
N VAL V 115 -22.09 -46.73 39.59
CA VAL V 115 -21.03 -46.85 38.61
C VAL V 115 -21.49 -47.73 37.45
N LYS V 116 -22.19 -48.82 37.77
CA LYS V 116 -22.64 -49.74 36.72
C LYS V 116 -23.62 -49.04 35.78
N THR V 117 -24.58 -48.31 36.35
CA THR V 117 -25.53 -47.57 35.52
C THR V 117 -24.82 -46.57 34.63
N LEU V 118 -23.87 -45.81 35.21
CA LEU V 118 -23.15 -44.81 34.43
C LEU V 118 -22.36 -45.45 33.31
N LEU V 119 -21.69 -46.57 33.60
CA LEU V 119 -20.93 -47.25 32.56
C LEU V 119 -21.86 -47.74 31.45
N ALA V 120 -23.02 -48.27 31.84
CA ALA V 120 -24.00 -48.69 30.85
C ALA V 120 -24.38 -47.54 29.93
N GLU V 121 -24.65 -46.36 30.51
CA GLU V 121 -25.13 -45.26 29.70
C GLU V 121 -24.03 -44.70 28.81
N VAL V 122 -22.82 -44.56 29.35
CA VAL V 122 -21.74 -44.03 28.53
C VAL V 122 -21.45 -44.99 27.37
N GLY V 123 -21.59 -46.30 27.61
CA GLY V 123 -21.52 -47.23 26.50
C GLY V 123 -22.64 -47.00 25.49
N ASN V 124 -23.86 -46.86 25.99
CA ASN V 124 -25.02 -46.72 25.10
C ASN V 124 -24.90 -45.48 24.22
N GLN V 125 -24.22 -44.44 24.70
CA GLN V 125 -24.10 -43.24 23.87
C GLN V 125 -22.83 -43.27 23.02
N LEU V 126 -21.72 -43.75 23.57
CA LEU V 126 -20.49 -43.83 22.80
C LEU V 126 -20.68 -44.73 21.60
N LYS V 127 -21.50 -45.77 21.72
CA LYS V 127 -21.80 -46.60 20.56
C LYS V 127 -22.54 -45.80 19.49
N GLU V 128 -23.30 -44.78 19.90
CA GLU V 128 -23.92 -43.92 18.90
C GLU V 128 -22.90 -42.99 18.27
N LEU V 129 -21.94 -42.52 19.05
CA LEU V 129 -20.98 -41.55 18.52
C LEU V 129 -19.91 -42.23 17.67
N VAL V 130 -19.35 -43.32 18.13
CA VAL V 130 -18.20 -43.95 17.50
C VAL V 130 -18.63 -45.28 16.90
N PRO V 131 -18.40 -45.52 15.60
CA PRO V 131 -18.81 -46.81 15.02
C PRO V 131 -18.03 -47.99 15.58
N ALA V 132 -16.70 -47.84 15.71
CA ALA V 132 -15.86 -48.98 16.08
C ALA V 132 -16.30 -49.59 17.41
N VAL V 133 -16.61 -48.75 18.39
CA VAL V 133 -17.07 -49.28 19.68
C VAL V 133 -18.43 -49.91 19.53
N ALA V 134 -19.29 -49.34 18.68
CA ALA V 134 -20.60 -49.93 18.44
C ALA V 134 -20.45 -51.35 17.90
N GLU V 135 -19.45 -51.57 17.06
CA GLU V 135 -19.22 -52.91 16.53
C GLU V 135 -18.58 -53.82 17.56
N GLN V 136 -17.66 -53.28 18.37
CA GLN V 136 -17.04 -54.08 19.41
C GLN V 136 -18.06 -54.59 20.41
N ILE V 137 -19.02 -53.75 20.78
CA ILE V 137 -20.04 -54.18 21.74
C ILE V 137 -21.19 -54.87 21.03
N GLY V 138 -21.35 -54.61 19.73
CA GLY V 138 -22.47 -55.17 19.01
C GLY V 138 -23.78 -54.52 19.42
N SER V 139 -24.87 -55.23 19.16
CA SER V 139 -26.21 -54.74 19.48
C SER V 139 -26.65 -55.29 20.83
N VAL V 140 -26.05 -54.75 21.88
CA VAL V 140 -26.33 -55.12 23.26
C VAL V 140 -26.64 -53.86 24.05
N THR V 141 -27.88 -53.73 24.51
CA THR V 141 -28.23 -52.64 25.40
C THR V 141 -27.64 -52.91 26.77
N LEU V 142 -26.92 -51.94 27.31
CA LEU V 142 -26.21 -52.14 28.56
C LEU V 142 -27.13 -51.86 29.75
N ASP V 143 -26.93 -52.62 30.81
CA ASP V 143 -27.65 -52.40 32.06
C ASP V 143 -26.76 -52.82 33.21
N HIS V 144 -27.00 -52.22 34.38
CA HIS V 144 -26.25 -52.54 35.58
C HIS V 144 -26.33 -54.02 35.95
N THR V 145 -27.19 -54.78 35.29
CA THR V 145 -27.23 -56.23 35.48
C THR V 145 -26.33 -56.97 34.52
N ASN V 146 -26.03 -56.39 33.35
CA ASN V 146 -25.24 -57.07 32.34
C ASN V 146 -24.07 -56.25 31.83
N VAL V 147 -23.91 -55.00 32.27
CA VAL V 147 -22.88 -54.15 31.69
C VAL V 147 -21.50 -54.70 31.97
N VAL V 148 -21.23 -55.08 33.22
CA VAL V 148 -19.89 -55.52 33.59
C VAL V 148 -19.49 -56.77 32.81
N SER V 149 -20.43 -57.71 32.67
CA SER V 149 -20.11 -58.95 31.97
C SER V 149 -19.70 -58.67 30.53
N THR V 150 -20.53 -57.92 29.79
CA THR V 150 -20.25 -57.66 28.39
C THR V 150 -18.96 -56.86 28.24
N VAL V 151 -18.79 -55.82 29.04
CA VAL V 151 -17.62 -54.96 28.86
C VAL V 151 -16.35 -55.73 29.20
N ASP V 152 -16.41 -56.60 30.21
CA ASP V 152 -15.24 -57.37 30.56
C ASP V 152 -14.93 -58.40 29.48
N ASN V 153 -15.97 -59.02 28.91
CA ASN V 153 -15.75 -59.90 27.78
C ASN V 153 -15.01 -59.16 26.66
N ILE V 154 -15.48 -57.96 26.33
CA ILE V 154 -14.86 -57.21 25.24
C ILE V 154 -13.41 -56.87 25.58
N VAL V 155 -13.17 -56.31 26.76
CA VAL V 155 -11.84 -55.80 27.08
C VAL V 155 -10.83 -56.95 27.22
N THR V 156 -11.22 -58.05 27.86
CA THR V 156 -10.33 -59.20 27.92
C THR V 156 -10.11 -59.78 26.53
N SER V 157 -11.13 -59.77 25.68
CA SER V 157 -10.96 -60.24 24.32
C SER V 157 -9.91 -59.42 23.58
N MET V 158 -9.85 -58.14 23.86
CA MET V 158 -8.87 -57.37 23.11
C MET V 158 -7.64 -57.08 23.96
N PRO V 159 -6.47 -56.97 23.33
CA PRO V 159 -5.28 -56.56 24.07
C PRO V 159 -5.32 -55.07 24.35
N ALA V 160 -4.30 -54.61 25.07
CA ALA V 160 -4.18 -53.19 25.33
C ALA V 160 -3.97 -52.43 24.03
N LEU V 161 -4.84 -51.48 23.77
CA LEU V 161 -4.68 -50.82 22.48
C LEU V 161 -3.83 -49.57 22.62
N PRO V 162 -3.04 -49.26 21.60
CA PRO V 162 -2.27 -48.02 21.64
C PRO V 162 -3.18 -46.82 21.60
N ASN V 163 -2.92 -45.86 22.49
CA ASN V 163 -3.75 -44.67 22.59
C ASN V 163 -3.78 -43.85 21.31
N SER V 164 -2.99 -44.22 20.30
CA SER V 164 -3.12 -43.59 19.00
C SER V 164 -4.52 -43.75 18.43
N TYR V 165 -5.21 -44.82 18.82
CA TYR V 165 -6.61 -44.97 18.43
C TYR V 165 -7.48 -43.93 19.13
N ALA V 166 -7.39 -43.86 20.45
CA ALA V 166 -8.24 -42.96 21.21
C ALA V 166 -7.95 -41.50 20.89
N GLY V 167 -6.75 -41.20 20.37
CA GLY V 167 -6.41 -39.82 20.18
C GLY V 167 -7.09 -39.16 18.99
N VAL V 168 -6.66 -39.50 17.77
CA VAL V 168 -7.14 -38.80 16.58
C VAL V 168 -7.66 -39.79 15.55
N LEU V 169 -6.85 -40.81 15.24
CA LEU V 169 -7.03 -41.60 14.04
C LEU V 169 -8.41 -42.24 13.95
N MET V 170 -9.03 -42.50 15.10
CA MET V 170 -10.28 -43.25 15.13
C MET V 170 -11.32 -42.64 14.19
N LYS V 171 -11.59 -41.36 14.35
CA LYS V 171 -12.49 -40.64 13.46
C LYS V 171 -11.82 -40.25 12.15
N THR V 172 -10.50 -40.17 12.14
CA THR V 172 -9.79 -39.77 10.92
C THR V 172 -9.99 -40.79 9.81
N LYS V 173 -9.91 -42.07 10.13
CA LYS V 173 -9.96 -43.09 9.10
C LYS V 173 -11.37 -43.27 8.55
N VAL V 174 -12.38 -43.17 9.40
CA VAL V 174 -13.75 -43.50 9.04
C VAL V 174 -14.55 -42.20 8.94
N PRO V 175 -15.21 -41.94 7.81
CA PRO V 175 -16.17 -40.83 7.76
C PRO V 175 -17.55 -41.27 8.20
N THR V 176 -18.32 -40.33 8.72
CA THR V 176 -19.64 -40.61 9.26
C THR V 176 -20.68 -39.79 8.52
N VAL V 177 -21.95 -40.13 8.77
CA VAL V 177 -23.03 -39.32 8.23
C VAL V 177 -22.98 -37.94 8.86
N THR V 178 -23.14 -36.92 8.04
CA THR V 178 -23.16 -35.57 8.56
C THR V 178 -24.51 -35.27 9.17
N PRO V 179 -24.57 -34.33 10.08
CA PRO V 179 -25.87 -33.82 10.53
C PRO V 179 -26.50 -32.94 9.47
N HIS V 180 -25.92 -32.98 8.27
CA HIS V 180 -26.38 -32.22 7.11
C HIS V 180 -26.73 -33.18 6.00
N TYR V 181 -27.39 -34.29 6.36
CA TYR V 181 -27.60 -35.39 5.43
C TYR V 181 -29.01 -35.92 5.64
N ALA V 182 -29.39 -36.88 4.80
CA ALA V 182 -30.62 -37.62 5.02
C ALA V 182 -30.37 -38.76 5.99
N GLY V 183 -31.36 -39.64 6.13
CA GLY V 183 -31.22 -40.72 7.09
C GLY V 183 -31.24 -40.17 8.50
N THR V 184 -30.28 -40.60 9.31
CA THR V 184 -30.17 -40.15 10.70
C THR V 184 -29.19 -38.99 10.87
N GLY V 185 -29.04 -38.16 9.85
CA GLY V 185 -28.22 -36.96 9.96
C GLY V 185 -29.01 -35.72 9.59
N THR V 186 -30.23 -35.61 10.10
CA THR V 186 -31.17 -34.59 9.64
C THR V 186 -31.82 -33.88 10.83
N PHE V 187 -31.08 -33.67 11.92
CA PHE V 187 -31.73 -33.24 13.14
C PHE V 187 -31.07 -32.10 13.91
N SER V 188 -29.75 -31.87 13.82
CA SER V 188 -29.09 -31.06 14.84
C SER V 188 -28.58 -29.70 14.35
N SER V 189 -28.43 -29.52 13.04
CA SER V 189 -27.73 -28.35 12.53
C SER V 189 -28.30 -27.03 13.04
N MET V 190 -29.48 -27.07 13.68
CA MET V 190 -29.99 -25.92 14.39
C MET V 190 -28.87 -25.17 15.10
N GLU V 191 -28.04 -25.88 15.86
CA GLU V 191 -26.90 -25.24 16.49
C GLU V 191 -26.09 -24.45 15.48
N SER V 192 -25.49 -25.15 14.51
CA SER V 192 -24.72 -24.49 13.47
C SER V 192 -25.51 -23.37 12.80
N ALA V 193 -26.83 -23.56 12.69
CA ALA V 193 -27.66 -22.54 12.04
C ALA V 193 -27.43 -21.18 12.67
N TYR V 194 -27.47 -21.11 14.00
CA TYR V 194 -27.25 -19.84 14.68
C TYR V 194 -25.95 -19.21 14.21
N LYS V 195 -24.88 -20.01 14.15
CA LYS V 195 -23.61 -19.52 13.65
C LYS V 195 -23.78 -18.69 12.39
N ALA V 196 -24.42 -19.28 11.38
CA ALA V 196 -24.64 -18.56 10.13
C ALA V 196 -25.29 -17.21 10.40
N LEU V 197 -26.44 -17.21 11.07
CA LEU V 197 -27.14 -15.97 11.33
C LEU V 197 -26.20 -14.94 11.94
N GLU V 198 -25.37 -15.38 12.89
CA GLU V 198 -24.46 -14.46 13.56
C GLU V 198 -23.66 -13.65 12.55
N ASP V 199 -22.98 -14.33 11.63
CA ASP V 199 -22.12 -13.60 10.73
C ASP V 199 -22.92 -12.65 9.85
N ILE V 200 -24.12 -13.06 9.44
CA ILE V 200 -24.93 -12.16 8.62
C ILE V 200 -25.21 -10.87 9.38
N GLU V 201 -25.47 -10.97 10.68
CA GLU V 201 -25.76 -9.77 11.44
C GLU V 201 -24.54 -8.87 11.57
N ARG V 202 -23.36 -9.46 11.70
CA ARG V 202 -22.13 -8.69 11.78
C ARG V 202 -21.69 -8.15 10.43
N GLY V 203 -22.54 -8.18 9.42
CA GLY V 203 -22.10 -7.86 8.08
C GLY V 203 -21.10 -8.85 7.54
N LEU V 204 -20.94 -9.98 8.21
CA LEU V 204 -20.02 -11.03 7.81
C LEU V 204 -20.79 -12.15 7.13
N GLY W 3 8.07 52.00 1.79
CA GLY W 3 6.89 52.19 2.61
C GLY W 3 5.62 52.33 1.78
N ARG W 4 4.49 52.53 2.45
CA ARG W 4 3.18 52.64 1.81
C ARG W 4 2.95 51.45 0.88
N GLN W 5 2.93 50.26 1.47
CA GLN W 5 2.81 49.03 0.70
C GLN W 5 1.49 48.99 -0.05
N SER W 6 0.38 49.15 0.66
CA SER W 6 -0.94 49.08 0.04
C SER W 6 -1.92 49.88 0.88
N HIS W 7 -3.20 49.82 0.51
CA HIS W 7 -4.28 50.50 1.22
C HIS W 7 -5.40 49.48 1.41
N LYS W 8 -5.35 48.75 2.51
CA LYS W 8 -6.33 47.70 2.75
C LYS W 8 -7.67 48.28 3.17
N LYS W 9 -8.73 47.58 2.77
CA LYS W 9 -10.09 47.98 3.11
C LYS W 9 -10.78 46.81 3.80
N ILE W 10 -11.41 47.09 4.94
CA ILE W 10 -11.98 46.07 5.80
C ILE W 10 -13.49 46.26 5.85
N ASP W 11 -14.22 45.24 5.42
CA ASP W 11 -15.68 45.31 5.34
C ASP W 11 -16.21 43.93 5.01
N VAL W 12 -17.53 43.83 4.94
CA VAL W 12 -18.22 42.59 4.59
C VAL W 12 -18.34 42.53 3.07
N ARG W 13 -17.63 41.59 2.46
CA ARG W 13 -17.40 41.61 1.02
C ARG W 13 -18.03 40.41 0.31
N ASN W 14 -19.15 39.91 0.81
CA ASN W 14 -19.89 38.82 0.16
C ASN W 14 -19.06 37.55 0.06
N ASP W 15 -17.93 37.51 0.74
CA ASP W 15 -17.12 36.32 0.83
C ASP W 15 -16.66 36.05 2.25
N THR W 16 -16.90 36.98 3.18
CA THR W 16 -16.55 36.74 4.57
C THR W 16 -17.28 35.53 5.10
N SER W 17 -18.48 35.28 4.60
CA SER W 17 -19.17 34.03 4.92
C SER W 17 -18.29 32.83 4.60
N THR W 18 -17.84 32.73 3.35
CA THR W 18 -17.06 31.57 2.95
C THR W 18 -15.69 31.55 3.60
N ARG W 19 -15.07 32.73 3.76
CA ARG W 19 -13.79 32.77 4.45
C ARG W 19 -13.91 32.21 5.85
N TYR W 20 -14.89 32.70 6.61
CA TYR W 20 -15.14 32.20 7.95
C TYR W 20 -15.39 30.70 7.94
N LYS W 21 -16.36 30.26 7.15
CA LYS W 21 -16.72 28.86 7.10
C LYS W 21 -15.50 28.00 6.79
N GLY W 22 -14.82 28.28 5.68
CA GLY W 22 -13.73 27.43 5.26
C GLY W 22 -12.60 27.39 6.25
N LYS W 23 -12.19 28.56 6.76
CA LYS W 23 -11.05 28.57 7.67
C LYS W 23 -11.37 27.81 8.95
N LEU W 24 -12.54 28.07 9.53
CA LEU W 24 -12.88 27.33 10.74
C LEU W 24 -13.09 25.85 10.47
N TYR W 25 -13.54 25.51 9.27
CA TYR W 25 -13.66 24.10 8.90
C TYR W 25 -12.30 23.43 8.88
N GLY W 26 -11.35 24.06 8.19
CA GLY W 26 -10.00 23.52 8.17
C GLY W 26 -9.42 23.38 9.55
N ILE W 27 -9.73 24.32 10.44
CA ILE W 27 -9.21 24.19 11.79
C ILE W 27 -9.86 23.02 12.52
N PHE W 28 -11.18 22.90 12.40
CA PHE W 28 -11.92 21.98 13.26
C PHE W 28 -11.93 20.55 12.76
N VAL W 29 -11.55 20.29 11.50
CA VAL W 29 -11.51 18.91 11.04
C VAL W 29 -10.65 18.06 11.97
N ASN W 30 -9.57 18.65 12.50
CA ASN W 30 -8.73 17.91 13.43
C ASN W 30 -9.31 17.83 14.83
N TYR W 31 -10.53 18.32 15.03
CA TYR W 31 -11.28 18.08 16.25
C TYR W 31 -12.45 17.15 16.06
N MET W 32 -13.10 17.19 14.89
CA MET W 32 -14.40 16.57 14.71
C MET W 32 -14.42 15.44 13.70
N GLY W 33 -13.65 15.55 12.62
CA GLY W 33 -13.92 14.78 11.43
C GLY W 33 -14.81 15.57 10.48
N GLU W 34 -14.86 15.10 9.23
CA GLU W 34 -15.40 15.92 8.15
C GLU W 34 -16.83 16.34 8.42
N LYS W 35 -17.73 15.38 8.66
CA LYS W 35 -19.14 15.70 8.75
C LYS W 35 -19.43 16.57 9.97
N TYR W 36 -18.87 16.21 11.12
CA TYR W 36 -19.12 17.00 12.32
C TYR W 36 -18.57 18.41 12.18
N ALA W 37 -17.36 18.55 11.63
CA ALA W 37 -16.81 19.88 11.40
C ALA W 37 -17.69 20.67 10.45
N GLN W 38 -18.23 20.01 9.44
CA GLN W 38 -19.11 20.68 8.49
C GLN W 38 -20.34 21.24 9.19
N GLN W 39 -21.04 20.39 9.96
CA GLN W 39 -22.20 20.87 10.67
C GLN W 39 -21.84 21.98 11.65
N LEU W 40 -20.67 21.86 12.28
CA LEU W 40 -20.25 22.84 13.27
C LEU W 40 -20.08 24.21 12.63
N VAL W 41 -19.33 24.29 11.53
CA VAL W 41 -19.12 25.58 10.90
C VAL W 41 -20.43 26.11 10.35
N GLU W 42 -21.29 25.23 9.84
CA GLU W 42 -22.59 25.68 9.37
C GLU W 42 -23.35 26.40 10.46
N ASN W 43 -23.53 25.74 11.61
CA ASN W 43 -24.28 26.35 12.70
C ASN W 43 -23.60 27.61 13.21
N MET W 44 -22.28 27.55 13.39
CA MET W 44 -21.57 28.71 13.92
C MET W 44 -21.77 29.93 13.04
N TYR W 45 -21.56 29.76 11.73
CA TYR W 45 -21.71 30.91 10.86
C TYR W 45 -23.16 31.37 10.80
N SER W 46 -24.12 30.43 10.81
CA SER W 46 -25.52 30.86 10.76
C SER W 46 -25.83 31.76 11.94
N ASN W 47 -25.40 31.36 13.14
CA ASN W 47 -25.65 32.20 14.31
C ASN W 47 -24.94 33.54 14.20
N TYR W 48 -23.65 33.50 13.83
CA TYR W 48 -22.91 34.76 13.67
C TYR W 48 -23.61 35.66 12.68
N ASN W 49 -24.14 35.10 11.60
CA ASN W 49 -24.88 35.86 10.62
C ASN W 49 -26.05 36.53 11.30
N ASP W 50 -27.03 35.73 11.70
CA ASP W 50 -28.30 36.26 12.16
C ASP W 50 -28.15 37.19 13.35
N VAL W 51 -27.03 37.16 14.05
CA VAL W 51 -26.84 38.19 15.08
C VAL W 51 -26.06 39.36 14.53
N PHE W 52 -24.78 39.13 14.23
CA PHE W 52 -23.87 40.24 13.98
C PHE W 52 -24.23 40.94 12.69
N VAL W 53 -24.41 40.18 11.60
CA VAL W 53 -24.75 40.83 10.34
C VAL W 53 -26.02 41.64 10.52
N GLU W 54 -27.12 40.93 10.82
CA GLU W 54 -28.45 41.52 10.83
C GLU W 54 -28.52 42.76 11.71
N ILE W 55 -27.73 42.82 12.78
CA ILE W 55 -27.81 44.02 13.60
C ILE W 55 -26.71 45.00 13.22
N TYR W 56 -25.47 44.61 13.50
CA TYR W 56 -24.37 45.56 13.47
C TYR W 56 -24.06 46.00 12.06
N ASN W 57 -24.13 45.10 11.07
CA ASN W 57 -23.72 45.52 9.74
C ASN W 57 -24.73 46.49 9.15
N LYS W 58 -26.02 46.21 9.33
CA LYS W 58 -27.03 47.16 8.88
C LYS W 58 -26.87 48.50 9.58
N MET W 59 -26.61 48.47 10.90
CA MET W 59 -26.41 49.72 11.60
C MET W 59 -25.22 50.49 11.05
N HIS W 60 -24.08 49.82 10.88
CA HIS W 60 -22.89 50.49 10.39
C HIS W 60 -23.11 51.07 9.00
N ASN W 61 -23.76 50.29 8.12
CA ASN W 61 -24.00 50.78 6.77
C ASN W 61 -24.92 51.99 6.79
N ALA W 62 -25.95 51.96 7.62
CA ALA W 62 -26.86 53.09 7.70
C ALA W 62 -26.16 54.33 8.24
N LEU W 63 -25.27 54.16 9.21
CA LEU W 63 -24.72 55.31 9.91
C LEU W 63 -23.48 55.89 9.26
N ARG W 64 -22.73 55.11 8.48
CA ARG W 64 -21.49 55.60 7.87
C ARG W 64 -21.61 57.00 7.26
N PRO W 65 -22.62 57.30 6.42
CA PRO W 65 -22.70 58.66 5.88
C PRO W 65 -22.82 59.72 6.96
N THR W 66 -23.56 59.45 8.03
CA THR W 66 -23.69 60.42 9.11
C THR W 66 -22.36 60.66 9.80
N LEU W 67 -21.60 59.60 10.07
CA LEU W 67 -20.26 59.78 10.62
C LEU W 67 -19.42 60.65 9.71
N VAL W 68 -19.47 60.40 8.40
CA VAL W 68 -18.66 61.18 7.48
C VAL W 68 -19.06 62.65 7.50
N LYS W 69 -20.37 62.92 7.47
CA LYS W 69 -20.82 64.31 7.53
C LYS W 69 -20.36 64.96 8.83
N LEU W 70 -20.44 64.24 9.95
CA LEU W 70 -20.21 64.87 11.24
C LEU W 70 -18.73 65.10 11.49
N ALA W 71 -17.95 64.03 11.53
CA ALA W 71 -16.55 64.11 11.87
C ALA W 71 -15.70 63.43 10.80
N GLY W 72 -15.98 63.77 9.55
CA GLY W 72 -15.33 63.14 8.40
C GLY W 72 -13.84 62.98 8.59
N ALA W 73 -13.40 61.73 8.61
CA ALA W 73 -12.04 61.39 9.02
C ALA W 73 -11.84 59.90 8.83
N GLY W 74 -10.58 59.49 8.74
CA GLY W 74 -10.24 58.13 9.06
C GLY W 74 -10.29 57.91 10.56
N ALA W 75 -10.09 58.98 11.33
CA ALA W 75 -10.14 58.91 12.79
C ALA W 75 -11.58 59.08 13.27
N THR W 76 -12.43 58.21 12.77
CA THR W 76 -13.81 58.12 13.23
C THR W 76 -14.06 56.88 14.06
N PHE W 77 -13.02 56.09 14.32
CA PHE W 77 -13.18 54.89 15.15
C PHE W 77 -13.90 55.14 16.47
N PRO W 78 -13.60 56.19 17.24
CA PRO W 78 -14.36 56.41 18.48
C PRO W 78 -15.85 56.44 18.25
N LEU W 79 -16.30 56.98 17.11
CA LEU W 79 -17.71 56.91 16.78
C LEU W 79 -18.17 55.46 16.65
N TRP W 80 -17.34 54.62 16.03
CA TRP W 80 -17.70 53.24 15.82
C TRP W 80 -17.84 52.50 17.14
N GLN W 81 -16.86 52.64 18.02
CA GLN W 81 -16.97 51.98 19.31
C GLN W 81 -18.13 52.55 20.12
N LEU W 82 -18.43 53.84 19.94
CA LEU W 82 -19.58 54.43 20.61
C LEU W 82 -20.86 53.76 20.16
N VAL W 83 -21.05 53.61 18.85
CA VAL W 83 -22.30 53.02 18.39
C VAL W 83 -22.35 51.54 18.75
N ASN W 84 -21.20 50.86 18.79
CA ASN W 84 -21.19 49.47 19.24
C ASN W 84 -21.68 49.35 20.67
N GLU W 85 -21.10 50.13 21.58
CA GLU W 85 -21.53 50.08 22.97
C GLU W 85 -22.98 50.53 23.10
N ALA W 86 -23.40 51.48 22.28
CA ALA W 86 -24.80 51.89 22.28
C ALA W 86 -25.71 50.71 21.99
N ILE W 87 -25.41 49.96 20.93
CA ILE W 87 -26.22 48.81 20.59
C ILE W 87 -26.17 47.76 21.69
N TYR W 88 -25.00 47.57 22.28
CA TYR W 88 -24.86 46.48 23.26
C TYR W 88 -25.16 46.93 24.69
N ALA W 89 -24.47 47.96 25.16
CA ALA W 89 -24.48 48.25 26.59
C ALA W 89 -25.81 48.82 27.05
N VAL W 90 -26.41 49.70 26.25
CA VAL W 90 -27.63 50.37 26.69
C VAL W 90 -28.84 49.65 26.14
N TYR W 91 -28.96 49.60 24.82
CA TYR W 91 -30.03 48.83 24.23
C TYR W 91 -29.82 47.35 24.50
N LEU W 92 -30.94 46.64 24.63
CA LEU W 92 -30.96 45.18 24.78
C LEU W 92 -30.45 44.75 26.16
N THR W 93 -29.90 45.68 26.94
CA THR W 93 -29.47 45.34 28.29
C THR W 93 -29.86 46.35 29.36
N HIS W 94 -30.08 47.61 29.01
CA HIS W 94 -30.32 48.66 30.01
C HIS W 94 -29.26 48.65 31.10
N LYS W 95 -28.02 48.35 30.70
CA LYS W 95 -26.95 48.23 31.69
C LYS W 95 -26.41 49.59 32.10
N GLU W 96 -26.56 50.61 31.26
CA GLU W 96 -26.08 51.95 31.57
C GLU W 96 -27.04 52.99 31.03
N THR W 97 -27.01 54.17 31.64
CA THR W 97 -27.77 55.31 31.17
C THR W 97 -26.91 56.15 30.22
N ALA W 98 -27.57 57.02 29.45
CA ALA W 98 -26.86 57.86 28.50
C ALA W 98 -25.78 58.69 29.17
N SER W 99 -25.95 58.99 30.45
CA SER W 99 -24.94 59.75 31.19
C SER W 99 -23.58 59.09 31.10
N PHE W 100 -23.54 57.77 31.23
CA PHE W 100 -22.27 57.06 31.18
C PHE W 100 -21.58 57.27 29.83
N LEU W 101 -22.31 57.04 28.73
CA LEU W 101 -21.71 57.16 27.41
C LEU W 101 -21.27 58.59 27.15
N VAL W 102 -22.13 59.57 27.47
CA VAL W 102 -21.78 60.95 27.14
C VAL W 102 -20.56 61.38 27.96
N THR W 103 -20.52 61.01 29.24
CA THR W 103 -19.35 61.31 30.06
C THR W 103 -18.11 60.65 29.49
N LYS W 104 -18.20 59.37 29.16
CA LYS W 104 -17.06 58.63 28.67
C LYS W 104 -16.50 59.25 27.40
N TYR W 105 -17.37 59.62 26.47
CA TYR W 105 -16.89 60.04 25.17
C TYR W 105 -16.55 61.52 25.13
N VAL W 106 -17.12 62.34 26.01
CA VAL W 106 -16.58 63.69 26.14
C VAL W 106 -15.22 63.62 26.81
N ALA W 107 -15.03 62.65 27.73
CA ALA W 107 -13.70 62.42 28.26
C ALA W 107 -12.73 62.01 27.17
N ARG W 108 -13.22 61.31 26.15
CA ARG W 108 -12.40 60.95 25.00
C ARG W 108 -12.32 62.05 23.96
N GLY W 109 -12.97 63.18 24.19
CA GLY W 109 -12.86 64.31 23.31
C GLY W 109 -13.95 64.47 22.27
N VAL W 110 -15.10 63.84 22.48
CA VAL W 110 -16.20 63.89 21.51
C VAL W 110 -17.22 64.92 21.98
N PRO W 111 -17.67 65.83 21.12
CA PRO W 111 -18.69 66.79 21.53
C PRO W 111 -19.98 66.10 21.97
N ALA W 112 -20.63 66.69 22.96
CA ALA W 112 -21.80 66.05 23.56
C ALA W 112 -22.95 65.93 22.56
N MET W 113 -23.28 67.02 21.88
CA MET W 113 -24.40 66.98 20.95
C MET W 113 -24.17 66.01 19.80
N THR W 114 -22.91 65.80 19.40
CA THR W 114 -22.63 64.75 18.44
C THR W 114 -23.04 63.39 18.98
N VAL W 115 -22.66 63.09 20.22
CA VAL W 115 -23.01 61.83 20.83
C VAL W 115 -24.52 61.68 20.89
N LYS W 116 -25.21 62.75 21.28
CA LYS W 116 -26.67 62.71 21.34
C LYS W 116 -27.27 62.41 19.97
N THR W 117 -26.73 63.04 18.94
CA THR W 117 -27.24 62.82 17.59
C THR W 117 -27.06 61.38 17.15
N LEU W 118 -25.85 60.84 17.35
CA LEU W 118 -25.60 59.46 16.97
C LEU W 118 -26.50 58.51 17.73
N LEU W 119 -26.70 58.75 19.02
CA LEU W 119 -27.62 57.93 19.79
C LEU W 119 -29.03 58.03 19.21
N ALA W 120 -29.42 59.23 18.78
CA ALA W 120 -30.72 59.40 18.16
C ALA W 120 -30.86 58.50 16.94
N GLU W 121 -29.87 58.53 16.04
CA GLU W 121 -30.00 57.71 14.84
C GLU W 121 -29.97 56.22 15.17
N VAL W 122 -29.06 55.78 16.03
CA VAL W 122 -28.96 54.36 16.28
C VAL W 122 -30.25 53.85 16.92
N GLY W 123 -30.84 54.62 17.81
CA GLY W 123 -32.13 54.23 18.36
C GLY W 123 -33.22 54.23 17.31
N ASN W 124 -33.26 55.27 16.48
CA ASN W 124 -34.30 55.39 15.47
C ASN W 124 -34.26 54.23 14.48
N GLN W 125 -33.09 53.64 14.28
CA GLN W 125 -33.05 52.51 13.36
C GLN W 125 -33.19 51.17 14.07
N LEU W 126 -32.58 51.02 15.23
CA LEU W 126 -32.71 49.79 15.98
C LEU W 126 -34.16 49.51 16.33
N LYS W 127 -34.94 50.57 16.61
CA LYS W 127 -36.36 50.36 16.85
C LYS W 127 -37.05 49.78 15.63
N GLU W 128 -36.53 50.03 14.44
CA GLU W 128 -37.07 49.36 13.26
C GLU W 128 -36.59 47.93 13.18
N LEU W 129 -35.34 47.68 13.58
CA LEU W 129 -34.79 46.34 13.46
C LEU W 129 -35.37 45.38 14.49
N VAL W 130 -35.45 45.79 15.75
CA VAL W 130 -35.81 44.90 16.85
C VAL W 130 -37.19 45.28 17.35
N PRO W 131 -38.15 44.35 17.37
CA PRO W 131 -39.49 44.68 17.89
C PRO W 131 -39.49 45.05 19.36
N ALA W 132 -38.72 44.33 20.18
CA ALA W 132 -38.77 44.55 21.62
C ALA W 132 -38.37 45.98 21.99
N VAL W 133 -37.34 46.51 21.35
CA VAL W 133 -36.92 47.88 21.64
C VAL W 133 -37.97 48.87 21.16
N ALA W 134 -38.59 48.59 20.01
CA ALA W 134 -39.67 49.45 19.55
C ALA W 134 -40.81 49.48 20.55
N GLU W 135 -41.12 48.34 21.15
CA GLU W 135 -42.18 48.32 22.17
C GLU W 135 -41.74 49.06 23.42
N GLN W 136 -40.47 48.93 23.80
CA GLN W 136 -39.99 49.58 25.01
C GLN W 136 -40.00 51.10 24.87
N ILE W 137 -39.52 51.60 23.74
CA ILE W 137 -39.41 53.04 23.57
C ILE W 137 -40.73 53.64 23.09
N GLY W 138 -41.55 52.83 22.43
CA GLY W 138 -42.78 53.36 21.89
C GLY W 138 -42.52 54.26 20.70
N SER W 139 -43.52 55.09 20.39
CA SER W 139 -43.47 55.99 19.24
C SER W 139 -42.94 57.36 19.69
N VAL W 140 -41.61 57.42 19.80
CA VAL W 140 -40.91 58.66 20.17
C VAL W 140 -39.79 58.87 19.16
N THR W 141 -39.84 59.97 18.42
CA THR W 141 -38.76 60.32 17.51
C THR W 141 -37.61 60.89 18.31
N LEU W 142 -36.46 60.24 18.24
CA LEU W 142 -35.31 60.67 19.02
C LEU W 142 -34.69 61.91 18.40
N ASP W 143 -34.16 62.77 19.27
CA ASP W 143 -33.37 63.91 18.82
C ASP W 143 -32.45 64.32 19.96
N HIS W 144 -31.34 64.97 19.58
CA HIS W 144 -30.36 65.41 20.55
C HIS W 144 -30.94 66.31 21.63
N THR W 145 -32.19 66.73 21.47
CA THR W 145 -32.88 67.50 22.50
C THR W 145 -33.64 66.63 23.48
N ASN W 146 -33.99 65.40 23.10
CA ASN W 146 -34.80 64.54 23.94
C ASN W 146 -34.25 63.13 24.12
N VAL W 147 -33.12 62.81 23.50
CA VAL W 147 -32.60 61.45 23.60
C VAL W 147 -32.28 61.08 25.04
N VAL W 148 -31.56 61.95 25.75
CA VAL W 148 -31.02 61.58 27.05
C VAL W 148 -32.15 61.29 28.04
N SER W 149 -33.15 62.15 28.10
CA SER W 149 -34.25 61.94 29.03
C SER W 149 -34.96 60.63 28.74
N THR W 150 -35.32 60.41 27.48
CA THR W 150 -36.06 59.21 27.11
C THR W 150 -35.27 57.95 27.44
N VAL W 151 -34.02 57.89 26.99
CA VAL W 151 -33.25 56.65 27.16
C VAL W 151 -32.94 56.42 28.62
N ASP W 152 -32.66 57.49 29.38
CA ASP W 152 -32.36 57.30 30.79
C ASP W 152 -33.59 56.84 31.54
N ASN W 153 -34.76 57.39 31.21
CA ASN W 153 -36.01 56.89 31.79
C ASN W 153 -36.20 55.41 31.50
N ILE W 154 -36.06 55.02 30.23
CA ILE W 154 -36.29 53.65 29.84
C ILE W 154 -35.31 52.71 30.55
N VAL W 155 -34.06 53.14 30.66
CA VAL W 155 -33.05 52.32 31.31
C VAL W 155 -33.35 52.16 32.79
N THR W 156 -33.47 53.29 33.51
CA THR W 156 -33.66 53.19 34.96
C THR W 156 -34.94 52.47 35.30
N SER W 157 -35.96 52.60 34.45
CA SER W 157 -37.18 51.81 34.64
C SER W 157 -36.85 50.32 34.69
N MET W 158 -35.87 49.90 33.92
CA MET W 158 -35.54 48.49 33.96
C MET W 158 -34.29 48.23 34.79
N PRO W 159 -34.18 47.07 35.40
CA PRO W 159 -32.90 46.65 35.96
C PRO W 159 -31.97 46.17 34.85
N ALA W 160 -30.75 45.82 35.24
CA ALA W 160 -29.79 45.29 34.28
C ALA W 160 -30.30 43.96 33.73
N LEU W 161 -30.34 43.86 32.42
CA LEU W 161 -30.80 42.59 31.89
C LEU W 161 -29.63 41.68 31.58
N PRO W 162 -29.81 40.37 31.69
CA PRO W 162 -28.75 39.44 31.30
C PRO W 162 -28.48 39.54 29.81
N ASN W 163 -27.20 39.48 29.46
CA ASN W 163 -26.80 39.54 28.05
C ASN W 163 -27.37 38.41 27.21
N SER W 164 -28.01 37.42 27.83
CA SER W 164 -28.67 36.37 27.08
C SER W 164 -29.72 36.94 26.13
N TYR W 165 -30.31 38.08 26.50
CA TYR W 165 -31.22 38.75 25.58
C TYR W 165 -30.47 39.31 24.38
N ALA W 166 -29.39 40.05 24.64
CA ALA W 166 -28.65 40.67 23.55
C ALA W 166 -27.99 39.64 22.65
N GLY W 167 -27.78 38.43 23.14
CA GLY W 167 -27.04 37.47 22.35
C GLY W 167 -27.81 36.82 21.23
N VAL W 168 -28.76 35.94 21.55
CA VAL W 168 -29.43 35.15 20.54
C VAL W 168 -30.94 35.25 20.67
N LEU W 169 -31.45 35.03 21.89
CA LEU W 169 -32.86 34.75 22.10
C LEU W 169 -33.75 35.86 21.56
N MET W 170 -33.26 37.10 21.57
CA MET W 170 -34.09 38.25 21.25
C MET W 170 -34.83 38.06 19.93
N LYS W 171 -34.10 37.69 18.88
CA LYS W 171 -34.70 37.36 17.61
C LYS W 171 -35.22 35.94 17.55
N THR W 172 -34.70 35.06 18.41
CA THR W 172 -35.02 33.65 18.34
C THR W 172 -36.49 33.40 18.69
N LYS W 173 -36.99 34.09 19.71
CA LYS W 173 -38.33 33.76 20.20
C LYS W 173 -39.42 34.34 19.32
N VAL W 174 -39.17 35.48 18.69
CA VAL W 174 -40.21 36.22 17.96
C VAL W 174 -39.96 36.05 16.47
N PRO W 175 -40.96 35.66 15.68
CA PRO W 175 -40.82 35.69 14.23
C PRO W 175 -41.08 37.09 13.68
N THR W 176 -40.42 37.40 12.58
CA THR W 176 -40.50 38.72 11.98
C THR W 176 -40.98 38.62 10.54
N VAL W 177 -41.47 39.74 10.03
CA VAL W 177 -41.84 39.80 8.62
C VAL W 177 -40.59 39.68 7.77
N THR W 178 -40.69 38.87 6.73
CA THR W 178 -39.56 38.69 5.83
C THR W 178 -39.53 39.81 4.80
N PRO W 179 -38.39 40.03 4.19
CA PRO W 179 -38.36 40.89 2.99
C PRO W 179 -38.93 40.15 1.80
N HIS W 180 -39.57 39.01 2.06
CA HIS W 180 -40.22 38.17 1.06
C HIS W 180 -41.71 38.11 1.34
N TYR W 181 -42.28 39.24 1.74
CA TYR W 181 -43.64 39.27 2.25
C TYR W 181 -44.35 40.49 1.69
N ALA W 182 -45.61 40.64 2.05
CA ALA W 182 -46.34 41.86 1.78
C ALA W 182 -46.13 42.84 2.93
N GLY W 183 -46.92 43.90 2.95
CA GLY W 183 -46.78 44.89 4.01
C GLY W 183 -45.47 45.64 3.83
N THR W 184 -44.67 45.70 4.89
CA THR W 184 -43.38 46.37 4.84
C THR W 184 -42.22 45.41 4.60
N GLY W 185 -42.46 44.31 3.89
CA GLY W 185 -41.40 43.38 3.55
C GLY W 185 -41.40 42.97 2.09
N THR W 186 -41.52 43.94 1.18
CA THR W 186 -41.64 43.62 -0.24
C THR W 186 -40.63 44.42 -1.06
N PHE W 187 -39.42 44.60 -0.52
CA PHE W 187 -38.48 45.52 -1.17
C PHE W 187 -37.06 44.98 -1.36
N SER W 188 -36.54 44.12 -0.48
CA SER W 188 -35.09 43.92 -0.43
C SER W 188 -34.60 42.77 -1.30
N SER W 189 -35.51 42.03 -1.94
CA SER W 189 -35.13 40.85 -2.72
C SER W 189 -33.96 41.14 -3.66
N MET W 190 -33.78 42.41 -4.04
CA MET W 190 -32.66 42.81 -4.87
C MET W 190 -31.39 42.09 -4.45
N GLU W 191 -30.97 42.29 -3.20
CA GLU W 191 -29.75 41.64 -2.74
C GLU W 191 -29.83 40.14 -2.97
N SER W 192 -30.83 39.49 -2.35
CA SER W 192 -30.94 38.05 -2.46
C SER W 192 -30.96 37.62 -3.92
N ALA W 193 -31.60 38.43 -4.78
CA ALA W 193 -31.71 38.07 -6.18
C ALA W 193 -30.35 37.73 -6.76
N TYR W 194 -29.37 38.61 -6.53
CA TYR W 194 -28.04 38.37 -7.09
C TYR W 194 -27.54 37.00 -6.69
N LYS W 195 -27.64 36.66 -5.40
CA LYS W 195 -27.22 35.35 -4.93
C LYS W 195 -27.76 34.26 -5.85
N ALA W 196 -29.08 34.23 -6.03
CA ALA W 196 -29.69 33.22 -6.87
C ALA W 196 -29.01 33.19 -8.23
N LEU W 197 -28.98 34.33 -8.91
CA LEU W 197 -28.41 34.38 -10.25
C LEU W 197 -27.05 33.69 -10.28
N GLU W 198 -26.23 33.96 -9.28
CA GLU W 198 -24.87 33.43 -9.25
C GLU W 198 -24.87 31.92 -9.44
N ASP W 199 -25.62 31.20 -8.62
CA ASP W 199 -25.52 29.74 -8.69
C ASP W 199 -26.01 29.23 -10.03
N ILE W 200 -26.98 29.92 -10.63
CA ILE W 200 -27.46 29.49 -11.94
C ILE W 200 -26.35 29.60 -12.97
N GLU W 201 -25.55 30.65 -12.90
CA GLU W 201 -24.48 30.81 -13.87
C GLU W 201 -23.37 29.81 -13.63
N ARG W 202 -23.07 29.49 -12.38
CA ARG W 202 -22.10 28.46 -12.07
C ARG W 202 -22.63 27.05 -12.30
N GLY W 203 -23.80 26.91 -12.91
CA GLY W 203 -24.39 25.60 -13.07
C GLY W 203 -24.84 24.97 -11.77
N LEU W 204 -24.93 25.75 -10.70
CA LEU W 204 -25.35 25.23 -9.40
C LEU W 204 -26.84 25.36 -9.22
N GLY X 3 0.44 -37.87 40.16
CA GLY X 3 0.97 -38.57 39.01
C GLY X 3 -0.05 -38.76 37.90
N ARG X 4 0.37 -39.42 36.82
CA ARG X 4 -0.49 -39.66 35.66
C ARG X 4 -1.12 -38.36 35.18
N GLN X 5 -0.26 -37.40 34.84
CA GLN X 5 -0.72 -36.08 34.43
C GLN X 5 -1.60 -36.18 33.19
N SER X 6 -1.03 -36.62 32.08
CA SER X 6 -1.78 -36.68 30.83
C SER X 6 -1.34 -37.92 30.05
N HIS X 7 -1.95 -38.10 28.87
CA HIS X 7 -1.69 -39.25 28.01
C HIS X 7 -1.48 -38.71 26.60
N LYS X 8 -0.23 -38.41 26.27
CA LYS X 8 0.08 -37.80 24.98
C LYS X 8 -0.13 -38.79 23.85
N LYS X 9 -0.36 -38.24 22.66
CA LYS X 9 -0.52 -39.03 21.44
C LYS X 9 0.36 -38.42 20.37
N ILE X 10 1.22 -39.24 19.78
CA ILE X 10 2.26 -38.78 18.88
C ILE X 10 1.99 -39.33 17.49
N ASP X 11 1.76 -38.43 16.54
CA ASP X 11 1.39 -38.84 15.19
C ASP X 11 1.41 -37.60 14.30
N VAL X 12 1.22 -37.82 12.99
CA VAL X 12 1.14 -36.76 12.01
C VAL X 12 -0.26 -36.16 12.11
N ARG X 13 -0.34 -34.91 12.56
CA ARG X 13 -1.61 -34.29 12.92
C ARG X 13 -2.00 -33.15 11.98
N ASN X 14 -1.61 -33.23 10.71
CA ASN X 14 -1.99 -32.24 9.71
C ASN X 14 -1.49 -30.84 10.09
N ASP X 15 -0.59 -30.78 11.05
CA ASP X 15 0.02 -29.52 11.43
C ASP X 15 1.53 -29.63 11.58
N THR X 16 2.07 -30.86 11.53
CA THR X 16 3.51 -31.04 11.61
C THR X 16 4.22 -30.23 10.54
N SER X 17 3.58 -30.06 9.39
CA SER X 17 4.09 -29.16 8.37
C SER X 17 4.35 -27.77 8.97
N THR X 18 3.30 -27.17 9.52
CA THR X 18 3.43 -25.80 10.02
C THR X 18 4.35 -25.73 11.22
N ARG X 19 4.23 -26.67 12.15
CA ARG X 19 5.09 -26.64 13.32
C ARG X 19 6.55 -26.73 12.93
N TYR X 20 6.88 -27.70 12.07
CA TYR X 20 8.24 -27.87 11.59
C TYR X 20 8.73 -26.60 10.91
N LYS X 21 7.99 -26.13 9.89
CA LYS X 21 8.39 -24.95 9.15
C LYS X 21 8.61 -23.77 10.08
N GLY X 22 7.64 -23.48 10.93
CA GLY X 22 7.72 -22.30 11.77
C GLY X 22 8.87 -22.36 12.74
N LYS X 23 9.02 -23.47 13.45
CA LYS X 23 10.11 -23.56 14.42
C LYS X 23 11.45 -23.43 13.74
N LEU X 24 11.66 -24.16 12.64
CA LEU X 24 12.96 -24.07 11.99
C LEU X 24 13.18 -22.70 11.38
N TYR X 25 12.13 -22.04 10.92
CA TYR X 25 12.25 -20.67 10.43
C TYR X 25 12.71 -19.76 11.56
N GLY X 26 12.06 -19.86 12.71
CA GLY X 26 12.48 -19.07 13.85
C GLY X 26 13.92 -19.31 14.22
N ILE X 27 14.40 -20.54 14.09
CA ILE X 27 15.80 -20.78 14.39
C ILE X 27 16.70 -20.13 13.34
N PHE X 28 16.39 -20.35 12.06
CA PHE X 28 17.34 -20.01 11.01
C PHE X 28 17.37 -18.53 10.66
N VAL X 29 16.32 -17.77 10.99
CA VAL X 29 16.34 -16.34 10.66
C VAL X 29 17.58 -15.68 11.23
N ASN X 30 18.09 -16.20 12.35
CA ASN X 30 19.32 -15.70 12.93
C ASN X 30 20.55 -16.23 12.23
N TYR X 31 20.39 -17.00 11.17
CA TYR X 31 21.48 -17.42 10.30
C TYR X 31 21.42 -16.79 8.94
N MET X 32 20.22 -16.57 8.40
CA MET X 32 20.03 -16.24 7.01
C MET X 32 19.52 -14.83 6.77
N GLY X 33 18.71 -14.30 7.68
CA GLY X 33 17.78 -13.25 7.32
C GLY X 33 16.45 -13.84 6.93
N GLU X 34 15.48 -12.96 6.74
CA GLU X 34 14.10 -13.43 6.58
C GLU X 34 13.94 -14.32 5.36
N LYS X 35 14.17 -13.77 4.17
CA LYS X 35 13.80 -14.47 2.95
C LYS X 35 14.58 -15.75 2.76
N TYR X 36 15.88 -15.72 3.05
CA TYR X 36 16.68 -16.93 2.88
C TYR X 36 16.21 -18.04 3.81
N ALA X 37 15.94 -17.71 5.07
CA ALA X 37 15.44 -18.71 5.99
C ALA X 37 14.09 -19.23 5.53
N GLN X 38 13.26 -18.36 4.95
CA GLN X 38 11.96 -18.79 4.44
C GLN X 38 12.14 -19.85 3.36
N GLN X 39 12.93 -19.54 2.34
CA GLN X 39 13.15 -20.52 1.28
C GLN X 39 13.79 -21.79 1.83
N LEU X 40 14.67 -21.64 2.82
CA LEU X 40 15.35 -22.79 3.39
C LEU X 40 14.37 -23.75 4.03
N VAL X 41 13.49 -23.25 4.89
CA VAL X 41 12.53 -24.14 5.53
C VAL X 41 11.57 -24.70 4.50
N GLU X 42 11.22 -23.91 3.48
CA GLU X 42 10.39 -24.45 2.40
C GLU X 42 11.02 -25.70 1.82
N ASN X 43 12.27 -25.60 1.38
CA ASN X 43 12.93 -26.74 0.75
C ASN X 43 13.09 -27.89 1.73
N MET X 44 13.50 -27.59 2.96
CA MET X 44 13.73 -28.64 3.93
C MET X 44 12.47 -29.46 4.16
N TYR X 45 11.36 -28.78 4.42
CA TYR X 45 10.13 -29.51 4.68
C TYR X 45 9.64 -30.23 3.44
N SER X 46 9.79 -29.62 2.26
CA SER X 46 9.36 -30.32 1.06
C SER X 46 10.08 -31.65 0.93
N ASN X 47 11.40 -31.63 1.07
CA ASN X 47 12.17 -32.87 0.97
C ASN X 47 11.74 -33.86 2.04
N TYR X 48 11.68 -33.41 3.30
CA TYR X 48 11.32 -34.30 4.38
C TYR X 48 9.95 -34.92 4.13
N ASN X 49 9.02 -34.13 3.63
CA ASN X 49 7.71 -34.65 3.25
C ASN X 49 7.88 -35.77 2.25
N ASP X 50 8.31 -35.41 1.04
CA ASP X 50 8.30 -36.36 -0.06
C ASP X 50 9.11 -37.61 0.23
N VAL X 51 10.00 -37.59 1.22
CA VAL X 51 10.67 -38.84 1.56
C VAL X 51 9.93 -39.51 2.72
N PHE X 52 10.02 -38.90 3.89
CA PHE X 52 9.62 -39.58 5.11
C PHE X 52 8.13 -39.82 5.13
N VAL X 53 7.33 -38.78 4.85
CA VAL X 53 5.89 -38.97 4.86
C VAL X 53 5.51 -40.08 3.89
N GLU X 54 5.78 -39.84 2.61
CA GLU X 54 5.37 -40.73 1.54
C GLU X 54 5.76 -42.18 1.78
N ILE X 55 6.89 -42.41 2.43
CA ILE X 55 7.28 -43.80 2.62
C ILE X 55 6.83 -44.29 3.99
N TYR X 56 7.44 -43.73 5.03
CA TYR X 56 7.32 -44.30 6.35
C TYR X 56 5.93 -44.08 6.93
N ASN X 57 5.33 -42.89 6.71
CA ASN X 57 4.04 -42.65 7.35
C ASN X 57 2.97 -43.51 6.70
N LYS X 58 2.99 -43.63 5.38
CA LYS X 58 2.08 -44.55 4.71
C LYS X 58 2.29 -45.97 5.20
N MET X 59 3.55 -46.38 5.37
CA MET X 59 3.81 -47.72 5.85
C MET X 59 3.22 -47.93 7.23
N HIS X 60 3.44 -46.96 8.13
CA HIS X 60 2.95 -47.11 9.50
C HIS X 60 1.44 -47.16 9.52
N ASN X 61 0.78 -46.29 8.75
CA ASN X 61 -0.67 -46.29 8.73
C ASN X 61 -1.22 -47.59 8.17
N ALA X 62 -0.58 -48.14 7.14
CA ALA X 62 -1.05 -49.39 6.59
C ALA X 62 -0.85 -50.54 7.58
N LEU X 63 0.29 -50.56 8.26
CA LEU X 63 0.66 -51.72 9.06
C LEU X 63 0.05 -51.73 10.46
N ARG X 64 -0.26 -50.57 11.02
CA ARG X 64 -0.73 -50.48 12.39
C ARG X 64 -1.77 -51.52 12.77
N PRO X 65 -2.85 -51.74 12.00
CA PRO X 65 -3.83 -52.74 12.41
C PRO X 65 -3.23 -54.13 12.52
N THR X 66 -2.36 -54.50 11.59
CA THR X 66 -1.74 -55.81 11.66
C THR X 66 -0.80 -55.93 12.84
N LEU X 67 -0.08 -54.85 13.18
CA LEU X 67 0.71 -54.85 14.41
C LEU X 67 -0.18 -55.14 15.61
N VAL X 68 -1.34 -54.51 15.68
CA VAL X 68 -2.24 -54.76 16.79
C VAL X 68 -2.70 -56.21 16.80
N LYS X 69 -3.14 -56.72 15.65
CA LYS X 69 -3.59 -58.11 15.59
C LYS X 69 -2.50 -59.06 16.04
N LEU X 70 -1.25 -58.75 15.69
CA LEU X 70 -0.15 -59.66 15.97
C LEU X 70 0.24 -59.60 17.44
N ALA X 71 0.69 -58.44 17.92
CA ALA X 71 1.17 -58.30 19.28
C ALA X 71 0.56 -57.07 19.94
N GLY X 72 -0.77 -56.94 19.82
CA GLY X 72 -1.49 -55.79 20.33
C GLY X 72 -1.04 -55.38 21.72
N ALA X 73 -0.48 -54.18 21.82
CA ALA X 73 0.19 -53.73 23.02
C ALA X 73 0.67 -52.31 22.78
N GLY X 74 0.98 -51.61 23.87
CA GLY X 74 1.87 -50.48 23.76
C GLY X 74 3.28 -50.93 23.48
N ALA X 75 3.60 -52.18 23.83
CA ALA X 75 4.93 -52.76 23.63
C ALA X 75 5.03 -53.33 22.23
N THR X 76 4.70 -52.49 21.26
CA THR X 76 4.87 -52.82 19.85
C THR X 76 6.05 -52.09 19.23
N PHE X 77 6.74 -51.25 19.99
CA PHE X 77 7.92 -50.55 19.48
C PHE X 77 8.89 -51.43 18.71
N PRO X 78 9.30 -52.60 19.21
CA PRO X 78 10.23 -53.42 18.41
C PRO X 78 9.71 -53.71 17.03
N LEU X 79 8.40 -53.85 16.86
CA LEU X 79 7.85 -54.02 15.52
C LEU X 79 8.09 -52.76 14.68
N TRP X 80 7.94 -51.59 15.30
CA TRP X 80 8.15 -50.35 14.57
C TRP X 80 9.59 -50.22 14.09
N GLN X 81 10.54 -50.43 15.00
CA GLN X 81 11.93 -50.36 14.59
C GLN X 81 12.26 -51.44 13.56
N LEU X 82 11.57 -52.59 13.66
CA LEU X 82 11.76 -53.65 12.69
C LEU X 82 11.36 -53.17 11.29
N VAL X 83 10.17 -52.59 11.17
CA VAL X 83 9.73 -52.17 9.85
C VAL X 83 10.60 -51.02 9.35
N ASN X 84 11.07 -50.17 10.26
CA ASN X 84 11.99 -49.11 9.84
C ASN X 84 13.25 -49.70 9.23
N GLU X 85 13.90 -50.62 9.93
CA GLU X 85 15.12 -51.22 9.40
C GLU X 85 14.84 -51.97 8.11
N ALA X 86 13.69 -52.65 8.03
CA ALA X 86 13.34 -53.36 6.81
C ALA X 86 13.28 -52.39 5.63
N ILE X 87 12.60 -51.26 5.82
CA ILE X 87 12.48 -50.29 4.73
C ILE X 87 13.85 -49.73 4.38
N TYR X 88 14.69 -49.50 5.37
CA TYR X 88 15.99 -48.88 5.09
C TYR X 88 17.07 -49.90 4.80
N ALA X 89 17.31 -50.83 5.72
CA ALA X 89 18.52 -51.65 5.66
C ALA X 89 18.45 -52.69 4.54
N VAL X 90 17.28 -53.25 4.30
CA VAL X 90 17.18 -54.37 3.36
C VAL X 90 16.72 -53.87 2.01
N TYR X 91 15.51 -53.32 1.95
CA TYR X 91 15.06 -52.68 0.74
C TYR X 91 15.79 -51.37 0.55
N LEU X 92 15.99 -50.99 -0.72
CA LEU X 92 16.56 -49.71 -1.12
C LEU X 92 18.06 -49.65 -0.82
N THR X 93 18.59 -50.63 -0.10
CA THR X 93 20.03 -50.69 0.12
C THR X 93 20.64 -52.08 -0.05
N HIS X 94 19.87 -53.15 0.13
CA HIS X 94 20.41 -54.51 0.07
C HIS X 94 21.63 -54.66 0.97
N LYS X 95 21.53 -54.11 2.17
CA LYS X 95 22.67 -54.13 3.09
C LYS X 95 22.69 -55.40 3.94
N GLU X 96 21.54 -55.99 4.21
CA GLU X 96 21.45 -57.19 5.03
C GLU X 96 20.39 -58.13 4.48
N THR X 97 20.58 -59.42 4.72
CA THR X 97 19.61 -60.43 4.34
C THR X 97 18.63 -60.68 5.47
N ALA X 98 17.53 -61.38 5.13
CA ALA X 98 16.49 -61.67 6.13
C ALA X 98 17.06 -62.36 7.35
N SER X 99 18.12 -63.16 7.17
CA SER X 99 18.75 -63.82 8.29
C SER X 99 19.15 -62.83 9.38
N PHE X 100 19.71 -61.69 8.97
CA PHE X 100 20.16 -60.71 9.96
C PHE X 100 19.00 -60.19 10.80
N LEU X 101 17.91 -59.78 10.14
CA LEU X 101 16.78 -59.23 10.88
C LEU X 101 16.14 -60.28 11.77
N VAL X 102 15.92 -61.49 11.24
CA VAL X 102 15.27 -62.51 12.06
C VAL X 102 16.14 -62.85 13.25
N THR X 103 17.45 -62.96 13.04
CA THR X 103 18.37 -63.20 14.15
C THR X 103 18.27 -62.08 15.18
N LYS X 104 18.33 -60.83 14.72
CA LYS X 104 18.34 -59.70 15.62
C LYS X 104 17.07 -59.64 16.46
N TYR X 105 15.93 -59.94 15.85
CA TYR X 105 14.69 -59.71 16.57
C TYR X 105 14.25 -60.94 17.35
N VAL X 106 14.71 -62.14 16.98
CA VAL X 106 14.53 -63.24 17.92
C VAL X 106 15.46 -63.06 19.10
N ALA X 107 16.64 -62.46 18.87
CA ALA X 107 17.50 -62.07 19.99
C ALA X 107 16.80 -61.11 20.92
N ARG X 108 15.96 -60.23 20.37
CA ARG X 108 15.15 -59.34 21.17
C ARG X 108 13.85 -59.96 21.64
N GLY X 109 13.60 -61.22 21.29
CA GLY X 109 12.44 -61.92 21.80
C GLY X 109 11.23 -61.93 20.91
N VAL X 110 11.38 -61.73 19.62
CA VAL X 110 10.27 -61.70 18.68
C VAL X 110 10.18 -63.05 17.98
N PRO X 111 9.02 -63.70 17.97
CA PRO X 111 8.89 -64.95 17.21
C PRO X 111 9.22 -64.74 15.74
N ALA X 112 9.94 -65.70 15.16
CA ALA X 112 10.50 -65.52 13.83
C ALA X 112 9.41 -65.37 12.78
N MET X 113 8.36 -66.18 12.86
CA MET X 113 7.32 -66.13 11.84
C MET X 113 6.59 -64.80 11.83
N THR X 114 6.49 -64.14 12.98
CA THR X 114 5.95 -62.78 12.99
C THR X 114 6.83 -61.86 12.16
N VAL X 115 8.14 -61.95 12.35
CA VAL X 115 9.08 -61.17 11.56
C VAL X 115 8.89 -61.46 10.08
N LYS X 116 8.76 -62.74 9.74
CA LYS X 116 8.61 -63.12 8.34
C LYS X 116 7.33 -62.56 7.75
N THR X 117 6.25 -62.61 8.53
CA THR X 117 4.98 -62.04 8.08
C THR X 117 5.13 -60.55 7.80
N LEU X 118 5.70 -59.81 8.76
CA LEU X 118 5.87 -58.38 8.58
C LEU X 118 6.73 -58.07 7.37
N LEU X 119 7.78 -58.87 7.15
CA LEU X 119 8.59 -58.69 5.96
C LEU X 119 7.76 -58.89 4.71
N ALA X 120 6.90 -59.90 4.71
CA ALA X 120 6.03 -60.15 3.57
C ALA X 120 5.19 -58.93 3.26
N GLU X 121 4.55 -58.37 4.29
CA GLU X 121 3.65 -57.24 4.04
C GLU X 121 4.41 -55.99 3.64
N VAL X 122 5.54 -55.71 4.29
CA VAL X 122 6.28 -54.50 3.92
C VAL X 122 6.77 -54.62 2.49
N GLY X 123 7.16 -55.82 2.06
CA GLY X 123 7.49 -56.01 0.66
C GLY X 123 6.30 -55.76 -0.24
N ASN X 124 5.15 -56.36 0.11
CA ASN X 124 3.98 -56.27 -0.75
C ASN X 124 3.46 -54.85 -0.86
N GLN X 125 3.78 -53.99 0.11
CA GLN X 125 3.34 -52.61 0.05
C GLN X 125 4.39 -51.69 -0.55
N LEU X 126 5.66 -51.91 -0.21
CA LEU X 126 6.72 -51.09 -0.76
C LEU X 126 6.81 -51.28 -2.27
N LYS X 127 6.52 -52.50 -2.76
CA LYS X 127 6.46 -52.68 -4.20
C LYS X 127 5.36 -51.83 -4.82
N GLU X 128 4.34 -51.48 -4.04
CA GLU X 128 3.32 -50.56 -4.53
C GLU X 128 3.79 -49.12 -4.45
N LEU X 129 4.61 -48.80 -3.44
CA LEU X 129 5.03 -47.42 -3.27
C LEU X 129 6.11 -47.02 -4.27
N VAL X 130 7.19 -47.77 -4.34
CA VAL X 130 8.34 -47.41 -5.18
C VAL X 130 8.46 -48.45 -6.29
N PRO X 131 8.66 -48.03 -7.54
CA PRO X 131 8.79 -49.01 -8.62
C PRO X 131 10.00 -49.92 -8.49
N ALA X 132 11.17 -49.35 -8.18
CA ALA X 132 12.42 -50.10 -8.25
C ALA X 132 12.36 -51.38 -7.42
N VAL X 133 11.80 -51.30 -6.22
CA VAL X 133 11.67 -52.50 -5.39
C VAL X 133 10.73 -53.49 -6.05
N ALA X 134 9.61 -53.00 -6.59
CA ALA X 134 8.67 -53.88 -7.26
C ALA X 134 9.34 -54.64 -8.40
N GLU X 135 10.22 -53.97 -9.13
CA GLU X 135 10.88 -54.62 -10.25
C GLU X 135 11.96 -55.58 -9.77
N GLN X 136 12.70 -55.20 -8.73
CA GLN X 136 13.71 -56.09 -8.19
C GLN X 136 13.09 -57.37 -7.67
N ILE X 137 11.92 -57.28 -7.04
CA ILE X 137 11.27 -58.49 -6.53
C ILE X 137 10.45 -59.16 -7.62
N GLY X 138 10.01 -58.40 -8.61
CA GLY X 138 9.15 -58.96 -9.62
C GLY X 138 7.76 -59.24 -9.07
N SER X 139 7.03 -60.09 -9.80
CA SER X 139 5.66 -60.43 -9.43
C SER X 139 5.66 -61.70 -8.58
N VAL X 140 6.05 -61.53 -7.32
CA VAL X 140 6.07 -62.63 -6.35
C VAL X 140 5.35 -62.14 -5.10
N THR X 141 4.24 -62.79 -4.75
CA THR X 141 3.54 -62.46 -3.52
C THR X 141 4.31 -63.05 -2.35
N LEU X 142 4.58 -62.21 -1.35
CA LEU X 142 5.41 -62.63 -0.24
C LEU X 142 4.58 -63.27 0.86
N ASP X 143 5.18 -64.27 1.51
CA ASP X 143 4.55 -64.95 2.63
C ASP X 143 5.66 -65.40 3.57
N HIS X 144 5.29 -65.62 4.83
CA HIS X 144 6.23 -66.15 5.81
C HIS X 144 6.78 -67.51 5.40
N THR X 145 6.27 -68.10 4.32
CA THR X 145 6.79 -69.35 3.80
C THR X 145 7.85 -69.15 2.72
N ASN X 146 7.80 -68.03 2.00
CA ASN X 146 8.68 -67.83 0.86
C ASN X 146 9.42 -66.51 0.88
N VAL X 147 9.07 -65.57 1.76
CA VAL X 147 9.65 -64.24 1.70
C VAL X 147 11.15 -64.29 1.96
N VAL X 148 11.58 -65.13 2.90
CA VAL X 148 12.99 -65.15 3.28
C VAL X 148 13.88 -65.55 2.11
N SER X 149 13.50 -66.60 1.40
CA SER X 149 14.30 -67.06 0.28
C SER X 149 14.39 -66.00 -0.80
N THR X 150 13.26 -65.39 -1.15
CA THR X 150 13.24 -64.40 -2.21
C THR X 150 14.08 -63.19 -1.85
N VAL X 151 13.89 -62.66 -0.63
CA VAL X 151 14.61 -61.46 -0.25
C VAL X 151 16.10 -61.74 -0.13
N ASP X 152 16.47 -62.93 0.35
CA ASP X 152 17.88 -63.26 0.46
C ASP X 152 18.50 -63.42 -0.91
N ASN X 153 17.76 -64.00 -1.86
CA ASN X 153 18.24 -64.07 -3.23
C ASN X 153 18.50 -62.67 -3.77
N ILE X 154 17.54 -61.77 -3.61
CA ILE X 154 17.68 -60.42 -4.16
C ILE X 154 18.85 -59.70 -3.51
N VAL X 155 18.95 -59.79 -2.19
CA VAL X 155 19.99 -59.06 -1.47
C VAL X 155 21.37 -59.61 -1.82
N THR X 156 21.50 -60.94 -1.92
CA THR X 156 22.79 -61.52 -2.26
C THR X 156 23.18 -61.19 -3.69
N SER X 157 22.23 -61.29 -4.62
CA SER X 157 22.51 -60.91 -6.00
C SER X 157 22.99 -59.47 -6.08
N MET X 158 22.45 -58.63 -5.28
CA MET X 158 22.90 -57.24 -5.35
C MET X 158 24.03 -57.01 -4.35
N PRO X 159 24.89 -56.04 -4.63
CA PRO X 159 25.86 -55.61 -3.62
C PRO X 159 25.22 -54.59 -2.68
N ALA X 160 26.01 -54.15 -1.71
CA ALA X 160 25.56 -53.08 -0.83
C ALA X 160 25.40 -51.80 -1.64
N LEU X 161 24.20 -51.28 -1.65
CA LEU X 161 24.06 -50.08 -2.44
C LEU X 161 24.31 -48.84 -1.59
N PRO X 162 24.75 -47.74 -2.20
CA PRO X 162 24.90 -46.50 -1.44
C PRO X 162 23.54 -45.99 -0.99
N ASN X 163 23.45 -45.62 0.27
CA ASN X 163 22.20 -45.13 0.84
C ASN X 163 21.69 -43.87 0.15
N SER X 164 22.47 -43.29 -0.75
CA SER X 164 21.98 -42.17 -1.55
C SER X 164 20.75 -42.57 -2.35
N TYR X 165 20.60 -43.85 -2.66
CA TYR X 165 19.37 -44.32 -3.28
C TYR X 165 18.21 -44.20 -2.30
N ALA X 166 18.36 -44.77 -1.11
CA ALA X 166 17.29 -44.73 -0.12
C ALA X 166 16.97 -43.32 0.32
N GLY X 167 17.88 -42.38 0.11
CA GLY X 167 17.64 -41.04 0.61
C GLY X 167 16.67 -40.21 -0.20
N VAL X 168 17.08 -39.77 -1.39
CA VAL X 168 16.25 -38.87 -2.18
C VAL X 168 16.07 -39.39 -3.60
N LEU X 169 17.19 -39.70 -4.26
CA LEU X 169 17.21 -39.85 -5.71
C LEU X 169 16.20 -40.88 -6.20
N MET X 170 15.88 -41.87 -5.37
CA MET X 170 15.03 -42.98 -5.80
C MET X 170 13.75 -42.49 -6.44
N LYS X 171 13.06 -41.56 -5.78
CA LYS X 171 11.89 -40.91 -6.34
C LYS X 171 12.26 -39.80 -7.32
N THR X 172 13.45 -39.23 -7.19
CA THR X 172 13.81 -38.06 -7.97
C THR X 172 13.94 -38.40 -9.44
N LYS X 173 14.56 -39.54 -9.74
CA LYS X 173 14.84 -39.87 -11.14
C LYS X 173 13.58 -40.27 -11.89
N VAL X 174 12.63 -40.91 -11.23
CA VAL X 174 11.48 -41.51 -11.89
C VAL X 174 10.22 -40.73 -11.49
N PRO X 175 9.45 -40.22 -12.44
CA PRO X 175 8.13 -39.68 -12.12
C PRO X 175 7.10 -40.79 -12.10
N THR X 176 6.06 -40.59 -11.28
CA THR X 176 5.05 -41.61 -11.05
C THR X 176 3.67 -41.07 -11.40
N VAL X 177 2.71 -41.99 -11.48
CA VAL X 177 1.34 -41.59 -11.68
C VAL X 177 0.85 -40.82 -10.45
N THR X 178 0.15 -39.73 -10.69
CA THR X 178 -0.38 -38.94 -9.60
C THR X 178 -1.70 -39.52 -9.11
N PRO X 179 -2.08 -39.20 -7.89
CA PRO X 179 -3.44 -39.53 -7.45
C PRO X 179 -4.46 -38.59 -8.07
N HIS X 180 -4.01 -37.83 -9.07
CA HIS X 180 -4.83 -36.91 -9.86
C HIS X 180 -4.83 -37.33 -11.30
N TYR X 181 -4.96 -38.64 -11.55
CA TYR X 181 -4.77 -39.19 -12.87
C TYR X 181 -5.82 -40.27 -13.10
N ALA X 182 -5.86 -40.78 -14.33
CA ALA X 182 -6.68 -41.95 -14.62
C ALA X 182 -5.87 -43.21 -14.27
N GLY X 183 -6.43 -44.36 -14.63
CA GLY X 183 -5.75 -45.61 -14.31
C GLY X 183 -5.72 -45.82 -12.80
N THR X 184 -4.54 -46.10 -12.27
CA THR X 184 -4.38 -46.38 -10.85
C THR X 184 -4.03 -45.14 -10.03
N GLY X 185 -4.40 -43.96 -10.50
CA GLY X 185 -4.18 -42.74 -9.75
C GLY X 185 -5.44 -41.91 -9.59
N THR X 186 -6.55 -42.58 -9.24
CA THR X 186 -7.87 -41.95 -9.28
C THR X 186 -8.61 -42.16 -7.97
N PHE X 187 -7.91 -42.16 -6.84
CA PHE X 187 -8.56 -42.62 -5.61
C PHE X 187 -8.34 -41.76 -4.37
N SER X 188 -7.20 -41.08 -4.17
CA SER X 188 -6.86 -40.64 -2.82
C SER X 188 -6.91 -39.14 -2.60
N SER X 189 -6.89 -38.33 -3.65
CA SER X 189 -6.76 -36.89 -3.49
C SER X 189 -7.83 -36.30 -2.58
N MET X 190 -8.84 -37.10 -2.21
CA MET X 190 -9.78 -36.74 -1.15
C MET X 190 -9.07 -36.03 -0.01
N GLU X 191 -7.95 -36.59 0.46
CA GLU X 191 -7.19 -35.91 1.51
C GLU X 191 -6.89 -34.46 1.10
N SER X 192 -6.14 -34.30 0.01
CA SER X 192 -5.83 -32.96 -0.49
C SER X 192 -7.09 -32.13 -0.66
N ALA X 193 -8.20 -32.77 -1.03
CA ALA X 193 -9.46 -32.04 -1.21
C ALA X 193 -9.76 -31.20 0.01
N TYR X 194 -9.73 -31.82 1.20
CA TYR X 194 -9.98 -31.07 2.43
C TYR X 194 -9.11 -29.83 2.49
N LYS X 195 -7.81 -30.00 2.21
CA LYS X 195 -6.90 -28.87 2.21
C LYS X 195 -7.49 -27.69 1.47
N ALA X 196 -7.92 -27.92 0.22
CA ALA X 196 -8.50 -26.84 -0.57
C ALA X 196 -9.62 -26.16 0.20
N LEU X 197 -10.62 -26.95 0.61
CA LEU X 197 -11.75 -26.39 1.34
C LEU X 197 -11.26 -25.49 2.47
N GLU X 198 -10.25 -25.97 3.19
CA GLU X 198 -9.74 -25.21 4.34
C GLU X 198 -9.44 -23.77 3.96
N ASP X 199 -8.62 -23.58 2.92
CA ASP X 199 -8.22 -22.22 2.60
C ASP X 199 -9.42 -21.38 2.19
N ILE X 200 -10.38 -21.98 1.48
CA ILE X 200 -11.56 -21.23 1.08
C ILE X 200 -12.29 -20.70 2.31
N GLU X 201 -12.34 -21.51 3.37
CA GLU X 201 -12.99 -21.03 4.59
C GLU X 201 -12.17 -19.93 5.25
N ARG X 202 -10.85 -20.01 5.17
CA ARG X 202 -9.99 -18.95 5.68
C ARG X 202 -9.93 -17.75 4.76
N GLY X 203 -10.84 -17.64 3.80
CA GLY X 203 -10.73 -16.57 2.82
C GLY X 203 -9.53 -16.72 1.93
N LEU X 204 -8.87 -17.88 1.96
CA LEU X 204 -7.68 -18.14 1.17
C LEU X 204 -8.03 -19.11 0.04
N GLY Y 3 22.23 37.41 -23.86
CA GLY Y 3 21.60 38.70 -23.67
C GLY Y 3 20.38 38.90 -24.56
N ARG Y 4 19.54 39.86 -24.20
CA ARG Y 4 18.30 40.14 -24.92
C ARG Y 4 17.46 38.87 -25.07
N GLN Y 5 17.11 38.30 -23.92
CA GLN Y 5 16.39 37.03 -23.91
C GLN Y 5 15.06 37.14 -24.63
N SER Y 6 14.20 38.05 -24.19
CA SER Y 6 12.88 38.19 -24.79
C SER Y 6 12.37 39.60 -24.56
N HIS Y 7 11.12 39.83 -24.94
CA HIS Y 7 10.46 41.13 -24.77
C HIS Y 7 9.08 40.87 -24.17
N LYS Y 8 9.01 40.85 -22.84
CA LYS Y 8 7.77 40.56 -22.16
C LYS Y 8 6.80 41.74 -22.27
N LYS Y 9 5.51 41.41 -22.33
CA LYS Y 9 4.45 42.40 -22.37
C LYS Y 9 3.43 42.07 -21.31
N ILE Y 10 3.06 43.06 -20.51
CA ILE Y 10 2.17 42.87 -19.36
C ILE Y 10 0.90 43.65 -19.60
N ASP Y 11 -0.23 42.95 -19.63
CA ASP Y 11 -1.52 43.56 -19.88
C ASP Y 11 -2.60 42.51 -19.61
N VAL Y 12 -3.85 42.95 -19.73
CA VAL Y 12 -5.00 42.07 -19.52
C VAL Y 12 -5.27 41.33 -20.82
N ARG Y 13 -5.01 40.03 -20.82
CA ARG Y 13 -5.03 39.22 -22.03
C ARG Y 13 -6.22 38.27 -22.09
N ASN Y 14 -7.31 38.61 -21.44
CA ASN Y 14 -8.52 37.78 -21.44
C ASN Y 14 -8.27 36.42 -20.82
N ASP Y 15 -7.15 36.27 -20.14
CA ASP Y 15 -6.88 35.05 -19.39
C ASP Y 15 -6.33 35.33 -18.00
N THR Y 16 -5.96 36.58 -17.70
CA THR Y 16 -5.57 36.93 -16.35
C THR Y 16 -6.66 36.56 -15.36
N SER Y 17 -7.91 36.62 -15.80
CA SER Y 17 -9.02 36.10 -14.99
C SER Y 17 -8.77 34.65 -14.64
N THR Y 18 -8.59 33.80 -15.65
CA THR Y 18 -8.46 32.37 -15.38
C THR Y 18 -7.15 32.06 -14.68
N ARG Y 19 -6.07 32.76 -15.04
CA ARG Y 19 -4.81 32.56 -14.35
C ARG Y 19 -4.97 32.84 -12.86
N TYR Y 20 -5.54 33.99 -12.53
CA TYR Y 20 -5.81 34.36 -11.15
C TYR Y 20 -6.64 33.30 -10.45
N LYS Y 21 -7.80 32.99 -11.02
CA LYS Y 21 -8.70 32.01 -10.42
C LYS Y 21 -7.98 30.69 -10.17
N GLY Y 22 -7.36 30.13 -11.21
CA GLY Y 22 -6.77 28.82 -11.08
C GLY Y 22 -5.64 28.79 -10.08
N LYS Y 23 -4.72 29.76 -10.15
CA LYS Y 23 -3.59 29.73 -9.23
C LYS Y 23 -4.05 29.85 -7.80
N LEU Y 24 -4.92 30.83 -7.50
CA LEU Y 24 -5.34 30.97 -6.12
C LEU Y 24 -6.20 29.80 -5.68
N TYR Y 25 -6.95 29.19 -6.60
CA TYR Y 25 -7.72 28.01 -6.26
C TYR Y 25 -6.80 26.87 -5.85
N GLY Y 26 -5.79 26.60 -6.66
CA GLY Y 26 -4.84 25.57 -6.30
C GLY Y 26 -4.20 25.84 -4.96
N ILE Y 27 -3.84 27.10 -4.69
CA ILE Y 27 -3.24 27.41 -3.41
C ILE Y 27 -4.22 27.11 -2.28
N PHE Y 28 -5.48 27.51 -2.44
CA PHE Y 28 -6.41 27.45 -1.31
C PHE Y 28 -7.04 26.09 -1.10
N VAL Y 29 -6.90 25.16 -2.05
CA VAL Y 29 -7.42 23.82 -1.79
C VAL Y 29 -6.83 23.25 -0.51
N ASN Y 30 -5.59 23.61 -0.21
CA ASN Y 30 -4.94 23.16 1.02
C ASN Y 30 -5.41 23.92 2.25
N TYR Y 31 -6.36 24.83 2.10
CA TYR Y 31 -7.00 25.51 3.22
C TYR Y 31 -8.46 25.16 3.37
N MET Y 32 -9.18 24.98 2.27
CA MET Y 32 -10.63 25.05 2.27
C MET Y 32 -11.32 23.74 1.99
N GLY Y 33 -10.67 22.81 1.33
CA GLY Y 33 -11.38 21.78 0.60
C GLY Y 33 -11.79 22.30 -0.75
N GLU Y 34 -12.41 21.43 -1.54
CA GLU Y 34 -12.68 21.78 -2.93
C GLU Y 34 -13.67 22.94 -3.03
N LYS Y 35 -14.91 22.71 -2.59
CA LYS Y 35 -15.98 23.66 -2.89
C LYS Y 35 -15.75 25.01 -2.23
N TYR Y 36 -15.22 25.01 -1.01
CA TYR Y 36 -14.98 26.28 -0.34
C TYR Y 36 -13.95 27.11 -1.10
N ALA Y 37 -12.85 26.48 -1.52
CA ALA Y 37 -11.86 27.19 -2.31
C ALA Y 37 -12.47 27.68 -3.62
N GLN Y 38 -13.33 26.86 -4.22
CA GLN Y 38 -13.97 27.27 -5.46
C GLN Y 38 -14.76 28.56 -5.28
N GLN Y 39 -15.69 28.56 -4.31
CA GLN Y 39 -16.49 29.76 -4.09
C GLN Y 39 -15.62 30.94 -3.69
N LEU Y 40 -14.56 30.68 -2.92
CA LEU Y 40 -13.71 31.77 -2.47
C LEU Y 40 -13.05 32.46 -3.65
N VAL Y 41 -12.43 31.69 -4.55
CA VAL Y 41 -11.76 32.32 -5.68
C VAL Y 41 -12.79 32.98 -6.58
N GLU Y 42 -13.98 32.38 -6.70
CA GLU Y 42 -15.04 33.02 -7.48
C GLU Y 42 -15.32 34.43 -6.97
N ASN Y 43 -15.65 34.55 -5.69
CA ASN Y 43 -16.00 35.86 -5.14
C ASN Y 43 -14.81 36.80 -5.18
N MET Y 44 -13.61 36.30 -4.88
CA MET Y 44 -12.43 37.15 -4.89
C MET Y 44 -12.23 37.78 -6.25
N TYR Y 45 -12.22 36.96 -7.30
CA TYR Y 45 -11.99 37.53 -8.62
C TYR Y 45 -13.15 38.40 -9.04
N SER Y 46 -14.38 38.06 -8.63
CA SER Y 46 -15.50 38.94 -8.96
C SER Y 46 -15.25 40.35 -8.43
N ASN Y 47 -14.90 40.45 -7.16
CA ASN Y 47 -14.65 41.77 -6.57
C ASN Y 47 -13.47 42.45 -7.24
N TYR Y 48 -12.38 41.71 -7.44
CA TYR Y 48 -11.21 42.30 -8.08
C TYR Y 48 -11.56 42.84 -9.45
N ASN Y 49 -12.37 42.10 -10.21
CA ASN Y 49 -12.86 42.57 -11.49
C ASN Y 49 -13.58 43.88 -11.30
N ASP Y 50 -14.72 43.82 -10.63
CA ASP Y 50 -15.62 44.97 -10.62
C ASP Y 50 -14.98 46.21 -10.00
N VAL Y 51 -13.89 46.06 -9.26
CA VAL Y 51 -13.20 47.27 -8.82
C VAL Y 51 -12.07 47.62 -9.78
N PHE Y 52 -11.04 46.77 -9.79
CA PHE Y 52 -9.79 47.16 -10.44
C PHE Y 52 -9.97 47.24 -11.94
N VAL Y 53 -10.56 46.21 -12.56
CA VAL Y 53 -10.76 46.27 -14.00
C VAL Y 53 -11.53 47.53 -14.36
N GLU Y 54 -12.77 47.60 -13.87
CA GLU Y 54 -13.70 48.64 -14.27
C GLU Y 54 -13.12 50.03 -14.10
N ILE Y 55 -12.30 50.24 -13.09
CA ILE Y 55 -11.79 51.59 -12.90
C ILE Y 55 -10.43 51.73 -13.55
N TYR Y 56 -9.44 51.03 -13.01
CA TYR Y 56 -8.06 51.28 -13.37
C TYR Y 56 -7.78 50.87 -14.80
N ASN Y 57 -8.31 49.74 -15.27
CA ASN Y 57 -7.94 49.29 -16.60
C ASN Y 57 -8.61 50.17 -17.65
N LYS Y 58 -9.85 50.56 -17.43
CA LYS Y 58 -10.50 51.50 -18.34
C LYS Y 58 -9.72 52.81 -18.39
N MET Y 59 -9.27 53.30 -17.24
CA MET Y 59 -8.48 54.52 -17.24
C MET Y 59 -7.18 54.32 -18.01
N HIS Y 60 -6.49 53.21 -17.77
CA HIS Y 60 -5.23 52.95 -18.46
C HIS Y 60 -5.43 52.93 -19.96
N ASN Y 61 -6.46 52.23 -20.43
CA ASN Y 61 -6.71 52.16 -21.86
C ASN Y 61 -7.05 53.53 -22.42
N ALA Y 62 -7.83 54.31 -21.69
CA ALA Y 62 -8.20 55.63 -22.19
C ALA Y 62 -6.99 56.54 -22.31
N LEU Y 63 -6.09 56.51 -21.32
CA LEU Y 63 -5.03 57.49 -21.26
C LEU Y 63 -3.77 57.08 -22.01
N ARG Y 64 -3.53 55.78 -22.20
CA ARG Y 64 -2.30 55.33 -22.85
C ARG Y 64 -1.95 56.13 -24.11
N PRO Y 65 -2.86 56.36 -25.06
CA PRO Y 65 -2.47 57.18 -26.22
C PRO Y 65 -1.98 58.57 -25.82
N THR Y 66 -2.63 59.19 -24.84
CA THR Y 66 -2.20 60.51 -24.42
C THR Y 66 -0.85 60.49 -23.74
N LEU Y 67 -0.57 59.44 -22.94
CA LEU Y 67 0.76 59.27 -22.40
C LEU Y 67 1.80 59.21 -23.52
N VAL Y 68 1.51 58.44 -24.56
CA VAL Y 68 2.47 58.33 -25.66
C VAL Y 68 2.65 59.68 -26.34
N LYS Y 69 1.56 60.41 -26.58
CA LYS Y 69 1.68 61.73 -27.19
C LYS Y 69 2.53 62.66 -26.35
N LEU Y 70 2.32 62.64 -25.04
CA LEU Y 70 2.97 63.62 -24.18
C LEU Y 70 4.43 63.28 -23.94
N ALA Y 71 4.69 62.11 -23.36
CA ALA Y 71 6.03 61.73 -22.96
C ALA Y 71 6.38 60.38 -23.56
N GLY Y 72 6.12 60.24 -24.86
CA GLY Y 72 6.37 59.01 -25.57
C GLY Y 72 7.72 58.41 -25.24
N ALA Y 73 7.69 57.24 -24.63
CA ALA Y 73 8.88 56.63 -24.04
C ALA Y 73 8.45 55.28 -23.47
N GLY Y 74 9.45 54.46 -23.17
CA GLY Y 74 9.21 53.39 -22.20
C GLY Y 74 9.17 53.93 -20.79
N ALA Y 75 9.86 55.04 -20.56
CA ALA Y 75 9.95 55.65 -19.24
C ALA Y 75 8.74 56.54 -18.98
N THR Y 76 7.57 55.91 -19.04
CA THR Y 76 6.32 56.58 -18.72
C THR Y 76 5.75 56.13 -17.38
N PHE Y 77 6.43 55.22 -16.69
CA PHE Y 77 5.99 54.76 -15.37
C PHE Y 77 5.55 55.87 -14.42
N PRO Y 78 6.28 56.97 -14.26
CA PRO Y 78 5.80 58.02 -13.36
C PRO Y 78 4.40 58.49 -13.71
N LEU Y 79 4.06 58.54 -14.99
CA LEU Y 79 2.70 58.91 -15.37
C LEU Y 79 1.70 57.90 -14.81
N TRP Y 80 2.05 56.62 -14.88
CA TRP Y 80 1.14 55.58 -14.38
C TRP Y 80 0.94 55.71 -12.88
N GLN Y 81 2.03 55.81 -12.12
CA GLN Y 81 1.86 55.95 -10.68
C GLN Y 81 1.09 57.22 -10.34
N LEU Y 82 1.28 58.27 -11.15
CA LEU Y 82 0.54 59.51 -10.93
C LEU Y 82 -0.95 59.29 -11.09
N VAL Y 83 -1.35 58.65 -12.19
CA VAL Y 83 -2.78 58.46 -12.41
C VAL Y 83 -3.36 57.53 -11.36
N ASN Y 84 -2.57 56.56 -10.88
CA ASN Y 84 -3.06 55.69 -9.82
C ASN Y 84 -3.34 56.48 -8.55
N GLU Y 85 -2.36 57.27 -8.11
CA GLU Y 85 -2.58 58.10 -6.92
C GLU Y 85 -3.77 59.03 -7.11
N ALA Y 86 -3.89 59.62 -8.30
CA ALA Y 86 -5.00 60.52 -8.57
C ALA Y 86 -6.34 59.80 -8.41
N ILE Y 87 -6.45 58.58 -8.93
CA ILE Y 87 -7.68 57.82 -8.81
C ILE Y 87 -7.95 57.50 -7.34
N TYR Y 88 -6.91 57.15 -6.59
CA TYR Y 88 -7.14 56.75 -5.21
C TYR Y 88 -7.05 57.93 -4.25
N ALA Y 89 -5.91 58.61 -4.21
CA ALA Y 89 -5.66 59.55 -3.12
C ALA Y 89 -6.52 60.80 -3.24
N VAL Y 90 -6.78 61.26 -4.46
CA VAL Y 90 -7.46 62.53 -4.65
C VAL Y 90 -8.94 62.30 -4.85
N TYR Y 91 -9.29 61.61 -5.92
CA TYR Y 91 -10.67 61.23 -6.13
C TYR Y 91 -11.03 60.07 -5.21
N LEU Y 92 -12.31 60.02 -4.83
CA LEU Y 92 -12.89 58.92 -4.07
C LEU Y 92 -12.42 58.90 -2.63
N THR Y 93 -11.44 59.72 -2.28
CA THR Y 93 -11.00 59.83 -0.90
C THR Y 93 -10.82 61.26 -0.41
N HIS Y 94 -10.53 62.21 -1.29
CA HIS Y 94 -10.31 63.60 -0.89
C HIS Y 94 -9.24 63.68 0.20
N LYS Y 95 -8.21 62.85 0.06
CA LYS Y 95 -7.15 62.80 1.07
C LYS Y 95 -6.08 63.85 0.82
N GLU Y 96 -5.88 64.27 -0.42
CA GLU Y 96 -4.85 65.22 -0.77
C GLU Y 96 -5.35 66.19 -1.82
N THR Y 97 -4.74 67.38 -1.87
CA THR Y 97 -5.09 68.39 -2.85
C THR Y 97 -4.12 68.33 -4.02
N ALA Y 98 -4.51 69.00 -5.12
CA ALA Y 98 -3.68 69.00 -6.31
C ALA Y 98 -2.28 69.53 -6.04
N SER Y 99 -2.16 70.44 -5.06
CA SER Y 99 -0.86 70.97 -4.70
C SER Y 99 0.11 69.85 -4.35
N PHE Y 100 -0.37 68.85 -3.60
CA PHE Y 100 0.51 67.76 -3.20
C PHE Y 100 1.04 67.00 -4.40
N LEU Y 101 0.15 66.60 -5.32
CA LEU Y 101 0.59 65.83 -6.48
C LEU Y 101 1.53 66.65 -7.36
N VAL Y 102 1.16 67.91 -7.63
CA VAL Y 102 2.01 68.71 -8.51
C VAL Y 102 3.38 68.92 -7.88
N THR Y 103 3.42 69.20 -6.58
CA THR Y 103 4.69 69.33 -5.88
C THR Y 103 5.49 68.04 -5.98
N LYS Y 104 4.85 66.91 -5.72
CA LYS Y 104 5.55 65.63 -5.72
C LYS Y 104 6.14 65.33 -7.08
N TYR Y 105 5.36 65.50 -8.14
CA TYR Y 105 5.81 65.03 -9.44
C TYR Y 105 6.72 66.04 -10.12
N VAL Y 106 6.65 67.33 -9.76
CA VAL Y 106 7.71 68.21 -10.22
C VAL Y 106 8.98 67.92 -9.44
N ALA Y 107 8.85 67.54 -8.16
CA ALA Y 107 10.01 67.06 -7.42
C ALA Y 107 10.59 65.81 -8.08
N ARG Y 108 9.74 64.96 -8.64
CA ARG Y 108 10.20 63.81 -9.40
C ARG Y 108 10.61 64.18 -10.82
N GLY Y 109 10.46 65.44 -11.21
CA GLY Y 109 10.94 65.91 -12.49
C GLY Y 109 9.92 65.96 -13.60
N VAL Y 110 8.63 65.94 -13.29
CA VAL Y 110 7.58 65.96 -14.30
C VAL Y 110 7.14 67.41 -14.51
N PRO Y 111 7.03 67.88 -15.74
CA PRO Y 111 6.51 69.24 -15.97
C PRO Y 111 5.12 69.41 -15.38
N ALA Y 112 4.87 70.59 -14.82
CA ALA Y 112 3.62 70.81 -14.10
C ALA Y 112 2.42 70.74 -15.02
N MET Y 113 2.47 71.41 -16.17
CA MET Y 113 1.33 71.42 -17.07
C MET Y 113 1.01 70.02 -17.60
N THR Y 114 2.01 69.14 -17.70
CA THR Y 114 1.72 67.75 -18.03
C THR Y 114 0.86 67.12 -16.94
N VAL Y 115 1.25 67.32 -15.68
CA VAL Y 115 0.46 66.84 -14.55
C VAL Y 115 -0.97 67.37 -14.64
N LYS Y 116 -1.10 68.66 -14.93
CA LYS Y 116 -2.44 69.26 -14.98
C LYS Y 116 -3.26 68.67 -16.11
N THR Y 117 -2.63 68.43 -17.25
CA THR Y 117 -3.34 67.81 -18.37
C THR Y 117 -3.84 66.42 -17.98
N LEU Y 118 -2.94 65.61 -17.42
CA LEU Y 118 -3.33 64.27 -17.00
C LEU Y 118 -4.47 64.30 -15.99
N LEU Y 119 -4.39 65.23 -15.04
CA LEU Y 119 -5.45 65.35 -14.05
C LEU Y 119 -6.77 65.75 -14.71
N ALA Y 120 -6.72 66.66 -15.67
CA ALA Y 120 -7.91 67.02 -16.42
C ALA Y 120 -8.54 65.79 -17.07
N GLU Y 121 -7.71 64.96 -17.69
CA GLU Y 121 -8.27 63.81 -18.41
C GLU Y 121 -8.83 62.78 -17.45
N VAL Y 122 -8.12 62.48 -16.36
CA VAL Y 122 -8.62 61.50 -15.41
C VAL Y 122 -9.91 61.99 -14.79
N GLY Y 123 -10.03 63.29 -14.55
CA GLY Y 123 -11.29 63.82 -14.06
C GLY Y 123 -12.40 63.66 -15.08
N ASN Y 124 -12.12 64.06 -16.31
CA ASN Y 124 -13.14 64.02 -17.35
C ASN Y 124 -13.65 62.61 -17.59
N GLN Y 125 -12.83 61.60 -17.37
CA GLN Y 125 -13.32 60.24 -17.61
C GLN Y 125 -13.88 59.59 -16.35
N LEU Y 126 -13.24 59.80 -15.20
CA LEU Y 126 -13.75 59.25 -13.95
C LEU Y 126 -15.14 59.78 -13.67
N LYS Y 127 -15.42 61.03 -14.04
CA LYS Y 127 -16.76 61.56 -13.85
C LYS Y 127 -17.78 60.79 -14.68
N GLU Y 128 -17.33 60.17 -15.78
CA GLU Y 128 -18.24 59.29 -16.51
C GLU Y 128 -18.37 57.94 -15.83
N LEU Y 129 -17.26 57.42 -15.31
CA LEU Y 129 -17.29 56.09 -14.74
C LEU Y 129 -18.02 56.05 -13.41
N VAL Y 130 -17.76 57.01 -12.52
CA VAL Y 130 -18.29 57.01 -11.17
C VAL Y 130 -19.33 58.10 -11.06
N PRO Y 131 -20.58 57.78 -10.69
CA PRO Y 131 -21.58 58.84 -10.50
C PRO Y 131 -21.25 59.80 -9.37
N ALA Y 132 -20.67 59.29 -8.29
CA ALA Y 132 -20.43 60.12 -7.12
C ALA Y 132 -19.53 61.30 -7.45
N VAL Y 133 -18.43 61.05 -8.14
CA VAL Y 133 -17.52 62.14 -8.49
C VAL Y 133 -18.18 63.07 -9.50
N ALA Y 134 -19.04 62.53 -10.37
CA ALA Y 134 -19.77 63.38 -11.31
C ALA Y 134 -20.66 64.36 -10.57
N GLU Y 135 -21.33 63.90 -9.51
CA GLU Y 135 -22.15 64.80 -8.72
C GLU Y 135 -21.29 65.77 -7.92
N GLN Y 136 -20.12 65.32 -7.46
CA GLN Y 136 -19.26 66.18 -6.66
C GLN Y 136 -18.70 67.33 -7.49
N ILE Y 137 -18.19 67.03 -8.68
CA ILE Y 137 -17.52 68.05 -9.47
C ILE Y 137 -18.52 68.86 -10.27
N GLY Y 138 -19.68 68.28 -10.57
CA GLY Y 138 -20.64 68.97 -11.40
C GLY Y 138 -20.18 69.02 -12.85
N SER Y 139 -20.83 69.91 -13.60
CA SER Y 139 -20.56 70.04 -15.04
C SER Y 139 -19.51 71.13 -15.26
N VAL Y 140 -18.26 70.75 -15.03
CA VAL Y 140 -17.10 71.62 -15.26
C VAL Y 140 -16.09 70.85 -16.07
N THR Y 141 -15.85 71.29 -17.31
CA THR Y 141 -14.85 70.67 -18.15
C THR Y 141 -13.45 71.02 -17.62
N LEU Y 142 -12.65 70.01 -17.35
CA LEU Y 142 -11.35 70.22 -16.75
C LEU Y 142 -10.32 70.58 -17.80
N ASP Y 143 -9.44 71.50 -17.43
CA ASP Y 143 -8.32 71.90 -18.28
C ASP Y 143 -7.16 72.27 -17.39
N HIS Y 144 -5.95 72.13 -17.93
CA HIS Y 144 -4.74 72.49 -17.20
C HIS Y 144 -4.76 73.94 -16.73
N THR Y 145 -5.73 74.73 -17.15
CA THR Y 145 -5.91 76.09 -16.68
C THR Y 145 -6.77 76.17 -15.43
N ASN Y 146 -7.69 75.23 -15.23
CA ASN Y 146 -8.65 75.32 -14.14
C ASN Y 146 -8.73 74.09 -13.26
N VAL Y 147 -7.97 73.02 -13.56
CA VAL Y 147 -8.11 71.80 -12.78
C VAL Y 147 -7.74 72.03 -11.32
N VAL Y 148 -6.61 72.67 -11.07
CA VAL Y 148 -6.11 72.78 -9.70
C VAL Y 148 -7.11 73.51 -8.82
N SER Y 149 -7.65 74.63 -9.31
CA SER Y 149 -8.60 75.40 -8.53
C SER Y 149 -9.83 74.56 -8.18
N THR Y 150 -10.43 73.93 -9.19
CA THR Y 150 -11.65 73.17 -8.96
C THR Y 150 -11.40 72.01 -8.00
N VAL Y 151 -10.37 71.22 -8.26
CA VAL Y 151 -10.14 70.04 -7.44
C VAL Y 151 -9.76 70.42 -6.02
N ASP Y 152 -9.00 71.50 -5.85
CA ASP Y 152 -8.64 71.92 -4.51
C ASP Y 152 -9.86 72.45 -3.76
N ASN Y 153 -10.72 73.18 -4.46
CA ASN Y 153 -11.99 73.60 -3.86
C ASN Y 153 -12.77 72.39 -3.37
N ILE Y 154 -12.92 71.37 -4.21
CA ILE Y 154 -13.73 70.21 -3.84
C ILE Y 154 -13.10 69.48 -2.67
N VAL Y 155 -11.79 69.21 -2.74
CA VAL Y 155 -11.13 68.40 -1.72
C VAL Y 155 -11.08 69.15 -0.40
N THR Y 156 -10.88 70.46 -0.42
CA THR Y 156 -10.91 71.23 0.82
C THR Y 156 -12.31 71.27 1.40
N SER Y 157 -13.32 71.39 0.54
CA SER Y 157 -14.69 71.34 1.01
C SER Y 157 -14.98 70.04 1.74
N MET Y 158 -14.32 68.96 1.33
CA MET Y 158 -14.62 67.71 2.00
C MET Y 158 -13.51 67.33 2.98
N PRO Y 159 -13.85 66.63 4.05
CA PRO Y 159 -12.83 66.08 4.93
C PRO Y 159 -12.17 64.87 4.29
N ALA Y 160 -11.21 64.30 5.03
CA ALA Y 160 -10.59 63.06 4.59
C ALA Y 160 -11.62 61.93 4.58
N LEU Y 161 -11.71 61.26 3.46
CA LEU Y 161 -12.76 60.25 3.47
C LEU Y 161 -12.20 58.88 3.79
N PRO Y 162 -12.98 58.02 4.43
CA PRO Y 162 -12.55 56.64 4.62
C PRO Y 162 -12.43 55.93 3.28
N ASN Y 163 -11.25 55.37 3.03
CA ASN Y 163 -10.95 54.70 1.77
C ASN Y 163 -11.91 53.55 1.47
N SER Y 164 -12.75 53.16 2.42
CA SER Y 164 -13.78 52.17 2.13
C SER Y 164 -14.67 52.62 0.98
N TYR Y 165 -14.81 53.92 0.79
CA TYR Y 165 -15.51 54.41 -0.40
C TYR Y 165 -14.83 53.95 -1.67
N ALA Y 166 -13.53 54.24 -1.79
CA ALA Y 166 -12.79 53.84 -2.98
C ALA Y 166 -12.69 52.33 -3.10
N GLY Y 167 -12.89 51.60 -2.01
CA GLY Y 167 -12.70 50.17 -2.07
C GLY Y 167 -13.80 49.41 -2.77
N VAL Y 168 -14.96 49.28 -2.13
CA VAL Y 168 -16.02 48.43 -2.66
C VAL Y 168 -17.35 49.19 -2.77
N LEU Y 169 -17.73 49.85 -1.67
CA LEU Y 169 -19.10 50.30 -1.49
C LEU Y 169 -19.56 51.24 -2.61
N MET Y 170 -18.63 51.99 -3.20
CA MET Y 170 -18.98 53.07 -4.10
C MET Y 170 -19.93 52.61 -5.19
N LYS Y 171 -19.55 51.57 -5.92
CA LYS Y 171 -20.42 50.97 -6.92
C LYS Y 171 -21.44 50.02 -6.31
N THR Y 172 -21.17 49.53 -5.10
CA THR Y 172 -22.05 48.54 -4.49
C THR Y 172 -23.41 49.13 -4.18
N LYS Y 173 -23.45 50.34 -3.63
CA LYS Y 173 -24.72 50.88 -3.15
C LYS Y 173 -25.61 51.37 -4.28
N VAL Y 174 -25.02 51.83 -5.37
CA VAL Y 174 -25.77 52.45 -6.47
C VAL Y 174 -25.75 51.52 -7.67
N PRO Y 175 -26.90 51.19 -8.25
CA PRO Y 175 -26.91 50.48 -9.53
C PRO Y 175 -26.74 51.44 -10.69
N THR Y 176 -26.11 50.96 -11.75
CA THR Y 176 -25.76 51.80 -12.88
C THR Y 176 -26.41 51.26 -14.15
N VAL Y 177 -26.46 52.12 -15.17
CA VAL Y 177 -26.96 51.68 -16.47
C VAL Y 177 -25.98 50.69 -17.07
N THR Y 178 -26.49 49.57 -17.52
CA THR Y 178 -25.66 48.56 -18.13
C THR Y 178 -25.33 48.95 -19.57
N PRO Y 179 -24.28 48.37 -20.14
CA PRO Y 179 -24.08 48.48 -21.57
C PRO Y 179 -25.05 47.56 -22.32
N HIS Y 180 -26.06 47.08 -21.62
CA HIS Y 180 -27.12 46.24 -22.15
C HIS Y 180 -28.45 46.95 -22.02
N TYR Y 181 -28.46 48.25 -22.28
CA TYR Y 181 -29.62 49.07 -21.98
C TYR Y 181 -29.85 50.05 -23.12
N ALA Y 182 -30.87 50.88 -22.97
CA ALA Y 182 -31.06 52.00 -23.88
C ALA Y 182 -30.25 53.20 -23.40
N GLY Y 183 -30.42 54.33 -24.08
CA GLY Y 183 -29.69 55.52 -23.68
C GLY Y 183 -28.21 55.35 -23.95
N THR Y 184 -27.39 55.60 -22.93
CA THR Y 184 -25.94 55.51 -23.05
C THR Y 184 -25.40 54.12 -22.74
N GLY Y 185 -26.23 53.09 -22.86
CA GLY Y 185 -25.78 51.73 -22.63
C GLY Y 185 -26.12 50.77 -23.75
N THR Y 186 -25.92 51.20 -25.00
CA THR Y 186 -26.33 50.40 -26.15
C THR Y 186 -25.19 50.28 -27.16
N PHE Y 187 -23.96 50.14 -26.69
CA PHE Y 187 -22.82 50.14 -27.61
C PHE Y 187 -21.78 49.06 -27.36
N SER Y 188 -21.59 48.57 -26.14
CA SER Y 188 -20.35 47.87 -25.80
C SER Y 188 -20.44 46.35 -25.88
N SER Y 189 -21.63 45.79 -26.09
CA SER Y 189 -21.80 44.35 -26.06
C SER Y 189 -20.79 43.63 -26.94
N MET Y 190 -20.21 44.35 -27.91
CA MET Y 190 -19.14 43.81 -28.76
C MET Y 190 -18.20 42.93 -27.94
N GLU Y 191 -17.63 43.51 -26.87
CA GLU Y 191 -16.71 42.73 -26.05
C GLU Y 191 -17.37 41.45 -25.57
N SER Y 192 -18.44 41.58 -24.78
CA SER Y 192 -19.12 40.40 -24.26
C SER Y 192 -19.51 39.46 -25.38
N ALA Y 193 -19.86 40.03 -26.54
CA ALA Y 193 -20.29 39.20 -27.66
C ALA Y 193 -19.28 38.11 -27.94
N TYR Y 194 -18.00 38.48 -28.04
CA TYR Y 194 -16.98 37.49 -28.33
C TYR Y 194 -17.02 36.36 -27.32
N LYS Y 195 -17.08 36.72 -26.03
CA LYS Y 195 -17.17 35.71 -24.99
C LYS Y 195 -18.22 34.67 -25.35
N ALA Y 196 -19.44 35.14 -25.65
CA ALA Y 196 -20.52 34.22 -26.01
C ALA Y 196 -20.07 33.27 -27.10
N LEU Y 197 -19.63 33.84 -28.24
CA LEU Y 197 -19.21 33.00 -29.37
C LEU Y 197 -18.28 31.90 -28.91
N GLU Y 198 -17.31 32.26 -28.06
CA GLU Y 198 -16.32 31.29 -27.61
C GLU Y 198 -16.99 30.05 -27.05
N ASP Y 199 -17.87 30.22 -26.06
CA ASP Y 199 -18.44 29.04 -25.42
C ASP Y 199 -19.29 28.24 -26.39
N ILE Y 200 -19.91 28.91 -27.37
CA ILE Y 200 -20.68 28.16 -28.35
C ILE Y 200 -19.76 27.27 -29.17
N GLU Y 201 -18.58 27.80 -29.54
CA GLU Y 201 -17.67 27.00 -30.34
C GLU Y 201 -17.05 25.87 -29.52
N ARG Y 202 -16.74 26.13 -28.26
CA ARG Y 202 -16.23 25.08 -27.38
C ARG Y 202 -17.31 24.10 -26.94
N GLY Y 203 -18.52 24.19 -27.50
CA GLY Y 203 -19.58 23.32 -27.06
C GLY Y 203 -20.07 23.61 -25.65
N LEU Y 204 -19.79 24.80 -25.14
CA LEU Y 204 -20.20 25.17 -23.78
C LEU Y 204 -21.47 26.01 -23.78
N GLY Z 3 24.96 -45.92 19.62
CA GLY Z 3 25.54 -46.23 18.33
C GLY Z 3 24.53 -46.22 17.20
N ARG Z 4 25.02 -46.06 15.97
CA ARG Z 4 24.18 -45.98 14.79
C ARG Z 4 23.11 -44.90 14.96
N GLN Z 5 23.58 -43.68 15.19
CA GLN Z 5 22.69 -42.57 15.47
C GLN Z 5 21.76 -42.29 14.29
N SER Z 6 22.33 -42.06 13.11
CA SER Z 6 21.53 -41.72 11.95
C SER Z 6 22.19 -42.29 10.70
N HIS Z 7 21.60 -42.00 9.55
CA HIS Z 7 22.14 -42.42 8.25
C HIS Z 7 22.11 -41.19 7.34
N LYS Z 8 23.19 -40.42 7.35
CA LYS Z 8 23.23 -39.19 6.58
C LYS Z 8 23.33 -39.49 5.08
N LYS Z 9 22.76 -38.60 4.30
CA LYS Z 9 22.83 -38.67 2.84
C LYS Z 9 23.26 -37.32 2.31
N ILE Z 10 24.34 -37.31 1.53
CA ILE Z 10 24.97 -36.08 1.08
C ILE Z 10 24.84 -36.01 -0.44
N ASP Z 11 24.21 -34.95 -0.92
CA ASP Z 11 23.98 -34.77 -2.35
C ASP Z 11 23.41 -33.37 -2.57
N VAL Z 12 23.21 -33.02 -3.84
CA VAL Z 12 22.58 -31.77 -4.22
C VAL Z 12 21.08 -31.95 -4.08
N ARG Z 13 20.47 -31.20 -3.15
CA ARG Z 13 19.09 -31.41 -2.75
C ARG Z 13 18.20 -30.20 -2.98
N ASN Z 14 18.43 -29.47 -4.08
CA ASN Z 14 17.57 -28.34 -4.45
C ASN Z 14 17.59 -27.24 -3.40
N ASP Z 15 18.49 -27.33 -2.44
CA ASP Z 15 18.63 -26.29 -1.44
C ASP Z 15 20.09 -25.98 -1.13
N THR Z 16 21.03 -26.68 -1.74
CA THR Z 16 22.43 -26.34 -1.59
C THR Z 16 22.69 -24.91 -2.01
N SER Z 17 22.00 -24.46 -3.06
CA SER Z 17 22.04 -23.06 -3.45
C SER Z 17 21.69 -22.17 -2.27
N THR Z 18 20.55 -22.43 -1.65
CA THR Z 18 20.09 -21.55 -0.58
C THR Z 18 20.97 -21.66 0.65
N ARG Z 19 21.37 -22.88 1.03
CA ARG Z 19 22.24 -23.01 2.19
C ARG Z 19 23.54 -22.26 1.98
N TYR Z 20 24.17 -22.48 0.82
CA TYR Z 20 25.40 -21.77 0.47
C TYR Z 20 25.21 -20.26 0.56
N LYS Z 21 24.25 -19.73 -0.22
CA LYS Z 21 24.02 -18.30 -0.26
C LYS Z 21 23.79 -17.74 1.13
N GLY Z 22 22.86 -18.34 1.88
CA GLY Z 22 22.50 -17.79 3.17
C GLY Z 22 23.66 -17.79 4.14
N LYS Z 23 24.33 -18.93 4.27
CA LYS Z 23 25.43 -19.01 5.24
C LYS Z 23 26.54 -18.02 4.90
N LEU Z 24 26.94 -17.97 3.63
CA LEU Z 24 28.01 -17.06 3.28
C LEU Z 24 27.58 -15.61 3.40
N TYR Z 25 26.32 -15.32 3.10
CA TYR Z 25 25.79 -13.98 3.35
C TYR Z 25 25.93 -13.61 4.81
N GLY Z 26 25.48 -14.50 5.69
CA GLY Z 26 25.60 -14.23 7.10
C GLY Z 26 27.02 -13.96 7.51
N ILE Z 27 27.96 -14.77 7.03
CA ILE Z 27 29.35 -14.54 7.40
C ILE Z 27 29.83 -13.20 6.89
N PHE Z 28 29.47 -12.85 5.66
CA PHE Z 28 30.10 -11.73 4.98
C PHE Z 28 29.52 -10.38 5.33
N VAL Z 29 28.28 -10.33 5.85
CA VAL Z 29 27.75 -9.02 6.26
C VAL Z 29 28.70 -8.32 7.20
N ASN Z 30 29.42 -9.09 8.02
CA ASN Z 30 30.40 -8.51 8.92
C ASN Z 30 31.67 -8.07 8.20
N TYR Z 31 31.73 -8.23 6.89
CA TYR Z 31 32.82 -7.71 6.07
C TYR Z 31 32.40 -6.58 5.15
N MET Z 32 31.19 -6.64 4.61
CA MET Z 32 30.81 -5.82 3.47
C MET Z 32 29.73 -4.81 3.78
N GLY Z 33 28.84 -5.10 4.72
CA GLY Z 33 27.55 -4.46 4.77
C GLY Z 33 26.55 -5.26 3.97
N GLU Z 34 25.30 -4.83 4.02
CA GLU Z 34 24.22 -5.67 3.50
C GLU Z 34 24.35 -5.87 1.99
N LYS Z 35 24.16 -4.81 1.21
CA LYS Z 35 24.03 -4.96 -0.23
C LYS Z 35 25.29 -5.52 -0.87
N TYR Z 36 26.45 -5.10 -0.37
CA TYR Z 36 27.69 -5.64 -0.93
C TYR Z 36 27.78 -7.14 -0.72
N ALA Z 37 27.49 -7.60 0.50
CA ALA Z 37 27.49 -9.03 0.76
C ALA Z 37 26.46 -9.74 -0.11
N GLN Z 38 25.32 -9.09 -0.34
CA GLN Z 38 24.30 -9.67 -1.19
C GLN Z 38 24.83 -9.93 -2.60
N GLN Z 39 25.34 -8.88 -3.25
CA GLN Z 39 25.87 -9.07 -4.60
C GLN Z 39 27.02 -10.06 -4.61
N LEU Z 40 27.84 -10.05 -3.57
CA LEU Z 40 28.97 -10.96 -3.52
C LEU Z 40 28.52 -12.40 -3.52
N VAL Z 41 27.61 -12.76 -2.63
CA VAL Z 41 27.16 -14.14 -2.59
C VAL Z 41 26.43 -14.50 -3.87
N GLU Z 42 25.70 -13.55 -4.46
CA GLU Z 42 25.05 -13.82 -5.73
C GLU Z 42 26.06 -14.26 -6.78
N ASN Z 43 27.09 -13.45 -7.00
CA ASN Z 43 28.07 -13.79 -8.03
C ASN Z 43 28.82 -15.07 -7.67
N MET Z 44 29.18 -15.23 -6.40
CA MET Z 44 29.92 -16.42 -6.00
C MET Z 44 29.14 -17.67 -6.32
N TYR Z 45 27.87 -17.70 -5.93
CA TYR Z 45 27.08 -18.90 -6.22
C TYR Z 45 26.87 -19.05 -7.71
N SER Z 46 26.71 -17.95 -8.45
CA SER Z 46 26.55 -18.08 -9.90
C SER Z 46 27.73 -18.83 -10.49
N ASN Z 47 28.95 -18.42 -10.14
CA ASN Z 47 30.14 -19.07 -10.65
C ASN Z 47 30.20 -20.52 -10.20
N TYR Z 48 29.99 -20.76 -8.91
CA TYR Z 48 30.06 -22.13 -8.41
C TYR Z 48 29.07 -23.02 -9.12
N ASN Z 49 27.85 -22.51 -9.34
CA ASN Z 49 26.85 -23.24 -10.10
C ASN Z 49 27.42 -23.61 -11.45
N ASP Z 50 27.60 -22.59 -12.30
CA ASP Z 50 27.89 -22.86 -13.70
C ASP Z 50 29.17 -23.65 -13.89
N VAL Z 51 30.05 -23.71 -12.90
CA VAL Z 51 31.19 -24.60 -13.05
C VAL Z 51 30.89 -25.96 -12.44
N PHE Z 52 30.79 -25.99 -11.11
CA PHE Z 52 30.79 -27.26 -10.41
C PHE Z 52 29.53 -28.04 -10.72
N VAL Z 53 28.36 -27.42 -10.57
CA VAL Z 53 27.13 -28.16 -10.85
C VAL Z 53 27.17 -28.67 -12.28
N GLU Z 54 27.20 -27.74 -13.23
CA GLU Z 54 27.07 -28.06 -14.65
C GLU Z 54 28.02 -29.17 -15.08
N ILE Z 55 29.20 -29.24 -14.48
CA ILE Z 55 30.12 -30.29 -14.94
C ILE Z 55 30.06 -31.49 -14.01
N TYR Z 56 30.49 -31.30 -12.78
CA TYR Z 56 30.73 -32.43 -11.89
C TYR Z 56 29.42 -33.11 -11.51
N ASN Z 57 28.36 -32.34 -11.23
CA ASN Z 57 27.16 -32.99 -10.73
C ASN Z 57 26.49 -33.79 -11.83
N LYS Z 58 26.46 -33.24 -13.04
CA LYS Z 58 25.93 -34.01 -14.17
C LYS Z 58 26.76 -35.26 -14.41
N MET Z 59 28.08 -35.15 -14.31
CA MET Z 59 28.90 -36.35 -14.51
C MET Z 59 28.63 -37.39 -13.44
N HIS Z 60 28.55 -36.97 -12.18
CA HIS Z 60 28.28 -37.90 -11.10
C HIS Z 60 26.94 -38.58 -11.29
N ASN Z 61 25.92 -37.82 -11.67
CA ASN Z 61 24.60 -38.40 -11.86
C ASN Z 61 24.60 -39.37 -13.03
N ALA Z 62 25.35 -39.06 -14.08
CA ALA Z 62 25.42 -39.98 -15.22
C ALA Z 62 26.13 -41.27 -14.85
N LEU Z 63 27.23 -41.17 -14.09
CA LEU Z 63 28.09 -42.33 -13.88
C LEU Z 63 27.67 -43.19 -12.69
N ARG Z 64 26.95 -42.63 -11.72
CA ARG Z 64 26.54 -43.40 -10.55
C ARG Z 64 26.01 -44.79 -10.87
N PRO Z 65 25.09 -44.98 -11.83
CA PRO Z 65 24.64 -46.34 -12.12
C PRO Z 65 25.78 -47.27 -12.50
N THR Z 66 26.68 -46.82 -13.37
CA THR Z 66 27.79 -47.68 -13.76
C THR Z 66 28.74 -47.94 -12.60
N LEU Z 67 28.92 -46.95 -11.71
CA LEU Z 67 29.72 -47.19 -10.51
C LEU Z 67 29.13 -48.34 -9.71
N VAL Z 68 27.82 -48.33 -9.51
CA VAL Z 68 27.20 -49.40 -8.73
C VAL Z 68 27.30 -50.72 -9.47
N LYS Z 69 27.11 -50.70 -10.80
CA LYS Z 69 27.26 -51.93 -11.56
C LYS Z 69 28.65 -52.52 -11.39
N LEU Z 70 29.67 -51.67 -11.40
CA LEU Z 70 31.04 -52.15 -11.39
C LEU Z 70 31.45 -52.62 -10.01
N ALA Z 71 31.44 -51.72 -9.03
CA ALA Z 71 31.91 -52.03 -7.69
C ALA Z 71 30.90 -51.57 -6.65
N GLY Z 72 29.63 -51.88 -6.88
CA GLY Z 72 28.55 -51.41 -6.03
C GLY Z 72 28.83 -51.58 -4.55
N ALA Z 73 28.95 -50.45 -3.86
CA ALA Z 73 29.45 -50.43 -2.50
C ALA Z 73 29.37 -49.00 -1.97
N GLY Z 74 29.47 -48.87 -0.65
CA GLY Z 74 29.86 -47.59 -0.10
C GLY Z 74 31.33 -47.31 -0.36
N ALA Z 75 32.11 -48.36 -0.57
CA ALA Z 75 33.54 -48.23 -0.84
C ALA Z 75 33.76 -48.03 -2.34
N THR Z 76 33.08 -47.01 -2.87
CA THR Z 76 33.26 -46.58 -4.24
C THR Z 76 34.00 -45.25 -4.33
N PHE Z 77 34.38 -44.68 -3.20
CA PHE Z 77 35.12 -43.42 -3.18
C PHE Z 77 36.27 -43.36 -4.18
N PRO Z 78 37.15 -44.35 -4.28
CA PRO Z 78 38.25 -44.23 -5.26
C PRO Z 78 37.76 -43.97 -6.67
N LEU Z 79 36.62 -44.54 -7.06
CA LEU Z 79 36.07 -44.22 -8.37
C LEU Z 79 35.70 -42.74 -8.46
N TRP Z 80 35.14 -42.19 -7.39
CA TRP Z 80 34.78 -40.78 -7.39
C TRP Z 80 36.00 -39.90 -7.56
N GLN Z 81 37.04 -40.13 -6.75
CA GLN Z 81 38.24 -39.32 -6.89
C GLN Z 81 38.89 -39.51 -8.25
N LEU Z 82 38.77 -40.72 -8.80
CA LEU Z 82 39.32 -40.98 -10.12
C LEU Z 82 38.62 -40.14 -11.18
N VAL Z 83 37.29 -40.12 -11.15
CA VAL Z 83 36.59 -39.35 -12.18
C VAL Z 83 36.82 -37.86 -11.96
N ASN Z 84 36.98 -37.43 -10.70
CA ASN Z 84 37.30 -36.03 -10.46
C ASN Z 84 38.62 -35.66 -11.12
N GLU Z 85 39.67 -36.42 -10.83
CA GLU Z 85 40.97 -36.13 -11.44
C GLU Z 85 40.89 -36.24 -12.96
N ALA Z 86 40.12 -37.21 -13.47
CA ALA Z 86 39.97 -37.35 -14.91
C ALA Z 86 39.42 -36.07 -15.52
N ILE Z 87 38.34 -35.55 -14.95
CA ILE Z 87 37.74 -34.32 -15.47
C ILE Z 87 38.72 -33.16 -15.35
N TYR Z 88 39.49 -33.13 -14.27
CA TYR Z 88 40.37 -31.99 -14.05
C TYR Z 88 41.78 -32.23 -14.58
N ALA Z 89 42.46 -33.26 -14.07
CA ALA Z 89 43.89 -33.40 -14.34
C ALA Z 89 44.17 -33.73 -15.79
N VAL Z 90 43.29 -34.50 -16.42
CA VAL Z 90 43.56 -34.94 -17.78
C VAL Z 90 42.78 -34.10 -18.77
N TYR Z 91 41.46 -34.15 -18.70
CA TYR Z 91 40.66 -33.27 -19.52
C TYR Z 91 40.78 -31.84 -19.03
N LEU Z 92 40.62 -30.90 -19.97
CA LEU Z 92 40.62 -29.47 -19.69
C LEU Z 92 41.99 -28.95 -19.30
N THR Z 93 42.95 -29.84 -19.06
CA THR Z 93 44.31 -29.40 -18.76
C THR Z 93 45.39 -30.13 -19.53
N HIS Z 94 45.19 -31.38 -19.93
CA HIS Z 94 46.24 -32.20 -20.52
C HIS Z 94 47.49 -32.19 -19.64
N LYS Z 95 47.27 -32.27 -18.33
CA LYS Z 95 48.39 -32.25 -17.41
C LYS Z 95 48.97 -33.63 -17.18
N GLU Z 96 48.17 -34.68 -17.34
CA GLU Z 96 48.63 -36.05 -17.17
C GLU Z 96 47.99 -36.95 -18.22
N THR Z 97 48.71 -38.01 -18.58
CA THR Z 97 48.23 -39.00 -19.53
C THR Z 97 47.62 -40.19 -18.81
N ALA Z 98 46.92 -41.03 -19.59
CA ALA Z 98 46.21 -42.17 -19.02
C ALA Z 98 47.15 -43.07 -18.21
N SER Z 99 48.42 -43.13 -18.60
CA SER Z 99 49.39 -43.94 -17.88
C SER Z 99 49.41 -43.57 -16.40
N PHE Z 100 49.40 -42.27 -16.10
CA PHE Z 100 49.47 -41.84 -14.71
C PHE Z 100 48.29 -42.36 -13.91
N LEU Z 101 47.07 -42.14 -14.40
CA LEU Z 101 45.89 -42.57 -13.67
C LEU Z 101 45.86 -44.07 -13.51
N VAL Z 102 46.10 -44.80 -14.60
CA VAL Z 102 46.00 -46.25 -14.50
C VAL Z 102 47.04 -46.80 -13.53
N THR Z 103 48.27 -46.29 -13.60
CA THR Z 103 49.31 -46.70 -12.66
C THR Z 103 48.91 -46.39 -11.23
N LYS Z 104 48.46 -45.15 -10.99
CA LYS Z 104 48.14 -44.74 -9.63
C LYS Z 104 47.02 -45.57 -9.05
N TYR Z 105 45.98 -45.84 -9.83
CA TYR Z 105 44.81 -46.49 -9.25
C TYR Z 105 44.96 -48.00 -9.20
N VAL Z 106 45.77 -48.61 -10.09
CA VAL Z 106 46.08 -50.01 -9.86
C VAL Z 106 46.99 -50.12 -8.66
N ALA Z 107 47.85 -49.13 -8.43
CA ALA Z 107 48.62 -49.08 -7.19
C ALA Z 107 47.70 -48.91 -5.99
N ARG Z 108 46.63 -48.14 -6.15
CA ARG Z 108 45.62 -48.02 -5.11
C ARG Z 108 44.67 -49.21 -5.05
N GLY Z 109 44.79 -50.15 -5.98
CA GLY Z 109 43.99 -51.35 -5.95
C GLY Z 109 42.76 -51.34 -6.84
N VAL Z 110 42.75 -50.54 -7.90
CA VAL Z 110 41.63 -50.50 -8.83
C VAL Z 110 42.00 -51.35 -10.05
N PRO Z 111 41.12 -52.23 -10.51
CA PRO Z 111 41.41 -52.98 -11.74
C PRO Z 111 41.58 -52.05 -12.92
N ALA Z 112 42.56 -52.37 -13.78
CA ALA Z 112 42.91 -51.49 -14.87
C ALA Z 112 41.74 -51.28 -15.83
N MET Z 113 41.17 -52.37 -16.33
CA MET Z 113 40.09 -52.24 -17.32
C MET Z 113 38.91 -51.45 -16.77
N THR Z 114 38.67 -51.52 -15.45
CA THR Z 114 37.65 -50.67 -14.87
C THR Z 114 37.99 -49.20 -15.05
N VAL Z 115 39.24 -48.84 -14.75
CA VAL Z 115 39.70 -47.47 -14.97
C VAL Z 115 39.49 -47.08 -16.43
N LYS Z 116 39.83 -47.98 -17.35
CA LYS Z 116 39.72 -47.65 -18.76
C LYS Z 116 38.27 -47.43 -19.18
N THR Z 117 37.38 -48.29 -18.70
CA THR Z 117 35.95 -48.11 -19.01
C THR Z 117 35.44 -46.79 -18.44
N LEU Z 118 35.79 -46.49 -17.19
CA LEU Z 118 35.37 -45.22 -16.60
C LEU Z 118 35.88 -44.04 -17.40
N LEU Z 119 37.13 -44.10 -17.82
CA LEU Z 119 37.70 -43.02 -18.61
C LEU Z 119 36.96 -42.87 -19.94
N ALA Z 120 36.63 -44.01 -20.57
CA ALA Z 120 35.86 -43.96 -21.80
C ALA Z 120 34.53 -43.26 -21.60
N GLU Z 121 33.83 -43.62 -20.52
CA GLU Z 121 32.50 -43.05 -20.31
C GLU Z 121 32.57 -41.56 -19.98
N VAL Z 122 33.51 -41.17 -19.11
CA VAL Z 122 33.62 -39.76 -18.76
C VAL Z 122 34.00 -38.95 -19.99
N GLY Z 123 34.82 -39.51 -20.87
CA GLY Z 123 35.08 -38.84 -22.13
C GLY Z 123 33.85 -38.71 -22.99
N ASN Z 124 33.10 -39.81 -23.13
CA ASN Z 124 31.92 -39.81 -23.97
C ASN Z 124 30.86 -38.83 -23.48
N GLN Z 125 30.86 -38.52 -22.19
CA GLN Z 125 29.90 -37.55 -21.69
C GLN Z 125 30.44 -36.13 -21.72
N LEU Z 126 31.70 -35.95 -21.31
CA LEU Z 126 32.29 -34.62 -21.32
C LEU Z 126 32.31 -34.03 -22.72
N LYS Z 127 32.53 -34.87 -23.74
CA LYS Z 127 32.46 -34.36 -25.11
C LYS Z 127 31.08 -33.81 -25.42
N GLU Z 128 30.05 -34.30 -24.74
CA GLU Z 128 28.73 -33.71 -24.91
C GLU Z 128 28.58 -32.44 -24.09
N LEU Z 129 29.24 -32.38 -22.93
CA LEU Z 129 29.11 -31.21 -22.08
C LEU Z 129 29.88 -30.01 -22.63
N VAL Z 130 31.13 -30.21 -23.00
CA VAL Z 130 32.03 -29.13 -23.35
C VAL Z 130 32.45 -29.28 -24.81
N PRO Z 131 32.31 -28.26 -25.64
CA PRO Z 131 32.71 -28.41 -27.05
C PRO Z 131 34.19 -28.67 -27.24
N ALA Z 132 35.05 -27.85 -26.62
CA ALA Z 132 36.49 -27.91 -26.89
C ALA Z 132 37.04 -29.32 -26.69
N VAL Z 133 36.58 -30.02 -25.66
CA VAL Z 133 37.03 -31.38 -25.43
C VAL Z 133 36.56 -32.30 -26.55
N ALA Z 134 35.30 -32.13 -26.96
CA ALA Z 134 34.77 -32.93 -28.06
C ALA Z 134 35.60 -32.75 -29.32
N GLU Z 135 36.06 -31.52 -29.56
CA GLU Z 135 36.86 -31.25 -30.76
C GLU Z 135 38.26 -31.81 -30.60
N GLN Z 136 38.83 -31.73 -29.40
CA GLN Z 136 40.16 -32.29 -29.16
C GLN Z 136 40.15 -33.80 -29.36
N ILE Z 137 39.09 -34.47 -28.92
CA ILE Z 137 38.99 -35.90 -29.12
C ILE Z 137 38.43 -36.22 -30.50
N GLY Z 138 37.67 -35.30 -31.07
CA GLY Z 138 37.03 -35.57 -32.34
C GLY Z 138 35.86 -36.52 -32.17
N SER Z 139 35.52 -37.20 -33.26
CA SER Z 139 34.41 -38.16 -33.26
C SER Z 139 34.96 -39.59 -33.12
N VAL Z 140 35.39 -39.91 -31.90
CA VAL Z 140 35.93 -41.23 -31.57
C VAL Z 140 35.24 -41.72 -30.31
N THR Z 141 34.43 -42.76 -30.44
CA THR Z 141 33.81 -43.38 -29.28
C THR Z 141 34.86 -44.14 -28.50
N LEU Z 142 35.03 -43.80 -27.23
CA LEU Z 142 36.08 -44.38 -26.43
C LEU Z 142 35.67 -45.74 -25.88
N ASP Z 143 36.65 -46.62 -25.75
CA ASP Z 143 36.45 -47.93 -25.17
C ASP Z 143 37.74 -48.33 -24.46
N HIS Z 144 37.60 -49.25 -23.49
CA HIS Z 144 38.76 -49.74 -22.76
C HIS Z 144 39.81 -50.37 -23.66
N THR Z 145 39.49 -50.56 -24.94
CA THR Z 145 40.47 -51.04 -25.91
C THR Z 145 41.20 -49.91 -26.62
N ASN Z 146 40.57 -48.75 -26.78
CA ASN Z 146 41.15 -47.67 -27.54
C ASN Z 146 41.25 -46.35 -26.79
N VAL Z 147 40.63 -46.24 -25.61
CA VAL Z 147 40.59 -44.95 -24.92
C VAL Z 147 41.98 -44.51 -24.53
N VAL Z 148 42.81 -45.44 -24.05
CA VAL Z 148 44.12 -45.07 -23.53
C VAL Z 148 44.99 -44.46 -24.63
N SER Z 149 45.05 -45.12 -25.79
CA SER Z 149 45.88 -44.62 -26.87
C SER Z 149 45.42 -43.25 -27.33
N THR Z 150 44.11 -43.08 -27.53
CA THR Z 150 43.60 -41.80 -28.03
C THR Z 150 43.87 -40.69 -27.03
N VAL Z 151 43.55 -40.91 -25.76
CA VAL Z 151 43.73 -39.85 -24.78
C VAL Z 151 45.19 -39.53 -24.61
N ASP Z 152 46.07 -40.55 -24.67
CA ASP Z 152 47.48 -40.27 -24.54
C ASP Z 152 47.99 -39.47 -25.74
N ASN Z 153 47.49 -39.79 -26.93
CA ASN Z 153 47.83 -39.00 -28.10
C ASN Z 153 47.43 -37.55 -27.91
N ILE Z 154 46.22 -37.32 -27.40
CA ILE Z 154 45.75 -35.95 -27.20
C ILE Z 154 46.61 -35.23 -26.18
N VAL Z 155 46.86 -35.87 -25.05
CA VAL Z 155 47.57 -35.21 -23.95
C VAL Z 155 49.03 -34.94 -24.32
N THR Z 156 49.66 -35.85 -25.08
CA THR Z 156 51.03 -35.56 -25.50
C THR Z 156 51.04 -34.51 -26.60
N SER Z 157 50.03 -34.51 -27.46
CA SER Z 157 49.93 -33.48 -28.50
C SER Z 157 49.88 -32.10 -27.88
N MET Z 158 49.14 -31.94 -26.83
CA MET Z 158 49.12 -30.64 -26.20
C MET Z 158 50.12 -30.58 -25.04
N PRO Z 159 50.58 -29.41 -24.68
CA PRO Z 159 51.36 -29.27 -23.45
C PRO Z 159 50.44 -29.15 -22.24
N ALA Z 160 51.04 -28.91 -21.09
CA ALA Z 160 50.26 -28.64 -19.90
C ALA Z 160 49.50 -27.33 -20.05
N LEU Z 161 48.22 -27.37 -19.79
CA LEU Z 161 47.50 -26.11 -19.96
C LEU Z 161 47.27 -25.44 -18.61
N PRO Z 162 47.20 -24.12 -18.58
CA PRO Z 162 46.93 -23.44 -17.32
C PRO Z 162 45.54 -23.78 -16.83
N ASN Z 163 45.42 -24.04 -15.53
CA ASN Z 163 44.14 -24.38 -14.92
C ASN Z 163 43.09 -23.30 -15.11
N SER Z 164 43.48 -22.11 -15.59
CA SER Z 164 42.48 -21.10 -15.93
C SER Z 164 41.51 -21.64 -16.97
N TYR Z 165 41.98 -22.52 -17.86
CA TYR Z 165 41.10 -23.13 -18.84
C TYR Z 165 40.06 -24.00 -18.16
N ALA Z 166 40.49 -24.82 -17.22
CA ALA Z 166 39.55 -25.68 -16.51
C ALA Z 166 38.61 -24.88 -15.62
N GLY Z 167 39.01 -23.69 -15.20
CA GLY Z 167 38.23 -23.00 -14.19
C GLY Z 167 36.95 -22.35 -14.66
N VAL Z 168 37.05 -21.24 -15.40
CA VAL Z 168 35.85 -20.45 -15.71
C VAL Z 168 35.73 -20.17 -17.20
N LEU Z 169 36.82 -19.65 -17.79
CA LEU Z 169 36.76 -19.08 -19.12
C LEU Z 169 36.23 -20.06 -20.16
N MET Z 170 36.42 -21.36 -19.92
CA MET Z 170 36.09 -22.37 -20.93
C MET Z 170 34.67 -22.21 -21.43
N LYS Z 171 33.70 -22.26 -20.54
CA LYS Z 171 32.31 -22.01 -20.88
C LYS Z 171 32.00 -20.53 -21.05
N THR Z 172 32.86 -19.67 -20.52
CA THR Z 172 32.59 -18.24 -20.57
C THR Z 172 32.67 -17.69 -21.98
N LYS Z 173 33.72 -18.07 -22.72
CA LYS Z 173 33.96 -17.46 -24.02
C LYS Z 173 32.95 -17.92 -25.07
N VAL Z 174 32.50 -19.16 -24.98
CA VAL Z 174 31.67 -19.77 -26.01
C VAL Z 174 30.25 -19.94 -25.45
N PRO Z 175 29.23 -19.44 -26.12
CA PRO Z 175 27.86 -19.74 -25.72
C PRO Z 175 27.41 -21.07 -26.32
N THR Z 176 26.49 -21.73 -25.61
CA THR Z 176 26.02 -23.04 -26.01
C THR Z 176 24.53 -23.00 -26.24
N VAL Z 177 24.02 -24.02 -26.92
CA VAL Z 177 22.58 -24.14 -27.10
C VAL Z 177 21.94 -24.36 -25.75
N THR Z 178 20.85 -23.65 -25.51
CA THR Z 178 20.14 -23.79 -24.25
C THR Z 178 19.28 -25.04 -24.27
N PRO Z 179 18.92 -25.54 -23.11
CA PRO Z 179 17.90 -26.60 -23.06
C PRO Z 179 16.52 -26.00 -23.29
N HIS Z 180 16.50 -24.75 -23.75
CA HIS Z 180 15.29 -24.00 -24.05
C HIS Z 180 15.28 -23.62 -25.52
N TYR Z 181 15.65 -24.56 -26.37
CA TYR Z 181 15.90 -24.30 -27.77
C TYR Z 181 15.34 -25.43 -28.60
N ALA Z 182 15.36 -25.26 -29.92
CA ALA Z 182 15.11 -26.37 -30.81
C ALA Z 182 16.40 -27.17 -31.01
N GLY Z 183 16.38 -28.09 -31.96
CA GLY Z 183 17.57 -28.91 -32.18
C GLY Z 183 17.79 -29.82 -31.00
N THR Z 184 19.02 -29.84 -30.50
CA THR Z 184 19.39 -30.68 -29.37
C THR Z 184 19.29 -29.95 -28.03
N GLY Z 185 18.44 -28.95 -27.92
CA GLY Z 185 18.20 -28.27 -26.66
C GLY Z 185 16.75 -28.27 -26.27
N THR Z 186 16.09 -29.41 -26.38
CA THR Z 186 14.63 -29.48 -26.24
C THR Z 186 14.22 -30.61 -25.30
N PHE Z 187 14.97 -30.80 -24.21
CA PHE Z 187 14.75 -32.01 -23.41
C PHE Z 187 14.69 -31.82 -21.89
N SER Z 188 15.33 -30.81 -21.29
CA SER Z 188 15.60 -30.89 -19.86
C SER Z 188 14.78 -29.95 -18.99
N SER Z 189 14.18 -28.92 -19.58
CA SER Z 189 13.61 -27.83 -18.79
C SER Z 189 12.63 -28.31 -17.73
N MET Z 190 12.17 -29.57 -17.82
CA MET Z 190 11.33 -30.13 -16.77
C MET Z 190 11.85 -29.76 -15.39
N GLU Z 191 13.15 -29.91 -15.18
CA GLU Z 191 13.72 -29.50 -13.90
C GLU Z 191 13.35 -28.05 -13.60
N SER Z 192 13.83 -27.12 -14.44
CA SER Z 192 13.51 -25.72 -14.26
C SER Z 192 12.02 -25.52 -14.14
N ALA Z 193 11.23 -26.34 -14.82
CA ALA Z 193 9.78 -26.19 -14.78
C ALA Z 193 9.29 -26.13 -13.35
N TYR Z 194 9.68 -27.12 -12.53
CA TYR Z 194 9.23 -27.14 -11.15
C TYR Z 194 9.52 -25.82 -10.47
N LYS Z 195 10.74 -25.31 -10.67
CA LYS Z 195 11.13 -24.02 -10.10
C LYS Z 195 10.02 -23.00 -10.27
N ALA Z 196 9.61 -22.77 -11.53
CA ALA Z 196 8.56 -21.80 -11.79
C ALA Z 196 7.32 -22.11 -10.96
N LEU Z 197 6.81 -23.33 -11.09
CA LEU Z 197 5.64 -23.73 -10.34
C LEU Z 197 5.78 -23.35 -8.88
N GLU Z 198 6.94 -23.66 -8.30
CA GLU Z 198 7.15 -23.41 -6.88
C GLU Z 198 6.81 -21.97 -6.51
N ASP Z 199 7.38 -21.01 -7.23
CA ASP Z 199 7.18 -19.62 -6.81
C ASP Z 199 5.71 -19.22 -6.93
N ILE Z 200 5.00 -19.76 -7.93
CA ILE Z 200 3.59 -19.45 -8.04
C ILE Z 200 2.85 -19.91 -6.79
N GLU Z 201 3.22 -21.07 -6.25
CA GLU Z 201 2.58 -21.54 -5.04
C GLU Z 201 2.88 -20.62 -3.86
N ARG Z 202 4.10 -20.11 -3.76
CA ARG Z 202 4.48 -19.21 -2.69
C ARG Z 202 3.93 -17.81 -2.88
N GLY Z 203 2.99 -17.61 -3.81
CA GLY Z 203 2.55 -16.27 -4.12
C GLY Z 203 3.61 -15.45 -4.81
N LEU Z 204 4.70 -16.07 -5.24
CA LEU Z 204 5.76 -15.38 -5.96
C LEU Z 204 5.61 -15.63 -7.45
N GLY AA 3 26.08 8.36 -38.07
CA GLY AA 3 25.94 9.77 -38.41
C GLY AA 3 24.81 10.02 -39.38
N ARG AA 4 24.39 11.28 -39.49
CA ARG AA 4 23.29 11.69 -40.35
C ARG AA 4 22.04 10.85 -40.07
N GLN AA 5 21.63 10.87 -38.80
CA GLN AA 5 20.49 10.07 -38.37
C GLN AA 5 19.22 10.48 -39.10
N SER AA 6 18.95 11.78 -39.15
CA SER AA 6 17.74 12.26 -39.81
C SER AA 6 17.99 13.68 -40.31
N HIS AA 7 16.97 14.24 -40.97
CA HIS AA 7 17.01 15.60 -41.50
C HIS AA 7 15.69 16.27 -41.13
N LYS AA 8 15.67 16.92 -39.96
CA LYS AA 8 14.44 17.48 -39.44
C LYS AA 8 14.01 18.71 -40.23
N LYS AA 9 12.72 18.98 -40.22
CA LYS AA 9 12.13 20.14 -40.86
C LYS AA 9 11.21 20.83 -39.87
N ILE AA 10 11.43 22.13 -39.67
CA ILE AA 10 10.73 22.91 -38.65
C ILE AA 10 9.88 23.95 -39.34
N ASP AA 11 8.58 23.89 -39.11
CA ASP AA 11 7.65 24.85 -39.69
C ASP AA 11 6.29 24.65 -39.03
N VAL AA 12 5.34 25.48 -39.41
CA VAL AA 12 3.97 25.39 -38.92
C VAL AA 12 3.27 24.29 -39.71
N ARG AA 13 2.99 23.17 -39.05
CA ARG AA 13 2.57 21.95 -39.73
C ARG AA 13 1.12 21.60 -39.46
N ASN AA 14 0.28 22.60 -39.19
CA ASN AA 14 -1.15 22.39 -38.97
C ASN AA 14 -1.42 21.48 -37.77
N ASP AA 15 -0.41 21.28 -36.94
CA ASP AA 15 -0.60 20.58 -35.68
C ASP AA 15 0.10 21.27 -34.53
N THR AA 16 0.95 22.27 -34.80
CA THR AA 16 1.61 22.99 -33.72
C THR AA 16 0.58 23.60 -32.78
N SER AA 17 -0.60 23.93 -33.30
CA SER AA 17 -1.73 24.28 -32.45
C SER AA 17 -2.02 23.17 -31.45
N THR AA 18 -2.25 21.95 -31.96
CA THR AA 18 -2.63 20.86 -31.08
C THR AA 18 -1.47 20.43 -30.20
N ARG AA 19 -0.26 20.39 -30.74
CA ARG AA 19 0.89 20.04 -29.92
C ARG AA 19 1.04 21.01 -28.76
N TYR AA 20 1.00 22.30 -29.07
CA TYR AA 20 1.07 23.35 -28.05
C TYR AA 20 0.00 23.16 -27.00
N LYS AA 21 -1.26 23.15 -27.43
CA LYS AA 21 -2.39 23.00 -26.52
C LYS AA 21 -2.22 21.78 -25.64
N GLY AA 22 -1.98 20.62 -26.26
CA GLY AA 22 -1.93 19.39 -25.48
C GLY AA 22 -0.82 19.39 -24.46
N LYS AA 23 0.39 19.75 -24.88
CA LYS AA 23 1.51 19.68 -23.95
C LYS AA 23 1.34 20.65 -22.80
N LEU AA 24 0.97 21.90 -23.10
CA LEU AA 24 0.80 22.84 -21.99
C LEU AA 24 -0.39 22.46 -21.12
N TYR AA 25 -1.43 21.86 -21.71
CA TYR AA 25 -2.54 21.36 -20.91
C TYR AA 25 -2.06 20.30 -19.94
N GLY AA 26 -1.30 19.34 -20.45
CA GLY AA 26 -0.76 18.31 -19.58
C GLY AA 26 0.05 18.89 -18.45
N ILE AA 27 0.88 19.88 -18.75
CA ILE AA 27 1.67 20.48 -17.68
C ILE AA 27 0.77 21.17 -16.67
N PHE AA 28 -0.20 21.94 -17.14
CA PHE AA 28 -0.93 22.84 -16.25
C PHE AA 28 -2.04 22.17 -15.47
N VAL AA 29 -2.44 20.94 -15.84
CA VAL AA 29 -3.41 20.24 -15.00
C VAL AA 29 -2.92 20.18 -13.56
N ASN AA 30 -1.61 20.00 -13.37
CA ASN AA 30 -1.06 19.97 -12.03
C ASN AA 30 -0.95 21.34 -11.39
N TYR AA 31 -1.43 22.38 -12.05
CA TYR AA 31 -1.58 23.70 -11.44
C TYR AA 31 -3.02 24.09 -11.21
N MET AA 32 -3.92 23.71 -12.10
CA MET AA 32 -5.26 24.29 -12.14
C MET AA 32 -6.37 23.30 -11.85
N GLY AA 33 -6.23 22.04 -12.23
CA GLY AA 33 -7.37 21.18 -12.41
C GLY AA 33 -7.87 21.28 -13.83
N GLU AA 34 -8.82 20.40 -14.17
CA GLU AA 34 -9.15 20.18 -15.57
C GLU AA 34 -9.67 21.45 -16.23
N LYS AA 35 -10.82 21.96 -15.79
CA LYS AA 35 -11.48 23.02 -16.53
C LYS AA 35 -10.63 24.29 -16.59
N TYR AA 36 -9.98 24.64 -15.49
CA TYR AA 36 -9.17 25.85 -15.49
C TYR AA 36 -8.01 25.72 -16.46
N ALA AA 37 -7.32 24.58 -16.43
CA ALA AA 37 -6.23 24.37 -17.39
C ALA AA 37 -6.75 24.41 -18.82
N GLN AA 38 -7.94 23.86 -19.05
CA GLN AA 38 -8.51 23.89 -20.38
C GLN AA 38 -8.70 25.31 -20.88
N GLN AA 39 -9.41 26.14 -20.10
CA GLN AA 39 -9.61 27.52 -20.51
C GLN AA 39 -8.29 28.25 -20.64
N LEU AA 40 -7.33 27.94 -19.78
CA LEU AA 40 -6.04 28.63 -19.82
C LEU AA 40 -5.32 28.36 -21.13
N VAL AA 41 -5.19 27.09 -21.51
CA VAL AA 41 -4.50 26.79 -22.75
C VAL AA 41 -5.29 27.33 -23.93
N GLU AA 42 -6.62 27.31 -23.85
CA GLU AA 42 -7.42 27.91 -24.92
C GLU AA 42 -7.01 29.35 -25.15
N ASN AA 43 -7.06 30.17 -24.11
CA ASN AA 43 -6.75 31.58 -24.28
C ASN AA 43 -5.30 31.79 -24.68
N MET AA 44 -4.39 31.02 -24.07
CA MET AA 44 -2.97 31.16 -24.41
C MET AA 44 -2.74 30.93 -25.89
N TYR AA 45 -3.24 29.82 -26.41
CA TYR AA 45 -3.00 29.54 -27.82
C TYR AA 45 -3.72 30.55 -28.70
N SER AA 46 -4.90 31.00 -28.32
CA SER AA 46 -5.59 31.98 -29.15
C SER AA 46 -4.74 33.22 -29.31
N ASN AA 47 -4.21 33.74 -28.20
CA ASN AA 47 -3.34 34.91 -28.27
C ASN AA 47 -2.11 34.63 -29.11
N TYR AA 48 -1.42 33.51 -28.84
CA TYR AA 48 -0.21 33.20 -29.57
C TYR AA 48 -0.49 33.11 -31.06
N ASN AA 49 -1.59 32.47 -31.43
CA ASN AA 49 -2.02 32.42 -32.82
C ASN AA 49 -2.13 33.82 -33.36
N ASP AA 50 -3.15 34.55 -32.90
CA ASP AA 50 -3.51 35.80 -33.56
C ASP AA 50 -2.38 36.81 -33.54
N VAL AA 51 -1.37 36.63 -32.70
CA VAL AA 51 -0.23 37.54 -32.81
C VAL AA 51 0.85 36.92 -33.70
N PHE AA 52 1.47 35.85 -33.19
CA PHE AA 52 2.68 35.33 -33.81
C PHE AA 52 2.39 34.80 -35.20
N VAL AA 53 1.38 33.94 -35.32
CA VAL AA 53 1.08 33.39 -36.64
C VAL AA 53 0.78 34.52 -37.61
N GLU AA 54 -0.29 35.26 -37.32
CA GLU AA 54 -0.79 36.29 -38.22
C GLU AA 54 0.30 37.26 -38.67
N ILE AA 55 1.29 37.52 -37.84
CA ILE AA 55 2.31 38.46 -38.27
C ILE AA 55 3.52 37.72 -38.81
N TYR AA 56 4.22 37.02 -37.92
CA TYR AA 56 5.53 36.48 -38.25
C TYR AA 56 5.43 35.37 -39.28
N ASN AA 57 4.44 34.48 -39.15
CA ASN AA 57 4.41 33.36 -40.08
C ASN AA 57 4.02 33.82 -41.47
N LYS AA 58 3.09 34.78 -41.56
CA LYS AA 58 2.77 35.35 -42.85
C LYS AA 58 3.99 36.02 -43.47
N MET AA 59 4.75 36.77 -42.67
CA MET AA 59 5.95 37.39 -43.19
C MET AA 59 6.93 36.35 -43.69
N HIS AA 60 7.16 35.30 -42.89
CA HIS AA 60 8.13 34.27 -43.29
C HIS AA 60 7.70 33.59 -44.57
N ASN AA 61 6.41 33.26 -44.69
CA ASN AA 61 5.92 32.60 -45.89
C ASN AA 61 6.06 33.52 -47.10
N ALA AA 62 5.88 34.82 -46.89
CA ALA AA 62 6.04 35.75 -48.01
C ALA AA 62 7.48 35.88 -48.43
N LEU AA 63 8.41 35.89 -47.46
CA LEU AA 63 9.79 36.26 -47.76
C LEU AA 63 10.68 35.09 -48.11
N ARG AA 64 10.36 33.88 -47.66
CA ARG AA 64 11.23 32.73 -47.91
C ARG AA 64 11.74 32.64 -49.34
N PRO AA 65 10.90 32.70 -50.38
CA PRO AA 65 11.45 32.63 -51.73
C PRO AA 65 12.46 33.74 -52.01
N THR AA 66 12.19 34.94 -51.51
CA THR AA 66 13.11 36.04 -51.71
C THR AA 66 14.44 35.81 -51.00
N LEU AA 67 14.39 35.27 -49.79
CA LEU AA 67 15.63 34.91 -49.10
C LEU AA 67 16.44 33.93 -49.93
N VAL AA 68 15.76 32.92 -50.50
CA VAL AA 68 16.48 31.96 -51.33
C VAL AA 68 17.08 32.64 -52.54
N LYS AA 69 16.30 33.52 -53.19
CA LYS AA 69 16.83 34.23 -54.35
C LYS AA 69 18.08 35.02 -53.99
N LEU AA 70 18.06 35.69 -52.84
CA LEU AA 70 19.15 36.58 -52.50
C LEU AA 70 20.37 35.79 -52.05
N ALA AA 71 20.25 35.06 -50.96
CA ALA AA 71 21.38 34.37 -50.34
C ALA AA 71 21.04 32.91 -50.12
N GLY AA 72 20.50 32.27 -51.15
CA GLY AA 72 20.06 30.89 -51.07
C GLY AA 72 21.04 29.99 -50.35
N ALA AA 73 20.62 29.48 -49.20
CA ALA AA 73 21.49 28.78 -48.28
C ALA AA 73 20.65 28.30 -47.12
N GLY AA 74 21.13 27.27 -46.43
CA GLY AA 74 20.68 27.03 -45.07
C GLY AA 74 21.15 28.14 -44.15
N ALA AA 75 22.18 28.87 -44.57
CA ALA AA 75 22.73 29.98 -43.79
C ALA AA 75 21.97 31.27 -44.10
N THR AA 76 20.67 31.22 -43.85
CA THR AA 76 19.82 32.40 -43.93
C THR AA 76 19.37 32.87 -42.55
N PHE AA 77 19.79 32.17 -41.50
CA PHE AA 77 19.48 32.56 -40.12
C PHE AA 77 19.69 34.04 -39.85
N PRO AA 78 20.80 34.67 -40.26
CA PRO AA 78 20.89 36.12 -40.07
C PRO AA 78 19.78 36.89 -40.75
N LEU AA 79 19.34 36.44 -41.93
CA LEU AA 79 18.22 37.11 -42.58
C LEU AA 79 16.94 36.96 -41.76
N TRP AA 80 16.74 35.78 -41.18
CA TRP AA 80 15.54 35.55 -40.39
C TRP AA 80 15.52 36.46 -39.16
N GLN AA 81 16.63 36.49 -38.41
CA GLN AA 81 16.66 37.36 -37.25
C GLN AA 81 16.56 38.83 -37.66
N LEU AA 82 17.07 39.16 -38.85
CA LEU AA 82 16.92 40.51 -39.38
C LEU AA 82 15.45 40.86 -39.54
N VAL AA 83 14.68 40.01 -40.22
CA VAL AA 83 13.29 40.33 -40.44
C VAL AA 83 12.54 40.34 -39.13
N ASN AA 84 12.93 39.49 -38.17
CA ASN AA 84 12.29 39.51 -36.87
C ASN AA 84 12.49 40.85 -36.17
N GLU AA 85 13.74 41.29 -36.07
CA GLU AA 85 14.01 42.58 -35.43
C GLU AA 85 13.33 43.71 -36.19
N ALA AA 86 13.30 43.64 -37.52
CA ALA AA 86 12.63 44.65 -38.30
C ALA AA 86 11.16 44.75 -37.91
N ILE AA 87 10.48 43.61 -37.79
CA ILE AA 87 9.09 43.63 -37.41
C ILE AA 87 8.92 44.16 -35.99
N TYR AA 88 9.86 43.82 -35.10
CA TYR AA 88 9.72 44.21 -33.70
C TYR AA 88 10.42 45.54 -33.40
N ALA AA 89 11.73 45.61 -33.64
CA ALA AA 89 12.52 46.71 -33.11
C ALA AA 89 12.19 48.03 -33.78
N VAL AA 90 11.84 48.00 -35.07
CA VAL AA 90 11.57 49.24 -35.78
C VAL AA 90 10.07 49.45 -35.91
N TYR AA 91 9.39 48.54 -36.59
CA TYR AA 91 7.96 48.65 -36.71
C TYR AA 91 7.30 48.34 -35.38
N LEU AA 92 6.19 49.02 -35.12
CA LEU AA 92 5.36 48.82 -33.93
C LEU AA 92 6.05 49.30 -32.66
N THR AA 93 7.33 49.67 -32.76
CA THR AA 93 8.04 50.18 -31.59
C THR AA 93 8.82 51.46 -31.84
N HIS AA 94 9.32 51.70 -33.05
CA HIS AA 94 10.14 52.87 -33.35
C HIS AA 94 11.29 53.00 -32.37
N LYS AA 95 11.88 51.86 -31.99
CA LYS AA 95 12.95 51.87 -31.02
C LYS AA 95 14.31 52.12 -31.66
N GLU AA 96 14.47 51.80 -32.93
CA GLU AA 96 15.74 51.97 -33.63
C GLU AA 96 15.51 52.48 -35.05
N THR AA 97 16.51 53.17 -35.58
CA THR AA 97 16.53 53.61 -36.97
C THR AA 97 17.11 52.52 -37.84
N ALA AA 98 16.89 52.65 -39.16
CA ALA AA 98 17.47 51.72 -40.10
C ALA AA 98 18.99 51.67 -39.98
N SER AA 99 19.60 52.77 -39.54
CA SER AA 99 21.04 52.80 -39.35
C SER AA 99 21.51 51.70 -38.42
N PHE AA 100 20.76 51.46 -37.34
CA PHE AA 100 21.15 50.42 -36.40
C PHE AA 100 21.19 49.06 -37.07
N LEU AA 101 20.13 48.68 -37.77
CA LEU AA 101 20.08 47.38 -38.40
C LEU AA 101 21.16 47.24 -39.46
N VAL AA 102 21.30 48.25 -40.33
CA VAL AA 102 22.26 48.11 -41.41
C VAL AA 102 23.67 48.01 -40.85
N THR AA 103 23.99 48.83 -39.84
CA THR AA 103 25.30 48.76 -39.21
C THR AA 103 25.53 47.40 -38.58
N LYS AA 104 24.54 46.92 -37.81
CA LYS AA 104 24.69 45.65 -37.12
C LYS AA 104 24.91 44.51 -38.09
N TYR AA 105 24.18 44.50 -39.19
CA TYR AA 105 24.22 43.33 -40.05
C TYR AA 105 25.36 43.39 -41.05
N VAL AA 106 25.82 44.59 -41.42
CA VAL AA 106 27.08 44.63 -42.15
C VAL AA 106 28.22 44.23 -41.22
N ALA AA 107 28.10 44.55 -39.94
CA ALA AA 107 29.05 44.03 -38.96
C ALA AA 107 28.97 42.51 -38.89
N ARG AA 108 27.77 41.96 -39.04
CA ARG AA 108 27.59 40.52 -39.08
C ARG AA 108 27.91 39.92 -40.43
N GLY AA 109 28.27 40.73 -41.41
CA GLY AA 109 28.68 40.24 -42.71
C GLY AA 109 27.63 40.27 -43.80
N VAL AA 110 26.57 41.05 -43.64
CA VAL AA 110 25.47 41.11 -44.60
C VAL AA 110 25.67 42.33 -45.48
N PRO AA 111 25.55 42.20 -46.80
CA PRO AA 111 25.63 43.38 -47.67
C PRO AA 111 24.50 44.36 -47.36
N ALA AA 112 24.85 45.66 -47.39
CA ALA AA 112 23.92 46.67 -46.92
C ALA AA 112 22.67 46.74 -47.78
N MET AA 113 22.83 46.79 -49.11
CA MET AA 113 21.68 46.93 -49.98
C MET AA 113 20.74 45.74 -49.87
N THR AA 114 21.25 44.57 -49.50
CA THR AA 114 20.35 43.46 -49.18
C THR AA 114 19.46 43.81 -48.00
N VAL AA 115 20.04 44.40 -46.96
CA VAL AA 115 19.26 44.80 -45.80
C VAL AA 115 18.23 45.85 -46.21
N LYS AA 116 18.63 46.79 -47.06
CA LYS AA 116 17.70 47.79 -47.55
C LYS AA 116 16.53 47.14 -48.29
N THR AA 117 16.84 46.17 -49.16
CA THR AA 117 15.81 45.45 -49.89
C THR AA 117 14.83 44.79 -48.93
N LEU AA 118 15.36 44.04 -47.96
CA LEU AA 118 14.50 43.31 -47.05
C LEU AA 118 13.63 44.26 -46.23
N LEU AA 119 14.20 45.38 -45.79
CA LEU AA 119 13.40 46.39 -45.11
C LEU AA 119 12.28 46.85 -46.00
N ALA AA 120 12.57 47.09 -47.28
CA ALA AA 120 11.54 47.51 -48.22
C ALA AA 120 10.40 46.51 -48.26
N GLU AA 121 10.72 45.23 -48.44
CA GLU AA 121 9.63 44.26 -48.59
C GLU AA 121 8.86 44.06 -47.29
N VAL AA 122 9.57 43.99 -46.15
CA VAL AA 122 8.85 43.80 -44.90
C VAL AA 122 7.92 44.98 -44.64
N GLY AA 123 8.34 46.19 -45.00
CA GLY AA 123 7.42 47.30 -44.93
C GLY AA 123 6.23 47.12 -45.86
N ASN AA 124 6.52 46.74 -47.11
CA ASN AA 124 5.46 46.62 -48.12
C ASN AA 124 4.40 45.63 -47.69
N GLN AA 125 4.77 44.61 -46.93
CA GLN AA 125 3.75 43.63 -46.54
C GLN AA 125 3.14 43.92 -45.18
N LEU AA 126 3.96 44.34 -44.21
CA LEU AA 126 3.46 44.69 -42.90
C LEU AA 126 2.43 45.81 -42.99
N LYS AA 127 2.60 46.73 -43.95
CA LYS AA 127 1.59 47.76 -44.14
C LYS AA 127 0.27 47.16 -44.57
N GLU AA 128 0.29 46.04 -45.29
CA GLU AA 128 -0.96 45.37 -45.61
C GLU AA 128 -1.53 44.66 -44.39
N LEU AA 129 -0.66 44.10 -43.55
CA LEU AA 129 -1.14 43.35 -42.40
C LEU AA 129 -1.69 44.26 -41.32
N VAL AA 130 -0.99 45.34 -41.00
CA VAL AA 130 -1.33 46.18 -39.87
C VAL AA 130 -1.86 47.51 -40.37
N PRO AA 131 -3.07 47.92 -40.01
CA PRO AA 131 -3.60 49.20 -40.47
C PRO AA 131 -2.81 50.40 -39.95
N ALA AA 132 -2.43 50.37 -38.66
CA ALA AA 132 -1.77 51.52 -38.07
C ALA AA 132 -0.48 51.88 -38.81
N VAL AA 133 0.30 50.87 -39.18
CA VAL AA 133 1.54 51.13 -39.89
C VAL AA 133 1.24 51.63 -41.30
N ALA AA 134 0.20 51.07 -41.93
CA ALA AA 134 -0.20 51.57 -43.24
C ALA AA 134 -0.52 53.05 -43.19
N GLU AA 135 -1.21 53.48 -42.13
CA GLU AA 135 -1.51 54.90 -41.98
C GLU AA 135 -0.25 55.70 -41.68
N GLN AA 136 0.63 55.16 -40.84
CA GLN AA 136 1.79 55.93 -40.39
C GLN AA 136 2.78 56.15 -41.53
N ILE AA 137 3.07 55.12 -42.31
CA ILE AA 137 4.02 55.26 -43.41
C ILE AA 137 3.37 55.95 -44.60
N GLY AA 138 2.05 55.88 -44.70
CA GLY AA 138 1.37 56.44 -45.84
C GLY AA 138 1.56 55.58 -47.08
N SER AA 139 1.29 56.19 -48.23
CA SER AA 139 1.38 55.50 -49.52
C SER AA 139 2.74 55.78 -50.17
N VAL AA 140 3.75 55.09 -49.66
CA VAL AA 140 5.11 55.19 -50.17
C VAL AA 140 5.62 53.78 -50.41
N THR AA 141 5.85 53.44 -51.68
CA THR AA 141 6.44 52.16 -52.01
C THR AA 141 7.92 52.19 -51.69
N LEU AA 142 8.37 51.22 -50.91
CA LEU AA 142 9.75 51.21 -50.46
C LEU AA 142 10.65 50.52 -51.47
N ASP AA 143 11.92 50.94 -51.48
CA ASP AA 143 12.95 50.29 -52.27
C ASP AA 143 14.28 50.55 -51.57
N HIS AA 144 15.28 49.74 -51.93
CA HIS AA 144 16.63 49.90 -51.38
C HIS AA 144 17.19 51.29 -51.66
N THR AA 145 16.53 52.09 -52.49
CA THR AA 145 16.95 53.45 -52.78
C THR AA 145 16.29 54.48 -51.87
N ASN AA 146 15.09 54.20 -51.36
CA ASN AA 146 14.34 55.18 -50.59
C ASN AA 146 13.89 54.68 -49.23
N VAL AA 147 14.00 53.39 -48.94
CA VAL AA 147 13.38 52.85 -47.73
C VAL AA 147 14.08 53.40 -46.49
N VAL AA 148 15.41 53.52 -46.52
CA VAL AA 148 16.15 53.89 -45.31
C VAL AA 148 15.80 55.32 -44.88
N SER AA 149 15.79 56.25 -45.83
CA SER AA 149 15.46 57.62 -45.50
C SER AA 149 14.05 57.73 -44.94
N THR AA 150 13.09 57.09 -45.60
CA THR AA 150 11.71 57.17 -45.16
C THR AA 150 11.54 56.60 -43.76
N VAL AA 151 12.10 55.40 -43.52
CA VAL AA 151 11.90 54.76 -42.23
C VAL AA 151 12.61 55.55 -41.13
N ASP AA 152 13.77 56.14 -41.45
CA ASP AA 152 14.46 56.93 -40.44
C ASP AA 152 13.68 58.18 -40.12
N ASN AA 153 13.09 58.83 -41.13
CA ASN AA 153 12.19 59.95 -40.87
C ASN AA 153 11.05 59.54 -39.96
N ILE AA 154 10.42 58.40 -40.25
CA ILE AA 154 9.28 57.96 -39.45
C ILE AA 154 9.71 57.69 -38.02
N VAL AA 155 10.81 56.96 -37.84
CA VAL AA 155 11.23 56.54 -36.51
C VAL AA 155 11.72 57.73 -35.70
N THR AA 156 12.32 58.73 -36.34
CA THR AA 156 12.73 59.90 -35.57
C THR AA 156 11.54 60.78 -35.23
N SER AA 157 10.56 60.87 -36.13
CA SER AA 157 9.36 61.62 -35.85
C SER AA 157 8.67 61.09 -34.60
N MET AA 158 8.69 59.81 -34.42
CA MET AA 158 8.10 59.21 -33.24
C MET AA 158 9.17 58.93 -32.19
N PRO AA 159 8.79 58.81 -30.93
CA PRO AA 159 9.71 58.32 -29.91
C PRO AA 159 9.62 56.81 -29.81
N ALA AA 160 10.33 56.27 -28.82
CA ALA AA 160 10.21 54.85 -28.52
C ALA AA 160 8.82 54.55 -27.97
N LEU AA 161 8.14 53.63 -28.59
CA LEU AA 161 6.82 53.35 -28.05
C LEU AA 161 6.88 52.19 -27.06
N PRO AA 162 5.95 52.11 -26.13
CA PRO AA 162 5.87 50.93 -25.28
C PRO AA 162 5.55 49.71 -26.12
N ASN AA 163 6.30 48.64 -25.87
CA ASN AA 163 6.12 47.40 -26.62
C ASN AA 163 4.74 46.80 -26.44
N SER AA 164 3.91 47.37 -25.56
CA SER AA 164 2.52 46.93 -25.45
C SER AA 164 1.80 47.06 -26.78
N TYR AA 165 2.21 48.03 -27.62
CA TYR AA 165 1.65 48.11 -28.96
C TYR AA 165 2.07 46.92 -29.80
N ALA AA 166 3.36 46.59 -29.78
CA ALA AA 166 3.85 45.50 -30.61
C ALA AA 166 3.34 44.15 -30.12
N GLY AA 167 2.89 44.07 -28.87
CA GLY AA 167 2.50 42.77 -28.36
C GLY AA 167 1.14 42.28 -28.78
N VAL AA 168 0.08 42.89 -28.26
CA VAL AA 168 -1.27 42.40 -28.50
C VAL AA 168 -2.18 43.52 -28.98
N LEU AA 169 -2.17 44.64 -28.25
CA LEU AA 169 -3.23 45.64 -28.34
C LEU AA 169 -3.46 46.11 -29.77
N MET AA 170 -2.41 46.10 -30.59
CA MET AA 170 -2.48 46.70 -31.92
C MET AA 170 -3.69 46.22 -32.70
N LYS AA 171 -3.82 44.91 -32.84
CA LYS AA 171 -4.98 44.32 -33.50
C LYS AA 171 -6.20 44.27 -32.59
N THR AA 172 -5.99 44.33 -31.27
CA THR AA 172 -7.11 44.24 -30.35
C THR AA 172 -8.04 45.44 -30.50
N LYS AA 173 -7.48 46.64 -30.60
CA LYS AA 173 -8.30 47.83 -30.57
C LYS AA 173 -9.07 48.05 -31.87
N VAL AA 174 -8.51 47.61 -32.99
CA VAL AA 174 -9.04 47.93 -34.31
C VAL AA 174 -9.70 46.67 -34.89
N PRO AA 175 -10.91 46.76 -35.41
CA PRO AA 175 -11.47 45.65 -36.19
C PRO AA 175 -10.98 45.70 -37.63
N THR AA 176 -10.80 44.52 -38.21
CA THR AA 176 -10.28 44.42 -39.56
C THR AA 176 -11.25 43.65 -40.44
N VAL AA 177 -11.08 43.82 -41.75
CA VAL AA 177 -11.89 43.05 -42.69
C VAL AA 177 -11.44 41.59 -42.67
N THR AA 178 -12.40 40.69 -42.61
CA THR AA 178 -12.10 39.29 -42.62
C THR AA 178 -11.79 38.83 -44.04
N PRO AA 179 -11.17 37.67 -44.19
CA PRO AA 179 -11.13 37.04 -45.51
C PRO AA 179 -12.47 36.41 -45.85
N HIS AA 180 -13.51 36.78 -45.10
CA HIS AA 180 -14.86 36.31 -45.28
C HIS AA 180 -15.78 37.48 -45.59
N TYR AA 181 -15.34 38.36 -46.48
CA TYR AA 181 -16.02 39.61 -46.73
C TYR AA 181 -15.99 39.90 -48.22
N ALA AA 182 -16.61 41.01 -48.60
CA ALA AA 182 -16.44 41.55 -49.94
C ALA AA 182 -15.21 42.45 -49.98
N GLY AA 183 -14.97 43.09 -51.11
CA GLY AA 183 -13.79 43.92 -51.23
C GLY AA 183 -12.55 43.05 -51.25
N THR AA 184 -11.59 43.39 -50.39
CA THR AA 184 -10.32 42.67 -50.34
C THR AA 184 -10.32 41.52 -49.34
N GLY AA 185 -11.49 40.97 -49.02
CA GLY AA 185 -11.57 39.80 -48.16
C GLY AA 185 -12.41 38.68 -48.74
N THR AA 186 -12.22 38.41 -50.04
CA THR AA 186 -13.08 37.45 -50.73
C THR AA 186 -12.24 36.38 -51.43
N PHE AA 187 -11.13 35.97 -50.81
CA PHE AA 187 -10.22 35.06 -51.48
C PHE AA 187 -9.71 33.88 -50.64
N SER AA 188 -9.62 34.00 -49.31
CA SER AA 188 -8.72 33.12 -48.56
C SER AA 188 -9.41 31.91 -47.94
N SER AA 189 -10.75 31.86 -47.97
CA SER AA 189 -11.47 30.78 -47.28
C SER AA 189 -10.92 29.41 -47.64
N MET AA 190 -10.24 29.30 -48.78
CA MET AA 190 -9.57 28.07 -49.18
C MET AA 190 -8.94 27.38 -47.98
N GLU AA 191 -8.03 28.08 -47.31
CA GLU AA 191 -7.38 27.49 -46.14
C GLU AA 191 -8.42 26.99 -45.14
N SER AA 192 -9.23 27.92 -44.62
CA SER AA 192 -10.22 27.54 -43.63
C SER AA 192 -11.09 26.41 -44.14
N ALA AA 193 -11.40 26.43 -45.44
CA ALA AA 193 -12.29 25.42 -45.99
C ALA AA 193 -11.82 24.03 -45.61
N TYR AA 194 -10.53 23.75 -45.80
CA TYR AA 194 -10.01 22.42 -45.50
C TYR AA 194 -10.36 22.02 -44.08
N LYS AA 195 -10.10 22.91 -43.12
CA LYS AA 195 -10.42 22.63 -41.73
C LYS AA 195 -11.84 22.10 -41.63
N ALA AA 196 -12.81 22.85 -42.15
CA ALA AA 196 -14.20 22.42 -42.08
C ALA AA 196 -14.35 21.02 -42.62
N LEU AA 197 -13.92 20.79 -43.86
CA LEU AA 197 -14.04 19.48 -44.48
C LEU AA 197 -13.54 18.40 -43.54
N GLU AA 198 -12.39 18.64 -42.92
CA GLU AA 198 -11.79 17.63 -42.05
C GLU AA 198 -12.77 17.16 -41.01
N ASP AA 199 -13.33 18.09 -40.24
CA ASP AA 199 -14.19 17.66 -39.14
C ASP AA 199 -15.44 16.97 -39.66
N ILE AA 200 -15.91 17.35 -40.85
CA ILE AA 200 -17.06 16.65 -41.42
C ILE AA 200 -16.71 15.20 -41.68
N GLU AA 201 -15.52 14.95 -42.23
CA GLU AA 201 -15.13 13.58 -42.51
C GLU AA 201 -14.85 12.81 -41.23
N ARG AA 202 -14.34 13.47 -40.20
CA ARG AA 202 -14.13 12.82 -38.91
C ARG AA 202 -15.42 12.59 -38.16
N GLY AA 203 -16.58 12.81 -38.78
CA GLY AA 203 -17.83 12.70 -38.08
C GLY AA 203 -18.03 13.75 -37.02
N LEU AA 204 -17.23 14.82 -37.05
CA LEU AA 204 -17.32 15.89 -36.07
C LEU AA 204 -18.16 17.05 -36.60
N GLY BA 3 48.70 -32.91 1.34
CA GLY BA 3 49.14 -32.23 0.14
C GLY BA 3 48.07 -32.16 -0.92
N ARG BA 4 48.34 -31.40 -1.98
CA ARG BA 4 47.38 -31.19 -3.07
C ARG BA 4 46.04 -30.71 -2.52
N GLN BA 5 46.10 -29.57 -1.83
CA GLN BA 5 44.93 -29.03 -1.17
C GLN BA 5 43.84 -28.68 -2.17
N SER BA 6 44.17 -27.86 -3.16
CA SER BA 6 43.18 -27.42 -4.14
C SER BA 6 43.90 -26.94 -5.39
N HIS BA 7 43.13 -26.42 -6.34
CA HIS BA 7 43.65 -25.89 -7.60
C HIS BA 7 42.98 -24.54 -7.81
N LYS BA 8 43.60 -23.48 -7.28
CA LYS BA 8 43.01 -22.16 -7.36
C LYS BA 8 43.12 -21.60 -8.76
N LYS BA 9 42.17 -20.74 -9.11
CA LYS BA 9 42.15 -20.08 -10.41
C LYS BA 9 42.00 -18.58 -10.19
N ILE BA 10 42.92 -17.82 -10.76
CA ILE BA 10 43.02 -16.39 -10.54
C ILE BA 10 42.67 -15.68 -11.84
N ASP BA 11 41.64 -14.84 -11.80
CA ASP BA 11 41.11 -14.22 -13.00
C ASP BA 11 40.08 -13.17 -12.60
N VAL BA 12 39.60 -12.44 -13.60
CA VAL BA 12 38.49 -11.50 -13.42
C VAL BA 12 37.20 -12.31 -13.51
N ARG BA 13 36.49 -12.42 -12.38
CA ARG BA 13 35.42 -13.39 -12.24
C ARG BA 13 34.05 -12.74 -12.06
N ASN BA 14 33.84 -11.56 -12.65
CA ASN BA 14 32.54 -10.88 -12.58
C ASN BA 14 32.16 -10.52 -11.16
N ASP BA 15 33.08 -10.68 -10.22
CA ASP BA 15 32.85 -10.24 -8.86
C ASP BA 15 34.06 -9.54 -8.26
N THR BA 16 35.17 -9.44 -9.00
CA THR BA 16 36.32 -8.71 -8.48
C THR BA 16 35.95 -7.27 -8.18
N SER BA 17 35.08 -6.69 -9.00
CA SER BA 17 34.55 -5.37 -8.70
C SER BA 17 33.93 -5.34 -7.31
N THR BA 18 33.03 -6.28 -7.03
CA THR BA 18 32.31 -6.24 -5.76
C THR BA 18 33.23 -6.56 -4.60
N ARG BA 19 34.12 -7.54 -4.75
CA ARG BA 19 35.05 -7.87 -3.68
C ARG BA 19 35.92 -6.67 -3.35
N TYR BA 20 36.48 -6.03 -4.38
CA TYR BA 20 37.29 -4.83 -4.20
C TYR BA 20 36.52 -3.75 -3.46
N LYS BA 21 35.36 -3.37 -4.01
CA LYS BA 21 34.55 -2.33 -3.40
C LYS BA 21 34.26 -2.66 -1.94
N GLY BA 22 33.76 -3.87 -1.68
CA GLY BA 22 33.35 -4.21 -0.34
C GLY BA 22 34.48 -4.18 0.66
N LYS BA 23 35.58 -4.86 0.34
CA LYS BA 23 36.68 -4.91 1.31
C LYS BA 23 37.25 -3.52 1.55
N LEU BA 24 37.49 -2.75 0.49
CA LEU BA 24 38.05 -1.43 0.72
C LEU BA 24 37.08 -0.52 1.45
N TYR BA 25 35.79 -0.65 1.18
CA TYR BA 25 34.80 0.11 1.92
C TYR BA 25 34.85 -0.22 3.40
N GLY BA 26 34.91 -1.51 3.70
CA GLY BA 26 35.03 -1.90 5.09
C GLY BA 26 36.24 -1.29 5.75
N ILE BA 27 37.38 -1.30 5.08
CA ILE BA 27 38.56 -0.71 5.68
C ILE BA 27 38.38 0.78 5.90
N PHE BA 28 37.84 1.48 4.90
CA PHE BA 28 37.83 2.94 4.95
C PHE BA 28 36.75 3.51 5.85
N VAL BA 29 35.70 2.76 6.18
CA VAL BA 29 34.71 3.31 7.12
C VAL BA 29 35.38 3.77 8.39
N ASN BA 30 36.43 3.07 8.81
CA ASN BA 30 37.17 3.48 10.00
C ASN BA 30 38.06 4.68 9.76
N TYR BA 31 38.01 5.27 8.56
CA TYR BA 31 38.69 6.51 8.26
C TYR BA 31 37.76 7.67 7.97
N MET BA 32 36.68 7.43 7.24
CA MET BA 32 35.89 8.49 6.65
C MET BA 32 34.53 8.68 7.29
N GLY BA 33 33.94 7.63 7.84
CA GLY BA 33 32.50 7.58 8.00
C GLY BA 33 31.87 6.98 6.77
N GLU BA 34 30.58 6.71 6.87
CA GLU BA 34 29.93 5.89 5.86
C GLU BA 34 29.98 6.54 4.48
N LYS BA 35 29.40 7.73 4.35
CA LYS BA 35 29.18 8.29 3.02
C LYS BA 35 30.48 8.60 2.30
N TYR BA 36 31.44 9.18 3.02
CA TYR BA 36 32.71 9.50 2.38
C TYR BA 36 33.41 8.24 1.90
N ALA BA 37 33.42 7.20 2.73
CA ALA BA 37 34.02 5.94 2.32
C ALA BA 37 33.30 5.37 1.10
N GLN BA 38 31.98 5.52 1.07
CA GLN BA 38 31.22 5.04 -0.08
C GLN BA 38 31.68 5.71 -1.36
N GLN BA 39 31.64 7.05 -1.38
CA GLN BA 39 32.07 7.77 -2.58
C GLN BA 39 33.51 7.46 -2.92
N LEU BA 40 34.36 7.29 -1.91
CA LEU BA 40 35.76 7.03 -2.15
C LEU BA 40 35.96 5.71 -2.88
N VAL BA 41 35.37 4.63 -2.36
CA VAL BA 41 35.56 3.35 -3.02
C VAL BA 41 34.91 3.35 -4.40
N GLU BA 42 33.81 4.08 -4.55
CA GLU BA 42 33.23 4.24 -5.88
C GLU BA 42 34.24 4.79 -6.86
N ASN BA 43 34.83 5.94 -6.54
CA ASN BA 43 35.77 6.56 -7.46
C ASN BA 43 37.00 5.67 -7.66
N MET BA 44 37.49 5.06 -6.59
CA MET BA 44 38.68 4.23 -6.70
C MET BA 44 38.45 3.08 -7.68
N TYR BA 45 37.35 2.35 -7.51
CA TYR BA 45 37.12 1.24 -8.42
C TYR BA 45 36.86 1.74 -9.83
N SER BA 46 36.17 2.87 -9.98
CA SER BA 46 35.92 3.36 -11.33
C SER BA 46 37.24 3.59 -12.05
N ASN BA 47 38.18 4.28 -11.40
CA ASN BA 47 39.49 4.51 -12.00
C ASN BA 47 40.19 3.19 -12.30
N TYR BA 48 40.24 2.30 -11.32
CA TYR BA 48 40.94 1.03 -11.52
C TYR BA 48 40.35 0.28 -12.69
N ASN BA 49 39.03 0.25 -12.80
CA ASN BA 49 38.36 -0.36 -13.94
C ASN BA 49 38.86 0.26 -15.21
N ASP BA 50 38.51 1.53 -15.41
CA ASP BA 50 38.73 2.17 -16.71
C ASP BA 50 40.19 2.16 -17.12
N VAL BA 51 41.13 1.98 -16.20
CA VAL BA 51 42.51 1.84 -16.66
C VAL BA 51 42.87 0.37 -16.80
N PHE BA 52 42.96 -0.32 -15.66
CA PHE BA 52 43.55 -1.65 -15.67
C PHE BA 52 42.69 -2.64 -16.41
N VAL BA 53 41.40 -2.70 -16.11
CA VAL BA 53 40.53 -3.63 -16.81
C VAL BA 53 40.62 -3.37 -18.30
N GLU BA 54 40.18 -2.18 -18.70
CA GLU BA 54 40.05 -1.83 -20.11
C GLU BA 54 41.30 -2.10 -20.90
N ILE BA 55 42.48 -1.93 -20.30
CA ILE BA 55 43.68 -2.15 -21.09
C ILE BA 55 44.21 -3.55 -20.87
N TYR BA 56 44.67 -3.82 -19.65
CA TYR BA 56 45.45 -5.02 -19.42
C TYR BA 56 44.60 -6.27 -19.54
N ASN BA 57 43.33 -6.22 -19.09
CA ASN BA 57 42.56 -7.45 -19.13
C ASN BA 57 42.20 -7.82 -20.56
N LYS BA 58 41.81 -6.83 -21.36
CA LYS BA 58 41.56 -7.11 -22.77
C LYS BA 58 42.80 -7.65 -23.44
N MET BA 59 43.97 -7.06 -23.14
CA MET BA 59 45.20 -7.57 -23.73
C MET BA 59 45.46 -9.01 -23.32
N HIS BA 60 45.29 -9.31 -22.04
CA HIS BA 60 45.55 -10.66 -21.55
C HIS BA 60 44.60 -11.65 -22.21
N ASN BA 61 43.32 -11.31 -22.30
CA ASN BA 61 42.37 -12.22 -22.92
C ASN BA 61 42.68 -12.44 -24.39
N ALA BA 62 43.10 -11.38 -25.10
CA ALA BA 62 43.45 -11.55 -26.50
C ALA BA 62 44.69 -12.41 -26.66
N LEU BA 63 45.68 -12.25 -25.79
CA LEU BA 63 46.98 -12.85 -26.01
C LEU BA 63 47.09 -14.28 -25.47
N ARG BA 64 46.30 -14.62 -24.45
CA ARG BA 64 46.37 -15.94 -23.84
C ARG BA 64 46.48 -17.09 -24.86
N PRO BA 65 45.65 -17.16 -25.90
CA PRO BA 65 45.78 -18.29 -26.84
C PRO BA 65 47.15 -18.36 -27.48
N THR BA 66 47.73 -17.22 -27.85
CA THR BA 66 49.05 -17.25 -28.46
C THR BA 66 50.11 -17.71 -27.49
N LEU BA 67 50.02 -17.27 -26.23
CA LEU BA 67 50.93 -17.78 -25.20
C LEU BA 67 50.86 -19.29 -25.12
N VAL BA 68 49.65 -19.83 -25.13
CA VAL BA 68 49.50 -21.28 -25.05
C VAL BA 68 50.09 -21.96 -26.28
N LYS BA 69 49.85 -21.40 -27.46
CA LYS BA 69 50.42 -21.99 -28.67
C LYS BA 69 51.94 -22.01 -28.61
N LEU BA 70 52.55 -20.92 -28.15
CA LEU BA 70 54.01 -20.83 -28.18
C LEU BA 70 54.65 -21.68 -27.09
N ALA BA 71 54.34 -21.36 -25.83
CA ALA BA 71 54.99 -22.00 -24.70
C ALA BA 71 53.95 -22.50 -23.72
N GLY BA 72 52.95 -23.20 -24.24
CA GLY BA 72 51.85 -23.70 -23.42
C GLY BA 72 52.33 -24.39 -22.17
N ALA BA 73 52.04 -23.79 -21.04
CA ALA BA 73 52.63 -24.17 -19.76
C ALA BA 73 52.05 -23.28 -18.68
N GLY BA 74 52.22 -23.71 -17.43
CA GLY BA 74 52.11 -22.76 -16.33
C GLY BA 74 53.29 -21.81 -16.30
N ALA BA 75 54.40 -22.23 -16.92
CA ALA BA 75 55.63 -21.42 -16.97
C ALA BA 75 55.53 -20.42 -18.12
N THR BA 76 54.43 -19.68 -18.12
CA THR BA 76 54.25 -18.55 -19.04
C THR BA 76 54.32 -17.22 -18.32
N PHE BA 77 54.46 -17.24 -17.00
CA PHE BA 77 54.59 -16.00 -16.22
C PHE BA 77 55.61 -15.02 -16.80
N PRO BA 78 56.79 -15.44 -17.26
CA PRO BA 78 57.68 -14.48 -17.93
C PRO BA 78 57.02 -13.79 -19.11
N LEU BA 79 56.19 -14.50 -19.88
CA LEU BA 79 55.48 -13.84 -20.97
C LEU BA 79 54.52 -12.79 -20.42
N TRP BA 80 53.88 -13.08 -19.30
CA TRP BA 80 52.94 -12.12 -18.73
C TRP BA 80 53.65 -10.85 -18.29
N GLN BA 81 54.77 -10.98 -17.57
CA GLN BA 81 55.48 -9.77 -17.18
C GLN BA 81 56.04 -9.05 -18.40
N LEU BA 82 56.43 -9.81 -19.43
CA LEU BA 82 56.91 -9.19 -20.65
C LEU BA 82 55.84 -8.31 -21.28
N VAL BA 83 54.63 -8.85 -21.44
CA VAL BA 83 53.58 -8.06 -22.07
C VAL BA 83 53.18 -6.90 -21.16
N ASN BA 84 53.24 -7.08 -19.84
CA ASN BA 84 52.95 -5.97 -18.94
C ASN BA 84 53.93 -4.83 -19.16
N GLU BA 85 55.23 -5.12 -19.13
CA GLU BA 85 56.22 -4.07 -19.37
C GLU BA 85 56.08 -3.48 -20.76
N ALA BA 86 55.72 -4.31 -21.74
CA ALA BA 86 55.50 -3.78 -23.09
C ALA BA 86 54.41 -2.73 -23.07
N ILE BA 87 53.29 -3.03 -22.44
CA ILE BA 87 52.21 -2.05 -22.37
C ILE BA 87 52.66 -0.82 -21.60
N TYR BA 88 53.49 -1.01 -20.58
CA TYR BA 88 53.89 0.12 -19.75
C TYR BA 88 55.19 0.77 -20.22
N ALA BA 89 56.28 -0.01 -20.25
CA ALA BA 89 57.60 0.60 -20.39
C ALA BA 89 57.82 1.20 -21.78
N VAL BA 90 57.30 0.55 -22.81
CA VAL BA 90 57.59 0.99 -24.17
C VAL BA 90 56.46 1.89 -24.67
N TYR BA 91 55.26 1.33 -24.76
CA TYR BA 91 54.12 2.12 -25.17
C TYR BA 91 53.69 3.03 -24.03
N LEU BA 92 53.17 4.20 -24.39
CA LEU BA 92 52.60 5.17 -23.46
C LEU BA 92 53.68 5.84 -22.61
N THR BA 93 54.91 5.36 -22.69
CA THR BA 93 56.01 6.00 -21.97
C THR BA 93 57.27 6.19 -22.80
N HIS BA 94 57.55 5.33 -23.78
CA HIS BA 94 58.76 5.41 -24.59
C HIS BA 94 60.01 5.50 -23.72
N LYS BA 95 59.97 4.78 -22.59
CA LYS BA 95 61.11 4.80 -21.69
C LYS BA 95 62.21 3.85 -22.14
N GLU BA 96 61.87 2.82 -22.91
CA GLU BA 96 62.85 1.84 -23.35
C GLU BA 96 62.56 1.43 -24.79
N THR BA 97 63.64 1.08 -25.50
CA THR BA 97 63.56 0.54 -26.84
C THR BA 97 63.37 -0.97 -26.78
N ALA BA 98 62.93 -1.54 -27.91
CA ALA BA 98 62.75 -2.98 -27.99
C ALA BA 98 64.02 -3.73 -27.64
N SER BA 99 65.18 -3.12 -27.90
CA SER BA 99 66.45 -3.74 -27.56
C SER BA 99 66.51 -4.13 -26.10
N PHE BA 100 66.04 -3.25 -25.21
CA PHE BA 100 66.09 -3.55 -23.79
C PHE BA 100 65.29 -4.80 -23.45
N LEU BA 101 64.05 -4.88 -23.93
CA LEU BA 101 63.20 -6.03 -23.62
C LEU BA 101 63.79 -7.31 -24.20
N VAL BA 102 64.19 -7.27 -25.47
CA VAL BA 102 64.68 -8.50 -26.08
C VAL BA 102 65.95 -8.96 -25.38
N THR BA 103 66.86 -8.03 -25.06
CA THR BA 103 68.05 -8.38 -24.30
C THR BA 103 67.68 -8.98 -22.95
N LYS BA 104 66.77 -8.33 -22.24
CA LYS BA 104 66.41 -8.78 -20.91
C LYS BA 104 65.82 -10.18 -20.92
N TYR BA 105 64.95 -10.46 -21.87
CA TYR BA 105 64.23 -11.73 -21.82
C TYR BA 105 65.02 -12.85 -22.48
N VAL BA 106 65.93 -12.55 -23.40
CA VAL BA 106 66.86 -13.61 -23.79
C VAL BA 106 67.82 -13.88 -22.65
N ALA BA 107 68.18 -12.85 -21.88
CA ALA BA 107 68.89 -13.08 -20.63
C ALA BA 107 68.04 -13.89 -19.66
N ARG BA 108 66.72 -13.67 -19.68
CA ARG BA 108 65.82 -14.47 -18.87
C ARG BA 108 65.47 -15.81 -19.51
N GLY BA 109 66.04 -16.11 -20.67
CA GLY BA 109 65.87 -17.41 -21.28
C GLY BA 109 64.75 -17.53 -22.29
N VAL BA 110 64.27 -16.43 -22.85
CA VAL BA 110 63.16 -16.44 -23.79
C VAL BA 110 63.72 -16.37 -25.21
N PRO BA 111 63.23 -17.18 -26.13
CA PRO BA 111 63.67 -17.07 -27.53
C PRO BA 111 63.32 -15.71 -28.11
N ALA BA 112 64.20 -15.21 -28.97
CA ALA BA 112 64.06 -13.84 -29.46
C ALA BA 112 62.79 -13.66 -30.28
N MET BA 113 62.59 -14.50 -31.30
CA MET BA 113 61.44 -14.33 -32.19
C MET BA 113 60.13 -14.42 -31.43
N THR BA 114 60.09 -15.17 -30.32
CA THR BA 114 58.91 -15.15 -29.48
C THR BA 114 58.63 -13.75 -28.96
N VAL BA 115 59.65 -13.11 -28.40
CA VAL BA 115 59.51 -11.74 -27.91
C VAL BA 115 59.04 -10.82 -29.02
N LYS BA 116 59.67 -10.95 -30.20
CA LYS BA 116 59.29 -10.10 -31.31
C LYS BA 116 57.82 -10.30 -31.68
N THR BA 117 57.37 -11.55 -31.73
CA THR BA 117 55.98 -11.83 -32.06
C THR BA 117 55.03 -11.21 -31.04
N LEU BA 118 55.28 -11.47 -29.76
CA LEU BA 118 54.40 -10.93 -28.73
C LEU BA 118 54.34 -9.42 -28.79
N LEU BA 119 55.49 -8.77 -29.01
CA LEU BA 119 55.50 -7.33 -29.15
C LEU BA 119 54.65 -6.90 -30.33
N ALA BA 120 54.75 -7.64 -31.43
CA ALA BA 120 53.95 -7.33 -32.61
C ALA BA 120 52.47 -7.37 -32.28
N GLU BA 121 52.01 -8.44 -31.65
CA GLU BA 121 50.57 -8.56 -31.40
C GLU BA 121 50.10 -7.54 -30.37
N VAL BA 122 50.87 -7.32 -29.31
CA VAL BA 122 50.43 -6.36 -28.30
C VAL BA 122 50.32 -4.97 -28.93
N GLY BA 123 51.23 -4.63 -29.85
CA GLY BA 123 51.07 -3.39 -30.59
C GLY BA 123 49.83 -3.40 -31.46
N ASN BA 124 49.60 -4.51 -32.17
CA ASN BA 124 48.48 -4.58 -33.09
C ASN BA 124 47.14 -4.44 -32.39
N GLN BA 125 47.07 -4.83 -31.11
CA GLN BA 125 45.81 -4.66 -30.40
C GLN BA 125 45.77 -3.35 -29.63
N LEU BA 126 46.89 -2.92 -29.05
CA LEU BA 126 46.91 -1.67 -28.33
C LEU BA 126 46.59 -0.50 -29.24
N LYS BA 127 47.01 -0.56 -30.51
CA LYS BA 127 46.59 0.47 -31.44
C LYS BA 127 45.09 0.49 -31.62
N GLU BA 128 44.43 -0.67 -31.44
CA GLU BA 128 42.98 -0.68 -31.49
C GLU BA 128 42.38 -0.11 -30.22
N LEU BA 129 43.05 -0.30 -29.09
CA LEU BA 129 42.50 0.17 -27.83
C LEU BA 129 42.65 1.68 -27.66
N VAL BA 130 43.87 2.19 -27.81
CA VAL BA 130 44.16 3.59 -27.54
C VAL BA 130 44.50 4.28 -28.85
N PRO BA 131 43.93 5.45 -29.14
CA PRO BA 131 44.27 6.14 -30.39
C PRO BA 131 45.71 6.63 -30.46
N ALA BA 132 46.23 7.16 -29.36
CA ALA BA 132 47.54 7.80 -29.38
C ALA BA 132 48.62 6.87 -29.92
N VAL BA 133 48.66 5.63 -29.42
CA VAL BA 133 49.63 4.67 -29.92
C VAL BA 133 49.36 4.34 -31.38
N ALA BA 134 48.08 4.22 -31.74
CA ALA BA 134 47.73 3.93 -33.12
C ALA BA 134 48.30 4.99 -34.07
N GLU BA 135 48.30 6.25 -33.64
CA GLU BA 135 48.84 7.31 -34.48
C GLU BA 135 50.36 7.33 -34.42
N GLN BA 136 50.94 7.09 -33.25
CA GLN BA 136 52.39 7.05 -33.14
C GLN BA 136 52.99 5.98 -34.03
N ILE BA 137 52.34 4.84 -34.13
CA ILE BA 137 52.83 3.78 -35.01
C ILE BA 137 52.30 3.96 -36.42
N GLY BA 138 51.17 4.64 -36.56
CA GLY BA 138 50.55 4.76 -37.86
C GLY BA 138 49.89 3.44 -38.28
N SER BA 139 49.82 3.25 -39.60
CA SER BA 139 49.22 2.05 -40.17
C SER BA 139 50.32 1.12 -40.68
N VAL BA 140 50.90 0.38 -39.75
CA VAL BA 140 51.93 -0.62 -40.06
C VAL BA 140 51.61 -1.92 -39.33
N THR BA 141 51.37 -2.98 -40.08
CA THR BA 141 51.17 -4.29 -39.48
C THR BA 141 52.49 -4.80 -38.92
N LEU BA 142 52.51 -5.11 -37.64
CA LEU BA 142 53.75 -5.50 -36.98
C LEU BA 142 54.02 -6.98 -37.16
N ASP BA 143 55.29 -7.31 -37.34
CA ASP BA 143 55.73 -8.69 -37.44
C ASP BA 143 57.14 -8.79 -36.92
N HIS BA 144 57.53 -10.00 -36.50
CA HIS BA 144 58.86 -10.24 -35.96
C HIS BA 144 59.97 -9.85 -36.92
N THR BA 145 59.64 -9.52 -38.17
CA THR BA 145 60.62 -9.04 -39.13
C THR BA 145 60.75 -7.53 -39.14
N ASN BA 146 59.69 -6.80 -38.77
CA ASN BA 146 59.70 -5.35 -38.82
C ASN BA 146 59.37 -4.68 -37.51
N VAL BA 147 58.97 -5.44 -36.49
CA VAL BA 147 58.45 -4.82 -35.27
C VAL BA 147 59.54 -4.06 -34.55
N VAL BA 148 60.72 -4.66 -34.41
CA VAL BA 148 61.77 -4.06 -33.60
C VAL BA 148 62.22 -2.74 -34.19
N SER BA 149 62.47 -2.71 -35.50
CA SER BA 149 62.91 -1.48 -36.14
C SER BA 149 61.87 -0.39 -36.02
N THR BA 150 60.60 -0.71 -36.28
CA THR BA 150 59.55 0.29 -36.24
C THR BA 150 59.40 0.85 -34.83
N VAL BA 151 59.26 -0.02 -33.84
CA VAL BA 151 59.04 0.47 -32.48
C VAL BA 151 60.26 1.18 -31.95
N ASP BA 152 61.46 0.78 -32.40
CA ASP BA 152 62.67 1.47 -31.96
C ASP BA 152 62.72 2.87 -32.55
N ASN BA 153 62.36 3.01 -33.83
CA ASN BA 153 62.25 4.33 -34.42
C ASN BA 153 61.25 5.18 -33.64
N ILE BA 154 60.09 4.61 -33.31
CA ILE BA 154 59.06 5.37 -32.63
C ILE BA 154 59.54 5.83 -31.26
N VAL BA 155 60.18 4.93 -30.51
CA VAL BA 155 60.59 5.27 -29.15
C VAL BA 155 61.73 6.27 -29.16
N THR BA 156 62.72 6.09 -30.05
CA THR BA 156 63.85 7.02 -30.06
C THR BA 156 63.41 8.39 -30.56
N SER BA 157 62.48 8.43 -31.52
CA SER BA 157 61.97 9.71 -31.99
C SER BA 157 61.39 10.52 -30.84
N MET BA 158 60.79 9.87 -29.91
CA MET BA 158 60.27 10.53 -28.74
C MET BA 158 61.24 10.42 -27.58
N PRO BA 159 61.14 11.30 -26.60
CA PRO BA 159 61.85 11.09 -25.34
C PRO BA 159 61.02 10.22 -24.40
N ALA BA 160 61.54 10.05 -23.18
CA ALA BA 160 60.77 9.37 -22.16
C ALA BA 160 59.58 10.21 -21.73
N LEU BA 161 58.40 9.64 -21.82
CA LEU BA 161 57.28 10.45 -21.42
C LEU BA 161 56.94 10.22 -19.96
N PRO BA 162 56.39 11.22 -19.27
CA PRO BA 162 56.01 11.03 -17.87
C PRO BA 162 54.91 9.98 -17.77
N ASN BA 163 55.05 9.12 -16.75
CA ASN BA 163 54.11 8.03 -16.54
C ASN BA 163 52.68 8.50 -16.30
N SER BA 164 52.47 9.80 -16.09
CA SER BA 164 51.12 10.32 -16.04
C SER BA 164 50.37 10.03 -17.32
N TYR BA 165 51.07 10.02 -18.45
CA TYR BA 165 50.44 9.62 -19.70
C TYR BA 165 49.96 8.18 -19.63
N ALA BA 166 50.80 7.30 -19.09
CA ALA BA 166 50.42 5.89 -18.98
C ALA BA 166 49.28 5.70 -17.99
N GLY BA 167 49.12 6.61 -17.03
CA GLY BA 167 48.18 6.33 -15.96
C GLY BA 167 46.71 6.54 -16.26
N VAL BA 168 46.27 7.79 -16.39
CA VAL BA 168 44.84 8.07 -16.50
C VAL BA 168 44.53 8.98 -17.67
N LEU BA 169 45.23 10.11 -17.74
CA LEU BA 169 44.84 11.21 -18.62
C LEU BA 169 44.69 10.77 -20.07
N MET BA 170 45.41 9.72 -20.47
CA MET BA 170 45.45 9.31 -21.87
C MET BA 170 44.06 9.11 -22.44
N LYS BA 171 43.27 8.24 -21.81
CA LYS BA 171 41.89 8.02 -22.19
C LYS BA 171 40.97 9.14 -21.72
N THR BA 172 41.40 9.88 -20.70
CA THR BA 172 40.56 10.92 -20.13
C THR BA 172 40.31 12.05 -21.13
N LYS BA 173 41.37 12.49 -21.81
CA LYS BA 173 41.24 13.66 -22.67
C LYS BA 173 40.46 13.35 -23.93
N VAL BA 174 40.56 12.14 -24.46
CA VAL BA 174 39.98 11.79 -25.75
C VAL BA 174 38.76 10.90 -25.51
N PRO BA 175 37.59 11.25 -26.03
CA PRO BA 175 36.45 10.33 -25.98
C PRO BA 175 36.49 9.37 -27.16
N THR BA 176 35.98 8.17 -26.93
CA THR BA 176 36.05 7.12 -27.92
C THR BA 176 34.65 6.61 -28.25
N VAL BA 177 34.57 5.86 -29.35
CA VAL BA 177 33.31 5.23 -29.70
C VAL BA 177 32.99 4.16 -28.69
N THR BA 178 31.75 4.14 -28.23
CA THR BA 178 31.32 3.11 -27.31
C THR BA 178 30.93 1.86 -28.07
N PRO BA 179 30.79 0.74 -27.38
CA PRO BA 179 30.17 -0.42 -28.02
C PRO BA 179 28.67 -0.24 -28.15
N HIS BA 180 28.19 0.98 -27.94
CA HIS BA 180 26.79 1.35 -28.03
C HIS BA 180 26.59 2.39 -29.11
N TYR BA 181 27.25 2.20 -30.25
CA TYR BA 181 27.26 3.20 -31.30
C TYR BA 181 27.19 2.49 -32.65
N ALA BA 182 27.09 3.29 -33.70
CA ALA BA 182 27.23 2.77 -35.06
C ALA BA 182 28.72 2.71 -35.42
N GLY BA 183 28.99 2.43 -36.68
CA GLY BA 183 30.38 2.27 -37.08
C GLY BA 183 30.96 1.03 -36.44
N THR BA 184 32.17 1.15 -35.90
CA THR BA 184 32.85 0.03 -35.28
C THR BA 184 32.61 -0.05 -33.78
N GLY BA 185 31.46 0.39 -33.31
CA GLY BA 185 31.09 0.24 -31.92
C GLY BA 185 29.77 -0.47 -31.74
N THR BA 186 29.58 -1.61 -32.41
CA THR BA 186 28.29 -2.27 -32.46
C THR BA 186 28.45 -3.78 -32.27
N PHE BA 187 29.27 -4.20 -31.32
CA PHE BA 187 29.62 -5.61 -31.28
C PHE BA 187 29.62 -6.29 -29.91
N SER BA 188 29.91 -5.60 -28.80
CA SER BA 188 30.32 -6.33 -27.60
C SER BA 188 29.34 -6.25 -26.43
N SER BA 189 28.39 -5.34 -26.47
CA SER BA 189 27.57 -5.06 -25.29
C SER BA 189 26.88 -6.30 -24.73
N MET BA 190 26.92 -7.41 -25.47
CA MET BA 190 26.46 -8.69 -24.94
C MET BA 190 26.91 -8.87 -23.50
N GLU BA 191 28.20 -8.60 -23.22
CA GLU BA 191 28.65 -8.67 -21.84
C GLU BA 191 27.79 -7.81 -20.94
N SER BA 192 27.79 -6.50 -21.17
CA SER BA 192 26.96 -5.59 -20.40
C SER BA 192 25.51 -6.05 -20.40
N ALA BA 193 25.07 -6.65 -21.52
CA ALA BA 193 23.68 -7.08 -21.62
C ALA BA 193 23.31 -7.96 -20.44
N TYR BA 194 24.17 -8.93 -20.12
CA TYR BA 194 23.88 -9.83 -18.99
C TYR BA 194 23.62 -9.02 -17.73
N LYS BA 195 24.46 -8.03 -17.48
CA LYS BA 195 24.27 -7.18 -16.31
C LYS BA 195 22.82 -6.76 -16.17
N ALA BA 196 22.25 -6.23 -17.24
CA ALA BA 196 20.84 -5.83 -17.22
C ALA BA 196 19.98 -6.96 -16.70
N LEU BA 197 19.99 -8.08 -17.41
CA LEU BA 197 19.19 -9.23 -17.00
C LEU BA 197 19.34 -9.49 -15.52
N GLU BA 198 20.59 -9.49 -15.04
CA GLU BA 198 20.85 -9.81 -13.64
C GLU BA 198 19.97 -8.98 -12.73
N ASP BA 199 20.03 -7.65 -12.86
CA ASP BA 199 19.28 -6.84 -11.91
C ASP BA 199 17.79 -7.10 -12.01
N ILE BA 200 17.28 -7.32 -13.22
CA ILE BA 200 15.85 -7.58 -13.36
C ILE BA 200 15.47 -8.83 -12.58
N GLU BA 201 16.33 -9.84 -12.61
CA GLU BA 201 16.01 -11.06 -11.88
C GLU BA 201 16.05 -10.84 -10.37
N ARG BA 202 16.98 -10.02 -9.90
CA ARG BA 202 17.05 -9.71 -8.48
C ARG BA 202 16.01 -8.71 -8.04
N GLY BA 203 14.99 -8.47 -8.86
CA GLY BA 203 14.03 -7.42 -8.54
C GLY BA 203 14.63 -6.03 -8.62
N LEU BA 204 15.84 -5.91 -9.16
CA LEU BA 204 16.49 -4.62 -9.32
C LEU BA 204 16.39 -4.18 -10.77
N GLY CA 3 16.44 -22.80 -36.47
CA GLY CA 3 16.60 -21.66 -37.35
C GLY CA 3 15.53 -21.56 -38.41
N ARG CA 4 15.63 -20.55 -39.27
CA ARG CA 4 14.64 -20.28 -40.31
C ARG CA 4 13.25 -20.20 -39.70
N GLN CA 5 13.11 -19.30 -38.72
CA GLN CA 5 11.87 -19.18 -37.99
C GLN CA 5 10.73 -18.71 -38.91
N SER CA 6 10.98 -17.68 -39.70
CA SER CA 6 9.95 -17.16 -40.59
C SER CA 6 10.62 -16.46 -41.77
N HIS CA 7 9.79 -15.89 -42.65
CA HIS CA 7 10.26 -15.13 -43.80
C HIS CA 7 9.44 -13.84 -43.83
N LYS CA 8 9.92 -12.81 -43.15
CA LYS CA 8 9.16 -11.58 -43.00
C LYS CA 8 9.11 -10.81 -44.30
N LYS CA 9 8.06 -9.99 -44.45
CA LYS CA 9 7.88 -9.12 -45.59
C LYS CA 9 7.47 -7.75 -45.08
N ILE CA 10 8.18 -6.72 -45.55
CA ILE CA 10 8.01 -5.36 -45.05
C ILE CA 10 7.60 -4.47 -46.21
N ASP CA 11 6.42 -3.87 -46.10
CA ASP CA 11 5.87 -3.05 -47.17
C ASP CA 11 4.64 -2.33 -46.63
N VAL CA 12 4.02 -1.52 -47.49
CA VAL CA 12 2.83 -0.77 -47.14
C VAL CA 12 1.62 -1.66 -47.40
N ARG CA 13 0.93 -2.03 -46.33
CA ARG CA 13 -0.07 -3.10 -46.38
C ARG CA 13 -1.48 -2.61 -46.05
N ASN CA 14 -1.82 -1.38 -46.42
CA ASN CA 14 -3.18 -0.86 -46.28
C ASN CA 14 -3.62 -0.81 -44.82
N ASP CA 15 -2.68 -1.01 -43.91
CA ASP CA 15 -2.97 -0.89 -42.50
C ASP CA 15 -1.91 -0.09 -41.76
N THR CA 16 -0.81 0.26 -42.42
CA THR CA 16 0.21 1.08 -41.79
C THR CA 16 -0.39 2.37 -41.27
N SER CA 17 -1.37 2.92 -42.00
CA SER CA 17 -2.14 4.03 -41.46
C SER CA 17 -2.69 3.68 -40.08
N THR CA 18 -3.41 2.56 -39.98
CA THR CA 18 -4.07 2.22 -38.74
C THR CA 18 -3.07 1.83 -37.66
N ARG CA 19 -2.03 1.08 -38.03
CA ARG CA 19 -1.02 0.71 -37.05
C ARG CA 19 -0.36 1.95 -36.47
N TYR CA 20 0.07 2.84 -37.34
CA TYR CA 20 0.68 4.10 -36.92
C TYR CA 20 -0.25 4.87 -36.00
N LYS CA 21 -1.47 5.16 -36.49
CA LYS CA 21 -2.43 5.90 -35.69
C LYS CA 21 -2.64 5.26 -34.33
N GLY CA 22 -2.92 3.96 -34.31
CA GLY CA 22 -3.26 3.30 -33.06
C GLY CA 22 -2.11 3.34 -32.07
N LYS CA 23 -0.92 2.91 -32.49
CA LYS CA 23 0.19 2.86 -31.56
C LYS CA 23 0.54 4.24 -31.03
N LEU CA 24 0.62 5.22 -31.92
CA LEU CA 24 0.98 6.56 -31.45
C LEU CA 24 -0.11 7.15 -30.59
N TYR CA 25 -1.38 6.89 -30.90
CA TYR CA 25 -2.46 7.35 -30.06
C TYR CA 25 -2.35 6.76 -28.67
N GLY CA 26 -2.12 5.46 -28.59
CA GLY CA 26 -1.91 4.84 -27.30
C GLY CA 26 -0.79 5.50 -26.53
N ILE CA 27 0.34 5.75 -27.17
CA ILE CA 27 1.45 6.37 -26.47
C ILE CA 27 1.06 7.76 -25.98
N PHE CA 28 0.37 8.53 -26.83
CA PHE CA 28 0.22 9.95 -26.57
C PHE CA 28 -0.94 10.28 -25.64
N VAL CA 29 -1.88 9.36 -25.41
CA VAL CA 29 -2.94 9.65 -24.43
C VAL CA 29 -2.32 10.04 -23.10
N ASN CA 30 -1.19 9.43 -22.74
CA ASN CA 30 -0.52 9.78 -21.50
C ASN CA 30 0.16 11.13 -21.55
N TYR CA 31 0.06 11.85 -22.66
CA TYR CA 31 0.50 13.23 -22.74
C TYR CA 31 -0.63 14.21 -22.92
N MET CA 32 -1.67 13.85 -23.67
CA MET CA 32 -2.64 14.81 -24.17
C MET CA 32 -4.00 14.72 -23.53
N GLY CA 33 -4.43 13.53 -23.13
CA GLY CA 33 -5.85 13.27 -22.97
C GLY CA 33 -6.42 12.81 -24.30
N GLU CA 34 -7.64 12.28 -24.23
CA GLU CA 34 -8.16 11.52 -25.36
C GLU CA 34 -8.24 12.36 -26.62
N LYS CA 35 -9.06 13.41 -26.62
CA LYS CA 35 -9.35 14.14 -27.85
C LYS CA 35 -8.10 14.80 -28.43
N TYR CA 36 -7.24 15.34 -27.56
CA TYR CA 36 -6.03 15.99 -28.05
C TYR CA 36 -5.13 15.00 -28.75
N ALA CA 37 -4.91 13.83 -28.14
CA ALA CA 37 -4.11 12.80 -28.79
C ALA CA 37 -4.76 12.36 -30.09
N GLN CA 38 -6.08 12.29 -30.11
CA GLN CA 38 -6.78 11.91 -31.33
C GLN CA 38 -6.46 12.85 -32.47
N GLN CA 39 -6.73 14.15 -32.27
CA GLN CA 39 -6.42 15.13 -33.30
C GLN CA 39 -4.95 15.09 -33.66
N LEU CA 40 -4.08 14.89 -32.67
CA LEU CA 40 -2.65 14.88 -32.91
C LEU CA 40 -2.27 13.79 -33.89
N VAL CA 41 -2.67 12.55 -33.60
CA VAL CA 41 -2.29 11.45 -34.48
C VAL CA 41 -2.94 11.61 -35.85
N GLU CA 42 -4.16 12.17 -35.88
CA GLU CA 42 -4.77 12.44 -37.18
C GLU CA 42 -3.88 13.32 -38.03
N ASN CA 43 -3.47 14.47 -37.49
CA ASN CA 43 -2.63 15.38 -38.27
C ASN CA 43 -1.28 14.74 -38.60
N MET CA 44 -0.69 14.04 -37.64
CA MET CA 44 0.62 13.44 -37.88
C MET CA 44 0.57 12.47 -39.05
N TYR CA 45 -0.42 11.57 -39.05
CA TYR CA 45 -0.49 10.63 -40.14
C TYR CA 45 -0.87 11.32 -41.43
N SER CA 46 -1.71 12.35 -41.38
CA SER CA 46 -2.03 13.08 -42.60
C SER CA 46 -0.75 13.58 -43.26
N ASN CA 47 0.11 14.24 -42.48
CA ASN CA 47 1.36 14.76 -43.01
C ASN CA 47 2.23 13.64 -43.53
N TYR CA 48 2.42 12.60 -42.72
CA TYR CA 48 3.26 11.49 -43.14
C TYR CA 48 2.77 10.90 -44.45
N ASN CA 49 1.46 10.76 -44.58
CA ASN CA 49 0.89 10.24 -45.81
C ASN CA 49 1.30 11.14 -46.96
N ASP CA 50 0.80 12.39 -46.93
CA ASP CA 50 0.92 13.26 -48.09
C ASP CA 50 2.38 13.50 -48.47
N VAL CA 51 3.33 13.30 -47.56
CA VAL CA 51 4.71 13.43 -47.99
C VAL CA 51 5.26 12.06 -48.40
N PHE CA 52 5.40 11.17 -47.42
CA PHE CA 52 6.17 9.97 -47.63
C PHE CA 52 5.49 9.05 -48.62
N VAL CA 53 4.21 8.76 -48.41
CA VAL CA 53 3.53 7.88 -49.34
C VAL CA 53 3.63 8.45 -50.75
N GLU CA 54 3.02 9.63 -50.93
CA GLU CA 54 2.87 10.23 -52.25
C GLU CA 54 4.19 10.31 -53.00
N ILE CA 55 5.30 10.52 -52.31
CA ILE CA 55 6.55 10.63 -53.05
C ILE CA 55 7.28 9.30 -53.05
N TYR CA 56 7.73 8.89 -51.87
CA TYR CA 56 8.67 7.79 -51.80
C TYR CA 56 8.02 6.47 -52.19
N ASN CA 57 6.79 6.22 -51.75
CA ASN CA 57 6.22 4.91 -52.01
C ASN CA 57 5.88 4.75 -53.48
N LYS CA 58 5.35 5.81 -54.10
CA LYS CA 58 5.14 5.77 -55.54
C LYS CA 58 6.44 5.54 -56.28
N MET CA 59 7.50 6.25 -55.88
CA MET CA 59 8.79 6.03 -56.52
C MET CA 59 9.26 4.59 -56.35
N HIS CA 60 9.11 4.04 -55.15
CA HIS CA 60 9.59 2.70 -54.88
C HIS CA 60 8.83 1.69 -55.72
N ASN CA 61 7.50 1.82 -55.78
CA ASN CA 61 6.72 0.89 -56.59
C ASN CA 61 7.06 1.02 -58.06
N ALA CA 62 7.34 2.23 -58.53
CA ALA CA 62 7.71 2.39 -59.91
C ALA CA 62 9.06 1.74 -60.21
N LEU CA 63 10.03 1.91 -59.33
CA LEU CA 63 11.41 1.52 -59.66
C LEU CA 63 11.73 0.08 -59.30
N ARG CA 64 11.00 -0.52 -58.36
CA ARG CA 64 11.28 -1.90 -57.95
C ARG CA 64 11.53 -2.85 -59.11
N PRO CA 65 10.67 -2.93 -60.14
CA PRO CA 65 10.94 -3.91 -61.22
C PRO CA 65 12.27 -3.68 -61.90
N THR CA 66 12.62 -2.42 -62.19
CA THR CA 66 13.89 -2.15 -62.82
C THR CA 66 15.06 -2.50 -61.91
N LEU CA 67 14.91 -2.25 -60.61
CA LEU CA 67 15.93 -2.70 -59.66
C LEU CA 67 16.17 -4.19 -59.78
N VAL CA 68 15.08 -4.96 -59.85
CA VAL CA 68 15.22 -6.41 -59.99
C VAL CA 68 15.90 -6.76 -61.31
N LYS CA 69 15.49 -6.09 -62.40
CA LYS CA 69 16.11 -6.36 -63.69
C LYS CA 69 17.62 -6.13 -63.63
N LEU CA 70 18.04 -5.05 -63.00
CA LEU CA 70 19.47 -4.73 -62.99
C LEU CA 70 20.24 -5.64 -62.05
N ALA CA 71 19.89 -5.63 -60.77
CA ALA CA 71 20.67 -6.33 -59.76
C ALA CA 71 19.76 -7.18 -58.90
N GLY CA 72 18.88 -7.94 -59.56
CA GLY CA 72 17.94 -8.81 -58.87
C GLY CA 72 18.57 -9.58 -57.74
N ALA CA 73 18.10 -9.30 -56.53
CA ALA CA 73 18.75 -9.77 -55.32
C ALA CA 73 17.90 -9.35 -54.13
N GLY CA 74 18.19 -9.95 -52.98
CA GLY CA 74 17.88 -9.28 -51.73
C GLY CA 74 18.86 -8.14 -51.47
N ALA CA 75 20.08 -8.28 -52.01
CA ALA CA 75 21.13 -7.28 -51.83
C ALA CA 75 20.95 -6.14 -52.84
N THR CA 76 19.79 -5.53 -52.77
CA THR CA 76 19.48 -4.35 -53.57
C THR CA 76 19.33 -3.10 -52.72
N PHE CA 77 19.50 -3.22 -51.40
CA PHE CA 77 19.45 -2.06 -50.51
C PHE CA 77 20.22 -0.84 -51.00
N PRO CA 78 21.47 -0.94 -51.45
CA PRO CA 78 22.17 0.26 -51.93
C PRO CA 78 21.38 1.01 -52.98
N LEU CA 79 20.67 0.30 -53.85
CA LEU CA 79 19.82 0.99 -54.81
C LEU CA 79 18.75 1.80 -54.10
N TRP CA 80 18.16 1.25 -53.04
CA TRP CA 80 17.11 1.96 -52.32
C TRP CA 80 17.66 3.22 -51.66
N GLN CA 81 18.76 3.10 -50.92
CA GLN CA 81 19.31 4.29 -50.30
C GLN CA 81 19.75 5.31 -51.35
N LEU CA 82 20.19 4.82 -52.51
CA LEU CA 82 20.57 5.73 -53.58
C LEU CA 82 19.36 6.52 -54.06
N VAL CA 83 18.24 5.85 -54.33
CA VAL CA 83 17.09 6.57 -54.83
C VAL CA 83 16.55 7.52 -53.76
N ASN CA 84 16.66 7.14 -52.49
CA ASN CA 84 16.25 8.03 -51.42
C ASN CA 84 17.08 9.31 -51.42
N GLU CA 85 18.39 9.18 -51.41
CA GLU CA 85 19.25 10.36 -51.43
C GLU CA 85 19.04 11.17 -52.70
N ALA CA 86 18.77 10.50 -53.82
CA ALA CA 86 18.48 11.20 -55.05
C ALA CA 86 17.26 12.10 -54.90
N ILE CA 87 16.16 11.54 -54.40
CA ILE CA 87 14.97 12.34 -54.18
C ILE CA 87 15.25 13.47 -53.20
N TYR CA 88 16.07 13.21 -52.20
CA TYR CA 88 16.28 14.20 -51.14
C TYR CA 88 17.45 15.14 -51.45
N ALA CA 89 18.65 14.58 -51.60
CA ALA CA 89 19.85 15.41 -51.60
C ALA CA 89 19.97 16.22 -52.88
N VAL CA 90 19.54 15.67 -54.02
CA VAL CA 90 19.71 16.36 -55.29
C VAL CA 90 18.45 17.11 -55.65
N TYR CA 91 17.35 16.38 -55.83
CA TYR CA 91 16.09 17.03 -56.12
C TYR CA 91 15.54 17.69 -54.87
N LEU CA 92 14.85 18.81 -55.07
CA LEU CA 92 14.13 19.53 -54.02
C LEU CA 92 15.08 20.21 -53.05
N THR CA 93 16.38 19.95 -53.17
CA THR CA 93 17.36 20.62 -52.33
C THR CA 93 18.57 21.16 -53.08
N HIS CA 94 18.97 20.55 -54.20
CA HIS CA 94 20.15 20.96 -54.93
C HIS CA 94 21.37 21.02 -54.02
N LYS CA 95 21.46 20.06 -53.10
CA LYS CA 95 22.54 20.07 -52.13
C LYS CA 95 23.80 19.42 -52.68
N GLU CA 96 23.68 18.55 -53.67
CA GLU CA 96 24.83 17.85 -54.23
C GLU CA 96 24.66 17.66 -55.74
N THR CA 97 25.79 17.57 -56.43
CA THR CA 97 25.83 17.28 -57.86
C THR CA 97 25.88 15.78 -58.08
N ALA CA 98 25.63 15.37 -59.33
CA ALA CA 98 25.67 13.95 -59.66
C ALA CA 98 27.02 13.34 -59.36
N SER CA 99 28.09 14.15 -59.41
CA SER CA 99 29.42 13.66 -59.09
C SER CA 99 29.45 13.02 -57.72
N PHE CA 100 28.84 13.65 -56.73
CA PHE CA 100 28.84 13.09 -55.38
C PHE CA 100 28.24 11.70 -55.35
N LEU CA 101 27.04 11.54 -55.91
CA LEU CA 101 26.37 10.24 -55.85
C LEU CA 101 27.15 9.18 -56.61
N VAL CA 102 27.59 9.51 -57.82
CA VAL CA 102 28.26 8.51 -58.63
C VAL CA 102 29.56 8.09 -57.96
N THR CA 103 30.33 9.06 -57.44
CA THR CA 103 31.55 8.73 -56.72
C THR CA 103 31.25 7.87 -55.50
N LYS CA 104 30.23 8.26 -54.73
CA LYS CA 104 29.92 7.55 -53.51
C LYS CA 104 29.55 6.10 -53.79
N TYR CA 105 28.72 5.87 -54.80
CA TYR CA 105 28.20 4.53 -55.00
C TYR CA 105 29.14 3.67 -55.81
N VAL CA 106 30.03 4.25 -56.62
CA VAL CA 106 31.08 3.42 -57.19
C VAL CA 106 32.08 3.06 -56.10
N ALA CA 107 32.32 3.98 -55.16
CA ALA CA 107 33.13 3.63 -53.99
C ALA CA 107 32.45 2.55 -53.17
N ARG CA 108 31.12 2.56 -53.12
CA ARG CA 108 30.38 1.51 -52.45
C ARG CA 108 30.23 0.26 -53.30
N GLY CA 109 30.71 0.28 -54.54
CA GLY CA 109 30.69 -0.90 -55.39
C GLY CA 109 29.56 -0.98 -56.37
N VAL CA 110 28.94 0.13 -56.75
CA VAL CA 110 27.85 0.14 -57.71
C VAL CA 110 28.39 0.62 -59.06
N PRO CA 111 28.10 -0.07 -60.16
CA PRO CA 111 28.57 0.41 -61.47
C PRO CA 111 27.99 1.77 -61.80
N ALA CA 112 28.80 2.58 -62.51
CA ALA CA 112 28.44 3.97 -62.74
C ALA CA 112 27.17 4.08 -63.58
N MET CA 113 27.15 3.44 -64.74
CA MET CA 113 26.01 3.58 -65.64
C MET CA 113 24.71 3.11 -64.99
N THR CA 114 24.78 2.16 -64.06
CA THR CA 114 23.60 1.80 -63.28
C THR CA 114 23.09 3.02 -62.51
N VAL CA 115 23.99 3.71 -61.83
CA VAL CA 115 23.59 4.90 -61.07
C VAL CA 115 23.00 5.93 -62.01
N LYS CA 116 23.63 6.14 -63.16
CA LYS CA 116 23.11 7.11 -64.12
C LYS CA 116 21.70 6.73 -64.57
N THR CA 117 21.48 5.45 -64.83
CA THR CA 117 20.16 4.99 -65.24
C THR CA 117 19.13 5.27 -64.16
N LEU CA 118 19.46 4.91 -62.91
CA LEU CA 118 18.53 5.17 -61.81
C LEU CA 118 18.20 6.64 -61.70
N LEU CA 119 19.21 7.51 -61.83
CA LEU CA 119 18.93 8.95 -61.82
C LEU CA 119 17.97 9.31 -62.94
N ALA CA 120 18.16 8.71 -64.11
CA ALA CA 120 17.27 9.00 -65.23
C ALA CA 120 15.83 8.68 -64.87
N GLU CA 121 15.57 7.47 -64.37
CA GLU CA 121 14.19 7.11 -64.10
C GLU CA 121 13.61 7.91 -62.94
N VAL CA 122 14.37 8.09 -61.87
CA VAL CA 122 13.82 8.81 -60.72
C VAL CA 122 13.49 10.24 -61.13
N GLY CA 123 14.29 10.85 -61.99
CA GLY CA 123 13.95 12.16 -62.50
C GLY CA 123 12.71 12.14 -63.36
N ASN CA 124 12.64 11.17 -64.29
CA ASN CA 124 11.51 11.11 -65.21
C ASN CA 124 10.19 10.93 -64.46
N GLN CA 125 10.23 10.32 -63.28
CA GLN CA 125 8.98 10.17 -62.53
C GLN CA 125 8.75 11.31 -61.54
N LEU CA 126 9.81 11.78 -60.90
CA LEU CA 126 9.68 12.88 -59.95
C LEU CA 126 9.17 14.13 -60.63
N LYS CA 127 9.59 14.37 -61.89
CA LYS CA 127 9.05 15.51 -62.62
C LYS CA 127 7.55 15.37 -62.82
N GLU CA 128 7.04 14.14 -62.88
CA GLU CA 128 5.61 13.95 -63.02
C GLU CA 128 4.90 14.13 -61.69
N LEU CA 129 5.55 13.74 -60.59
CA LEU CA 129 4.90 13.86 -59.29
C LEU CA 129 4.86 15.30 -58.81
N VAL CA 130 5.95 16.04 -58.95
CA VAL CA 130 6.10 17.36 -58.37
C VAL CA 130 6.21 18.39 -59.49
N PRO CA 131 5.41 19.47 -59.46
CA PRO CA 131 5.53 20.48 -60.51
C PRO CA 131 6.85 21.23 -60.51
N ALA CA 132 7.39 21.51 -59.32
CA ALA CA 132 8.58 22.35 -59.23
C ALA CA 132 9.75 21.76 -60.00
N VAL CA 133 10.01 20.46 -59.82
CA VAL CA 133 11.10 19.83 -60.55
C VAL CA 133 10.78 19.77 -62.05
N ALA CA 134 9.51 19.60 -62.38
CA ALA CA 134 9.13 19.61 -63.79
C ALA CA 134 9.47 20.95 -64.44
N GLU CA 135 9.27 22.04 -63.72
CA GLU CA 135 9.64 23.35 -64.25
C GLU CA 135 11.16 23.50 -64.28
N GLN CA 136 11.85 23.00 -63.25
CA GLN CA 136 13.29 23.17 -63.17
C GLN CA 136 14.01 22.44 -64.30
N ILE CA 137 13.69 21.15 -64.48
CA ILE CA 137 14.39 20.38 -65.50
C ILE CA 137 13.79 20.63 -66.87
N GLY CA 138 12.57 21.16 -66.92
CA GLY CA 138 11.93 21.41 -68.19
C GLY CA 138 11.58 20.11 -68.90
N SER CA 139 11.46 20.20 -70.21
CA SER CA 139 11.14 19.05 -71.06
C SER CA 139 12.44 18.46 -71.62
N VAL CA 140 13.18 17.79 -70.74
CA VAL CA 140 14.44 17.14 -71.10
C VAL CA 140 14.36 15.69 -70.64
N THR CA 141 14.28 14.77 -71.59
CA THR CA 141 14.26 13.35 -71.26
C THR CA 141 15.64 12.93 -70.77
N LEU CA 142 15.67 12.27 -69.61
CA LEU CA 142 16.93 11.88 -69.01
C LEU CA 142 17.40 10.54 -69.58
N ASP CA 143 18.72 10.39 -69.65
CA ASP CA 143 19.34 9.12 -70.01
C ASP CA 143 20.74 9.10 -69.45
N HIS CA 144 21.26 7.88 -69.25
CA HIS CA 144 22.61 7.72 -68.72
C HIS CA 144 23.67 8.40 -69.57
N THR CA 145 23.28 8.97 -70.71
CA THR CA 145 24.17 9.77 -71.53
C THR CA 145 24.10 11.26 -71.19
N ASN CA 146 22.97 11.74 -70.67
CA ASN CA 146 22.80 13.16 -70.40
C ASN CA 146 22.38 13.49 -68.99
N VAL CA 147 22.16 12.49 -68.12
CA VAL CA 147 21.68 12.80 -66.77
C VAL CA 147 22.71 13.61 -66.01
N VAL CA 148 23.98 13.18 -66.02
CA VAL CA 148 24.98 13.85 -65.20
C VAL CA 148 25.11 15.32 -65.60
N SER CA 149 25.25 15.58 -66.90
CA SER CA 149 25.41 16.95 -67.37
C SER CA 149 24.22 17.82 -67.00
N THR CA 150 23.01 17.35 -67.33
CA THR CA 150 21.81 18.16 -67.10
C THR CA 150 21.60 18.44 -65.62
N VAL CA 151 21.65 17.38 -64.80
CA VAL CA 151 21.37 17.56 -63.38
C VAL CA 151 22.48 18.38 -62.73
N ASP CA 152 23.71 18.27 -63.22
CA ASP CA 152 24.78 19.08 -62.65
C ASP CA 152 24.58 20.55 -63.00
N ASN CA 153 24.17 20.84 -64.24
CA ASN CA 153 23.80 22.21 -64.59
C ASN CA 153 22.72 22.71 -63.66
N ILE CA 154 21.68 21.91 -63.44
CA ILE CA 154 20.55 22.35 -62.64
C ILE CA 154 20.98 22.63 -61.20
N VAL CA 155 21.77 21.73 -60.62
CA VAL CA 155 22.13 21.87 -59.21
C VAL CA 155 23.12 23.01 -59.01
N THR CA 156 24.10 23.16 -59.90
CA THR CA 156 25.05 24.25 -59.74
C THR CA 156 24.36 25.59 -59.99
N SER CA 157 23.36 25.61 -60.89
CA SER CA 157 22.61 26.83 -61.12
C SER CA 157 21.92 27.29 -59.85
N MET CA 158 21.48 26.37 -59.05
CA MET CA 158 20.82 26.82 -57.83
C MET CA 158 21.72 26.66 -56.62
N PRO CA 159 21.49 27.42 -55.57
CA PRO CA 159 22.20 27.18 -54.32
C PRO CA 159 21.57 26.04 -53.55
N ALA CA 160 22.18 25.73 -52.40
CA ALA CA 160 21.61 24.72 -51.52
C ALA CA 160 20.25 25.18 -51.01
N LEU CA 161 19.28 24.31 -51.12
CA LEU CA 161 17.98 24.80 -50.70
C LEU CA 161 17.65 24.34 -49.29
N PRO CA 162 16.89 25.14 -48.55
CA PRO CA 162 16.49 24.71 -47.20
C PRO CA 162 15.59 23.49 -47.29
N ASN CA 163 15.87 22.51 -46.43
CA ASN CA 163 15.06 21.30 -46.34
C ASN CA 163 13.59 21.58 -46.08
N SER CA 164 13.25 22.82 -45.70
CA SER CA 164 11.84 23.19 -45.58
C SER CA 164 11.10 22.98 -46.89
N TYR CA 165 11.78 23.14 -48.02
CA TYR CA 165 11.17 22.85 -49.30
C TYR CA 165 10.90 21.37 -49.46
N ALA CA 166 11.88 20.53 -49.11
CA ALA CA 166 11.71 19.10 -49.27
C ALA CA 166 10.66 18.55 -48.32
N GLY CA 167 10.43 19.21 -47.19
CA GLY CA 167 9.56 18.64 -46.19
C GLY CA 167 8.07 18.70 -46.48
N VAL CA 168 7.49 19.89 -46.41
CA VAL CA 168 6.04 20.01 -46.50
C VAL CA 168 5.64 21.02 -47.58
N LEU CA 169 6.26 22.20 -47.53
CA LEU CA 169 5.78 23.34 -48.29
C LEU CA 169 5.64 23.05 -49.78
N MET CA 170 6.47 22.15 -50.31
CA MET CA 170 6.57 21.96 -51.75
C MET CA 170 5.21 21.70 -52.37
N LYS CA 171 4.51 20.68 -51.90
CA LYS CA 171 3.17 20.38 -52.35
C LYS CA 171 2.13 21.26 -51.68
N THR CA 172 2.47 21.86 -50.55
CA THR CA 172 1.50 22.66 -49.80
C THR CA 172 1.10 23.91 -50.57
N LYS CA 173 2.07 24.59 -51.17
CA LYS CA 173 1.76 25.89 -51.78
C LYS CA 173 1.07 25.72 -53.13
N VAL CA 174 1.29 24.62 -53.82
CA VAL CA 174 0.81 24.43 -55.19
C VAL CA 174 -0.39 23.48 -55.15
N PRO CA 175 -1.50 23.84 -55.78
CA PRO CA 175 -2.58 22.86 -55.97
C PRO CA 175 -2.30 21.99 -57.19
N THR CA 176 -2.74 20.74 -57.12
CA THR CA 176 -2.50 19.79 -58.20
C THR CA 176 -3.83 19.21 -58.67
N VAL CA 177 -3.79 18.64 -59.88
CA VAL CA 177 -4.95 17.94 -60.39
C VAL CA 177 -5.15 16.66 -59.59
N THR CA 178 -6.39 16.42 -59.18
CA THR CA 178 -6.69 15.22 -58.44
C THR CA 178 -6.74 14.03 -59.37
N PRO CA 179 -6.64 12.82 -58.82
CA PRO CA 179 -6.92 11.64 -59.64
C PRO CA 179 -8.41 11.46 -59.85
N HIS CA 180 -9.18 12.50 -59.51
CA HIS CA 180 -10.64 12.51 -59.61
C HIS CA 180 -11.07 13.70 -60.43
N TYR CA 181 -10.40 13.92 -61.55
CA TYR CA 181 -10.61 15.10 -62.37
C TYR CA 181 -10.61 14.66 -63.83
N ALA CA 182 -10.85 15.62 -64.72
CA ALA CA 182 -10.64 15.39 -66.14
C ALA CA 182 -9.17 15.61 -66.47
N GLY CA 183 -8.84 15.61 -67.75
CA GLY CA 183 -7.45 15.74 -68.13
C GLY CA 183 -6.69 14.49 -67.77
N THR CA 184 -5.55 14.67 -67.11
CA THR CA 184 -4.70 13.54 -66.73
C THR CA 184 -4.97 13.05 -65.31
N GLY CA 185 -6.20 13.21 -64.83
CA GLY CA 185 -6.57 12.71 -63.52
C GLY CA 185 -7.83 11.88 -63.52
N THR CA 186 -7.97 10.97 -64.49
CA THR CA 186 -9.21 10.21 -64.63
C THR CA 186 -8.90 8.72 -64.77
N PHE CA 187 -7.96 8.20 -63.99
CA PHE CA 187 -7.52 6.82 -64.17
C PHE CA 187 -7.42 5.98 -62.91
N SER CA 188 -7.08 6.54 -61.74
CA SER CA 188 -6.59 5.73 -60.63
C SER CA 188 -7.61 5.52 -59.52
N SER CA 189 -8.81 6.10 -59.62
CA SER CA 189 -9.79 5.97 -58.55
C SER CA 189 -10.01 4.52 -58.14
N MET CA 190 -9.61 3.58 -59.00
CA MET CA 190 -9.65 2.17 -58.67
C MET CA 190 -9.23 1.93 -57.22
N GLU CA 191 -8.04 2.41 -56.87
CA GLU CA 191 -7.58 2.22 -55.49
C GLU CA 191 -8.62 2.73 -54.51
N SER CA 192 -8.92 4.03 -54.56
CA SER CA 192 -9.87 4.60 -53.61
C SER CA 192 -11.18 3.84 -53.62
N ALA CA 193 -11.57 3.34 -54.79
CA ALA CA 193 -12.84 2.63 -54.90
C ALA CA 193 -12.95 1.54 -53.85
N TYR CA 194 -11.91 0.70 -53.74
CA TYR CA 194 -11.95 -0.38 -52.78
C TYR CA 194 -12.27 0.15 -51.39
N LYS CA 195 -11.58 1.21 -50.98
CA LYS CA 195 -11.81 1.80 -49.67
C LYS CA 195 -13.30 1.99 -49.43
N ALA CA 196 -13.97 2.68 -50.37
CA ALA CA 196 -15.40 2.92 -50.22
C ALA CA 196 -16.14 1.61 -49.97
N LEU CA 197 -15.96 0.65 -50.87
CA LEU CA 197 -16.64 -0.63 -50.73
C LEU CA 197 -16.47 -1.18 -49.33
N GLU CA 198 -15.24 -1.14 -48.82
CA GLU CA 198 -14.96 -1.67 -47.49
C GLU CA 198 -15.92 -1.09 -46.46
N ASP CA 199 -15.96 0.25 -46.35
CA ASP CA 199 -16.79 0.83 -45.31
C ASP CA 199 -18.26 0.53 -45.54
N ILE CA 200 -18.68 0.41 -46.80
CA ILE CA 200 -20.06 0.04 -47.05
C ILE CA 200 -20.33 -1.37 -46.54
N GLU CA 201 -19.39 -2.28 -46.79
CA GLU CA 201 -19.60 -3.66 -46.36
C GLU CA 201 -19.50 -3.79 -44.85
N ARG CA 202 -18.63 -3.02 -44.21
CA ARG CA 202 -18.56 -3.00 -42.77
C ARG CA 202 -19.70 -2.24 -42.12
N GLY CA 203 -20.71 -1.85 -42.90
CA GLY CA 203 -21.80 -1.08 -42.33
C GLY CA 203 -21.40 0.31 -41.90
N LEU CA 204 -20.28 0.83 -42.40
CA LEU CA 204 -19.81 2.16 -42.04
C LEU CA 204 -20.20 3.19 -43.10
N GLY DA 3 63.17 -4.84 -6.15
CA GLY DA 3 63.16 -3.45 -6.59
C GLY DA 3 62.07 -3.18 -7.62
N ARG DA 4 61.92 -1.91 -8.00
CA ARG DA 4 60.87 -1.48 -8.92
C ARG DA 4 59.51 -1.96 -8.45
N GLN DA 5 59.12 -1.46 -7.27
CA GLN DA 5 57.87 -1.89 -6.65
C GLN DA 5 56.68 -1.58 -7.55
N SER DA 6 56.46 -0.30 -7.85
CA SER DA 6 55.30 0.09 -8.63
C SER DA 6 55.65 1.33 -9.45
N HIS DA 7 54.65 1.90 -10.11
CA HIS DA 7 54.78 3.11 -10.92
C HIS DA 7 53.62 4.03 -10.55
N LYS DA 8 53.82 4.87 -9.55
CA LYS DA 8 52.75 5.72 -9.06
C LYS DA 8 52.49 6.87 -10.04
N LYS DA 9 51.27 7.40 -9.98
CA LYS DA 9 50.87 8.54 -10.78
C LYS DA 9 50.14 9.53 -9.89
N ILE DA 10 50.55 10.79 -9.95
CA ILE DA 10 50.04 11.84 -9.07
C ILE DA 10 49.30 12.84 -9.92
N ASP DA 11 48.00 13.01 -9.65
CA ASP DA 11 47.15 13.89 -10.43
C ASP DA 11 45.81 14.03 -9.72
N VAL DA 12 44.98 14.94 -10.21
CA VAL DA 12 43.62 15.11 -9.73
C VAL DA 12 42.78 14.02 -10.36
N ARG DA 13 42.36 13.04 -9.56
CA ARG DA 13 41.74 11.82 -10.07
C ARG DA 13 40.24 11.76 -9.75
N ASN DA 14 39.56 12.91 -9.74
CA ASN DA 14 38.12 12.96 -9.53
C ASN DA 14 37.72 12.40 -8.17
N ASP DA 15 38.69 12.22 -7.29
CA ASP DA 15 38.41 11.79 -5.93
C ASP DA 15 39.22 12.55 -4.91
N THR DA 16 40.13 13.43 -5.33
CA THR DA 16 40.92 14.18 -4.38
C THR DA 16 40.04 15.05 -3.51
N SER DA 17 38.91 15.51 -4.06
CA SER DA 17 37.90 16.15 -3.24
C SER DA 17 37.50 15.24 -2.09
N THR DA 18 37.13 14.00 -2.39
CA THR DA 18 36.68 13.09 -1.35
C THR DA 18 37.80 12.74 -0.40
N ARG DA 19 39.00 12.50 -0.91
CA ARG DA 19 40.11 12.16 -0.01
C ARG DA 19 40.38 13.31 0.95
N TYR DA 20 40.47 14.52 0.42
CA TYR DA 20 40.70 15.70 1.24
C TYR DA 20 39.61 15.83 2.30
N LYS DA 21 38.35 15.89 1.86
CA LYS DA 21 37.24 16.05 2.79
C LYS DA 21 37.26 14.97 3.86
N GLY DA 22 37.35 13.71 3.45
CA GLY DA 22 37.26 12.63 4.41
C GLY DA 22 38.38 12.68 5.44
N LYS DA 23 39.63 12.77 4.97
CA LYS DA 23 40.74 12.72 5.92
C LYS DA 23 40.69 13.91 6.88
N LEU DA 24 40.46 15.11 6.36
CA LEU DA 24 40.45 16.25 7.26
C LEU DA 24 39.24 16.22 8.19
N TYR DA 25 38.10 15.71 7.72
CA TYR DA 25 36.96 15.55 8.58
C TYR DA 25 37.27 14.61 9.73
N GLY DA 26 37.84 13.45 9.41
CA GLY DA 26 38.24 12.53 10.45
C GLY DA 26 39.17 13.16 11.45
N ILE DA 27 40.17 13.90 10.98
CA ILE DA 27 41.11 14.51 11.90
C ILE DA 27 40.39 15.53 12.78
N PHE DA 28 39.55 16.37 12.19
CA PHE DA 28 39.00 17.51 12.89
C PHE DA 28 37.85 17.14 13.82
N VAL DA 29 37.19 16.00 13.62
CA VAL DA 29 36.06 15.66 14.48
C VAL DA 29 36.51 15.62 15.94
N ASN DA 30 37.79 15.35 16.17
CA ASN DA 30 38.35 15.41 17.51
C ASN DA 30 38.64 16.83 17.97
N TYR DA 31 38.35 17.82 17.14
CA TYR DA 31 38.42 19.22 17.52
C TYR DA 31 37.06 19.89 17.60
N MET DA 32 36.15 19.55 16.69
CA MET DA 32 34.92 20.29 16.50
C MET DA 32 33.68 19.55 16.94
N GLY DA 33 33.64 18.23 16.78
CA GLY DA 33 32.40 17.50 16.73
C GLY DA 33 31.92 17.37 15.31
N GLU DA 34 30.87 16.55 15.13
CA GLU DA 34 30.48 16.14 13.80
C GLU DA 34 30.10 17.33 12.93
N LYS DA 35 29.05 18.05 13.32
CA LYS DA 35 28.49 19.06 12.42
C LYS DA 35 29.50 20.17 12.13
N TYR DA 36 30.23 20.61 13.14
CA TYR DA 36 31.20 21.67 12.92
C TYR DA 36 32.32 21.21 12.00
N ALA DA 37 32.83 19.99 12.22
CA ALA DA 37 33.86 19.48 11.33
C ALA DA 37 33.34 19.36 9.91
N GLN DA 38 32.07 18.97 9.76
CA GLN DA 38 31.47 18.87 8.44
C GLN DA 38 31.49 20.22 7.74
N GLN DA 39 30.94 21.24 8.38
CA GLN DA 39 30.95 22.57 7.77
C GLN DA 39 32.36 23.04 7.48
N LEU DA 40 33.29 22.74 8.39
CA LEU DA 40 34.66 23.20 8.23
C LEU DA 40 35.29 22.62 6.98
N VAL DA 41 35.22 21.30 6.83
CA VAL DA 41 35.84 20.69 5.66
C VAL DA 41 35.11 21.12 4.39
N GLU DA 42 33.80 21.35 4.48
CA GLU DA 42 33.08 21.85 3.32
C GLU DA 42 33.68 23.15 2.84
N ASN DA 43 33.77 24.14 3.73
CA ASN DA 43 34.31 25.44 3.33
C ASN DA 43 35.76 25.32 2.88
N MET DA 44 36.54 24.50 3.60
CA MET DA 44 37.96 24.36 3.28
C MET DA 44 38.14 23.85 1.86
N TYR DA 45 37.46 22.75 1.52
CA TYR DA 45 37.62 22.23 0.18
C TYR DA 45 37.05 23.18 -0.85
N SER DA 46 35.95 23.85 -0.53
CA SER DA 46 35.41 24.82 -1.47
C SER DA 46 36.48 25.84 -1.86
N ASN DA 47 37.13 26.44 -0.86
CA ASN DA 47 38.16 27.43 -1.13
C ASN DA 47 39.32 26.81 -1.90
N TYR DA 48 39.82 25.66 -1.44
CA TYR DA 48 40.95 25.04 -2.11
C TYR DA 48 40.63 24.75 -3.56
N ASN DA 49 39.42 24.25 -3.82
CA ASN DA 49 38.96 24.04 -5.18
C ASN DA 49 39.06 25.33 -5.96
N ASP DA 50 38.19 26.29 -5.63
CA ASP DA 50 38.04 27.46 -6.47
C ASP DA 50 39.34 28.25 -6.62
N VAL DA 51 40.33 28.03 -5.76
CA VAL DA 51 41.60 28.69 -6.02
C VAL DA 51 42.54 27.77 -6.80
N PHE DA 52 42.99 26.71 -6.13
CA PHE DA 52 44.07 25.91 -6.68
C PHE DA 52 43.63 25.18 -7.93
N VAL DA 53 42.49 24.49 -7.86
CA VAL DA 53 42.03 23.76 -9.03
C VAL DA 53 41.90 24.72 -10.21
N GLU DA 54 41.01 25.70 -10.07
CA GLU DA 54 40.65 26.58 -11.16
C GLU DA 54 41.86 27.26 -11.78
N ILE DA 55 42.89 27.55 -10.99
CA ILE DA 55 44.02 28.22 -11.60
C ILE DA 55 45.09 27.22 -12.00
N TYR DA 56 45.69 26.59 -11.01
CA TYR DA 56 46.89 25.81 -11.25
C TYR DA 56 46.60 24.57 -12.07
N ASN DA 57 45.50 23.87 -11.79
CA ASN DA 57 45.30 22.61 -12.49
C ASN DA 57 44.97 22.85 -13.96
N LYS DA 58 44.16 23.88 -14.24
CA LYS DA 58 43.92 24.24 -15.63
C LYS DA 58 45.21 24.64 -16.33
N MET DA 59 46.06 25.41 -15.64
CA MET DA 59 47.34 25.76 -16.25
C MET DA 59 48.18 24.53 -16.55
N HIS DA 60 48.23 23.60 -15.59
CA HIS DA 60 49.05 22.40 -15.78
C HIS DA 60 48.53 21.56 -16.93
N ASN DA 61 47.21 21.38 -17.01
CA ASN DA 61 46.64 20.59 -18.08
C ASN DA 61 46.81 21.28 -19.43
N ALA DA 62 46.87 22.60 -19.43
CA ALA DA 62 47.14 23.30 -20.67
C ALA DA 62 48.59 23.12 -21.09
N LEU DA 63 49.52 23.18 -20.15
CA LEU DA 63 50.93 23.28 -20.49
C LEU DA 63 51.61 21.93 -20.68
N ARG DA 64 51.12 20.88 -20.02
CA ARG DA 64 51.75 19.56 -20.09
C ARG DA 64 52.19 19.16 -21.50
N PRO DA 65 51.36 19.25 -22.54
CA PRO DA 65 51.84 18.88 -23.87
C PRO DA 65 53.05 19.69 -24.31
N THR DA 66 53.04 20.99 -24.04
CA THR DA 66 54.18 21.82 -24.40
C THR DA 66 55.42 21.44 -23.60
N LEU DA 67 55.25 21.06 -22.34
CA LEU DA 67 56.40 20.57 -21.57
C LEU DA 67 57.00 19.36 -22.24
N VAL DA 68 56.16 18.39 -22.63
CA VAL DA 68 56.69 17.19 -23.27
C VAL DA 68 57.36 17.53 -24.60
N LYS DA 69 56.79 18.48 -25.34
CA LYS DA 69 57.43 18.90 -26.58
C LYS DA 69 58.80 19.49 -26.32
N LEU DA 70 58.90 20.36 -25.33
CA LEU DA 70 60.13 21.13 -25.13
C LEU DA 70 61.21 20.27 -24.49
N ALA DA 71 60.97 19.78 -23.28
CA ALA DA 71 61.96 19.01 -22.54
C ALA DA 71 61.37 17.68 -22.10
N GLY DA 72 60.74 16.98 -23.04
CA GLY DA 72 60.09 15.72 -22.76
C GLY DA 72 60.98 14.79 -21.95
N ALA DA 73 60.55 14.52 -20.73
CA ALA DA 73 61.37 13.86 -19.74
C ALA DA 73 60.54 13.69 -18.47
N GLY DA 74 61.03 12.85 -17.57
CA GLY DA 74 60.59 12.95 -16.19
C GLY DA 74 61.16 14.18 -15.51
N ALA DA 75 62.27 14.71 -16.05
CA ALA DA 75 62.97 15.84 -15.46
C ALA DA 75 62.39 17.15 -15.99
N THR DA 76 61.08 17.30 -15.82
CA THR DA 76 60.40 18.55 -16.10
C THR DA 76 59.98 19.28 -14.84
N PHE DA 77 60.27 18.70 -13.68
CA PHE DA 77 59.97 19.36 -12.40
C PHE DA 77 60.42 20.81 -12.35
N PRO DA 78 61.62 21.19 -12.82
CA PRO DA 78 61.94 22.61 -12.88
C PRO DA 78 60.93 23.42 -13.67
N LEU DA 79 60.39 22.87 -14.76
CA LEU DA 79 59.37 23.60 -15.50
C LEU DA 79 58.12 23.80 -14.65
N TRP DA 80 57.73 22.78 -13.89
CA TRP DA 80 56.54 22.91 -13.05
C TRP DA 80 56.73 23.98 -12.00
N GLN DA 81 57.86 23.94 -11.28
CA GLN DA 81 58.09 24.97 -10.28
C GLN DA 81 58.21 26.34 -10.92
N LEU DA 82 58.70 26.39 -12.15
CA LEU DA 82 58.78 27.64 -12.88
C LEU DA 82 57.40 28.22 -13.11
N VAL DA 83 56.48 27.39 -13.63
CA VAL DA 83 55.15 27.92 -13.90
C VAL DA 83 54.45 28.27 -12.60
N ASN DA 84 54.72 27.55 -11.52
CA ASN DA 84 54.14 27.91 -10.23
C ASN DA 84 54.59 29.29 -9.81
N GLU DA 85 55.91 29.52 -9.78
CA GLU DA 85 56.43 30.82 -9.40
C GLU DA 85 55.91 31.91 -10.32
N ALA DA 86 55.83 31.62 -11.63
CA ALA DA 86 55.33 32.61 -12.56
C ALA DA 86 53.90 33.02 -12.22
N ILE DA 87 53.02 32.04 -12.00
CA ILE DA 87 51.65 32.36 -11.66
C ILE DA 87 51.59 33.12 -10.34
N TYR DA 88 52.49 32.81 -9.41
CA TYR DA 88 52.45 33.45 -8.11
C TYR DA 88 53.33 34.71 -8.04
N ALA DA 89 54.63 34.56 -8.28
CA ALA DA 89 55.56 35.63 -7.96
C ALA DA 89 55.41 36.83 -8.89
N VAL DA 90 55.11 36.59 -10.16
CA VAL DA 90 55.09 37.68 -11.13
C VAL DA 90 53.66 38.15 -11.33
N TYR DA 91 52.81 37.26 -11.83
CA TYR DA 91 51.40 37.59 -11.94
C TYR DA 91 50.76 37.59 -10.56
N LEU DA 92 49.75 38.43 -10.40
CA LEU DA 92 48.90 38.50 -9.21
C LEU DA 92 49.65 39.08 -8.02
N THR DA 93 50.96 39.24 -8.14
CA THR DA 93 51.75 39.84 -7.06
C THR DA 93 52.73 40.90 -7.50
N HIS DA 94 53.25 40.83 -8.73
CA HIS DA 94 54.17 41.84 -9.25
C HIS DA 94 55.37 42.01 -8.33
N LYS DA 95 55.81 40.89 -7.74
CA LYS DA 95 56.90 40.95 -6.78
C LYS DA 95 58.26 40.85 -7.46
N GLU DA 96 58.36 40.15 -8.58
CA GLU DA 96 59.61 39.98 -9.30
C GLU DA 96 59.37 40.10 -10.79
N THR DA 97 60.39 40.62 -11.48
CA THR DA 97 60.32 40.82 -12.92
C THR DA 97 60.90 39.62 -13.65
N ALA DA 98 60.62 39.55 -14.95
CA ALA DA 98 61.08 38.41 -15.76
C ALA DA 98 62.57 38.18 -15.64
N SER DA 99 63.34 39.26 -15.47
CA SER DA 99 64.79 39.13 -15.28
C SER DA 99 65.11 38.18 -14.15
N PHE DA 100 64.37 38.28 -13.04
CA PHE DA 100 64.64 37.42 -11.89
C PHE DA 100 64.46 35.95 -12.25
N LEU DA 101 63.31 35.60 -12.83
CA LEU DA 101 63.04 34.20 -13.15
C LEU DA 101 64.04 33.67 -14.16
N VAL DA 102 64.29 34.45 -15.23
CA VAL DA 102 65.20 33.94 -16.26
C VAL DA 102 66.58 33.75 -15.68
N THR DA 103 67.05 34.69 -14.87
CA THR DA 103 68.34 34.53 -14.20
C THR DA 103 68.36 33.28 -13.34
N LYS DA 104 67.31 33.10 -12.53
CA LYS DA 104 67.29 31.98 -11.60
C LYS DA 104 67.30 30.65 -12.32
N TYR DA 105 66.54 30.54 -13.40
CA TYR DA 105 66.39 29.24 -14.05
C TYR DA 105 67.52 28.96 -15.02
N VAL DA 106 68.15 29.99 -15.60
CA VAL DA 106 69.38 29.71 -16.33
C VAL DA 106 70.48 29.34 -15.35
N ALA DA 107 70.45 29.92 -14.14
CA ALA DA 107 71.35 29.46 -13.09
C ALA DA 107 71.07 28.00 -12.75
N ARG DA 108 69.81 27.58 -12.83
CA ARG DA 108 69.46 26.18 -12.65
C ARG DA 108 69.66 25.35 -13.90
N GLY DA 109 70.12 25.95 -14.99
CA GLY DA 109 70.44 25.23 -16.20
C GLY DA 109 69.35 25.16 -17.24
N VAL DA 110 68.39 26.06 -17.22
CA VAL DA 110 67.28 26.06 -18.16
C VAL DA 110 67.60 27.03 -19.29
N PRO DA 111 67.45 26.62 -20.55
CA PRO DA 111 67.63 27.56 -21.66
C PRO DA 111 66.66 28.73 -21.55
N ALA DA 112 67.19 29.93 -21.81
CA ALA DA 112 66.41 31.15 -21.54
C ALA DA 112 65.18 31.25 -22.41
N MET DA 113 65.34 31.07 -23.72
CA MET DA 113 64.18 31.21 -24.62
C MET DA 113 63.06 30.24 -24.27
N THR DA 114 63.39 29.07 -23.71
CA THR DA 114 62.36 28.18 -23.20
C THR DA 114 61.56 28.84 -22.10
N VAL DA 115 62.26 29.43 -21.13
CA VAL DA 115 61.60 30.20 -20.08
C VAL DA 115 60.70 31.25 -20.68
N LYS DA 116 61.19 31.98 -21.69
CA LYS DA 116 60.40 33.05 -22.28
C LYS DA 116 59.14 32.50 -22.94
N THR DA 117 59.26 31.37 -23.65
CA THR DA 117 58.08 30.76 -24.26
C THR DA 117 57.07 30.38 -23.20
N LEU DA 118 57.51 29.69 -22.15
CA LEU DA 118 56.58 29.27 -21.11
C LEU DA 118 55.91 30.47 -20.45
N LEU DA 119 56.66 31.53 -20.21
CA LEU DA 119 56.10 32.73 -19.60
C LEU DA 119 55.07 33.36 -20.52
N ALA DA 120 55.37 33.43 -21.81
CA ALA DA 120 54.41 33.95 -22.77
C ALA DA 120 53.12 33.14 -22.74
N GLU DA 121 53.23 31.81 -22.70
CA GLU DA 121 52.03 30.99 -22.75
C GLU DA 121 51.21 31.13 -21.47
N VAL DA 122 51.88 31.13 -20.32
CA VAL DA 122 51.13 31.25 -19.07
C VAL DA 122 50.44 32.61 -19.01
N GLY DA 123 51.07 33.64 -19.59
CA GLY DA 123 50.36 34.89 -19.74
C GLY DA 123 49.13 34.75 -20.62
N ASN DA 124 49.31 34.13 -21.78
CA ASN DA 124 48.23 34.01 -22.75
C ASN DA 124 47.05 33.21 -22.21
N GLN DA 125 47.29 32.36 -21.22
CA GLN DA 125 46.18 31.59 -20.66
C GLN DA 125 45.62 32.21 -19.38
N LEU DA 126 46.49 32.73 -18.53
CA LEU DA 126 46.04 33.40 -17.33
C LEU DA 126 45.17 34.60 -17.66
N LYS DA 127 45.45 35.27 -18.78
CA LYS DA 127 44.56 36.33 -19.22
C LYS DA 127 43.17 35.80 -19.56
N GLU DA 128 43.09 34.52 -19.94
CA GLU DA 128 41.78 33.93 -20.16
C GLU DA 128 41.12 33.55 -18.85
N LEU DA 129 41.91 33.08 -17.88
CA LEU DA 129 41.32 32.64 -16.62
C LEU DA 129 40.93 33.81 -15.73
N VAL DA 130 41.82 34.79 -15.57
CA VAL DA 130 41.62 35.88 -14.63
C VAL DA 130 41.44 37.17 -15.42
N PRO DA 131 40.38 37.94 -15.17
CA PRO DA 131 40.21 39.20 -15.89
C PRO DA 131 41.27 40.24 -15.57
N ALA DA 132 41.59 40.41 -14.28
CA ALA DA 132 42.49 41.50 -13.87
C ALA DA 132 43.82 41.44 -14.60
N VAL DA 133 44.38 40.24 -14.75
CA VAL DA 133 45.64 40.13 -15.47
C VAL DA 133 45.45 40.41 -16.95
N ALA DA 134 44.33 39.95 -17.52
CA ALA DA 134 44.03 40.25 -18.91
C ALA DA 134 44.02 41.76 -19.15
N GLU DA 135 43.53 42.52 -18.17
CA GLU DA 135 43.48 43.96 -18.32
C GLU DA 135 44.85 44.60 -18.06
N GLN DA 136 45.59 44.07 -17.09
CA GLN DA 136 46.92 44.60 -16.81
C GLN DA 136 47.83 44.43 -18.01
N ILE DA 137 47.71 43.31 -18.72
CA ILE DA 137 48.53 43.10 -19.90
C ILE DA 137 47.88 43.71 -21.12
N GLY DA 138 46.57 43.86 -21.11
CA GLY DA 138 45.87 44.36 -22.27
C GLY DA 138 45.81 43.33 -23.38
N SER DA 139 45.66 43.83 -24.61
CA SER DA 139 45.54 42.98 -25.79
C SER DA 139 46.86 42.92 -26.53
N VAL DA 140 47.79 42.14 -25.98
CA VAL DA 140 49.10 41.90 -26.60
C VAL DA 140 49.40 40.40 -26.50
N THR DA 141 49.60 39.76 -27.64
CA THR DA 141 50.01 38.36 -27.65
C THR DA 141 51.48 38.26 -27.27
N LEU DA 142 51.78 37.45 -26.27
CA LEU DA 142 53.14 37.33 -25.79
C LEU DA 142 53.92 36.31 -26.61
N ASP DA 143 55.21 36.57 -26.76
CA ASP DA 143 56.11 35.66 -27.44
C ASP DA 143 57.49 35.80 -26.81
N HIS DA 144 58.31 34.76 -26.99
CA HIS DA 144 59.66 34.76 -26.43
C HIS DA 144 60.51 35.91 -26.95
N THR DA 145 60.00 36.69 -27.89
CA THR DA 145 60.67 37.88 -28.37
C THR DA 145 60.25 39.14 -27.63
N ASN DA 146 59.00 39.20 -27.16
CA ASN DA 146 58.47 40.41 -26.56
C ASN DA 146 57.92 40.20 -25.15
N VAL DA 147 57.88 38.97 -24.65
CA VAL DA 147 57.23 38.71 -23.36
C VAL DA 147 57.96 39.43 -22.24
N VAL DA 148 59.30 39.37 -22.23
CA VAL DA 148 60.07 39.89 -21.11
C VAL DA 148 59.88 41.40 -20.99
N SER DA 149 59.96 42.11 -22.11
CA SER DA 149 59.81 43.56 -22.07
C SER DA 149 58.45 43.96 -21.54
N THR DA 150 57.39 43.35 -22.06
CA THR DA 150 56.04 43.71 -21.65
C THR DA 150 55.81 43.40 -20.18
N VAL DA 151 56.19 42.20 -19.74
CA VAL DA 151 55.94 41.83 -18.35
C VAL DA 151 56.77 42.70 -17.41
N ASP DA 152 57.97 43.09 -17.84
CA ASP DA 152 58.77 43.97 -17.00
C ASP DA 152 58.15 45.36 -16.90
N ASN DA 153 57.63 45.87 -18.02
CA ASN DA 153 56.89 47.13 -17.95
C ASN DA 153 55.74 47.04 -16.97
N ILE DA 154 54.96 45.96 -17.05
CA ILE DA 154 53.79 45.81 -16.19
C ILE DA 154 54.21 45.74 -14.72
N VAL DA 155 55.21 44.91 -14.43
CA VAL DA 155 55.62 44.70 -13.04
C VAL DA 155 56.22 45.97 -12.46
N THR DA 156 57.13 46.61 -13.20
CA THR DA 156 57.74 47.84 -12.69
C THR DA 156 56.70 48.94 -12.53
N SER DA 157 55.72 48.99 -13.43
CA SER DA 157 54.63 49.95 -13.26
C SER DA 157 53.93 49.73 -11.92
N MET DA 158 53.81 48.50 -11.51
CA MET DA 158 53.12 48.22 -10.27
C MET DA 158 54.08 48.01 -9.12
N PRO DA 159 53.62 48.13 -7.89
CA PRO DA 159 54.45 47.77 -6.73
C PRO DA 159 54.32 46.29 -6.42
N ALA DA 160 54.98 45.88 -5.35
CA ALA DA 160 54.76 44.55 -4.82
C ALA DA 160 53.35 44.43 -4.27
N LEU DA 161 52.56 43.56 -4.86
CA LEU DA 161 51.21 43.55 -4.34
C LEU DA 161 51.08 42.58 -3.18
N PRO DA 162 50.12 42.82 -2.28
CA PRO DA 162 49.90 41.87 -1.19
C PRO DA 162 49.37 40.55 -1.73
N ASN DA 163 49.90 39.46 -1.18
CA ASN DA 163 49.44 38.13 -1.57
C ASN DA 163 47.97 37.89 -1.23
N SER DA 164 47.34 38.80 -0.49
CA SER DA 164 45.90 38.72 -0.28
C SER DA 164 45.16 38.79 -1.61
N TYR DA 165 45.73 39.48 -2.59
CA TYR DA 165 45.16 39.45 -3.94
C TYR DA 165 45.24 38.06 -4.53
N ALA DA 166 46.44 37.47 -4.52
CA ALA DA 166 46.64 36.18 -5.15
C ALA DA 166 45.86 35.07 -4.46
N GLY DA 167 45.54 35.25 -3.19
CA GLY DA 167 44.92 34.16 -2.46
C GLY DA 167 43.48 33.88 -2.84
N VAL DA 168 42.56 34.75 -2.43
CA VAL DA 168 41.13 34.48 -2.59
C VAL DA 168 40.45 35.64 -3.30
N LEU DA 169 40.71 36.85 -2.83
CA LEU DA 169 39.89 38.02 -3.16
C LEU DA 169 39.71 38.19 -4.66
N MET DA 170 40.70 37.77 -5.45
CA MET DA 170 40.70 38.04 -6.88
C MET DA 170 39.40 37.56 -7.54
N LYS DA 171 39.07 36.29 -7.37
CA LYS DA 171 37.82 35.75 -7.87
C LYS DA 171 36.63 36.15 -7.01
N THR DA 172 36.87 36.52 -5.75
CA THR DA 172 35.78 36.83 -4.85
C THR DA 172 35.05 38.10 -5.27
N LYS DA 173 35.80 39.15 -5.61
CA LYS DA 173 35.15 40.43 -5.84
C LYS DA 173 34.46 40.49 -7.19
N VAL DA 174 35.01 39.84 -8.20
CA VAL DA 174 34.49 39.92 -9.57
C VAL DA 174 33.85 38.59 -9.93
N PRO DA 175 32.60 38.57 -10.37
CA PRO DA 175 32.02 37.34 -10.92
C PRO DA 175 32.38 37.18 -12.39
N THR DA 176 32.42 35.92 -12.82
CA THR DA 176 32.80 35.60 -14.19
C THR DA 176 31.67 34.87 -14.88
N VAL DA 177 31.74 34.82 -16.21
CA VAL DA 177 30.77 34.06 -16.97
C VAL DA 177 30.94 32.59 -16.65
N THR DA 178 29.83 31.93 -16.38
CA THR DA 178 29.87 30.51 -16.10
C THR DA 178 30.01 29.74 -17.39
N PRO DA 179 30.46 28.50 -17.32
CA PRO DA 179 30.39 27.62 -18.49
C PRO DA 179 28.97 27.15 -18.72
N HIS DA 180 28.03 27.79 -18.05
CA HIS DA 180 26.60 27.51 -18.15
C HIS DA 180 25.87 28.73 -18.66
N TYR DA 181 26.43 29.37 -19.68
CA TYR DA 181 25.94 30.65 -20.14
C TYR DA 181 25.98 30.68 -21.66
N ALA DA 182 25.46 31.76 -22.24
CA ALA DA 182 25.66 32.01 -23.65
C ALA DA 182 26.98 32.74 -23.86
N GLY DA 183 27.27 33.09 -25.11
CA GLY DA 183 28.56 33.69 -25.41
C GLY DA 183 29.66 32.65 -25.23
N THR DA 184 30.72 33.03 -24.54
CA THR DA 184 31.87 32.17 -24.34
C THR DA 184 31.78 31.34 -23.06
N GLY DA 185 30.59 31.00 -22.62
CA GLY DA 185 30.40 30.09 -21.51
C GLY DA 185 29.52 28.91 -21.85
N THR DA 186 29.81 28.25 -22.98
CA THR DA 186 28.90 27.27 -23.55
C THR DA 186 29.67 26.04 -24.03
N PHE DA 187 30.72 25.63 -23.33
CA PHE DA 187 31.59 24.62 -23.90
C PHE DA 187 32.04 23.48 -22.99
N SER DA 188 32.14 23.65 -21.67
CA SER DA 188 32.92 22.69 -20.89
C SER DA 188 32.11 21.78 -19.98
N SER DA 189 30.84 22.11 -19.70
CA SER DA 189 30.10 21.41 -18.66
C SER DA 189 30.07 19.90 -18.85
N MET DA 190 30.51 19.42 -20.03
CA MET DA 190 30.68 17.99 -20.24
C MET DA 190 31.29 17.34 -19.01
N GLU DA 191 32.39 17.90 -18.50
CA GLU DA 191 32.97 17.34 -17.28
C GLU DA 191 31.92 17.27 -16.18
N SER DA 192 31.39 18.44 -15.77
CA SER DA 192 30.36 18.46 -14.74
C SER DA 192 29.21 17.53 -15.11
N ALA DA 193 28.92 17.41 -16.41
CA ALA DA 193 27.80 16.58 -16.82
C ALA DA 193 27.94 15.17 -16.25
N TYR DA 194 29.13 14.58 -16.40
CA TYR DA 194 29.34 13.24 -15.89
C TYR DA 194 28.92 13.15 -14.43
N LYS DA 195 29.32 14.14 -13.62
CA LYS DA 195 28.97 14.16 -12.22
C LYS DA 195 27.49 13.84 -12.02
N ALA DA 196 26.62 14.61 -12.70
CA ALA DA 196 25.20 14.38 -12.57
C ALA DA 196 24.87 12.93 -12.85
N LEU DA 197 25.25 12.45 -14.03
CA LEU DA 197 24.97 11.07 -14.40
C LEU DA 197 25.38 10.12 -13.28
N GLU DA 198 26.58 10.33 -12.73
CA GLU DA 198 27.07 9.47 -11.67
C GLU DA 198 26.04 9.31 -10.57
N ASP DA 199 25.60 10.43 -9.98
CA ASP DA 199 24.70 10.30 -8.85
C ASP DA 199 23.37 9.67 -9.26
N ILE DA 200 22.92 9.92 -10.48
CA ILE DA 200 21.68 9.29 -10.93
C ILE DA 200 21.83 7.78 -10.92
N GLU DA 201 23.00 7.28 -11.32
CA GLU DA 201 23.20 5.84 -11.32
C GLU DA 201 23.30 5.28 -9.91
N ARG DA 202 23.85 6.06 -8.98
CA ARG DA 202 23.95 5.63 -7.60
C ARG DA 202 22.63 5.73 -6.85
N GLY DA 203 21.51 5.89 -7.55
CA GLY DA 203 20.27 6.15 -6.88
C GLY DA 203 20.23 7.50 -6.19
N LEU DA 204 21.23 8.34 -6.43
CA LEU DA 204 21.27 9.68 -5.86
C LEU DA 204 20.78 10.68 -6.89
N GLY EA 3 -4.95 -42.25 -21.00
CA GLY EA 3 -4.37 -41.86 -22.27
C GLY EA 3 -5.37 -41.86 -23.40
N ARG EA 4 -4.91 -41.50 -24.60
CA ARG EA 4 -5.77 -41.38 -25.78
C ARG EA 4 -6.96 -40.49 -25.49
N GLN EA 5 -6.66 -39.27 -25.07
CA GLN EA 5 -7.70 -38.35 -24.63
C GLN EA 5 -8.65 -38.01 -25.79
N SER EA 6 -8.11 -37.52 -26.89
CA SER EA 6 -8.95 -37.13 -28.02
C SER EA 6 -8.12 -37.23 -29.30
N HIS EA 7 -8.75 -36.89 -30.42
CA HIS EA 7 -8.12 -36.93 -31.74
C HIS EA 7 -8.44 -35.61 -32.43
N LYS EA 8 -7.57 -34.62 -32.25
CA LYS EA 8 -7.81 -33.31 -32.81
C LYS EA 8 -7.69 -33.34 -34.33
N LYS EA 9 -8.44 -32.46 -34.98
CA LYS EA 9 -8.42 -32.31 -36.42
C LYS EA 9 -8.17 -30.85 -36.76
N ILE EA 10 -7.11 -30.59 -37.52
CA ILE EA 10 -6.63 -29.25 -37.79
C ILE EA 10 -6.80 -28.96 -39.27
N ASP EA 11 -7.53 -27.89 -39.58
CA ASP EA 11 -7.81 -27.50 -40.95
C ASP EA 11 -8.51 -26.15 -40.92
N VAL EA 12 -8.80 -25.63 -42.11
CA VAL EA 12 -9.53 -24.38 -42.26
C VAL EA 12 -11.02 -24.70 -42.22
N ARG EA 13 -11.68 -24.31 -41.14
CA ARG EA 13 -13.00 -24.82 -40.80
C ARG EA 13 -14.09 -23.75 -40.84
N ASN EA 14 -13.95 -22.76 -41.73
CA ASN EA 14 -14.97 -21.74 -41.94
C ASN EA 14 -15.22 -20.90 -40.69
N ASP EA 15 -14.37 -21.06 -39.68
CA ASP EA 15 -14.42 -20.19 -38.53
C ASP EA 15 -13.04 -19.76 -38.07
N THR EA 16 -11.98 -20.25 -38.70
CA THR EA 16 -10.64 -19.77 -38.37
C THR EA 16 -10.54 -18.28 -38.63
N SER EA 17 -11.31 -17.79 -39.60
CA SER EA 17 -11.44 -16.35 -39.79
C SER EA 17 -11.90 -15.68 -38.51
N THR EA 18 -13.03 -16.12 -37.97
CA THR EA 18 -13.58 -15.46 -36.81
C THR EA 18 -12.73 -15.70 -35.57
N ARG EA 19 -12.17 -16.89 -35.42
CA ARG EA 19 -11.29 -17.15 -34.29
C ARG EA 19 -10.11 -16.19 -34.31
N TYR EA 20 -9.44 -16.09 -35.47
CA TYR EA 20 -8.33 -15.17 -35.64
C TYR EA 20 -8.75 -13.73 -35.30
N LYS EA 21 -9.80 -13.25 -35.98
CA LYS EA 21 -10.25 -11.88 -35.79
C LYS EA 21 -10.54 -11.60 -34.33
N GLY EA 22 -11.36 -12.44 -33.70
CA GLY EA 22 -11.78 -12.18 -32.34
C GLY EA 22 -10.64 -12.20 -31.35
N LYS EA 23 -9.79 -13.23 -31.43
CA LYS EA 23 -8.71 -13.33 -30.47
C LYS EA 23 -7.75 -12.16 -30.62
N LEU EA 24 -7.38 -11.81 -31.85
CA LEU EA 24 -6.48 -10.68 -32.01
C LEU EA 24 -7.14 -9.37 -31.62
N TYR EA 25 -8.45 -9.25 -31.81
CA TYR EA 25 -9.15 -8.06 -31.35
C TYR EA 25 -9.07 -7.94 -29.83
N GLY EA 26 -9.37 -9.03 -29.14
CA GLY EA 26 -9.22 -9.04 -27.70
C GLY EA 26 -7.82 -8.66 -27.27
N ILE EA 27 -6.81 -9.13 -27.97
CA ILE EA 27 -5.46 -8.76 -27.59
C ILE EA 27 -5.21 -7.28 -27.82
N PHE EA 28 -5.60 -6.77 -28.99
CA PHE EA 28 -5.16 -5.45 -29.41
C PHE EA 28 -5.96 -4.31 -28.80
N VAL EA 29 -7.16 -4.56 -28.29
CA VAL EA 29 -7.93 -3.46 -27.71
C VAL EA 29 -7.11 -2.77 -26.61
N ASN EA 30 -6.24 -3.52 -25.94
CA ASN EA 30 -5.36 -2.93 -24.94
C ASN EA 30 -4.20 -2.17 -25.55
N TYR EA 31 -4.10 -2.13 -26.86
CA TYR EA 31 -3.14 -1.28 -27.55
C TYR EA 31 -3.78 -0.10 -28.26
N MET EA 32 -4.98 -0.28 -28.81
CA MET EA 32 -5.56 0.70 -29.71
C MET EA 32 -6.76 1.41 -29.15
N GLY EA 33 -7.58 0.73 -28.35
CA GLY EA 33 -8.95 1.14 -28.19
C GLY EA 33 -9.82 0.46 -29.22
N GLU EA 34 -11.13 0.61 -29.06
CA GLU EA 34 -12.06 -0.24 -29.79
C GLU EA 34 -11.90 -0.10 -31.31
N LYS EA 35 -12.16 1.09 -31.84
CA LYS EA 35 -12.30 1.23 -33.28
C LYS EA 35 -11.00 0.93 -34.02
N TYR EA 36 -9.88 1.41 -33.49
CA TYR EA 36 -8.61 1.16 -34.15
C TYR EA 36 -8.30 -0.33 -34.16
N ALA EA 37 -8.52 -1.03 -33.05
CA ALA EA 37 -8.30 -2.46 -33.02
C ALA EA 37 -9.22 -3.17 -34.00
N GLN EA 38 -10.45 -2.70 -34.12
CA GLN EA 38 -11.39 -3.29 -35.07
C GLN EA 38 -10.85 -3.22 -36.48
N GLN EA 39 -10.51 -2.01 -36.93
CA GLN EA 39 -9.98 -1.84 -38.27
C GLN EA 39 -8.70 -2.65 -38.46
N LEU EA 40 -7.87 -2.70 -37.42
CA LEU EA 40 -6.60 -3.40 -37.54
C LEU EA 40 -6.81 -4.89 -37.79
N VAL EA 41 -7.65 -5.52 -36.96
CA VAL EA 41 -7.87 -6.96 -37.15
C VAL EA 41 -8.57 -7.22 -38.47
N GLU EA 42 -9.46 -6.32 -38.88
CA GLU EA 42 -10.08 -6.47 -40.20
C GLU EA 42 -9.03 -6.56 -41.29
N ASN EA 43 -8.15 -5.56 -41.35
CA ASN EA 43 -7.15 -5.54 -42.40
C ASN EA 43 -6.19 -6.71 -42.30
N MET EA 44 -5.78 -7.04 -41.08
CA MET EA 44 -4.83 -8.14 -40.89
C MET EA 44 -5.41 -9.44 -41.42
N TYR EA 45 -6.63 -9.77 -41.02
CA TYR EA 45 -7.21 -11.00 -41.55
C TYR EA 45 -7.44 -10.91 -43.04
N SER EA 46 -7.80 -9.73 -43.56
CA SER EA 46 -7.97 -9.61 -44.99
C SER EA 46 -6.70 -10.04 -45.72
N ASN EA 47 -5.57 -9.49 -45.29
CA ASN EA 47 -4.30 -9.83 -45.93
C ASN EA 47 -3.97 -11.30 -45.76
N TYR EA 48 -4.08 -11.81 -44.53
CA TYR EA 48 -3.76 -13.21 -44.30
C TYR EA 48 -4.61 -14.11 -45.18
N ASN EA 49 -5.90 -13.79 -45.31
CA ASN EA 49 -6.77 -14.51 -46.22
C ASN EA 49 -6.17 -14.48 -47.62
N ASP EA 50 -6.21 -13.30 -48.24
CA ASP EA 50 -5.91 -13.21 -49.66
C ASP EA 50 -4.54 -13.76 -50.01
N VAL EA 51 -3.63 -13.87 -49.06
CA VAL EA 51 -2.37 -14.51 -49.41
C VAL EA 51 -2.40 -15.98 -49.04
N PHE EA 52 -2.43 -16.26 -47.74
CA PHE EA 52 -2.20 -17.62 -47.27
C PHE EA 52 -3.32 -18.54 -47.70
N VAL EA 53 -4.57 -18.14 -47.45
CA VAL EA 53 -5.68 -19.00 -47.85
C VAL EA 53 -5.61 -19.27 -49.34
N GLU EA 54 -5.74 -18.22 -50.13
CA GLU EA 54 -5.85 -18.32 -51.57
C GLU EA 54 -4.74 -19.16 -52.18
N ILE EA 55 -3.55 -19.13 -51.60
CA ILE EA 55 -2.48 -19.90 -52.21
C ILE EA 55 -2.34 -21.26 -51.54
N TYR EA 56 -1.94 -21.25 -50.28
CA TYR EA 56 -1.52 -22.48 -49.63
C TYR EA 56 -2.70 -23.39 -49.37
N ASN EA 57 -3.85 -22.85 -48.96
CA ASN EA 57 -4.95 -23.75 -48.64
C ASN EA 57 -5.50 -24.39 -49.89
N LYS EA 58 -5.60 -23.63 -50.98
CA LYS EA 58 -6.00 -24.22 -52.24
C LYS EA 58 -5.04 -25.32 -52.65
N MET EA 59 -3.73 -25.05 -52.53
CA MET EA 59 -2.76 -26.09 -52.88
C MET EA 59 -2.93 -27.32 -52.02
N HIS EA 60 -3.11 -27.13 -50.71
CA HIS EA 60 -3.21 -28.28 -49.80
C HIS EA 60 -4.47 -29.09 -50.10
N ASN EA 61 -5.59 -28.42 -50.34
CA ASN EA 61 -6.81 -29.15 -50.65
C ASN EA 61 -6.68 -29.87 -51.99
N ALA EA 62 -5.92 -29.31 -52.93
CA ALA EA 62 -5.70 -29.99 -54.18
C ALA EA 62 -4.84 -31.23 -54.00
N LEU EA 63 -3.77 -31.12 -53.21
CA LEU EA 63 -2.75 -32.17 -53.18
C LEU EA 63 -3.02 -33.27 -52.18
N ARG EA 64 -3.77 -33.00 -51.12
CA ARG EA 64 -4.03 -34.00 -50.07
C ARG EA 64 -4.32 -35.39 -50.63
N PRO EA 65 -5.24 -35.58 -51.57
CA PRO EA 65 -5.45 -36.94 -52.10
C PRO EA 65 -4.19 -37.55 -52.66
N THR EA 66 -3.42 -36.77 -53.41
CA THR EA 66 -2.19 -37.29 -53.98
C THR EA 66 -1.18 -37.66 -52.91
N LEU EA 67 -1.05 -36.84 -51.87
CA LEU EA 67 -0.18 -37.21 -50.76
C LEU EA 67 -0.57 -38.56 -50.19
N VAL EA 68 -1.87 -38.78 -49.99
CA VAL EA 68 -2.32 -40.06 -49.45
C VAL EA 68 -1.99 -41.19 -50.43
N LYS EA 69 -2.21 -40.96 -51.72
CA LYS EA 69 -1.88 -42.00 -52.70
C LYS EA 69 -0.41 -42.38 -52.63
N LEU EA 70 0.46 -41.39 -52.48
CA LEU EA 70 1.89 -41.68 -52.47
C LEU EA 70 2.31 -42.37 -51.18
N ALA EA 71 2.16 -41.69 -50.05
CA ALA EA 71 2.65 -42.20 -48.78
C ALA EA 71 1.61 -42.03 -47.69
N GLY EA 72 0.38 -42.44 -48.00
CA GLY EA 72 -0.74 -42.29 -47.09
C GLY EA 72 -0.42 -42.65 -45.66
N ALA EA 73 -0.51 -41.66 -44.78
CA ALA EA 73 0.03 -41.78 -43.43
C ALA EA 73 -0.28 -40.50 -42.68
N GLY EA 74 -0.10 -40.56 -41.37
CA GLY EA 74 0.15 -39.35 -40.62
C GLY EA 74 1.54 -38.81 -40.91
N ALA EA 75 2.45 -39.70 -41.31
CA ALA EA 75 3.84 -39.34 -41.60
C ALA EA 75 3.94 -38.83 -43.04
N THR EA 76 3.08 -37.87 -43.36
CA THR EA 76 3.13 -37.15 -44.62
C THR EA 76 3.57 -35.72 -44.44
N PHE EA 77 3.85 -35.30 -43.21
CA PHE EA 77 4.40 -33.96 -42.96
C PHE EA 77 5.54 -33.57 -43.90
N PRO EA 78 6.55 -34.41 -44.15
CA PRO EA 78 7.61 -33.99 -45.07
C PRO EA 78 7.07 -33.54 -46.41
N LEU EA 79 6.04 -34.19 -46.94
CA LEU EA 79 5.42 -33.71 -48.17
C LEU EA 79 4.85 -32.32 -47.98
N TRP EA 80 4.24 -32.06 -46.82
CA TRP EA 80 3.66 -30.75 -46.57
C TRP EA 80 4.74 -29.67 -46.58
N GLN EA 81 5.80 -29.85 -45.80
CA GLN EA 81 6.86 -28.86 -45.79
C GLN EA 81 7.51 -28.76 -47.17
N LEU EA 82 7.53 -29.85 -47.92
CA LEU EA 82 8.07 -29.82 -49.28
C LEU EA 82 7.26 -28.88 -50.15
N VAL EA 83 5.94 -29.03 -50.14
CA VAL EA 83 5.13 -28.17 -51.00
C VAL EA 83 5.20 -26.73 -50.51
N ASN EA 84 5.33 -26.52 -49.20
CA ASN EA 84 5.48 -25.16 -48.70
C ASN EA 84 6.74 -24.51 -49.26
N GLU EA 85 7.89 -25.18 -49.10
CA GLU EA 85 9.13 -24.62 -49.61
C GLU EA 85 9.08 -24.47 -51.12
N ALA EA 86 8.42 -25.40 -51.81
CA ALA EA 86 8.28 -25.29 -53.26
C ALA EA 86 7.56 -24.00 -53.63
N ILE EA 87 6.43 -23.73 -52.98
CA ILE EA 87 5.68 -22.51 -53.29
C ILE EA 87 6.50 -21.29 -52.92
N TYR EA 88 7.28 -21.37 -51.85
CA TYR EA 88 8.01 -20.19 -51.41
C TYR EA 88 9.41 -20.11 -52.01
N ALA EA 89 10.25 -21.12 -51.76
CA ALA EA 89 11.67 -21.00 -52.05
C ALA EA 89 11.94 -20.93 -53.56
N VAL EA 90 11.23 -21.73 -54.35
CA VAL EA 90 11.54 -21.82 -55.76
C VAL EA 90 10.62 -20.95 -56.57
N TYR EA 91 9.33 -21.26 -56.54
CA TYR EA 91 8.36 -20.38 -57.17
C TYR EA 91 8.27 -19.08 -56.38
N LEU EA 92 7.99 -18.00 -57.08
CA LEU EA 92 7.71 -16.68 -56.51
C LEU EA 92 8.97 -16.05 -55.94
N THR EA 93 10.05 -16.80 -55.85
CA THR EA 93 11.32 -16.24 -55.38
C THR EA 93 12.53 -16.62 -56.22
N HIS EA 94 12.54 -17.78 -56.88
CA HIS EA 94 13.70 -18.27 -57.61
C HIS EA 94 14.94 -18.24 -56.72
N LYS EA 95 14.75 -18.58 -55.44
CA LYS EA 95 15.87 -18.54 -54.51
C LYS EA 95 16.70 -19.81 -54.56
N GLU EA 96 16.09 -20.94 -54.92
CA GLU EA 96 16.80 -22.21 -55.03
C GLU EA 96 16.30 -22.98 -56.24
N THR EA 97 17.16 -23.83 -56.78
CA THR EA 97 16.81 -24.68 -57.90
C THR EA 97 16.38 -26.06 -57.41
N ALA EA 98 15.81 -26.84 -58.34
CA ALA EA 98 15.27 -28.15 -58.00
C ALA EA 98 16.29 -29.05 -57.33
N SER EA 99 17.57 -28.88 -57.69
CA SER EA 99 18.62 -29.69 -57.09
C SER EA 99 18.60 -29.60 -55.58
N PHE EA 100 18.41 -28.39 -55.05
CA PHE EA 100 18.43 -28.21 -53.60
C PHE EA 100 17.31 -28.98 -52.93
N LEU EA 101 16.09 -28.85 -53.43
CA LEU EA 101 14.96 -29.54 -52.82
C LEU EA 101 15.13 -31.06 -52.92
N VAL EA 102 15.49 -31.55 -54.11
CA VAL EA 102 15.59 -32.99 -54.26
C VAL EA 102 16.68 -33.55 -53.35
N THR EA 103 17.83 -32.86 -53.28
CA THR EA 103 18.89 -33.28 -52.39
C THR EA 103 18.45 -33.25 -50.94
N LYS EA 104 17.79 -32.16 -50.53
CA LYS EA 104 17.39 -32.02 -49.15
C LYS EA 104 16.41 -33.09 -48.73
N TYR EA 105 15.45 -33.41 -49.60
CA TYR EA 105 14.40 -34.32 -49.19
C TYR EA 105 14.81 -35.77 -49.37
N VAL EA 106 15.72 -36.09 -50.30
CA VAL EA 106 16.26 -37.45 -50.28
C VAL EA 106 17.15 -37.61 -49.05
N ALA EA 107 17.85 -36.54 -48.65
CA ALA EA 107 18.57 -36.59 -47.39
C ALA EA 107 17.63 -36.82 -46.22
N ARG EA 108 16.42 -36.28 -46.29
CA ARG EA 108 15.41 -36.53 -45.27
C ARG EA 108 14.70 -37.86 -45.47
N GLY EA 109 15.02 -38.59 -46.52
CA GLY EA 109 14.45 -39.91 -46.73
C GLY EA 109 13.27 -39.97 -47.66
N VAL EA 110 13.13 -39.04 -48.57
CA VAL EA 110 12.01 -38.99 -49.51
C VAL EA 110 12.49 -39.54 -50.85
N PRO EA 111 11.74 -40.44 -51.49
CA PRO EA 111 12.13 -40.89 -52.83
C PRO EA 111 12.12 -39.75 -53.83
N ALA EA 112 13.09 -39.79 -54.75
CA ALA EA 112 13.29 -38.66 -55.66
C ALA EA 112 12.10 -38.46 -56.58
N MET EA 113 11.71 -39.51 -57.30
CA MET EA 113 10.62 -39.37 -58.27
C MET EA 113 9.34 -38.86 -57.62
N THR EA 114 9.12 -39.18 -56.34
CA THR EA 114 8.00 -38.59 -55.63
C THR EA 114 8.15 -37.08 -55.58
N VAL EA 115 9.33 -36.59 -55.21
CA VAL EA 115 9.56 -35.16 -55.14
C VAL EA 115 9.36 -34.52 -56.49
N LYS EA 116 9.84 -35.17 -57.54
CA LYS EA 116 9.65 -34.63 -58.89
C LYS EA 116 8.18 -34.56 -59.25
N THR EA 117 7.43 -35.60 -58.88
CA THR EA 117 5.98 -35.60 -59.10
C THR EA 117 5.33 -34.42 -58.40
N LEU EA 118 5.70 -34.19 -57.16
CA LEU EA 118 5.11 -33.09 -56.39
C LEU EA 118 5.46 -31.75 -57.00
N LEU EA 119 6.69 -31.59 -57.48
CA LEU EA 119 7.05 -30.37 -58.19
C LEU EA 119 6.17 -30.19 -59.41
N ALA EA 120 5.95 -31.26 -60.17
CA ALA EA 120 5.07 -31.19 -61.33
C ALA EA 120 3.69 -30.69 -60.93
N GLU EA 121 3.13 -31.26 -59.87
CA GLU EA 121 1.76 -30.91 -59.50
C GLU EA 121 1.68 -29.47 -59.01
N VAL EA 122 2.60 -29.07 -58.13
CA VAL EA 122 2.55 -27.70 -57.61
C VAL EA 122 2.75 -26.70 -58.73
N GLY EA 123 3.60 -27.02 -59.70
CA GLY EA 123 3.71 -26.13 -60.86
C GLY EA 123 2.41 -26.06 -61.63
N ASN EA 124 1.81 -27.22 -61.91
CA ASN EA 124 0.61 -27.26 -62.75
C ASN EA 124 -0.55 -26.52 -62.12
N GLN EA 125 -0.63 -26.50 -60.79
CA GLN EA 125 -1.73 -25.74 -60.19
C GLN EA 125 -1.36 -24.29 -59.93
N LEU EA 126 -0.14 -24.02 -59.50
CA LEU EA 126 0.29 -22.66 -59.25
C LEU EA 126 0.21 -21.82 -60.51
N LYS EA 127 0.49 -22.41 -61.67
CA LYS EA 127 0.32 -21.66 -62.92
C LYS EA 127 -1.12 -21.25 -63.12
N GLU EA 128 -2.08 -22.04 -62.62
CA GLU EA 128 -3.47 -21.62 -62.70
C GLU EA 128 -3.75 -20.52 -61.69
N LEU EA 129 -3.16 -20.61 -60.50
CA LEU EA 129 -3.48 -19.64 -59.45
C LEU EA 129 -2.87 -18.28 -59.74
N VAL EA 130 -1.59 -18.22 -60.06
CA VAL EA 130 -0.88 -16.96 -60.20
C VAL EA 130 -0.53 -16.76 -61.68
N PRO EA 131 -0.88 -15.63 -62.28
CA PRO EA 131 -0.59 -15.44 -63.71
C PRO EA 131 0.89 -15.33 -64.02
N ALA EA 132 1.64 -14.58 -63.20
CA ALA EA 132 3.05 -14.34 -63.50
C ALA EA 132 3.83 -15.64 -63.59
N VAL EA 133 3.51 -16.61 -62.73
CA VAL EA 133 4.21 -17.90 -62.79
C VAL EA 133 3.85 -18.64 -64.06
N ALA EA 134 2.57 -18.58 -64.47
CA ALA EA 134 2.18 -19.20 -65.73
C ALA EA 134 2.93 -18.58 -66.90
N GLU EA 135 3.16 -17.26 -66.85
CA GLU EA 135 3.94 -16.62 -67.88
C GLU EA 135 5.39 -17.09 -67.85
N GLN EA 136 5.95 -17.22 -66.65
CA GLN EA 136 7.34 -17.63 -66.54
C GLN EA 136 7.56 -19.05 -67.05
N ILE EA 137 6.66 -19.97 -66.70
CA ILE EA 137 6.85 -21.36 -67.09
C ILE EA 137 6.37 -21.58 -68.52
N GLY EA 138 5.46 -20.74 -68.99
CA GLY EA 138 4.89 -20.95 -70.30
C GLY EA 138 3.92 -22.12 -70.30
N SER EA 139 3.74 -22.69 -71.49
CA SER EA 139 2.83 -23.83 -71.67
C SER EA 139 3.62 -25.13 -71.73
N VAL EA 140 4.06 -25.58 -70.56
CA VAL EA 140 4.83 -26.81 -70.42
C VAL EA 140 4.17 -27.64 -69.32
N THR EA 141 3.53 -28.74 -69.71
CA THR EA 141 2.94 -29.65 -68.73
C THR EA 141 4.07 -30.39 -68.02
N LEU EA 142 4.22 -30.14 -66.73
CA LEU EA 142 5.35 -30.67 -65.99
C LEU EA 142 5.15 -32.14 -65.64
N ASP EA 143 6.23 -32.89 -65.75
CA ASP EA 143 6.24 -34.30 -65.35
C ASP EA 143 7.60 -34.62 -64.77
N HIS EA 144 7.64 -35.67 -63.95
CA HIS EA 144 8.88 -36.06 -63.27
C HIS EA 144 10.02 -36.33 -64.23
N THR EA 145 9.77 -36.34 -65.53
CA THR EA 145 10.82 -36.44 -66.53
C THR EA 145 11.38 -35.10 -66.95
N ASN EA 146 10.58 -34.03 -66.88
CA ASN EA 146 10.99 -32.73 -67.37
C ASN EA 146 10.95 -31.64 -66.33
N VAL EA 147 10.49 -31.92 -65.10
CA VAL EA 147 10.34 -30.86 -64.10
C VAL EA 147 11.69 -30.26 -63.76
N VAL EA 148 12.68 -31.09 -63.42
CA VAL EA 148 13.94 -30.57 -62.89
C VAL EA 148 14.61 -29.67 -63.91
N SER EA 149 14.70 -30.13 -65.17
CA SER EA 149 15.36 -29.33 -66.19
C SER EA 149 14.65 -28.00 -66.39
N THR EA 150 13.33 -28.04 -66.57
CA THR EA 150 12.57 -26.83 -66.84
C THR EA 150 12.71 -25.83 -65.69
N VAL EA 151 12.45 -26.28 -64.47
CA VAL EA 151 12.47 -25.35 -63.34
C VAL EA 151 13.88 -24.85 -63.12
N ASP EA 152 14.90 -25.68 -63.36
CA ASP EA 152 16.26 -25.21 -63.17
C ASP EA 152 16.60 -24.15 -64.21
N ASN EA 153 16.16 -24.34 -65.45
CA ASN EA 153 16.32 -23.29 -66.45
C ASN EA 153 15.67 -21.99 -65.98
N ILE EA 154 14.43 -22.10 -65.49
CA ILE EA 154 13.69 -20.90 -65.09
C ILE EA 154 14.39 -20.17 -63.96
N VAL EA 155 14.83 -20.93 -62.94
CA VAL EA 155 15.45 -20.31 -61.78
C VAL EA 155 16.81 -19.72 -62.13
N THR EA 156 17.64 -20.45 -62.88
CA THR EA 156 18.97 -19.91 -63.18
C THR EA 156 18.86 -18.72 -64.12
N SER EA 157 17.89 -18.73 -65.04
CA SER EA 157 17.65 -17.58 -65.89
C SER EA 157 17.38 -16.34 -65.04
N MET EA 158 16.71 -16.51 -63.93
CA MET EA 158 16.40 -15.39 -63.06
C MET EA 158 17.42 -15.29 -61.94
N PRO EA 159 17.54 -14.12 -61.32
CA PRO EA 159 18.26 -14.01 -60.06
C PRO EA 159 17.32 -14.31 -58.90
N ALA EA 160 17.87 -14.22 -57.69
CA ALA EA 160 17.04 -14.32 -56.50
C ALA EA 160 16.12 -13.10 -56.40
N LEU EA 161 14.87 -13.34 -56.12
CA LEU EA 161 13.99 -12.20 -56.07
C LEU EA 161 13.71 -11.78 -54.64
N PRO EA 162 13.37 -10.51 -54.40
CA PRO EA 162 12.94 -10.11 -53.07
C PRO EA 162 11.66 -10.83 -52.69
N ASN EA 163 11.63 -11.34 -51.46
CA ASN EA 163 10.43 -12.01 -50.95
C ASN EA 163 9.21 -11.10 -50.94
N SER EA 164 9.40 -9.79 -51.11
CA SER EA 164 8.27 -8.88 -51.24
C SER EA 164 7.33 -9.30 -52.36
N TYR EA 165 7.86 -9.87 -53.44
CA TYR EA 165 7.00 -10.43 -54.47
C TYR EA 165 6.17 -11.57 -53.91
N ALA EA 166 6.81 -12.51 -53.23
CA ALA EA 166 6.10 -13.68 -52.72
C ALA EA 166 5.07 -13.30 -51.67
N GLY EA 167 5.24 -12.15 -51.03
CA GLY EA 167 4.34 -11.82 -49.94
C GLY EA 167 2.97 -11.32 -50.35
N VAL EA 168 2.89 -10.12 -50.90
CA VAL EA 168 1.58 -9.49 -51.16
C VAL EA 168 1.47 -9.03 -52.60
N LEU EA 169 2.49 -8.29 -53.06
CA LEU EA 169 2.38 -7.48 -54.27
C LEU EA 169 1.93 -8.30 -55.48
N MET EA 170 2.27 -9.60 -55.49
CA MET EA 170 2.02 -10.44 -56.66
C MET EA 170 0.58 -10.33 -57.13
N LYS EA 171 -0.37 -10.53 -56.23
CA LYS EA 171 -1.78 -10.35 -56.54
C LYS EA 171 -2.19 -8.90 -56.53
N THR EA 172 -1.44 -8.04 -55.83
CA THR EA 172 -1.84 -6.65 -55.67
C THR EA 172 -1.80 -5.91 -57.00
N LYS EA 173 -0.73 -6.10 -57.78
CA LYS EA 173 -0.56 -5.28 -58.96
C LYS EA 173 -1.48 -5.71 -60.10
N VAL EA 174 -1.81 -6.98 -60.19
CA VAL EA 174 -2.55 -7.53 -61.33
C VAL EA 174 -3.96 -7.87 -60.88
N PRO EA 175 -4.99 -7.38 -61.57
CA PRO EA 175 -6.35 -7.88 -61.32
C PRO EA 175 -6.60 -9.17 -62.08
N THR EA 176 -7.39 -10.05 -61.46
CA THR EA 176 -7.65 -11.37 -62.02
C THR EA 176 -9.14 -11.55 -62.25
N VAL EA 177 -9.46 -12.53 -63.10
CA VAL EA 177 -10.86 -12.85 -63.34
C VAL EA 177 -11.49 -13.37 -62.06
N THR EA 178 -12.70 -12.88 -61.78
CA THR EA 178 -13.38 -13.31 -60.57
C THR EA 178 -14.03 -14.67 -60.78
N PRO EA 179 -14.27 -15.39 -59.70
CA PRO EA 179 -15.13 -16.57 -59.80
C PRO EA 179 -16.59 -16.16 -59.92
N HIS EA 180 -16.83 -14.87 -60.16
CA HIS EA 180 -18.15 -14.30 -60.34
C HIS EA 180 -18.26 -13.71 -61.72
N TYR EA 181 -17.70 -14.41 -62.71
CA TYR EA 181 -17.51 -13.86 -64.04
C TYR EA 181 -17.90 -14.92 -65.06
N ALA EA 182 -17.88 -14.52 -66.33
CA ALA EA 182 -18.00 -15.48 -67.41
C ALA EA 182 -16.61 -16.06 -67.71
N GLY EA 183 -16.50 -16.78 -68.81
CA GLY EA 183 -15.21 -17.33 -69.17
C GLY EA 183 -14.83 -18.44 -68.21
N THR EA 184 -13.69 -18.28 -67.54
CA THR EA 184 -13.19 -19.28 -66.61
C THR EA 184 -13.49 -18.96 -65.15
N GLY EA 185 -14.55 -18.18 -64.89
CA GLY EA 185 -14.94 -17.88 -63.53
C GLY EA 185 -16.42 -18.07 -63.27
N THR EA 186 -17.00 -19.15 -63.80
CA THR EA 186 -18.45 -19.34 -63.75
C THR EA 186 -18.80 -20.66 -63.08
N PHE EA 187 -18.09 -21.02 -62.01
CA PHE EA 187 -18.25 -22.35 -61.44
C PHE EA 187 -18.35 -22.42 -59.92
N SER EA 188 -17.75 -21.51 -59.15
CA SER EA 188 -17.46 -21.78 -57.75
C SER EA 188 -18.34 -21.01 -56.77
N SER EA 189 -19.22 -20.13 -57.25
CA SER EA 189 -20.05 -19.33 -56.34
C SER EA 189 -20.75 -20.19 -55.30
N MET EA 190 -20.87 -21.50 -55.56
CA MET EA 190 -21.41 -22.45 -54.59
C MET EA 190 -20.91 -22.12 -53.19
N GLU EA 191 -19.59 -22.10 -53.01
CA GLU EA 191 -19.04 -21.82 -51.69
C GLU EA 191 -19.63 -20.51 -51.15
N SER EA 192 -19.37 -19.41 -51.86
CA SER EA 192 -19.85 -18.12 -51.39
C SER EA 192 -21.35 -18.15 -51.14
N ALA EA 193 -22.08 -18.89 -51.97
CA ALA EA 193 -23.52 -18.95 -51.83
C ALA EA 193 -23.91 -19.30 -50.40
N TYR EA 194 -23.28 -20.34 -49.85
CA TYR EA 194 -23.59 -20.75 -48.49
C TYR EA 194 -23.50 -19.58 -47.53
N LYS EA 195 -22.39 -18.83 -47.61
CA LYS EA 195 -22.22 -17.66 -46.76
C LYS EA 195 -23.47 -16.80 -46.78
N ALA EA 196 -23.89 -16.38 -47.97
CA ALA EA 196 -25.08 -15.55 -48.09
C ALA EA 196 -26.24 -16.18 -47.36
N LEU EA 197 -26.54 -17.44 -47.67
CA LEU EA 197 -27.67 -18.12 -47.05
C LEU EA 197 -27.63 -17.94 -45.54
N GLU EA 198 -26.46 -18.16 -44.95
CA GLU EA 198 -26.35 -18.12 -43.50
C GLU EA 198 -26.85 -16.79 -42.95
N ASP EA 199 -26.39 -15.67 -43.52
CA ASP EA 199 -26.78 -14.40 -42.93
C ASP EA 199 -28.27 -14.17 -43.08
N ILE EA 200 -28.89 -14.70 -44.13
CA ILE EA 200 -30.34 -14.57 -44.25
C ILE EA 200 -31.02 -15.33 -43.12
N GLU EA 201 -30.52 -16.53 -42.81
CA GLU EA 201 -31.14 -17.31 -41.75
C GLU EA 201 -30.91 -16.66 -40.39
N ARG EA 202 -29.74 -16.05 -40.18
CA ARG EA 202 -29.49 -15.30 -38.97
C ARG EA 202 -30.15 -13.94 -38.97
N GLY EA 203 -31.01 -13.65 -39.95
CA GLY EA 203 -31.61 -12.34 -40.02
C GLY EA 203 -30.65 -11.23 -40.32
N LEU EA 204 -29.46 -11.55 -40.82
CA LEU EA 204 -28.44 -10.55 -41.13
C LEU EA 204 -28.51 -10.14 -42.60
N GLY FA 3 64.00 26.83 2.95
CA GLY FA 3 63.21 28.02 3.20
C GLY FA 3 62.07 28.20 2.21
N ARG FA 4 61.41 29.35 2.29
CA ARG FA 4 60.26 29.67 1.44
C ARG FA 4 59.23 28.55 1.48
N GLN FA 5 58.85 28.18 2.70
CA GLN FA 5 57.96 27.05 2.90
C GLN FA 5 56.61 27.27 2.21
N SER FA 6 55.94 28.37 2.52
CA SER FA 6 54.65 28.63 1.92
C SER FA 6 54.41 30.14 1.92
N HIS FA 7 53.24 30.55 1.45
CA HIS FA 7 52.84 31.96 1.38
C HIS FA 7 51.43 32.05 1.95
N LYS FA 8 51.32 32.26 3.26
CA LYS FA 8 50.02 32.28 3.91
C LYS FA 8 49.31 33.60 3.62
N LYS FA 9 47.98 33.51 3.54
CA LYS FA 9 47.13 34.67 3.33
C LYS FA 9 46.05 34.68 4.40
N ILE FA 10 45.97 35.77 5.14
CA ILE FA 10 45.13 35.88 6.33
C ILE FA 10 43.96 36.80 6.02
N ASP FA 11 42.76 36.25 6.04
CA ASP FA 11 41.56 37.02 5.69
C ASP FA 11 40.34 36.21 6.12
N VAL FA 12 39.18 36.81 5.96
CA VAL FA 12 37.91 36.17 6.30
C VAL FA 12 37.50 35.28 5.12
N ARG FA 13 37.43 33.98 5.38
CA ARG FA 13 37.26 32.99 4.32
C ARG FA 13 35.96 32.21 4.44
N ASN FA 14 34.88 32.84 4.91
CA ASN FA 14 33.56 32.22 4.97
C ASN FA 14 33.56 30.99 5.87
N ASP FA 15 34.62 30.80 6.64
CA ASP FA 15 34.70 29.71 7.59
C ASP FA 15 35.24 30.15 8.92
N THR FA 16 35.79 31.37 9.02
CA THR FA 16 36.25 31.88 10.29
C THR FA 16 35.13 31.83 11.33
N SER FA 17 33.90 32.02 10.87
CA SER FA 17 32.75 31.72 11.73
C SER FA 17 32.86 30.32 12.29
N THR FA 18 32.96 29.32 11.42
CA THR FA 18 32.97 27.94 11.88
C THR FA 18 34.24 27.63 12.66
N ARG FA 19 35.39 28.12 12.21
CA ARG FA 19 36.62 27.85 12.93
C ARG FA 19 36.55 28.40 14.34
N TYR FA 20 36.14 29.66 14.48
CA TYR FA 20 35.97 30.28 15.78
C TYR FA 20 35.00 29.47 16.65
N LYS FA 21 33.79 29.27 16.15
CA LYS FA 21 32.78 28.53 16.91
C LYS FA 21 33.32 27.19 17.35
N GLY FA 22 33.84 26.40 16.42
CA GLY FA 22 34.27 25.06 16.74
C GLY FA 22 35.37 25.02 17.77
N LYS FA 23 36.44 25.79 17.55
CA LYS FA 23 37.56 25.75 18.47
C LYS FA 23 37.15 26.20 19.87
N LEU FA 24 36.43 27.32 19.96
CA LEU FA 24 36.06 27.78 21.29
C LEU FA 24 35.05 26.86 21.94
N TYR FA 25 34.20 26.21 21.15
CA TYR FA 25 33.31 25.18 21.69
C TYR FA 25 34.12 24.04 22.27
N GLY FA 26 35.10 23.56 21.52
CA GLY FA 26 35.96 22.51 22.02
C GLY FA 26 36.61 22.89 23.33
N ILE FA 27 37.07 24.13 23.44
CA ILE FA 27 37.69 24.54 24.69
C ILE FA 27 36.66 24.58 25.82
N PHE FA 28 35.48 25.16 25.55
CA PHE FA 28 34.56 25.48 26.63
C PHE FA 28 33.73 24.30 27.09
N VAL FA 29 33.68 23.20 26.32
CA VAL FA 29 32.98 22.02 26.84
C VAL FA 29 33.54 21.63 28.20
N ASN FA 30 34.84 21.75 28.36
CA ASN FA 30 35.47 21.42 29.64
C ASN FA 30 35.20 22.46 30.71
N TYR FA 31 34.39 23.48 30.42
CA TYR FA 31 33.97 24.46 31.40
C TYR FA 31 32.49 24.43 31.72
N MET FA 32 31.64 24.28 30.71
CA MET FA 32 30.21 24.49 30.90
C MET FA 32 29.34 23.28 30.60
N GLY FA 33 29.83 22.32 29.83
CA GLY FA 33 28.98 21.26 29.32
C GLY FA 33 28.43 21.62 27.95
N GLU FA 34 27.84 20.61 27.30
CA GLU FA 34 27.56 20.71 25.87
C GLU FA 34 26.64 21.88 25.55
N LYS FA 35 25.41 21.86 26.06
CA LYS FA 35 24.44 22.87 25.65
C LYS FA 35 24.86 24.26 26.10
N TYR FA 36 25.42 24.39 27.30
CA TYR FA 36 25.86 25.69 27.76
C TYR FA 36 26.98 26.23 26.89
N ALA FA 37 27.98 25.40 26.58
CA ALA FA 37 29.05 25.82 25.70
C ALA FA 37 28.51 26.18 24.32
N GLN FA 38 27.52 25.43 23.85
CA GLN FA 38 26.92 25.71 22.55
C GLN FA 38 26.32 27.11 22.52
N GLN FA 39 25.43 27.40 23.46
CA GLN FA 39 24.84 28.73 23.50
C GLN FA 39 25.90 29.80 23.68
N LEU FA 40 26.91 29.52 24.50
CA LEU FA 40 27.96 30.50 24.76
C LEU FA 40 28.69 30.87 23.48
N VAL FA 41 29.16 29.87 22.74
CA VAL FA 41 29.92 30.18 21.53
C VAL FA 41 29.01 30.81 20.49
N GLU FA 42 27.75 30.38 20.42
CA GLU FA 42 26.81 31.04 19.51
C GLU FA 42 26.75 32.53 19.77
N ASN FA 43 26.49 32.90 21.02
CA ASN FA 43 26.36 34.32 21.33
C ASN FA 43 27.67 35.07 21.13
N MET FA 44 28.78 34.45 21.53
CA MET FA 44 30.07 35.09 21.38
C MET FA 44 30.35 35.42 19.92
N TYR FA 45 30.17 34.44 19.04
CA TYR FA 45 30.44 34.72 17.65
C TYR FA 45 29.43 35.71 17.09
N SER FA 46 28.18 35.65 17.52
CA SER FA 46 27.21 36.62 17.03
C SER FA 46 27.68 38.03 17.32
N ASN FA 47 28.10 38.28 18.56
CA ASN FA 47 28.58 39.61 18.94
C ASN FA 47 29.83 39.98 18.14
N TYR FA 48 30.81 39.08 18.11
CA TYR FA 48 32.04 39.36 17.37
C TYR FA 48 31.73 39.70 15.92
N ASN FA 49 30.79 38.96 15.32
CA ASN FA 49 30.36 39.24 13.96
C ASN FA 49 29.86 40.66 13.88
N ASP FA 50 28.73 40.91 14.54
CA ASP FA 50 28.03 42.18 14.33
C ASP FA 50 28.90 43.38 14.67
N VAL FA 51 29.94 43.21 15.47
CA VAL FA 51 30.81 44.36 15.71
C VAL FA 51 31.97 44.36 14.72
N PHE FA 52 32.86 43.37 14.86
CA PHE FA 52 34.13 43.43 14.16
C PHE FA 52 33.93 43.30 12.67
N VAL FA 53 33.18 42.30 12.23
CA VAL FA 53 32.95 42.15 10.80
C VAL FA 53 32.35 43.43 10.25
N GLU FA 54 31.16 43.75 10.72
CA GLU FA 54 30.35 44.83 10.15
C GLU FA 54 31.11 46.15 10.10
N ILE FA 55 32.03 46.37 11.04
CA ILE FA 55 32.74 47.64 10.99
C ILE FA 55 34.09 47.46 10.28
N TYR FA 56 34.97 46.70 10.91
CA TYR FA 56 36.36 46.71 10.48
C TYR FA 56 36.54 46.00 9.16
N ASN FA 57 35.84 44.89 8.93
CA ASN FA 57 36.10 44.17 7.70
C ASN FA 57 35.53 44.92 6.51
N LYS FA 58 34.37 45.55 6.68
CA LYS FA 58 33.84 46.38 5.61
C LYS FA 58 34.79 47.54 5.32
N MET FA 59 35.33 48.18 6.36
CA MET FA 59 36.27 49.25 6.12
C MET FA 59 37.51 48.75 5.41
N HIS FA 60 38.01 47.58 5.80
CA HIS FA 60 39.20 47.04 5.18
C HIS FA 60 38.95 46.74 3.71
N ASN FA 61 37.82 46.14 3.40
CA ASN FA 61 37.49 45.82 2.02
C ASN FA 61 37.31 47.09 1.20
N ALA FA 62 36.83 48.16 1.84
CA ALA FA 62 36.72 49.42 1.11
C ALA FA 62 38.09 50.03 0.85
N LEU FA 63 38.97 50.00 1.83
CA LEU FA 63 40.20 50.79 1.78
C LEU FA 63 41.36 50.08 1.10
N ARG FA 64 41.38 48.75 1.11
CA ARG FA 64 42.49 48.00 0.52
C ARG FA 64 42.94 48.53 -0.84
N PRO FA 65 42.06 48.75 -1.83
CA PRO FA 65 42.55 49.22 -3.13
C PRO FA 65 43.29 50.54 -3.05
N THR FA 66 42.74 51.49 -2.29
CA THR FA 66 43.41 52.78 -2.17
C THR FA 66 44.74 52.66 -1.44
N LEU FA 67 44.84 51.74 -0.48
CA LEU FA 67 46.12 51.49 0.16
C LEU FA 67 47.14 50.99 -0.86
N VAL FA 68 46.73 50.07 -1.73
CA VAL FA 68 47.64 49.58 -2.75
C VAL FA 68 48.04 50.71 -3.70
N LYS FA 69 47.09 51.58 -4.04
CA LYS FA 69 47.43 52.72 -4.88
C LYS FA 69 48.47 53.60 -4.20
N LEU FA 70 48.24 53.93 -2.94
CA LEU FA 70 49.08 54.92 -2.25
C LEU FA 70 50.46 54.37 -1.95
N ALA FA 71 50.53 53.30 -1.16
CA ALA FA 71 51.80 52.74 -0.72
C ALA FA 71 51.84 51.26 -0.99
N GLY FA 72 51.47 50.87 -2.21
CA GLY FA 72 51.44 49.47 -2.61
C GLY FA 72 52.65 48.69 -2.15
N ALA FA 73 52.41 47.71 -1.29
CA ALA FA 73 53.49 47.02 -0.59
C ALA FA 73 52.86 45.93 0.27
N GLY FA 74 53.71 45.02 0.74
CA GLY FA 74 53.37 44.29 1.95
C GLY FA 74 53.54 45.16 3.18
N ALA FA 75 54.39 46.17 3.07
CA ALA FA 75 54.67 47.10 4.17
C ALA FA 75 53.59 48.19 4.21
N THR FA 76 52.35 47.74 4.26
CA THR FA 76 51.21 48.63 4.44
C THR FA 76 50.59 48.49 5.81
N PHE FA 77 51.14 47.64 6.67
CA PHE FA 77 50.60 47.45 8.02
C PHE FA 77 50.39 48.78 8.76
N PRO FA 78 51.34 49.72 8.77
CA PRO FA 78 51.07 50.98 9.49
C PRO FA 78 49.80 51.66 9.02
N LEU FA 79 49.47 51.57 7.73
CA LEU FA 79 48.19 52.07 7.27
C LEU FA 79 47.03 51.35 7.97
N TRP FA 80 47.18 50.04 8.15
CA TRP FA 80 46.11 49.26 8.77
C TRP FA 80 45.92 49.68 10.23
N GLN FA 81 47.00 49.75 10.99
CA GLN FA 81 46.86 50.18 12.38
C GLN FA 81 46.36 51.62 12.44
N LEU FA 82 46.70 52.43 11.44
CA LEU FA 82 46.18 53.79 11.38
C LEU FA 82 44.68 53.78 11.26
N VAL FA 83 44.14 52.99 10.32
CA VAL FA 83 42.68 53.01 10.15
C VAL FA 83 42.00 52.38 11.35
N ASN FA 84 42.65 51.41 12.00
CA ASN FA 84 42.08 50.83 13.22
C ASN FA 84 41.94 51.89 14.30
N GLU FA 85 43.03 52.60 14.61
CA GLU FA 85 42.95 53.66 15.61
C GLU FA 85 41.95 54.72 15.21
N ALA FA 86 41.91 55.06 13.92
CA ALA FA 86 40.96 56.06 13.44
C ALA FA 86 39.53 55.66 13.77
N ILE FA 87 39.18 54.40 13.48
CA ILE FA 87 37.84 53.93 13.81
C ILE FA 87 37.61 53.94 15.31
N TYR FA 88 38.63 53.57 16.08
CA TYR FA 88 38.45 53.42 17.52
C TYR FA 88 38.73 54.71 18.28
N ALA FA 89 39.94 55.25 18.14
CA ALA FA 89 40.37 56.33 19.02
C ALA FA 89 39.65 57.64 18.71
N VAL FA 90 39.39 57.91 17.43
CA VAL FA 90 38.88 59.23 17.06
C VAL FA 90 37.37 59.18 16.96
N TYR FA 91 36.86 58.38 16.03
CA TYR FA 91 35.44 58.17 15.97
C TYR FA 91 35.00 57.23 17.07
N LEU FA 92 33.73 57.36 17.46
CA LEU FA 92 33.06 56.46 18.40
C LEU FA 92 33.59 56.63 19.82
N THR FA 93 34.67 57.39 19.98
CA THR FA 93 35.17 57.71 21.31
C THR FA 93 35.53 59.18 21.49
N HIS FA 94 35.91 59.90 20.44
CA HIS FA 94 36.39 61.27 20.56
C HIS FA 94 37.49 61.38 21.62
N LYS FA 95 38.40 60.40 21.59
CA LYS FA 95 39.48 60.39 22.58
C LYS FA 95 40.66 61.23 22.13
N GLU FA 96 40.87 61.38 20.82
CA GLU FA 96 42.01 62.14 20.31
C GLU FA 96 41.60 62.94 19.09
N THR FA 97 42.30 64.05 18.88
CA THR FA 97 42.14 64.90 17.71
C THR FA 97 43.04 64.40 16.58
N ALA FA 98 42.77 64.90 15.37
CA ALA FA 98 43.59 64.54 14.23
C ALA FA 98 45.06 64.84 14.45
N SER FA 99 45.35 65.84 15.30
CA SER FA 99 46.73 66.19 15.60
C SER FA 99 47.51 65.00 16.11
N PHE FA 100 46.91 64.22 17.01
CA PHE FA 100 47.62 63.09 17.60
C PHE FA 100 47.99 62.06 16.54
N LEU FA 101 47.03 61.68 15.70
CA LEU FA 101 47.30 60.68 14.68
C LEU FA 101 48.34 61.19 13.69
N VAL FA 102 48.17 62.41 13.19
CA VAL FA 102 49.09 62.90 12.18
C VAL FA 102 50.50 62.98 12.76
N THR FA 103 50.62 63.49 13.99
CA THR FA 103 51.93 63.56 14.64
C THR FA 103 52.52 62.18 14.81
N LYS FA 104 51.73 61.24 15.31
CA LYS FA 104 52.25 59.91 15.60
C LYS FA 104 52.70 59.20 14.34
N TYR FA 105 51.95 59.32 13.26
CA TYR FA 105 52.27 58.55 12.07
C TYR FA 105 53.32 59.24 11.20
N VAL FA 106 53.42 60.57 11.25
CA VAL FA 106 54.58 61.17 10.61
C VAL FA 106 55.82 60.85 11.42
N ALA FA 107 55.68 60.72 12.74
CA ALA FA 107 56.78 60.22 13.56
C ALA FA 107 57.16 58.81 13.14
N ARG FA 108 56.18 58.01 12.72
CA ARG FA 108 56.45 56.66 12.25
C ARG FA 108 56.89 56.62 10.81
N GLY FA 109 56.95 57.75 10.12
CA GLY FA 109 57.43 57.79 8.76
C GLY FA 109 56.37 57.80 7.69
N VAL FA 110 55.18 58.30 7.99
CA VAL FA 110 54.07 58.34 7.04
C VAL FA 110 53.90 59.77 6.54
N PRO FA 111 53.76 60.00 5.24
CA PRO FA 111 53.48 61.35 4.75
C PRO FA 111 52.14 61.85 5.28
N ALA FA 112 52.08 63.15 5.55
CA ALA FA 112 50.92 63.71 6.23
C ALA FA 112 49.66 63.64 5.36
N MET FA 113 49.77 64.09 4.11
CA MET FA 113 48.59 64.12 3.26
C MET FA 113 48.02 62.72 3.04
N THR FA 114 48.85 61.69 3.09
CA THR FA 114 48.33 60.33 3.07
C THR FA 114 47.41 60.09 4.26
N VAL FA 115 47.87 60.46 5.45
CA VAL FA 115 47.07 60.29 6.65
C VAL FA 115 45.77 61.06 6.53
N LYS FA 116 45.84 62.29 6.04
CA LYS FA 116 44.64 63.10 5.92
C LYS FA 116 43.66 62.48 4.93
N THR FA 117 44.16 62.00 3.81
CA THR FA 117 43.28 61.37 2.82
C THR FA 117 42.61 60.15 3.41
N LEU FA 118 43.39 59.26 4.04
CA LEU FA 118 42.83 58.05 4.62
C LEU FA 118 41.77 58.38 5.66
N LEU FA 119 42.05 59.37 6.51
CA LEU FA 119 41.06 59.78 7.50
C LEU FA 119 39.80 60.26 6.82
N ALA FA 120 39.96 61.02 5.74
CA ALA FA 120 38.81 61.52 5.00
C ALA FA 120 37.94 60.36 4.50
N GLU FA 121 38.56 59.36 3.87
CA GLU FA 121 37.74 58.28 3.32
C GLU FA 121 37.11 57.45 4.41
N VAL FA 122 37.86 57.14 5.47
CA VAL FA 122 37.28 56.30 6.52
C VAL FA 122 36.10 57.02 7.17
N GLY FA 123 36.19 58.34 7.32
CA GLY FA 123 35.04 59.09 7.78
C GLY FA 123 33.88 59.03 6.79
N ASN FA 124 34.19 59.22 5.51
CA ASN FA 124 33.14 59.25 4.48
C ASN FA 124 32.39 57.93 4.41
N GLN FA 125 33.03 56.83 4.78
CA GLN FA 125 32.30 55.57 4.75
C GLN FA 125 31.69 55.22 6.10
N LEU FA 126 32.40 55.51 7.20
CA LEU FA 126 31.87 55.26 8.52
C LEU FA 126 30.56 56.01 8.73
N LYS FA 127 30.42 57.20 8.15
CA LYS FA 127 29.14 57.90 8.22
C LYS FA 127 28.04 57.09 7.53
N GLU FA 128 28.38 56.32 6.50
CA GLU FA 128 27.37 55.48 5.88
C GLU FA 128 27.06 54.27 6.75
N LEU FA 129 28.06 53.75 7.45
CA LEU FA 129 27.85 52.53 8.23
C LEU FA 129 27.05 52.81 9.50
N VAL FA 130 27.46 53.81 10.28
CA VAL FA 130 26.86 54.08 11.58
C VAL FA 130 26.14 55.42 11.51
N PRO FA 131 24.87 55.50 11.93
CA PRO FA 131 24.17 56.79 11.87
C PRO FA 131 24.75 57.84 12.80
N ALA FA 132 25.08 57.47 14.04
CA ALA FA 132 25.47 58.45 15.04
C ALA FA 132 26.66 59.28 14.58
N VAL FA 133 27.67 58.63 14.02
CA VAL FA 133 28.84 59.36 13.54
C VAL FA 133 28.45 60.26 12.37
N ALA FA 134 27.56 59.77 11.51
CA ALA FA 134 27.10 60.57 10.38
C ALA FA 134 26.44 61.86 10.86
N GLU FA 135 25.67 61.77 11.94
CA GLU FA 135 25.03 62.96 12.48
C GLU FA 135 26.04 63.86 13.17
N GLN FA 136 27.03 63.27 13.85
CA GLN FA 136 28.06 64.07 14.49
C GLN FA 136 28.85 64.87 13.46
N ILE FA 137 29.12 64.29 12.30
CA ILE FA 137 29.90 65.02 11.30
C ILE FA 137 28.99 65.87 10.44
N GLY FA 138 27.74 65.46 10.26
CA GLY FA 138 26.85 66.16 9.36
C GLY FA 138 27.15 65.83 7.91
N SER FA 139 26.65 66.69 7.03
CA SER FA 139 26.79 66.48 5.58
C SER FA 139 27.95 67.31 5.04
N VAL FA 140 29.17 66.83 5.31
CA VAL FA 140 30.40 67.43 4.82
C VAL FA 140 31.30 66.33 4.29
N THR FA 141 31.58 66.37 2.98
CA THR FA 141 32.49 65.41 2.40
C THR FA 141 33.92 65.73 2.84
N LEU FA 142 34.55 64.78 3.52
CA LEU FA 142 35.88 65.00 4.06
C LEU FA 142 36.92 64.96 2.95
N ASP FA 143 37.94 65.79 3.11
CA ASP FA 143 39.08 65.78 2.19
C ASP FA 143 40.32 66.20 2.96
N HIS FA 144 41.47 65.79 2.45
CA HIS FA 144 42.75 66.10 3.08
C HIS FA 144 42.98 67.59 3.25
N THR FA 145 42.12 68.43 2.67
CA THR FA 145 42.19 69.86 2.86
C THR FA 145 41.34 70.35 4.01
N ASN FA 146 40.26 69.64 4.33
CA ASN FA 146 39.34 70.06 5.37
C ASN FA 146 39.08 69.01 6.44
N VAL FA 147 39.64 67.81 6.30
CA VAL FA 147 39.31 66.73 7.22
C VAL FA 147 39.82 67.05 8.62
N VAL FA 148 41.02 67.60 8.72
CA VAL FA 148 41.64 67.81 10.02
C VAL FA 148 40.84 68.80 10.85
N SER FA 149 40.51 69.95 10.27
CA SER FA 149 39.76 70.96 11.00
C SER FA 149 38.38 70.44 11.41
N THR FA 150 37.69 69.80 10.47
CA THR FA 150 36.35 69.30 10.76
C THR FA 150 36.38 68.29 11.91
N VAL FA 151 37.25 67.29 11.80
CA VAL FA 151 37.27 66.24 12.82
C VAL FA 151 37.77 66.79 14.14
N ASP FA 152 38.67 67.78 14.11
CA ASP FA 152 39.16 68.35 15.35
C ASP FA 152 38.04 69.12 16.05
N ASN FA 153 37.26 69.88 15.30
CA ASN FA 153 36.09 70.54 15.88
C ASN FA 153 35.15 69.51 16.49
N ILE FA 154 34.86 68.44 15.74
CA ILE FA 154 33.91 67.44 16.23
C ILE FA 154 34.41 66.81 17.52
N VAL FA 155 35.69 66.44 17.56
CA VAL FA 155 36.22 65.74 18.73
C VAL FA 155 36.30 66.68 19.93
N THR FA 156 36.81 67.91 19.74
CA THR FA 156 36.94 68.80 20.88
C THR FA 156 35.58 69.23 21.40
N SER FA 157 34.59 69.31 20.51
CA SER FA 157 33.23 69.60 20.95
C SER FA 157 32.76 68.55 21.95
N MET FA 158 33.23 67.35 21.83
CA MET FA 158 32.81 66.29 22.72
C MET FA 158 33.90 66.01 23.77
N PRO FA 159 33.50 65.49 24.91
CA PRO FA 159 34.48 64.92 25.85
C PRO FA 159 34.86 63.51 25.40
N ALA FA 160 35.71 62.88 26.21
CA ALA FA 160 36.05 61.49 25.97
C ALA FA 160 34.84 60.60 26.22
N LEU FA 161 34.51 59.79 25.24
CA LEU FA 161 33.30 59.02 25.51
C LEU FA 161 33.65 57.62 26.00
N PRO FA 162 32.80 57.04 26.84
CA PRO FA 162 33.06 55.68 27.32
C PRO FA 162 33.05 54.70 26.17
N ASN FA 163 34.10 53.88 26.11
CA ASN FA 163 34.27 52.91 25.04
C ASN FA 163 33.11 51.94 24.92
N SER FA 164 32.20 51.93 25.89
CA SER FA 164 30.99 51.13 25.75
C SER FA 164 30.21 51.49 24.50
N TYR FA 165 30.26 52.75 24.10
CA TYR FA 165 29.66 53.14 22.81
C TYR FA 165 30.37 52.42 21.67
N ALA FA 166 31.70 52.50 21.65
CA ALA FA 166 32.46 51.91 20.54
C ALA FA 166 32.30 50.40 20.50
N GLY FA 167 32.00 49.76 21.62
CA GLY FA 167 31.99 48.32 21.64
C GLY FA 167 30.77 47.67 21.02
N VAL FA 168 29.61 47.79 21.67
CA VAL FA 168 28.42 47.05 21.24
C VAL FA 168 27.23 47.98 21.08
N LEU FA 169 26.99 48.82 22.08
CA LEU FA 169 25.73 49.51 22.23
C LEU FA 169 25.33 50.31 21.00
N MET FA 170 26.32 50.81 20.26
CA MET FA 170 26.06 51.76 19.18
C MET FA 170 25.01 51.25 18.21
N LYS FA 171 25.24 50.08 17.63
CA LYS FA 171 24.28 49.45 16.75
C LYS FA 171 23.18 48.72 17.52
N THR FA 172 23.42 48.43 18.79
CA THR FA 172 22.44 47.71 19.59
C THR FA 172 21.17 48.53 19.79
N LYS FA 173 21.32 49.81 20.14
CA LYS FA 173 20.16 50.59 20.52
C LYS FA 173 19.33 51.00 19.29
N VAL FA 174 19.97 51.30 18.18
CA VAL FA 174 19.29 51.81 17.00
C VAL FA 174 19.19 50.70 15.95
N PRO FA 175 18.01 50.37 15.48
CA PRO FA 175 17.89 49.44 14.35
C PRO FA 175 18.06 50.18 13.03
N THR FA 176 18.64 49.49 12.05
CA THR FA 176 18.97 50.08 10.78
C THR FA 176 18.24 49.35 9.66
N VAL FA 177 18.24 49.98 8.48
CA VAL FA 177 17.64 49.34 7.32
C VAL FA 177 18.47 48.12 6.94
N THR FA 178 17.80 47.01 6.72
CA THR FA 178 18.49 45.79 6.34
C THR FA 178 18.82 45.83 4.85
N PRO FA 179 19.76 45.01 4.42
CA PRO FA 179 19.95 44.82 2.98
C PRO FA 179 18.85 43.95 2.39
N HIS FA 180 17.79 43.75 3.17
CA HIS FA 180 16.62 42.99 2.77
C HIS FA 180 15.41 43.91 2.73
N TYR FA 181 15.60 45.12 2.21
CA TYR FA 181 14.60 46.16 2.30
C TYR FA 181 14.53 46.89 0.97
N ALA FA 182 13.57 47.82 0.87
CA ALA FA 182 13.56 48.77 -0.22
C ALA FA 182 14.41 49.97 0.15
N GLY FA 183 14.28 51.06 -0.61
CA GLY FA 183 15.10 52.22 -0.33
C GLY FA 183 16.55 51.92 -0.63
N THR FA 184 17.42 52.20 0.33
CA THR FA 184 18.85 51.96 0.18
C THR FA 184 19.32 50.67 0.84
N GLY FA 185 18.45 49.66 0.94
CA GLY FA 185 18.82 48.36 1.46
C GLY FA 185 18.42 47.22 0.54
N THR FA 186 18.74 47.34 -0.75
CA THR FA 186 18.19 46.45 -1.76
C THR FA 186 19.31 45.92 -2.68
N PHE FA 187 20.50 45.69 -2.14
CA PHE FA 187 21.64 45.51 -3.03
C PHE FA 187 22.59 44.36 -2.72
N SER FA 188 22.74 43.90 -1.48
CA SER FA 188 23.93 43.11 -1.16
C SER FA 188 23.67 41.65 -0.83
N SER FA 189 22.42 41.25 -0.64
CA SER FA 189 22.13 39.92 -0.11
C SER FA 189 22.74 38.81 -0.93
N MET FA 190 23.27 39.11 -2.12
CA MET FA 190 24.08 38.15 -2.86
C MET FA 190 24.96 37.35 -1.93
N GLU FA 191 25.67 38.02 -1.03
CA GLU FA 191 26.50 37.28 -0.08
C GLU FA 191 25.66 36.24 0.64
N SER FA 192 24.69 36.71 1.42
CA SER FA 192 23.78 35.78 2.11
C SER FA 192 23.14 34.82 1.12
N ALA FA 193 22.86 35.29 -0.09
CA ALA FA 193 22.22 34.43 -1.07
C ALA FA 193 23.00 33.15 -1.26
N TYR FA 194 24.31 33.28 -1.47
CA TYR FA 194 25.12 32.08 -1.64
C TYR FA 194 24.93 31.13 -0.47
N LYS FA 195 24.98 31.68 0.75
CA LYS FA 195 24.74 30.88 1.94
C LYS FA 195 23.54 29.96 1.75
N ALA FA 196 22.39 30.54 1.41
CA ALA FA 196 21.19 29.73 1.22
C ALA FA 196 21.46 28.59 0.25
N LEU FA 197 21.92 28.93 -0.95
CA LEU FA 197 22.19 27.90 -1.96
C LEU FA 197 23.03 26.79 -1.36
N GLU FA 198 24.08 27.17 -0.63
CA GLU FA 198 24.99 26.18 -0.05
C GLU FA 198 24.21 25.12 0.71
N ASP FA 199 23.37 25.53 1.66
CA ASP FA 199 22.71 24.53 2.49
C ASP FA 199 21.81 23.64 1.66
N ILE FA 200 21.18 24.19 0.62
CA ILE FA 200 20.31 23.35 -0.20
C ILE FA 200 21.10 22.22 -0.82
N GLU FA 201 22.34 22.50 -1.23
CA GLU FA 201 23.15 21.45 -1.84
C GLU FA 201 23.57 20.42 -0.81
N ARG FA 202 23.79 20.84 0.43
CA ARG FA 202 24.13 19.91 1.51
C ARG FA 202 22.94 19.11 2.00
N GLY FA 203 21.82 19.12 1.27
CA GLY FA 203 20.61 18.53 1.79
C GLY FA 203 20.06 19.28 2.97
N LEU FA 204 20.60 20.46 3.26
CA LEU FA 204 20.13 21.29 4.36
C LEU FA 204 19.18 22.35 3.83
N GLY GA 3 -30.06 -41.63 -0.11
CA GLY GA 3 -29.52 -42.12 -1.36
C GLY GA 3 -30.59 -42.32 -2.43
N ARG GA 4 -30.15 -42.68 -3.63
CA ARG GA 4 -31.03 -42.87 -4.77
C ARG GA 4 -31.84 -41.60 -5.03
N GLN GA 5 -31.10 -40.51 -5.27
CA GLN GA 5 -31.74 -39.21 -5.45
C GLN GA 5 -32.63 -39.20 -6.69
N SER GA 6 -32.06 -39.53 -7.85
CA SER GA 6 -32.82 -39.47 -9.09
C SER GA 6 -32.24 -40.46 -10.08
N HIS GA 7 -32.79 -40.46 -11.29
CA HIS GA 7 -32.36 -41.34 -12.37
C HIS GA 7 -32.20 -40.47 -13.62
N LYS GA 8 -31.00 -39.93 -13.82
CA LYS GA 8 -30.77 -39.02 -14.92
C LYS GA 8 -30.77 -39.76 -16.26
N LYS GA 9 -31.10 -39.03 -17.31
CA LYS GA 9 -31.12 -39.56 -18.66
C LYS GA 9 -30.33 -38.64 -19.57
N ILE GA 10 -29.40 -39.22 -20.33
CA ILE GA 10 -28.48 -38.46 -21.16
C ILE GA 10 -28.73 -38.82 -22.61
N ASP GA 11 -29.11 -37.83 -23.41
CA ASP GA 11 -29.33 -38.02 -24.83
C ASP GA 11 -29.56 -36.65 -25.47
N VAL GA 12 -29.74 -36.67 -26.78
CA VAL GA 12 -29.99 -35.45 -27.55
C VAL GA 12 -31.46 -35.11 -27.42
N ARG GA 13 -31.76 -34.04 -26.69
CA ARG GA 13 -33.11 -33.74 -26.26
C ARG GA 13 -33.69 -32.49 -26.92
N ASN GA 14 -33.33 -32.23 -28.17
CA ASN GA 14 -33.88 -31.10 -28.92
C ASN GA 14 -33.55 -29.77 -28.25
N ASP GA 15 -32.60 -29.78 -27.32
CA ASP GA 15 -32.15 -28.55 -26.70
C ASP GA 15 -30.65 -28.52 -26.53
N THR GA 16 -29.95 -29.59 -26.90
CA THR GA 16 -28.49 -29.59 -26.81
C THR GA 16 -27.90 -28.51 -27.68
N SER GA 17 -28.54 -28.22 -28.81
CA SER GA 17 -28.15 -27.06 -29.61
C SER GA 17 -28.13 -25.81 -28.77
N THR GA 18 -29.24 -25.54 -28.07
CA THR GA 18 -29.34 -24.30 -27.31
C THR GA 18 -28.43 -24.32 -26.11
N ARG GA 19 -28.33 -25.45 -25.41
CA ARG GA 19 -27.43 -25.51 -24.27
C ARG GA 19 -26.00 -25.24 -24.68
N TYR GA 20 -25.55 -25.92 -25.74
CA TYR GA 20 -24.20 -25.72 -26.26
C TYR GA 20 -23.98 -24.27 -26.64
N LYS GA 21 -24.82 -23.74 -27.53
CA LYS GA 21 -24.66 -22.37 -28.00
C LYS GA 21 -24.63 -21.39 -26.84
N GLY GA 22 -25.63 -21.47 -25.96
CA GLY GA 22 -25.72 -20.49 -24.88
C GLY GA 22 -24.55 -20.55 -23.94
N LYS GA 23 -24.18 -21.75 -23.48
CA LYS GA 23 -23.10 -21.85 -22.52
C LYS GA 23 -21.78 -21.38 -23.12
N LEU GA 24 -21.47 -21.82 -24.33
CA LEU GA 24 -20.21 -21.39 -24.92
C LEU GA 24 -20.23 -19.91 -25.26
N TYR GA 25 -21.40 -19.37 -25.62
CA TYR GA 25 -21.52 -17.93 -25.81
C TYR GA 25 -21.19 -17.19 -24.53
N GLY GA 26 -21.79 -17.63 -23.43
CA GLY GA 26 -21.49 -17.00 -22.15
C GLY GA 26 -20.02 -17.06 -21.83
N ILE GA 27 -19.37 -18.18 -22.11
CA ILE GA 27 -17.95 -18.27 -21.83
C ILE GA 27 -17.17 -17.30 -22.72
N PHE GA 28 -17.54 -17.22 -24.00
CA PHE GA 28 -16.68 -16.57 -24.97
C PHE GA 28 -16.85 -15.06 -25.03
N VAL GA 29 -17.98 -14.52 -24.58
CA VAL GA 29 -18.13 -13.06 -24.62
C VAL GA 29 -16.94 -12.38 -23.96
N ASN GA 30 -16.40 -12.99 -22.91
CA ASN GA 30 -15.22 -12.42 -22.26
C ASN GA 30 -13.95 -12.63 -23.04
N TYR GA 31 -14.02 -13.20 -24.23
CA TYR GA 31 -12.89 -13.31 -25.13
C TYR GA 31 -13.06 -12.50 -26.40
N MET GA 32 -14.26 -12.48 -26.96
CA MET GA 32 -14.49 -11.96 -28.30
C MET GA 32 -15.23 -10.63 -28.33
N GLY GA 33 -16.09 -10.37 -27.36
CA GLY GA 33 -17.15 -9.41 -27.53
C GLY GA 33 -18.37 -10.07 -28.11
N GLU GA 34 -19.45 -9.31 -28.23
CA GLU GA 34 -20.74 -9.90 -28.52
C GLU GA 34 -20.75 -10.60 -29.88
N LYS GA 35 -20.62 -9.84 -30.97
CA LYS GA 35 -20.88 -10.39 -32.29
C LYS GA 35 -19.86 -11.45 -32.68
N TYR GA 36 -18.60 -11.24 -32.31
CA TYR GA 36 -17.59 -12.24 -32.63
C TYR GA 36 -17.89 -13.56 -31.95
N ALA GA 37 -18.21 -13.53 -30.66
CA ALA GA 37 -18.58 -14.76 -29.97
C ALA GA 37 -19.83 -15.36 -30.58
N GLN GA 38 -20.76 -14.52 -31.02
CA GLN GA 38 -21.97 -15.03 -31.66
C GLN GA 38 -21.63 -15.86 -32.89
N GLN GA 39 -20.90 -15.26 -33.83
CA GLN GA 39 -20.52 -15.98 -35.03
C GLN GA 39 -19.69 -17.22 -34.69
N LEU GA 40 -18.83 -17.11 -33.67
CA LEU GA 40 -17.98 -18.23 -33.30
C LEU GA 40 -18.82 -19.42 -32.88
N VAL GA 41 -19.75 -19.22 -31.95
CA VAL GA 41 -20.55 -20.36 -31.48
C VAL GA 41 -21.44 -20.86 -32.60
N GLU GA 42 -21.93 -19.97 -33.46
CA GLU GA 42 -22.72 -20.42 -34.59
C GLU GA 42 -21.94 -21.43 -35.43
N ASN GA 43 -20.74 -21.04 -35.86
CA ASN GA 43 -19.95 -21.94 -36.70
C ASN GA 43 -19.56 -23.20 -35.95
N MET GA 44 -19.19 -23.06 -34.67
CA MET GA 44 -18.80 -24.22 -33.89
C MET GA 44 -19.91 -25.24 -33.84
N TYR GA 45 -21.12 -24.80 -33.49
CA TYR GA 45 -22.21 -25.76 -33.41
C TYR GA 45 -22.59 -26.30 -34.76
N SER GA 46 -22.49 -25.50 -35.82
CA SER GA 46 -22.78 -26.03 -37.14
C SER GA 46 -21.88 -27.22 -37.44
N ASN GA 47 -20.57 -27.05 -37.22
CA ASN GA 47 -19.63 -28.14 -37.47
C ASN GA 47 -19.93 -29.33 -36.57
N TYR GA 48 -20.10 -29.08 -35.27
CA TYR GA 48 -20.37 -30.18 -34.35
C TYR GA 48 -21.62 -30.94 -34.77
N ASN GA 49 -22.66 -30.22 -35.17
CA ASN GA 49 -23.85 -30.85 -35.72
C ASN GA 49 -23.49 -31.75 -36.86
N ASP GA 50 -23.10 -31.14 -37.99
CA ASP GA 50 -22.97 -31.91 -39.22
C ASP GA 50 -21.95 -33.04 -39.11
N VAL GA 51 -21.09 -33.05 -38.09
CA VAL GA 51 -20.25 -34.22 -37.93
C VAL GA 51 -20.87 -35.18 -36.93
N PHE GA 52 -20.90 -34.77 -35.66
CA PHE GA 52 -21.24 -35.70 -34.59
C PHE GA 52 -22.68 -36.18 -34.72
N VAL GA 53 -23.62 -35.24 -34.86
CA VAL GA 53 -25.01 -35.64 -34.98
C VAL GA 53 -25.16 -36.62 -36.14
N GLU GA 54 -24.88 -36.14 -37.35
CA GLU GA 54 -25.14 -36.89 -38.57
C GLU GA 54 -24.51 -38.26 -38.54
N ILE GA 55 -23.38 -38.43 -37.88
CA ILE GA 55 -22.77 -39.75 -37.91
C ILE GA 55 -23.12 -40.52 -36.65
N TYR GA 56 -22.61 -40.05 -35.51
CA TYR GA 56 -22.67 -40.83 -34.30
C TYR GA 56 -24.10 -40.94 -33.77
N ASN GA 57 -24.86 -39.85 -33.81
CA ASN GA 57 -26.18 -39.91 -33.20
C ASN GA 57 -27.10 -40.80 -34.00
N LYS GA 58 -27.03 -40.70 -35.33
CA LYS GA 58 -27.80 -41.61 -36.16
C LYS GA 58 -27.38 -43.05 -35.93
N MET GA 59 -26.08 -43.31 -35.81
CA MET GA 59 -25.63 -44.68 -35.55
C MET GA 59 -26.16 -45.18 -34.22
N HIS GA 60 -26.12 -44.35 -33.18
CA HIS GA 60 -26.58 -44.79 -31.87
C HIS GA 60 -28.08 -45.05 -31.88
N ASN GA 61 -28.85 -44.14 -32.48
CA ASN GA 61 -30.30 -44.35 -32.54
C ASN GA 61 -30.63 -45.59 -33.35
N ALA GA 62 -29.83 -45.91 -34.36
CA ALA GA 62 -30.08 -47.13 -35.12
C ALA GA 62 -29.74 -48.38 -34.31
N LEU GA 63 -28.63 -48.34 -33.58
CA LEU GA 63 -28.08 -49.56 -33.01
C LEU GA 63 -28.61 -49.89 -31.63
N ARG GA 64 -28.99 -48.90 -30.85
CA ARG GA 64 -29.49 -49.11 -29.48
C ARG GA 64 -30.40 -50.33 -29.34
N PRO GA 65 -31.42 -50.52 -30.19
CA PRO GA 65 -32.26 -51.73 -30.02
C PRO GA 65 -31.47 -53.02 -30.11
N THR GA 66 -30.53 -53.13 -31.03
CA THR GA 66 -29.76 -54.36 -31.14
C THR GA 66 -28.86 -54.57 -29.93
N LEU GA 67 -28.30 -53.49 -29.39
CA LEU GA 67 -27.56 -53.61 -28.14
C LEU GA 67 -28.44 -54.20 -27.07
N VAL GA 68 -29.69 -53.74 -26.97
CA VAL GA 68 -30.61 -54.31 -25.99
C VAL GA 68 -30.85 -55.79 -26.29
N LYS GA 69 -31.10 -56.12 -27.56
CA LYS GA 69 -31.38 -57.52 -27.90
C LYS GA 69 -30.24 -58.43 -27.46
N LEU GA 70 -29.00 -58.04 -27.73
CA LEU GA 70 -27.89 -58.91 -27.41
C LEU GA 70 -27.58 -58.92 -25.93
N ALA GA 71 -27.26 -57.77 -25.36
CA ALA GA 71 -26.82 -57.70 -23.97
C ALA GA 71 -27.54 -56.59 -23.24
N GLY GA 72 -28.86 -56.55 -23.40
CA GLY GA 72 -29.69 -55.55 -22.76
C GLY GA 72 -29.33 -55.33 -21.31
N ALA GA 73 -28.82 -54.15 -21.00
CA ALA GA 73 -28.21 -53.88 -19.71
C ALA GA 73 -27.76 -52.43 -19.70
N GLY GA 74 -27.54 -51.91 -18.49
CA GLY GA 74 -26.76 -50.69 -18.38
C GLY GA 74 -25.31 -50.93 -18.71
N ALA GA 75 -24.86 -52.19 -18.61
CA ALA GA 75 -23.48 -52.56 -18.91
C ALA GA 75 -23.35 -52.83 -20.42
N THR GA 76 -23.82 -51.86 -21.19
CA THR GA 76 -23.61 -51.86 -22.64
C THR GA 76 -22.58 -50.83 -23.06
N PHE GA 77 -22.09 -50.04 -22.13
CA PHE GA 77 -21.03 -49.07 -22.41
C PHE GA 77 -19.88 -49.64 -23.23
N PRO GA 78 -19.38 -50.85 -22.97
CA PRO GA 78 -18.37 -51.40 -23.88
C PRO GA 78 -18.85 -51.48 -25.32
N LEU GA 79 -20.13 -51.79 -25.55
CA LEU GA 79 -20.62 -51.81 -26.92
C LEU GA 79 -20.64 -50.41 -27.52
N TRP GA 80 -20.99 -49.40 -26.72
CA TRP GA 80 -20.99 -48.04 -27.22
C TRP GA 80 -19.59 -47.60 -27.63
N GLN GA 81 -18.61 -47.82 -26.76
CA GLN GA 81 -17.25 -47.45 -27.12
C GLN GA 81 -16.75 -48.29 -28.28
N LEU GA 82 -17.23 -49.52 -28.39
CA LEU GA 82 -16.89 -50.36 -29.54
C LEU GA 82 -17.36 -49.71 -30.84
N VAL GA 83 -18.63 -49.33 -30.89
CA VAL GA 83 -19.14 -48.75 -32.13
C VAL GA 83 -18.48 -47.41 -32.41
N ASN GA 84 -18.13 -46.66 -31.35
CA ASN GA 84 -17.41 -45.42 -31.56
C ASN GA 84 -16.07 -45.67 -32.23
N GLU GA 85 -15.25 -46.55 -31.65
CA GLU GA 85 -13.95 -46.84 -32.25
C GLU GA 85 -14.11 -47.40 -33.66
N ALA GA 86 -15.13 -48.24 -33.86
CA ALA GA 86 -15.37 -48.79 -35.19
C ALA GA 86 -15.58 -47.68 -36.21
N ILE GA 87 -16.47 -46.74 -35.90
CA ILE GA 87 -16.71 -45.63 -36.80
C ILE GA 87 -15.43 -44.82 -36.99
N TYR GA 88 -14.60 -44.74 -35.95
CA TYR GA 88 -13.39 -43.92 -36.06
C TYR GA 88 -12.19 -44.73 -36.53
N ALA GA 89 -11.81 -45.76 -35.78
CA ALA GA 89 -10.50 -46.38 -35.99
C ALA GA 89 -10.43 -47.11 -37.32
N VAL GA 90 -11.51 -47.76 -37.73
CA VAL GA 90 -11.47 -48.55 -38.95
C VAL GA 90 -12.05 -47.76 -40.12
N TYR GA 91 -13.32 -47.43 -40.03
CA TYR GA 91 -13.92 -46.61 -41.07
C TYR GA 91 -13.39 -45.18 -40.99
N LEU GA 92 -13.20 -44.57 -42.15
CA LEU GA 92 -12.83 -43.17 -42.28
C LEU GA 92 -11.39 -42.91 -41.85
N THR GA 93 -10.72 -43.91 -41.29
CA THR GA 93 -9.30 -43.79 -40.99
C THR GA 93 -8.46 -44.98 -41.40
N HIS GA 94 -9.02 -46.19 -41.41
CA HIS GA 94 -8.26 -47.39 -41.78
C HIS GA 94 -6.97 -47.50 -40.96
N LYS GA 95 -7.09 -47.21 -39.67
CA LYS GA 95 -5.91 -47.27 -38.82
C LYS GA 95 -5.67 -48.67 -38.27
N GLU GA 96 -6.72 -49.46 -38.09
CA GLU GA 96 -6.60 -50.79 -37.52
C GLU GA 96 -7.52 -51.77 -38.23
N THR GA 97 -7.10 -53.04 -38.22
CA THR GA 97 -7.89 -54.13 -38.78
C THR GA 97 -8.86 -54.66 -37.74
N ALA GA 98 -9.88 -55.38 -38.22
CA ALA GA 98 -10.87 -55.95 -37.32
C ALA GA 98 -10.24 -56.86 -36.27
N SER GA 99 -9.10 -57.47 -36.61
CA SER GA 99 -8.38 -58.29 -35.64
C SER GA 99 -8.11 -57.53 -34.37
N PHE GA 100 -7.67 -56.27 -34.49
CA PHE GA 100 -7.41 -55.46 -33.31
C PHE GA 100 -8.64 -55.34 -32.45
N LEU GA 101 -9.78 -54.96 -33.04
CA LEU GA 101 -10.99 -54.73 -32.26
C LEU GA 101 -11.46 -56.01 -31.59
N VAL GA 102 -11.50 -57.10 -32.35
CA VAL GA 102 -12.02 -58.33 -31.76
C VAL GA 102 -11.10 -58.81 -30.65
N THR GA 103 -9.79 -58.74 -30.86
CA THR GA 103 -8.85 -59.10 -29.81
C THR GA 103 -9.04 -58.23 -28.57
N LYS GA 104 -9.15 -56.92 -28.79
CA LYS GA 104 -9.28 -56.00 -27.66
C LYS GA 104 -10.53 -56.26 -26.86
N TYR GA 105 -11.65 -56.53 -27.54
CA TYR GA 105 -12.91 -56.61 -26.82
C TYR GA 105 -13.17 -58.00 -26.26
N VAL GA 106 -12.59 -59.04 -26.86
CA VAL GA 106 -12.61 -60.32 -26.16
C VAL GA 106 -11.68 -60.25 -24.96
N ALA GA 107 -10.60 -59.47 -25.06
CA ALA GA 107 -9.78 -59.21 -23.89
C ALA GA 107 -10.56 -58.47 -22.82
N ARG GA 108 -11.47 -57.60 -23.25
CA ARG GA 108 -12.33 -56.88 -22.30
C ARG GA 108 -13.54 -57.71 -21.89
N GLY GA 109 -13.73 -58.90 -22.44
CA GLY GA 109 -14.80 -59.77 -22.03
C GLY GA 109 -16.03 -59.77 -22.90
N VAL GA 110 -15.90 -59.49 -24.19
CA VAL GA 110 -17.02 -59.47 -25.12
C VAL GA 110 -16.94 -60.71 -25.99
N PRO GA 111 -18.05 -61.44 -26.20
CA PRO GA 111 -18.04 -62.53 -27.16
C PRO GA 111 -17.70 -62.03 -28.55
N ALA GA 112 -16.86 -62.79 -29.25
CA ALA GA 112 -16.29 -62.31 -30.51
C ALA GA 112 -17.36 -62.12 -31.58
N MET GA 113 -18.24 -63.11 -31.73
CA MET GA 113 -19.26 -63.01 -32.77
C MET GA 113 -20.20 -61.83 -32.55
N THR GA 114 -20.39 -61.41 -31.29
CA THR GA 114 -21.12 -60.17 -31.05
C THR GA 114 -20.39 -58.99 -31.67
N VAL GA 115 -19.07 -58.94 -31.49
CA VAL GA 115 -18.28 -57.88 -32.09
C VAL GA 115 -18.42 -57.91 -33.60
N LYS GA 116 -18.33 -59.10 -34.19
CA LYS GA 116 -18.49 -59.23 -35.63
C LYS GA 116 -19.86 -58.73 -36.08
N THR GA 117 -20.90 -59.09 -35.33
CA THR GA 117 -22.25 -58.64 -35.64
C THR GA 117 -22.33 -57.12 -35.65
N LEU GA 118 -21.81 -56.50 -34.59
CA LEU GA 118 -21.85 -55.05 -34.49
C LEU GA 118 -21.10 -54.40 -35.64
N LEU GA 119 -19.94 -54.95 -36.00
CA LEU GA 119 -19.24 -54.43 -37.18
C LEU GA 119 -20.12 -54.55 -38.41
N ALA GA 120 -20.84 -55.66 -38.54
CA ALA GA 120 -21.71 -55.84 -39.69
C ALA GA 120 -22.75 -54.71 -39.76
N GLU GA 121 -23.43 -54.45 -38.65
CA GLU GA 121 -24.48 -53.43 -38.70
C GLU GA 121 -23.90 -52.04 -38.88
N VAL GA 122 -22.81 -51.71 -38.18
CA VAL GA 122 -22.26 -50.37 -38.33
C VAL GA 122 -21.81 -50.14 -39.75
N GLY GA 123 -21.24 -51.17 -40.39
CA GLY GA 123 -20.92 -51.04 -41.80
C GLY GA 123 -22.16 -50.86 -42.65
N ASN GA 124 -23.19 -51.67 -42.40
CA ASN GA 124 -24.40 -51.63 -43.22
C ASN GA 124 -25.09 -50.28 -43.13
N GLN GA 125 -24.93 -49.56 -42.03
CA GLN GA 125 -25.54 -48.24 -41.96
C GLN GA 125 -24.60 -47.13 -42.40
N LEU GA 126 -23.32 -47.24 -42.06
CA LEU GA 126 -22.37 -46.21 -42.44
C LEU GA 126 -22.23 -46.15 -43.96
N LYS GA 127 -22.34 -47.29 -44.64
CA LYS GA 127 -22.35 -47.27 -46.09
C LYS GA 127 -23.54 -46.50 -46.64
N GLU GA 128 -24.61 -46.40 -45.85
CA GLU GA 128 -25.74 -45.58 -46.26
C GLU GA 128 -25.50 -44.11 -45.96
N LEU GA 129 -24.83 -43.82 -44.84
CA LEU GA 129 -24.61 -42.43 -44.47
C LEU GA 129 -23.51 -41.79 -45.31
N VAL GA 130 -22.38 -42.46 -45.47
CA VAL GA 130 -21.20 -41.87 -46.09
C VAL GA 130 -21.00 -42.50 -47.46
N PRO GA 131 -20.94 -41.69 -48.53
CA PRO GA 131 -20.72 -42.27 -49.86
C PRO GA 131 -19.34 -42.90 -50.01
N ALA GA 132 -18.31 -42.29 -49.43
CA ALA GA 132 -16.95 -42.78 -49.64
C ALA GA 132 -16.80 -44.22 -49.16
N VAL GA 133 -17.33 -44.53 -47.98
CA VAL GA 133 -17.24 -45.90 -47.48
C VAL GA 133 -18.12 -46.82 -48.32
N ALA GA 134 -19.23 -46.30 -48.85
CA ALA GA 134 -20.07 -47.10 -49.72
C ALA GA 134 -19.31 -47.54 -50.96
N GLU GA 135 -18.52 -46.63 -51.53
CA GLU GA 135 -17.68 -47.00 -52.67
C GLU GA 135 -16.56 -47.92 -52.25
N GLN GA 136 -16.01 -47.71 -51.05
CA GLN GA 136 -14.90 -48.53 -50.58
C GLN GA 136 -15.32 -49.99 -50.41
N ILE GA 137 -16.42 -50.24 -49.70
CA ILE GA 137 -16.84 -51.60 -49.44
C ILE GA 137 -17.59 -52.17 -50.64
N GLY GA 138 -18.16 -51.31 -51.46
CA GLY GA 138 -18.95 -51.78 -52.58
C GLY GA 138 -20.27 -52.37 -52.11
N SER GA 139 -20.81 -53.27 -52.94
CA SER GA 139 -22.09 -53.91 -52.66
C SER GA 139 -21.87 -55.32 -52.10
N VAL GA 140 -21.53 -55.36 -50.81
CA VAL GA 140 -21.39 -56.60 -50.07
C VAL GA 140 -22.17 -56.48 -48.77
N THR GA 141 -23.15 -57.36 -48.59
CA THR GA 141 -23.89 -57.40 -47.34
C THR GA 141 -23.03 -58.06 -46.26
N LEU GA 142 -22.92 -57.39 -45.12
CA LEU GA 142 -22.05 -57.85 -44.06
C LEU GA 142 -22.75 -58.84 -43.15
N ASP GA 143 -21.98 -59.79 -42.63
CA ASP GA 143 -22.47 -60.73 -41.63
C ASP GA 143 -21.29 -61.15 -40.77
N HIS GA 144 -21.60 -61.59 -39.55
CA HIS GA 144 -20.58 -62.06 -38.62
C HIS GA 144 -19.78 -63.23 -39.18
N THR GA 145 -20.17 -63.75 -40.33
CA THR GA 145 -19.43 -64.78 -41.03
C THR GA 145 -18.39 -64.23 -41.99
N ASN GA 146 -18.61 -63.03 -42.54
CA ASN GA 146 -17.76 -62.51 -43.59
C ASN GA 146 -17.23 -61.11 -43.35
N VAL GA 147 -17.61 -60.45 -42.25
CA VAL GA 147 -17.18 -59.08 -42.04
C VAL GA 147 -15.66 -58.99 -41.94
N VAL GA 148 -15.04 -59.89 -41.17
CA VAL GA 148 -13.63 -59.74 -40.86
C VAL GA 148 -12.79 -59.79 -42.12
N SER GA 149 -13.07 -60.74 -43.01
CA SER GA 149 -12.29 -60.87 -44.24
C SER GA 149 -12.39 -59.61 -45.08
N THR GA 150 -13.60 -59.14 -45.33
CA THR GA 150 -13.80 -57.98 -46.19
C THR GA 150 -13.16 -56.75 -45.59
N VAL GA 151 -13.42 -56.49 -44.30
CA VAL GA 151 -12.92 -55.27 -43.69
C VAL GA 151 -11.40 -55.29 -43.61
N ASP GA 152 -10.82 -56.47 -43.36
CA ASP GA 152 -9.37 -56.56 -43.29
C ASP GA 152 -8.76 -56.37 -44.67
N ASN GA 153 -9.37 -56.94 -45.70
CA ASN GA 153 -8.92 -56.66 -47.06
C ASN GA 153 -8.93 -55.17 -47.32
N ILE GA 154 -10.01 -54.49 -46.94
CA ILE GA 154 -10.13 -53.05 -47.20
C ILE GA 154 -9.03 -52.29 -46.46
N VAL GA 155 -8.90 -52.54 -45.15
CA VAL GA 155 -8.01 -51.72 -44.34
C VAL GA 155 -6.55 -51.98 -44.70
N THR GA 156 -6.18 -53.23 -44.96
CA THR GA 156 -4.81 -53.50 -45.41
C THR GA 156 -4.56 -52.89 -46.78
N SER GA 157 -5.53 -52.99 -47.68
CA SER GA 157 -5.40 -52.36 -48.99
C SER GA 157 -5.12 -50.87 -48.85
N MET GA 158 -5.65 -50.27 -47.86
CA MET GA 158 -5.38 -48.86 -47.67
C MET GA 158 -4.28 -48.65 -46.64
N PRO GA 159 -3.61 -47.52 -46.68
CA PRO GA 159 -2.70 -47.17 -45.59
C PRO GA 159 -3.47 -46.51 -44.45
N ALA GA 160 -2.71 -46.06 -43.45
CA ALA GA 160 -3.30 -45.26 -42.39
C ALA GA 160 -3.72 -43.90 -42.94
N LEU GA 161 -4.98 -43.56 -42.73
CA LEU GA 161 -5.35 -42.29 -43.33
C LEU GA 161 -5.36 -41.19 -42.29
N PRO GA 162 -4.99 -39.97 -42.68
CA PRO GA 162 -5.03 -38.85 -41.72
C PRO GA 162 -6.46 -38.62 -41.24
N ASN GA 163 -6.60 -38.42 -39.93
CA ASN GA 163 -7.90 -38.21 -39.33
C ASN GA 163 -8.63 -37.00 -39.90
N SER GA 164 -7.95 -36.17 -40.70
CA SER GA 164 -8.62 -35.08 -41.40
C SER GA 164 -9.78 -35.61 -42.23
N TYR GA 165 -9.65 -36.81 -42.79
CA TYR GA 165 -10.75 -37.41 -43.53
C TYR GA 165 -11.96 -37.63 -42.62
N ALA GA 166 -11.74 -38.26 -41.47
CA ALA GA 166 -12.84 -38.50 -40.55
C ALA GA 166 -13.40 -37.21 -39.97
N GLY GA 167 -12.63 -36.13 -40.01
CA GLY GA 167 -13.07 -34.94 -39.32
C GLY GA 167 -14.14 -34.12 -40.01
N VAL GA 168 -13.80 -33.40 -41.08
CA VAL GA 168 -14.74 -32.48 -41.69
C VAL GA 168 -14.86 -32.72 -43.19
N LEU GA 169 -13.72 -32.72 -43.88
CA LEU GA 169 -13.71 -32.63 -45.34
C LEU GA 169 -14.55 -33.71 -46.00
N MET GA 170 -14.71 -34.86 -45.33
CA MET GA 170 -15.41 -35.99 -45.95
C MET GA 170 -16.78 -35.57 -46.47
N LYS GA 171 -17.57 -34.92 -45.63
CA LYS GA 171 -18.87 -34.39 -46.03
C LYS GA 171 -18.75 -33.09 -46.80
N THR GA 172 -17.65 -32.36 -46.61
CA THR GA 172 -17.51 -31.03 -47.19
C THR GA 172 -17.35 -31.10 -48.70
N LYS GA 173 -16.55 -32.04 -49.19
CA LYS GA 173 -16.21 -32.03 -50.61
C LYS GA 173 -17.36 -32.54 -51.47
N VAL GA 174 -18.12 -33.51 -50.98
CA VAL GA 174 -19.13 -34.18 -51.79
C VAL GA 174 -20.51 -33.72 -51.33
N PRO GA 175 -21.35 -33.20 -52.23
CA PRO GA 175 -22.74 -32.93 -51.86
C PRO GA 175 -23.58 -34.20 -51.93
N THR GA 176 -24.60 -34.26 -51.09
CA THR GA 176 -25.44 -35.45 -50.99
C THR GA 176 -26.89 -35.07 -51.23
N VAL GA 177 -27.70 -36.08 -51.53
CA VAL GA 177 -29.13 -35.86 -51.71
C VAL GA 177 -29.73 -35.43 -50.38
N THR GA 178 -30.53 -34.39 -50.43
CA THR GA 178 -31.18 -33.89 -49.23
C THR GA 178 -32.40 -34.74 -48.91
N PRO GA 179 -32.86 -34.70 -47.67
CA PRO GA 179 -34.16 -35.30 -47.35
C PRO GA 179 -35.30 -34.42 -47.84
N HIS GA 180 -34.96 -33.44 -48.68
CA HIS GA 180 -35.91 -32.52 -49.30
C HIS GA 180 -35.91 -32.73 -50.79
N TYR GA 181 -35.87 -33.98 -51.21
CA TYR GA 181 -35.60 -34.32 -52.60
C TYR GA 181 -36.48 -35.49 -53.00
N ALA GA 182 -36.43 -35.84 -54.27
CA ALA GA 182 -37.03 -37.08 -54.74
C ALA GA 182 -36.02 -38.22 -54.58
N GLY GA 183 -36.36 -39.38 -55.12
CA GLY GA 183 -35.46 -40.52 -54.98
C GLY GA 183 -35.48 -41.02 -53.55
N THR GA 184 -34.29 -41.09 -52.93
CA THR GA 184 -34.15 -41.61 -51.59
C THR GA 184 -34.13 -40.52 -50.52
N GLY GA 185 -34.71 -39.35 -50.80
CA GLY GA 185 -34.78 -38.28 -49.83
C GLY GA 185 -36.16 -37.67 -49.69
N THR GA 186 -37.20 -38.50 -49.61
CA THR GA 186 -38.57 -37.99 -49.62
C THR GA 186 -39.36 -38.54 -48.44
N PHE GA 187 -38.72 -38.67 -47.27
CA PHE GA 187 -39.39 -39.30 -46.13
C PHE GA 187 -39.28 -38.57 -44.79
N SER GA 188 -38.19 -37.86 -44.51
CA SER GA 188 -37.87 -37.53 -43.12
C SER GA 188 -38.22 -36.10 -42.71
N SER GA 189 -38.71 -35.28 -43.63
CA SER GA 189 -39.05 -33.89 -43.30
C SER GA 189 -39.91 -33.80 -42.06
N MET GA 190 -40.58 -34.91 -41.69
CA MET GA 190 -41.33 -35.00 -40.44
C MET GA 190 -40.59 -34.29 -39.32
N GLU GA 191 -39.36 -34.72 -39.04
CA GLU GA 191 -38.59 -34.09 -37.97
C GLU GA 191 -38.52 -32.59 -38.18
N SER GA 192 -37.95 -32.16 -39.31
CA SER GA 192 -37.83 -30.73 -39.57
C SER GA 192 -39.16 -30.04 -39.47
N ALA GA 193 -40.24 -30.72 -39.92
CA ALA GA 193 -41.56 -30.11 -39.89
C ALA GA 193 -41.87 -29.59 -38.50
N TYR GA 194 -41.63 -30.42 -37.47
CA TYR GA 194 -41.91 -29.99 -36.11
C TYR GA 194 -41.25 -28.65 -35.81
N LYS GA 195 -39.95 -28.56 -36.13
CA LYS GA 195 -39.23 -27.31 -35.93
C LYS GA 195 -40.04 -26.13 -36.46
N ALA GA 196 -40.45 -26.22 -37.72
CA ALA GA 196 -41.23 -25.13 -38.31
C ALA GA 196 -42.42 -24.79 -37.43
N LEU GA 197 -43.25 -25.78 -37.14
CA LEU GA 197 -44.44 -25.53 -36.33
C LEU GA 197 -44.08 -24.73 -35.09
N GLU GA 198 -43.02 -25.15 -34.41
CA GLU GA 198 -42.62 -24.49 -33.18
C GLU GA 198 -42.50 -22.98 -33.37
N ASP GA 199 -41.69 -22.55 -34.34
CA ASP GA 199 -41.46 -21.12 -34.48
C ASP GA 199 -42.75 -20.39 -34.84
N ILE GA 200 -43.64 -21.05 -35.58
CA ILE GA 200 -44.91 -20.40 -35.90
C ILE GA 200 -45.69 -20.15 -34.63
N GLU GA 201 -45.75 -21.13 -33.74
CA GLU GA 201 -46.53 -20.97 -32.53
C GLU GA 201 -45.91 -19.94 -31.59
N ARG GA 202 -44.58 -19.85 -31.57
CA ARG GA 202 -43.92 -18.79 -30.82
C ARG GA 202 -44.00 -17.44 -31.51
N GLY GA 203 -44.79 -17.32 -32.57
CA GLY GA 203 -44.84 -16.07 -33.30
C GLY GA 203 -43.55 -15.75 -34.03
N LEU GA 204 -42.67 -16.73 -34.22
CA LEU GA 204 -41.41 -16.52 -34.90
C LEU GA 204 -41.50 -16.90 -36.38
N GLY HA 3 -50.31 -20.91 15.38
CA GLY HA 3 -50.25 -22.22 14.77
C GLY HA 3 -51.29 -22.43 13.69
N ARG HA 4 -51.10 -23.45 12.87
CA ARG HA 4 -51.99 -23.78 11.76
C ARG HA 4 -52.20 -22.54 10.88
N GLN HA 5 -51.09 -22.02 10.38
CA GLN HA 5 -51.12 -20.76 9.62
C GLN HA 5 -51.93 -20.91 8.35
N SER HA 6 -51.75 -22.00 7.62
CA SER HA 6 -52.47 -22.19 6.36
C SER HA 6 -52.60 -23.67 6.09
N HIS HA 7 -53.28 -24.01 5.00
CA HIS HA 7 -53.48 -25.39 4.55
C HIS HA 7 -53.17 -25.44 3.06
N LYS HA 8 -51.91 -25.69 2.73
CA LYS HA 8 -51.47 -25.63 1.34
C LYS HA 8 -51.97 -26.85 0.57
N LYS HA 9 -52.06 -26.68 -0.75
CA LYS HA 9 -52.45 -27.74 -1.67
C LYS HA 9 -51.47 -27.77 -2.82
N ILE HA 10 -50.98 -28.98 -3.14
CA ILE HA 10 -49.91 -29.17 -4.11
C ILE HA 10 -50.45 -30.02 -5.24
N ASP HA 11 -50.45 -29.46 -6.46
CA ASP HA 11 -50.97 -30.15 -7.62
C ASP HA 11 -50.64 -29.33 -8.86
N VAL HA 12 -51.00 -29.88 -10.02
CA VAL HA 12 -50.86 -29.19 -11.29
C VAL HA 12 -52.07 -28.29 -11.47
N ARG HA 13 -51.84 -26.98 -11.44
CA ARG HA 13 -52.92 -26.00 -11.29
C ARG HA 13 -53.01 -25.02 -12.45
N ASN HA 14 -52.76 -25.48 -13.68
CA ASN HA 14 -52.93 -24.64 -14.87
C ASN HA 14 -52.02 -23.43 -14.85
N ASP HA 15 -51.05 -23.41 -13.94
CA ASP HA 15 -50.06 -22.35 -13.90
C ASP HA 15 -48.67 -22.88 -13.68
N THR HA 16 -48.51 -24.18 -13.45
CA THR HA 16 -47.18 -24.74 -13.27
C THR HA 16 -46.32 -24.51 -14.50
N SER HA 17 -46.94 -24.54 -15.68
CA SER HA 17 -46.25 -24.19 -16.90
C SER HA 17 -45.60 -22.81 -16.77
N THR HA 18 -46.41 -21.80 -16.44
CA THR HA 18 -45.90 -20.45 -16.41
C THR HA 18 -44.94 -20.24 -15.25
N ARG HA 19 -45.25 -20.79 -14.08
CA ARG HA 19 -44.33 -20.65 -12.95
C ARG HA 19 -42.97 -21.22 -13.30
N TYR HA 20 -42.96 -22.45 -13.82
CA TYR HA 20 -41.71 -23.10 -14.21
C TYR HA 20 -40.97 -22.28 -15.25
N LYS HA 21 -41.63 -21.99 -16.37
CA LYS HA 21 -40.99 -21.23 -17.44
C LYS HA 21 -40.42 -19.93 -16.93
N GLY HA 22 -41.23 -19.14 -16.22
CA GLY HA 22 -40.79 -17.83 -15.80
C GLY HA 22 -39.62 -17.88 -14.84
N LYS HA 23 -39.72 -18.70 -13.80
CA LYS HA 23 -38.64 -18.74 -12.82
C LYS HA 23 -37.34 -19.22 -13.46
N LEU HA 24 -37.42 -20.26 -14.29
CA LEU HA 24 -36.18 -20.75 -14.89
C LEU HA 24 -35.63 -19.77 -15.92
N TYR HA 25 -36.50 -19.06 -16.64
CA TYR HA 25 -36.05 -18.00 -17.52
C TYR HA 25 -35.30 -16.94 -16.74
N GLY HA 26 -35.88 -16.51 -15.62
CA GLY HA 26 -35.20 -15.56 -14.77
C GLY HA 26 -33.83 -16.04 -14.34
N ILE HA 27 -33.73 -17.29 -13.93
CA ILE HA 27 -32.44 -17.79 -13.47
C ILE HA 27 -31.45 -17.82 -14.63
N PHE HA 28 -31.87 -18.32 -15.78
CA PHE HA 28 -30.92 -18.60 -16.86
C PHE HA 28 -30.53 -17.38 -17.67
N VAL HA 29 -31.30 -16.30 -17.62
CA VAL HA 29 -30.96 -15.13 -18.43
C VAL HA 29 -29.53 -14.68 -18.13
N ASN HA 30 -29.06 -14.90 -16.91
CA ASN HA 30 -27.68 -14.57 -16.56
C ASN HA 30 -26.69 -15.60 -17.06
N TYR HA 31 -27.15 -16.64 -17.73
CA TYR HA 31 -26.29 -17.61 -18.39
C TYR HA 31 -26.35 -17.51 -19.90
N MET HA 32 -27.49 -17.13 -20.45
CA MET HA 32 -27.77 -17.29 -21.86
C MET HA 32 -27.89 -15.99 -22.64
N GLY HA 33 -28.48 -14.96 -22.05
CA GLY HA 33 -29.08 -13.89 -22.81
C GLY HA 33 -30.54 -14.22 -23.10
N GLU HA 34 -31.27 -13.19 -23.53
CA GLU HA 34 -32.73 -13.29 -23.56
C GLU HA 34 -33.19 -14.42 -24.48
N LYS HA 35 -32.84 -14.34 -25.76
CA LYS HA 35 -33.38 -15.29 -26.73
C LYS HA 35 -32.94 -16.72 -26.41
N TYR HA 36 -31.67 -16.89 -26.04
CA TYR HA 36 -31.20 -18.24 -25.74
C TYR HA 36 -31.92 -18.81 -24.54
N ALA HA 37 -32.05 -18.03 -23.46
CA ALA HA 37 -32.78 -18.51 -22.29
C ALA HA 37 -34.23 -18.80 -22.63
N GLN HA 38 -34.82 -18.00 -23.50
CA GLN HA 38 -36.19 -18.22 -23.91
C GLN HA 38 -36.35 -19.57 -24.59
N GLN HA 39 -35.54 -19.83 -25.61
CA GLN HA 39 -35.62 -21.11 -26.29
C GLN HA 39 -35.32 -22.26 -25.33
N LEU HA 40 -34.38 -22.04 -24.41
CA LEU HA 40 -33.99 -23.08 -23.47
C LEU HA 40 -35.17 -23.47 -22.58
N VAL HA 41 -35.81 -22.49 -21.96
CA VAL HA 41 -36.92 -22.82 -21.07
C VAL HA 41 -38.09 -23.38 -21.87
N GLU HA 42 -38.28 -22.91 -23.10
CA GLU HA 42 -39.32 -23.50 -23.95
C GLU HA 42 -39.10 -24.99 -24.10
N ASN HA 43 -37.91 -25.38 -24.54
CA ASN HA 43 -37.64 -26.80 -24.74
C ASN HA 43 -37.71 -27.57 -23.44
N MET HA 44 -37.18 -27.00 -22.36
CA MET HA 44 -37.17 -27.71 -21.09
C MET HA 44 -38.58 -28.01 -20.63
N TYR HA 45 -39.45 -27.00 -20.65
CA TYR HA 45 -40.81 -27.27 -20.21
C TYR HA 45 -41.53 -28.20 -21.17
N SER HA 46 -41.26 -28.08 -22.47
CA SER HA 46 -41.90 -28.99 -23.41
C SER HA 46 -41.58 -30.44 -23.05
N ASN HA 47 -40.30 -30.72 -22.81
CA ASN HA 47 -39.90 -32.08 -22.46
C ASN HA 47 -40.52 -32.51 -21.14
N TYR HA 48 -40.40 -31.67 -20.11
CA TYR HA 48 -40.98 -32.00 -18.81
C TYR HA 48 -42.47 -32.31 -18.95
N ASN HA 49 -43.17 -31.50 -19.73
CA ASN HA 49 -44.57 -31.74 -19.99
C ASN HA 49 -44.76 -33.13 -20.58
N ASP HA 50 -44.29 -33.30 -21.81
CA ASP HA 50 -44.63 -34.50 -22.58
C ASP HA 50 -44.18 -35.77 -21.88
N VAL HA 51 -43.23 -35.70 -20.95
CA VAL HA 51 -42.92 -36.91 -20.19
C VAL HA 51 -43.73 -36.97 -18.92
N PHE HA 52 -43.42 -36.06 -17.98
CA PHE HA 52 -43.93 -36.21 -16.63
C PHE HA 52 -45.43 -36.02 -16.58
N VAL HA 53 -45.95 -34.95 -17.18
CA VAL HA 53 -47.38 -34.75 -17.15
C VAL HA 53 -48.07 -35.95 -17.75
N GLU HA 54 -47.83 -36.18 -19.04
CA GLU HA 54 -48.52 -37.20 -19.80
C GLU HA 54 -48.51 -38.55 -19.13
N ILE HA 55 -47.46 -38.88 -18.38
CA ILE HA 55 -47.47 -40.19 -17.75
C ILE HA 55 -47.92 -40.09 -16.30
N TYR HA 56 -47.08 -39.46 -15.49
CA TYR HA 56 -47.27 -39.51 -14.05
C TYR HA 56 -48.53 -38.78 -13.63
N ASN HA 57 -48.81 -37.62 -14.22
CA ASN HA 57 -49.93 -36.84 -13.70
C ASN HA 57 -51.26 -37.48 -14.09
N LYS HA 58 -51.35 -38.01 -15.31
CA LYS HA 58 -52.54 -38.75 -15.68
C LYS HA 58 -52.73 -39.96 -14.77
N MET HA 59 -51.64 -40.66 -14.46
CA MET HA 59 -51.77 -41.79 -13.53
C MET HA 59 -52.25 -41.34 -12.17
N HIS HA 60 -51.68 -40.25 -11.65
CA HIS HA 60 -52.08 -39.78 -10.32
C HIS HA 60 -53.54 -39.37 -10.31
N ASN HA 61 -53.98 -38.66 -11.34
CA ASN HA 61 -55.37 -38.24 -11.39
C ASN HA 61 -56.31 -39.43 -11.48
N ALA HA 62 -55.94 -40.45 -12.26
CA ALA HA 62 -56.80 -41.61 -12.37
C ALA HA 62 -56.85 -42.39 -11.06
N LEU HA 63 -55.72 -42.49 -10.36
CA LEU HA 63 -55.61 -43.39 -9.24
C LEU HA 63 -56.02 -42.77 -7.91
N ARG HA 64 -55.97 -41.45 -7.78
CA ARG HA 64 -56.33 -40.80 -6.53
C ARG HA 64 -57.62 -41.32 -5.89
N PRO HA 65 -58.75 -41.40 -6.61
CA PRO HA 65 -59.98 -41.87 -5.94
C PRO HA 65 -59.84 -43.26 -5.34
N THR HA 66 -59.19 -44.17 -6.06
CA THR HA 66 -59.00 -45.51 -5.53
C THR HA 66 -58.10 -45.52 -4.30
N LEU HA 67 -57.08 -44.67 -4.28
CA LEU HA 67 -56.25 -44.56 -3.09
C LEU HA 67 -57.07 -44.09 -1.90
N VAL HA 68 -57.94 -43.11 -2.12
CA VAL HA 68 -58.79 -42.64 -1.03
C VAL HA 68 -59.76 -43.73 -0.58
N LYS HA 69 -60.24 -44.53 -1.53
CA LYS HA 69 -61.06 -45.68 -1.15
C LYS HA 69 -60.28 -46.64 -0.26
N LEU HA 70 -59.06 -46.95 -0.67
CA LEU HA 70 -58.30 -48.02 -0.03
C LEU HA 70 -57.80 -47.60 1.35
N ALA HA 71 -56.98 -46.57 1.40
CA ALA HA 71 -56.39 -46.11 2.65
C ALA HA 71 -56.59 -44.62 2.82
N GLY HA 72 -57.82 -44.16 2.59
CA GLY HA 72 -58.16 -42.74 2.66
C GLY HA 72 -57.52 -42.03 3.84
N ALA HA 73 -56.67 -41.06 3.53
CA ALA HA 73 -55.81 -40.44 4.53
C ALA HA 73 -54.98 -39.37 3.84
N GLY HA 74 -54.33 -38.54 4.64
CA GLY HA 74 -53.15 -37.85 4.16
C GLY HA 74 -51.95 -38.79 4.11
N ALA HA 75 -52.02 -39.87 4.88
CA ALA HA 75 -50.93 -40.84 4.96
C ALA HA 75 -51.13 -41.92 3.89
N THR HA 76 -51.29 -41.46 2.67
CA THR HA 76 -51.29 -42.33 1.50
C THR HA 76 -50.01 -42.20 0.70
N PHE HA 77 -49.09 -41.37 1.15
CA PHE HA 77 -47.83 -41.15 0.45
C PHE HA 77 -47.12 -42.43 0.05
N PRO HA 78 -47.00 -43.46 0.89
CA PRO HA 78 -46.35 -44.70 0.43
C PRO HA 78 -47.00 -45.29 -0.81
N LEU HA 79 -48.31 -45.15 -0.97
CA LEU HA 79 -48.94 -45.59 -2.20
C LEU HA 79 -48.44 -44.78 -3.39
N TRP HA 80 -48.17 -43.49 -3.18
CA TRP HA 80 -47.59 -42.69 -4.26
C TRP HA 80 -46.19 -43.18 -4.60
N GLN HA 81 -45.41 -43.52 -3.57
CA GLN HA 81 -44.13 -44.17 -3.82
C GLN HA 81 -44.32 -45.40 -4.70
N LEU HA 82 -45.32 -46.21 -4.36
CA LEU HA 82 -45.56 -47.45 -5.08
C LEU HA 82 -45.88 -47.18 -6.54
N VAL HA 83 -46.81 -46.26 -6.81
CA VAL HA 83 -47.20 -46.01 -8.18
C VAL HA 83 -46.02 -45.43 -8.97
N ASN HA 84 -45.20 -44.59 -8.32
CA ASN HA 84 -44.05 -44.03 -9.04
C ASN HA 84 -43.06 -45.12 -9.43
N GLU HA 85 -42.63 -45.91 -8.45
CA GLU HA 85 -41.67 -46.99 -8.76
C GLU HA 85 -42.27 -47.95 -9.78
N ALA HA 86 -43.56 -48.26 -9.66
CA ALA HA 86 -44.20 -49.16 -10.60
C ALA HA 86 -44.10 -48.63 -12.02
N ILE HA 87 -44.38 -47.34 -12.20
CA ILE HA 87 -44.24 -46.75 -13.51
C ILE HA 87 -42.79 -46.82 -13.97
N TYR HA 88 -41.85 -46.63 -13.05
CA TYR HA 88 -40.45 -46.57 -13.45
C TYR HA 88 -39.73 -47.92 -13.31
N ALA HA 89 -39.70 -48.47 -12.10
CA ALA HA 89 -38.82 -49.61 -11.83
C ALA HA 89 -39.28 -50.86 -12.57
N VAL HA 90 -40.58 -51.07 -12.68
CA VAL HA 90 -41.08 -52.29 -13.30
C VAL HA 90 -41.34 -52.04 -14.78
N TYR HA 91 -42.28 -51.16 -15.06
CA TYR HA 91 -42.60 -50.84 -16.44
C TYR HA 91 -41.51 -49.95 -17.03
N LEU HA 92 -41.30 -50.10 -18.34
CA LEU HA 92 -40.40 -49.26 -19.13
C LEU HA 92 -38.94 -49.54 -18.81
N THR HA 93 -38.67 -50.33 -17.78
CA THR HA 93 -37.30 -50.71 -17.46
C THR HA 93 -37.10 -52.18 -17.18
N HIS HA 94 -38.11 -52.90 -16.68
CA HIS HA 94 -37.95 -54.29 -16.27
C HIS HA 94 -36.77 -54.46 -15.32
N LYS HA 95 -36.60 -53.48 -14.43
CA LYS HA 95 -35.47 -53.52 -13.52
C LYS HA 95 -35.72 -54.40 -12.31
N GLU HA 96 -36.97 -54.55 -11.89
CA GLU HA 96 -37.31 -55.36 -10.74
C GLU HA 96 -38.61 -56.13 -10.97
N THR HA 97 -38.73 -57.26 -10.29
CA THR HA 97 -39.95 -58.06 -10.32
C THR HA 97 -40.91 -57.56 -9.25
N ALA HA 98 -42.18 -57.97 -9.38
CA ALA HA 98 -43.17 -57.62 -8.38
C ALA HA 98 -42.76 -58.09 -6.99
N SER HA 99 -41.94 -59.13 -6.91
CA SER HA 99 -41.46 -59.61 -5.62
C SER HA 99 -40.76 -58.51 -4.84
N PHE HA 100 -39.88 -57.75 -5.49
CA PHE HA 100 -39.17 -56.68 -4.81
C PHE HA 100 -40.14 -55.65 -4.25
N LEU HA 101 -41.09 -55.22 -5.07
CA LEU HA 101 -42.03 -54.18 -4.64
C LEU HA 101 -42.88 -54.67 -3.49
N VAL HA 102 -43.47 -55.87 -3.62
CA VAL HA 102 -44.34 -56.36 -2.55
C VAL HA 102 -43.54 -56.54 -1.27
N THR HA 103 -42.32 -57.09 -1.37
CA THR HA 103 -41.47 -57.26 -0.20
C THR HA 103 -41.19 -55.91 0.45
N LYS HA 104 -40.74 -54.94 -0.33
CA LYS HA 104 -40.38 -53.65 0.22
C LYS HA 104 -41.56 -52.96 0.87
N TYR HA 105 -42.73 -53.06 0.27
CA TYR HA 105 -43.85 -52.30 0.78
C TYR HA 105 -44.56 -53.00 1.93
N VAL HA 106 -44.54 -54.33 1.98
CA VAL HA 106 -45.01 -54.97 3.20
C VAL HA 106 -44.01 -54.72 4.32
N ALA HA 107 -42.72 -54.60 3.98
CA ALA HA 107 -41.74 -54.19 4.97
C ALA HA 107 -42.07 -52.82 5.52
N ARG HA 108 -42.63 -51.94 4.69
CA ARG HA 108 -43.03 -50.61 5.13
C ARG HA 108 -44.39 -50.57 5.78
N GLY HA 109 -45.10 -51.70 5.82
CA GLY HA 109 -46.39 -51.76 6.47
C GLY HA 109 -47.58 -51.68 5.55
N VAL HA 110 -47.45 -52.04 4.29
CA VAL HA 110 -48.54 -51.99 3.33
C VAL HA 110 -49.08 -53.39 3.14
N PRO HA 111 -50.40 -53.60 3.19
CA PRO HA 111 -50.95 -54.93 2.92
C PRO HA 111 -50.63 -55.38 1.51
N ALA HA 112 -50.39 -56.68 1.37
CA ALA HA 112 -49.92 -57.21 0.09
C ALA HA 112 -50.98 -57.06 -0.99
N MET HA 113 -52.21 -57.48 -0.71
CA MET HA 113 -53.24 -57.44 -1.74
C MET HA 113 -53.51 -56.02 -2.21
N THR HA 114 -53.35 -55.03 -1.32
CA THR HA 114 -53.45 -53.65 -1.75
C THR HA 114 -52.41 -53.34 -2.82
N VAL HA 115 -51.16 -53.72 -2.56
CA VAL HA 115 -50.08 -53.52 -3.52
C VAL HA 115 -50.42 -54.19 -4.84
N LYS HA 116 -50.89 -55.43 -4.77
CA LYS HA 116 -51.19 -56.17 -6.00
C LYS HA 116 -52.29 -55.50 -6.80
N THR HA 117 -53.34 -55.05 -6.11
CA THR HA 117 -54.40 -54.31 -6.79
C THR HA 117 -53.86 -53.07 -7.47
N LEU HA 118 -53.08 -52.27 -6.73
CA LEU HA 118 -52.55 -51.03 -7.30
C LEU HA 118 -51.70 -51.31 -8.52
N LEU HA 119 -50.87 -52.35 -8.45
CA LEU HA 119 -50.05 -52.71 -9.60
C LEU HA 119 -50.92 -53.11 -10.77
N ALA HA 120 -51.98 -53.85 -10.50
CA ALA HA 120 -52.91 -54.24 -11.56
C ALA HA 120 -53.47 -53.02 -12.26
N GLU HA 121 -53.96 -52.04 -11.49
CA GLU HA 121 -54.58 -50.88 -12.14
C GLU HA 121 -53.55 -50.04 -12.88
N VAL HA 122 -52.36 -49.83 -12.29
CA VAL HA 122 -51.38 -49.00 -12.98
C VAL HA 122 -50.96 -49.65 -14.28
N GLY HA 123 -50.86 -50.98 -14.29
CA GLY HA 123 -50.62 -51.67 -15.55
C GLY HA 123 -51.75 -51.46 -16.53
N ASN HA 124 -52.99 -51.60 -16.05
CA ASN HA 124 -54.15 -51.49 -16.93
C ASN HA 124 -54.25 -50.10 -17.56
N GLN HA 125 -53.77 -49.07 -16.88
CA GLN HA 125 -53.84 -47.74 -17.47
C GLN HA 125 -52.60 -47.41 -18.30
N LEU HA 126 -51.42 -47.80 -17.81
CA LEU HA 126 -50.20 -47.54 -18.56
C LEU HA 126 -50.24 -48.23 -19.92
N LYS HA 127 -50.86 -49.41 -20.00
CA LYS HA 127 -51.00 -50.06 -21.29
C LYS HA 127 -51.86 -49.24 -22.24
N GLU HA 128 -52.74 -48.39 -21.71
CA GLU HA 128 -53.48 -47.48 -22.57
C GLU HA 128 -52.61 -46.29 -22.95
N LEU HA 129 -51.80 -45.81 -22.02
CA LEU HA 129 -51.01 -44.61 -22.30
C LEU HA 129 -49.87 -44.89 -23.28
N VAL HA 130 -49.16 -46.00 -23.11
CA VAL HA 130 -47.95 -46.28 -23.87
C VAL HA 130 -48.20 -47.51 -24.74
N PRO HA 131 -47.89 -47.46 -26.04
CA PRO HA 131 -48.07 -48.66 -26.87
C PRO HA 131 -47.14 -49.79 -26.50
N ALA HA 132 -45.87 -49.49 -26.23
CA ALA HA 132 -44.88 -50.56 -26.05
C ALA HA 132 -45.25 -51.49 -24.91
N VAL HA 133 -45.72 -50.94 -23.79
CA VAL HA 133 -46.12 -51.78 -22.68
C VAL HA 133 -47.35 -52.61 -23.05
N ALA HA 134 -48.28 -52.02 -23.80
CA ALA HA 134 -49.44 -52.77 -24.24
C ALA HA 134 -49.04 -53.95 -25.11
N GLU HA 135 -48.01 -53.78 -25.95
CA GLU HA 135 -47.52 -54.89 -26.74
C GLU HA 135 -46.82 -55.93 -25.89
N GLN HA 136 -46.02 -55.48 -24.92
CA GLN HA 136 -45.28 -56.42 -24.08
C GLN HA 136 -46.21 -57.27 -23.22
N ILE HA 137 -47.25 -56.66 -22.66
CA ILE HA 137 -48.13 -57.41 -21.76
C ILE HA 137 -49.23 -58.12 -22.54
N GLY HA 138 -49.56 -57.62 -23.72
CA GLY HA 138 -50.64 -58.21 -24.47
C GLY HA 138 -52.00 -57.84 -23.89
N SER HA 139 -52.99 -58.67 -24.21
CA SER HA 139 -54.37 -58.43 -23.80
C SER HA 139 -54.73 -59.33 -22.62
N VAL HA 140 -54.24 -58.93 -21.45
CA VAL HA 140 -54.53 -59.61 -20.18
C VAL HA 140 -54.90 -58.58 -19.13
N THR HA 141 -56.14 -58.60 -18.67
CA THR HA 141 -56.56 -57.69 -17.62
C THR HA 141 -55.90 -58.11 -16.31
N LEU HA 142 -55.15 -57.20 -15.71
CA LEU HA 142 -54.41 -57.50 -14.50
C LEU HA 142 -55.35 -57.51 -13.31
N ASP HA 143 -55.07 -58.40 -12.36
CA ASP HA 143 -55.79 -58.43 -11.10
C ASP HA 143 -54.85 -58.93 -10.01
N HIS HA 144 -55.17 -58.57 -8.77
CA HIS HA 144 -54.35 -58.95 -7.63
C HIS HA 144 -54.20 -60.46 -7.50
N THR HA 145 -54.94 -61.24 -8.28
CA THR HA 145 -54.78 -62.68 -8.31
C THR HA 145 -53.77 -63.14 -9.36
N ASN HA 146 -53.59 -62.36 -10.43
CA ASN HA 146 -52.71 -62.75 -11.51
C ASN HA 146 -51.66 -61.70 -11.85
N VAL HA 147 -51.68 -60.53 -11.22
CA VAL HA 147 -50.79 -59.46 -11.63
C VAL HA 147 -49.34 -59.83 -11.34
N VAL HA 148 -49.08 -60.42 -10.17
CA VAL HA 148 -47.70 -60.70 -9.79
C VAL HA 148 -47.05 -61.67 -10.76
N SER HA 149 -47.74 -62.77 -11.06
CA SER HA 149 -47.18 -63.77 -11.97
C SER HA 149 -46.96 -63.17 -13.36
N THR HA 150 -47.95 -62.44 -13.86
CA THR HA 150 -47.84 -61.88 -15.20
C THR HA 150 -46.66 -60.93 -15.30
N VAL HA 151 -46.58 -59.96 -14.40
CA VAL HA 151 -45.53 -58.96 -14.49
C VAL HA 151 -44.18 -59.57 -14.19
N ASP HA 152 -44.13 -60.60 -13.33
CA ASP HA 152 -42.85 -61.25 -13.08
C ASP HA 152 -42.37 -61.99 -14.32
N ASN HA 153 -43.29 -62.66 -15.03
CA ASN HA 153 -42.91 -63.27 -16.29
C ASN HA 153 -42.41 -62.23 -17.28
N ILE HA 154 -43.12 -61.11 -17.40
CA ILE HA 154 -42.73 -60.08 -18.36
C ILE HA 154 -41.35 -59.52 -18.01
N VAL HA 155 -41.11 -59.24 -16.73
CA VAL HA 155 -39.85 -58.64 -16.34
C VAL HA 155 -38.70 -59.61 -16.51
N THR HA 156 -38.87 -60.88 -16.09
CA THR HA 156 -37.77 -61.82 -16.21
C THR HA 156 -37.48 -62.15 -17.66
N SER HA 157 -38.51 -62.20 -18.50
CA SER HA 157 -38.29 -62.42 -19.92
C SER HA 157 -37.37 -61.36 -20.50
N MET HA 158 -37.44 -60.19 -19.99
CA MET HA 158 -36.55 -59.15 -20.46
C MET HA 158 -35.38 -58.96 -19.52
N PRO HA 159 -34.29 -58.39 -20.01
CA PRO HA 159 -33.20 -57.99 -19.11
C PRO HA 159 -33.48 -56.62 -18.52
N ALA HA 160 -32.46 -56.09 -17.84
CA ALA HA 160 -32.54 -54.72 -17.36
C ALA HA 160 -32.53 -53.75 -18.54
N LEU HA 161 -33.39 -52.76 -18.49
CA LEU HA 161 -33.36 -51.86 -19.63
C LEU HA 161 -32.74 -50.53 -19.27
N PRO HA 162 -32.04 -49.90 -20.21
CA PRO HA 162 -31.48 -48.58 -19.93
C PRO HA 162 -32.59 -47.54 -19.82
N ASN HA 163 -32.51 -46.73 -18.77
CA ASN HA 163 -33.51 -45.70 -18.52
C ASN HA 163 -33.65 -44.70 -19.67
N SER HA 164 -32.77 -44.76 -20.67
CA SER HA 164 -32.96 -43.93 -21.85
C SER HA 164 -34.29 -44.21 -22.53
N TYR HA 165 -34.80 -45.44 -22.39
CA TYR HA 165 -36.12 -45.73 -22.89
C TYR HA 165 -37.19 -45.01 -22.08
N ALA HA 166 -37.10 -45.09 -20.75
CA ALA HA 166 -38.11 -44.47 -19.90
C ALA HA 166 -38.09 -42.96 -20.01
N GLY HA 167 -36.95 -42.38 -20.40
CA GLY HA 167 -36.84 -40.93 -20.35
C GLY HA 167 -37.58 -40.17 -21.43
N VAL HA 168 -37.11 -40.26 -22.67
CA VAL HA 168 -37.68 -39.44 -23.74
C VAL HA 168 -38.05 -40.31 -24.93
N LEU HA 169 -37.10 -41.13 -25.37
CA LEU HA 169 -37.19 -41.79 -26.68
C LEU HA 169 -38.49 -42.55 -26.86
N MET HA 170 -39.06 -43.05 -25.76
CA MET HA 170 -40.18 -43.98 -25.85
C MET HA 170 -41.32 -43.40 -26.67
N LYS HA 171 -41.78 -42.20 -26.32
CA LYS HA 171 -42.79 -41.51 -27.09
C LYS HA 171 -42.22 -40.83 -28.32
N THR HA 172 -40.91 -40.58 -28.33
CA THR HA 172 -40.30 -39.90 -29.46
C THR HA 172 -40.39 -40.73 -30.73
N LYS HA 173 -40.12 -42.03 -30.62
CA LYS HA 173 -40.00 -42.84 -31.83
C LYS HA 173 -41.36 -43.21 -32.41
N VAL HA 174 -42.38 -43.35 -31.57
CA VAL HA 174 -43.68 -43.83 -32.00
C VAL HA 174 -44.66 -42.66 -32.04
N PRO HA 175 -45.34 -42.42 -33.16
CA PRO HA 175 -46.45 -41.47 -33.16
C PRO HA 175 -47.71 -42.12 -32.63
N THR HA 176 -48.56 -41.31 -32.01
CA THR HA 176 -49.78 -41.81 -31.38
C THR HA 176 -50.99 -41.08 -31.93
N VAL HA 177 -52.16 -41.68 -31.69
CA VAL HA 177 -53.40 -41.02 -32.08
C VAL HA 177 -53.60 -39.80 -31.19
N THR HA 178 -53.97 -38.70 -31.82
CA THR HA 178 -54.20 -37.47 -31.06
C THR HA 178 -55.58 -37.49 -30.44
N PRO HA 179 -55.79 -36.72 -29.40
CA PRO HA 179 -57.15 -36.49 -28.92
C PRO HA 179 -57.88 -35.51 -29.83
N HIS HA 180 -57.27 -35.24 -30.99
CA HIS HA 180 -57.84 -34.42 -32.05
C HIS HA 180 -57.98 -35.24 -33.32
N TYR HA 181 -58.41 -36.49 -33.16
CA TYR HA 181 -58.48 -37.43 -34.26
C TYR HA 181 -59.83 -38.12 -34.23
N ALA HA 182 -60.07 -39.00 -35.19
CA ALA HA 182 -61.23 -39.88 -35.13
C ALA HA 182 -60.86 -41.16 -34.37
N GLY HA 183 -61.76 -42.12 -34.38
CA GLY HA 183 -61.50 -43.36 -33.67
C GLY HA 183 -61.53 -43.15 -32.17
N THR HA 184 -60.45 -43.50 -31.49
CA THR HA 184 -60.36 -43.37 -30.05
C THR HA 184 -59.71 -42.07 -29.60
N GLY HA 185 -59.75 -41.04 -30.44
CA GLY HA 185 -59.19 -39.74 -30.08
C GLY HA 185 -60.09 -38.56 -30.36
N THR HA 186 -61.38 -38.66 -30.03
CA THR HA 186 -62.32 -37.59 -30.35
C THR HA 186 -63.11 -37.18 -29.10
N PHE HA 187 -62.41 -37.02 -27.98
CA PHE HA 187 -63.11 -36.76 -26.72
C PHE HA 187 -62.51 -35.65 -25.86
N SER HA 188 -61.21 -35.36 -25.92
CA SER HA 188 -60.55 -34.63 -24.85
C SER HA 188 -60.40 -33.14 -25.12
N SER HA 189 -60.71 -32.68 -26.34
CA SER HA 189 -60.47 -31.28 -26.69
C SER HA 189 -61.05 -30.32 -25.66
N MET HA 190 -62.02 -30.78 -24.88
CA MET HA 190 -62.58 -30.01 -23.77
C MET HA 190 -61.48 -29.25 -23.04
N GLU HA 191 -60.51 -29.98 -22.51
CA GLU HA 191 -59.41 -29.30 -21.82
C GLU HA 191 -58.78 -28.25 -22.71
N SER HA 192 -58.22 -28.67 -23.84
CA SER HA 192 -57.58 -27.73 -24.74
C SER HA 192 -58.53 -26.59 -25.11
N ALA HA 193 -59.82 -26.91 -25.24
CA ALA HA 193 -60.80 -25.89 -25.61
C ALA HA 193 -60.67 -24.68 -24.71
N TYR HA 194 -60.66 -24.91 -23.40
CA TYR HA 194 -60.56 -23.79 -22.47
C TYR HA 194 -59.37 -22.92 -22.80
N LYS HA 195 -58.21 -23.56 -22.98
CA LYS HA 195 -57.01 -22.80 -23.34
C LYS HA 195 -57.30 -21.84 -24.47
N ALA HA 196 -57.84 -22.36 -25.57
CA ALA HA 196 -58.18 -21.50 -26.71
C ALA HA 196 -59.03 -20.34 -26.26
N LEU HA 197 -60.16 -20.63 -25.63
CA LEU HA 197 -61.07 -19.57 -25.20
C LEU HA 197 -60.30 -18.48 -24.48
N GLU HA 198 -59.40 -18.88 -23.58
CA GLU HA 198 -58.69 -17.91 -22.76
C GLU HA 198 -58.03 -16.84 -23.61
N ASP HA 199 -57.25 -17.26 -24.63
CA ASP HA 199 -56.47 -16.25 -25.33
C ASP HA 199 -57.38 -15.28 -26.07
N ILE HA 200 -58.56 -15.74 -26.50
CA ILE HA 200 -59.49 -14.83 -27.16
C ILE HA 200 -59.94 -13.75 -26.19
N GLU HA 201 -60.26 -14.14 -24.96
CA GLU HA 201 -60.76 -13.17 -24.01
C GLU HA 201 -59.68 -12.18 -23.61
N ARG HA 202 -58.44 -12.63 -23.51
CA ARG HA 202 -57.33 -11.72 -23.30
C ARG HA 202 -56.94 -10.95 -24.55
N GLY HA 203 -57.74 -11.06 -25.61
CA GLY HA 203 -57.37 -10.39 -26.85
C GLY HA 203 -56.16 -10.98 -27.54
N LEU HA 204 -55.77 -12.19 -27.17
CA LEU HA 204 -54.60 -12.84 -27.77
C LEU HA 204 -55.02 -13.78 -28.89
N GLY IA 3 -57.81 10.35 17.79
CA GLY IA 3 -58.38 9.04 17.55
C GLY IA 3 -59.62 9.07 16.69
N ARG IA 4 -60.27 7.93 16.54
CA ARG IA 4 -61.47 7.79 15.70
C ARG IA 4 -61.21 8.36 14.30
N GLN IA 5 -60.11 7.91 13.71
CA GLN IA 5 -59.69 8.41 12.41
C GLN IA 5 -60.73 8.09 11.34
N SER IA 6 -61.01 6.81 11.13
CA SER IA 6 -61.92 6.41 10.07
C SER IA 6 -62.63 5.13 10.49
N HIS IA 7 -63.46 4.60 9.59
CA HIS IA 7 -64.23 3.39 9.81
C HIS IA 7 -64.07 2.52 8.55
N LYS IA 8 -63.04 1.68 8.55
CA LYS IA 8 -62.76 0.87 7.37
C LYS IA 8 -63.84 -0.20 7.18
N LYS IA 9 -64.08 -0.52 5.91
CA LYS IA 9 -65.02 -1.56 5.53
C LYS IA 9 -64.32 -2.56 4.64
N ILE IA 10 -64.37 -3.83 5.01
CA ILE IA 10 -63.60 -4.88 4.37
C ILE IA 10 -64.55 -5.87 3.73
N ASP IA 11 -64.52 -5.97 2.41
CA ASP IA 11 -65.38 -6.90 1.68
C ASP IA 11 -64.94 -6.89 0.22
N VAL IA 12 -65.63 -7.70 -0.59
CA VAL IA 12 -65.38 -7.78 -2.01
C VAL IA 12 -66.10 -6.61 -2.68
N ARG IA 13 -65.32 -5.67 -3.22
CA ARG IA 13 -65.84 -4.38 -3.66
C ARG IA 13 -65.73 -4.19 -5.17
N ASN IA 14 -65.91 -5.24 -5.95
CA ASN IA 14 -65.91 -5.15 -7.40
C ASN IA 14 -64.56 -4.65 -7.93
N ASP IA 15 -63.56 -4.58 -7.06
CA ASP IA 15 -62.24 -4.19 -7.49
C ASP IA 15 -61.14 -5.02 -6.84
N THR IA 16 -61.48 -5.91 -5.92
CA THR IA 16 -60.46 -6.75 -5.30
C THR IA 16 -59.76 -7.58 -6.35
N SER IA 17 -60.50 -8.00 -7.39
CA SER IA 17 -59.86 -8.64 -8.54
C SER IA 17 -58.74 -7.78 -9.09
N THR IA 18 -59.03 -6.51 -9.38
CA THR IA 18 -58.04 -5.65 -10.02
C THR IA 18 -56.91 -5.32 -9.06
N ARG IA 19 -57.23 -5.03 -7.80
CA ARG IA 19 -56.18 -4.75 -6.84
C ARG IA 19 -55.23 -5.93 -6.74
N TYR IA 20 -55.78 -7.13 -6.57
CA TYR IA 20 -54.97 -8.34 -6.49
C TYR IA 20 -54.09 -8.49 -7.72
N LYS IA 21 -54.72 -8.49 -8.90
CA LYS IA 21 -53.98 -8.67 -10.14
C LYS IA 21 -52.87 -7.64 -10.27
N GLY IA 22 -53.20 -6.37 -10.13
CA GLY IA 22 -52.21 -5.32 -10.33
C GLY IA 22 -51.06 -5.41 -9.37
N LYS IA 23 -51.36 -5.54 -8.07
CA LYS IA 23 -50.28 -5.60 -7.09
C LYS IA 23 -49.38 -6.79 -7.33
N LEU IA 24 -49.95 -7.98 -7.54
CA LEU IA 24 -49.09 -9.14 -7.74
C LEU IA 24 -48.33 -9.04 -9.05
N TYR IA 25 -48.92 -8.43 -10.07
CA TYR IA 25 -48.19 -8.19 -11.31
C TYR IA 25 -46.99 -7.30 -11.05
N GLY IA 26 -47.20 -6.19 -10.35
CA GLY IA 26 -46.09 -5.32 -10.02
C GLY IA 26 -44.99 -6.05 -9.29
N ILE IA 27 -45.36 -6.91 -8.34
CA ILE IA 27 -44.34 -7.64 -7.61
C ILE IA 27 -43.59 -8.59 -8.52
N PHE IA 28 -44.32 -9.33 -9.37
CA PHE IA 28 -43.72 -10.43 -10.10
C PHE IA 28 -42.95 -9.99 -11.34
N VAL IA 29 -43.19 -8.79 -11.86
CA VAL IA 29 -42.43 -8.36 -13.03
C VAL IA 29 -40.93 -8.48 -12.78
N ASN IA 30 -40.52 -8.26 -11.54
CA ASN IA 30 -39.10 -8.42 -11.21
C ASN IA 30 -38.70 -9.88 -11.03
N TYR IA 31 -39.60 -10.81 -11.32
CA TYR IA 31 -39.30 -12.23 -11.37
C TYR IA 31 -39.44 -12.82 -12.76
N MET IA 32 -40.40 -12.34 -13.54
CA MET IA 32 -40.84 -13.02 -14.75
C MET IA 32 -40.51 -12.28 -16.03
N GLY IA 33 -40.62 -10.97 -16.03
CA GLY IA 33 -40.82 -10.22 -17.26
C GLY IA 33 -42.31 -10.05 -17.52
N GLU IA 34 -42.60 -9.14 -18.44
CA GLU IA 34 -43.97 -8.65 -18.58
C GLU IA 34 -44.95 -9.78 -18.90
N LYS IA 35 -44.72 -10.48 -20.00
CA LYS IA 35 -45.70 -11.46 -20.46
C LYS IA 35 -45.88 -12.58 -19.45
N TYR IA 36 -44.78 -13.11 -18.92
CA TYR IA 36 -44.88 -14.20 -17.96
C TYR IA 36 -45.61 -13.75 -16.70
N ALA IA 37 -45.27 -12.57 -16.19
CA ALA IA 37 -45.97 -12.05 -15.01
C ALA IA 37 -47.45 -11.89 -15.29
N GLN IA 38 -47.79 -11.41 -16.48
CA GLN IA 38 -49.19 -11.24 -16.84
C GLN IA 38 -49.93 -12.56 -16.79
N GLN IA 39 -49.41 -13.57 -17.50
CA GLN IA 39 -50.07 -14.88 -17.49
C GLN IA 39 -50.15 -15.44 -16.08
N LEU IA 40 -49.11 -15.21 -15.28
CA LEU IA 40 -49.07 -15.76 -13.93
C LEU IA 40 -50.18 -15.18 -13.08
N VAL IA 41 -50.31 -13.85 -13.06
CA VAL IA 41 -51.35 -13.26 -12.24
C VAL IA 41 -52.72 -13.63 -12.78
N GLU IA 42 -52.86 -13.74 -14.10
CA GLU IA 42 -54.12 -14.20 -14.66
C GLU IA 42 -54.53 -15.53 -14.07
N ASN IA 43 -53.64 -16.52 -14.15
CA ASN IA 43 -53.99 -17.86 -13.66
C ASN IA 43 -54.20 -17.86 -12.15
N MET IA 44 -53.35 -17.15 -11.42
CA MET IA 44 -53.47 -17.13 -9.97
C MET IA 44 -54.82 -16.58 -9.54
N TYR IA 45 -55.22 -15.46 -10.13
CA TYR IA 45 -56.52 -14.91 -9.76
C TYR IA 45 -57.65 -15.79 -10.25
N SER IA 46 -57.49 -16.45 -11.40
CA SER IA 46 -58.53 -17.37 -11.84
C SER IA 46 -58.78 -18.43 -10.78
N ASN IA 47 -57.72 -19.06 -10.30
CA ASN IA 47 -57.87 -20.08 -9.27
C ASN IA 47 -58.47 -19.50 -8.00
N TYR IA 48 -57.91 -18.39 -7.52
CA TYR IA 48 -58.41 -17.79 -6.30
C TYR IA 48 -59.88 -17.45 -6.41
N ASN IA 49 -60.29 -16.89 -7.54
CA ASN IA 49 -61.69 -16.61 -7.79
C ASN IA 49 -62.49 -17.88 -7.66
N ASP IA 50 -62.32 -18.79 -8.61
CA ASP IA 50 -63.24 -19.91 -8.73
C ASP IA 50 -63.25 -20.79 -7.48
N VAL IA 51 -62.26 -20.67 -6.61
CA VAL IA 51 -62.36 -21.40 -5.36
C VAL IA 51 -62.93 -20.50 -4.27
N PHE IA 52 -62.15 -19.50 -3.87
CA PHE IA 52 -62.47 -18.75 -2.67
C PHE IA 52 -63.75 -17.95 -2.84
N VAL IA 53 -63.86 -17.20 -3.94
CA VAL IA 53 -65.08 -16.42 -4.13
C VAL IA 53 -66.28 -17.35 -4.14
N GLU IA 54 -66.31 -18.25 -5.13
CA GLU IA 54 -67.47 -19.10 -5.36
C GLU IA 54 -67.92 -19.83 -4.11
N ILE IA 55 -66.99 -20.18 -3.22
CA ILE IA 55 -67.43 -20.91 -2.03
C ILE IA 55 -67.65 -19.94 -0.88
N TYR IA 56 -66.56 -19.35 -0.40
CA TYR IA 56 -66.61 -18.64 0.87
C TYR IA 56 -67.40 -17.35 0.75
N ASN IA 57 -67.24 -16.60 -0.34
CA ASN IA 57 -67.92 -15.32 -0.39
C ASN IA 57 -69.42 -15.51 -0.56
N LYS IA 58 -69.83 -16.47 -1.36
CA LYS IA 58 -71.24 -16.80 -1.44
C LYS IA 58 -71.78 -17.23 -0.07
N MET IA 59 -71.01 -18.05 0.64
CA MET IA 59 -71.44 -18.46 1.98
C MET IA 59 -71.61 -17.25 2.88
N HIS IA 60 -70.66 -16.33 2.85
CA HIS IA 60 -70.72 -15.18 3.73
C HIS IA 60 -71.91 -14.29 3.37
N ASN IA 61 -72.12 -14.05 2.08
CA ASN IA 61 -73.26 -13.24 1.66
C ASN IA 61 -74.57 -13.88 2.08
N ALA IA 62 -74.64 -15.21 2.06
CA ALA IA 62 -75.86 -15.87 2.51
C ALA IA 62 -76.03 -15.76 4.01
N LEU IA 63 -74.96 -15.96 4.77
CA LEU IA 63 -75.07 -16.16 6.21
C LEU IA 63 -75.08 -14.88 7.01
N ARG IA 64 -74.46 -13.81 6.52
CA ARG IA 64 -74.35 -12.56 7.27
C ARG IA 64 -75.65 -12.15 7.97
N PRO IA 65 -76.80 -12.07 7.30
CA PRO IA 65 -78.02 -11.64 8.01
C PRO IA 65 -78.36 -12.53 9.18
N THR IA 66 -78.22 -13.84 9.02
CA THR IA 66 -78.53 -14.75 10.12
C THR IA 66 -77.54 -14.61 11.26
N LEU IA 67 -76.27 -14.39 10.95
CA LEU IA 67 -75.30 -14.11 12.01
C LEU IA 67 -75.72 -12.90 12.82
N VAL IA 68 -76.16 -11.84 12.14
CA VAL IA 68 -76.62 -10.66 12.86
C VAL IA 68 -77.85 -10.97 13.70
N LYS IA 69 -78.80 -11.72 13.12
CA LYS IA 69 -79.98 -12.10 13.88
C LYS IA 69 -79.59 -12.84 15.15
N LEU IA 70 -78.59 -13.70 15.06
CA LEU IA 70 -78.22 -14.54 16.18
C LEU IA 70 -77.50 -13.74 17.25
N ALA IA 71 -76.33 -13.18 16.91
CA ALA IA 71 -75.51 -12.47 17.89
C ALA IA 71 -75.03 -11.15 17.31
N GLY IA 72 -75.95 -10.38 16.73
CA GLY IA 72 -75.62 -9.14 16.05
C GLY IA 72 -74.61 -8.30 16.80
N ALA IA 73 -73.45 -8.12 16.19
CA ALA IA 73 -72.30 -7.52 16.86
C ALA IA 73 -71.16 -7.45 15.85
N GLY IA 74 -70.17 -6.62 16.17
CA GLY IA 74 -68.87 -6.80 15.56
C GLY IA 74 -68.18 -8.03 16.12
N ALA IA 75 -68.58 -8.45 17.32
CA ALA IA 75 -68.02 -9.63 17.95
C ALA IA 75 -68.72 -10.89 17.44
N THR IA 76 -68.79 -10.97 16.10
CA THR IA 76 -69.26 -12.16 15.43
C THR IA 76 -68.14 -12.89 14.71
N PHE IA 77 -66.91 -12.38 14.78
CA PHE IA 77 -65.77 -13.05 14.18
C PHE IA 77 -65.69 -14.53 14.50
N PRO IA 78 -65.86 -14.97 15.76
CA PRO IA 78 -65.86 -16.42 16.01
C PRO IA 78 -66.84 -17.17 15.14
N LEU IA 79 -67.99 -16.57 14.83
CA LEU IA 79 -68.92 -17.23 13.91
C LEU IA 79 -68.30 -17.38 12.52
N TRP IA 80 -67.58 -16.35 12.07
CA TRP IA 80 -66.95 -16.41 10.76
C TRP IA 80 -65.91 -17.52 10.71
N GLN IA 81 -65.01 -17.55 11.70
CA GLN IA 81 -64.00 -18.61 11.70
C GLN IA 81 -64.66 -19.98 11.86
N LEU IA 82 -65.80 -20.03 12.56
CA LEU IA 82 -66.52 -21.28 12.69
C LEU IA 82 -66.99 -21.77 11.33
N VAL IA 83 -67.61 -20.89 10.54
CA VAL IA 83 -68.10 -21.35 9.25
C VAL IA 83 -66.94 -21.67 8.33
N ASN IA 84 -65.82 -20.96 8.47
CA ASN IA 84 -64.64 -21.31 7.68
C ASN IA 84 -64.18 -22.73 7.99
N GLU IA 85 -63.97 -23.04 9.26
CA GLU IA 85 -63.53 -24.38 9.63
C GLU IA 85 -64.56 -25.43 9.22
N ALA IA 86 -65.84 -25.09 9.33
CA ALA IA 86 -66.88 -26.03 8.93
C ALA IA 86 -66.76 -26.37 7.46
N ILE IA 87 -66.64 -25.36 6.60
CA ILE IA 87 -66.54 -25.61 5.17
C ILE IA 87 -65.25 -26.35 4.85
N TYR IA 88 -64.19 -26.07 5.60
CA TYR IA 88 -62.91 -26.71 5.29
C TYR IA 88 -62.74 -28.04 6.03
N ALA IA 89 -62.76 -28.00 7.35
CA ALA IA 89 -62.34 -29.17 8.13
C ALA IA 89 -63.40 -30.28 8.09
N VAL IA 90 -64.66 -29.91 8.00
CA VAL IA 90 -65.74 -30.89 8.11
C VAL IA 90 -66.17 -31.31 6.71
N TYR IA 91 -66.68 -30.36 5.95
CA TYR IA 91 -67.04 -30.65 4.58
C TYR IA 91 -65.79 -30.70 3.71
N LEU IA 92 -65.85 -31.54 2.67
CA LEU IA 92 -64.84 -31.63 1.63
C LEU IA 92 -63.55 -32.27 2.13
N THR IA 93 -63.45 -32.49 3.45
CA THR IA 93 -62.31 -33.20 4.01
C THR IA 93 -62.68 -34.28 5.01
N HIS IA 94 -63.79 -34.14 5.73
CA HIS IA 94 -64.18 -35.10 6.76
C HIS IA 94 -63.04 -35.32 7.74
N LYS IA 95 -62.37 -34.23 8.10
CA LYS IA 95 -61.24 -34.34 9.02
C LYS IA 95 -61.67 -34.31 10.48
N GLU IA 96 -62.80 -33.67 10.77
CA GLU IA 96 -63.29 -33.58 12.14
C GLU IA 96 -64.81 -33.72 12.16
N THR IA 97 -65.32 -34.25 13.27
CA THR IA 97 -66.75 -34.45 13.46
C THR IA 97 -67.35 -33.26 14.20
N ALA IA 98 -68.69 -33.20 14.18
CA ALA IA 98 -69.40 -32.10 14.81
C ALA IA 98 -69.03 -31.96 16.28
N SER IA 99 -68.73 -33.07 16.94
CA SER IA 99 -68.32 -33.02 18.34
C SER IA 99 -67.14 -32.09 18.53
N PHE IA 100 -66.15 -32.16 17.65
CA PHE IA 100 -64.97 -31.31 17.79
C PHE IA 100 -65.35 -29.83 17.72
N LEU IA 101 -66.11 -29.43 16.70
CA LEU IA 101 -66.46 -28.03 16.55
C LEU IA 101 -67.30 -27.54 17.72
N VAL IA 102 -68.31 -28.32 18.11
CA VAL IA 102 -69.19 -27.85 19.18
C VAL IA 102 -68.41 -27.73 20.48
N THR IA 103 -67.55 -28.71 20.78
CA THR IA 103 -66.71 -28.63 21.97
C THR IA 103 -65.81 -27.42 21.91
N LYS IA 104 -65.16 -27.21 20.77
CA LYS IA 104 -64.22 -26.11 20.63
C LYS IA 104 -64.90 -24.77 20.82
N TYR IA 105 -66.09 -24.59 20.26
CA TYR IA 105 -66.69 -23.28 20.27
C TYR IA 105 -67.48 -23.02 21.54
N VAL IA 106 -67.99 -24.06 22.20
CA VAL IA 106 -68.51 -23.83 23.55
C VAL IA 106 -67.35 -23.53 24.48
N ALA IA 107 -66.18 -24.12 24.23
CA ALA IA 107 -64.99 -23.75 24.97
C ALA IA 107 -64.63 -22.29 24.74
N ARG IA 108 -64.88 -21.79 23.53
CA ARG IA 108 -64.67 -20.39 23.22
C ARG IA 108 -65.81 -19.50 23.66
N GLY IA 109 -66.87 -20.06 24.23
CA GLY IA 109 -67.97 -19.28 24.75
C GLY IA 109 -69.16 -19.14 23.84
N VAL IA 110 -69.38 -20.08 22.92
CA VAL IA 110 -70.49 -20.02 21.99
C VAL IA 110 -71.57 -21.00 22.46
N PRO IA 111 -72.84 -20.61 22.47
CA PRO IA 111 -73.90 -21.57 22.81
C PRO IA 111 -73.94 -22.72 21.81
N ALA IA 112 -74.37 -23.88 22.29
CA ALA IA 112 -74.36 -25.08 21.46
C ALA IA 112 -75.33 -24.95 20.29
N MET IA 113 -76.59 -24.64 20.57
CA MET IA 113 -77.60 -24.61 19.52
C MET IA 113 -77.26 -23.59 18.44
N THR IA 114 -76.52 -22.55 18.78
CA THR IA 114 -76.03 -21.64 17.76
C THR IA 114 -75.14 -22.38 16.77
N VAL IA 115 -74.16 -23.12 17.27
CA VAL IA 115 -73.26 -23.88 16.42
C VAL IA 115 -74.04 -24.89 15.59
N LYS IA 116 -74.99 -25.57 16.22
CA LYS IA 116 -75.80 -26.55 15.49
C LYS IA 116 -76.57 -25.89 14.35
N THR IA 117 -77.18 -24.74 14.65
CA THR IA 117 -77.93 -24.00 13.63
C THR IA 117 -77.02 -23.64 12.46
N LEU IA 118 -75.87 -23.03 12.76
CA LEU IA 118 -74.98 -22.58 11.70
C LEU IA 118 -74.48 -23.75 10.86
N LEU IA 119 -74.19 -24.88 11.50
CA LEU IA 119 -73.81 -26.07 10.74
C LEU IA 119 -74.95 -26.50 9.83
N ALA IA 120 -76.18 -26.42 10.33
CA ALA IA 120 -77.34 -26.77 9.51
C ALA IA 120 -77.39 -25.91 8.26
N GLU IA 121 -77.26 -24.59 8.41
CA GLU IA 121 -77.36 -23.73 7.24
C GLU IA 121 -76.19 -23.93 6.30
N VAL IA 122 -74.96 -24.08 6.82
CA VAL IA 122 -73.83 -24.23 5.91
C VAL IA 122 -73.98 -25.52 5.12
N GLY IA 123 -74.52 -26.58 5.74
CA GLY IA 123 -74.84 -27.76 4.95
C GLY IA 123 -75.88 -27.48 3.90
N ASN IA 124 -76.98 -26.82 4.29
CA ASN IA 124 -78.08 -26.57 3.38
C ASN IA 124 -77.67 -25.75 2.17
N GLN IA 125 -76.65 -24.92 2.31
CA GLN IA 125 -76.23 -24.10 1.17
C GLN IA 125 -75.06 -24.72 0.41
N LEU IA 126 -74.13 -25.35 1.13
CA LEU IA 126 -73.00 -25.99 0.46
C LEU IA 126 -73.48 -27.14 -0.42
N LYS IA 127 -74.55 -27.83 -0.01
CA LYS IA 127 -75.11 -28.84 -0.90
C LYS IA 127 -75.62 -28.22 -2.19
N GLU IA 128 -76.03 -26.95 -2.14
CA GLU IA 128 -76.42 -26.27 -3.37
C GLU IA 128 -75.21 -25.86 -4.19
N LEU IA 129 -74.13 -25.47 -3.52
CA LEU IA 129 -72.95 -25.02 -4.26
C LEU IA 129 -72.16 -26.18 -4.84
N VAL IA 130 -71.88 -27.20 -4.03
CA VAL IA 130 -70.99 -28.29 -4.42
C VAL IA 130 -71.81 -29.56 -4.62
N PRO IA 131 -71.75 -30.19 -5.78
CA PRO IA 131 -72.52 -31.43 -5.98
C PRO IA 131 -72.06 -32.58 -5.10
N ALA IA 132 -70.75 -32.71 -4.89
CA ALA IA 132 -70.23 -33.87 -4.17
C ALA IA 132 -70.82 -33.96 -2.77
N VAL IA 133 -70.86 -32.85 -2.05
CA VAL IA 133 -71.43 -32.87 -0.70
C VAL IA 133 -72.93 -33.13 -0.75
N ALA IA 134 -73.60 -32.62 -1.78
CA ALA IA 134 -75.03 -32.90 -1.92
C ALA IA 134 -75.27 -34.39 -2.10
N GLU IA 135 -74.41 -35.07 -2.86
CA GLU IA 135 -74.54 -36.51 -3.02
C GLU IA 135 -74.20 -37.24 -1.73
N GLN IA 136 -73.19 -36.75 -1.00
CA GLN IA 136 -72.80 -37.42 0.24
C GLN IA 136 -73.90 -37.33 1.29
N ILE IA 137 -74.47 -36.14 1.49
CA ILE IA 137 -75.46 -35.97 2.54
C ILE IA 137 -76.82 -36.47 2.08
N GLY IA 138 -77.04 -36.54 0.77
CA GLY IA 138 -78.35 -36.91 0.28
C GLY IA 138 -79.36 -35.79 0.51
N SER IA 139 -80.63 -36.19 0.57
CA SER IA 139 -81.73 -35.24 0.77
C SER IA 139 -82.16 -35.26 2.24
N VAL IA 140 -81.40 -34.57 3.07
CA VAL IA 140 -81.68 -34.45 4.49
C VAL IA 140 -81.63 -32.96 4.85
N THR IA 141 -82.77 -32.41 5.24
CA THR IA 141 -82.82 -31.03 5.70
C THR IA 141 -82.21 -30.95 7.09
N LEU IA 142 -81.14 -30.19 7.23
CA LEU IA 142 -80.42 -30.12 8.49
C LEU IA 142 -81.11 -29.20 9.47
N ASP IA 143 -81.04 -29.56 10.75
CA ASP IA 143 -81.56 -28.74 11.82
C ASP IA 143 -80.75 -29.02 13.07
N HIS IA 144 -80.78 -28.07 14.01
CA HIS IA 144 -80.07 -28.22 15.28
C HIS IA 144 -80.48 -29.48 16.03
N THR IA 145 -81.55 -30.13 15.61
CA THR IA 145 -81.98 -31.39 16.20
C THR IA 145 -81.35 -32.61 15.53
N ASN IA 146 -81.05 -32.53 14.24
CA ASN IA 146 -80.56 -33.67 13.49
C ASN IA 146 -79.23 -33.43 12.80
N VAL IA 147 -78.75 -32.20 12.75
CA VAL IA 147 -77.55 -31.91 11.96
C VAL IA 147 -76.34 -32.62 12.54
N VAL IA 148 -76.20 -32.64 13.87
CA VAL IA 148 -75.01 -33.21 14.48
C VAL IA 148 -74.92 -34.70 14.18
N SER IA 149 -76.02 -35.43 14.38
CA SER IA 149 -76.00 -36.87 14.15
C SER IA 149 -75.73 -37.18 12.68
N THR IA 150 -76.39 -36.46 11.78
CA THR IA 150 -76.22 -36.71 10.35
C THR IA 150 -74.78 -36.45 9.94
N VAL IA 151 -74.22 -35.30 10.31
CA VAL IA 151 -72.87 -34.97 9.88
C VAL IA 151 -71.87 -35.91 10.51
N ASP IA 152 -72.12 -36.36 11.75
CA ASP IA 152 -71.20 -37.29 12.38
C ASP IA 152 -71.22 -38.64 11.69
N ASN IA 153 -72.42 -39.11 11.32
CA ASN IA 153 -72.52 -40.30 10.49
C ASN IA 153 -71.70 -40.14 9.22
N ILE IA 154 -71.87 -39.02 8.53
CA ILE IA 154 -71.23 -38.83 7.23
C ILE IA 154 -69.72 -38.80 7.37
N VAL IA 155 -69.21 -38.02 8.34
CA VAL IA 155 -67.76 -37.89 8.49
C VAL IA 155 -67.15 -39.20 8.98
N THR IA 156 -67.76 -39.84 9.97
CA THR IA 156 -67.23 -41.10 10.48
C THR IA 156 -67.24 -42.17 9.40
N SER IA 157 -68.24 -42.13 8.52
CA SER IA 157 -68.25 -43.04 7.38
C SER IA 157 -67.02 -42.84 6.51
N MET IA 158 -66.59 -41.61 6.37
CA MET IA 158 -65.43 -41.46 5.50
C MET IA 158 -64.15 -41.32 6.30
N PRO IA 159 -63.01 -41.64 5.71
CA PRO IA 159 -61.74 -41.33 6.35
C PRO IA 159 -61.38 -39.87 6.17
N ALA IA 160 -60.20 -39.52 6.67
CA ALA IA 160 -59.67 -38.18 6.43
C ALA IA 160 -59.39 -37.99 4.94
N LEU IA 161 -59.96 -36.94 4.37
CA LEU IA 161 -59.68 -36.83 2.95
C LEU IA 161 -58.52 -35.86 2.72
N PRO IA 162 -57.73 -36.09 1.68
CA PRO IA 162 -56.64 -35.15 1.36
C PRO IA 162 -57.21 -33.82 0.92
N ASN IA 163 -56.66 -32.75 1.50
CA ASN IA 163 -57.09 -31.40 1.19
C ASN IA 163 -56.98 -31.05 -0.29
N SER IA 164 -56.31 -31.89 -1.09
CA SER IA 164 -56.33 -31.70 -2.53
C SER IA 164 -57.75 -31.72 -3.08
N TYR IA 165 -58.66 -32.40 -2.39
CA TYR IA 165 -60.07 -32.32 -2.76
C TYR IA 165 -60.62 -30.93 -2.49
N ALA IA 166 -60.44 -30.43 -1.27
CA ALA IA 166 -61.00 -29.13 -0.93
C ALA IA 166 -60.38 -28.01 -1.73
N GLY IA 167 -59.19 -28.22 -2.29
CA GLY IA 167 -58.50 -27.12 -2.94
C GLY IA 167 -59.04 -26.74 -4.31
N VAL IA 168 -58.80 -27.58 -5.31
CA VAL IA 168 -59.12 -27.21 -6.68
C VAL IA 168 -59.97 -28.29 -7.35
N LEU IA 169 -59.50 -29.54 -7.27
CA LEU IA 169 -60.02 -30.62 -8.10
C LEU IA 169 -61.53 -30.76 -7.98
N MET IA 170 -62.08 -30.45 -6.80
CA MET IA 170 -63.47 -30.77 -6.51
C MET IA 170 -64.41 -30.24 -7.58
N LYS IA 171 -64.30 -28.96 -7.90
CA LYS IA 171 -65.07 -28.37 -8.98
C LYS IA 171 -64.45 -28.62 -10.34
N THR IA 172 -63.15 -28.91 -10.38
CA THR IA 172 -62.46 -29.06 -11.66
C THR IA 172 -62.97 -30.26 -12.42
N LYS IA 173 -63.12 -31.40 -11.74
CA LYS IA 173 -63.43 -32.64 -12.45
C LYS IA 173 -64.87 -32.68 -12.93
N VAL IA 174 -65.77 -31.99 -12.25
CA VAL IA 174 -67.21 -32.06 -12.51
C VAL IA 174 -67.64 -30.77 -13.19
N PRO IA 175 -68.30 -30.83 -14.35
CA PRO IA 175 -68.93 -29.64 -14.90
C PRO IA 175 -70.29 -29.40 -14.26
N THR IA 176 -70.66 -28.12 -14.17
CA THR IA 176 -71.90 -27.74 -13.50
C THR IA 176 -72.78 -26.96 -14.46
N VAL IA 177 -74.04 -26.79 -14.08
CA VAL IA 177 -74.94 -25.95 -14.85
C VAL IA 177 -74.48 -24.51 -14.74
N THR IA 178 -74.58 -23.79 -15.85
CA THR IA 178 -74.22 -22.39 -15.84
C THR IA 178 -75.37 -21.55 -15.31
N PRO IA 179 -75.07 -20.38 -14.77
CA PRO IA 179 -76.14 -19.42 -14.51
C PRO IA 179 -76.62 -18.77 -15.80
N HIS IA 180 -76.18 -19.32 -16.93
CA HIS IA 180 -76.56 -18.88 -18.27
C HIS IA 180 -77.27 -20.01 -18.99
N TYR IA 181 -78.15 -20.69 -18.26
CA TYR IA 181 -78.74 -21.92 -18.75
C TYR IA 181 -80.23 -21.91 -18.43
N ALA IA 182 -80.92 -22.95 -18.87
CA ALA IA 182 -82.29 -23.19 -18.42
C ALA IA 182 -82.25 -23.98 -17.12
N GLY IA 183 -83.41 -24.49 -16.71
CA GLY IA 183 -83.44 -25.24 -15.47
C GLY IA 183 -83.23 -24.33 -14.28
N THR IA 184 -82.24 -24.65 -13.46
CA THR IA 184 -81.94 -23.88 -12.26
C THR IA 184 -80.80 -22.89 -12.46
N GLY IA 185 -80.49 -22.51 -13.70
CA GLY IA 185 -79.46 -21.54 -13.97
C GLY IA 185 -79.94 -20.38 -14.80
N THR IA 186 -81.12 -19.83 -14.47
CA THR IA 186 -81.78 -18.85 -15.33
C THR IA 186 -82.17 -17.60 -14.56
N PHE IA 187 -81.34 -17.17 -13.60
CA PHE IA 187 -81.73 -16.06 -12.74
C PHE IA 187 -80.67 -14.99 -12.50
N SER IA 188 -79.37 -15.30 -12.52
CA SER IA 188 -78.39 -14.43 -11.87
C SER IA 188 -77.60 -13.55 -12.82
N SER IA 189 -77.79 -13.70 -14.15
CA SER IA 189 -76.99 -12.94 -15.11
C SER IA 189 -76.98 -11.45 -14.80
N MET IA 190 -77.95 -10.97 -14.02
CA MET IA 190 -77.97 -9.60 -13.54
C MET IA 190 -76.58 -9.13 -13.18
N GLU IA 191 -75.92 -9.83 -12.26
CA GLU IA 191 -74.58 -9.43 -11.85
C GLU IA 191 -73.68 -9.28 -13.07
N SER IA 192 -73.48 -10.37 -13.81
CA SER IA 192 -72.60 -10.33 -14.97
C SER IA 192 -73.01 -9.22 -15.91
N ALA IA 193 -74.32 -9.00 -16.05
CA ALA IA 193 -74.81 -7.98 -16.97
C ALA IA 193 -74.11 -6.65 -16.74
N TYR IA 194 -74.02 -6.24 -15.47
CA TYR IA 194 -73.39 -4.95 -15.18
C TYR IA 194 -72.00 -4.89 -15.78
N LYS IA 195 -71.20 -5.92 -15.56
CA LYS IA 195 -69.87 -5.96 -16.13
C LYS IA 195 -69.91 -5.58 -17.60
N ALA IA 196 -70.74 -6.27 -18.37
CA ALA IA 196 -70.86 -5.97 -19.79
C ALA IA 196 -71.10 -4.49 -20.01
N LEU IA 197 -72.16 -3.95 -19.39
CA LEU IA 197 -72.48 -2.54 -19.56
C LEU IA 197 -71.25 -1.68 -19.37
N GLU IA 198 -70.50 -1.95 -18.30
CA GLU IA 198 -69.33 -1.15 -17.99
C GLU IA 198 -68.41 -1.04 -19.19
N ASP IA 199 -68.00 -2.17 -19.76
CA ASP IA 199 -67.02 -2.10 -20.83
C ASP IA 199 -67.58 -1.37 -22.05
N ILE IA 200 -68.88 -1.50 -22.29
CA ILE IA 200 -69.46 -0.77 -23.41
C ILE IA 200 -69.34 0.73 -23.18
N GLU IA 201 -69.58 1.17 -21.94
CA GLU IA 201 -69.47 2.60 -21.66
C GLU IA 201 -68.04 3.08 -21.74
N ARG IA 202 -67.09 2.26 -21.31
CA ARG IA 202 -65.68 2.60 -21.43
C ARG IA 202 -65.16 2.47 -22.86
N GLY IA 203 -66.03 2.27 -23.84
CA GLY IA 203 -65.55 2.04 -25.18
C GLY IA 203 -64.81 0.74 -25.34
N LEU IA 204 -64.95 -0.19 -24.40
CA LEU IA 204 -64.25 -1.46 -24.43
C LEU IA 204 -65.11 -2.56 -25.06
N GLY JA 3 -52.11 39.53 3.82
CA GLY JA 3 -53.22 38.77 4.35
C GLY JA 3 -54.46 38.81 3.47
N ARG JA 4 -55.48 38.06 3.86
CA ARG JA 4 -56.73 37.96 3.10
C ARG JA 4 -56.43 37.63 1.64
N GLN JA 5 -55.64 36.58 1.45
CA GLN JA 5 -55.19 36.20 0.11
C GLN JA 5 -56.37 35.83 -0.77
N SER JA 6 -57.26 34.99 -0.28
CA SER JA 6 -58.42 34.57 -1.06
C SER JA 6 -59.52 34.11 -0.11
N HIS JA 7 -60.63 33.66 -0.68
CA HIS JA 7 -61.75 33.09 0.07
C HIS JA 7 -62.15 31.81 -0.66
N LYS JA 8 -61.54 30.70 -0.27
CA LYS JA 8 -61.77 29.44 -0.97
C LYS JA 8 -63.15 28.90 -0.66
N LYS JA 9 -63.69 28.16 -1.61
CA LYS JA 9 -65.00 27.53 -1.49
C LYS JA 9 -64.85 26.04 -1.77
N ILE JA 10 -65.25 25.21 -0.81
CA ILE JA 10 -65.04 23.77 -0.88
C ILE JA 10 -66.40 23.10 -1.02
N ASP JA 11 -66.57 22.35 -2.11
CA ASP JA 11 -67.85 21.72 -2.40
C ASP JA 11 -67.66 20.75 -3.56
N VAL JA 12 -68.72 20.03 -3.89
CA VAL JA 12 -68.74 19.13 -5.03
C VAL JA 12 -69.06 19.96 -6.26
N ARG JA 13 -68.08 20.11 -7.15
CA ARG JA 13 -68.14 21.10 -8.21
C ARG JA 13 -68.19 20.47 -9.61
N ASN JA 14 -68.79 19.28 -9.73
CA ASN JA 14 -68.97 18.63 -11.02
C ASN JA 14 -67.65 18.31 -11.69
N ASP JA 15 -66.56 18.40 -10.95
CA ASP JA 15 -65.26 18.00 -11.45
C ASP JA 15 -64.47 17.19 -10.44
N THR JA 16 -64.99 17.02 -9.23
CA THR JA 16 -64.29 16.21 -8.24
C THR JA 16 -64.08 14.80 -8.75
N SER JA 17 -65.02 14.30 -9.55
CA SER JA 17 -64.82 13.04 -10.24
C SER JA 17 -63.51 13.05 -11.01
N THR JA 18 -63.33 14.05 -11.86
CA THR JA 18 -62.15 14.09 -12.72
C THR JA 18 -60.89 14.31 -11.91
N ARG JA 19 -60.93 15.21 -10.93
CA ARG JA 19 -59.75 15.44 -10.12
C ARG JA 19 -59.31 14.17 -9.41
N TYR JA 20 -60.25 13.52 -8.73
CA TYR JA 20 -59.99 12.26 -8.05
C TYR JA 20 -59.39 11.25 -9.02
N LYS JA 21 -60.09 11.00 -10.14
CA LYS JA 21 -59.65 10.00 -11.10
C LYS JA 21 -58.23 10.30 -11.57
N GLY JA 22 -58.00 11.51 -12.05
CA GLY JA 22 -56.70 11.84 -12.62
C GLY JA 22 -55.58 11.70 -11.62
N LYS JA 23 -55.75 12.30 -10.43
CA LYS JA 23 -54.68 12.25 -9.45
C LYS JA 23 -54.37 10.81 -9.04
N LEU JA 24 -55.40 10.03 -8.73
CA LEU JA 24 -55.13 8.66 -8.31
C LEU JA 24 -54.57 7.82 -9.46
N TYR JA 25 -54.99 8.10 -10.69
CA TYR JA 25 -54.42 7.42 -11.84
C TYR JA 25 -52.93 7.68 -11.92
N GLY JA 26 -52.54 8.94 -11.84
CA GLY JA 26 -51.13 9.27 -11.83
C GLY JA 26 -50.38 8.55 -10.73
N ILE JA 27 -50.95 8.52 -9.53
CA ILE JA 27 -50.25 7.88 -8.43
C ILE JA 27 -50.09 6.38 -8.69
N PHE JA 28 -51.16 5.73 -9.15
CA PHE JA 28 -51.17 4.27 -9.19
C PHE JA 28 -50.50 3.69 -10.42
N VAL JA 29 -50.32 4.47 -11.48
CA VAL JA 29 -49.67 3.93 -12.66
C VAL JA 29 -48.29 3.38 -12.31
N ASN JA 30 -47.65 3.96 -11.31
CA ASN JA 30 -46.37 3.44 -10.82
C ASN JA 30 -46.54 2.24 -9.92
N TYR JA 31 -47.75 1.72 -9.78
CA TYR JA 31 -48.00 0.46 -9.10
C TYR JA 31 -48.52 -0.62 -10.03
N MET JA 32 -49.32 -0.24 -11.02
CA MET JA 32 -50.08 -1.21 -11.81
C MET JA 32 -49.63 -1.31 -13.25
N GLY JA 33 -49.13 -0.23 -13.83
CA GLY JA 33 -49.15 -0.07 -15.25
C GLY JA 33 -50.44 0.59 -15.68
N GLU JA 34 -50.51 0.94 -16.97
CA GLU JA 34 -51.58 1.81 -17.43
C GLU JA 34 -52.96 1.20 -17.21
N LYS JA 35 -53.21 0.04 -17.81
CA LYS JA 35 -54.57 -0.49 -17.87
C LYS JA 35 -55.11 -0.84 -16.48
N TYR JA 36 -54.29 -1.50 -15.68
CA TYR JA 36 -54.76 -1.87 -14.35
C TYR JA 36 -55.04 -0.63 -13.52
N ALA JA 37 -54.18 0.38 -13.60
CA ALA JA 37 -54.43 1.63 -12.89
C ALA JA 37 -55.74 2.25 -13.36
N GLN JA 38 -56.02 2.18 -14.66
CA GLN JA 38 -57.25 2.76 -15.18
C GLN JA 38 -58.46 2.08 -14.57
N GLN JA 39 -58.51 0.75 -14.67
CA GLN JA 39 -59.63 0.02 -14.09
C GLN JA 39 -59.75 0.29 -12.60
N LEU JA 40 -58.60 0.42 -11.92
CA LEU JA 40 -58.61 0.64 -10.49
C LEU JA 40 -59.28 1.96 -10.14
N VAL JA 41 -58.85 3.05 -10.78
CA VAL JA 41 -59.44 4.33 -10.45
C VAL JA 41 -60.91 4.36 -10.85
N GLU JA 42 -61.27 3.70 -11.94
CA GLU JA 42 -62.68 3.62 -12.30
C GLU JA 42 -63.49 3.01 -11.18
N ASN JA 43 -63.08 1.83 -10.71
CA ASN JA 43 -63.86 1.16 -9.67
C ASN JA 43 -63.86 1.96 -8.37
N MET JA 44 -62.71 2.49 -7.99
CA MET JA 44 -62.63 3.24 -6.74
C MET JA 44 -63.58 4.43 -6.78
N TYR JA 45 -63.55 5.20 -7.86
CA TYR JA 45 -64.44 6.34 -7.92
C TYR JA 45 -65.90 5.92 -7.97
N SER JA 46 -66.22 4.83 -8.68
CA SER JA 46 -67.61 4.41 -8.73
C SER JA 46 -68.12 4.09 -7.34
N ASN JA 47 -67.33 3.36 -6.55
CA ASN JA 47 -67.73 3.03 -5.19
C ASN JA 47 -67.88 4.29 -4.35
N TYR JA 48 -66.86 5.14 -4.36
CA TYR JA 48 -66.93 6.39 -3.61
C TYR JA 48 -68.18 7.17 -3.98
N ASN JA 49 -68.49 7.22 -5.27
CA ASN JA 49 -69.65 7.94 -5.73
C ASN JA 49 -70.90 7.35 -5.09
N ASP JA 50 -71.21 6.11 -5.47
CA ASP JA 50 -72.49 5.53 -5.11
C ASP JA 50 -72.67 5.39 -3.61
N VAL JA 51 -71.60 5.53 -2.81
CA VAL JA 51 -71.84 5.62 -1.38
C VAL JA 51 -71.90 7.06 -0.93
N PHE JA 52 -70.76 7.74 -1.01
CA PHE JA 52 -70.61 9.03 -0.34
C PHE JA 52 -71.48 10.08 -1.00
N VAL JA 53 -71.40 10.21 -2.32
CA VAL JA 53 -72.21 11.23 -2.98
C VAL JA 53 -73.67 10.99 -2.65
N GLU JA 54 -74.19 9.85 -3.10
CA GLU JA 54 -75.60 9.53 -3.00
C GLU JA 54 -76.14 9.73 -1.59
N ILE JA 55 -75.33 9.51 -0.57
CA ILE JA 55 -75.89 9.65 0.76
C ILE JA 55 -75.53 11.01 1.35
N TYR JA 56 -74.24 11.20 1.60
CA TYR JA 56 -73.81 12.34 2.38
C TYR JA 56 -74.03 13.63 1.63
N ASN JA 57 -73.74 13.67 0.32
CA ASN JA 57 -73.83 14.94 -0.38
C ASN JA 57 -75.27 15.36 -0.55
N LYS JA 58 -76.16 14.41 -0.84
CA LYS JA 58 -77.58 14.73 -0.89
C LYS JA 58 -78.07 15.24 0.46
N MET JA 59 -77.65 14.60 1.55
CA MET JA 59 -78.06 15.10 2.86
C MET JA 59 -77.55 16.51 3.10
N HIS JA 60 -76.29 16.77 2.75
CA HIS JA 60 -75.73 18.10 2.95
C HIS JA 60 -76.49 19.14 2.15
N ASN JA 61 -76.77 18.85 0.89
CA ASN JA 61 -77.48 19.81 0.05
C ASN JA 61 -78.88 20.05 0.58
N ALA JA 62 -79.53 19.01 1.12
CA ALA JA 62 -80.86 19.21 1.68
C ALA JA 62 -80.81 20.07 2.94
N LEU JA 63 -79.82 19.83 3.79
CA LEU JA 63 -79.85 20.41 5.13
C LEU JA 63 -79.20 21.78 5.21
N ARG JA 64 -78.28 22.11 4.31
CA ARG JA 64 -77.57 23.38 4.36
C ARG JA 64 -78.46 24.58 4.65
N PRO JA 65 -79.59 24.79 3.95
CA PRO JA 65 -80.41 25.97 4.27
C PRO JA 65 -80.89 25.99 5.70
N THR JA 66 -81.28 24.84 6.23
CA THR JA 66 -81.71 24.79 7.63
C THR JA 66 -80.58 25.14 8.57
N LEU JA 67 -79.37 24.66 8.30
CA LEU JA 67 -78.22 25.06 9.10
C LEU JA 67 -78.06 26.57 9.10
N VAL JA 68 -78.21 27.19 7.93
CA VAL JA 68 -78.12 28.64 7.85
C VAL JA 68 -79.20 29.29 8.72
N LYS JA 69 -80.44 28.81 8.60
CA LYS JA 69 -81.52 29.38 9.39
C LYS JA 69 -81.23 29.30 10.88
N LEU JA 70 -80.69 28.16 11.33
CA LEU JA 70 -80.50 27.98 12.76
C LEU JA 70 -79.30 28.77 13.29
N ALA JA 71 -78.12 28.49 12.77
CA ALA JA 71 -76.90 29.08 13.31
C ALA JA 71 -76.07 29.71 12.20
N GLY JA 72 -76.73 30.50 11.36
CA GLY JA 72 -76.04 31.14 10.26
C GLY JA 72 -74.84 31.94 10.72
N ALA JA 73 -73.66 31.42 10.42
CA ALA JA 73 -72.38 31.98 10.83
C ALA JA 73 -71.30 31.07 10.25
N GLY JA 74 -70.05 31.40 10.54
CA GLY JA 74 -68.97 30.48 10.23
C GLY JA 74 -69.02 29.23 11.09
N ALA JA 75 -69.58 29.34 12.28
CA ALA JA 75 -69.58 28.25 13.26
C ALA JA 75 -70.77 27.33 13.02
N THR JA 76 -70.76 26.67 11.87
CA THR JA 76 -71.74 25.65 11.54
C THR JA 76 -71.14 24.26 11.47
N PHE JA 77 -69.81 24.16 11.56
CA PHE JA 77 -69.13 22.86 11.54
C PHE JA 77 -69.71 21.83 12.50
N PRO JA 78 -69.97 22.14 13.78
CA PRO JA 78 -70.50 21.09 14.66
C PRO JA 78 -71.77 20.47 14.15
N LEU JA 79 -72.63 21.25 13.48
CA LEU JA 79 -73.81 20.65 12.86
C LEU JA 79 -73.42 19.65 11.79
N TRP JA 80 -72.37 19.96 11.03
CA TRP JA 80 -71.94 19.05 9.99
C TRP JA 80 -71.45 17.73 10.57
N GLN JA 81 -70.57 17.80 11.57
CA GLN JA 81 -70.09 16.55 12.17
C GLN JA 81 -71.23 15.81 12.85
N LEU JA 82 -72.21 16.55 13.39
CA LEU JA 82 -73.36 15.92 14.00
C LEU JA 82 -74.15 15.11 12.98
N VAL JA 83 -74.45 15.70 11.84
CA VAL JA 83 -75.25 14.97 10.86
C VAL JA 83 -74.44 13.81 10.27
N ASN JA 84 -73.11 13.98 10.15
CA ASN JA 84 -72.29 12.87 9.71
C ASN JA 84 -72.41 11.69 10.66
N GLU JA 85 -72.20 11.92 11.96
CA GLU JA 85 -72.31 10.84 12.92
C GLU JA 85 -73.72 10.27 12.94
N ALA JA 86 -74.73 11.13 12.76
CA ALA JA 86 -76.10 10.64 12.74
C ALA JA 86 -76.30 9.64 11.63
N ILE JA 87 -75.87 9.97 10.42
CA ILE JA 87 -76.02 9.05 9.30
C ILE JA 87 -75.20 7.79 9.54
N TYR JA 88 -74.04 7.93 10.18
CA TYR JA 88 -73.18 6.76 10.37
C TYR JA 88 -73.47 6.04 11.68
N ALA JA 89 -73.35 6.73 12.82
CA ALA JA 89 -73.32 6.04 14.10
C ALA JA 89 -74.69 5.50 14.49
N VAL JA 90 -75.76 6.21 14.17
CA VAL JA 90 -77.08 5.80 14.63
C VAL JA 90 -77.78 5.01 13.53
N TYR JA 91 -78.01 5.65 12.39
CA TYR JA 91 -78.59 4.94 11.27
C TYR JA 91 -77.55 4.02 10.65
N LEU JA 92 -78.03 2.91 10.09
CA LEU JA 92 -77.22 1.98 9.31
C LEU JA 92 -76.27 1.19 10.19
N THR JA 93 -76.15 1.56 11.46
CA THR JA 93 -75.31 0.81 12.39
C THR JA 93 -75.97 0.53 13.74
N HIS JA 94 -76.89 1.37 14.21
CA HIS JA 94 -77.49 1.21 15.53
C HIS JA 94 -76.42 1.07 16.61
N LYS JA 95 -75.38 1.89 16.50
CA LYS JA 95 -74.28 1.79 17.46
C LYS JA 95 -74.51 2.67 18.69
N GLU JA 96 -75.28 3.75 18.55
CA GLU JA 96 -75.55 4.65 19.66
C GLU JA 96 -76.99 5.13 19.62
N THR JA 97 -77.51 5.47 20.79
CA THR JA 97 -78.84 6.05 20.92
C THR JA 97 -78.77 7.56 20.85
N ALA JA 98 -79.93 8.18 20.63
CA ALA JA 98 -79.99 9.64 20.55
C ALA JA 98 -79.43 10.29 21.79
N SER JA 99 -79.54 9.62 22.94
CA SER JA 99 -78.99 10.15 24.18
C SER JA 99 -77.51 10.48 24.05
N PHE JA 100 -76.75 9.60 23.40
CA PHE JA 100 -75.33 9.84 23.26
C PHE JA 100 -75.06 11.13 22.49
N LEU JA 101 -75.71 11.29 21.33
CA LEU JA 101 -75.47 12.48 20.53
C LEU JA 101 -75.91 13.74 21.25
N VAL JA 102 -77.10 13.71 21.85
CA VAL JA 102 -77.59 14.93 22.49
C VAL JA 102 -76.69 15.31 23.65
N THR JA 103 -76.26 14.34 24.44
CA THR JA 103 -75.32 14.61 25.52
C THR JA 103 -74.01 15.15 24.97
N LYS JA 104 -73.49 14.53 23.92
CA LYS JA 104 -72.22 14.95 23.35
C LYS JA 104 -72.26 16.38 22.89
N TYR JA 105 -73.33 16.76 22.19
CA TYR JA 105 -73.32 18.07 21.55
C TYR JA 105 -73.81 19.16 22.49
N VAL JA 106 -74.60 18.83 23.51
CA VAL JA 106 -74.83 19.84 24.53
C VAL JA 106 -73.55 20.02 25.35
N ALA JA 107 -72.77 18.95 25.53
CA ALA JA 107 -71.45 19.10 26.12
C ALA JA 107 -70.55 19.97 25.25
N ARG JA 108 -70.74 19.92 23.94
CA ARG JA 108 -70.03 20.79 23.03
C ARG JA 108 -70.69 22.17 22.92
N GLY JA 109 -71.83 22.37 23.57
CA GLY JA 109 -72.47 23.66 23.58
C GLY JA 109 -73.60 23.86 22.59
N VAL JA 110 -74.17 22.79 22.07
CA VAL JA 110 -75.25 22.87 21.09
C VAL JA 110 -76.58 22.76 21.82
N PRO JA 111 -77.56 23.61 21.53
CA PRO JA 111 -78.87 23.46 22.17
C PRO JA 111 -79.51 22.12 21.83
N ALA JA 112 -80.16 21.53 22.82
CA ALA JA 112 -80.68 20.17 22.66
C ALA JA 112 -81.74 20.09 21.58
N MET JA 113 -82.77 20.93 21.66
CA MET JA 113 -83.85 20.85 20.69
C MET JA 113 -83.36 21.05 19.27
N THR JA 114 -82.26 21.80 19.07
CA THR JA 114 -81.67 21.88 17.75
C THR JA 114 -81.21 20.52 17.27
N VAL JA 115 -80.48 19.80 18.13
CA VAL JA 115 -80.03 18.46 17.79
C VAL JA 115 -81.23 17.56 17.48
N LYS JA 116 -82.28 17.68 18.28
CA LYS JA 116 -83.47 16.87 18.04
C LYS JA 116 -84.07 17.16 16.68
N THR JA 117 -84.19 18.43 16.34
CA THR JA 117 -84.73 18.81 15.03
C THR JA 117 -83.88 18.25 13.91
N LEU JA 118 -82.55 18.43 14.01
CA LEU JA 118 -81.64 17.95 12.97
C LEU JA 118 -81.77 16.45 12.79
N LEU JA 119 -81.84 15.71 13.89
CA LEU JA 119 -82.04 14.28 13.80
C LEU JA 119 -83.36 13.96 13.10
N ALA JA 120 -84.40 14.73 13.43
CA ALA JA 120 -85.69 14.51 12.79
C ALA JA 120 -85.58 14.65 11.27
N GLU JA 121 -84.97 15.74 10.80
CA GLU JA 121 -84.93 15.95 9.36
C GLU JA 121 -84.03 14.95 8.67
N VAL JA 122 -82.87 14.65 9.26
CA VAL JA 122 -81.96 13.69 8.61
C VAL JA 122 -82.64 12.34 8.51
N GLY JA 123 -83.41 11.95 9.53
CA GLY JA 123 -84.18 10.72 9.41
C GLY JA 123 -85.24 10.80 8.34
N ASN JA 124 -85.97 11.92 8.30
CA ASN JA 124 -87.05 12.07 7.34
C ASN JA 124 -86.54 12.00 5.91
N GLN JA 125 -85.29 12.37 5.68
CA GLN JA 125 -84.77 12.29 4.32
C GLN JA 125 -84.04 10.98 4.05
N LEU JA 126 -83.27 10.50 5.01
CA LEU JA 126 -82.57 9.24 4.84
C LEU JA 126 -83.55 8.10 4.62
N LYS JA 127 -84.72 8.15 5.27
CA LYS JA 127 -85.73 7.13 5.00
C LYS JA 127 -86.15 7.15 3.54
N GLU JA 128 -86.12 8.33 2.90
CA GLU JA 128 -86.40 8.39 1.48
C GLU JA 128 -85.23 7.84 0.68
N LEU JA 129 -84.01 8.07 1.15
CA LEU JA 129 -82.85 7.65 0.37
C LEU JA 129 -82.68 6.13 0.40
N VAL JA 130 -82.69 5.52 1.58
CA VAL JA 130 -82.41 4.10 1.72
C VAL JA 130 -83.68 3.38 2.14
N PRO JA 131 -84.04 2.26 1.49
CA PRO JA 131 -85.25 1.55 1.90
C PRO JA 131 -85.16 0.93 3.28
N ALA JA 132 -83.98 0.46 3.69
CA ALA JA 132 -83.88 -0.29 4.94
C ALA JA 132 -84.29 0.55 6.14
N VAL JA 133 -83.80 1.79 6.22
CA VAL JA 133 -84.20 2.65 7.32
C VAL JA 133 -85.67 3.03 7.19
N ALA JA 134 -86.16 3.21 5.97
CA ALA JA 134 -87.57 3.48 5.77
C ALA JA 134 -88.43 2.37 6.36
N GLU JA 135 -88.01 1.12 6.20
CA GLU JA 135 -88.75 0.01 6.79
C GLU JA 135 -88.58 -0.02 8.30
N GLN JA 136 -87.37 0.22 8.79
CA GLN JA 136 -87.12 0.14 10.22
C GLN JA 136 -87.92 1.18 10.99
N ILE JA 137 -87.90 2.43 10.55
CA ILE JA 137 -88.62 3.47 11.26
C ILE JA 137 -90.09 3.46 10.90
N GLY JA 138 -90.43 2.92 9.72
CA GLY JA 138 -91.81 2.93 9.29
C GLY JA 138 -92.30 4.33 9.00
N SER JA 139 -93.63 4.48 9.01
CA SER JA 139 -94.27 5.76 8.72
C SER JA 139 -94.47 6.55 10.01
N VAL JA 140 -93.37 7.14 10.48
CA VAL JA 140 -93.36 7.96 11.69
C VAL JA 140 -92.71 9.28 11.34
N THR JA 141 -93.50 10.36 11.32
CA THR JA 141 -92.95 11.68 11.10
C THR JA 141 -92.17 12.12 12.34
N LEU JA 142 -90.88 12.36 12.18
CA LEU JA 142 -90.03 12.69 13.30
C LEU JA 142 -90.15 14.17 13.62
N ASP JA 143 -90.09 14.47 14.92
CA ASP JA 143 -90.07 15.85 15.38
C ASP JA 143 -89.34 15.89 16.72
N HIS JA 144 -88.82 17.08 17.04
CA HIS JA 144 -88.06 17.26 18.27
C HIS JA 144 -88.85 16.91 19.51
N THR JA 145 -90.15 16.65 19.38
CA THR JA 145 -90.98 16.18 20.49
C THR JA 145 -91.02 14.67 20.58
N ASN JA 146 -90.82 13.96 19.48
CA ASN JA 146 -90.98 12.52 19.45
C ASN JA 146 -89.80 11.76 18.84
N VAL JA 147 -88.86 12.46 18.21
CA VAL JA 147 -87.83 11.75 17.45
C VAL JA 147 -86.93 10.96 18.38
N VAL JA 148 -86.58 11.52 19.54
CA VAL JA 148 -85.63 10.87 20.42
C VAL JA 148 -86.16 9.53 20.91
N SER JA 149 -87.40 9.51 21.38
CA SER JA 149 -87.99 8.26 21.87
C SER JA 149 -88.06 7.22 20.77
N THR JA 150 -88.52 7.63 19.58
CA THR JA 150 -88.67 6.69 18.48
C THR JA 150 -87.33 6.08 18.09
N VAL JA 151 -86.33 6.94 17.85
CA VAL JA 151 -85.04 6.43 17.39
C VAL JA 151 -84.37 5.62 18.49
N ASP JA 152 -84.59 5.97 19.76
CA ASP JA 152 -84.01 5.19 20.84
C ASP JA 152 -84.64 3.82 20.91
N ASN JA 153 -85.96 3.73 20.77
CA ASN JA 153 -86.61 2.45 20.65
C ASN JA 153 -86.02 1.63 19.51
N ILE JA 154 -85.87 2.26 18.34
CA ILE JA 154 -85.40 1.53 17.17
C ILE JA 154 -83.99 1.00 17.39
N VAL JA 155 -83.10 1.84 17.93
CA VAL JA 155 -81.71 1.41 18.08
C VAL JA 155 -81.59 0.35 19.16
N THR JA 156 -82.26 0.53 20.31
CA THR JA 156 -82.13 -0.47 21.37
C THR JA 156 -82.76 -1.79 20.96
N SER JA 157 -83.81 -1.73 20.12
CA SER JA 157 -84.37 -2.96 19.58
C SER JA 157 -83.30 -3.77 18.86
N MET JA 158 -82.44 -3.10 18.16
CA MET JA 158 -81.37 -3.79 17.45
C MET JA 158 -80.09 -3.79 18.25
N PRO JA 159 -79.18 -4.70 17.95
CA PRO JA 159 -77.82 -4.61 18.48
C PRO JA 159 -76.97 -3.72 17.58
N ALA JA 160 -75.68 -3.64 17.93
CA ALA JA 160 -74.74 -2.95 17.06
C ALA JA 160 -74.56 -3.73 15.76
N LEU JA 161 -74.65 -3.02 14.66
CA LEU JA 161 -74.47 -3.74 13.40
C LEU JA 161 -73.07 -3.51 12.86
N PRO JA 162 -72.51 -4.50 12.15
CA PRO JA 162 -71.19 -4.30 11.55
C PRO JA 162 -71.27 -3.23 10.47
N ASN JA 163 -70.24 -2.38 10.43
CA ASN JA 163 -70.21 -1.27 9.48
C ASN JA 163 -70.22 -1.73 8.03
N SER JA 164 -70.12 -3.04 7.78
CA SER JA 164 -70.29 -3.54 6.42
C SER JA 164 -71.65 -3.18 5.86
N TYR JA 165 -72.66 -3.04 6.73
CA TYR JA 165 -73.96 -2.57 6.26
C TYR JA 165 -73.89 -1.12 5.82
N ALA JA 166 -73.31 -0.26 6.64
CA ALA JA 166 -73.23 1.15 6.31
C ALA JA 166 -72.33 1.39 5.11
N GLY JA 167 -71.43 0.46 4.81
CA GLY JA 167 -70.47 0.72 3.76
C GLY JA 167 -70.98 0.59 2.34
N VAL JA 168 -71.22 -0.64 1.88
CA VAL JA 168 -71.55 -0.87 0.48
C VAL JA 168 -72.83 -1.70 0.35
N LEU JA 169 -72.87 -2.82 1.07
CA LEU JA 169 -73.88 -3.85 0.82
C LEU JA 169 -75.30 -3.29 0.83
N MET JA 170 -75.54 -2.24 1.62
CA MET JA 170 -76.90 -1.75 1.82
C MET JA 170 -77.58 -1.43 0.49
N LYS JA 171 -76.94 -0.60 -0.33
CA LYS JA 171 -77.43 -0.31 -1.67
C LYS JA 171 -77.20 -1.46 -2.63
N THR JA 172 -76.22 -2.31 -2.34
CA THR JA 172 -75.82 -3.34 -3.29
C THR JA 172 -76.91 -4.40 -3.44
N LYS JA 173 -77.43 -4.91 -2.33
CA LYS JA 173 -78.30 -6.06 -2.39
C LYS JA 173 -79.68 -5.72 -2.95
N VAL JA 174 -80.14 -4.49 -2.75
CA VAL JA 174 -81.50 -4.10 -3.11
C VAL JA 174 -81.44 -3.22 -4.36
N PRO JA 175 -82.19 -3.54 -5.42
CA PRO JA 175 -82.35 -2.61 -6.52
C PRO JA 175 -83.44 -1.60 -6.22
N THR JA 176 -83.26 -0.38 -6.74
CA THR JA 176 -84.16 0.72 -6.44
C THR JA 176 -84.74 1.28 -7.73
N VAL JA 177 -85.77 2.11 -7.57
CA VAL JA 177 -86.34 2.80 -8.72
C VAL JA 177 -85.34 3.85 -9.21
N THR JA 178 -85.25 3.96 -10.53
CA THR JA 178 -84.34 4.92 -11.12
C THR JA 178 -84.99 6.29 -11.19
N PRO JA 179 -84.20 7.35 -11.24
CA PRO JA 179 -84.77 8.67 -11.56
C PRO JA 179 -85.10 8.77 -13.04
N HIS JA 180 -85.01 7.65 -13.73
CA HIS JA 180 -85.36 7.52 -15.14
C HIS JA 180 -86.47 6.49 -15.29
N TYR JA 181 -87.46 6.57 -14.42
CA TYR JA 181 -88.54 5.59 -14.35
C TYR JA 181 -89.86 6.35 -14.24
N ALA JA 182 -90.96 5.61 -14.28
CA ALA JA 182 -92.25 6.19 -13.95
C ALA JA 182 -92.44 6.19 -12.44
N GLY JA 183 -93.63 6.54 -11.99
CA GLY JA 183 -93.87 6.59 -10.56
C GLY JA 183 -93.09 7.73 -9.94
N THR JA 184 -92.38 7.44 -8.85
CA THR JA 184 -91.64 8.46 -8.12
C THR JA 184 -90.20 8.60 -8.60
N GLY JA 185 -89.92 8.25 -9.86
CA GLY JA 185 -88.61 8.46 -10.43
C GLY JA 185 -88.65 9.18 -11.77
N THR JA 186 -89.46 10.22 -11.88
CA THR JA 186 -89.71 10.86 -13.17
C THR JA 186 -89.49 12.37 -13.07
N PHE JA 187 -88.46 12.80 -12.35
CA PHE JA 187 -88.29 14.23 -12.10
C PHE JA 187 -86.88 14.78 -12.32
N SER JA 188 -85.81 14.03 -12.08
CA SER JA 188 -84.50 14.64 -11.87
C SER JA 188 -83.55 14.53 -13.05
N SER JA 189 -83.97 13.87 -14.15
CA SER JA 189 -83.07 13.71 -15.28
C SER JA 189 -82.46 15.02 -15.73
N MET JA 190 -83.06 16.15 -15.30
CA MET JA 190 -82.50 17.47 -15.54
C MET JA 190 -80.99 17.45 -15.38
N GLU JA 191 -80.52 17.06 -14.20
CA GLU JA 191 -79.08 17.03 -13.95
C GLU JA 191 -78.38 16.21 -15.04
N SER JA 192 -78.75 14.94 -15.17
CA SER JA 192 -78.09 14.07 -16.13
C SER JA 192 -78.09 14.70 -17.51
N ALA JA 193 -79.17 15.38 -17.86
CA ALA JA 193 -79.28 15.96 -19.19
C ALA JA 193 -78.05 16.79 -19.52
N TYR JA 194 -77.67 17.67 -18.61
CA TYR JA 194 -76.52 18.54 -18.85
C TYR JA 194 -75.31 17.71 -19.26
N LYS JA 195 -75.01 16.67 -18.50
CA LYS JA 195 -73.89 15.81 -18.82
C LYS JA 195 -73.92 15.43 -20.29
N ALA JA 196 -75.03 14.85 -20.73
CA ALA JA 196 -75.16 14.45 -22.13
C ALA JA 196 -74.82 15.61 -23.04
N LEU JA 197 -75.50 16.74 -22.84
CA LEU JA 197 -75.27 17.91 -23.70
C LEU JA 197 -73.79 18.19 -23.83
N GLU JA 198 -73.09 18.18 -22.69
CA GLU JA 198 -71.66 18.50 -22.69
C GLU JA 198 -70.92 17.66 -23.73
N ASP JA 199 -71.05 16.34 -23.64
CA ASP JA 199 -70.24 15.51 -24.53
C ASP JA 199 -70.64 15.72 -25.99
N ILE JA 200 -71.91 16.02 -26.24
CA ILE JA 200 -72.31 16.25 -27.62
C ILE JA 200 -71.63 17.50 -28.16
N GLU JA 201 -71.50 18.52 -27.31
CA GLU JA 201 -70.85 19.75 -27.79
C GLU JA 201 -69.36 19.57 -27.95
N ARG JA 202 -68.73 18.78 -27.08
CA ARG JA 202 -67.32 18.45 -27.26
C ARG JA 202 -67.08 17.44 -28.36
N GLY JA 203 -68.10 17.12 -29.16
CA GLY JA 203 -67.93 16.12 -30.20
C GLY JA 203 -67.74 14.72 -29.67
N LEU JA 204 -68.09 14.48 -28.41
CA LEU JA 204 -67.95 13.16 -27.80
C LEU JA 204 -69.26 12.39 -27.86
#